data_8JCE
#
_entry.id   8JCE
#
_cell.length_a   1.00
_cell.length_b   1.00
_cell.length_c   1.00
_cell.angle_alpha   90.00
_cell.angle_beta   90.00
_cell.angle_gamma   90.00
#
_symmetry.space_group_name_H-M   'P 1'
#
loop_
_entity.id
_entity.type
_entity.pdbx_description
1 polymer 'mRNA-capping enzyme nsP1'
2 non-polymer 'ZINC ION'
3 non-polymer S-ADENOSYL-L-HOMOCYSTEINE
4 non-polymer '[(2~{R},3~{R},4~{R},5~{R})-5-(6-azanyl-7,8-dihydropurin-9-yl)-2-[[[[[(2~{R},3~{S},4~{R},5~{R})-5-(2-azanyl-7-methyl-6-oxidanylidene-1,8-dihydropurin-9-yl)-3,4-bis(oxidanyl)oxolan-2-yl]methoxy-oxidanyl-phosphoryl]oxy-oxidanyl-phosphoryl]oxy-oxidanyl-phosphoryl]oxymethyl]-4-methoxy-oxolan-3-yl] [(2~{R},3~{S},4~{R},5~{S})-5-[2,4-bis(oxidanylidene)pyrimidin-1-yl]-3,4-bis(oxidanyl)oxolan-2-yl]methyl hydrogen phosphate'
5 non-polymer 'MAGNESIUM ION'
6 water water
#
_entity_poly.entity_id   1
_entity_poly.type   'polypeptide(L)'
_entity_poly.pdbx_seq_one_letter_code
;MDPVYVDIDADSAFLKALQRAYPMFEVEPRQVTPNDAANARAFSHLAIKLIEQEIDPDSTILDIGSAPARRMMSDRKYHC
VCPMRSAEDPERLANYARKLASAAGKVLDRNISGKIGDLQAVMAVPDTETPTFCLHTDVSCRQRADVAIYQDVYAVHAPT
SLYHQAIKGVRLAYWVGFDTTPFMYNAMAGAYPSYSTNWADEQVLKAKNIGLCSTDLTEGRRGKLSIMRGKKLEPCDRVL
FSVGSTLYPESRKLLKSWHLPSVFHLKGKLSFTCRCDTVVSCEGYVVKRITMSPGLYGKTTGYAVTHHADGFLMCKTTDT
VDGERVSFSVCTYVPATICDQMTGILATEVTPEDAQKLLVGLNQRIVVNGRTQRNTNTMKNYMIPVVAQAFSKWAKECRK
DMEDEKLLGVRERTLTCCCLWAFKKQKTHTVYKRPDTQSIQKVQAEFDSFVVPSLWSSGLSIPLRTRIKWLLSKVPKTDL
TPYSGDAQEARDAEKEAEEEREAELTLEALPPLQAAGGGGSWSHPQFEKMDYKDHDGDYKDHDIDYKDDDDK
;
_entity_poly.pdbx_strand_id   A,B,C,D,E,F,G,H,I,J,K,L
#
loop_
_chem_comp.id
_chem_comp.type
_chem_comp.name
_chem_comp.formula
MG non-polymer 'MAGNESIUM ION' 'Mg 2'
SAH non-polymer S-ADENOSYL-L-HOMOCYSTEINE 'C14 H20 N6 O5 S'
YG4 non-polymer '[(2~{R},3~{R},4~{R},5~{R})-5-(6-azanyl-7,8-dihydropurin-9-yl)-2-[[[[[(2~{R},3~{S},4~{R},5~{R})-5-(2-azanyl-7-methyl-6-oxidanylidene-1,8-dihydropurin-9-yl)-3,4-bis(oxidanyl)oxolan-2-yl]methoxy-oxidanyl-phosphoryl]oxy-oxidanyl-phosphoryl]oxy-oxidanyl-phosphoryl]oxymethyl]-4-methoxy-oxolan-3-yl] [(2~{R},3~{S},4~{R},5~{S})-5-[2,4-bis(oxidanylidene)pyrimidin-1-yl]-3,4-bis(oxidanyl)oxolan-2-yl]methyl hydrogen phosphate' 'C31 H46 N12 O25 P4'
ZN non-polymer 'ZINC ION' 'Zn 2'
#
# COMPACT_ATOMS: atom_id res chain seq x y z
N ASP A 2 26.17 25.72 -53.08
CA ASP A 2 26.72 24.63 -52.27
C ASP A 2 25.71 23.49 -52.00
N PRO A 3 24.48 23.82 -51.60
CA PRO A 3 23.48 22.76 -51.42
C PRO A 3 23.01 22.20 -52.75
N VAL A 4 22.46 21.00 -52.69
CA VAL A 4 21.86 20.32 -53.84
C VAL A 4 20.41 20.00 -53.49
N TYR A 5 19.50 20.28 -54.42
CA TYR A 5 18.07 20.11 -54.20
C TYR A 5 17.57 18.91 -54.98
N VAL A 6 16.73 18.10 -54.34
CA VAL A 6 16.18 16.89 -54.94
C VAL A 6 14.66 16.94 -54.80
N ASP A 7 13.97 16.43 -55.83
CA ASP A 7 12.51 16.48 -55.88
C ASP A 7 11.91 15.26 -55.18
N ILE A 8 12.05 15.25 -53.85
CA ILE A 8 11.47 14.21 -53.02
C ILE A 8 10.80 14.84 -51.82
N ASP A 9 9.94 14.06 -51.16
CA ASP A 9 9.21 14.53 -50.00
C ASP A 9 10.19 14.76 -48.84
N ALA A 10 9.86 15.74 -48.00
CA ALA A 10 10.74 16.10 -46.89
C ALA A 10 10.75 15.07 -45.77
N ASP A 11 9.70 14.25 -45.65
CA ASP A 11 9.61 13.23 -44.62
C ASP A 11 9.97 11.84 -45.13
N SER A 12 10.51 11.73 -46.33
CA SER A 12 10.88 10.45 -46.90
C SER A 12 12.04 9.83 -46.11
N ALA A 13 12.02 8.50 -46.01
CA ALA A 13 13.11 7.77 -45.37
C ALA A 13 14.28 7.51 -46.31
N PHE A 14 14.10 7.73 -47.61
CA PHE A 14 15.20 7.56 -48.56
C PHE A 14 16.22 8.68 -48.46
N LEU A 15 15.88 9.78 -47.79
CA LEU A 15 16.79 10.92 -47.73
C LEU A 15 18.04 10.59 -46.94
N LYS A 16 17.91 9.79 -45.88
CA LYS A 16 19.07 9.41 -45.08
C LYS A 16 20.05 8.55 -45.89
N ALA A 17 19.52 7.62 -46.68
CA ALA A 17 20.39 6.78 -47.50
C ALA A 17 21.13 7.60 -48.55
N LEU A 18 20.48 8.60 -49.12
CA LEU A 18 21.12 9.46 -50.10
C LEU A 18 22.25 10.26 -49.48
N GLN A 19 22.05 10.73 -48.24
CA GLN A 19 23.08 11.51 -47.56
C GLN A 19 24.31 10.66 -47.28
N ARG A 20 24.12 9.40 -46.91
CA ARG A 20 25.24 8.53 -46.60
C ARG A 20 26.07 8.19 -47.83
N ALA A 21 25.44 8.16 -49.01
CA ALA A 21 26.15 7.81 -50.24
C ALA A 21 26.90 8.99 -50.85
N TYR A 22 26.55 10.23 -50.48
CA TYR A 22 27.20 11.43 -51.01
C TYR A 22 27.61 12.32 -49.85
N PRO A 23 28.69 11.96 -49.15
CA PRO A 23 29.09 12.75 -47.97
C PRO A 23 29.65 14.12 -48.31
N MET A 24 29.96 14.40 -49.58
CA MET A 24 30.57 15.66 -49.96
C MET A 24 29.57 16.74 -50.35
N PHE A 25 28.28 16.48 -50.21
CA PHE A 25 27.24 17.42 -50.57
C PHE A 25 26.31 17.67 -49.39
N GLU A 26 25.45 18.67 -49.55
CA GLU A 26 24.36 18.95 -48.63
C GLU A 26 23.05 18.79 -49.39
N VAL A 27 22.27 17.77 -49.03
CA VAL A 27 21.07 17.40 -49.75
C VAL A 27 19.86 18.01 -49.06
N GLU A 28 19.06 18.74 -49.83
CA GLU A 28 17.87 19.41 -49.31
C GLU A 28 16.66 19.01 -50.14
N PRO A 29 15.56 18.61 -49.52
CA PRO A 29 14.37 18.21 -50.29
C PRO A 29 13.59 19.42 -50.79
N ARG A 30 13.02 19.28 -51.98
CA ARG A 30 12.17 20.32 -52.56
C ARG A 30 11.23 19.63 -53.55
N GLN A 31 9.99 19.40 -53.11
CA GLN A 31 9.03 18.64 -53.91
C GLN A 31 8.18 19.56 -54.76
N VAL A 32 8.13 19.28 -56.06
CA VAL A 32 7.36 20.12 -56.97
C VAL A 32 6.37 19.28 -57.79
N THR A 33 6.68 18.01 -58.01
CA THR A 33 5.86 17.12 -58.81
C THR A 33 5.65 15.81 -58.09
N PRO A 34 4.51 15.12 -58.35
CA PRO A 34 4.27 13.79 -57.80
C PRO A 34 4.79 12.66 -58.69
N ASN A 35 6.04 12.76 -59.11
CA ASN A 35 6.62 11.75 -59.98
C ASN A 35 6.78 10.43 -59.23
N ASP A 36 6.38 9.34 -59.86
CA ASP A 36 6.42 8.03 -59.20
C ASP A 36 7.77 7.33 -59.35
N ALA A 37 8.72 7.94 -60.06
CA ALA A 37 10.10 7.45 -60.14
C ALA A 37 11.04 8.49 -59.53
N ALA A 38 10.64 9.07 -58.41
CA ALA A 38 11.40 10.18 -57.82
C ALA A 38 12.72 9.71 -57.26
N ASN A 39 12.74 8.55 -56.59
CA ASN A 39 13.98 8.08 -55.99
C ASN A 39 15.04 7.77 -57.03
N ALA A 40 14.64 7.18 -58.16
CA ALA A 40 15.60 6.87 -59.22
C ALA A 40 16.15 8.14 -59.84
N ARG A 41 15.30 9.15 -60.04
CA ARG A 41 15.76 10.40 -60.65
C ARG A 41 16.70 11.16 -59.72
N ALA A 42 16.47 11.06 -58.41
CA ALA A 42 17.32 11.77 -57.46
C ALA A 42 18.74 11.23 -57.47
N PHE A 43 18.90 9.91 -57.57
CA PHE A 43 20.23 9.32 -57.60
C PHE A 43 21.01 9.76 -58.84
N SER A 44 20.35 9.78 -59.99
CA SER A 44 21.03 10.15 -61.23
C SER A 44 21.40 11.63 -61.23
N HIS A 45 20.57 12.46 -60.59
CA HIS A 45 20.86 13.89 -60.52
C HIS A 45 22.13 14.14 -59.72
N LEU A 46 22.30 13.45 -58.59
CA LEU A 46 23.49 13.65 -57.78
C LEU A 46 24.73 13.01 -58.40
N ALA A 47 24.55 11.97 -59.21
CA ALA A 47 25.69 11.31 -59.83
C ALA A 47 26.39 12.23 -60.82
N ILE A 48 25.62 13.01 -61.59
CA ILE A 48 26.23 13.91 -62.57
C ILE A 48 26.96 15.05 -61.87
N LYS A 49 26.41 15.52 -60.75
CA LYS A 49 27.08 16.58 -60.00
C LYS A 49 28.43 16.11 -59.48
N LEU A 50 28.51 14.87 -59.01
CA LEU A 50 29.79 14.33 -58.53
C LEU A 50 30.81 14.23 -59.65
N ILE A 51 30.38 13.79 -60.84
CA ILE A 51 31.30 13.60 -61.95
C ILE A 51 31.91 14.94 -62.37
N GLU A 52 31.10 15.99 -62.41
CA GLU A 52 31.60 17.31 -62.80
C GLU A 52 32.63 17.84 -61.82
N GLN A 53 32.44 17.56 -60.53
CA GLN A 53 33.39 18.01 -59.52
C GLN A 53 34.72 17.30 -59.67
N GLU A 54 34.70 16.00 -59.99
CA GLU A 54 35.93 15.22 -60.05
C GLU A 54 36.82 15.66 -61.20
N ILE A 55 36.25 15.91 -62.37
CA ILE A 55 37.03 16.27 -63.56
C ILE A 55 37.30 17.77 -63.55
N ASP A 56 38.26 18.19 -64.34
CA ASP A 56 38.70 19.59 -64.39
C ASP A 56 37.98 20.34 -65.51
N PRO A 57 37.82 21.65 -65.36
CA PRO A 57 37.24 22.44 -66.46
C PRO A 57 38.14 22.44 -67.68
N ASP A 58 37.66 23.09 -68.74
CA ASP A 58 38.34 23.16 -70.03
C ASP A 58 38.54 21.76 -70.63
N SER A 59 37.62 20.84 -70.33
CA SER A 59 37.66 19.49 -70.89
C SER A 59 36.43 19.27 -71.76
N THR A 60 36.63 18.55 -72.87
CA THR A 60 35.54 18.20 -73.77
C THR A 60 34.94 16.87 -73.35
N ILE A 61 33.61 16.82 -73.25
CA ILE A 61 32.89 15.65 -72.77
C ILE A 61 31.94 15.18 -73.86
N LEU A 62 31.97 13.88 -74.16
CA LEU A 62 31.01 13.27 -75.06
C LEU A 62 29.89 12.65 -74.25
N ASP A 63 28.65 12.93 -74.63
CA ASP A 63 27.47 12.39 -73.97
C ASP A 63 26.81 11.41 -74.92
N ILE A 64 27.02 10.11 -74.68
CA ILE A 64 26.54 9.06 -75.56
C ILE A 64 25.06 8.79 -75.26
N GLY A 65 24.24 8.79 -76.29
CA GLY A 65 22.81 8.57 -76.14
C GLY A 65 22.18 9.64 -75.27
N SER A 66 22.50 10.89 -75.55
CA SER A 66 22.17 11.99 -74.66
C SER A 66 20.71 12.41 -74.80
N ALA A 67 20.23 13.09 -73.76
CA ALA A 67 19.01 13.89 -73.82
C ALA A 67 19.43 15.34 -73.65
N PRO A 68 19.52 16.11 -74.75
CA PRO A 68 20.24 17.40 -74.67
C PRO A 68 19.60 18.42 -73.75
N ALA A 69 18.34 18.25 -73.36
CA ALA A 69 17.69 19.22 -72.48
C ALA A 69 18.29 19.22 -71.07
N ARG A 70 18.91 18.11 -70.65
CA ARG A 70 19.46 18.04 -69.30
C ARG A 70 20.79 18.79 -69.18
N ARG A 71 21.46 19.07 -70.29
CA ARG A 71 22.76 19.73 -70.28
C ARG A 71 22.67 21.19 -70.69
N MET A 72 21.46 21.73 -70.82
CA MET A 72 21.29 23.05 -71.44
C MET A 72 21.71 24.18 -70.51
N MET A 73 21.64 23.98 -69.19
CA MET A 73 22.02 25.00 -68.22
C MET A 73 23.39 24.74 -67.59
N SER A 74 24.21 23.90 -68.20
CA SER A 74 25.54 23.61 -67.66
C SER A 74 26.57 24.55 -68.27
N ASP A 75 27.62 24.84 -67.49
CA ASP A 75 28.69 25.70 -67.95
C ASP A 75 29.86 24.93 -68.54
N ARG A 76 29.80 23.61 -68.61
CA ARG A 76 30.84 22.80 -69.21
C ARG A 76 30.55 22.56 -70.69
N LYS A 77 31.57 22.15 -71.42
CA LYS A 77 31.46 21.92 -72.86
C LYS A 77 31.02 20.47 -73.09
N TYR A 78 29.78 20.30 -73.54
CA TYR A 78 29.23 18.99 -73.85
C TYR A 78 29.04 18.86 -75.35
N HIS A 79 29.26 17.65 -75.86
CA HIS A 79 28.99 17.30 -77.25
C HIS A 79 27.99 16.15 -77.24
N CYS A 80 26.73 16.45 -77.57
CA CYS A 80 25.66 15.48 -77.46
C CYS A 80 25.57 14.65 -78.73
N VAL A 81 25.64 13.33 -78.56
CA VAL A 81 25.50 12.39 -79.66
C VAL A 81 24.09 11.82 -79.59
N CYS A 82 23.24 12.24 -80.53
CA CYS A 82 21.81 11.91 -80.48
C CYS A 82 21.34 11.31 -81.80
N PRO A 83 21.48 10.00 -81.97
CA PRO A 83 20.76 9.33 -83.05
C PRO A 83 19.29 9.16 -82.68
N MET A 84 18.48 8.90 -83.70
CA MET A 84 17.04 8.74 -83.51
C MET A 84 16.69 7.28 -83.76
N ARG A 85 16.80 6.46 -82.72
CA ARG A 85 16.58 5.03 -82.83
C ARG A 85 15.49 4.50 -81.90
N SER A 86 14.98 5.32 -80.98
CA SER A 86 13.91 4.92 -80.09
C SER A 86 12.71 5.84 -80.28
N ALA A 87 11.52 5.31 -79.96
CA ALA A 87 10.29 6.06 -80.15
C ALA A 87 10.13 7.25 -79.22
N GLU A 88 10.94 7.35 -78.17
CA GLU A 88 10.89 8.46 -77.25
C GLU A 88 11.81 9.61 -77.64
N ASP A 89 12.55 9.47 -78.73
CA ASP A 89 13.55 10.45 -79.14
C ASP A 89 12.94 11.70 -79.78
N PRO A 90 11.95 11.59 -80.68
CA PRO A 90 11.37 12.82 -81.26
C PRO A 90 10.81 13.77 -80.21
N GLU A 91 10.25 13.24 -79.12
CA GLU A 91 9.72 14.11 -78.08
C GLU A 91 10.84 14.82 -77.33
N ARG A 92 11.97 14.13 -77.12
CA ARG A 92 13.10 14.74 -76.42
C ARG A 92 13.70 15.88 -77.24
N LEU A 93 13.75 15.71 -78.56
CA LEU A 93 14.28 16.78 -79.41
C LEU A 93 13.39 18.02 -79.37
N ALA A 94 12.07 17.82 -79.39
CA ALA A 94 11.15 18.95 -79.34
C ALA A 94 11.26 19.69 -78.02
N ASN A 95 11.40 18.95 -76.92
CA ASN A 95 11.55 19.59 -75.62
C ASN A 95 12.83 20.42 -75.55
N TYR A 96 13.87 20.01 -76.28
CA TYR A 96 15.11 20.76 -76.31
C TYR A 96 14.92 22.11 -76.99
N ALA A 97 14.20 22.11 -78.12
CA ALA A 97 14.02 23.35 -78.88
C ALA A 97 13.12 24.33 -78.13
N ARG A 98 12.09 23.83 -77.44
CA ARG A 98 11.20 24.73 -76.71
C ARG A 98 11.92 25.44 -75.58
N LYS A 99 12.80 24.73 -74.86
CA LYS A 99 13.52 25.33 -73.76
C LYS A 99 14.55 26.34 -74.24
N LEU A 100 15.15 26.11 -75.42
CA LEU A 100 16.14 27.03 -75.94
C LEU A 100 15.51 28.36 -76.33
N ALA A 101 14.38 28.31 -77.05
CA ALA A 101 13.74 29.53 -77.51
C ALA A 101 13.15 30.34 -76.37
N SER A 102 12.68 29.67 -75.31
CA SER A 102 12.11 30.36 -74.17
C SER A 102 13.15 30.95 -73.24
N ALA A 103 14.43 30.66 -73.46
CA ALA A 103 15.50 31.21 -72.64
C ALA A 103 16.41 32.18 -73.38
N ALA A 104 16.21 32.35 -74.69
CA ALA A 104 17.03 33.28 -75.45
C ALA A 104 16.76 34.71 -75.02
N GLY A 105 17.83 35.46 -74.77
CA GLY A 105 17.72 36.83 -74.31
C GLY A 105 17.53 36.99 -72.82
N LYS A 106 17.46 35.90 -72.06
CA LYS A 106 17.29 35.96 -70.62
C LYS A 106 18.45 35.35 -69.83
N VAL A 107 19.13 34.37 -70.40
CA VAL A 107 20.31 33.76 -69.77
C VAL A 107 21.53 34.12 -70.61
N LEU A 108 22.55 34.69 -69.95
CA LEU A 108 23.73 35.16 -70.66
C LEU A 108 25.00 34.40 -70.32
N ASP A 109 25.08 33.79 -69.15
CA ASP A 109 26.30 33.06 -68.78
C ASP A 109 26.53 31.87 -69.69
N ARG A 110 25.48 31.13 -70.00
CA ARG A 110 25.59 29.95 -70.86
C ARG A 110 25.60 30.37 -72.32
N ASN A 111 26.17 29.51 -73.15
CA ASN A 111 26.32 29.79 -74.59
C ASN A 111 25.02 29.40 -75.29
N ILE A 112 23.98 30.18 -75.00
CA ILE A 112 22.65 29.90 -75.55
C ILE A 112 22.61 30.19 -77.04
N SER A 113 23.22 31.30 -77.46
CA SER A 113 23.16 31.71 -78.87
C SER A 113 23.87 30.69 -79.76
N GLY A 114 25.02 30.17 -79.32
CA GLY A 114 25.72 29.18 -80.12
C GLY A 114 24.96 27.88 -80.23
N LYS A 115 24.29 27.47 -79.14
CA LYS A 115 23.51 26.23 -79.17
C LYS A 115 22.36 26.33 -80.16
N ILE A 116 21.68 27.48 -80.21
CA ILE A 116 20.61 27.67 -81.18
C ILE A 116 21.16 27.64 -82.60
N GLY A 117 22.29 28.31 -82.82
CA GLY A 117 22.90 28.30 -84.14
C GLY A 117 23.37 26.92 -84.56
N ASP A 118 23.83 26.11 -83.59
CA ASP A 118 24.28 24.76 -83.90
C ASP A 118 23.11 23.87 -84.32
N LEU A 119 21.95 24.02 -83.66
CA LEU A 119 20.80 23.18 -84.00
C LEU A 119 20.29 23.47 -85.40
N GLN A 120 20.28 24.75 -85.81
CA GLN A 120 19.77 25.10 -87.13
C GLN A 120 20.65 24.53 -88.24
N ALA A 121 21.97 24.54 -88.03
CA ALA A 121 22.87 24.06 -89.06
C ALA A 121 22.67 22.57 -89.34
N VAL A 122 22.42 21.78 -88.30
CA VAL A 122 22.23 20.35 -88.47
C VAL A 122 20.94 20.07 -89.24
N MET A 123 19.91 20.88 -89.01
CA MET A 123 18.65 20.68 -89.72
C MET A 123 18.81 20.86 -91.23
N ALA A 124 19.57 21.86 -91.64
CA ALA A 124 19.77 22.11 -93.07
C ALA A 124 20.59 20.99 -93.71
N VAL A 125 21.72 20.64 -93.10
CA VAL A 125 22.60 19.58 -93.59
C VAL A 125 22.77 18.56 -92.48
N PRO A 126 22.04 17.45 -92.52
CA PRO A 126 22.13 16.46 -91.43
C PRO A 126 23.34 15.56 -91.55
N ASP A 127 24.52 16.12 -91.83
CA ASP A 127 25.74 15.34 -91.88
C ASP A 127 26.94 16.07 -91.31
N THR A 128 26.77 17.26 -90.76
CA THR A 128 27.89 18.07 -90.27
C THR A 128 28.06 17.88 -88.78
N GLU A 129 29.30 17.95 -88.33
CA GLU A 129 29.62 17.89 -86.90
C GLU A 129 29.73 19.30 -86.35
N THR A 130 29.02 19.55 -85.26
CA THR A 130 29.02 20.83 -84.57
C THR A 130 29.65 20.66 -83.19
N PRO A 131 30.13 21.75 -82.58
CA PRO A 131 30.75 21.61 -81.26
C PRO A 131 29.82 21.06 -80.18
N THR A 132 28.50 21.20 -80.34
CA THR A 132 27.57 20.80 -79.30
C THR A 132 26.52 19.77 -79.73
N PHE A 133 26.47 19.39 -81.01
CA PHE A 133 25.38 18.51 -81.44
C PHE A 133 25.79 17.78 -82.71
N CYS A 134 25.31 16.54 -82.83
CA CYS A 134 25.49 15.74 -84.03
C CYS A 134 24.42 14.65 -84.04
N LEU A 135 24.24 14.01 -85.20
CA LEU A 135 23.19 13.01 -85.39
C LEU A 135 23.75 11.61 -85.64
N HIS A 136 25.02 11.37 -85.32
CA HIS A 136 25.64 10.09 -85.58
C HIS A 136 25.47 9.17 -84.38
N THR A 137 26.04 7.98 -84.45
CA THR A 137 26.05 7.03 -83.35
C THR A 137 27.41 7.07 -82.65
N ASP A 138 27.57 6.20 -81.65
CA ASP A 138 28.82 6.17 -80.89
C ASP A 138 29.98 5.63 -81.70
N VAL A 139 29.73 5.05 -82.87
CA VAL A 139 30.78 4.45 -83.68
C VAL A 139 31.17 5.41 -84.80
N SER A 140 30.19 6.08 -85.39
CA SER A 140 30.40 6.90 -86.57
C SER A 140 30.66 8.37 -86.27
N CYS A 141 30.63 8.78 -85.00
CA CYS A 141 30.94 10.16 -84.67
C CYS A 141 32.43 10.41 -84.86
N ARG A 142 32.78 11.64 -85.22
CA ARG A 142 34.15 11.99 -85.56
C ARG A 142 34.76 13.04 -84.63
N GLN A 143 34.03 13.50 -83.63
CA GLN A 143 34.55 14.50 -82.70
C GLN A 143 35.54 13.87 -81.73
N ARG A 144 36.58 14.61 -81.39
CA ARG A 144 37.60 14.15 -80.45
C ARG A 144 37.42 14.84 -79.11
N ALA A 145 37.56 14.08 -78.02
CA ALA A 145 37.40 14.60 -76.68
C ALA A 145 38.31 13.82 -75.75
N ASP A 146 38.09 13.98 -74.44
CA ASP A 146 38.86 13.27 -73.43
C ASP A 146 38.02 12.64 -72.33
N VAL A 147 36.72 12.90 -72.27
CA VAL A 147 35.83 12.30 -71.29
C VAL A 147 34.57 11.82 -71.99
N ALA A 148 34.08 10.64 -71.60
CA ALA A 148 32.85 10.07 -72.13
C ALA A 148 31.94 9.68 -70.97
N ILE A 149 30.64 9.90 -71.15
CA ILE A 149 29.66 9.65 -70.10
C ILE A 149 28.51 8.83 -70.67
N TYR A 150 28.14 7.75 -69.97
CA TYR A 150 26.97 6.94 -70.29
C TYR A 150 26.01 7.04 -69.11
N GLN A 151 24.83 7.62 -69.36
CA GLN A 151 23.80 7.78 -68.32
C GLN A 151 22.59 6.96 -68.71
N ASP A 152 22.37 5.84 -68.02
CA ASP A 152 21.23 4.96 -68.24
C ASP A 152 21.17 4.47 -69.69
N VAL A 153 22.29 3.92 -70.16
CA VAL A 153 22.40 3.38 -71.52
C VAL A 153 22.61 1.87 -71.40
N TYR A 154 21.70 1.10 -72.00
CA TYR A 154 21.75 -0.35 -71.93
C TYR A 154 21.74 -1.02 -73.30
N ALA A 155 21.97 -0.27 -74.38
CA ALA A 155 21.74 -0.77 -75.72
C ALA A 155 23.00 -0.90 -76.56
N VAL A 156 24.18 -0.92 -75.95
CA VAL A 156 25.43 -1.02 -76.68
C VAL A 156 26.29 -2.14 -76.09
N HIS A 157 27.18 -2.66 -76.91
CA HIS A 157 28.14 -3.67 -76.48
C HIS A 157 29.36 -2.97 -75.89
N ALA A 158 29.66 -3.23 -74.62
CA ALA A 158 30.63 -2.41 -73.89
C ALA A 158 32.04 -2.47 -74.48
N PRO A 159 32.66 -3.64 -74.70
CA PRO A 159 34.03 -3.60 -75.24
C PRO A 159 34.14 -2.95 -76.61
N THR A 160 33.12 -3.10 -77.47
CA THR A 160 33.18 -2.51 -78.79
C THR A 160 33.04 -0.98 -78.71
N SER A 161 32.12 -0.50 -77.88
CA SER A 161 31.90 0.94 -77.76
C SER A 161 33.11 1.63 -77.16
N LEU A 162 33.74 1.02 -76.15
CA LEU A 162 34.87 1.64 -75.48
C LEU A 162 36.07 1.75 -76.41
N TYR A 163 36.28 0.75 -77.27
CA TYR A 163 37.43 0.76 -78.17
C TYR A 163 37.35 1.95 -79.14
N HIS A 164 36.17 2.24 -79.66
CA HIS A 164 36.03 3.35 -80.60
C HIS A 164 36.20 4.69 -79.91
N GLN A 165 35.87 4.77 -78.61
CA GLN A 165 36.10 5.99 -77.87
C GLN A 165 37.59 6.23 -77.63
N ALA A 166 38.35 5.14 -77.43
CA ALA A 166 39.76 5.25 -77.07
C ALA A 166 40.63 5.71 -78.23
N ILE A 167 40.29 5.34 -79.45
CA ILE A 167 41.12 5.68 -80.61
C ILE A 167 40.91 7.14 -81.00
N LYS A 168 40.01 7.83 -80.30
CA LYS A 168 39.80 9.25 -80.49
C LYS A 168 40.39 10.09 -79.37
N GLY A 169 41.15 9.47 -78.46
CA GLY A 169 41.84 10.20 -77.41
C GLY A 169 41.15 10.25 -76.08
N VAL A 170 40.09 9.48 -75.86
CA VAL A 170 39.38 9.49 -74.60
C VAL A 170 40.16 8.66 -73.58
N ARG A 171 40.38 9.23 -72.40
CA ARG A 171 41.14 8.57 -71.35
C ARG A 171 40.30 8.23 -70.12
N LEU A 172 39.07 8.71 -70.02
CA LEU A 172 38.24 8.49 -68.84
C LEU A 172 36.79 8.29 -69.27
N ALA A 173 36.09 7.37 -68.61
CA ALA A 173 34.71 7.07 -68.93
C ALA A 173 33.93 6.79 -67.65
N TYR A 174 32.62 7.06 -67.71
CA TYR A 174 31.72 6.84 -66.58
C TYR A 174 30.47 6.13 -67.06
N TRP A 175 29.91 5.30 -66.18
CA TRP A 175 28.69 4.55 -66.48
C TRP A 175 27.78 4.56 -65.26
N VAL A 176 26.52 4.97 -65.45
CA VAL A 176 25.54 5.06 -64.39
C VAL A 176 24.35 4.17 -64.76
N GLY A 177 23.94 3.32 -63.85
CA GLY A 177 22.81 2.44 -64.12
C GLY A 177 22.57 1.49 -62.98
N PHE A 178 21.64 0.56 -63.22
CA PHE A 178 21.29 -0.46 -62.23
C PHE A 178 22.38 -1.52 -62.12
N ASP A 179 22.41 -2.19 -60.97
CA ASP A 179 23.40 -3.24 -60.73
C ASP A 179 23.13 -4.44 -61.64
N THR A 180 24.20 -4.98 -62.22
CA THR A 180 24.11 -6.11 -63.13
C THR A 180 24.35 -7.45 -62.46
N THR A 181 24.53 -7.47 -61.14
CA THR A 181 24.79 -8.72 -60.44
C THR A 181 23.66 -9.75 -60.56
N PRO A 182 22.37 -9.39 -60.39
CA PRO A 182 21.33 -10.44 -60.48
C PRO A 182 21.28 -11.13 -61.83
N PHE A 183 21.74 -10.49 -62.90
CA PHE A 183 21.71 -11.12 -64.22
C PHE A 183 22.90 -12.05 -64.45
N MET A 184 23.94 -11.96 -63.62
CA MET A 184 25.03 -12.91 -63.71
C MET A 184 24.70 -14.22 -62.99
N TYR A 185 23.74 -14.19 -62.06
CA TYR A 185 23.25 -15.39 -61.40
C TYR A 185 22.17 -16.10 -62.21
N ASN A 186 21.73 -15.51 -63.32
CA ASN A 186 20.77 -16.13 -64.24
C ASN A 186 19.41 -16.36 -63.57
N ALA A 187 18.89 -15.31 -62.94
CA ALA A 187 17.57 -15.38 -62.32
C ALA A 187 16.48 -15.16 -63.38
N MET A 188 15.26 -15.58 -63.03
CA MET A 188 14.12 -15.42 -63.93
C MET A 188 13.32 -14.15 -63.64
N ALA A 189 13.33 -13.67 -62.40
CA ALA A 189 12.64 -12.44 -62.05
C ALA A 189 13.29 -11.87 -60.79
N GLY A 190 12.99 -10.60 -60.51
CA GLY A 190 13.60 -9.94 -59.37
C GLY A 190 13.01 -8.57 -59.15
N ALA A 191 13.49 -7.91 -58.10
CA ALA A 191 12.95 -6.62 -57.69
C ALA A 191 14.07 -5.71 -57.20
N TYR A 192 13.81 -4.40 -57.27
CA TYR A 192 14.62 -3.36 -56.63
C TYR A 192 13.69 -2.56 -55.74
N PRO A 193 13.41 -3.05 -54.53
CA PRO A 193 12.31 -2.48 -53.74
C PRO A 193 12.46 -1.01 -53.40
N SER A 194 13.69 -0.51 -53.23
CA SER A 194 13.87 0.88 -52.83
C SER A 194 13.54 1.86 -53.94
N TYR A 195 13.52 1.41 -55.19
CA TYR A 195 13.26 2.29 -56.33
C TYR A 195 11.93 1.97 -57.02
N SER A 196 11.09 1.15 -56.39
CA SER A 196 9.79 0.76 -56.97
C SER A 196 9.95 0.16 -58.36
N THR A 197 10.94 -0.71 -58.51
CA THR A 197 11.27 -1.31 -59.79
C THR A 197 11.11 -2.83 -59.72
N ASN A 198 10.44 -3.38 -60.74
CA ASN A 198 10.29 -4.82 -60.89
C ASN A 198 10.60 -5.21 -62.32
N TRP A 199 11.16 -6.40 -62.51
CA TRP A 199 11.48 -6.92 -63.82
C TRP A 199 11.15 -8.40 -63.88
N ALA A 200 10.95 -8.91 -65.09
CA ALA A 200 10.59 -10.31 -65.26
C ALA A 200 10.95 -10.77 -66.66
N ASP A 201 11.16 -12.08 -66.79
CA ASP A 201 11.36 -12.69 -68.10
C ASP A 201 10.04 -12.71 -68.87
N GLU A 202 10.15 -12.69 -70.19
CA GLU A 202 8.96 -12.65 -71.04
C GLU A 202 8.09 -13.89 -70.87
N GLN A 203 8.69 -15.03 -70.51
CA GLN A 203 7.93 -16.27 -70.42
C GLN A 203 7.07 -16.37 -69.18
N VAL A 204 7.27 -15.53 -68.18
CA VAL A 204 6.54 -15.63 -66.93
C VAL A 204 5.69 -14.38 -66.67
N LEU A 205 5.29 -13.67 -67.72
CA LEU A 205 4.46 -12.48 -67.54
C LEU A 205 3.03 -12.80 -67.12
N LYS A 206 2.62 -14.06 -67.18
CA LYS A 206 1.27 -14.47 -66.79
C LYS A 206 1.27 -15.19 -65.44
N ALA A 207 2.19 -14.85 -64.56
CA ALA A 207 2.26 -15.48 -63.25
C ALA A 207 1.21 -14.86 -62.33
N LYS A 208 1.28 -15.16 -61.04
CA LYS A 208 0.26 -14.72 -60.10
C LYS A 208 0.79 -13.89 -58.95
N ASN A 209 1.96 -14.23 -58.40
CA ASN A 209 2.41 -13.62 -57.15
C ASN A 209 3.82 -13.06 -57.24
N ILE A 210 4.18 -12.48 -58.39
CA ILE A 210 5.45 -11.77 -58.51
C ILE A 210 5.14 -10.30 -58.73
N GLY A 211 6.18 -9.46 -58.80
CA GLY A 211 5.98 -8.03 -58.87
C GLY A 211 5.30 -7.56 -60.14
N LEU A 212 5.62 -8.18 -61.27
CA LEU A 212 5.15 -7.74 -62.57
C LEU A 212 4.49 -8.92 -63.29
N CYS A 213 3.16 -9.00 -63.21
CA CYS A 213 2.42 -10.12 -63.77
C CYS A 213 0.94 -9.76 -63.84
N SER A 214 0.19 -10.59 -64.56
CA SER A 214 -1.26 -10.47 -64.67
C SER A 214 -1.84 -11.83 -65.03
N THR A 215 -2.98 -12.18 -64.44
CA THR A 215 -3.60 -13.47 -64.66
C THR A 215 -5.12 -13.30 -64.64
N ASP A 216 -5.84 -14.42 -64.74
CA ASP A 216 -7.30 -14.41 -64.81
C ASP A 216 -7.88 -15.40 -63.81
N LEU A 217 -9.21 -15.36 -63.68
CA LEU A 217 -9.93 -16.31 -62.86
C LEU A 217 -10.38 -17.50 -63.70
N THR A 218 -10.28 -18.70 -63.14
CA THR A 218 -10.67 -19.90 -63.87
C THR A 218 -11.09 -20.98 -62.90
N GLU A 219 -11.87 -21.93 -63.40
CA GLU A 219 -12.36 -23.04 -62.59
C GLU A 219 -11.44 -24.25 -62.64
N GLY A 220 -10.69 -24.42 -63.72
CA GLY A 220 -9.75 -25.52 -63.82
C GLY A 220 -10.21 -26.65 -64.73
N ARG A 221 -9.67 -26.68 -65.95
CA ARG A 221 -9.95 -27.76 -66.89
C ARG A 221 -8.80 -28.76 -66.86
N ARG A 222 -8.86 -29.76 -67.72
CA ARG A 222 -7.85 -30.82 -67.69
C ARG A 222 -7.19 -31.06 -69.04
N GLY A 223 -7.93 -30.96 -70.14
CA GLY A 223 -7.40 -31.38 -71.42
C GLY A 223 -6.23 -30.57 -71.93
N LYS A 224 -6.48 -29.34 -72.38
CA LYS A 224 -5.47 -28.47 -72.97
C LYS A 224 -4.53 -29.26 -73.89
N LEU A 225 -5.13 -29.96 -74.86
CA LEU A 225 -4.42 -30.93 -75.68
C LEU A 225 -3.45 -30.21 -76.61
N SER A 226 -2.17 -30.21 -76.24
CA SER A 226 -1.09 -29.67 -77.07
C SER A 226 -0.02 -30.74 -77.18
N ILE A 227 0.09 -31.35 -78.37
CA ILE A 227 1.02 -32.46 -78.56
C ILE A 227 2.46 -31.99 -78.37
N MET A 228 2.81 -30.85 -78.94
CA MET A 228 4.16 -30.32 -78.81
C MET A 228 4.47 -30.02 -77.35
N ARG A 229 5.65 -30.47 -76.91
CA ARG A 229 6.05 -30.38 -75.50
C ARG A 229 7.05 -29.26 -75.31
N GLY A 230 6.78 -28.39 -74.32
CA GLY A 230 7.82 -27.48 -73.87
C GLY A 230 8.92 -28.20 -73.13
N LYS A 231 8.55 -28.95 -72.08
CA LYS A 231 9.43 -29.91 -71.40
C LYS A 231 10.57 -29.23 -70.66
N LYS A 232 10.68 -27.90 -70.78
CA LYS A 232 11.82 -27.19 -70.22
C LYS A 232 11.48 -25.72 -70.14
N LEU A 233 11.93 -25.07 -69.07
CA LEU A 233 11.66 -23.65 -68.83
C LEU A 233 12.95 -23.01 -68.32
N GLU A 234 13.65 -22.30 -69.21
CA GLU A 234 14.91 -21.65 -68.89
C GLU A 234 14.87 -20.20 -69.36
N PRO A 235 15.67 -19.33 -68.75
CA PRO A 235 15.65 -17.92 -69.15
C PRO A 235 16.01 -17.71 -70.60
N CYS A 236 15.39 -16.71 -71.22
N CYS A 236 15.39 -16.71 -71.21
CA CYS A 236 15.64 -16.33 -72.60
CA CYS A 236 15.63 -16.33 -72.60
C CYS A 236 16.16 -14.90 -72.64
C CYS A 236 16.20 -14.92 -72.64
N ASP A 237 16.41 -14.41 -73.86
CA ASP A 237 17.05 -13.11 -74.03
C ASP A 237 16.14 -11.96 -73.61
N ARG A 238 14.85 -12.03 -73.90
CA ARG A 238 13.96 -10.89 -73.71
C ARG A 238 13.61 -10.69 -72.24
N VAL A 239 13.74 -9.45 -71.76
CA VAL A 239 13.44 -9.09 -70.39
C VAL A 239 12.72 -7.74 -70.38
N LEU A 240 11.71 -7.62 -69.52
CA LEU A 240 10.92 -6.40 -69.40
C LEU A 240 11.25 -5.71 -68.09
N PHE A 241 11.42 -4.39 -68.15
CA PHE A 241 11.69 -3.56 -66.98
C PHE A 241 10.52 -2.61 -66.74
N SER A 242 10.26 -2.32 -65.46
CA SER A 242 9.18 -1.41 -65.07
C SER A 242 9.66 -0.54 -63.92
N VAL A 243 10.03 0.70 -64.23
CA VAL A 243 10.46 1.68 -63.24
C VAL A 243 9.28 2.61 -62.99
N GLY A 244 8.71 2.54 -61.79
CA GLY A 244 7.49 3.27 -61.51
C GLY A 244 6.34 2.75 -62.35
N SER A 245 5.92 3.54 -63.35
CA SER A 245 4.93 3.10 -64.33
C SER A 245 5.46 3.20 -65.76
N THR A 246 6.77 3.21 -65.93
CA THR A 246 7.39 3.31 -67.25
C THR A 246 7.99 1.96 -67.62
N LEU A 247 7.72 1.51 -68.85
CA LEU A 247 8.14 0.20 -69.31
C LEU A 247 9.33 0.31 -70.26
N TYR A 248 10.32 -0.55 -70.05
CA TYR A 248 11.52 -0.59 -70.87
C TYR A 248 11.90 -2.03 -71.21
N PRO A 249 12.03 -2.39 -72.48
CA PRO A 249 12.54 -3.71 -72.84
C PRO A 249 14.06 -3.71 -72.91
N GLU A 250 14.67 -4.81 -72.45
CA GLU A 250 16.12 -4.94 -72.43
C GLU A 250 16.51 -6.30 -73.01
N SER A 251 17.82 -6.50 -73.14
CA SER A 251 18.39 -7.73 -73.65
C SER A 251 19.43 -8.25 -72.66
N ARG A 252 19.42 -9.56 -72.42
CA ARG A 252 20.31 -10.16 -71.42
C ARG A 252 21.77 -10.07 -71.87
N LYS A 253 22.03 -10.24 -73.17
CA LYS A 253 23.41 -10.26 -73.65
C LYS A 253 24.10 -8.92 -73.42
N LEU A 254 23.39 -7.81 -73.68
CA LEU A 254 24.01 -6.50 -73.54
C LEU A 254 24.15 -6.11 -72.07
N LEU A 255 23.22 -6.52 -71.22
CA LEU A 255 23.33 -6.22 -69.79
C LEU A 255 24.57 -6.86 -69.18
N LYS A 256 24.85 -8.12 -69.54
CA LYS A 256 25.98 -8.82 -68.96
C LYS A 256 27.30 -8.29 -69.47
N SER A 257 27.30 -7.58 -70.59
CA SER A 257 28.55 -7.08 -71.16
C SER A 257 29.13 -5.92 -70.39
N TRP A 258 28.36 -5.29 -69.51
CA TRP A 258 28.85 -4.20 -68.67
C TRP A 258 29.35 -4.68 -67.31
N HIS A 259 29.32 -5.98 -67.06
CA HIS A 259 29.88 -6.57 -65.84
C HIS A 259 31.36 -6.86 -66.10
N LEU A 260 32.15 -5.79 -66.17
CA LEU A 260 33.54 -5.87 -66.59
C LEU A 260 34.43 -6.28 -65.42
N PRO A 261 35.52 -6.99 -65.69
CA PRO A 261 36.49 -7.33 -64.65
C PRO A 261 37.29 -6.09 -64.25
N SER A 262 38.15 -6.27 -63.24
CA SER A 262 38.93 -5.15 -62.73
C SER A 262 40.03 -4.73 -63.70
N VAL A 263 40.51 -5.65 -64.54
CA VAL A 263 41.59 -5.37 -65.48
C VAL A 263 41.33 -6.16 -66.77
N PHE A 264 41.49 -5.49 -67.91
CA PHE A 264 41.29 -6.15 -69.19
C PHE A 264 42.08 -5.42 -70.28
N HIS A 265 42.23 -6.10 -71.41
CA HIS A 265 43.03 -5.60 -72.54
C HIS A 265 42.15 -5.45 -73.77
N LEU A 266 42.42 -4.42 -74.57
CA LEU A 266 41.78 -4.20 -75.86
C LEU A 266 42.85 -4.26 -76.93
N LYS A 267 42.80 -5.30 -77.76
CA LYS A 267 43.84 -5.57 -78.76
C LYS A 267 43.26 -5.38 -80.16
N GLY A 268 43.84 -4.45 -80.91
CA GLY A 268 43.46 -4.24 -82.28
C GLY A 268 44.59 -3.62 -83.08
N LYS A 269 44.27 -2.66 -83.95
CA LYS A 269 45.32 -1.88 -84.60
C LYS A 269 46.13 -1.11 -83.57
N LEU A 270 45.45 -0.54 -82.58
CA LEU A 270 46.08 0.04 -81.39
C LEU A 270 45.67 -0.77 -80.17
N SER A 271 46.56 -0.82 -79.18
CA SER A 271 46.36 -1.62 -77.99
C SER A 271 46.23 -0.72 -76.77
N PHE A 272 45.39 -1.14 -75.83
CA PHE A 272 45.12 -0.37 -74.62
C PHE A 272 45.01 -1.29 -73.41
N THR A 273 45.29 -0.74 -72.24
CA THR A 273 45.15 -1.43 -70.97
C THR A 273 44.16 -0.64 -70.11
N CYS A 274 43.17 -1.34 -69.57
CA CYS A 274 42.03 -0.68 -68.95
C CYS A 274 41.78 -1.21 -67.54
N ARG A 275 41.11 -0.38 -66.75
CA ARG A 275 40.79 -0.69 -65.36
C ARG A 275 39.37 -0.21 -65.06
N CYS A 276 38.62 -1.01 -64.30
CA CYS A 276 37.24 -0.68 -63.95
C CYS A 276 37.08 -0.72 -62.44
N ASP A 277 36.35 0.26 -61.91
CA ASP A 277 36.21 0.40 -60.47
C ASP A 277 34.84 1.01 -60.15
N THR A 278 34.26 0.57 -59.04
CA THR A 278 32.96 1.06 -58.58
C THR A 278 33.18 2.07 -57.46
N VAL A 279 32.59 3.26 -57.62
CA VAL A 279 32.83 4.35 -56.68
C VAL A 279 31.61 4.69 -55.84
N VAL A 280 30.40 4.48 -56.34
CA VAL A 280 29.18 4.75 -55.60
C VAL A 280 28.27 3.54 -55.68
N SER A 281 27.56 3.25 -54.59
CA SER A 281 26.63 2.13 -54.56
C SER A 281 25.54 2.43 -53.53
N CYS A 282 24.28 2.32 -53.93
CA CYS A 282 23.17 2.59 -53.00
C CYS A 282 21.99 1.70 -53.40
N GLU A 283 21.90 0.54 -52.74
CA GLU A 283 20.73 -0.34 -52.82
C GLU A 283 20.39 -0.75 -54.26
N GLY A 284 21.42 -1.10 -55.03
CA GLY A 284 21.22 -1.60 -56.38
C GLY A 284 21.51 -0.60 -57.47
N TYR A 285 21.88 0.63 -57.14
CA TYR A 285 22.24 1.66 -58.11
C TYR A 285 23.73 1.97 -57.95
N VAL A 286 24.47 1.98 -59.05
CA VAL A 286 25.92 2.06 -58.99
C VAL A 286 26.44 3.11 -59.97
N VAL A 287 27.67 3.55 -59.71
CA VAL A 287 28.44 4.40 -60.62
C VAL A 287 29.80 3.73 -60.83
N LYS A 288 30.21 3.61 -62.08
CA LYS A 288 31.47 2.96 -62.43
C LYS A 288 32.41 3.94 -63.11
N ARG A 289 33.71 3.72 -62.91
CA ARG A 289 34.75 4.58 -63.46
C ARG A 289 35.77 3.72 -64.18
N ILE A 290 36.08 4.09 -65.43
CA ILE A 290 36.95 3.30 -66.30
C ILE A 290 38.03 4.20 -66.88
N THR A 291 39.29 3.74 -66.81
CA THR A 291 40.42 4.44 -67.39
C THR A 291 41.07 3.57 -68.45
N MET A 292 41.64 4.21 -69.48
CA MET A 292 42.30 3.51 -70.56
C MET A 292 43.64 4.17 -70.86
N SER A 293 44.67 3.35 -71.06
CA SER A 293 46.02 3.82 -71.35
C SER A 293 46.60 3.04 -72.51
N PRO A 294 47.45 3.67 -73.32
CA PRO A 294 48.05 2.96 -74.46
C PRO A 294 49.11 1.95 -74.02
N GLY A 295 49.17 0.84 -74.75
CA GLY A 295 50.15 -0.20 -74.48
C GLY A 295 49.55 -1.38 -73.75
N LEU A 296 50.40 -2.41 -73.58
CA LEU A 296 50.01 -3.65 -72.91
C LEU A 296 50.93 -3.85 -71.71
N TYR A 297 50.35 -3.86 -70.51
CA TYR A 297 51.10 -4.02 -69.28
C TYR A 297 50.42 -5.03 -68.38
N GLY A 298 51.23 -5.80 -67.64
CA GLY A 298 50.69 -6.72 -66.66
C GLY A 298 50.04 -7.95 -67.27
N LYS A 299 49.24 -8.62 -66.43
CA LYS A 299 48.50 -9.80 -66.84
C LYS A 299 47.11 -9.76 -66.24
N THR A 300 46.21 -10.56 -66.80
CA THR A 300 44.81 -10.57 -66.42
C THR A 300 44.42 -11.92 -65.82
N THR A 301 43.46 -11.89 -64.91
CA THR A 301 42.90 -13.09 -64.31
C THR A 301 41.48 -13.40 -64.77
N GLY A 302 40.65 -12.37 -64.97
CA GLY A 302 39.30 -12.57 -65.44
C GLY A 302 38.25 -12.70 -64.36
N TYR A 303 38.44 -12.06 -63.21
CA TYR A 303 37.50 -12.13 -62.10
C TYR A 303 36.85 -10.78 -61.86
N ALA A 304 35.55 -10.79 -61.61
CA ALA A 304 34.80 -9.59 -61.25
C ALA A 304 34.23 -9.77 -59.85
N VAL A 305 34.35 -8.72 -59.03
CA VAL A 305 34.02 -8.79 -57.61
C VAL A 305 32.94 -7.77 -57.29
N THR A 306 31.95 -8.20 -56.51
CA THR A 306 30.87 -7.33 -56.04
C THR A 306 30.83 -7.36 -54.52
N HIS A 307 30.78 -6.18 -53.90
CA HIS A 307 30.74 -6.05 -52.46
C HIS A 307 29.31 -5.76 -52.02
N HIS A 308 28.83 -6.51 -51.03
CA HIS A 308 27.46 -6.41 -50.57
C HIS A 308 27.41 -5.64 -49.25
N ALA A 309 26.82 -4.45 -49.28
CA ALA A 309 26.58 -3.69 -48.06
C ALA A 309 25.35 -4.15 -47.32
N ASP A 310 24.35 -4.67 -48.04
CA ASP A 310 23.18 -5.29 -47.45
C ASP A 310 23.02 -6.71 -47.98
N GLY A 311 21.97 -7.38 -47.53
CA GLY A 311 21.75 -8.75 -47.93
C GLY A 311 21.30 -8.90 -49.36
N PHE A 312 21.68 -10.01 -49.97
CA PHE A 312 21.24 -10.37 -51.31
C PHE A 312 20.75 -11.81 -51.29
N LEU A 313 19.58 -12.05 -51.90
CA LEU A 313 18.93 -13.35 -51.82
C LEU A 313 18.56 -13.85 -53.21
N MET A 314 18.53 -15.17 -53.34
CA MET A 314 18.05 -15.84 -54.55
C MET A 314 17.52 -17.20 -54.14
N CYS A 315 16.25 -17.46 -54.44
CA CYS A 315 15.58 -18.66 -53.93
C CYS A 315 14.69 -19.26 -55.01
N LYS A 316 14.23 -20.48 -54.75
CA LYS A 316 13.31 -21.19 -55.63
C LYS A 316 11.88 -21.00 -55.12
N THR A 317 10.97 -20.74 -56.04
CA THR A 317 9.58 -20.48 -55.68
C THR A 317 8.66 -21.24 -56.64
N THR A 318 7.44 -21.51 -56.16
CA THR A 318 6.44 -22.24 -56.92
C THR A 318 5.24 -21.33 -57.18
N ASP A 319 4.80 -21.28 -58.43
CA ASP A 319 3.69 -20.43 -58.83
C ASP A 319 2.95 -21.10 -59.99
N THR A 320 1.82 -20.51 -60.36
CA THR A 320 1.05 -20.98 -61.50
C THR A 320 1.14 -19.95 -62.62
N VAL A 321 1.60 -20.40 -63.79
CA VAL A 321 1.73 -19.55 -64.97
C VAL A 321 0.67 -19.99 -65.97
N ASP A 322 -0.30 -19.13 -66.24
CA ASP A 322 -1.44 -19.45 -67.10
C ASP A 322 -2.20 -20.67 -66.59
N GLY A 323 -2.27 -20.80 -65.26
CA GLY A 323 -3.00 -21.89 -64.63
C GLY A 323 -2.21 -23.15 -64.40
N GLU A 324 -0.95 -23.21 -64.83
CA GLU A 324 -0.12 -24.40 -64.71
C GLU A 324 0.98 -24.17 -63.69
N ARG A 325 1.12 -25.11 -62.76
CA ARG A 325 2.08 -24.98 -61.67
C ARG A 325 3.49 -25.27 -62.15
N VAL A 326 4.42 -24.37 -61.86
CA VAL A 326 5.82 -24.48 -62.26
C VAL A 326 6.70 -23.92 -61.15
N SER A 327 8.02 -23.99 -61.36
CA SER A 327 8.99 -23.51 -60.39
C SER A 327 10.11 -22.77 -61.11
N PHE A 328 10.56 -21.66 -60.52
CA PHE A 328 11.67 -20.89 -61.06
C PHE A 328 12.29 -20.07 -59.93
N SER A 329 13.29 -19.25 -60.28
CA SER A 329 14.10 -18.54 -59.30
C SER A 329 13.79 -17.05 -59.29
N VAL A 330 13.98 -16.43 -58.12
CA VAL A 330 13.64 -15.02 -57.88
C VAL A 330 14.71 -14.43 -56.95
N CYS A 331 15.04 -13.16 -57.17
CA CYS A 331 16.05 -12.46 -56.37
C CYS A 331 15.49 -11.15 -55.83
N THR A 332 16.12 -10.64 -54.78
CA THR A 332 15.70 -9.40 -54.12
C THR A 332 16.81 -8.93 -53.20
N TYR A 333 16.62 -7.73 -52.63
CA TYR A 333 17.55 -7.13 -51.68
C TYR A 333 16.89 -6.99 -50.32
N VAL A 334 17.68 -7.12 -49.26
CA VAL A 334 17.17 -7.08 -47.89
C VAL A 334 17.98 -6.07 -47.07
N PRO A 335 17.34 -5.23 -46.27
CA PRO A 335 18.10 -4.26 -45.45
C PRO A 335 19.00 -4.94 -44.42
N ALA A 336 20.10 -4.27 -44.11
CA ALA A 336 21.14 -4.88 -43.26
C ALA A 336 20.67 -5.04 -41.82
N THR A 337 19.87 -4.10 -41.31
CA THR A 337 19.43 -4.18 -39.92
C THR A 337 18.56 -5.41 -39.69
N ILE A 338 17.69 -5.73 -40.65
CA ILE A 338 16.83 -6.91 -40.51
C ILE A 338 17.67 -8.19 -40.59
N CYS A 339 18.69 -8.19 -41.45
CA CYS A 339 19.56 -9.36 -41.55
C CYS A 339 20.29 -9.64 -40.25
N ASP A 340 20.73 -8.59 -39.56
CA ASP A 340 21.49 -8.77 -38.33
C ASP A 340 20.60 -9.23 -37.18
N GLN A 341 19.30 -8.96 -37.25
CA GLN A 341 18.40 -9.31 -36.15
C GLN A 341 17.83 -10.71 -36.27
N MET A 342 18.14 -11.45 -37.33
CA MET A 342 17.68 -12.82 -37.50
C MET A 342 18.78 -13.85 -37.31
N THR A 343 19.96 -13.42 -36.82
CA THR A 343 21.08 -14.35 -36.67
C THR A 343 20.77 -15.42 -35.63
N GLY A 344 20.18 -15.04 -34.50
CA GLY A 344 19.89 -16.01 -33.46
C GLY A 344 18.81 -17.00 -33.85
N ILE A 345 17.78 -16.52 -34.56
CA ILE A 345 16.65 -17.38 -34.92
C ILE A 345 17.11 -18.48 -35.88
N LEU A 346 17.96 -18.15 -36.85
CA LEU A 346 18.38 -19.10 -37.87
C LEU A 346 19.38 -20.13 -37.36
N ALA A 347 19.64 -20.16 -36.05
CA ALA A 347 20.54 -21.18 -35.51
C ALA A 347 19.90 -22.57 -35.51
N THR A 348 18.57 -22.63 -35.53
CA THR A 348 17.83 -23.88 -35.54
C THR A 348 16.86 -23.89 -36.73
N GLU A 349 16.13 -24.99 -36.85
CA GLU A 349 15.16 -25.11 -37.93
C GLU A 349 13.87 -24.40 -37.58
N VAL A 350 13.32 -23.66 -38.54
CA VAL A 350 12.12 -22.86 -38.34
C VAL A 350 11.21 -23.04 -39.55
N THR A 351 9.91 -23.08 -39.31
CA THR A 351 8.93 -23.22 -40.37
C THR A 351 8.69 -21.89 -41.07
N PRO A 352 8.26 -21.92 -42.34
CA PRO A 352 8.01 -20.66 -43.05
C PRO A 352 6.94 -19.79 -42.39
N GLU A 353 5.95 -20.40 -41.74
CA GLU A 353 4.91 -19.64 -41.08
C GLU A 353 5.44 -18.86 -39.89
N ASP A 354 6.32 -19.49 -39.09
CA ASP A 354 6.85 -18.82 -37.92
C ASP A 354 7.85 -17.73 -38.31
N ALA A 355 8.58 -17.92 -39.39
CA ALA A 355 9.52 -16.90 -39.85
C ALA A 355 8.79 -15.66 -40.32
N GLN A 356 7.61 -15.83 -40.95
CA GLN A 356 6.85 -14.69 -41.42
C GLN A 356 6.37 -13.81 -40.28
N LYS A 357 5.92 -14.42 -39.17
CA LYS A 357 5.43 -13.65 -38.05
C LYS A 357 6.55 -12.87 -37.36
N LEU A 358 7.75 -13.46 -37.29
CA LEU A 358 8.87 -12.75 -36.70
C LEU A 358 9.30 -11.56 -37.55
N LEU A 359 9.27 -11.71 -38.87
CA LEU A 359 9.66 -10.62 -39.76
C LEU A 359 8.69 -9.45 -39.66
N VAL A 360 7.40 -9.73 -39.50
CA VAL A 360 6.41 -8.67 -39.38
C VAL A 360 6.64 -7.87 -38.10
N GLY A 361 6.97 -8.55 -37.00
CA GLY A 361 7.22 -7.86 -35.75
C GLY A 361 8.42 -6.93 -35.83
N LEU A 362 9.50 -7.38 -36.50
CA LEU A 362 10.68 -6.56 -36.63
C LEU A 362 10.44 -5.38 -37.59
N ASN A 363 9.66 -5.60 -38.64
CA ASN A 363 9.45 -4.55 -39.65
C ASN A 363 8.54 -3.46 -39.10
N GLN A 364 7.31 -3.81 -38.75
CA GLN A 364 6.32 -2.84 -38.28
C GLN A 364 6.52 -2.54 -36.80
N ARG A 365 7.56 -1.77 -36.52
CA ARG A 365 7.88 -1.37 -35.15
C ARG A 365 8.18 0.12 -35.07
N THR A 376 5.61 3.19 -39.74
CA THR A 376 6.91 3.12 -40.39
C THR A 376 7.27 1.68 -40.75
N ASN A 377 7.84 1.49 -41.94
CA ASN A 377 8.25 0.19 -42.42
C ASN A 377 9.69 0.27 -42.92
N THR A 378 10.53 -0.67 -42.46
CA THR A 378 11.90 -0.73 -42.94
C THR A 378 11.97 -1.30 -44.36
N MET A 379 11.19 -2.34 -44.64
CA MET A 379 11.14 -2.95 -45.96
C MET A 379 9.70 -3.01 -46.44
N LYS A 380 9.54 -3.19 -47.75
CA LYS A 380 8.22 -3.28 -48.35
C LYS A 380 7.59 -4.63 -48.02
N ASN A 381 6.28 -4.61 -47.75
CA ASN A 381 5.61 -5.80 -47.22
C ASN A 381 5.34 -6.86 -48.29
N TYR A 382 5.35 -6.50 -49.57
CA TYR A 382 4.98 -7.46 -50.60
C TYR A 382 6.09 -8.46 -50.91
N MET A 383 7.31 -8.24 -50.41
CA MET A 383 8.40 -9.19 -50.58
C MET A 383 8.61 -10.07 -49.36
N ILE A 384 7.85 -9.85 -48.29
CA ILE A 384 8.07 -10.62 -47.05
C ILE A 384 7.79 -12.11 -47.23
N PRO A 385 6.71 -12.55 -47.88
CA PRO A 385 6.48 -14.01 -47.98
C PRO A 385 7.59 -14.79 -48.64
N VAL A 386 8.25 -14.24 -49.66
CA VAL A 386 9.31 -15.00 -50.31
C VAL A 386 10.59 -14.94 -49.50
N VAL A 387 10.79 -13.89 -48.70
CA VAL A 387 11.96 -13.80 -47.84
C VAL A 387 11.86 -14.82 -46.72
N ALA A 388 10.68 -14.96 -46.12
CA ALA A 388 10.50 -15.93 -45.04
C ALA A 388 10.72 -17.36 -45.53
N GLN A 389 10.24 -17.67 -46.72
CA GLN A 389 10.44 -19.00 -47.28
C GLN A 389 11.92 -19.27 -47.56
N ALA A 390 12.64 -18.26 -48.08
CA ALA A 390 14.05 -18.44 -48.40
C ALA A 390 14.87 -18.64 -47.13
N PHE A 391 14.55 -17.94 -46.06
CA PHE A 391 15.28 -18.10 -44.81
C PHE A 391 15.06 -19.48 -44.21
N SER A 392 13.86 -20.03 -44.36
CA SER A 392 13.55 -21.33 -43.78
C SER A 392 14.36 -22.44 -44.44
N LYS A 393 14.52 -22.39 -45.77
CA LYS A 393 15.26 -23.43 -46.46
C LYS A 393 16.76 -23.29 -46.21
N TRP A 394 17.26 -22.07 -46.04
CA TRP A 394 18.68 -21.87 -45.78
C TRP A 394 19.08 -22.47 -44.44
N ALA A 395 18.25 -22.32 -43.42
CA ALA A 395 18.56 -22.89 -42.12
C ALA A 395 18.57 -24.41 -42.17
N LYS A 396 17.64 -25.00 -42.93
CA LYS A 396 17.57 -26.46 -43.02
C LYS A 396 18.80 -27.03 -43.70
N GLU A 397 19.28 -26.38 -44.76
CA GLU A 397 20.44 -26.90 -45.49
C GLU A 397 21.71 -26.79 -44.67
N CYS A 398 21.85 -25.73 -43.89
CA CYS A 398 23.02 -25.59 -43.02
C CYS A 398 23.05 -26.68 -41.95
N ARG A 399 21.90 -27.01 -41.39
CA ARG A 399 21.83 -28.07 -40.39
C ARG A 399 22.19 -29.42 -41.00
N LYS A 400 21.77 -29.66 -42.24
CA LYS A 400 22.06 -30.93 -42.89
C LYS A 400 23.56 -31.10 -43.14
N ASP A 401 24.26 -30.00 -43.44
CA ASP A 401 25.69 -30.08 -43.70
C ASP A 401 26.46 -30.45 -42.43
N MET A 402 26.01 -29.95 -41.28
CA MET A 402 26.74 -30.19 -40.03
C MET A 402 26.67 -31.65 -39.61
N GLU A 403 25.63 -32.37 -40.02
CA GLU A 403 25.42 -33.76 -39.61
C GLU A 403 26.01 -34.76 -40.58
N ASP A 404 26.77 -34.32 -41.57
CA ASP A 404 27.40 -35.18 -42.55
C ASP A 404 28.88 -34.84 -42.69
N GLU A 405 29.56 -34.75 -41.55
CA GLU A 405 30.96 -34.37 -41.52
C GLU A 405 31.83 -35.34 -42.31
N LYS A 406 32.74 -34.80 -43.11
CA LYS A 406 33.68 -35.58 -43.91
C LYS A 406 35.06 -35.56 -43.27
N LEU A 407 36.05 -36.11 -43.97
CA LEU A 407 37.43 -36.13 -43.51
C LEU A 407 38.22 -34.99 -44.16
N LEU A 408 39.30 -34.60 -43.51
CA LEU A 408 40.10 -33.47 -43.98
C LEU A 408 40.97 -33.88 -45.16
N GLY A 409 40.92 -33.10 -46.23
CA GLY A 409 41.85 -33.24 -47.33
C GLY A 409 41.59 -34.37 -48.30
N VAL A 410 40.39 -34.96 -48.28
CA VAL A 410 40.06 -36.05 -49.18
C VAL A 410 38.72 -35.78 -49.85
N ARG A 411 38.50 -36.45 -50.98
CA ARG A 411 37.26 -36.34 -51.74
C ARG A 411 36.69 -37.74 -51.92
N GLU A 412 35.45 -37.95 -51.50
CA GLU A 412 34.81 -39.25 -51.57
C GLU A 412 34.29 -39.46 -52.99
N ARG A 413 34.77 -40.51 -53.65
CA ARG A 413 34.38 -40.79 -55.03
C ARG A 413 34.09 -42.29 -55.20
N THR A 414 33.33 -42.87 -54.28
CA THR A 414 33.00 -44.29 -54.39
C THR A 414 31.66 -44.50 -55.08
N TRP A 421 34.27 -44.35 -60.86
CA TRP A 421 34.41 -43.19 -59.99
C TRP A 421 33.34 -42.13 -60.28
N ALA A 422 32.38 -42.00 -59.37
CA ALA A 422 31.30 -41.03 -59.53
C ALA A 422 30.94 -40.45 -58.16
N PHE A 423 30.69 -39.14 -58.12
CA PHE A 423 30.31 -38.45 -56.89
C PHE A 423 28.89 -37.93 -57.02
N LYS A 424 28.22 -37.83 -55.87
CA LYS A 424 26.84 -37.35 -55.80
C LYS A 424 26.83 -35.84 -55.59
N LYS A 425 25.87 -35.17 -56.21
CA LYS A 425 25.68 -33.73 -56.08
C LYS A 425 24.47 -33.45 -55.21
N GLN A 426 24.64 -32.57 -54.23
CA GLN A 426 23.56 -32.22 -53.33
C GLN A 426 22.64 -31.17 -53.97
N LYS A 427 21.48 -30.98 -53.36
CA LYS A 427 20.50 -30.02 -53.85
C LYS A 427 20.65 -28.69 -53.12
N THR A 428 20.56 -27.60 -53.88
CA THR A 428 20.66 -26.25 -53.34
C THR A 428 19.45 -25.45 -53.80
N HIS A 429 18.72 -24.88 -52.85
CA HIS A 429 17.52 -24.11 -53.15
C HIS A 429 17.63 -22.65 -52.78
N THR A 430 18.65 -22.24 -52.03
CA THR A 430 18.78 -20.86 -51.60
C THR A 430 20.24 -20.43 -51.66
N VAL A 431 20.47 -19.21 -52.15
CA VAL A 431 21.77 -18.57 -52.09
C VAL A 431 21.60 -17.27 -51.32
N TYR A 432 22.37 -17.10 -50.25
CA TYR A 432 22.22 -15.98 -49.32
C TYR A 432 23.58 -15.34 -49.10
N LYS A 433 23.75 -14.12 -49.61
CA LYS A 433 24.98 -13.35 -49.42
C LYS A 433 24.74 -12.33 -48.31
N ARG A 434 25.36 -12.57 -47.15
CA ARG A 434 25.17 -11.72 -45.99
C ARG A 434 25.94 -10.41 -46.14
N PRO A 435 25.59 -9.39 -45.36
CA PRO A 435 26.34 -8.13 -45.40
C PRO A 435 27.81 -8.34 -45.07
N ASP A 436 28.67 -7.56 -45.74
CA ASP A 436 30.12 -7.61 -45.59
C ASP A 436 30.74 -8.86 -46.21
N THR A 437 30.11 -9.41 -47.24
CA THR A 437 30.66 -10.51 -48.02
C THR A 437 30.80 -10.07 -49.47
N GLN A 438 31.42 -10.93 -50.29
CA GLN A 438 31.73 -10.57 -51.67
C GLN A 438 31.42 -11.73 -52.60
N SER A 439 30.91 -11.42 -53.78
CA SER A 439 30.71 -12.39 -54.84
C SER A 439 31.86 -12.30 -55.85
N ILE A 440 32.08 -13.39 -56.57
CA ILE A 440 33.17 -13.44 -57.55
C ILE A 440 32.78 -14.34 -58.72
N GLN A 441 32.94 -13.84 -59.94
CA GLN A 441 32.59 -14.58 -61.15
C GLN A 441 33.71 -14.47 -62.16
N LYS A 442 33.80 -15.48 -63.03
CA LYS A 442 34.83 -15.53 -64.06
C LYS A 442 34.23 -15.05 -65.38
N VAL A 443 34.84 -14.03 -65.97
CA VAL A 443 34.39 -13.43 -67.22
C VAL A 443 35.59 -13.27 -68.15
N GLN A 444 35.31 -12.88 -69.38
CA GLN A 444 36.35 -12.67 -70.38
C GLN A 444 37.08 -11.37 -70.10
N ALA A 445 38.40 -11.37 -70.35
CA ALA A 445 39.23 -10.20 -70.09
C ALA A 445 40.20 -9.89 -71.22
N GLU A 446 40.11 -10.60 -72.34
CA GLU A 446 40.97 -10.36 -73.51
C GLU A 446 40.08 -10.23 -74.73
N PHE A 447 40.03 -9.04 -75.31
CA PHE A 447 39.16 -8.76 -76.45
C PHE A 447 40.02 -8.38 -77.66
N ASP A 448 39.74 -9.01 -78.80
CA ASP A 448 40.48 -8.73 -80.02
C ASP A 448 39.59 -8.63 -81.26
N SER A 449 38.27 -8.52 -81.09
CA SER A 449 37.35 -8.41 -82.22
C SER A 449 36.40 -7.26 -81.95
N PHE A 450 36.36 -6.29 -82.86
CA PHE A 450 35.55 -5.09 -82.69
C PHE A 450 34.81 -4.76 -83.98
N VAL A 451 34.37 -5.79 -84.69
CA VAL A 451 33.63 -5.59 -85.93
C VAL A 451 32.25 -6.21 -85.84
N TRP A 456 26.02 4.34 -92.67
CA TRP A 456 25.27 5.20 -91.77
C TRP A 456 24.22 6.02 -92.51
N SER A 457 23.06 6.21 -91.88
CA SER A 457 22.00 7.03 -92.43
C SER A 457 21.50 7.97 -91.35
N SER A 458 20.93 9.11 -91.79
CA SER A 458 20.48 10.12 -90.85
C SER A 458 19.27 9.63 -90.06
N GLY A 459 18.18 9.33 -90.76
CA GLY A 459 16.95 8.88 -90.14
C GLY A 459 15.93 9.97 -89.91
N LEU A 460 16.33 11.23 -89.91
CA LEU A 460 15.39 12.33 -89.77
C LEU A 460 14.53 12.45 -91.01
N SER A 461 13.30 12.92 -90.82
CA SER A 461 12.35 13.12 -91.90
C SER A 461 12.11 14.60 -92.12
N ILE A 462 11.68 14.94 -93.34
CA ILE A 462 11.40 16.33 -93.68
C ILE A 462 10.33 16.93 -92.77
N PRO A 463 9.20 16.27 -92.48
CA PRO A 463 8.23 16.89 -91.55
C PRO A 463 8.80 17.20 -90.18
N LEU A 464 9.68 16.35 -89.65
CA LEU A 464 10.26 16.63 -88.33
C LEU A 464 11.21 17.82 -88.38
N ARG A 465 12.00 17.92 -89.45
CA ARG A 465 12.94 19.03 -89.58
C ARG A 465 12.20 20.36 -89.66
N THR A 466 11.07 20.39 -90.36
CA THR A 466 10.28 21.62 -90.47
C THR A 466 9.75 22.05 -89.12
N ARG A 467 9.27 21.09 -88.31
CA ARG A 467 8.71 21.44 -87.01
C ARG A 467 9.77 22.01 -86.07
N ILE A 468 10.98 21.46 -86.10
CA ILE A 468 12.05 21.96 -85.24
C ILE A 468 12.41 23.39 -85.62
N LYS A 469 12.47 23.68 -86.92
CA LYS A 469 12.80 25.03 -87.36
C LYS A 469 11.75 26.03 -86.90
N TRP A 470 10.47 25.66 -86.97
CA TRP A 470 9.41 26.59 -86.58
C TRP A 470 9.48 26.92 -85.09
N LEU A 471 9.77 25.93 -84.26
CA LEU A 471 9.88 26.19 -82.82
C LEU A 471 11.06 27.10 -82.50
N LEU A 472 12.13 27.03 -83.29
CA LEU A 472 13.30 27.84 -83.02
C LEU A 472 13.08 29.30 -83.40
N SER A 473 12.33 29.54 -84.46
CA SER A 473 12.03 30.90 -84.90
C SER A 473 11.12 31.56 -83.87
N LYS A 474 11.67 32.50 -83.10
CA LYS A 474 10.95 33.19 -82.03
C LYS A 474 10.40 32.20 -81.01
N ASP B 2 -3.09 32.32 -55.83
CA ASP B 2 -2.23 31.18 -55.52
C ASP B 2 -2.97 29.98 -54.91
N PRO B 3 -3.84 30.20 -53.91
CA PRO B 3 -4.61 29.07 -53.38
C PRO B 3 -5.70 28.64 -54.36
N VAL B 4 -6.16 27.41 -54.15
CA VAL B 4 -7.25 26.83 -54.93
C VAL B 4 -8.34 26.39 -53.96
N TYR B 5 -9.58 26.73 -54.28
CA TYR B 5 -10.73 26.44 -53.41
C TYR B 5 -11.54 25.30 -54.00
N VAL B 6 -11.97 24.37 -53.13
CA VAL B 6 -12.74 23.22 -53.52
C VAL B 6 -14.01 23.17 -52.66
N ASP B 7 -15.11 22.71 -53.27
CA ASP B 7 -16.42 22.68 -52.62
C ASP B 7 -16.59 21.36 -51.86
N ILE B 8 -15.81 21.22 -50.78
CA ILE B 8 -15.90 20.06 -49.91
C ILE B 8 -15.89 20.55 -48.46
N ASP B 9 -16.36 19.66 -47.57
CA ASP B 9 -16.42 19.99 -46.15
C ASP B 9 -15.02 20.14 -45.57
N ALA B 10 -14.89 21.03 -44.60
CA ALA B 10 -13.59 21.34 -44.00
C ALA B 10 -13.05 20.19 -43.16
N ASP B 11 -13.90 19.32 -42.62
CA ASP B 11 -13.47 18.22 -41.79
C ASP B 11 -13.42 16.90 -42.55
N SER B 12 -13.54 16.94 -43.88
CA SER B 12 -13.49 15.72 -44.67
C SER B 12 -12.10 15.10 -44.64
N ALA B 13 -12.05 13.77 -44.66
CA ALA B 13 -10.80 13.05 -44.71
C ALA B 13 -10.22 12.94 -46.13
N PHE B 14 -11.02 13.28 -47.14
CA PHE B 14 -10.54 13.24 -48.52
C PHE B 14 -9.60 14.41 -48.82
N LEU B 15 -9.53 15.41 -47.95
CA LEU B 15 -8.71 16.59 -48.22
C LEU B 15 -7.23 16.24 -48.20
N LYS B 16 -6.82 15.33 -47.32
CA LYS B 16 -5.41 14.95 -47.24
C LYS B 16 -4.95 14.23 -48.51
N ALA B 17 -5.79 13.35 -49.05
CA ALA B 17 -5.42 12.65 -50.27
C ALA B 17 -5.29 13.61 -51.44
N LEU B 18 -6.16 14.62 -51.51
CA LEU B 18 -6.08 15.60 -52.59
C LEU B 18 -4.78 16.41 -52.50
N GLN B 19 -4.36 16.76 -51.29
CA GLN B 19 -3.13 17.52 -51.12
C GLN B 19 -1.91 16.72 -51.58
N ARG B 20 -1.90 15.42 -51.29
CA ARG B 20 -0.78 14.57 -51.68
C ARG B 20 -0.67 14.42 -53.19
N ALA B 21 -1.79 14.46 -53.90
CA ALA B 21 -1.78 14.29 -55.35
C ALA B 21 -1.40 15.56 -56.09
N TYR B 22 -1.52 16.72 -55.46
CA TYR B 22 -1.19 18.01 -56.07
C TYR B 22 -0.26 18.80 -55.16
N PRO B 23 1.01 18.42 -55.10
CA PRO B 23 1.94 19.10 -54.19
C PRO B 23 2.24 20.55 -54.57
N MET B 24 1.94 20.95 -55.80
CA MET B 24 2.29 22.28 -56.28
C MET B 24 1.21 23.33 -56.06
N PHE B 25 0.11 22.97 -55.37
CA PHE B 25 -0.97 23.89 -55.08
C PHE B 25 -1.18 24.00 -53.57
N GLU B 26 -2.04 24.93 -53.19
CA GLU B 26 -2.51 25.08 -51.82
C GLU B 26 -4.03 24.91 -51.83
N VAL B 27 -4.51 23.82 -51.23
CA VAL B 27 -5.92 23.44 -51.30
C VAL B 27 -6.63 23.93 -50.05
N GLU B 28 -7.72 24.67 -50.24
CA GLU B 28 -8.50 25.22 -49.15
C GLU B 28 -9.97 24.85 -49.33
N PRO B 29 -10.63 24.32 -48.31
CA PRO B 29 -12.04 23.94 -48.46
C PRO B 29 -12.96 25.15 -48.38
N ARG B 30 -14.03 25.10 -49.18
CA ARG B 30 -15.06 26.15 -49.15
C ARG B 30 -16.37 25.51 -49.63
N GLN B 31 -17.22 25.15 -48.67
CA GLN B 31 -18.44 24.43 -48.98
C GLN B 31 -19.61 25.39 -49.19
N VAL B 32 -20.32 25.24 -50.30
CA VAL B 32 -21.45 26.12 -50.60
C VAL B 32 -22.70 25.31 -50.93
N THR B 33 -22.53 24.09 -51.40
CA THR B 33 -23.64 23.23 -51.80
C THR B 33 -23.48 21.84 -51.20
N PRO B 34 -24.60 21.12 -50.96
CA PRO B 34 -24.54 19.73 -50.51
C PRO B 34 -24.50 18.72 -51.66
N ASN B 35 -23.62 18.94 -52.63
CA ASN B 35 -23.54 18.07 -53.78
C ASN B 35 -23.03 16.69 -53.36
N ASP B 36 -23.69 15.63 -53.86
CA ASP B 36 -23.33 14.28 -53.48
C ASP B 36 -22.24 13.68 -54.36
N ALA B 37 -21.75 14.42 -55.35
CA ALA B 37 -20.59 14.03 -56.15
C ALA B 37 -19.47 15.05 -55.95
N ALA B 38 -19.27 15.49 -54.72
CA ALA B 38 -18.33 16.56 -54.44
C ALA B 38 -16.89 16.11 -54.67
N ASN B 39 -16.55 14.89 -54.27
CA ASN B 39 -15.17 14.42 -54.40
C ASN B 39 -14.76 14.29 -55.86
N ALA B 40 -15.66 13.80 -56.72
CA ALA B 40 -15.34 13.66 -58.13
C ALA B 40 -15.19 15.01 -58.82
N ARG B 41 -16.03 15.97 -58.43
CA ARG B 41 -15.95 17.30 -59.04
C ARG B 41 -14.67 18.02 -58.62
N ALA B 42 -14.22 17.81 -57.39
CA ALA B 42 -13.01 18.48 -56.91
C ALA B 42 -11.77 18.01 -57.66
N PHE B 43 -11.69 16.71 -57.98
CA PHE B 43 -10.54 16.19 -58.70
C PHE B 43 -10.46 16.78 -60.11
N SER B 44 -11.61 16.88 -60.79
CA SER B 44 -11.62 17.42 -62.14
C SER B 44 -11.30 18.91 -62.15
N HIS B 45 -11.70 19.62 -61.10
CA HIS B 45 -11.42 21.05 -61.00
C HIS B 45 -9.91 21.30 -60.89
N LEU B 46 -9.22 20.49 -60.08
CA LEU B 46 -7.79 20.67 -59.92
C LEU B 46 -7.01 20.18 -61.14
N ALA B 47 -7.56 19.21 -61.87
CA ALA B 47 -6.86 18.69 -63.04
C ALA B 47 -6.74 19.75 -64.13
N ILE B 48 -7.78 20.55 -64.34
CA ILE B 48 -7.74 21.58 -65.37
C ILE B 48 -6.75 22.68 -64.98
N LYS B 49 -6.67 23.00 -63.68
CA LYS B 49 -5.72 24.00 -63.22
C LYS B 49 -4.29 23.57 -63.49
N LEU B 50 -3.99 22.28 -63.27
CA LEU B 50 -2.65 21.78 -63.54
C LEU B 50 -2.30 21.87 -65.02
N ILE B 51 -3.25 21.53 -65.89
CA ILE B 51 -2.97 21.52 -67.33
C ILE B 51 -2.66 22.92 -67.83
N GLU B 52 -3.38 23.92 -67.32
CA GLU B 52 -3.15 25.30 -67.75
C GLU B 52 -1.76 25.78 -67.33
N GLN B 53 -1.29 25.34 -66.16
CA GLN B 53 0.04 25.75 -65.69
C GLN B 53 1.14 25.14 -66.55
N GLU B 54 0.96 23.87 -66.95
CA GLU B 54 2.01 23.17 -67.70
C GLU B 54 2.22 23.78 -69.08
N ILE B 55 1.14 24.10 -69.78
CA ILE B 55 1.24 24.63 -71.14
C ILE B 55 1.46 26.13 -71.08
N ASP B 56 1.92 26.70 -72.20
CA ASP B 56 2.26 28.12 -72.28
C ASP B 56 1.09 28.93 -72.82
N PRO B 57 1.01 30.21 -72.45
CA PRO B 57 -0.03 31.07 -73.01
C PRO B 57 0.14 31.24 -74.51
N ASP B 58 -0.80 31.97 -75.12
CA ASP B 58 -0.84 32.22 -76.55
C ASP B 58 -0.98 30.93 -77.37
N SER B 59 -1.58 29.90 -76.78
CA SER B 59 -1.82 28.63 -77.46
C SER B 59 -3.32 28.42 -77.63
N THR B 60 -3.69 27.83 -78.77
CA THR B 60 -5.08 27.52 -79.06
C THR B 60 -5.40 26.10 -78.57
N ILE B 61 -6.49 25.96 -77.83
CA ILE B 61 -6.88 24.70 -77.22
C ILE B 61 -8.24 24.30 -77.73
N LEU B 62 -8.37 23.06 -78.17
CA LEU B 62 -9.66 22.48 -78.55
C LEU B 62 -10.24 21.72 -77.37
N ASP B 63 -11.51 21.97 -77.07
CA ASP B 63 -12.22 21.30 -75.98
C ASP B 63 -13.26 20.37 -76.60
N ILE B 64 -12.95 19.08 -76.61
CA ILE B 64 -13.80 18.09 -77.28
C ILE B 64 -14.93 17.70 -76.32
N GLY B 65 -16.16 17.74 -76.82
CA GLY B 65 -17.32 17.43 -76.01
C GLY B 65 -17.45 18.36 -74.84
N SER B 66 -17.30 19.66 -75.09
CA SER B 66 -17.17 20.65 -74.05
C SER B 66 -18.51 21.01 -73.42
N ALA B 67 -18.43 21.53 -72.20
CA ALA B 67 -19.53 22.27 -71.58
C ALA B 67 -19.09 23.73 -71.49
N PRO B 68 -19.58 24.61 -72.38
CA PRO B 68 -18.94 25.93 -72.52
C PRO B 68 -19.02 26.81 -71.30
N ALA B 69 -19.92 26.53 -70.35
CA ALA B 69 -20.03 27.36 -69.16
C ALA B 69 -18.83 27.25 -68.25
N ARG B 70 -18.08 26.14 -68.32
CA ARG B 70 -16.93 25.96 -67.45
C ARG B 70 -15.71 26.76 -67.90
N ARG B 71 -15.65 27.15 -69.17
CA ARG B 71 -14.52 27.88 -69.72
C ARG B 71 -14.80 29.37 -69.89
N MET B 72 -15.91 29.86 -69.33
CA MET B 72 -16.35 31.23 -69.60
C MET B 72 -15.47 32.27 -68.92
N MET B 73 -14.94 31.96 -67.73
CA MET B 73 -14.17 32.92 -66.95
C MET B 73 -12.66 32.70 -67.06
N SER B 74 -12.21 31.94 -68.06
CA SER B 74 -10.79 31.71 -68.25
C SER B 74 -10.20 32.75 -69.19
N ASP B 75 -8.91 33.02 -69.01
CA ASP B 75 -8.20 33.99 -69.85
C ASP B 75 -7.48 33.35 -71.03
N ARG B 76 -7.56 32.03 -71.19
CA ARG B 76 -6.94 31.35 -72.31
C ARG B 76 -7.92 31.25 -73.48
N LYS B 77 -7.38 30.94 -74.66
CA LYS B 77 -8.18 30.84 -75.88
C LYS B 77 -8.68 29.41 -76.03
N TYR B 78 -10.00 29.23 -75.90
CA TYR B 78 -10.63 27.92 -76.05
C TYR B 78 -11.53 27.93 -77.28
N HIS B 79 -11.61 26.77 -77.93
CA HIS B 79 -12.53 26.55 -79.04
C HIS B 79 -13.40 25.37 -78.68
N CYS B 80 -14.64 25.64 -78.27
CA CYS B 80 -15.54 24.61 -77.76
C CYS B 80 -16.23 23.90 -78.91
N VAL B 81 -16.09 22.58 -78.97
CA VAL B 81 -16.73 21.75 -79.97
C VAL B 81 -17.92 21.08 -79.32
N CYS B 82 -19.13 21.55 -79.65
CA CYS B 82 -20.34 21.15 -78.95
C CYS B 82 -21.41 20.66 -79.93
N PRO B 83 -21.39 19.39 -80.28
CA PRO B 83 -22.56 18.79 -80.93
C PRO B 83 -23.64 18.50 -79.91
N MET B 84 -24.86 18.31 -80.41
CA MET B 84 -26.01 18.03 -79.56
C MET B 84 -26.43 16.58 -79.80
N ARG B 85 -25.79 15.66 -79.07
CA ARG B 85 -26.05 14.24 -79.22
C ARG B 85 -26.55 13.57 -77.95
N SER B 86 -26.48 14.23 -76.80
CA SER B 86 -26.97 13.68 -75.55
C SER B 86 -28.12 14.55 -75.04
N ALA B 87 -28.97 13.94 -74.22
CA ALA B 87 -30.17 14.63 -73.73
C ALA B 87 -29.87 15.74 -72.74
N GLU B 88 -28.66 15.78 -72.18
CA GLU B 88 -28.29 16.83 -71.24
C GLU B 88 -27.65 18.04 -71.92
N ASP B 89 -27.53 18.02 -73.24
CA ASP B 89 -26.85 19.10 -73.98
C ASP B 89 -27.70 20.36 -74.11
N PRO B 90 -29.01 20.28 -74.41
CA PRO B 90 -29.80 21.52 -74.49
C PRO B 90 -29.80 22.33 -73.21
N GLU B 91 -29.76 21.67 -72.05
CA GLU B 91 -29.73 22.39 -70.78
C GLU B 91 -28.39 23.09 -70.58
N ARG B 92 -27.30 22.44 -71.00
CA ARG B 92 -25.98 23.05 -70.85
C ARG B 92 -25.83 24.28 -71.72
N LEU B 93 -26.42 24.26 -72.92
CA LEU B 93 -26.38 25.42 -73.79
C LEU B 93 -27.12 26.60 -73.19
N ALA B 94 -28.28 26.34 -72.57
CA ALA B 94 -29.06 27.41 -71.95
C ALA B 94 -28.32 28.02 -70.77
N ASN B 95 -27.64 27.18 -69.97
CA ASN B 95 -26.85 27.69 -68.86
C ASN B 95 -25.72 28.60 -69.35
N TYR B 96 -25.19 28.32 -70.54
CA TYR B 96 -24.13 29.15 -71.10
C TYR B 96 -24.66 30.54 -71.45
N ALA B 97 -25.84 30.61 -72.06
CA ALA B 97 -26.38 31.90 -72.48
C ALA B 97 -26.79 32.76 -71.29
N ARG B 98 -27.36 32.13 -70.25
CA ARG B 98 -27.78 32.89 -69.08
C ARG B 98 -26.60 33.54 -68.37
N LYS B 99 -25.49 32.80 -68.25
CA LYS B 99 -24.32 33.35 -67.58
C LYS B 99 -23.67 34.47 -68.38
N LEU B 100 -23.68 34.37 -69.71
CA LEU B 100 -23.08 35.39 -70.55
C LEU B 100 -23.84 36.71 -70.44
N ALA B 101 -25.17 36.66 -70.54
CA ALA B 101 -25.96 37.89 -70.48
C ALA B 101 -25.92 38.54 -69.12
N SER B 102 -25.77 37.75 -68.05
CA SER B 102 -25.72 38.27 -66.70
C SER B 102 -24.36 38.82 -66.31
N ALA B 103 -23.34 38.67 -67.17
CA ALA B 103 -22.01 39.17 -66.89
C ALA B 103 -21.56 40.27 -67.84
N ALA B 104 -22.35 40.57 -68.88
CA ALA B 104 -21.99 41.63 -69.80
C ALA B 104 -22.05 42.99 -69.11
N GLY B 105 -21.01 43.78 -69.31
CA GLY B 105 -20.91 45.08 -68.67
C GLY B 105 -20.33 45.07 -67.27
N LYS B 106 -20.03 43.90 -66.72
CA LYS B 106 -19.46 43.80 -65.39
C LYS B 106 -18.08 43.14 -65.36
N VAL B 107 -17.78 42.26 -66.31
CA VAL B 107 -16.47 41.64 -66.42
C VAL B 107 -15.80 42.18 -67.67
N LEU B 108 -14.59 42.71 -67.51
CA LEU B 108 -13.89 43.36 -68.61
C LEU B 108 -12.62 42.64 -69.06
N ASP B 109 -11.96 41.90 -68.16
CA ASP B 109 -10.73 41.23 -68.54
C ASP B 109 -10.97 40.17 -69.60
N ARG B 110 -12.04 39.40 -69.45
CA ARG B 110 -12.35 38.32 -70.39
C ARG B 110 -13.02 38.87 -71.63
N ASN B 111 -13.01 38.06 -72.69
CA ASN B 111 -13.57 38.45 -73.99
C ASN B 111 -15.06 38.12 -74.01
N ILE B 112 -15.80 38.82 -73.15
CA ILE B 112 -17.22 38.55 -72.99
C ILE B 112 -17.99 39.00 -74.23
N SER B 113 -17.64 40.19 -74.76
CA SER B 113 -18.37 40.72 -75.91
C SER B 113 -18.18 39.85 -77.14
N GLY B 114 -16.97 39.36 -77.37
CA GLY B 114 -16.74 38.50 -78.51
C GLY B 114 -17.45 37.16 -78.39
N LYS B 115 -17.48 36.60 -77.19
CA LYS B 115 -18.17 35.33 -76.97
C LYS B 115 -19.67 35.45 -77.25
N ILE B 116 -20.28 36.57 -76.84
CA ILE B 116 -21.70 36.78 -77.12
C ILE B 116 -21.92 36.92 -78.62
N GLY B 117 -21.05 37.68 -79.29
CA GLY B 117 -21.18 37.84 -80.73
C GLY B 117 -20.96 36.55 -81.48
N ASP B 118 -20.07 35.68 -80.97
CA ASP B 118 -19.83 34.41 -81.62
C ASP B 118 -21.04 33.49 -81.54
N LEU B 119 -21.75 33.51 -80.41
CA LEU B 119 -22.91 32.65 -80.24
C LEU B 119 -24.04 33.03 -81.20
N GLN B 120 -24.26 34.34 -81.39
CA GLN B 120 -25.34 34.79 -82.24
C GLN B 120 -25.13 34.38 -83.70
N ALA B 121 -23.88 34.44 -84.17
CA ALA B 121 -23.60 34.10 -85.57
C ALA B 121 -23.93 32.64 -85.86
N VAL B 122 -23.64 31.75 -84.91
CA VAL B 122 -23.90 30.32 -85.13
C VAL B 122 -25.40 30.05 -85.22
N MET B 123 -26.19 30.76 -84.42
CA MET B 123 -27.64 30.56 -84.45
C MET B 123 -28.23 30.91 -85.81
N ALA B 124 -27.76 32.00 -86.42
CA ALA B 124 -28.28 32.39 -87.72
C ALA B 124 -27.87 31.41 -88.81
N VAL B 125 -26.59 31.07 -88.86
CA VAL B 125 -26.06 30.11 -89.83
C VAL B 125 -25.37 28.99 -89.06
N PRO B 126 -26.05 27.86 -88.87
CA PRO B 126 -25.45 26.77 -88.07
C PRO B 126 -24.44 25.95 -88.84
N ASP B 127 -23.56 26.61 -89.59
CA ASP B 127 -22.49 25.91 -90.30
C ASP B 127 -21.16 26.65 -90.29
N THR B 128 -21.06 27.78 -89.59
CA THR B 128 -19.85 28.60 -89.62
C THR B 128 -18.95 28.25 -88.44
N GLU B 129 -17.65 28.35 -88.66
CA GLU B 129 -16.67 28.16 -87.60
C GLU B 129 -16.31 29.51 -87.01
N THR B 130 -16.44 29.64 -85.69
CA THR B 130 -16.10 30.83 -84.95
C THR B 130 -14.88 30.55 -84.08
N PRO B 131 -14.14 31.59 -83.68
CA PRO B 131 -12.95 31.34 -82.85
C PRO B 131 -13.23 30.63 -81.53
N THR B 132 -14.45 30.72 -81.02
CA THR B 132 -14.76 30.16 -79.71
C THR B 132 -15.89 29.13 -79.69
N PHE B 133 -16.55 28.88 -80.81
CA PHE B 133 -17.72 27.99 -80.77
C PHE B 133 -17.98 27.41 -82.15
N CYS B 134 -18.44 26.16 -82.18
CA CYS B 134 -18.88 25.51 -83.40
C CYS B 134 -19.81 24.36 -83.02
N LEU B 135 -20.52 23.84 -84.01
CA LEU B 135 -21.53 22.81 -83.80
C LEU B 135 -21.16 21.47 -84.45
N HIS B 136 -19.89 21.27 -84.80
CA HIS B 136 -19.48 20.05 -85.47
C HIS B 136 -19.02 19.02 -84.45
N THR B 137 -18.57 17.87 -84.92
CA THR B 137 -18.01 16.81 -84.09
C THR B 137 -16.49 16.86 -84.14
N ASP B 138 -15.86 15.93 -83.41
CA ASP B 138 -14.40 15.89 -83.37
C ASP B 138 -13.78 15.51 -84.70
N VAL B 139 -14.57 14.98 -85.63
CA VAL B 139 -14.05 14.53 -86.93
C VAL B 139 -14.27 15.62 -87.98
N SER B 140 -15.43 16.29 -87.91
CA SER B 140 -15.82 17.24 -88.94
C SER B 140 -15.47 18.68 -88.63
N CYS B 141 -14.88 18.96 -87.46
CA CYS B 141 -14.44 20.32 -87.17
C CYS B 141 -13.23 20.67 -88.02
N ARG B 142 -13.11 21.95 -88.37
CA ARG B 142 -12.07 22.41 -89.28
C ARG B 142 -11.08 23.39 -88.66
N GLN B 143 -11.24 23.73 -87.38
CA GLN B 143 -10.33 24.66 -86.74
C GLN B 143 -8.99 23.98 -86.45
N ARG B 144 -7.92 24.74 -86.61
CA ARG B 144 -6.57 24.26 -86.35
C ARG B 144 -6.07 24.81 -85.03
N ALA B 145 -5.42 23.95 -84.24
CA ALA B 145 -4.89 24.33 -82.95
C ALA B 145 -3.65 23.49 -82.66
N ASP B 146 -3.19 23.51 -81.41
CA ASP B 146 -2.03 22.74 -81.00
C ASP B 146 -2.21 21.97 -79.71
N VAL B 147 -3.32 22.16 -78.99
CA VAL B 147 -3.60 21.41 -77.76
C VAL B 147 -5.05 20.93 -77.82
N ALA B 148 -5.27 19.69 -77.40
CA ALA B 148 -6.60 19.09 -77.32
C ALA B 148 -6.83 18.54 -75.92
N ILE B 149 -8.05 18.68 -75.43
CA ILE B 149 -8.41 18.29 -74.07
C ILE B 149 -9.69 17.47 -74.10
N TYR B 150 -9.67 16.32 -73.42
CA TYR B 150 -10.85 15.50 -73.21
C TYR B 150 -11.13 15.42 -71.71
N GLN B 151 -12.29 15.93 -71.29
CA GLN B 151 -12.67 15.93 -69.89
C GLN B 151 -13.93 15.08 -69.71
N ASP B 152 -13.76 13.88 -69.16
CA ASP B 152 -14.86 12.95 -68.89
C ASP B 152 -15.62 12.60 -70.17
N VAL B 153 -14.88 12.23 -71.21
CA VAL B 153 -15.44 11.82 -72.49
C VAL B 153 -15.18 10.33 -72.67
N TYR B 154 -16.26 9.55 -72.80
CA TYR B 154 -16.16 8.10 -72.92
C TYR B 154 -16.82 7.57 -74.18
N ALA B 155 -17.24 8.43 -75.10
CA ALA B 155 -18.08 8.04 -76.21
C ALA B 155 -17.39 8.09 -77.56
N VAL B 156 -16.05 8.06 -77.60
CA VAL B 156 -15.33 8.12 -78.86
C VAL B 156 -14.30 7.00 -78.90
N HIS B 157 -13.91 6.63 -80.12
CA HIS B 157 -12.87 5.63 -80.33
C HIS B 157 -11.51 6.33 -80.34
N ALA B 158 -10.64 5.96 -79.40
CA ALA B 158 -9.44 6.75 -79.14
C ALA B 158 -8.49 6.84 -80.34
N PRO B 159 -8.07 5.74 -80.98
CA PRO B 159 -7.14 5.89 -82.12
C PRO B 159 -7.71 6.69 -83.27
N THR B 160 -9.01 6.57 -83.55
CA THR B 160 -9.61 7.31 -84.65
C THR B 160 -9.71 8.80 -84.34
N SER B 161 -10.09 9.14 -83.11
CA SER B 161 -10.21 10.54 -82.72
C SER B 161 -8.86 11.23 -82.71
N LEU B 162 -7.82 10.55 -82.23
CA LEU B 162 -6.50 11.18 -82.13
C LEU B 162 -5.90 11.43 -83.51
N TYR B 163 -6.15 10.55 -84.46
CA TYR B 163 -5.60 10.72 -85.81
C TYR B 163 -6.13 11.99 -86.47
N HIS B 164 -7.43 12.25 -86.31
CA HIS B 164 -8.02 13.44 -86.92
C HIS B 164 -7.54 14.72 -86.26
N GLN B 165 -7.10 14.63 -85.01
CA GLN B 165 -6.54 15.80 -84.34
C GLN B 165 -5.12 16.09 -84.82
N ALA B 166 -4.37 15.03 -85.16
CA ALA B 166 -2.96 15.20 -85.50
C ALA B 166 -2.78 15.82 -86.87
N ILE B 167 -3.67 15.56 -87.82
CA ILE B 167 -3.52 16.06 -89.18
C ILE B 167 -3.89 17.54 -89.24
N LYS B 168 -4.40 18.08 -88.13
CA LYS B 168 -4.68 19.50 -88.02
C LYS B 168 -3.60 20.25 -87.24
N GLY B 169 -2.50 19.58 -86.89
CA GLY B 169 -1.38 20.23 -86.24
C GLY B 169 -1.32 20.13 -84.74
N VAL B 170 -2.15 19.28 -84.13
CA VAL B 170 -2.14 19.13 -82.67
C VAL B 170 -0.95 18.26 -82.27
N ARG B 171 -0.18 18.72 -81.29
CA ARG B 171 0.99 18.00 -80.82
C ARG B 171 0.88 17.48 -79.39
N LEU B 172 -0.17 17.85 -78.66
CA LEU B 172 -0.31 17.47 -77.27
C LEU B 172 -1.79 17.25 -76.95
N ALA B 173 -2.08 16.24 -76.14
CA ALA B 173 -3.45 15.91 -75.76
C ALA B 173 -3.50 15.45 -74.31
N TYR B 174 -4.66 15.65 -73.68
CA TYR B 174 -4.88 15.27 -72.30
C TYR B 174 -6.20 14.53 -72.17
N TRP B 175 -6.25 13.57 -71.25
CA TRP B 175 -7.45 12.80 -70.99
C TRP B 175 -7.65 12.65 -69.49
N VAL B 176 -8.84 13.00 -69.01
CA VAL B 176 -9.20 12.92 -67.60
C VAL B 176 -10.42 12.03 -67.46
N GLY B 177 -10.33 11.06 -66.55
CA GLY B 177 -11.45 10.16 -66.35
C GLY B 177 -11.10 9.07 -65.35
N PHE B 178 -12.04 8.12 -65.23
CA PHE B 178 -11.86 7.00 -64.32
C PHE B 178 -10.86 5.99 -64.88
N ASP B 179 -10.27 5.22 -63.97
CA ASP B 179 -9.29 4.20 -64.37
C ASP B 179 -9.96 3.08 -65.16
N THR B 180 -9.31 2.68 -66.25
CA THR B 180 -9.83 1.64 -67.14
C THR B 180 -9.29 0.25 -66.83
N THR B 181 -8.49 0.12 -65.78
CA THR B 181 -7.94 -1.20 -65.44
C THR B 181 -8.98 -2.26 -65.11
N PRO B 182 -10.01 -1.99 -64.30
CA PRO B 182 -10.96 -3.08 -63.98
C PRO B 182 -11.68 -3.64 -65.20
N PHE B 183 -11.79 -2.87 -66.28
CA PHE B 183 -12.45 -3.37 -67.48
C PHE B 183 -11.51 -4.19 -68.36
N MET B 184 -10.21 -4.10 -68.14
CA MET B 184 -9.26 -4.98 -68.82
C MET B 184 -9.26 -6.38 -68.23
N TYR B 185 -9.62 -6.52 -66.96
CA TYR B 185 -9.74 -7.81 -66.30
C TYR B 185 -11.09 -8.50 -66.57
N ASN B 186 -12.01 -7.81 -67.24
CA ASN B 186 -13.30 -8.37 -67.65
C ASN B 186 -14.16 -8.76 -66.43
N ALA B 187 -14.34 -7.81 -65.53
CA ALA B 187 -15.18 -8.04 -64.35
C ALA B 187 -16.65 -7.79 -64.69
N MET B 188 -17.53 -8.29 -63.81
CA MET B 188 -18.95 -8.12 -64.00
C MET B 188 -19.52 -6.93 -63.22
N ALA B 189 -18.91 -6.58 -62.10
CA ALA B 189 -19.34 -5.43 -61.31
C ALA B 189 -18.17 -4.95 -60.48
N GLY B 190 -18.27 -3.71 -59.99
CA GLY B 190 -17.19 -3.15 -59.21
C GLY B 190 -17.61 -1.84 -58.56
N ALA B 191 -16.67 -1.24 -57.85
CA ALA B 191 -16.92 -0.03 -57.09
C ALA B 191 -15.70 0.89 -57.11
N TYR B 192 -15.96 2.18 -56.89
CA TYR B 192 -14.93 3.18 -56.60
C TYR B 192 -15.32 3.82 -55.29
N PRO B 193 -14.96 3.21 -54.16
CA PRO B 193 -15.55 3.62 -52.87
C PRO B 193 -15.25 5.06 -52.47
N SER B 194 -14.12 5.62 -52.88
CA SER B 194 -13.77 6.98 -52.45
C SER B 194 -14.62 8.04 -53.13
N TYR B 195 -15.25 7.72 -54.26
CA TYR B 195 -16.05 8.68 -55.02
C TYR B 195 -17.54 8.37 -54.97
N SER B 196 -17.96 7.43 -54.13
CA SER B 196 -19.37 7.01 -54.04
C SER B 196 -19.90 6.56 -55.39
N THR B 197 -19.10 5.78 -56.11
CA THR B 197 -19.42 5.34 -57.45
C THR B 197 -19.53 3.82 -57.50
N ASN B 198 -20.60 3.33 -58.13
CA ASN B 198 -20.80 1.91 -58.35
C ASN B 198 -21.21 1.69 -59.80
N TRP B 199 -20.81 0.55 -60.35
CA TRP B 199 -21.16 0.19 -61.73
C TRP B 199 -21.47 -1.30 -61.77
N ALA B 200 -22.24 -1.70 -62.78
CA ALA B 200 -22.65 -3.09 -62.91
C ALA B 200 -23.07 -3.38 -64.34
N ASP B 201 -22.95 -4.65 -64.72
CA ASP B 201 -23.45 -5.12 -66.00
C ASP B 201 -24.97 -5.16 -65.99
N GLU B 202 -25.56 -5.01 -67.18
CA GLU B 202 -27.02 -4.99 -67.28
C GLU B 202 -27.65 -6.31 -66.83
N GLN B 203 -26.96 -7.42 -67.01
CA GLN B 203 -27.54 -8.73 -66.71
C GLN B 203 -27.67 -8.99 -65.21
N VAL B 204 -27.03 -8.20 -64.35
CA VAL B 204 -27.05 -8.45 -62.92
C VAL B 204 -27.68 -7.30 -62.14
N LEU B 205 -28.52 -6.49 -62.79
CA LEU B 205 -29.14 -5.37 -62.11
C LEU B 205 -30.20 -5.81 -61.09
N LYS B 206 -30.59 -7.08 -61.08
CA LYS B 206 -31.56 -7.61 -60.13
C LYS B 206 -30.90 -8.46 -59.05
N ALA B 207 -29.65 -8.17 -58.70
CA ALA B 207 -28.94 -8.91 -57.67
C ALA B 207 -29.41 -8.44 -56.30
N LYS B 208 -28.71 -8.86 -55.25
CA LYS B 208 -29.15 -8.58 -53.89
C LYS B 208 -28.12 -7.84 -53.06
N ASN B 209 -26.83 -8.16 -53.18
CA ASN B 209 -25.83 -7.65 -52.25
C ASN B 209 -24.65 -6.99 -52.95
N ILE B 210 -24.90 -6.30 -54.06
CA ILE B 210 -23.86 -5.47 -54.68
C ILE B 210 -24.27 -4.02 -54.56
N GLY B 211 -23.40 -3.12 -55.02
CA GLY B 211 -23.64 -1.70 -54.81
C GLY B 211 -24.86 -1.17 -55.54
N LEU B 212 -25.08 -1.63 -56.78
CA LEU B 212 -26.13 -1.10 -57.64
C LEU B 212 -27.04 -2.24 -58.06
N CYS B 213 -28.17 -2.41 -57.36
CA CYS B 213 -29.08 -3.51 -57.62
C CYS B 213 -30.39 -3.24 -56.90
N SER B 214 -31.41 -4.05 -57.26
CA SER B 214 -32.72 -4.00 -56.62
C SER B 214 -33.41 -5.34 -56.83
N THR B 215 -34.09 -5.83 -55.80
CA THR B 215 -34.76 -7.13 -55.86
C THR B 215 -36.08 -7.04 -55.11
N ASP B 216 -36.74 -8.18 -54.94
CA ASP B 216 -38.04 -8.26 -54.30
C ASP B 216 -38.05 -9.38 -53.26
N LEU B 217 -39.13 -9.40 -52.47
CA LEU B 217 -39.35 -10.48 -51.52
C LEU B 217 -40.16 -11.59 -52.16
N THR B 218 -39.79 -12.84 -51.88
CA THR B 218 -40.50 -13.97 -52.46
C THR B 218 -40.40 -15.16 -51.53
N GLU B 219 -41.33 -16.11 -51.69
CA GLU B 219 -41.37 -17.32 -50.88
C GLU B 219 -40.60 -18.47 -51.52
N GLY B 220 -40.49 -18.48 -52.85
CA GLY B 220 -39.73 -19.51 -53.52
C GLY B 220 -40.57 -20.57 -54.20
N ARG B 221 -40.71 -20.46 -55.52
CA ARG B 221 -41.38 -21.48 -56.31
C ARG B 221 -40.36 -22.40 -56.97
N ARG B 222 -40.84 -23.31 -57.80
CA ARG B 222 -39.95 -24.30 -58.40
C ARG B 222 -40.03 -24.36 -59.92
N GLY B 223 -41.23 -24.18 -60.50
CA GLY B 223 -41.39 -24.44 -61.91
C GLY B 223 -40.63 -23.50 -62.82
N LYS B 224 -41.07 -22.26 -62.94
CA LYS B 224 -40.49 -21.26 -63.85
C LYS B 224 -40.12 -21.91 -65.19
N LEU B 225 -41.10 -22.53 -65.82
CA LEU B 225 -40.87 -23.38 -66.99
C LEU B 225 -40.49 -22.52 -68.19
N SER B 226 -39.21 -22.51 -68.53
CA SER B 226 -38.70 -21.83 -69.72
C SER B 226 -37.78 -22.81 -70.44
N ILE B 227 -38.23 -23.30 -71.60
CA ILE B 227 -37.48 -24.32 -72.32
C ILE B 227 -36.13 -23.78 -72.78
N MET B 228 -36.13 -22.56 -73.34
CA MET B 228 -34.89 -21.96 -73.81
C MET B 228 -33.91 -21.78 -72.67
N ARG B 229 -32.66 -22.19 -72.90
CA ARG B 229 -31.64 -22.22 -71.86
C ARG B 229 -30.65 -21.07 -72.07
N GLY B 230 -30.41 -20.30 -71.01
CA GLY B 230 -29.29 -19.38 -71.02
C GLY B 230 -27.97 -20.13 -71.00
N LYS B 231 -27.79 -20.99 -70.01
CA LYS B 231 -26.71 -21.97 -69.96
C LYS B 231 -25.34 -21.32 -69.78
N LYS B 232 -25.29 -20.00 -69.77
CA LYS B 232 -24.02 -19.29 -69.74
C LYS B 232 -24.27 -17.84 -69.33
N LEU B 233 -23.36 -17.30 -68.53
CA LEU B 233 -23.46 -15.94 -68.02
C LEU B 233 -22.09 -15.29 -68.13
N GLU B 234 -21.92 -14.45 -69.15
CA GLU B 234 -20.66 -13.75 -69.40
C GLU B 234 -20.93 -12.28 -69.63
N PRO B 235 -19.94 -11.43 -69.40
CA PRO B 235 -20.15 -9.98 -69.56
C PRO B 235 -20.54 -9.61 -70.99
N CYS B 236 -21.39 -8.60 -71.10
N CYS B 236 -21.39 -8.60 -71.10
CA CYS B 236 -21.84 -8.06 -72.37
CA CYS B 236 -21.85 -8.05 -72.37
C CYS B 236 -21.37 -6.61 -72.50
C CYS B 236 -21.34 -6.62 -72.52
N ASP B 237 -21.73 -5.98 -73.62
CA ASP B 237 -21.24 -4.63 -73.91
C ASP B 237 -21.86 -3.57 -73.00
N ARG B 238 -23.13 -3.70 -72.65
CA ARG B 238 -23.85 -2.63 -71.98
C ARG B 238 -23.49 -2.58 -70.49
N VAL B 239 -23.16 -1.39 -70.01
CA VAL B 239 -22.74 -1.18 -68.62
C VAL B 239 -23.35 0.11 -68.11
N LEU B 240 -23.81 0.10 -66.86
CA LEU B 240 -24.43 1.25 -66.21
C LEU B 240 -23.51 1.80 -65.14
N PHE B 241 -23.38 3.12 -65.11
CA PHE B 241 -22.57 3.83 -64.12
C PHE B 241 -23.48 4.66 -63.22
N SER B 242 -23.08 4.82 -61.96
CA SER B 242 -23.82 5.65 -61.00
C SER B 242 -22.83 6.42 -60.15
N VAL B 243 -22.66 7.71 -60.46
CA VAL B 243 -21.77 8.60 -59.71
C VAL B 243 -22.66 9.44 -58.81
N GLY B 244 -22.57 9.22 -57.49
CA GLY B 244 -23.49 9.84 -56.58
C GLY B 244 -24.90 9.34 -56.80
N SER B 245 -25.75 10.19 -57.36
CA SER B 245 -27.10 9.79 -57.76
C SER B 245 -27.36 10.07 -59.25
N THR B 246 -26.31 10.16 -60.05
CA THR B 246 -26.43 10.44 -61.48
C THR B 246 -26.09 9.17 -62.26
N LEU B 247 -26.93 8.83 -63.23
CA LEU B 247 -26.80 7.60 -64.00
C LEU B 247 -26.21 7.88 -65.38
N TYR B 248 -25.22 7.07 -65.77
CA TYR B 248 -24.59 7.18 -67.08
C TYR B 248 -24.40 5.81 -67.71
N PRO B 249 -24.93 5.56 -68.90
CA PRO B 249 -24.65 4.30 -69.60
C PRO B 249 -23.37 4.41 -70.43
N GLU B 250 -22.60 3.32 -70.45
CA GLU B 250 -21.35 3.26 -71.17
C GLU B 250 -21.27 1.99 -72.01
N SER B 251 -20.20 1.89 -72.80
CA SER B 251 -19.94 0.74 -73.65
C SER B 251 -18.55 0.19 -73.37
N ARG B 252 -18.45 -1.13 -73.30
CA ARG B 252 -17.18 -1.76 -72.95
C ARG B 252 -16.12 -1.55 -74.04
N LYS B 253 -16.53 -1.58 -75.30
CA LYS B 253 -15.56 -1.45 -76.39
C LYS B 253 -14.86 -0.10 -76.37
N LEU B 254 -15.62 0.97 -76.13
CA LEU B 254 -15.02 2.30 -76.14
C LEU B 254 -14.18 2.54 -74.89
N LEU B 255 -14.58 1.97 -73.75
CA LEU B 255 -13.80 2.14 -72.53
C LEU B 255 -12.41 1.51 -72.67
N LYS B 256 -12.34 0.32 -73.28
CA LYS B 256 -11.06 -0.38 -73.40
C LYS B 256 -10.16 0.27 -74.43
N SER B 257 -10.71 1.11 -75.31
CA SER B 257 -9.90 1.72 -76.35
C SER B 257 -9.00 2.84 -75.82
N TRP B 258 -9.26 3.34 -74.63
CA TRP B 258 -8.41 4.37 -74.02
C TRP B 258 -7.33 3.78 -73.13
N HIS B 259 -7.25 2.45 -73.03
CA HIS B 259 -6.15 1.78 -72.33
C HIS B 259 -5.02 1.59 -73.32
N LEU B 260 -4.33 2.69 -73.59
CA LEU B 260 -3.32 2.71 -74.65
C LEU B 260 -1.96 2.25 -74.13
N PRO B 261 -1.14 1.66 -74.98
CA PRO B 261 0.22 1.27 -74.59
C PRO B 261 1.12 2.50 -74.51
N SER B 262 2.35 2.28 -74.06
CA SER B 262 3.28 3.38 -73.87
C SER B 262 3.74 3.97 -75.20
N VAL B 263 3.80 3.15 -76.25
CA VAL B 263 4.25 3.58 -77.57
C VAL B 263 3.37 2.92 -78.63
N PHE B 264 2.94 3.71 -79.61
CA PHE B 264 2.14 3.17 -80.71
C PHE B 264 2.31 4.04 -81.94
N HIS B 265 1.92 3.47 -83.08
CA HIS B 265 2.07 4.12 -84.39
C HIS B 265 0.70 4.35 -85.02
N LEU B 266 0.56 5.50 -85.68
CA LEU B 266 -0.63 5.81 -86.47
C LEU B 266 -0.21 5.91 -87.94
N LYS B 267 -0.69 4.98 -88.75
CA LYS B 267 -0.26 4.87 -90.15
C LYS B 267 -1.45 5.17 -91.05
N GLY B 268 -1.29 6.17 -91.93
CA GLY B 268 -2.32 6.51 -92.89
C GLY B 268 -1.74 7.27 -94.06
N LYS B 269 -2.44 8.30 -94.54
CA LYS B 269 -1.85 9.20 -95.53
C LYS B 269 -0.64 9.90 -94.94
N LEU B 270 -0.74 10.32 -93.68
CA LEU B 270 0.39 10.81 -92.91
C LEU B 270 0.64 9.87 -91.74
N SER B 271 1.90 9.79 -91.31
CA SER B 271 2.31 8.86 -90.28
C SER B 271 2.77 9.62 -89.04
N PHE B 272 2.45 9.06 -87.87
CA PHE B 272 2.79 9.69 -86.60
C PHE B 272 3.28 8.65 -85.62
N THR B 273 4.13 9.09 -84.68
CA THR B 273 4.64 8.27 -83.60
C THR B 273 4.23 8.90 -82.28
N CYS B 274 3.58 8.11 -81.42
CA CYS B 274 2.90 8.64 -80.25
C CYS B 274 3.38 7.95 -78.98
N ARG B 275 3.17 8.65 -77.85
CA ARG B 275 3.59 8.17 -76.54
C ARG B 275 2.52 8.55 -75.52
N CYS B 276 2.23 7.63 -74.60
CA CYS B 276 1.21 7.83 -73.57
C CYS B 276 1.82 7.67 -72.19
N ASP B 277 1.42 8.53 -71.26
CA ASP B 277 1.99 8.55 -69.92
C ASP B 277 0.93 9.01 -68.92
N THR B 278 1.01 8.46 -67.71
CA THR B 278 0.10 8.81 -66.62
C THR B 278 0.82 9.74 -65.65
N VAL B 279 0.24 10.91 -65.39
CA VAL B 279 0.89 11.91 -64.58
C VAL B 279 0.24 12.09 -63.21
N VAL B 280 -1.07 11.85 -63.07
CA VAL B 280 -1.76 11.97 -61.80
C VAL B 280 -2.57 10.70 -61.57
N SER B 281 -2.68 10.28 -60.31
CA SER B 281 -3.44 9.08 -59.96
C SER B 281 -3.88 9.21 -58.51
N CYS B 282 -5.19 9.08 -58.27
CA CYS B 282 -5.71 9.20 -56.89
C CYS B 282 -6.94 8.28 -56.76
N GLU B 283 -6.70 7.06 -56.28
CA GLU B 283 -7.76 6.14 -55.88
C GLU B 283 -8.75 5.86 -57.01
N GLY B 284 -8.23 5.64 -58.22
CA GLY B 284 -9.07 5.28 -59.35
C GLY B 284 -9.36 6.41 -60.32
N TYR B 285 -8.87 7.61 -60.07
CA TYR B 285 -9.02 8.74 -60.97
C TYR B 285 -7.64 9.14 -61.49
N VAL B 286 -7.51 9.29 -62.81
CA VAL B 286 -6.21 9.45 -63.45
C VAL B 286 -6.24 10.60 -64.44
N VAL B 287 -5.05 11.08 -64.78
CA VAL B 287 -4.82 12.04 -65.85
C VAL B 287 -3.75 11.48 -66.76
N LYS B 288 -4.00 11.50 -68.06
CA LYS B 288 -3.08 10.95 -69.05
C LYS B 288 -2.58 12.05 -69.98
N ARG B 289 -1.34 11.91 -70.44
CA ARG B 289 -0.70 12.87 -71.32
C ARG B 289 -0.17 12.15 -72.55
N ILE B 290 -0.50 12.65 -73.73
CA ILE B 290 -0.17 12.01 -74.99
C ILE B 290 0.50 13.03 -75.91
N THR B 291 1.62 12.63 -76.50
CA THR B 291 2.34 13.46 -77.48
C THR B 291 2.38 12.74 -78.82
N MET B 292 2.37 13.52 -79.89
CA MET B 292 2.38 12.98 -81.26
C MET B 292 3.40 13.74 -82.10
N SER B 293 4.18 12.99 -82.87
CA SER B 293 5.22 13.56 -83.72
C SER B 293 5.15 12.94 -85.11
N PRO B 294 5.52 13.69 -86.15
CA PRO B 294 5.49 13.13 -87.51
C PRO B 294 6.62 12.16 -87.75
N GLY B 295 6.33 11.13 -88.54
CA GLY B 295 7.33 10.13 -88.91
C GLY B 295 7.16 8.84 -88.13
N LEU B 296 7.97 7.86 -88.51
CA LEU B 296 7.97 6.53 -87.90
C LEU B 296 9.36 6.25 -87.33
N TYR B 297 9.44 6.09 -86.01
CA TYR B 297 10.71 5.85 -85.33
C TYR B 297 10.54 4.72 -84.33
N GLY B 298 11.60 3.92 -84.18
CA GLY B 298 11.61 2.88 -83.16
C GLY B 298 10.73 1.69 -83.52
N LYS B 299 10.44 0.89 -82.49
CA LYS B 299 9.59 -0.28 -82.61
C LYS B 299 8.68 -0.37 -81.40
N THR B 300 7.62 -1.18 -81.53
CA THR B 300 6.60 -1.30 -80.52
C THR B 300 6.58 -2.71 -79.96
N THR B 301 6.20 -2.84 -78.69
CA THR B 301 6.02 -4.13 -78.03
C THR B 301 4.55 -4.47 -77.80
N GLY B 302 3.72 -3.50 -77.50
CA GLY B 302 2.30 -3.74 -77.28
C GLY B 302 1.91 -4.00 -75.85
N TYR B 303 2.66 -3.51 -74.87
CA TYR B 303 2.37 -3.74 -73.47
C TYR B 303 1.94 -2.45 -72.79
N ALA B 304 0.95 -2.56 -71.91
CA ALA B 304 0.47 -1.44 -71.10
C ALA B 304 0.65 -1.78 -69.62
N VAL B 305 1.12 -0.81 -68.85
CA VAL B 305 1.52 -1.03 -67.46
C VAL B 305 0.72 -0.11 -66.55
N THR B 306 0.23 -0.66 -65.45
CA THR B 306 -0.48 0.09 -64.41
C THR B 306 0.23 -0.09 -63.09
N HIS B 307 0.51 1.02 -62.41
CA HIS B 307 1.18 1.00 -61.11
C HIS B 307 0.16 1.14 -60.00
N HIS B 308 0.24 0.25 -59.01
CA HIS B 308 -0.73 0.20 -57.91
C HIS B 308 -0.13 0.83 -56.66
N ALA B 309 -0.69 1.97 -56.24
CA ALA B 309 -0.28 2.59 -54.99
C ALA B 309 -1.04 2.02 -53.80
N ASP B 310 -2.25 1.54 -54.02
CA ASP B 310 -3.02 0.82 -53.01
C ASP B 310 -3.43 -0.55 -53.57
N GLY B 311 -4.12 -1.32 -52.75
CA GLY B 311 -4.49 -2.67 -53.13
C GLY B 311 -5.62 -2.70 -54.15
N PHE B 312 -5.56 -3.69 -55.04
CA PHE B 312 -6.60 -3.95 -56.02
C PHE B 312 -7.02 -5.40 -55.91
N LEU B 313 -8.33 -5.65 -55.87
CA LEU B 313 -8.86 -6.98 -55.63
C LEU B 313 -9.85 -7.37 -56.72
N MET B 314 -9.91 -8.67 -56.99
CA MET B 314 -10.91 -9.24 -57.89
C MET B 314 -11.16 -10.66 -57.45
N CYS B 315 -12.41 -10.97 -57.09
CA CYS B 315 -12.73 -12.25 -56.48
C CYS B 315 -14.04 -12.79 -57.04
N LYS B 316 -14.34 -14.03 -56.68
CA LYS B 316 -15.57 -14.70 -57.06
C LYS B 316 -16.58 -14.63 -55.92
N THR B 317 -17.84 -14.38 -56.26
CA THR B 317 -18.88 -14.22 -55.27
C THR B 317 -20.15 -14.93 -55.73
N THR B 318 -20.99 -15.28 -54.77
CA THR B 318 -22.24 -15.99 -55.01
C THR B 318 -23.41 -15.14 -54.55
N ASP B 319 -24.41 -14.98 -55.41
CA ASP B 319 -25.58 -14.18 -55.09
C ASP B 319 -26.78 -14.75 -55.84
N THR B 320 -27.96 -14.23 -55.53
CA THR B 320 -29.19 -14.61 -56.20
C THR B 320 -29.63 -13.47 -57.11
N VAL B 321 -29.79 -13.77 -58.40
CA VAL B 321 -30.25 -12.80 -59.38
C VAL B 321 -31.65 -13.22 -59.79
N ASP B 322 -32.63 -12.39 -59.46
CA ASP B 322 -34.04 -12.68 -59.71
C ASP B 322 -34.46 -13.99 -59.05
N GLY B 323 -33.88 -14.26 -57.89
CA GLY B 323 -34.20 -15.46 -57.12
C GLY B 323 -33.39 -16.68 -57.46
N GLU B 324 -32.52 -16.62 -58.46
CA GLU B 324 -31.73 -17.76 -58.90
C GLU B 324 -30.28 -17.56 -58.48
N ARG B 325 -29.70 -18.59 -57.86
CA ARG B 325 -28.33 -18.51 -57.36
C ARG B 325 -27.33 -18.68 -58.48
N VAL B 326 -26.37 -17.75 -58.58
CA VAL B 326 -25.34 -17.74 -59.62
C VAL B 326 -24.03 -17.26 -59.01
N SER B 327 -22.99 -17.24 -59.83
CA SER B 327 -21.66 -16.80 -59.42
C SER B 327 -21.04 -15.92 -60.49
N PHE B 328 -20.35 -14.86 -60.07
CA PHE B 328 -19.66 -13.97 -60.98
C PHE B 328 -18.58 -13.22 -60.21
N SER B 329 -17.87 -12.33 -60.90
CA SER B 329 -16.68 -11.67 -60.35
C SER B 329 -16.96 -10.21 -60.02
N VAL B 330 -16.23 -9.70 -59.03
CA VAL B 330 -16.40 -8.35 -58.50
C VAL B 330 -15.02 -7.79 -58.13
N CYS B 331 -14.83 -6.50 -58.36
CA CYS B 331 -13.56 -5.83 -58.07
C CYS B 331 -13.78 -4.61 -57.19
N THR B 332 -12.72 -4.18 -56.52
CA THR B 332 -12.77 -3.04 -55.60
C THR B 332 -11.34 -2.60 -55.28
N TYR B 333 -11.24 -1.48 -54.54
CA TYR B 333 -9.97 -0.92 -54.12
C TYR B 333 -9.87 -0.96 -52.60
N VAL B 334 -8.66 -1.13 -52.08
CA VAL B 334 -8.42 -1.27 -50.65
C VAL B 334 -7.32 -0.29 -50.22
N PRO B 335 -7.50 0.43 -49.11
CA PRO B 335 -6.44 1.35 -48.65
C PRO B 335 -5.17 0.62 -48.27
N ALA B 336 -4.04 1.32 -48.45
CA ALA B 336 -2.73 0.69 -48.29
C ALA B 336 -2.44 0.36 -46.84
N THR B 337 -2.89 1.20 -45.90
CA THR B 337 -2.60 0.94 -44.48
C THR B 337 -3.25 -0.35 -44.01
N ILE B 338 -4.47 -0.62 -44.47
CA ILE B 338 -5.15 -1.86 -44.08
C ILE B 338 -4.44 -3.07 -44.69
N CYS B 339 -3.96 -2.93 -45.93
CA CYS B 339 -3.25 -4.03 -46.57
C CYS B 339 -1.98 -4.39 -45.82
N ASP B 340 -1.25 -3.38 -45.33
CA ASP B 340 0.02 -3.63 -44.67
C ASP B 340 -0.17 -4.29 -43.31
N GLN B 341 -1.35 -4.13 -42.69
CA GLN B 341 -1.59 -4.66 -41.36
C GLN B 341 -2.14 -6.08 -41.38
N MET B 342 -2.40 -6.65 -42.55
CA MET B 342 -2.89 -8.02 -42.66
C MET B 342 -1.80 -9.00 -43.09
N THR B 343 -0.55 -8.54 -43.22
CA THR B 343 0.51 -9.41 -43.70
C THR B 343 0.77 -10.58 -42.76
N GLY B 344 0.80 -10.31 -41.45
CA GLY B 344 1.03 -11.39 -40.50
C GLY B 344 -0.12 -12.38 -40.42
N ILE B 345 -1.35 -11.89 -40.49
CA ILE B 345 -2.51 -12.76 -40.34
C ILE B 345 -2.60 -13.75 -41.49
N LEU B 346 -2.33 -13.29 -42.71
CA LEU B 346 -2.48 -14.13 -43.90
C LEU B 346 -1.36 -15.13 -44.07
N ALA B 347 -0.49 -15.30 -43.07
CA ALA B 347 0.56 -16.31 -43.15
C ALA B 347 0.01 -17.71 -42.99
N THR B 348 -1.17 -17.86 -42.40
CA THR B 348 -1.82 -19.14 -42.21
C THR B 348 -3.22 -19.10 -42.79
N GLU B 349 -3.93 -20.23 -42.64
CA GLU B 349 -5.30 -20.31 -43.13
C GLU B 349 -6.26 -19.68 -42.14
N VAL B 350 -7.21 -18.89 -42.64
CA VAL B 350 -8.16 -18.16 -41.82
C VAL B 350 -9.54 -18.28 -42.44
N THR B 351 -10.56 -18.42 -41.60
CA THR B 351 -11.94 -18.51 -42.06
C THR B 351 -12.49 -17.12 -42.36
N PRO B 352 -13.50 -17.03 -43.23
CA PRO B 352 -14.09 -15.71 -43.52
C PRO B 352 -14.64 -15.00 -42.31
N GLU B 353 -15.18 -15.74 -41.33
CA GLU B 353 -15.74 -15.11 -40.14
C GLU B 353 -14.65 -14.42 -39.32
N ASP B 354 -13.51 -15.08 -39.15
CA ASP B 354 -12.43 -14.50 -38.36
C ASP B 354 -11.82 -13.29 -39.08
N ALA B 355 -11.72 -13.35 -40.40
CA ALA B 355 -11.15 -12.24 -41.15
C ALA B 355 -12.02 -11.00 -41.06
N GLN B 356 -13.34 -11.18 -41.03
CA GLN B 356 -14.26 -10.04 -40.93
C GLN B 356 -14.09 -9.31 -39.62
N LYS B 357 -13.94 -10.05 -38.51
CA LYS B 357 -13.81 -9.42 -37.21
C LYS B 357 -12.51 -8.64 -37.09
N LEU B 358 -11.43 -9.18 -37.66
CA LEU B 358 -10.15 -8.48 -37.62
C LEU B 358 -10.19 -7.19 -38.43
N LEU B 359 -10.87 -7.22 -39.59
CA LEU B 359 -10.97 -6.03 -40.42
C LEU B 359 -11.77 -4.93 -39.72
N VAL B 360 -12.83 -5.31 -39.01
CA VAL B 360 -13.64 -4.33 -38.29
C VAL B 360 -12.84 -3.65 -37.20
N GLY B 361 -12.02 -4.43 -36.47
CA GLY B 361 -11.21 -3.85 -35.42
C GLY B 361 -10.19 -2.84 -35.94
N LEU B 362 -9.56 -3.15 -37.07
CA LEU B 362 -8.59 -2.24 -37.65
C LEU B 362 -9.26 -0.99 -38.22
N ASN B 363 -10.43 -1.13 -38.82
CA ASN B 363 -11.09 -0.01 -39.46
C ASN B 363 -11.66 0.96 -38.43
N GLN B 364 -12.57 0.49 -37.59
CA GLN B 364 -13.23 1.33 -36.60
C GLN B 364 -12.37 1.46 -35.34
N ARG B 365 -11.31 2.25 -35.48
CA ARG B 365 -10.39 2.49 -34.37
C ARG B 365 -10.11 3.98 -34.23
N THR B 376 -14.68 7.47 -36.89
CA THR B 376 -13.79 7.54 -38.03
C THR B 376 -13.64 6.19 -38.71
N ASN B 377 -13.74 6.17 -40.05
CA ASN B 377 -13.61 4.97 -40.85
C ASN B 377 -12.56 5.18 -41.92
N THR B 378 -11.61 4.25 -42.02
CA THR B 378 -10.64 4.29 -43.11
C THR B 378 -11.26 3.86 -44.43
N MET B 379 -12.10 2.81 -44.40
CA MET B 379 -12.77 2.30 -45.58
C MET B 379 -14.26 2.16 -45.30
N LYS B 380 -15.04 2.17 -46.37
CA LYS B 380 -16.48 2.06 -46.25
C LYS B 380 -16.88 0.65 -45.83
N ASN B 381 -17.88 0.56 -44.96
CA ASN B 381 -18.21 -0.71 -44.31
C ASN B 381 -18.98 -1.66 -45.21
N TYR B 382 -19.60 -1.17 -46.29
CA TYR B 382 -20.43 -2.04 -47.11
C TYR B 382 -19.62 -2.96 -48.02
N MET B 383 -18.32 -2.70 -48.20
CA MET B 383 -17.46 -3.56 -48.99
C MET B 383 -16.67 -4.55 -48.13
N ILE B 384 -16.80 -4.47 -46.81
CA ILE B 384 -16.01 -5.34 -45.93
C ILE B 384 -16.31 -6.81 -46.12
N PRO B 385 -17.57 -7.27 -46.21
CA PRO B 385 -17.81 -8.72 -46.33
C PRO B 385 -17.15 -9.38 -47.54
N VAL B 386 -17.09 -8.70 -48.69
CA VAL B 386 -16.49 -9.34 -49.86
C VAL B 386 -14.96 -9.28 -49.78
N VAL B 387 -14.41 -8.30 -49.05
CA VAL B 387 -12.96 -8.24 -48.89
C VAL B 387 -12.49 -9.36 -47.97
N ALA B 388 -13.25 -9.63 -46.91
CA ALA B 388 -12.87 -10.69 -45.97
C ALA B 388 -12.90 -12.05 -46.64
N GLN B 389 -13.91 -12.30 -47.48
CA GLN B 389 -13.99 -13.57 -48.20
C GLN B 389 -12.85 -13.71 -49.20
N ALA B 390 -12.50 -12.63 -49.89
CA ALA B 390 -11.42 -12.68 -50.87
C ALA B 390 -10.08 -12.97 -50.22
N PHE B 391 -9.84 -12.37 -49.04
CA PHE B 391 -8.59 -12.62 -48.34
C PHE B 391 -8.48 -14.06 -47.88
N SER B 392 -9.59 -14.67 -47.48
CA SER B 392 -9.56 -16.03 -46.97
C SER B 392 -9.17 -17.03 -48.05
N LYS B 393 -9.70 -16.85 -49.26
CA LYS B 393 -9.39 -17.77 -50.35
C LYS B 393 -7.97 -17.58 -50.85
N TRP B 394 -7.46 -16.34 -50.82
CA TRP B 394 -6.10 -16.09 -51.27
C TRP B 394 -5.08 -16.79 -50.38
N ALA B 395 -5.30 -16.78 -49.06
CA ALA B 395 -4.39 -17.45 -48.15
C ALA B 395 -4.39 -18.96 -48.37
N LYS B 396 -5.56 -19.54 -48.64
CA LYS B 396 -5.65 -20.98 -48.85
C LYS B 396 -4.92 -21.41 -50.11
N GLU B 397 -5.04 -20.63 -51.19
CA GLU B 397 -4.40 -21.00 -52.45
C GLU B 397 -2.89 -20.90 -52.35
N CYS B 398 -2.39 -19.91 -51.61
CA CYS B 398 -0.95 -19.80 -51.41
C CYS B 398 -0.40 -20.98 -50.62
N ARG B 399 -1.13 -21.41 -49.59
CA ARG B 399 -0.70 -22.57 -48.81
C ARG B 399 -0.67 -23.83 -49.66
N LYS B 400 -1.64 -24.00 -50.55
CA LYS B 400 -1.70 -25.18 -51.39
C LYS B 400 -0.52 -25.24 -52.36
N ASP B 401 -0.07 -24.08 -52.83
CA ASP B 401 1.05 -24.04 -53.77
C ASP B 401 2.34 -24.50 -53.11
N MET B 402 2.54 -24.15 -51.84
CA MET B 402 3.78 -24.48 -51.14
C MET B 402 3.91 -25.98 -50.90
N GLU B 403 2.78 -26.70 -50.85
CA GLU B 403 2.78 -28.12 -50.53
C GLU B 403 2.84 -29.00 -51.78
N ASP B 404 3.01 -28.41 -52.96
CA ASP B 404 3.07 -29.13 -54.23
C ASP B 404 4.28 -28.68 -55.03
N GLU B 405 5.44 -28.66 -54.38
CA GLU B 405 6.67 -28.20 -55.00
C GLU B 405 7.03 -29.04 -56.21
N LYS B 406 7.44 -28.37 -57.29
CA LYS B 406 7.87 -29.01 -58.52
C LYS B 406 9.40 -28.98 -58.63
N LEU B 407 9.91 -29.40 -59.78
CA LEU B 407 11.34 -29.40 -60.04
C LEU B 407 11.73 -28.17 -60.86
N LEU B 408 13.00 -27.78 -60.74
CA LEU B 408 13.48 -26.57 -61.41
C LEU B 408 13.67 -26.80 -62.89
N GLY B 409 13.09 -25.92 -63.71
CA GLY B 409 13.38 -25.89 -65.13
C GLY B 409 12.70 -26.94 -65.97
N VAL B 410 11.64 -27.60 -65.47
CA VAL B 410 10.94 -28.62 -66.21
C VAL B 410 9.44 -28.36 -66.12
N ARG B 411 8.70 -28.96 -67.06
CA ARG B 411 7.25 -28.84 -67.12
C ARG B 411 6.66 -30.23 -67.15
N GLU B 412 5.72 -30.51 -66.24
CA GLU B 412 5.09 -31.82 -66.14
C GLU B 412 3.95 -31.89 -67.16
N ARG B 413 4.05 -32.84 -68.09
CA ARG B 413 3.04 -32.98 -69.13
C ARG B 413 2.72 -34.45 -69.39
N THR B 414 2.53 -35.23 -68.32
CA THR B 414 2.18 -36.64 -68.48
C THR B 414 0.68 -36.84 -68.36
N TRP B 421 0.19 -36.03 -74.54
CA TRP B 421 0.72 -34.98 -73.68
C TRP B 421 -0.36 -33.97 -73.30
N ALA B 422 -0.75 -33.97 -72.02
CA ALA B 422 -1.77 -33.06 -71.52
C ALA B 422 -1.44 -32.65 -70.10
N PHE B 423 -1.63 -31.38 -69.78
CA PHE B 423 -1.37 -30.84 -68.46
C PHE B 423 -2.67 -30.34 -67.82
N LYS B 424 -2.70 -30.38 -66.50
CA LYS B 424 -3.86 -29.95 -65.72
C LYS B 424 -3.76 -28.48 -65.38
N LYS B 425 -4.91 -27.81 -65.32
CA LYS B 425 -5.00 -26.40 -64.95
C LYS B 425 -5.64 -26.29 -63.58
N GLN B 426 -5.01 -25.52 -62.69
CA GLN B 426 -5.51 -25.32 -61.35
C GLN B 426 -6.61 -24.25 -61.33
N LYS B 427 -7.35 -24.22 -60.22
CA LYS B 427 -8.44 -23.26 -60.06
C LYS B 427 -7.93 -22.00 -59.37
N THR B 428 -8.37 -20.84 -59.86
CA THR B 428 -8.01 -19.55 -59.30
C THR B 428 -9.30 -18.78 -59.02
N HIS B 429 -9.48 -18.35 -57.77
CA HIS B 429 -10.69 -17.64 -57.37
C HIS B 429 -10.43 -16.20 -56.94
N THR B 430 -9.18 -15.81 -56.71
CA THR B 430 -8.87 -14.47 -56.23
C THR B 430 -7.60 -13.95 -56.91
N VAL B 431 -7.65 -12.71 -57.35
CA VAL B 431 -6.48 -11.98 -57.86
C VAL B 431 -6.25 -10.80 -56.93
N TYR B 432 -5.03 -10.70 -56.40
CA TYR B 432 -4.70 -9.70 -55.39
C TYR B 432 -3.42 -9.00 -55.80
N LYS B 433 -3.53 -7.72 -56.16
CA LYS B 433 -2.37 -6.89 -56.50
C LYS B 433 -2.03 -6.01 -55.30
N ARG B 434 -0.95 -6.34 -54.63
CA ARG B 434 -0.53 -5.62 -53.43
C ARG B 434 0.07 -4.26 -53.80
N PRO B 435 0.12 -3.33 -52.84
CA PRO B 435 0.74 -2.03 -53.11
C PRO B 435 2.20 -2.18 -53.55
N ASP B 436 2.63 -1.28 -54.45
CA ASP B 436 3.98 -1.26 -55.01
C ASP B 436 4.22 -2.41 -55.98
N THR B 437 3.17 -2.87 -56.65
CA THR B 437 3.27 -3.87 -57.72
C THR B 437 2.70 -3.28 -59.01
N GLN B 438 2.81 -4.03 -60.10
CA GLN B 438 2.43 -3.53 -61.41
C GLN B 438 1.69 -4.60 -62.19
N SER B 439 0.69 -4.18 -62.97
CA SER B 439 -0.01 -5.05 -63.89
C SER B 439 0.46 -4.78 -65.32
N ILE B 440 0.36 -5.81 -66.16
CA ILE B 440 0.82 -5.68 -67.55
C ILE B 440 -0.09 -6.49 -68.48
N GLN B 441 -0.58 -5.83 -69.54
CA GLN B 441 -1.49 -6.46 -70.48
C GLN B 441 -1.01 -6.20 -71.90
N LYS B 442 -1.34 -7.12 -72.80
CA LYS B 442 -0.96 -7.02 -74.19
C LYS B 442 -2.12 -6.45 -75.00
N VAL B 443 -1.86 -5.34 -75.71
CA VAL B 443 -2.86 -4.64 -76.50
C VAL B 443 -2.28 -4.33 -77.87
N GLN B 444 -3.11 -3.79 -78.75
CA GLN B 444 -2.69 -3.44 -80.10
C GLN B 444 -1.91 -2.13 -80.08
N ALA B 445 -0.89 -2.04 -80.93
CA ALA B 445 -0.03 -0.86 -80.99
C ALA B 445 0.25 -0.40 -82.41
N GLU B 446 -0.39 -0.99 -83.42
CA GLU B 446 -0.22 -0.59 -84.82
C GLU B 446 -1.59 -0.39 -85.43
N PHE B 447 -1.93 0.85 -85.78
CA PHE B 447 -3.23 1.20 -86.31
C PHE B 447 -3.09 1.73 -87.72
N ASP B 448 -3.89 1.22 -88.65
CA ASP B 448 -3.85 1.68 -90.02
C ASP B 448 -5.24 1.84 -90.65
N SER B 449 -6.30 1.82 -89.85
CA SER B 449 -7.67 2.00 -90.35
C SER B 449 -8.35 3.08 -89.53
N PHE B 450 -8.83 4.12 -90.21
CA PHE B 450 -9.45 5.26 -89.55
C PHE B 450 -10.73 5.67 -90.28
N VAL B 451 -11.46 4.68 -90.77
CA VAL B 451 -12.71 4.95 -91.49
C VAL B 451 -13.88 4.27 -90.78
N TRP B 456 -22.61 15.07 -92.41
CA TRP B 456 -22.83 15.81 -91.16
C TRP B 456 -24.12 16.63 -91.22
N SER B 457 -24.82 16.69 -90.10
CA SER B 457 -26.02 17.49 -89.97
C SER B 457 -25.95 18.30 -88.69
N SER B 458 -26.67 19.42 -88.67
CA SER B 458 -26.61 20.32 -87.52
C SER B 458 -27.28 19.69 -86.30
N GLY B 459 -28.57 19.38 -86.41
CA GLY B 459 -29.33 18.79 -85.33
C GLY B 459 -30.12 19.78 -84.51
N LEU B 460 -29.77 21.07 -84.56
CA LEU B 460 -30.53 22.08 -83.83
C LEU B 460 -31.91 22.26 -84.45
N SER B 461 -32.85 22.70 -83.63
CA SER B 461 -34.22 22.95 -84.05
C SER B 461 -34.52 24.44 -83.98
N ILE B 462 -35.49 24.85 -84.80
CA ILE B 462 -35.91 26.26 -84.81
C ILE B 462 -36.39 26.73 -83.44
N PRO B 463 -37.24 25.98 -82.71
CA PRO B 463 -37.64 26.45 -81.37
C PRO B 463 -36.46 26.66 -80.43
N LEU B 464 -35.44 25.81 -80.48
CA LEU B 464 -34.30 25.98 -79.60
C LEU B 464 -33.48 27.21 -79.98
N ARG B 465 -33.31 27.47 -81.27
CA ARG B 465 -32.55 28.64 -81.71
C ARG B 465 -33.24 29.92 -81.28
N THR B 466 -34.56 29.95 -81.34
CA THR B 466 -35.31 31.14 -80.92
C THR B 466 -35.11 31.41 -79.43
N ARG B 467 -35.13 30.35 -78.61
CA ARG B 467 -34.99 30.52 -77.17
C ARG B 467 -33.61 31.06 -76.81
N ILE B 468 -32.57 30.57 -77.50
CA ILE B 468 -31.22 31.02 -77.21
C ILE B 468 -31.06 32.51 -77.54
N LYS B 469 -31.64 32.94 -78.66
CA LYS B 469 -31.56 34.34 -79.05
C LYS B 469 -32.24 35.24 -78.02
N TRP B 470 -33.39 34.81 -77.52
CA TRP B 470 -34.13 35.63 -76.56
C TRP B 470 -33.34 35.82 -75.27
N LEU B 471 -32.68 34.77 -74.78
CA LEU B 471 -31.89 34.88 -73.57
C LEU B 471 -30.70 35.82 -73.75
N LEU B 472 -30.14 35.88 -74.97
CA LEU B 472 -28.97 36.71 -75.19
C LEU B 472 -29.35 38.19 -75.23
N SER B 473 -30.53 38.51 -75.77
CA SER B 473 -30.99 39.89 -75.84
C SER B 473 -31.30 40.38 -74.44
N LYS B 474 -30.50 41.32 -73.95
CA LYS B 474 -30.63 41.87 -72.59
C LYS B 474 -30.53 40.77 -71.54
N ASP C 2 -30.00 37.51 -43.10
CA ASP C 2 -29.09 36.40 -43.38
C ASP C 2 -29.46 35.11 -42.63
N PRO C 3 -29.74 35.17 -41.33
CA PRO C 3 -30.17 33.96 -40.63
C PRO C 3 -31.59 33.56 -41.01
N VAL C 4 -31.90 32.29 -40.76
CA VAL C 4 -33.24 31.74 -40.98
C VAL C 4 -33.71 31.14 -39.66
N TYR C 5 -34.96 31.44 -39.30
CA TYR C 5 -35.53 31.02 -38.03
C TYR C 5 -36.53 29.89 -38.26
N VAL C 6 -36.45 28.86 -37.42
CA VAL C 6 -37.30 27.69 -37.50
C VAL C 6 -37.99 27.48 -36.16
N ASP C 7 -39.24 27.04 -36.20
CA ASP C 7 -40.07 26.89 -35.00
C ASP C 7 -39.86 25.49 -34.40
N ILE C 8 -38.65 25.29 -33.86
CA ILE C 8 -38.30 24.04 -33.19
C ILE C 8 -37.58 24.37 -31.88
N ASP C 9 -37.55 23.39 -31.00
CA ASP C 9 -36.90 23.55 -29.70
C ASP C 9 -35.39 23.71 -29.88
N ALA C 10 -34.78 24.51 -28.99
CA ALA C 10 -33.36 24.80 -29.08
C ALA C 10 -32.47 23.62 -28.73
N ASP C 11 -32.99 22.65 -27.98
CA ASP C 11 -32.22 21.48 -27.58
C ASP C 11 -32.53 20.25 -28.44
N SER C 12 -33.25 20.43 -29.55
CA SER C 12 -33.61 19.31 -30.40
C SER C 12 -32.37 18.76 -31.10
N ALA C 13 -32.35 17.45 -31.30
CA ALA C 13 -31.27 16.80 -32.04
C ALA C 13 -31.47 16.86 -33.55
N PHE C 14 -32.66 17.24 -34.01
CA PHE C 14 -32.92 17.39 -35.43
C PHE C 14 -32.25 18.63 -36.02
N LEU C 15 -31.81 19.55 -35.17
CA LEU C 15 -31.22 20.81 -35.65
C LEU C 15 -29.91 20.55 -36.39
N LYS C 16 -29.12 19.58 -35.93
CA LYS C 16 -27.84 19.29 -36.57
C LYS C 16 -28.04 18.74 -37.98
N ALA C 17 -29.03 17.86 -38.16
CA ALA C 17 -29.29 17.30 -39.49
C ALA C 17 -29.76 18.38 -40.46
N LEU C 18 -30.55 19.33 -39.97
CA LEU C 18 -31.02 20.43 -40.82
C LEU C 18 -29.85 21.29 -41.27
N GLN C 19 -28.88 21.54 -40.38
CA GLN C 19 -27.72 22.35 -40.74
C GLN C 19 -26.88 21.66 -41.82
N ARG C 20 -26.74 20.35 -41.72
CA ARG C 20 -25.94 19.61 -42.71
C ARG C 20 -26.59 19.61 -44.08
N ALA C 21 -27.93 19.67 -44.14
CA ALA C 21 -28.63 19.65 -45.41
C ALA C 21 -28.65 20.99 -46.11
N TYR C 22 -28.46 22.09 -45.38
CA TYR C 22 -28.49 23.44 -45.93
C TYR C 22 -27.24 24.18 -45.50
N PRO C 23 -26.09 23.91 -46.13
CA PRO C 23 -24.84 24.55 -45.71
C PRO C 23 -24.77 26.03 -46.07
N MET C 24 -25.66 26.53 -46.92
CA MET C 24 -25.60 27.92 -47.37
C MET C 24 -26.39 28.88 -46.49
N PHE C 25 -26.97 28.40 -45.38
CA PHE C 25 -27.75 29.23 -44.49
C PHE C 25 -27.22 29.13 -43.06
N GLU C 26 -27.74 30.00 -42.21
CA GLU C 26 -27.50 29.97 -40.77
C GLU C 26 -28.84 29.72 -40.08
N VAL C 27 -28.98 28.56 -39.46
CA VAL C 27 -30.25 28.12 -38.89
C VAL C 27 -30.27 28.44 -37.40
N GLU C 28 -31.32 29.12 -36.96
CA GLU C 28 -31.47 29.53 -35.56
C GLU C 28 -32.84 29.08 -35.06
N PRO C 29 -32.91 28.42 -33.91
CA PRO C 29 -34.21 27.98 -33.40
C PRO C 29 -34.98 29.11 -32.73
N ARG C 30 -36.30 29.08 -32.89
CA ARG C 30 -37.17 30.06 -32.24
C ARG C 30 -38.55 29.40 -32.09
N GLN C 31 -38.85 28.91 -30.89
CA GLN C 31 -40.07 28.14 -30.66
C GLN C 31 -41.20 29.05 -30.18
N VAL C 32 -42.35 28.98 -30.85
CA VAL C 32 -43.48 29.81 -30.47
C VAL C 32 -44.74 28.98 -30.23
N THR C 33 -44.83 27.81 -30.86
CA THR C 33 -46.00 26.95 -30.76
C THR C 33 -45.56 25.51 -30.50
N PRO C 34 -46.40 24.71 -29.82
CA PRO C 34 -46.13 23.28 -29.64
C PRO C 34 -46.68 22.40 -30.76
N ASN C 35 -46.39 22.78 -32.00
CA ASN C 35 -46.89 22.02 -33.14
C ASN C 35 -46.23 20.65 -33.20
N ASP C 36 -47.04 19.60 -33.37
CA ASP C 36 -46.52 18.24 -33.37
C ASP C 36 -45.97 17.80 -34.72
N ALA C 37 -46.05 18.64 -35.75
CA ALA C 37 -45.41 18.40 -37.03
C ALA C 37 -44.33 19.44 -37.28
N ALA C 38 -43.58 19.79 -36.23
CA ALA C 38 -42.60 20.87 -36.32
C ALA C 38 -41.47 20.53 -37.28
N ASN C 39 -40.98 19.29 -37.24
CA ASN C 39 -39.85 18.93 -38.10
C ASN C 39 -40.22 18.97 -39.57
N ALA C 40 -41.43 18.50 -39.92
CA ALA C 40 -41.85 18.51 -41.32
C ALA C 40 -42.03 19.94 -41.84
N ARG C 41 -42.60 20.81 -41.01
CA ARG C 41 -42.80 22.20 -41.43
C ARG C 41 -41.48 22.94 -41.58
N ALA C 42 -40.51 22.61 -40.73
CA ALA C 42 -39.21 23.28 -40.80
C ALA C 42 -38.49 22.99 -42.10
N PHE C 43 -38.57 21.74 -42.57
CA PHE C 43 -37.90 21.38 -43.82
C PHE C 43 -38.50 22.11 -45.01
N SER C 44 -39.83 22.20 -45.07
CA SER C 44 -40.48 22.87 -46.19
C SER C 44 -40.22 24.38 -46.17
N HIS C 45 -40.08 24.95 -44.97
CA HIS C 45 -39.79 26.38 -44.87
C HIS C 45 -38.43 26.71 -45.46
N LEU C 46 -37.43 25.86 -45.21
CA LEU C 46 -36.10 26.11 -45.75
C LEU C 46 -36.02 25.80 -47.24
N ALA C 47 -36.86 24.87 -47.73
CA ALA C 47 -36.82 24.52 -49.14
C ALA C 47 -37.26 25.68 -50.03
N ILE C 48 -38.27 26.43 -49.60
CA ILE C 48 -38.73 27.57 -50.39
C ILE C 48 -37.69 28.67 -50.42
N LYS C 49 -36.98 28.87 -49.30
CA LYS C 49 -35.93 29.88 -49.26
C LYS C 49 -34.80 29.55 -50.24
N LEU C 50 -34.43 28.27 -50.34
CA LEU C 50 -33.38 27.87 -51.28
C LEU C 50 -33.80 28.11 -52.72
N ILE C 51 -35.07 27.80 -53.04
CA ILE C 51 -35.54 27.95 -54.42
C ILE C 51 -35.49 29.41 -54.85
N GLU C 52 -35.90 30.32 -53.97
CA GLU C 52 -35.90 31.74 -54.31
C GLU C 52 -34.50 32.25 -54.56
N GLN C 53 -33.51 31.75 -53.80
CA GLN C 53 -32.13 32.18 -54.00
C GLN C 53 -31.59 31.70 -55.34
N GLU C 54 -31.96 30.50 -55.76
CA GLU C 54 -31.43 29.94 -57.01
C GLU C 54 -31.93 30.70 -58.23
N ILE C 55 -33.22 31.02 -58.25
CA ILE C 55 -33.81 31.68 -59.42
C ILE C 55 -33.58 33.19 -59.31
N ASP C 56 -33.71 33.89 -60.43
CA ASP C 56 -33.46 35.31 -60.50
C ASP C 56 -34.75 36.10 -60.32
N PRO C 57 -34.66 37.33 -59.82
CA PRO C 57 -35.87 38.18 -59.72
C PRO C 57 -36.43 38.50 -61.09
N ASP C 58 -37.55 39.22 -61.08
CA ASP C 58 -38.28 39.62 -62.28
C ASP C 58 -38.86 38.43 -63.03
N SER C 59 -38.88 37.26 -62.38
CA SER C 59 -39.44 36.05 -62.96
C SER C 59 -40.83 35.79 -62.40
N THR C 60 -41.72 35.32 -63.27
CA THR C 60 -43.09 34.97 -62.87
C THR C 60 -43.14 33.51 -62.46
N ILE C 61 -43.75 33.24 -61.31
CA ILE C 61 -43.79 31.90 -60.72
C ILE C 61 -45.24 31.49 -60.56
N LEU C 62 -45.55 30.27 -61.00
CA LEU C 62 -46.86 29.67 -60.78
C LEU C 62 -46.79 28.75 -59.57
N ASP C 63 -47.74 28.89 -58.65
CA ASP C 63 -47.81 28.08 -57.44
C ASP C 63 -49.03 27.16 -57.57
N ILE C 64 -48.78 25.90 -57.89
CA ILE C 64 -49.84 24.94 -58.15
C ILE C 64 -50.36 24.39 -56.82
N GLY C 65 -51.67 24.42 -56.65
CA GLY C 65 -52.29 23.96 -55.42
C GLY C 65 -51.81 24.75 -54.22
N SER C 66 -51.80 26.08 -54.36
CA SER C 66 -51.16 26.94 -53.39
C SER C 66 -52.05 27.18 -52.17
N ALA C 67 -51.40 27.56 -51.08
CA ALA C 67 -52.05 28.19 -49.93
C ALA C 67 -51.62 29.65 -49.92
N PRO C 68 -52.47 30.58 -50.36
CA PRO C 68 -51.99 31.94 -50.65
C PRO C 68 -51.46 32.69 -49.45
N ALA C 69 -51.78 32.27 -48.22
CA ALA C 69 -51.30 32.98 -47.05
C ALA C 69 -49.80 32.84 -46.84
N ARG C 70 -49.18 31.79 -47.39
CA ARG C 70 -47.75 31.61 -47.21
C ARG C 70 -46.91 32.51 -48.12
N ARG C 71 -47.50 33.03 -49.19
CA ARG C 71 -46.79 33.88 -50.15
C ARG C 71 -47.09 35.36 -49.97
N MET C 72 -47.81 35.72 -48.91
CA MET C 72 -48.30 37.10 -48.77
C MET C 72 -47.18 38.09 -48.48
N MET C 73 -46.16 37.70 -47.73
CA MET C 73 -45.10 38.61 -47.32
C MET C 73 -43.85 38.49 -48.19
N SER C 74 -43.95 37.86 -49.36
CA SER C 74 -42.82 37.74 -50.26
C SER C 74 -42.79 38.89 -51.24
N ASP C 75 -41.58 39.24 -51.68
CA ASP C 75 -41.39 40.32 -52.64
C ASP C 75 -41.33 39.84 -54.09
N ARG C 76 -41.44 38.53 -54.32
CA ARG C 76 -41.45 37.99 -55.67
C ARG C 76 -42.88 37.95 -56.21
N LYS C 77 -43.00 37.80 -57.53
CA LYS C 77 -44.29 37.79 -58.20
C LYS C 77 -44.81 36.36 -58.25
N TYR C 78 -45.87 36.08 -57.50
CA TYR C 78 -46.50 34.76 -57.48
C TYR C 78 -47.88 34.83 -58.10
N HIS C 79 -48.24 33.78 -58.82
CA HIS C 79 -49.59 33.61 -59.36
C HIS C 79 -50.16 32.34 -58.75
N CYS C 80 -51.09 32.49 -57.82
CA CYS C 80 -51.62 31.36 -57.06
C CYS C 80 -52.79 30.73 -57.81
N VAL C 81 -52.66 29.43 -58.09
CA VAL C 81 -53.71 28.66 -58.75
C VAL C 81 -54.42 27.87 -57.66
N CYS C 82 -55.64 28.29 -57.32
CA CYS C 82 -56.36 27.76 -56.16
C CYS C 82 -57.76 27.29 -56.54
N PRO C 83 -57.89 26.05 -57.01
CA PRO C 83 -59.22 25.44 -57.09
C PRO C 83 -59.67 25.01 -55.71
N MET C 84 -60.98 24.81 -55.57
CA MET C 84 -61.57 24.40 -54.30
C MET C 84 -62.07 22.97 -54.45
N ARG C 85 -61.17 22.02 -54.20
CA ARG C 85 -61.47 20.61 -54.36
C ARG C 85 -61.29 19.79 -53.09
N SER C 86 -60.69 20.34 -52.05
CA SER C 86 -60.51 19.64 -50.79
C SER C 86 -61.25 20.39 -49.68
N ALA C 87 -61.61 19.66 -48.63
CA ALA C 87 -62.41 20.22 -47.55
C ALA C 87 -61.64 21.23 -46.71
N GLU C 88 -60.31 21.27 -46.80
CA GLU C 88 -59.52 22.22 -46.05
C GLU C 88 -59.29 23.54 -46.78
N ASP C 89 -59.83 23.68 -47.99
CA ASP C 89 -59.59 24.85 -48.83
C ASP C 89 -60.38 26.08 -48.39
N PRO C 90 -61.68 25.97 -48.04
CA PRO C 90 -62.41 27.17 -47.60
C PRO C 90 -61.79 27.83 -46.39
N GLU C 91 -61.20 27.06 -45.47
CA GLU C 91 -60.56 27.64 -44.30
C GLU C 91 -59.28 28.39 -44.69
N ARG C 92 -58.54 27.85 -45.66
CA ARG C 92 -57.32 28.51 -46.10
C ARG C 92 -57.61 29.85 -46.79
N LEU C 93 -58.70 29.91 -47.55
CA LEU C 93 -59.08 31.16 -48.20
C LEU C 93 -59.45 32.22 -47.17
N ALA C 94 -60.19 31.83 -46.13
CA ALA C 94 -60.58 32.79 -45.10
C ALA C 94 -59.38 33.32 -44.35
N ASN C 95 -58.40 32.46 -44.06
CA ASN C 95 -57.19 32.90 -43.38
C ASN C 95 -56.41 33.88 -44.24
N TYR C 96 -56.50 33.75 -45.56
CA TYR C 96 -55.83 34.67 -46.45
C TYR C 96 -56.43 36.07 -46.35
N ALA C 97 -57.76 36.16 -46.30
CA ALA C 97 -58.42 37.46 -46.27
C ALA C 97 -58.20 38.17 -44.93
N ARG C 98 -58.18 37.41 -43.83
CA ARG C 98 -57.97 38.03 -42.52
C ARG C 98 -56.59 38.65 -42.41
N LYS C 99 -55.56 37.98 -42.94
CA LYS C 99 -54.22 38.51 -42.86
C LYS C 99 -54.03 39.73 -43.75
N LEU C 100 -54.72 39.78 -44.89
CA LEU C 100 -54.60 40.92 -45.79
C LEU C 100 -55.19 42.17 -45.18
N ALA C 101 -56.41 42.07 -44.64
CA ALA C 101 -57.08 43.24 -44.08
C ALA C 101 -56.37 43.74 -42.83
N SER C 102 -55.72 42.86 -42.08
CA SER C 102 -55.01 43.25 -40.87
C SER C 102 -53.63 43.84 -41.15
N ALA C 103 -53.19 43.82 -42.40
CA ALA C 103 -51.90 44.38 -42.76
C ALA C 103 -52.00 45.60 -43.68
N ALA C 104 -53.19 45.94 -44.15
CA ALA C 104 -53.36 47.10 -45.00
C ALA C 104 -53.07 48.38 -44.22
N GLY C 105 -52.25 49.25 -44.80
CA GLY C 105 -51.86 50.49 -44.16
C GLY C 105 -50.67 50.36 -43.23
N LYS C 106 -50.13 49.17 -43.04
CA LYS C 106 -48.98 48.96 -42.16
C LYS C 106 -47.75 48.42 -42.88
N VAL C 107 -47.93 47.65 -43.94
CA VAL C 107 -46.83 47.13 -44.75
C VAL C 107 -46.89 47.80 -46.11
N LEU C 108 -45.77 48.41 -46.53
CA LEU C 108 -45.74 49.16 -47.77
C LEU C 108 -44.83 48.56 -48.84
N ASP C 109 -43.81 47.79 -48.45
CA ASP C 109 -42.91 47.22 -49.44
C ASP C 109 -43.62 46.24 -50.35
N ARG C 110 -44.49 45.39 -49.79
CA ARG C 110 -45.22 44.41 -50.56
C ARG C 110 -46.42 45.04 -51.23
N ASN C 111 -46.92 44.37 -52.28
CA ASN C 111 -48.03 44.89 -53.08
C ASN C 111 -49.34 44.45 -52.42
N ILE C 112 -49.57 45.02 -51.23
CA ILE C 112 -50.74 44.65 -50.45
C ILE C 112 -52.01 45.17 -51.09
N SER C 113 -51.98 46.40 -51.59
CA SER C 113 -53.18 47.01 -52.16
C SER C 113 -53.64 46.27 -53.40
N GLY C 114 -52.70 45.88 -54.27
CA GLY C 114 -53.08 45.16 -55.48
C GLY C 114 -53.63 43.78 -55.18
N LYS C 115 -53.06 43.10 -54.18
CA LYS C 115 -53.56 41.77 -53.81
C LYS C 115 -55.00 41.85 -53.32
N ILE C 116 -55.32 42.87 -52.52
CA ILE C 116 -56.70 43.03 -52.05
C ILE C 116 -57.62 43.33 -53.22
N GLY C 117 -57.18 44.19 -54.14
CA GLY C 117 -57.98 44.48 -55.32
C GLY C 117 -58.17 43.27 -56.21
N ASP C 118 -57.15 42.41 -56.30
CA ASP C 118 -57.25 41.22 -57.12
C ASP C 118 -58.29 40.25 -56.57
N LEU C 119 -58.34 40.10 -55.24
CA LEU C 119 -59.27 39.17 -54.62
C LEU C 119 -60.72 39.59 -54.86
N GLN C 120 -61.00 40.89 -54.77
CA GLN C 120 -62.37 41.37 -54.93
C GLN C 120 -62.88 41.12 -56.35
N ALA C 121 -62.01 41.29 -57.35
CA ALA C 121 -62.43 41.12 -58.74
C ALA C 121 -62.86 39.68 -59.01
N VAL C 122 -62.13 38.72 -58.46
CA VAL C 122 -62.47 37.31 -58.67
C VAL C 122 -63.81 36.98 -58.02
N MET C 123 -64.08 37.58 -56.86
CA MET C 123 -65.35 37.32 -56.17
C MET C 123 -66.54 37.73 -57.03
N ALA C 124 -66.45 38.90 -57.67
CA ALA C 124 -67.57 39.38 -58.49
C ALA C 124 -67.73 38.52 -59.73
N VAL C 125 -66.65 38.27 -60.46
CA VAL C 125 -66.66 37.46 -61.67
C VAL C 125 -65.68 36.31 -61.48
N PRO C 126 -66.16 35.12 -61.10
CA PRO C 126 -65.25 34.00 -60.83
C PRO C 126 -64.77 33.31 -62.10
N ASP C 127 -64.37 34.09 -63.11
CA ASP C 127 -63.81 33.52 -64.32
C ASP C 127 -62.66 34.32 -64.90
N THR C 128 -62.21 35.37 -64.22
CA THR C 128 -61.17 36.25 -64.75
C THR C 128 -59.82 35.89 -64.18
N GLU C 129 -58.78 35.99 -65.02
CA GLU C 129 -57.41 35.78 -64.58
C GLU C 129 -56.82 37.09 -64.09
N THR C 130 -56.25 37.06 -62.90
CA THR C 130 -55.60 38.21 -62.28
C THR C 130 -54.11 37.93 -62.15
N PRO C 131 -53.28 38.97 -62.01
CA PRO C 131 -51.84 38.74 -61.89
C PRO C 131 -51.45 37.87 -60.70
N THR C 132 -52.24 37.83 -59.63
CA THR C 132 -51.86 37.11 -58.42
C THR C 132 -52.83 36.04 -57.96
N PHE C 133 -53.97 35.85 -58.63
CA PHE C 133 -54.96 34.91 -58.13
C PHE C 133 -55.87 34.46 -59.26
N CYS C 134 -56.27 33.19 -59.21
CA CYS C 134 -57.26 32.63 -60.13
C CYS C 134 -57.89 31.41 -59.47
N LEU C 135 -59.00 30.94 -60.05
CA LEU C 135 -59.77 29.84 -59.49
C LEU C 135 -59.75 28.60 -60.37
N HIS C 136 -58.86 28.53 -61.35
CA HIS C 136 -58.81 27.42 -62.28
C HIS C 136 -57.93 26.31 -61.72
N THR C 137 -57.75 25.24 -62.49
CA THR C 137 -56.87 24.13 -62.14
C THR C 137 -55.57 24.27 -62.92
N ASP C 138 -54.67 23.30 -62.73
CA ASP C 138 -53.37 23.34 -63.39
C ASP C 138 -53.47 23.12 -64.89
N VAL C 139 -54.62 22.67 -65.40
CA VAL C 139 -54.79 22.38 -66.81
C VAL C 139 -55.50 23.53 -67.50
N SER C 140 -56.47 24.14 -66.81
CA SER C 140 -57.32 25.15 -67.41
C SER C 140 -56.86 26.58 -67.16
N CYS C 141 -55.77 26.78 -66.42
CA CYS C 141 -55.24 28.12 -66.23
C CYS C 141 -54.61 28.63 -67.51
N ARG C 142 -54.67 29.96 -67.71
CA ARG C 142 -54.20 30.56 -68.95
C ARG C 142 -53.03 31.52 -68.77
N GLN C 143 -52.55 31.71 -67.54
CA GLN C 143 -51.44 32.62 -67.30
C GLN C 143 -50.13 31.98 -67.77
N ARG C 144 -49.26 32.81 -68.35
CA ARG C 144 -47.96 32.38 -68.82
C ARG C 144 -46.87 32.82 -67.86
N ALA C 145 -45.92 31.93 -67.60
CA ALA C 145 -44.82 32.20 -66.69
C ALA C 145 -43.59 31.43 -67.15
N ASP C 146 -42.58 31.36 -66.28
CA ASP C 146 -41.37 30.61 -66.58
C ASP C 146 -40.90 29.70 -65.46
N VAL C 147 -41.51 29.75 -64.28
CA VAL C 147 -41.18 28.86 -63.17
C VAL C 147 -42.47 28.32 -62.58
N ALA C 148 -42.45 27.03 -62.23
CA ALA C 148 -43.59 26.37 -61.59
C ALA C 148 -43.11 25.66 -60.33
N ILE C 149 -43.93 25.68 -59.29
CA ILE C 149 -43.57 25.12 -57.99
C ILE C 149 -44.70 24.22 -57.51
N TYR C 150 -44.34 23.02 -57.05
CA TYR C 150 -45.26 22.11 -56.39
C TYR C 150 -44.77 21.87 -54.97
N GLN C 151 -45.57 22.26 -53.98
CA GLN C 151 -45.22 22.09 -52.57
C GLN C 151 -46.25 21.17 -51.92
N ASP C 152 -45.83 19.94 -51.62
CA ASP C 152 -46.67 18.94 -50.95
C ASP C 152 -47.95 18.68 -51.74
N VAL C 153 -47.80 18.43 -53.03
CA VAL C 153 -48.91 18.12 -53.92
C VAL C 153 -48.78 16.67 -54.36
N TYR C 154 -49.79 15.86 -54.04
CA TYR C 154 -49.77 14.44 -54.35
C TYR C 154 -50.98 14.00 -55.17
N ALA C 155 -51.74 14.93 -55.74
CA ALA C 155 -53.03 14.60 -56.34
C ALA C 155 -53.08 14.82 -57.84
N VAL C 156 -51.94 14.87 -58.53
CA VAL C 156 -51.92 15.09 -59.97
C VAL C 156 -51.04 14.04 -60.63
N HIS C 157 -51.29 13.81 -61.92
CA HIS C 157 -50.49 12.91 -62.72
C HIS C 157 -49.32 13.70 -63.32
N ALA C 158 -48.10 13.29 -62.98
CA ALA C 158 -46.94 14.13 -63.26
C ALA C 158 -46.71 14.38 -64.75
N PRO C 159 -46.66 13.37 -65.63
CA PRO C 159 -46.40 13.68 -67.06
C PRO C 159 -47.48 14.56 -67.68
N THR C 160 -48.74 14.40 -67.28
CA THR C 160 -49.81 15.21 -67.86
C THR C 160 -49.72 16.66 -67.38
N SER C 161 -49.47 16.85 -66.08
CA SER C 161 -49.39 18.19 -65.53
C SER C 161 -48.20 18.96 -66.09
N LEU C 162 -47.06 18.29 -66.24
CA LEU C 162 -45.86 18.97 -66.72
C LEU C 162 -46.02 19.41 -68.18
N TYR C 163 -46.70 18.61 -68.99
CA TYR C 163 -46.87 18.95 -70.40
C TYR C 163 -47.67 20.24 -70.57
N HIS C 164 -48.71 20.42 -69.75
CA HIS C 164 -49.51 21.64 -69.87
C HIS C 164 -48.75 22.86 -69.36
N GLN C 165 -47.76 22.67 -68.51
CA GLN C 165 -46.93 23.79 -68.06
C GLN C 165 -45.95 24.20 -69.15
N ALA C 166 -45.45 23.23 -69.94
CA ALA C 166 -44.40 23.51 -70.91
C ALA C 166 -44.91 24.27 -72.13
N ILE C 167 -46.16 24.05 -72.53
CA ILE C 167 -46.69 24.69 -73.73
C ILE C 167 -47.06 26.14 -73.44
N LYS C 168 -46.88 26.57 -72.18
CA LYS C 168 -47.08 27.96 -71.80
C LYS C 168 -45.76 28.69 -71.54
N GLY C 169 -44.64 28.06 -71.85
CA GLY C 169 -43.34 28.71 -71.73
C GLY C 169 -42.59 28.45 -70.45
N VAL C 170 -43.00 27.49 -69.63
CA VAL C 170 -42.31 27.19 -68.39
C VAL C 170 -41.09 26.34 -68.70
N ARG C 171 -39.93 26.75 -68.17
CA ARG C 171 -38.67 26.05 -68.41
C ARG C 171 -38.08 25.39 -67.19
N LEU C 172 -38.63 25.63 -65.99
CA LEU C 172 -38.07 25.08 -64.76
C LEU C 172 -39.21 24.75 -63.80
N ALA C 173 -39.06 23.64 -63.07
CA ALA C 173 -40.08 23.19 -62.12
C ALA C 173 -39.41 22.61 -60.90
N TYR C 174 -40.11 22.66 -59.76
CA TYR C 174 -39.62 22.13 -58.49
C TYR C 174 -40.71 21.31 -57.83
N TRP C 175 -40.31 20.28 -57.11
CA TRP C 175 -41.24 19.40 -56.39
C TRP C 175 -40.68 19.10 -55.01
N VAL C 176 -41.48 19.35 -53.98
CA VAL C 176 -41.11 19.12 -52.60
C VAL C 176 -42.09 18.13 -51.98
N GLY C 177 -41.57 17.09 -51.35
CA GLY C 177 -42.44 16.10 -50.75
C GLY C 177 -41.64 14.93 -50.18
N PHE C 178 -42.40 13.94 -49.73
CA PHE C 178 -41.80 12.72 -49.17
C PHE C 178 -41.20 11.85 -50.26
N ASP C 179 -40.26 11.01 -49.86
CA ASP C 179 -39.60 10.11 -50.79
C ASP C 179 -40.57 9.03 -51.29
N THR C 180 -40.54 8.77 -52.59
CA THR C 180 -41.43 7.80 -53.21
C THR C 180 -40.82 6.41 -53.35
N THR C 181 -39.61 6.21 -52.83
CA THR C 181 -38.95 4.91 -52.96
C THR C 181 -39.72 3.77 -52.29
N PRO C 182 -40.24 3.88 -51.07
CA PRO C 182 -40.92 2.72 -50.47
C PRO C 182 -42.14 2.25 -51.24
N PHE C 183 -42.75 3.11 -52.06
CA PHE C 183 -43.91 2.71 -52.83
C PHE C 183 -43.54 2.03 -54.14
N MET C 184 -42.28 2.15 -54.57
CA MET C 184 -41.81 1.39 -55.73
C MET C 184 -41.45 -0.04 -55.36
N TYR C 185 -41.16 -0.30 -54.08
CA TYR C 185 -40.92 -1.65 -53.58
C TYR C 185 -42.21 -2.39 -53.23
N ASN C 186 -43.35 -1.70 -53.27
CA ASN C 186 -44.67 -2.31 -53.08
C ASN C 186 -44.84 -2.84 -51.65
N ALA C 187 -44.48 -2.01 -50.68
CA ALA C 187 -44.65 -2.39 -49.28
C ALA C 187 -46.09 -2.17 -48.83
N MET C 188 -46.45 -2.81 -47.72
CA MET C 188 -47.80 -2.69 -47.17
C MET C 188 -47.91 -1.63 -46.08
N ALA C 189 -46.82 -1.35 -45.37
CA ALA C 189 -46.82 -0.33 -44.32
C ALA C 189 -45.38 0.13 -44.12
N GLY C 190 -45.24 1.27 -43.45
CA GLY C 190 -43.91 1.83 -43.25
C GLY C 190 -43.97 3.04 -42.34
N ALA C 191 -42.79 3.63 -42.13
CA ALA C 191 -42.65 4.75 -41.22
C ALA C 191 -41.61 5.73 -41.72
N TYR C 192 -41.72 6.97 -41.26
CA TYR C 192 -40.70 8.01 -41.42
C TYR C 192 -40.39 8.51 -40.01
N PRO C 193 -39.54 7.79 -39.28
CA PRO C 193 -39.42 8.05 -37.83
C PRO C 193 -38.95 9.44 -37.46
N SER C 194 -38.14 10.09 -38.31
CA SER C 194 -37.62 11.40 -37.95
C SER C 194 -38.67 12.50 -38.02
N TYR C 195 -39.79 12.25 -38.71
CA TYR C 195 -40.84 13.24 -38.86
C TYR C 195 -42.13 12.85 -38.15
N SER C 196 -42.09 11.81 -37.31
CA SER C 196 -43.28 11.31 -36.61
C SER C 196 -44.40 10.97 -37.58
N THR C 197 -44.06 10.25 -38.65
CA THR C 197 -44.99 9.93 -39.72
C THR C 197 -45.12 8.43 -39.88
N ASN C 198 -46.36 7.96 -39.99
CA ASN C 198 -46.67 6.57 -40.24
C ASN C 198 -47.75 6.47 -41.32
N TRP C 199 -47.67 5.41 -42.12
CA TRP C 199 -48.65 5.18 -43.17
C TRP C 199 -48.95 3.68 -43.25
N ALA C 200 -50.12 3.35 -43.76
CA ALA C 200 -50.53 1.96 -43.85
C ALA C 200 -51.59 1.79 -44.93
N ASP C 201 -51.66 0.57 -45.47
CA ASP C 201 -52.71 0.20 -46.40
C ASP C 201 -54.04 0.08 -45.66
N GLU C 202 -55.14 0.32 -46.39
CA GLU C 202 -56.46 0.29 -45.78
C GLU C 202 -56.79 -1.09 -45.22
N GLN C 203 -56.26 -2.16 -45.82
CA GLN C 203 -56.63 -3.50 -45.40
C GLN C 203 -56.01 -3.92 -44.07
N VAL C 204 -55.01 -3.21 -43.57
CA VAL C 204 -54.33 -3.60 -42.34
C VAL C 204 -54.49 -2.55 -41.25
N LEU C 205 -55.57 -1.76 -41.30
CA LEU C 205 -55.80 -0.75 -40.27
C LEU C 205 -56.23 -1.34 -38.94
N LYS C 206 -56.54 -2.63 -38.89
CA LYS C 206 -56.94 -3.30 -37.66
C LYS C 206 -55.85 -4.22 -37.11
N ALA C 207 -54.60 -3.90 -37.40
CA ALA C 207 -53.48 -4.71 -36.93
C ALA C 207 -53.20 -4.40 -35.45
N LYS C 208 -52.09 -4.89 -34.93
CA LYS C 208 -51.79 -4.78 -33.51
C LYS C 208 -50.48 -4.07 -33.21
N ASN C 209 -49.43 -4.31 -33.98
CA ASN C 209 -48.09 -3.86 -33.61
C ASN C 209 -47.41 -3.06 -34.71
N ILE C 210 -48.16 -2.25 -35.46
CA ILE C 210 -47.56 -1.33 -36.42
C ILE C 210 -47.83 0.09 -35.94
N GLY C 211 -47.30 1.08 -36.65
CA GLY C 211 -47.40 2.45 -36.20
C GLY C 211 -48.81 3.00 -36.18
N LEU C 212 -49.61 2.66 -37.19
CA LEU C 212 -50.94 3.23 -37.37
C LEU C 212 -51.96 2.10 -37.42
N CYS C 213 -52.58 1.79 -36.28
CA CYS C 213 -53.51 0.67 -36.19
C CYS C 213 -54.31 0.80 -34.89
N SER C 214 -55.37 0.00 -34.80
CA SER C 214 -56.19 -0.11 -33.60
C SER C 214 -56.88 -1.47 -33.59
N THR C 215 -56.93 -2.10 -32.43
CA THR C 215 -57.48 -3.45 -32.31
C THR C 215 -58.33 -3.53 -31.04
N ASP C 216 -58.78 -4.73 -30.70
CA ASP C 216 -59.68 -4.96 -29.59
C ASP C 216 -59.22 -6.16 -28.78
N LEU C 217 -59.80 -6.29 -27.58
CA LEU C 217 -59.55 -7.46 -26.73
C LEU C 217 -60.60 -8.52 -27.02
N THR C 218 -60.15 -9.78 -27.09
CA THR C 218 -61.05 -10.88 -27.38
C THR C 218 -60.50 -12.16 -26.76
N GLU C 219 -61.40 -13.13 -26.58
CA GLU C 219 -61.03 -14.42 -26.01
C GLU C 219 -60.66 -15.45 -27.07
N GLY C 220 -61.20 -15.32 -28.27
CA GLY C 220 -60.85 -16.23 -29.35
C GLY C 220 -61.92 -17.26 -29.67
N ARG C 221 -62.68 -17.02 -30.73
CA ARG C 221 -63.67 -17.97 -31.21
C ARG C 221 -63.09 -18.77 -32.38
N ARG C 222 -63.90 -19.63 -32.96
CA ARG C 222 -63.40 -20.50 -34.03
C ARG C 222 -64.22 -20.43 -35.30
N GLY C 223 -65.53 -20.28 -35.21
CA GLY C 223 -66.37 -20.40 -36.38
C GLY C 223 -66.14 -19.35 -37.44
N LYS C 224 -66.59 -18.11 -37.18
CA LYS C 224 -66.53 -17.01 -38.14
C LYS C 224 -66.86 -17.48 -39.56
N LEU C 225 -68.03 -18.11 -39.68
CA LEU C 225 -68.41 -18.82 -40.90
C LEU C 225 -68.68 -17.81 -42.02
N SER C 226 -67.72 -17.65 -42.92
CA SER C 226 -67.86 -16.83 -44.12
C SER C 226 -67.41 -17.68 -45.29
N ILE C 227 -68.37 -18.11 -46.13
CA ILE C 227 -68.06 -19.03 -47.21
C ILE C 227 -67.11 -18.38 -48.22
N MET C 228 -67.38 -17.12 -48.57
CA MET C 228 -66.53 -16.41 -49.53
C MET C 228 -65.11 -16.30 -49.01
N ARG C 229 -64.15 -16.63 -49.86
CA ARG C 229 -62.74 -16.70 -49.48
C ARG C 229 -61.99 -15.49 -50.01
N GLY C 230 -61.29 -14.78 -49.12
CA GLY C 230 -60.33 -13.80 -49.57
C GLY C 230 -59.15 -14.46 -50.27
N LYS C 231 -58.51 -15.41 -49.59
CA LYS C 231 -57.54 -16.34 -50.17
C LYS C 231 -56.27 -15.63 -50.62
N LYS C 232 -56.22 -14.30 -50.50
CA LYS C 232 -55.11 -13.53 -51.02
C LYS C 232 -55.13 -12.15 -50.38
N LEU C 233 -53.94 -11.62 -50.11
CA LEU C 233 -53.78 -10.33 -49.45
C LEU C 233 -52.63 -9.59 -50.10
N GLU C 234 -52.94 -8.67 -51.00
CA GLU C 234 -51.96 -7.88 -51.72
C GLU C 234 -52.32 -6.41 -51.64
N PRO C 235 -51.33 -5.52 -51.81
CA PRO C 235 -51.60 -4.08 -51.67
C PRO C 235 -52.63 -3.59 -52.67
N CYS C 236 -53.44 -2.63 -52.22
N CYS C 236 -53.44 -2.63 -52.22
CA CYS C 236 -54.46 -1.98 -53.03
CA CYS C 236 -54.46 -1.98 -53.02
C CYS C 236 -54.11 -0.51 -53.20
C CYS C 236 -54.10 -0.52 -53.23
N ASP C 237 -54.98 0.22 -53.90
CA ASP C 237 -54.69 1.61 -54.24
C ASP C 237 -54.74 2.54 -53.03
N ARG C 238 -55.71 2.35 -52.13
CA ARG C 238 -55.96 3.32 -51.07
C ARG C 238 -54.92 3.21 -49.97
N VAL C 239 -54.38 4.36 -49.56
CA VAL C 239 -53.35 4.43 -48.52
C VAL C 239 -53.65 5.62 -47.61
N LEU C 240 -53.46 5.43 -46.31
CA LEU C 240 -53.71 6.46 -45.32
C LEU C 240 -52.39 6.97 -44.76
N PHE C 241 -52.24 8.29 -44.70
CA PHE C 241 -51.05 8.95 -44.17
C PHE C 241 -51.40 9.64 -42.85
N SER C 242 -50.43 9.70 -41.94
CA SER C 242 -50.61 10.37 -40.65
C SER C 242 -49.32 11.12 -40.31
N VAL C 243 -49.34 12.44 -40.48
CA VAL C 243 -48.22 13.30 -40.13
C VAL C 243 -48.58 13.99 -38.82
N GLY C 244 -47.88 13.64 -37.74
CA GLY C 244 -48.27 14.11 -36.43
C GLY C 244 -49.61 13.56 -36.03
N SER C 245 -50.63 14.43 -35.98
CA SER C 245 -52.00 14.01 -35.75
C SER C 245 -52.93 14.41 -36.89
N THR C 246 -52.38 14.65 -38.08
CA THR C 246 -53.15 15.04 -39.24
C THR C 246 -53.23 13.87 -40.21
N LEU C 247 -54.42 13.59 -40.72
CA LEU C 247 -54.66 12.45 -41.59
C LEU C 247 -54.81 12.89 -43.04
N TYR C 248 -54.17 12.15 -43.95
CA TYR C 248 -54.24 12.43 -45.37
C TYR C 248 -54.41 11.15 -46.17
N PRO C 249 -55.45 11.03 -46.98
CA PRO C 249 -55.57 9.87 -47.88
C PRO C 249 -54.84 10.11 -49.20
N GLU C 250 -54.17 9.07 -49.68
CA GLU C 250 -53.41 9.15 -50.93
C GLU C 250 -53.77 7.98 -51.82
N SER C 251 -53.23 8.01 -53.04
CA SER C 251 -53.43 6.96 -54.03
C SER C 251 -52.07 6.47 -54.53
N ARG C 252 -51.94 5.15 -54.67
CA ARG C 252 -50.66 4.57 -55.07
C ARG C 252 -50.28 4.95 -56.49
N LYS C 253 -51.26 5.03 -57.40
CA LYS C 253 -50.96 5.32 -58.79
C LYS C 253 -50.34 6.70 -58.95
N LEU C 254 -50.87 7.70 -58.25
CA LEU C 254 -50.36 9.06 -58.38
C LEU C 254 -49.01 9.23 -57.68
N LEU C 255 -48.78 8.50 -56.58
CA LEU C 255 -47.50 8.60 -55.89
C LEU C 255 -46.36 8.08 -56.75
N LYS C 256 -46.59 6.96 -57.45
CA LYS C 256 -45.53 6.38 -58.25
C LYS C 256 -45.24 7.18 -59.51
N SER C 257 -46.16 8.04 -59.93
CA SER C 257 -45.97 8.81 -61.16
C SER C 257 -44.93 9.90 -61.00
N TRP C 258 -44.57 10.26 -59.77
CA TRP C 258 -43.55 11.28 -59.54
C TRP C 258 -42.16 10.67 -59.36
N HIS C 259 -42.03 9.35 -59.49
CA HIS C 259 -40.73 8.68 -59.48
C HIS C 259 -40.20 8.66 -60.91
N LEU C 260 -39.74 9.82 -61.36
CA LEU C 260 -39.38 10.01 -62.76
C LEU C 260 -37.94 9.57 -63.02
N PRO C 261 -37.64 9.12 -64.23
CA PRO C 261 -36.27 8.76 -64.59
C PRO C 261 -35.43 10.02 -64.81
N SER C 262 -34.14 9.81 -65.06
CA SER C 262 -33.24 10.93 -65.23
C SER C 262 -33.49 11.68 -66.55
N VAL C 263 -33.95 10.98 -67.58
CA VAL C 263 -34.21 11.57 -68.88
C VAL C 263 -35.49 10.98 -69.46
N PHE C 264 -36.36 11.83 -70.01
CA PHE C 264 -37.58 11.35 -70.63
C PHE C 264 -38.05 12.36 -71.67
N HIS C 265 -38.95 11.90 -72.54
CA HIS C 265 -39.46 12.68 -73.67
C HIS C 265 -40.95 12.88 -73.54
N LEU C 266 -41.42 14.08 -73.87
CA LEU C 266 -42.84 14.39 -73.94
C LEU C 266 -43.18 14.67 -75.40
N LYS C 267 -44.02 13.81 -75.99
CA LYS C 267 -44.32 13.87 -77.41
C LYS C 267 -45.80 14.18 -77.60
N GLY C 268 -46.08 15.27 -78.29
CA GLY C 268 -47.45 15.64 -78.62
C GLY C 268 -47.49 16.55 -79.83
N LYS C 269 -48.34 17.57 -79.79
CA LYS C 269 -48.29 18.60 -80.83
C LYS C 269 -46.96 19.32 -80.81
N LEU C 270 -46.44 19.60 -79.61
CA LEU C 270 -45.08 20.07 -79.41
C LEU C 270 -44.30 19.03 -78.63
N SER C 271 -43.00 18.97 -78.87
CA SER C 271 -42.13 17.97 -78.28
C SER C 271 -41.12 18.62 -77.36
N PHE C 272 -40.77 17.93 -76.29
CA PHE C 272 -39.84 18.45 -75.29
C PHE C 272 -38.92 17.33 -74.80
N THR C 273 -37.74 17.74 -74.33
CA THR C 273 -36.76 16.84 -73.73
C THR C 273 -36.51 17.31 -72.31
N CYS C 274 -36.64 16.40 -71.34
CA CYS C 274 -36.69 16.77 -69.94
C CYS C 274 -35.66 15.99 -69.13
N ARG C 275 -35.28 16.57 -67.99
CA ARG C 275 -34.29 16.00 -67.09
C ARG C 275 -34.73 16.21 -65.65
N CYS C 276 -34.51 15.21 -64.81
CA CYS C 276 -34.91 15.25 -63.40
C CYS C 276 -33.71 14.96 -62.51
N ASP C 277 -33.59 15.72 -61.43
CA ASP C 277 -32.44 15.62 -60.53
C ASP C 277 -32.88 15.91 -59.11
N THR C 278 -32.22 15.25 -58.16
CA THR C 278 -32.49 15.44 -56.73
C THR C 278 -31.38 16.30 -56.14
N VAL C 279 -31.76 17.39 -55.48
CA VAL C 279 -30.78 18.35 -54.98
C VAL C 279 -30.68 18.35 -53.46
N VAL C 280 -31.76 18.04 -52.73
CA VAL C 280 -31.74 17.98 -51.27
C VAL C 280 -32.35 16.66 -50.84
N SER C 281 -31.80 16.08 -49.78
CA SER C 281 -32.32 14.84 -49.22
C SER C 281 -32.01 14.80 -47.73
N CYS C 282 -33.03 14.59 -46.89
CA CYS C 282 -32.83 14.54 -45.44
C CYS C 282 -33.84 13.57 -44.84
N GLU C 283 -33.43 12.32 -44.68
CA GLU C 283 -34.16 11.31 -43.91
C GLU C 283 -35.59 11.12 -44.40
N GLY C 284 -35.78 11.13 -45.72
CA GLY C 284 -37.08 10.88 -46.31
C GLY C 284 -37.75 12.05 -46.98
N TYR C 285 -37.25 13.26 -46.79
CA TYR C 285 -37.69 14.44 -47.53
C TYR C 285 -36.70 14.75 -48.65
N VAL C 286 -37.22 15.06 -49.83
CA VAL C 286 -36.38 15.34 -51.00
C VAL C 286 -36.89 16.60 -51.69
N VAL C 287 -36.00 17.20 -52.48
CA VAL C 287 -36.34 18.29 -53.39
C VAL C 287 -35.87 17.91 -54.78
N LYS C 288 -36.76 18.01 -55.75
CA LYS C 288 -36.46 17.63 -57.13
C LYS C 288 -36.49 18.85 -58.04
N ARG C 289 -35.64 18.83 -59.06
CA ARG C 289 -35.53 19.92 -60.01
C ARG C 289 -35.65 19.37 -61.42
N ILE C 290 -36.54 19.96 -62.22
CA ILE C 290 -36.87 19.46 -63.55
C ILE C 290 -36.73 20.60 -64.55
N THR C 291 -36.05 20.33 -65.66
CA THR C 291 -35.91 21.28 -66.75
C THR C 291 -36.55 20.73 -68.02
N MET C 292 -37.05 21.64 -68.86
CA MET C 292 -37.71 21.27 -70.10
C MET C 292 -37.21 22.14 -71.24
N SER C 293 -36.88 21.51 -72.36
CA SER C 293 -36.38 22.19 -73.53
C SER C 293 -37.11 21.69 -74.78
N PRO C 294 -37.32 22.56 -75.77
CA PRO C 294 -38.03 22.14 -76.98
C PRO C 294 -37.16 21.27 -77.88
N GLY C 295 -37.81 20.30 -78.53
CA GLY C 295 -37.13 19.39 -79.44
C GLY C 295 -36.88 18.03 -78.83
N LEU C 296 -36.37 17.14 -79.68
CA LEU C 296 -36.06 15.76 -79.29
C LEU C 296 -34.58 15.51 -79.49
N TYR C 297 -33.87 15.22 -78.40
CA TYR C 297 -32.44 14.98 -78.44
C TYR C 297 -32.09 13.75 -77.62
N GLY C 298 -31.07 13.02 -78.07
CA GLY C 298 -30.57 11.89 -77.32
C GLY C 298 -31.48 10.68 -77.36
N LYS C 299 -31.23 9.76 -76.43
CA LYS C 299 -32.04 8.55 -76.29
C LYS C 299 -32.23 8.26 -74.81
N THR C 300 -33.23 7.43 -74.51
CA THR C 300 -33.63 7.15 -73.14
C THR C 300 -33.40 5.68 -72.80
N THR C 301 -33.10 5.42 -71.54
CA THR C 301 -32.95 4.07 -71.03
C THR C 301 -34.10 3.62 -70.15
N GLY C 302 -34.66 4.52 -69.34
CA GLY C 302 -35.78 4.18 -68.49
C GLY C 302 -35.42 3.73 -67.09
N TYR C 303 -34.33 4.22 -66.52
CA TYR C 303 -33.89 3.82 -65.20
C TYR C 303 -33.94 5.01 -64.24
N ALA C 304 -34.35 4.75 -63.01
CA ALA C 304 -34.37 5.74 -61.93
C ALA C 304 -33.49 5.26 -60.80
N VAL C 305 -32.69 6.17 -60.24
CA VAL C 305 -31.65 5.83 -59.28
C VAL C 305 -31.89 6.61 -57.99
N THR C 306 -31.78 5.91 -56.86
CA THR C 306 -31.89 6.52 -55.54
C THR C 306 -30.62 6.24 -54.75
N HIS C 307 -30.04 7.29 -54.18
CA HIS C 307 -28.83 7.18 -53.38
C HIS C 307 -29.19 7.15 -51.91
N HIS C 308 -28.61 6.20 -51.17
CA HIS C 308 -28.94 5.98 -49.77
C HIS C 308 -27.82 6.51 -48.89
N ALA C 309 -28.10 7.62 -48.20
CA ALA C 309 -27.17 8.14 -47.20
C ALA C 309 -27.22 7.37 -45.89
N ASP C 310 -28.40 6.86 -45.53
CA ASP C 310 -28.56 5.99 -44.38
C ASP C 310 -29.20 4.68 -44.81
N GLY C 311 -29.38 3.78 -43.85
CA GLY C 311 -29.89 2.45 -44.16
C GLY C 311 -31.38 2.46 -44.51
N PHE C 312 -31.74 1.56 -45.42
CA PHE C 312 -33.13 1.35 -45.80
C PHE C 312 -33.43 -0.13 -45.69
N LEU C 313 -34.54 -0.47 -45.02
CA LEU C 313 -34.89 -1.85 -44.71
C LEU C 313 -36.28 -2.17 -45.23
N MET C 314 -36.47 -3.45 -45.55
CA MET C 314 -37.79 -3.98 -45.91
C MET C 314 -37.80 -5.46 -45.56
N CYS C 315 -38.71 -5.86 -44.68
CA CYS C 315 -38.71 -7.21 -44.14
C CYS C 315 -40.13 -7.73 -44.04
N LYS C 316 -40.23 -9.05 -43.81
CA LYS C 316 -41.51 -9.72 -43.62
C LYS C 316 -41.81 -9.84 -42.13
N THR C 317 -43.07 -9.61 -41.77
CA THR C 317 -43.49 -9.62 -40.38
C THR C 317 -44.81 -10.36 -40.24
N THR C 318 -45.06 -10.87 -39.04
CA THR C 318 -46.27 -11.62 -38.73
C THR C 318 -47.05 -10.89 -37.66
N ASP C 319 -48.35 -10.72 -37.89
CA ASP C 319 -49.22 -10.00 -36.96
C ASP C 319 -50.62 -10.59 -37.08
N THR C 320 -51.52 -10.13 -36.20
CA THR C 320 -52.92 -10.52 -36.23
C THR C 320 -53.76 -9.33 -36.66
N VAL C 321 -54.54 -9.50 -37.71
CA VAL C 321 -55.45 -8.47 -38.21
C VAL C 321 -56.86 -8.93 -37.91
N ASP C 322 -57.55 -8.19 -37.03
CA ASP C 322 -58.89 -8.54 -36.59
C ASP C 322 -58.91 -9.93 -35.95
N GLY C 323 -57.82 -10.30 -35.28
CA GLY C 323 -57.72 -11.56 -34.59
C GLY C 323 -57.17 -12.71 -35.42
N GLU C 324 -56.91 -12.50 -36.71
CA GLU C 324 -56.44 -13.55 -37.60
C GLU C 324 -54.99 -13.32 -37.96
N ARG C 325 -54.17 -14.36 -37.82
CA ARG C 325 -52.74 -14.24 -38.04
C ARG C 325 -52.41 -14.25 -39.54
N VAL C 326 -51.63 -13.26 -39.97
CA VAL C 326 -51.25 -13.08 -41.36
C VAL C 326 -49.81 -12.59 -41.43
N SER C 327 -49.30 -12.41 -42.65
CA SER C 327 -47.94 -11.95 -42.89
C SER C 327 -47.94 -10.93 -44.01
N PHE C 328 -47.14 -9.88 -43.86
CA PHE C 328 -46.98 -8.85 -44.88
C PHE C 328 -45.64 -8.14 -44.64
N SER C 329 -45.36 -7.14 -45.47
CA SER C 329 -44.07 -6.48 -45.51
C SER C 329 -44.13 -5.07 -44.92
N VAL C 330 -43.01 -4.63 -44.37
CA VAL C 330 -42.89 -3.35 -43.67
C VAL C 330 -41.52 -2.75 -43.95
N CYS C 331 -41.45 -1.44 -44.12
CA CYS C 331 -40.20 -0.73 -44.41
C CYS C 331 -39.97 0.38 -43.39
N THR C 332 -38.71 0.80 -43.29
CA THR C 332 -38.31 1.84 -42.34
C THR C 332 -36.90 2.32 -42.70
N TYR C 333 -36.45 3.37 -41.99
CA TYR C 333 -35.13 3.96 -42.17
C TYR C 333 -34.31 3.76 -40.90
N VAL C 334 -32.99 3.59 -41.07
CA VAL C 334 -32.09 3.34 -39.94
C VAL C 334 -30.93 4.33 -40.00
N PRO C 335 -30.55 4.94 -38.87
CA PRO C 335 -29.40 5.86 -38.88
C PRO C 335 -28.10 5.18 -39.26
N ALA C 336 -27.21 5.94 -39.89
CA ALA C 336 -25.99 5.39 -40.45
C ALA C 336 -25.01 4.92 -39.38
N THR C 337 -24.96 5.63 -38.25
CA THR C 337 -24.02 5.27 -37.19
C THR C 337 -24.35 3.90 -36.61
N ILE C 338 -25.63 3.60 -36.44
CA ILE C 338 -26.03 2.30 -35.91
C ILE C 338 -25.72 1.20 -36.92
N CYS C 339 -25.91 1.49 -38.20
CA CYS C 339 -25.61 0.50 -39.24
C CYS C 339 -24.13 0.12 -39.24
N ASP C 340 -23.25 1.11 -39.04
CA ASP C 340 -21.82 0.84 -39.10
C ASP C 340 -21.33 0.06 -37.89
N GLN C 341 -22.07 0.11 -36.78
CA GLN C 341 -21.62 -0.56 -35.56
C GLN C 341 -22.12 -2.00 -35.46
N MET C 342 -22.90 -2.49 -36.43
CA MET C 342 -23.37 -3.86 -36.45
C MET C 342 -22.65 -4.72 -37.49
N THR C 343 -21.60 -4.18 -38.12
CA THR C 343 -20.92 -4.94 -39.17
C THR C 343 -20.24 -6.19 -38.62
N GLY C 344 -19.57 -6.08 -37.48
CA GLY C 344 -18.90 -7.23 -36.90
C GLY C 344 -19.86 -8.29 -36.39
N ILE C 345 -20.97 -7.86 -35.80
CA ILE C 345 -21.92 -8.80 -35.20
C ILE C 345 -22.56 -9.67 -36.28
N LEU C 346 -22.92 -9.07 -37.41
CA LEU C 346 -23.63 -9.78 -38.47
C LEU C 346 -22.73 -10.71 -39.28
N ALA C 347 -21.48 -10.92 -38.85
CA ALA C 347 -20.61 -11.86 -39.54
C ALA C 347 -21.01 -13.31 -39.27
N THR C 348 -21.75 -13.55 -38.21
CA THR C 348 -22.22 -14.87 -37.84
C THR C 348 -23.73 -14.85 -37.62
N GLU C 349 -24.29 -16.03 -37.37
CA GLU C 349 -25.73 -16.13 -37.14
C GLU C 349 -26.07 -15.67 -35.73
N VAL C 350 -27.14 -14.89 -35.61
CA VAL C 350 -27.56 -14.31 -34.34
C VAL C 350 -29.07 -14.44 -34.22
N THR C 351 -29.54 -14.72 -33.00
CA THR C 351 -30.96 -14.83 -32.74
C THR C 351 -31.60 -13.46 -32.57
N PRO C 352 -32.90 -13.34 -32.83
CA PRO C 352 -33.56 -12.04 -32.67
C PRO C 352 -33.48 -11.48 -31.25
N GLU C 353 -33.48 -12.35 -30.24
CA GLU C 353 -33.40 -11.88 -28.86
C GLU C 353 -32.05 -11.24 -28.58
N ASP C 354 -30.97 -11.83 -29.08
CA ASP C 354 -29.64 -11.28 -28.85
C ASP C 354 -29.45 -9.96 -29.60
N ALA C 355 -30.00 -9.86 -30.82
CA ALA C 355 -29.85 -8.65 -31.59
C ALA C 355 -30.56 -7.48 -30.93
N GLN C 356 -31.72 -7.74 -30.32
CA GLN C 356 -32.47 -6.67 -29.65
C GLN C 356 -31.68 -6.07 -28.49
N LYS C 357 -31.01 -6.92 -27.71
CA LYS C 357 -30.26 -6.42 -26.57
C LYS C 357 -29.05 -5.61 -27.01
N LEU C 358 -28.39 -6.01 -28.10
CA LEU C 358 -27.26 -5.24 -28.61
C LEU C 358 -27.69 -3.89 -29.13
N LEU C 359 -28.85 -3.82 -29.79
CA LEU C 359 -29.32 -2.55 -30.33
C LEU C 359 -29.69 -1.57 -29.21
N VAL C 360 -30.23 -2.09 -28.11
CA VAL C 360 -30.59 -1.23 -26.98
C VAL C 360 -29.33 -0.62 -26.37
N GLY C 361 -28.27 -1.42 -26.24
CA GLY C 361 -27.03 -0.89 -25.68
C GLY C 361 -26.41 0.20 -26.52
N LEU C 362 -26.43 0.04 -27.85
CA LEU C 362 -25.88 1.05 -28.73
C LEU C 362 -26.74 2.31 -28.74
N ASN C 363 -28.06 2.17 -28.66
CA ASN C 363 -28.95 3.31 -28.77
C ASN C 363 -28.92 4.16 -27.50
N GLN C 364 -29.32 3.57 -26.38
CA GLN C 364 -29.39 4.29 -25.11
C GLN C 364 -28.02 4.33 -24.43
N ARG C 365 -27.16 5.20 -24.96
CA ARG C 365 -25.82 5.38 -24.43
C ARG C 365 -25.50 6.86 -24.24
N THR C 376 -30.80 10.16 -24.00
CA THR C 376 -30.62 10.42 -25.42
C THR C 376 -30.80 9.15 -26.24
N ASN C 377 -31.62 9.23 -27.28
CA ASN C 377 -31.88 8.11 -28.18
C ASN C 377 -31.51 8.50 -29.61
N THR C 378 -30.68 7.67 -30.25
CA THR C 378 -30.34 7.93 -31.65
C THR C 378 -31.51 7.57 -32.57
N MET C 379 -32.20 6.46 -32.29
CA MET C 379 -33.37 6.06 -33.04
C MET C 379 -34.54 5.85 -32.09
N LYS C 380 -35.75 5.93 -32.63
CA LYS C 380 -36.94 5.77 -31.82
C LYS C 380 -37.13 4.32 -31.43
N ASN C 381 -37.60 4.09 -30.20
CA ASN C 381 -37.59 2.76 -29.62
C ASN C 381 -38.69 1.86 -30.13
N TYR C 382 -39.76 2.41 -30.70
CA TYR C 382 -40.87 1.56 -31.13
C TYR C 382 -40.59 0.81 -32.41
N MET C 383 -39.53 1.13 -33.13
CA MET C 383 -39.15 0.43 -34.34
C MET C 383 -38.05 -0.61 -34.12
N ILE C 384 -37.50 -0.69 -32.91
CA ILE C 384 -36.38 -1.60 -32.65
C ILE C 384 -36.75 -3.06 -32.86
N PRO C 385 -37.88 -3.57 -32.34
CA PRO C 385 -38.14 -5.02 -32.50
C PRO C 385 -38.19 -5.50 -33.95
N VAL C 386 -38.73 -4.71 -34.87
CA VAL C 386 -38.79 -5.18 -36.26
C VAL C 386 -37.44 -5.05 -36.94
N VAL C 387 -36.59 -4.13 -36.49
CA VAL C 387 -35.25 -4.01 -37.04
C VAL C 387 -34.39 -5.19 -36.60
N ALA C 388 -34.53 -5.60 -35.35
CA ALA C 388 -33.75 -6.74 -34.85
C ALA C 388 -34.13 -8.03 -35.57
N GLN C 389 -35.42 -8.22 -35.83
CA GLN C 389 -35.87 -9.39 -36.56
C GLN C 389 -35.33 -9.39 -37.99
N ALA C 390 -35.33 -8.23 -38.65
CA ALA C 390 -34.83 -8.14 -40.01
C ALA C 390 -33.34 -8.44 -40.10
N PHE C 391 -32.57 -7.95 -39.12
CA PHE C 391 -31.13 -8.18 -39.13
C PHE C 391 -30.81 -9.67 -38.96
N SER C 392 -31.58 -10.37 -38.14
CA SER C 392 -31.31 -11.78 -37.88
C SER C 392 -31.53 -12.63 -39.12
N LYS C 393 -32.58 -12.34 -39.89
CA LYS C 393 -32.86 -13.11 -41.10
C LYS C 393 -31.87 -12.79 -42.20
N TRP C 394 -31.38 -11.55 -42.25
CA TRP C 394 -30.41 -11.18 -43.29
C TRP C 394 -29.10 -11.92 -43.10
N ALA C 395 -28.64 -12.06 -41.87
CA ALA C 395 -27.38 -12.78 -41.61
C ALA C 395 -27.50 -14.25 -41.98
N LYS C 396 -28.64 -14.86 -41.70
CA LYS C 396 -28.83 -16.27 -42.00
C LYS C 396 -28.81 -16.52 -43.51
N GLU C 397 -29.46 -15.66 -44.28
CA GLU C 397 -29.51 -15.86 -45.73
C GLU C 397 -28.14 -15.67 -46.37
N CYS C 398 -27.35 -14.74 -45.86
CA CYS C 398 -25.99 -14.56 -46.37
C CYS C 398 -25.12 -15.76 -46.07
N ARG C 399 -25.26 -16.34 -44.87
CA ARG C 399 -24.50 -17.53 -44.52
C ARG C 399 -24.87 -18.71 -45.41
N LYS C 400 -26.16 -18.82 -45.75
CA LYS C 400 -26.61 -19.94 -46.58
C LYS C 400 -26.04 -19.84 -47.99
N ASP C 401 -25.86 -18.63 -48.51
CA ASP C 401 -25.35 -18.45 -49.86
C ASP C 401 -23.91 -18.91 -49.97
N MET C 402 -23.10 -18.66 -48.94
CA MET C 402 -21.68 -19.00 -49.00
C MET C 402 -21.45 -20.51 -48.99
N GLU C 403 -22.41 -21.28 -48.48
CA GLU C 403 -22.27 -22.72 -48.38
C GLU C 403 -22.83 -23.47 -49.58
N ASP C 404 -23.25 -22.75 -50.62
CA ASP C 404 -23.82 -23.34 -51.83
C ASP C 404 -23.16 -22.75 -53.07
N GLU C 405 -21.82 -22.73 -53.06
CA GLU C 405 -21.06 -22.14 -54.15
C GLU C 405 -21.34 -22.83 -55.48
N LYS C 406 -21.50 -22.02 -56.52
CA LYS C 406 -21.75 -22.51 -57.87
C LYS C 406 -20.47 -22.39 -58.69
N LEU C 407 -20.57 -22.66 -59.99
CA LEU C 407 -19.45 -22.55 -60.91
C LEU C 407 -19.51 -21.23 -61.67
N LEU C 408 -18.36 -20.78 -62.13
CA LEU C 408 -18.25 -19.48 -62.79
C LEU C 408 -18.82 -19.54 -64.21
N GLY C 409 -19.71 -18.60 -64.52
CA GLY C 409 -20.17 -18.41 -65.88
C GLY C 409 -21.16 -19.42 -66.41
N VAL C 410 -21.85 -20.16 -65.54
CA VAL C 410 -22.84 -21.15 -65.96
C VAL C 410 -24.10 -20.98 -65.14
N ARG C 411 -25.20 -21.51 -65.66
CA ARG C 411 -26.49 -21.48 -65.00
C ARG C 411 -27.01 -22.91 -64.90
N GLU C 412 -27.36 -23.35 -63.69
CA GLU C 412 -27.84 -24.70 -63.47
C GLU C 412 -29.33 -24.75 -63.79
N ARG C 413 -29.71 -25.59 -64.76
CA ARG C 413 -31.10 -25.70 -65.17
C ARG C 413 -31.50 -27.15 -65.36
N THR C 414 -31.16 -28.00 -64.40
CA THR C 414 -31.54 -29.41 -64.49
C THR C 414 -32.81 -29.69 -63.70
N TRP C 421 -36.24 -28.33 -68.76
CA TRP C 421 -35.39 -27.31 -68.18
C TRP C 421 -36.15 -26.42 -67.20
N ALA C 422 -35.83 -26.52 -65.92
CA ALA C 422 -36.47 -25.73 -64.88
C ALA C 422 -35.49 -25.44 -63.76
N PHE C 423 -35.51 -24.22 -63.26
CA PHE C 423 -34.64 -23.80 -62.17
C PHE C 423 -35.45 -23.47 -60.92
N LYS C 424 -34.81 -23.64 -59.77
CA LYS C 424 -35.44 -23.37 -58.49
C LYS C 424 -35.20 -21.92 -58.07
N LYS C 425 -36.18 -21.35 -57.38
CA LYS C 425 -36.09 -19.99 -56.85
C LYS C 425 -35.98 -20.05 -55.33
N GLN C 426 -35.01 -19.32 -54.78
CA GLN C 426 -34.82 -19.31 -53.34
C GLN C 426 -35.77 -18.32 -52.68
N LYS C 427 -35.87 -18.42 -51.36
CA LYS C 427 -36.75 -17.55 -50.58
C LYS C 427 -35.98 -16.33 -50.08
N THR C 428 -36.62 -15.17 -50.15
CA THR C 428 -36.05 -13.92 -49.68
C THR C 428 -37.02 -13.26 -48.73
N HIS C 429 -36.55 -12.96 -47.51
CA HIS C 429 -37.39 -12.35 -46.49
C HIS C 429 -36.94 -10.95 -46.09
N THR C 430 -35.74 -10.53 -46.48
CA THR C 430 -35.22 -9.23 -46.07
C THR C 430 -34.47 -8.59 -47.22
N VAL C 431 -34.74 -7.30 -47.45
CA VAL C 431 -33.96 -6.47 -48.38
C VAL C 431 -33.33 -5.36 -47.56
N TYR C 432 -32.01 -5.23 -47.64
CA TYR C 432 -31.24 -4.32 -46.81
C TYR C 432 -30.30 -3.53 -47.70
N LYS C 433 -30.56 -2.23 -47.85
CA LYS C 433 -29.70 -1.33 -48.61
C LYS C 433 -28.82 -0.56 -47.63
N ARG C 434 -27.54 -0.88 -47.62
CA ARG C 434 -26.59 -0.26 -46.71
C ARG C 434 -26.26 1.16 -47.15
N PRO C 435 -25.73 1.98 -46.24
CA PRO C 435 -25.32 3.34 -46.63
C PRO C 435 -24.27 3.32 -47.73
N ASP C 436 -24.36 4.32 -48.62
CA ASP C 436 -23.46 4.50 -49.76
C ASP C 436 -23.73 3.48 -50.87
N THR C 437 -24.93 2.94 -50.94
CA THR C 437 -25.37 2.08 -52.03
C THR C 437 -26.50 2.76 -52.78
N GLN C 438 -26.92 2.17 -53.89
CA GLN C 438 -27.91 2.78 -54.76
C GLN C 438 -28.94 1.75 -55.21
N SER C 439 -30.19 2.20 -55.36
CA SER C 439 -31.26 1.39 -55.92
C SER C 439 -31.53 1.81 -57.36
N ILE C 440 -32.02 0.87 -58.16
CA ILE C 440 -32.31 1.15 -59.56
C ILE C 440 -33.54 0.39 -60.02
N GLN C 441 -34.48 1.10 -60.65
CA GLN C 441 -35.73 0.51 -61.11
C GLN C 441 -36.02 0.97 -62.53
N LYS C 442 -36.76 0.15 -63.26
CA LYS C 442 -37.12 0.43 -64.65
C LYS C 442 -38.53 1.01 -64.70
N VAL C 443 -38.66 2.18 -65.32
CA VAL C 443 -39.93 2.89 -65.43
C VAL C 443 -40.08 3.37 -66.88
N GLN C 444 -41.24 3.94 -67.17
CA GLN C 444 -41.52 4.46 -68.50
C GLN C 444 -40.84 5.81 -68.71
N ALA C 445 -40.36 6.04 -69.94
CA ALA C 445 -39.65 7.27 -70.26
C ALA C 445 -40.10 7.89 -71.57
N GLU C 446 -41.14 7.36 -72.21
CA GLU C 446 -41.66 7.91 -73.46
C GLU C 446 -43.16 8.09 -73.30
N PHE C 447 -43.62 9.34 -73.30
CA PHE C 447 -45.02 9.66 -73.09
C PHE C 447 -45.59 10.35 -74.32
N ASP C 448 -46.74 9.87 -74.79
CA ASP C 448 -47.39 10.48 -75.94
C ASP C 448 -48.90 10.61 -75.78
N SER C 449 -49.44 10.45 -74.56
CA SER C 449 -50.87 10.60 -74.31
C SER C 449 -51.06 11.56 -73.14
N PHE C 450 -51.81 12.63 -73.37
CA PHE C 450 -52.02 13.66 -72.36
C PHE C 450 -53.49 14.07 -72.30
N VAL C 451 -54.38 13.10 -72.52
CA VAL C 451 -55.81 13.36 -72.48
C VAL C 451 -56.47 12.52 -71.40
N TRP C 456 -64.89 22.98 -67.35
CA TRP C 456 -64.47 23.57 -66.08
C TRP C 456 -65.62 24.30 -65.40
N SER C 457 -65.67 24.21 -64.07
CA SER C 457 -66.66 24.91 -63.28
C SER C 457 -65.97 25.59 -62.11
N SER C 458 -66.58 26.66 -61.61
CA SER C 458 -65.97 27.44 -60.53
C SER C 458 -65.97 26.66 -59.23
N GLY C 459 -67.16 26.31 -58.73
CA GLY C 459 -67.30 25.58 -57.49
C GLY C 459 -67.58 26.45 -56.29
N LEU C 460 -67.28 27.74 -56.36
CA LEU C 460 -67.60 28.65 -55.26
C LEU C 460 -69.11 28.84 -55.15
N SER C 461 -69.56 29.07 -53.92
CA SER C 461 -70.96 29.28 -53.63
C SER C 461 -71.21 30.74 -53.25
N ILE C 462 -72.46 31.17 -53.42
CA ILE C 462 -72.83 32.54 -53.06
C ILE C 462 -72.57 32.84 -51.59
N PRO C 463 -72.94 31.97 -50.63
CA PRO C 463 -72.63 32.29 -49.23
C PRO C 463 -71.15 32.48 -48.95
N LEU C 464 -70.28 31.70 -49.60
CA LEU C 464 -68.85 31.86 -49.37
C LEU C 464 -68.32 33.16 -49.96
N ARG C 465 -68.82 33.53 -51.14
CA ARG C 465 -68.38 34.78 -51.75
C ARG C 465 -68.77 35.98 -50.90
N THR C 466 -69.96 35.94 -50.30
CA THR C 466 -70.39 37.03 -49.43
C THR C 466 -69.49 37.16 -48.22
N ARG C 467 -69.10 36.03 -47.62
CA ARG C 467 -68.27 36.08 -46.41
C ARG C 467 -66.89 36.65 -46.70
N ILE C 468 -66.31 36.30 -47.85
CA ILE C 468 -64.98 36.81 -48.19
C ILE C 468 -65.02 38.32 -48.38
N LYS C 469 -66.08 38.83 -49.00
CA LYS C 469 -66.21 40.27 -49.20
C LYS C 469 -66.29 41.01 -47.87
N TRP C 470 -67.04 40.45 -46.91
CA TRP C 470 -67.22 41.14 -45.63
C TRP C 470 -65.91 41.24 -44.87
N LEU C 471 -65.10 40.19 -44.89
CA LEU C 471 -63.82 40.24 -44.19
C LEU C 471 -62.87 41.24 -44.83
N LEU C 472 -62.98 41.46 -46.13
CA LEU C 472 -62.07 42.37 -46.81
C LEU C 472 -62.40 43.82 -46.49
N SER C 473 -63.68 44.14 -46.33
CA SER C 473 -64.11 45.50 -46.00
C SER C 473 -63.69 45.80 -44.56
N LYS C 474 -62.79 46.76 -44.41
CA LYS C 474 -62.23 47.14 -43.11
C LYS C 474 -61.59 45.95 -42.41
N ASP D 2 -47.24 39.92 -18.39
CA ASP D 2 -46.59 38.90 -19.21
C ASP D 2 -46.56 37.52 -18.54
N PRO D 3 -46.15 37.42 -17.27
CA PRO D 3 -46.19 36.12 -16.60
C PRO D 3 -47.61 35.68 -16.30
N VAL D 4 -47.76 34.38 -16.10
CA VAL D 4 -49.02 33.76 -15.71
C VAL D 4 -48.80 33.01 -14.40
N TYR D 5 -49.71 33.19 -13.45
CA TYR D 5 -49.59 32.60 -12.12
C TYR D 5 -50.57 31.45 -11.96
N VAL D 6 -50.09 30.36 -11.38
CA VAL D 6 -50.89 29.16 -11.17
C VAL D 6 -50.83 28.77 -9.70
N ASP D 7 -51.95 28.27 -9.17
CA ASP D 7 -52.06 27.94 -7.76
C ASP D 7 -51.58 26.50 -7.51
N ILE D 8 -50.27 26.32 -7.64
CA ILE D 8 -49.63 25.05 -7.36
C ILE D 8 -48.38 25.28 -6.54
N ASP D 9 -47.89 24.20 -5.92
CA ASP D 9 -46.70 24.28 -5.09
C ASP D 9 -45.48 24.56 -5.97
N ALA D 10 -44.51 25.26 -5.38
CA ALA D 10 -43.32 25.66 -6.12
C ALA D 10 -42.37 24.50 -6.41
N ASP D 11 -42.44 23.43 -5.62
CA ASP D 11 -41.57 22.27 -5.81
C ASP D 11 -42.27 21.13 -6.53
N SER D 12 -43.45 21.37 -7.09
CA SER D 12 -44.18 20.33 -7.79
C SER D 12 -43.46 19.93 -9.07
N ALA D 13 -43.55 18.64 -9.41
CA ALA D 13 -42.99 18.14 -10.65
C ALA D 13 -43.89 18.36 -11.85
N PHE D 14 -45.15 18.73 -11.63
CA PHE D 14 -46.07 19.00 -12.73
C PHE D 14 -45.76 20.33 -13.41
N LEU D 15 -44.95 21.18 -12.79
CA LEU D 15 -44.66 22.49 -13.35
C LEU D 15 -43.88 22.39 -14.65
N LYS D 16 -42.97 21.42 -14.73
CA LYS D 16 -42.18 21.25 -15.95
C LYS D 16 -43.06 20.82 -17.13
N ALA D 17 -44.01 19.92 -16.88
CA ALA D 17 -44.90 19.48 -17.94
C ALA D 17 -45.78 20.63 -18.44
N LEU D 18 -46.22 21.49 -17.53
CA LEU D 18 -47.03 22.64 -17.93
C LEU D 18 -46.24 23.60 -18.80
N GLN D 19 -44.96 23.80 -18.47
CA GLN D 19 -44.12 24.71 -19.25
C GLN D 19 -43.92 24.18 -20.66
N ARG D 20 -43.75 22.87 -20.82
CA ARG D 20 -43.52 22.29 -22.13
C ARG D 20 -44.75 22.40 -23.03
N ALA D 21 -45.95 22.39 -22.44
CA ALA D 21 -47.18 22.45 -23.22
C ALA D 21 -47.57 23.86 -23.62
N TYR D 22 -47.04 24.88 -22.95
CA TYR D 22 -47.34 26.28 -23.25
C TYR D 22 -46.03 27.06 -23.40
N PRO D 23 -45.35 26.89 -24.53
CA PRO D 23 -44.05 27.57 -24.71
C PRO D 23 -44.15 29.07 -24.87
N MET D 24 -45.35 29.62 -25.10
CA MET D 24 -45.51 31.03 -25.35
C MET D 24 -45.77 31.86 -24.09
N PHE D 25 -45.72 31.24 -22.92
CA PHE D 25 -45.98 31.92 -21.66
C PHE D 25 -44.82 31.72 -20.70
N GLU D 26 -44.88 32.47 -19.60
CA GLU D 26 -43.97 32.29 -18.47
C GLU D 26 -44.80 31.90 -17.25
N VAL D 27 -44.64 30.67 -16.78
CA VAL D 27 -45.47 30.10 -15.73
C VAL D 27 -44.75 30.27 -14.40
N GLU D 28 -45.44 30.87 -13.42
CA GLU D 28 -44.88 31.11 -12.10
C GLU D 28 -45.81 30.53 -11.04
N PRO D 29 -45.31 29.76 -10.09
CA PRO D 29 -46.19 29.20 -9.06
C PRO D 29 -46.53 30.20 -7.99
N ARG D 30 -47.76 30.11 -7.48
CA ARG D 30 -48.21 30.96 -6.38
C ARG D 30 -49.34 30.22 -5.66
N GLN D 31 -49.00 29.59 -4.53
CA GLN D 31 -49.94 28.74 -3.82
C GLN D 31 -50.68 29.53 -2.75
N VAL D 32 -52.01 29.46 -2.78
CA VAL D 32 -52.82 30.20 -1.81
C VAL D 32 -53.80 29.26 -1.09
N THR D 33 -54.19 28.18 -1.74
CA THR D 33 -55.16 27.24 -1.19
C THR D 33 -54.66 25.82 -1.34
N PRO D 34 -55.07 24.91 -0.43
CA PRO D 34 -54.75 23.48 -0.56
C PRO D 34 -55.76 22.69 -1.37
N ASN D 35 -56.11 23.19 -2.55
CA ASN D 35 -57.10 22.53 -3.39
C ASN D 35 -56.55 21.19 -3.89
N ASP D 36 -57.36 20.15 -3.81
CA ASP D 36 -56.91 18.82 -4.20
C ASP D 36 -57.11 18.54 -5.68
N ALA D 37 -57.67 19.48 -6.44
CA ALA D 37 -57.75 19.41 -7.89
C ALA D 37 -56.96 20.54 -8.52
N ALA D 38 -55.77 20.81 -7.97
CA ALA D 38 -54.99 21.96 -8.40
C ALA D 38 -54.43 21.78 -9.80
N ASN D 39 -53.96 20.59 -10.13
CA ASN D 39 -53.38 20.36 -11.45
C ASN D 39 -54.41 20.52 -12.55
N ALA D 40 -55.64 20.03 -12.33
CA ALA D 40 -56.68 20.16 -13.34
C ALA D 40 -57.08 21.62 -13.53
N ARG D 41 -57.16 22.38 -12.44
CA ARG D 41 -57.55 23.79 -12.55
C ARG D 41 -56.47 24.62 -13.24
N ALA D 42 -55.20 24.25 -13.05
CA ALA D 42 -54.12 25.00 -13.67
C ALA D 42 -54.14 24.88 -15.18
N PHE D 43 -54.44 23.68 -15.69
CA PHE D 43 -54.49 23.47 -17.13
C PHE D 43 -55.61 24.29 -17.77
N SER D 44 -56.78 24.32 -17.13
CA SER D 44 -57.91 25.05 -17.69
C SER D 44 -57.68 26.55 -17.64
N HIS D 45 -56.95 27.02 -16.62
CA HIS D 45 -56.66 28.45 -16.52
C HIS D 45 -55.76 28.90 -17.67
N LEU D 46 -54.75 28.10 -18.01
CA LEU D 46 -53.85 28.48 -19.10
C LEU D 46 -54.51 28.31 -20.46
N ALA D 47 -55.48 27.40 -20.57
CA ALA D 47 -56.14 27.18 -21.85
C ALA D 47 -56.94 28.40 -22.28
N ILE D 48 -57.62 29.06 -21.34
CA ILE D 48 -58.42 30.23 -21.68
C ILE D 48 -57.52 31.40 -22.07
N LYS D 49 -56.37 31.51 -21.42
CA LYS D 49 -55.42 32.58 -21.76
C LYS D 49 -54.93 32.42 -23.19
N LEU D 50 -54.65 31.18 -23.61
CA LEU D 50 -54.20 30.94 -24.98
C LEU D 50 -55.27 31.29 -25.99
N ILE D 51 -56.53 30.95 -25.70
CA ILE D 51 -57.62 31.20 -26.64
C ILE D 51 -57.80 32.69 -26.86
N GLU D 52 -57.72 33.48 -25.80
CA GLU D 52 -57.88 34.93 -25.92
C GLU D 52 -56.78 35.55 -26.77
N GLN D 53 -55.55 35.04 -26.66
CA GLN D 53 -54.45 35.56 -27.45
C GLN D 53 -54.64 35.25 -28.93
N GLU D 54 -55.16 34.06 -29.26
CA GLU D 54 -55.28 33.67 -30.65
C GLU D 54 -56.31 34.51 -31.40
N ILE D 55 -57.46 34.77 -30.78
CA ILE D 55 -58.53 35.51 -31.44
C ILE D 55 -58.27 37.00 -31.30
N ASP D 56 -58.94 37.81 -32.11
CA ASP D 56 -58.76 39.25 -32.15
C ASP D 56 -59.78 39.94 -31.26
N PRO D 57 -59.45 41.13 -30.74
CA PRO D 57 -60.44 41.90 -29.98
C PRO D 57 -61.59 42.34 -30.86
N ASP D 58 -62.56 42.99 -30.22
CA ASP D 58 -63.80 43.44 -30.86
C ASP D 58 -64.60 42.28 -31.42
N SER D 59 -64.49 41.10 -30.79
CA SER D 59 -65.24 39.92 -31.18
C SER D 59 -66.20 39.53 -30.08
N THR D 60 -67.38 39.05 -30.46
CA THR D 60 -68.38 38.58 -29.52
C THR D 60 -68.20 37.08 -29.30
N ILE D 61 -68.17 36.67 -28.03
CA ILE D 61 -67.92 35.29 -27.65
C ILE D 61 -69.10 34.77 -26.87
N LEU D 62 -69.60 33.59 -27.26
CA LEU D 62 -70.63 32.90 -26.50
C LEU D 62 -69.98 31.87 -25.58
N ASP D 63 -70.36 31.88 -24.31
CA ASP D 63 -69.85 30.94 -23.31
C ASP D 63 -70.97 29.98 -22.96
N ILE D 64 -70.90 28.77 -23.51
CA ILE D 64 -71.96 27.78 -23.34
C ILE D 64 -71.78 27.09 -21.99
N GLY D 65 -72.84 27.03 -21.20
CA GLY D 65 -72.78 26.41 -19.88
C GLY D 65 -71.79 27.12 -18.99
N SER D 66 -71.87 28.43 -18.95
CA SER D 66 -70.83 29.25 -18.33
C SER D 66 -70.97 29.29 -16.82
N ALA D 67 -69.87 29.64 -16.17
CA ALA D 67 -69.87 30.08 -14.77
C ALA D 67 -69.46 31.55 -14.78
N PRO D 68 -70.41 32.48 -14.67
CA PRO D 68 -70.11 33.88 -15.01
C PRO D 68 -69.07 34.54 -14.11
N ALA D 69 -68.77 33.97 -12.94
CA ALA D 69 -67.79 34.58 -12.06
C ALA D 69 -66.37 34.51 -12.61
N ARG D 70 -66.09 33.56 -13.51
CA ARG D 70 -64.75 33.43 -14.07
C ARG D 70 -64.45 34.47 -15.13
N ARG D 71 -65.48 35.08 -15.72
CA ARG D 71 -65.32 36.06 -16.80
C ARG D 71 -65.49 37.50 -16.31
N MET D 72 -65.60 37.71 -15.01
CA MET D 72 -66.01 39.02 -14.50
C MET D 72 -64.89 40.06 -14.58
N MET D 73 -63.63 39.63 -14.56
CA MET D 73 -62.49 40.54 -14.64
C MET D 73 -61.85 40.57 -16.03
N SER D 74 -62.53 40.08 -17.05
CA SER D 74 -61.98 40.08 -18.40
C SER D 74 -62.39 41.34 -19.14
N ASP D 75 -61.54 41.77 -20.07
CA ASP D 75 -61.81 42.95 -20.87
C ASP D 75 -62.46 42.63 -22.21
N ARG D 76 -62.73 41.36 -22.50
CA ARG D 76 -63.40 40.98 -23.73
C ARG D 76 -64.91 40.91 -23.52
N LYS D 77 -65.65 40.91 -24.62
CA LYS D 77 -67.11 40.88 -24.58
C LYS D 77 -67.58 39.44 -24.55
N TYR D 78 -68.09 39.01 -23.40
CA TYR D 78 -68.63 37.66 -23.23
C TYR D 78 -70.15 37.72 -23.09
N HIS D 79 -70.82 36.71 -23.63
CA HIS D 79 -72.26 36.53 -23.46
C HIS D 79 -72.46 35.17 -22.81
N CYS D 80 -72.82 35.18 -21.53
CA CYS D 80 -72.90 33.95 -20.75
C CYS D 80 -74.29 33.34 -20.89
N VAL D 81 -74.32 32.08 -21.32
CA VAL D 81 -75.56 31.32 -21.45
C VAL D 81 -75.64 30.39 -20.25
N CYS D 82 -76.55 30.71 -19.31
CA CYS D 82 -76.61 30.01 -18.02
C CYS D 82 -78.03 29.53 -17.75
N PRO D 83 -78.39 28.35 -18.23
CA PRO D 83 -79.59 27.69 -17.72
C PRO D 83 -79.32 27.09 -16.35
N MET D 84 -80.40 26.77 -15.64
CA MET D 84 -80.30 26.21 -14.30
C MET D 84 -80.80 24.78 -14.36
N ARG D 85 -79.88 23.86 -14.69
CA ARG D 85 -80.22 22.45 -14.86
C ARG D 85 -79.44 21.52 -13.96
N SER D 86 -78.44 22.01 -13.23
CA SER D 86 -77.66 21.19 -12.31
C SER D 86 -77.77 21.78 -10.91
N ALA D 87 -77.58 20.92 -9.91
CA ALA D 87 -77.72 21.32 -8.51
C ALA D 87 -76.63 22.26 -8.05
N GLU D 88 -75.53 22.40 -8.79
CA GLU D 88 -74.45 23.30 -8.43
C GLU D 88 -74.62 24.70 -9.02
N ASP D 89 -75.68 24.93 -9.77
CA ASP D 89 -75.89 26.21 -10.47
C ASP D 89 -76.36 27.34 -9.55
N PRO D 90 -77.32 27.11 -8.62
CA PRO D 90 -77.72 28.21 -7.74
C PRO D 90 -76.57 28.80 -6.93
N GLU D 91 -75.60 27.97 -6.54
CA GLU D 91 -74.46 28.50 -5.79
C GLU D 91 -73.56 29.34 -6.67
N ARG D 92 -73.41 28.95 -7.95
CA ARG D 92 -72.58 29.73 -8.86
C ARG D 92 -73.18 31.09 -9.14
N LEU D 93 -74.51 31.17 -9.24
CA LEU D 93 -75.16 32.45 -9.45
C LEU D 93 -74.97 33.39 -8.26
N ALA D 94 -75.07 32.85 -7.04
CA ALA D 94 -74.90 33.66 -5.85
C ALA D 94 -73.48 34.19 -5.74
N ASN D 95 -72.49 33.35 -6.08
CA ASN D 95 -71.10 33.79 -6.05
C ASN D 95 -70.85 34.91 -7.06
N TYR D 96 -71.58 34.91 -8.17
CA TYR D 96 -71.44 35.96 -9.16
C TYR D 96 -71.93 37.31 -8.62
N ALA D 97 -73.07 37.31 -7.93
CA ALA D 97 -73.63 38.55 -7.42
C ALA D 97 -72.78 39.13 -6.29
N ARG D 98 -72.23 38.27 -5.44
CA ARG D 98 -71.42 38.75 -4.33
C ARG D 98 -70.16 39.45 -4.82
N LYS D 99 -69.52 38.89 -5.86
CA LYS D 99 -68.30 39.48 -6.39
C LYS D 99 -68.58 40.79 -7.11
N LEU D 100 -69.75 40.91 -7.75
CA LEU D 100 -70.08 42.15 -8.46
C LEU D 100 -70.29 43.31 -7.49
N ALA D 101 -71.05 43.06 -6.42
CA ALA D 101 -71.35 44.13 -5.47
C ALA D 101 -70.11 44.56 -4.68
N SER D 102 -69.21 43.62 -4.39
CA SER D 102 -68.00 43.94 -3.65
C SER D 102 -66.95 44.64 -4.49
N ALA D 103 -67.15 44.74 -5.81
CA ALA D 103 -66.21 45.41 -6.68
C ALA D 103 -66.75 46.69 -7.30
N ALA D 104 -68.03 47.01 -7.07
CA ALA D 104 -68.60 48.23 -7.62
C ALA D 104 -67.97 49.45 -6.97
N GLY D 105 -67.55 50.40 -7.79
CA GLY D 105 -66.90 51.60 -7.32
C GLY D 105 -65.41 51.48 -7.08
N LYS D 106 -64.83 50.30 -7.31
CA LYS D 106 -63.40 50.08 -7.13
C LYS D 106 -62.68 49.69 -8.40
N VAL D 107 -63.35 49.03 -9.33
CA VAL D 107 -62.76 48.66 -10.61
C VAL D 107 -63.47 49.46 -11.70
N LEU D 108 -62.70 50.17 -12.52
CA LEU D 108 -63.26 51.05 -13.53
C LEU D 108 -63.00 50.61 -14.96
N ASP D 109 -61.91 49.87 -15.21
CA ASP D 109 -61.61 49.44 -16.57
C ASP D 109 -62.68 48.52 -17.13
N ARG D 110 -63.15 47.58 -16.32
CA ARG D 110 -64.18 46.64 -16.73
C ARG D 110 -65.55 47.28 -16.65
N ASN D 111 -66.48 46.73 -17.43
CA ASN D 111 -67.85 47.27 -17.49
C ASN D 111 -68.66 46.65 -16.36
N ILE D 112 -68.31 47.08 -15.14
CA ILE D 112 -68.95 46.55 -13.94
C ILE D 112 -70.38 47.06 -13.83
N SER D 113 -70.60 48.35 -14.12
CA SER D 113 -71.92 48.93 -13.97
C SER D 113 -72.93 48.30 -14.92
N GLY D 114 -72.51 48.04 -16.16
CA GLY D 114 -73.42 47.41 -17.11
C GLY D 114 -73.77 45.98 -16.73
N LYS D 115 -72.79 45.25 -16.19
CA LYS D 115 -73.05 43.87 -15.78
C LYS D 115 -74.06 43.81 -14.65
N ILE D 116 -73.97 44.73 -13.69
CA ILE D 116 -74.95 44.78 -12.60
C ILE D 116 -76.33 45.12 -13.15
N GLY D 117 -76.39 46.10 -14.05
CA GLY D 117 -77.67 46.46 -14.65
C GLY D 117 -78.27 45.34 -15.47
N ASP D 118 -77.41 44.54 -16.13
CA ASP D 118 -77.90 43.43 -16.93
C ASP D 118 -78.51 42.34 -16.04
N LEU D 119 -77.89 42.06 -14.89
CA LEU D 119 -78.40 41.03 -14.01
C LEU D 119 -79.77 41.38 -13.45
N GLN D 120 -79.98 42.66 -13.08
CA GLN D 120 -81.25 43.07 -12.51
C GLN D 120 -82.39 42.94 -13.51
N ALA D 121 -82.12 43.27 -14.78
CA ALA D 121 -83.18 43.21 -15.80
C ALA D 121 -83.68 41.79 -15.99
N VAL D 122 -82.78 40.81 -15.98
CA VAL D 122 -83.18 39.42 -16.17
C VAL D 122 -84.05 38.94 -15.02
N MET D 123 -83.75 39.40 -13.79
CA MET D 123 -84.53 38.98 -12.64
C MET D 123 -85.99 39.44 -12.75
N ALA D 124 -86.21 40.68 -13.21
CA ALA D 124 -87.56 41.19 -13.35
C ALA D 124 -88.33 40.44 -14.43
N VAL D 125 -87.74 40.32 -15.62
CA VAL D 125 -88.35 39.61 -16.74
C VAL D 125 -87.40 38.50 -17.18
N PRO D 126 -87.64 37.26 -16.78
CA PRO D 126 -86.71 36.17 -17.13
C PRO D 126 -86.91 35.65 -18.55
N ASP D 127 -87.04 36.55 -19.52
CA ASP D 127 -87.16 36.15 -20.91
C ASP D 127 -86.42 37.07 -21.87
N THR D 128 -85.71 38.08 -21.38
CA THR D 128 -85.05 39.05 -22.23
C THR D 128 -83.59 38.68 -22.45
N GLU D 129 -83.08 39.01 -23.63
CA GLU D 129 -81.67 38.80 -23.94
C GLU D 129 -80.90 40.08 -23.67
N THR D 130 -79.82 39.96 -22.91
CA THR D 130 -78.95 41.06 -22.56
C THR D 130 -77.57 40.85 -23.21
N PRO D 131 -76.79 41.92 -23.38
CA PRO D 131 -75.47 41.74 -24.01
C PRO D 131 -74.54 40.81 -23.25
N THR D 132 -74.74 40.60 -21.95
CA THR D 132 -73.82 39.81 -21.16
C THR D 132 -74.45 38.62 -20.43
N PHE D 133 -75.76 38.44 -20.48
CA PHE D 133 -76.38 37.39 -19.67
C PHE D 133 -77.73 37.01 -20.26
N CYS D 134 -78.06 35.72 -20.15
CA CYS D 134 -79.36 35.20 -20.54
C CYS D 134 -79.58 33.88 -19.81
N LEU D 135 -80.83 33.41 -19.81
CA LEU D 135 -81.23 32.21 -19.07
C LEU D 135 -81.66 31.08 -19.99
N HIS D 136 -81.32 31.13 -21.28
CA HIS D 136 -81.75 30.12 -22.22
C HIS D 136 -80.71 29.01 -22.30
N THR D 137 -80.94 28.04 -23.18
CA THR D 137 -80.00 26.97 -23.45
C THR D 137 -79.24 27.25 -24.74
N ASP D 138 -78.38 26.32 -25.12
CA ASP D 138 -77.57 26.50 -26.33
C ASP D 138 -78.39 26.42 -27.60
N VAL D 139 -79.65 25.99 -27.52
CA VAL D 139 -80.49 25.83 -28.70
C VAL D 139 -81.44 27.02 -28.82
N SER D 140 -81.97 27.50 -27.68
CA SER D 140 -82.99 28.52 -27.68
C SER D 140 -82.46 29.93 -27.52
N CYS D 141 -81.15 30.12 -27.37
CA CYS D 141 -80.59 31.46 -27.31
C CYS D 141 -80.67 32.13 -28.67
N ARG D 142 -80.82 33.44 -28.67
CA ARG D 142 -81.04 34.20 -29.90
C ARG D 142 -79.93 35.20 -30.20
N GLN D 143 -78.91 35.30 -29.35
CA GLN D 143 -77.82 36.23 -29.60
C GLN D 143 -76.91 35.74 -30.71
N ARG D 144 -76.41 36.67 -31.51
CA ARG D 144 -75.50 36.36 -32.62
C ARG D 144 -74.08 36.75 -32.25
N ALA D 145 -73.13 35.89 -32.59
CA ALA D 145 -71.72 36.13 -32.29
C ALA D 145 -70.88 35.47 -33.37
N ASP D 146 -69.58 35.36 -33.11
CA ASP D 146 -68.65 34.73 -34.05
C ASP D 146 -67.70 33.74 -33.41
N VAL D 147 -67.66 33.62 -32.08
CA VAL D 147 -66.83 32.65 -31.39
C VAL D 147 -67.66 31.98 -30.31
N ALA D 148 -67.47 30.66 -30.15
CA ALA D 148 -68.13 29.89 -29.12
C ALA D 148 -67.10 29.08 -28.35
N ILE D 149 -67.30 28.97 -27.04
CA ILE D 149 -66.35 28.30 -26.16
C ILE D 149 -67.09 27.31 -25.28
N TYR D 150 -66.58 26.07 -25.22
CA TYR D 150 -67.07 25.04 -24.31
C TYR D 150 -65.94 24.68 -23.35
N GLN D 151 -66.15 24.96 -22.06
CA GLN D 151 -65.14 24.68 -21.03
C GLN D 151 -65.72 23.63 -20.08
N ASP D 152 -65.21 22.41 -20.17
CA ASP D 152 -65.62 21.30 -19.31
C ASP D 152 -67.12 21.04 -19.39
N VAL D 153 -67.63 20.90 -20.62
CA VAL D 153 -69.04 20.63 -20.87
C VAL D 153 -69.14 19.24 -21.48
N TYR D 154 -69.90 18.35 -20.82
CA TYR D 154 -70.05 16.98 -21.27
C TYR D 154 -71.51 16.56 -21.44
N ALA D 155 -72.44 17.51 -21.47
CA ALA D 155 -73.86 17.19 -21.38
C ALA D 155 -74.64 17.53 -22.64
N VAL D 156 -73.99 17.74 -23.77
CA VAL D 156 -74.67 18.08 -25.00
C VAL D 156 -74.22 17.16 -26.13
N HIS D 157 -75.07 17.03 -27.14
CA HIS D 157 -74.75 16.26 -28.33
C HIS D 157 -74.01 17.15 -29.31
N ALA D 158 -72.78 16.78 -29.67
CA ALA D 158 -71.89 17.70 -30.37
C ALA D 158 -72.41 18.12 -31.75
N PRO D 159 -72.78 17.22 -32.67
CA PRO D 159 -73.25 17.70 -33.98
C PRO D 159 -74.50 18.57 -33.91
N THR D 160 -75.41 18.28 -32.98
CA THR D 160 -76.62 19.08 -32.87
C THR D 160 -76.32 20.47 -32.33
N SER D 161 -75.46 20.56 -31.31
CA SER D 161 -75.14 21.84 -30.71
C SER D 161 -74.38 22.73 -31.68
N LEU D 162 -73.44 22.16 -32.44
CA LEU D 162 -72.63 22.94 -33.37
C LEU D 162 -73.48 23.52 -34.50
N TYR D 163 -74.48 22.76 -34.97
CA TYR D 163 -75.31 23.22 -36.07
C TYR D 163 -76.08 24.48 -35.69
N HIS D 164 -76.61 24.52 -34.47
CA HIS D 164 -77.37 25.69 -34.03
C HIS D 164 -76.48 26.90 -33.83
N GLN D 165 -75.21 26.68 -33.49
CA GLN D 165 -74.27 27.80 -33.38
C GLN D 165 -73.93 28.37 -34.75
N ALA D 166 -73.86 27.51 -35.78
CA ALA D 166 -73.42 27.93 -37.10
C ALA D 166 -74.46 28.79 -37.82
N ILE D 167 -75.74 28.55 -37.59
CA ILE D 167 -76.79 29.27 -38.30
C ILE D 167 -76.96 30.66 -37.71
N LYS D 168 -76.21 30.96 -36.66
CA LYS D 168 -76.19 32.30 -36.06
C LYS D 168 -74.93 33.07 -36.41
N GLY D 169 -74.09 32.53 -37.30
CA GLY D 169 -72.92 33.25 -37.76
C GLY D 169 -71.62 32.91 -37.08
N VAL D 170 -71.58 31.85 -36.27
CA VAL D 170 -70.36 31.46 -35.57
C VAL D 170 -69.45 30.73 -36.55
N ARG D 171 -68.18 31.15 -36.60
CA ARG D 171 -67.21 30.54 -37.51
C ARG D 171 -66.08 29.80 -36.79
N LEU D 172 -65.97 29.91 -35.47
CA LEU D 172 -64.88 29.29 -34.73
C LEU D 172 -65.41 28.79 -33.39
N ALA D 173 -64.92 27.62 -32.97
CA ALA D 173 -65.35 27.01 -31.71
C ALA D 173 -64.16 26.34 -31.04
N TYR D 174 -64.23 26.25 -29.71
CA TYR D 174 -63.20 25.63 -28.90
C TYR D 174 -63.84 24.68 -27.88
N TRP D 175 -63.13 23.60 -27.57
CA TRP D 175 -63.60 22.61 -26.60
C TRP D 175 -62.44 22.19 -25.71
N VAL D 176 -62.62 22.28 -24.40
CA VAL D 176 -61.61 21.92 -23.42
C VAL D 176 -62.16 20.83 -22.52
N GLY D 177 -61.41 19.76 -22.35
CA GLY D 177 -61.86 18.66 -21.50
C GLY D 177 -60.89 17.51 -21.52
N PHE D 178 -61.32 16.42 -20.89
CA PHE D 178 -60.51 15.21 -20.82
C PHE D 178 -60.51 14.47 -22.16
N ASP D 179 -59.48 13.66 -22.37
CA ASP D 179 -59.36 12.89 -23.60
C ASP D 179 -60.45 11.83 -23.67
N THR D 180 -61.05 11.69 -24.85
CA THR D 180 -62.14 10.74 -25.07
C THR D 180 -61.67 9.41 -25.65
N THR D 181 -60.36 9.23 -25.84
CA THR D 181 -59.85 8.00 -26.43
C THR D 181 -60.18 6.75 -25.61
N PRO D 182 -60.02 6.71 -24.28
CA PRO D 182 -60.31 5.46 -23.56
C PRO D 182 -61.75 5.00 -23.69
N PHE D 183 -62.69 5.90 -23.97
CA PHE D 183 -64.08 5.51 -24.12
C PHE D 183 -64.40 4.97 -25.52
N MET D 184 -63.52 5.21 -26.49
CA MET D 184 -63.70 4.60 -27.80
C MET D 184 -63.19 3.17 -27.84
N TYR D 185 -62.33 2.78 -26.91
CA TYR D 185 -61.89 1.40 -26.76
C TYR D 185 -62.83 0.56 -25.91
N ASN D 186 -63.86 1.19 -25.32
CA ASN D 186 -64.92 0.48 -24.57
C ASN D 186 -64.36 -0.19 -23.32
N ALA D 187 -63.59 0.57 -22.54
CA ALA D 187 -63.06 0.05 -21.29
C ALA D 187 -64.12 0.13 -20.18
N MET D 188 -63.88 -0.64 -19.12
CA MET D 188 -64.80 -0.66 -17.98
C MET D 188 -64.36 0.29 -16.87
N ALA D 189 -63.07 0.55 -16.73
CA ALA D 189 -62.55 1.48 -15.73
C ALA D 189 -61.20 1.99 -16.19
N GLY D 190 -60.75 3.08 -15.58
CA GLY D 190 -59.50 3.68 -15.98
C GLY D 190 -59.10 4.78 -15.03
N ALA D 191 -57.93 5.38 -15.31
CA ALA D 191 -57.36 6.40 -14.45
C ALA D 191 -56.68 7.49 -15.28
N TYR D 192 -56.56 8.67 -14.67
CA TYR D 192 -55.74 9.76 -15.17
C TYR D 192 -54.77 10.13 -14.06
N PRO D 193 -53.67 9.40 -13.91
CA PRO D 193 -52.86 9.53 -12.68
C PRO D 193 -52.29 10.91 -12.44
N SER D 194 -51.98 11.68 -13.49
CA SER D 194 -51.37 12.99 -13.28
C SER D 194 -52.34 14.01 -12.70
N TYR D 195 -53.64 13.78 -12.81
CA TYR D 195 -54.64 14.72 -12.33
C TYR D 195 -55.43 14.18 -11.14
N SER D 196 -54.98 13.07 -10.55
CA SER D 196 -55.65 12.44 -9.41
C SER D 196 -57.11 12.14 -9.73
N THR D 197 -57.36 11.61 -10.92
CA THR D 197 -58.70 11.33 -11.40
C THR D 197 -58.87 9.83 -11.66
N ASN D 198 -59.98 9.29 -11.16
CA ASN D 198 -60.37 7.90 -11.41
C ASN D 198 -61.83 7.85 -11.82
N TRP D 199 -62.16 6.89 -12.68
CA TRP D 199 -63.53 6.70 -13.14
C TRP D 199 -63.82 5.21 -13.21
N ALA D 200 -65.10 4.86 -13.16
CA ALA D 200 -65.50 3.47 -13.20
C ALA D 200 -66.94 3.35 -13.68
N ASP D 201 -67.27 2.18 -14.24
CA ASP D 201 -68.64 1.86 -14.59
C ASP D 201 -69.46 1.61 -13.33
N GLU D 202 -70.76 1.87 -13.44
CA GLU D 202 -71.65 1.74 -12.28
C GLU D 202 -71.71 0.29 -11.78
N GLN D 203 -71.50 -0.68 -12.67
CA GLN D 203 -71.64 -2.08 -12.28
C GLN D 203 -70.47 -2.61 -11.46
N VAL D 204 -69.34 -1.90 -11.43
CA VAL D 204 -68.15 -2.40 -10.74
C VAL D 204 -67.75 -1.49 -9.58
N LEU D 205 -68.69 -0.75 -9.02
CA LEU D 205 -68.38 0.13 -7.90
C LEU D 205 -68.08 -0.62 -6.61
N LYS D 206 -68.35 -1.92 -6.56
CA LYS D 206 -68.09 -2.73 -5.37
C LYS D 206 -66.87 -3.63 -5.55
N ALA D 207 -65.90 -3.21 -6.34
CA ALA D 207 -64.69 -3.99 -6.58
C ALA D 207 -63.75 -3.83 -5.39
N LYS D 208 -62.51 -4.31 -5.53
CA LYS D 208 -61.57 -4.31 -4.43
C LYS D 208 -60.27 -3.55 -4.72
N ASN D 209 -59.73 -3.66 -5.93
CA ASN D 209 -58.39 -3.16 -6.20
C ASN D 209 -58.33 -2.23 -7.40
N ILE D 210 -59.36 -1.41 -7.60
CA ILE D 210 -59.29 -0.37 -8.63
C ILE D 210 -59.31 0.98 -7.93
N GLY D 211 -59.21 2.06 -8.71
CA GLY D 211 -59.06 3.38 -8.12
C GLY D 211 -60.28 3.85 -7.35
N LEU D 212 -61.47 3.52 -7.83
CA LEU D 212 -62.73 4.02 -7.26
C LEU D 212 -63.63 2.84 -6.94
N CYS D 213 -63.63 2.40 -5.69
CA CYS D 213 -64.39 1.23 -5.28
C CYS D 213 -64.47 1.18 -3.76
N SER D 214 -65.35 0.31 -3.26
CA SER D 214 -65.50 0.05 -1.84
C SER D 214 -66.09 -1.34 -1.64
N THR D 215 -65.60 -2.07 -0.64
CA THR D 215 -66.06 -3.43 -0.39
C THR D 215 -66.08 -3.68 1.11
N ASP D 216 -66.40 -4.91 1.51
CA ASP D 216 -66.53 -5.28 2.91
C ASP D 216 -65.71 -6.54 3.20
N LEU D 217 -65.64 -6.87 4.49
CA LEU D 217 -65.01 -8.10 4.93
C LEU D 217 -66.04 -9.22 5.05
N THR D 218 -65.68 -10.42 4.61
CA THR D 218 -66.59 -11.54 4.66
C THR D 218 -65.81 -12.84 4.79
N GLU D 219 -66.49 -13.87 5.29
CA GLU D 219 -65.89 -15.18 5.45
C GLU D 219 -66.08 -16.08 4.24
N GLY D 220 -67.13 -15.87 3.46
CA GLY D 220 -67.36 -16.65 2.26
C GLY D 220 -68.45 -17.69 2.39
N ARG D 221 -69.63 -17.39 1.86
CA ARG D 221 -70.74 -18.34 1.84
C ARG D 221 -70.81 -18.99 0.46
N ARG D 222 -71.82 -19.83 0.24
CA ARG D 222 -71.89 -20.57 -1.01
C ARG D 222 -73.23 -20.41 -1.72
N GLY D 223 -74.33 -20.33 -0.98
CA GLY D 223 -75.64 -20.38 -1.61
C GLY D 223 -75.96 -19.22 -2.53
N LYS D 224 -76.23 -18.04 -1.95
CA LYS D 224 -76.65 -16.85 -2.69
C LYS D 224 -77.63 -17.22 -3.81
N LEU D 225 -78.71 -17.87 -3.42
CA LEU D 225 -79.64 -18.48 -4.37
C LEU D 225 -80.41 -17.39 -5.11
N SER D 226 -80.00 -17.12 -6.34
CA SER D 226 -80.69 -16.19 -7.23
C SER D 226 -80.91 -16.90 -8.57
N ILE D 227 -82.16 -17.23 -8.86
CA ILE D 227 -82.47 -18.01 -10.05
C ILE D 227 -82.14 -17.22 -11.30
N MET D 228 -82.50 -15.93 -11.33
CA MET D 228 -82.23 -15.09 -12.49
C MET D 228 -80.73 -14.96 -12.70
N ARG D 229 -80.31 -15.14 -13.96
CA ARG D 229 -78.89 -15.18 -14.31
C ARG D 229 -78.48 -13.88 -14.98
N GLY D 230 -77.42 -13.26 -14.48
CA GLY D 230 -76.78 -12.19 -15.22
C GLY D 230 -76.10 -12.71 -16.47
N LYS D 231 -75.21 -13.69 -16.31
CA LYS D 231 -74.64 -14.48 -17.40
C LYS D 231 -73.76 -13.65 -18.32
N LYS D 232 -73.65 -12.35 -18.07
CA LYS D 232 -72.93 -11.46 -18.97
C LYS D 232 -72.65 -10.16 -18.25
N LEU D 233 -71.47 -9.59 -18.50
CA LEU D 233 -71.03 -8.35 -17.86
C LEU D 233 -70.37 -7.48 -18.93
N GLU D 234 -71.10 -6.48 -19.41
CA GLU D 234 -70.61 -5.58 -20.44
C GLU D 234 -70.87 -4.14 -20.01
N PRO D 235 -70.10 -3.20 -20.55
CA PRO D 235 -70.27 -1.79 -20.15
C PRO D 235 -71.66 -1.26 -20.45
N CYS D 236 -72.15 -0.38 -19.57
N CYS D 236 -72.14 -0.39 -19.57
CA CYS D 236 -73.43 0.27 -19.71
CA CYS D 236 -73.44 0.27 -19.69
C CYS D 236 -73.23 1.77 -19.84
C CYS D 236 -73.24 1.76 -19.87
N ASP D 237 -74.35 2.49 -19.95
CA ASP D 237 -74.28 3.93 -20.20
C ASP D 237 -73.74 4.72 -19.02
N ARG D 238 -74.10 4.35 -17.79
CA ARG D 238 -73.78 5.17 -16.63
C ARG D 238 -72.32 5.03 -16.24
N VAL D 239 -71.66 6.16 -16.01
CA VAL D 239 -70.25 6.21 -15.62
C VAL D 239 -70.07 7.30 -14.57
N LEU D 240 -69.25 7.00 -13.56
CA LEU D 240 -68.98 7.93 -12.47
C LEU D 240 -67.57 8.47 -12.59
N PHE D 241 -67.40 9.78 -12.39
CA PHE D 241 -66.11 10.45 -12.43
C PHE D 241 -65.78 11.00 -11.05
N SER D 242 -64.50 11.01 -10.72
CA SER D 242 -64.03 11.52 -9.43
C SER D 242 -62.73 12.30 -9.65
N VAL D 243 -62.83 13.63 -9.68
CA VAL D 243 -61.68 14.51 -9.81
C VAL D 243 -61.35 15.03 -8.42
N GLY D 244 -60.20 14.62 -7.88
CA GLY D 244 -59.88 14.94 -6.51
C GLY D 244 -60.85 14.28 -5.56
N SER D 245 -61.73 15.07 -4.94
CA SER D 245 -62.81 14.55 -4.12
C SER D 245 -64.17 15.01 -4.60
N THR D 246 -64.28 15.41 -5.87
CA THR D 246 -65.53 15.88 -6.45
C THR D 246 -66.08 14.82 -7.39
N LEU D 247 -67.37 14.51 -7.25
CA LEU D 247 -68.02 13.44 -8.00
C LEU D 247 -68.88 14.02 -9.12
N TYR D 248 -68.75 13.43 -10.31
CA TYR D 248 -69.52 13.85 -11.48
C TYR D 248 -70.05 12.63 -12.23
N PRO D 249 -71.36 12.53 -12.45
CA PRO D 249 -71.89 11.47 -13.31
C PRO D 249 -71.89 11.89 -14.78
N GLU D 250 -71.57 10.93 -15.65
CA GLU D 250 -71.51 11.19 -17.09
C GLU D 250 -72.26 10.09 -17.83
N SER D 251 -72.37 10.28 -19.15
CA SER D 251 -73.03 9.34 -20.04
C SER D 251 -72.09 8.97 -21.18
N ARG D 252 -72.05 7.68 -21.52
CA ARG D 252 -71.12 7.19 -22.53
C ARG D 252 -71.48 7.73 -23.92
N LYS D 253 -72.77 7.85 -24.22
CA LYS D 253 -73.19 8.28 -25.55
C LYS D 253 -72.72 9.70 -25.86
N LEU D 254 -72.85 10.61 -24.88
CA LEU D 254 -72.48 11.99 -25.12
C LEU D 254 -70.96 12.18 -25.14
N LEU D 255 -70.23 11.39 -24.35
CA LEU D 255 -68.77 11.48 -24.37
C LEU D 255 -68.20 11.11 -25.73
N LYS D 256 -68.74 10.05 -26.34
CA LYS D 256 -68.21 9.58 -27.62
C LYS D 256 -68.58 10.53 -28.75
N SER D 257 -69.58 11.38 -28.56
CA SER D 257 -70.02 12.28 -29.63
C SER D 257 -69.03 13.42 -29.87
N TRP D 258 -68.11 13.66 -28.95
CA TRP D 258 -67.10 14.70 -29.13
C TRP D 258 -65.81 14.17 -29.74
N HIS D 259 -65.76 12.87 -30.06
CA HIS D 259 -64.62 12.27 -30.76
C HIS D 259 -64.86 12.43 -32.25
N LEU D 260 -64.69 13.66 -32.73
CA LEU D 260 -65.06 14.01 -34.09
C LEU D 260 -63.93 13.68 -35.07
N PRO D 261 -64.26 13.35 -36.31
CA PRO D 261 -63.24 13.12 -37.33
C PRO D 261 -62.62 14.44 -37.77
N SER D 262 -61.61 14.34 -38.64
CA SER D 262 -60.91 15.54 -39.08
C SER D 262 -61.75 16.38 -40.02
N VAL D 263 -62.69 15.77 -40.74
CA VAL D 263 -63.53 16.48 -41.71
C VAL D 263 -64.93 15.86 -41.67
N PHE D 264 -65.95 16.72 -41.65
CA PHE D 264 -67.33 16.24 -41.64
C PHE D 264 -68.24 17.32 -42.20
N HIS D 265 -69.47 16.90 -42.54
CA HIS D 265 -70.47 17.77 -43.17
C HIS D 265 -71.70 17.88 -42.29
N LEU D 266 -72.31 19.05 -42.28
CA LEU D 266 -73.58 19.30 -41.60
C LEU D 266 -74.61 19.69 -42.65
N LYS D 267 -75.59 18.83 -42.89
CA LYS D 267 -76.55 19.00 -43.96
C LYS D 267 -77.93 19.25 -43.37
N GLY D 268 -78.51 20.41 -43.67
CA GLY D 268 -79.86 20.74 -43.24
C GLY D 268 -80.50 21.76 -44.17
N LYS D 269 -81.22 22.73 -43.60
CA LYS D 269 -81.69 23.85 -44.40
C LYS D 269 -80.51 24.64 -44.97
N LEU D 270 -79.48 24.83 -44.17
CA LEU D 270 -78.20 25.37 -44.61
C LEU D 270 -77.13 24.29 -44.43
N SER D 271 -76.13 24.33 -45.29
CA SER D 271 -75.08 23.31 -45.32
C SER D 271 -73.74 23.94 -44.95
N PHE D 272 -72.92 23.16 -44.25
CA PHE D 272 -71.63 23.64 -43.77
C PHE D 272 -70.59 22.53 -43.92
N THR D 273 -69.32 22.95 -44.03
CA THR D 273 -68.18 22.05 -44.08
C THR D 273 -67.26 22.40 -42.91
N CYS D 274 -66.87 21.38 -42.14
CA CYS D 274 -66.22 21.61 -40.86
C CYS D 274 -64.92 20.81 -40.77
N ARG D 275 -64.04 21.29 -39.89
CA ARG D 275 -62.73 20.69 -39.66
C ARG D 275 -62.43 20.72 -38.16
N CYS D 276 -61.84 19.64 -37.66
CA CYS D 276 -61.51 19.52 -36.24
C CYS D 276 -60.03 19.20 -36.09
N ASP D 277 -59.38 19.85 -35.12
CA ASP D 277 -57.95 19.72 -34.94
C ASP D 277 -57.60 19.88 -33.46
N THR D 278 -56.60 19.13 -33.01
CA THR D 278 -56.13 19.18 -31.63
C THR D 278 -54.87 20.02 -31.56
N VAL D 279 -54.87 21.01 -30.68
CA VAL D 279 -53.77 21.97 -30.61
C VAL D 279 -52.94 21.83 -29.34
N VAL D 280 -53.52 21.38 -28.23
CA VAL D 280 -52.80 21.20 -26.98
C VAL D 280 -53.11 19.81 -26.43
N SER D 281 -52.11 19.18 -25.82
CA SER D 281 -52.29 17.86 -25.23
C SER D 281 -51.28 17.69 -24.10
N CYS D 282 -51.75 17.32 -22.92
CA CYS D 282 -50.85 17.12 -21.77
C CYS D 282 -51.43 16.03 -20.88
N GLU D 283 -50.96 14.80 -21.09
CA GLU D 283 -51.23 13.66 -20.22
C GLU D 283 -52.73 13.42 -20.01
N GLY D 284 -53.48 13.47 -21.10
CA GLY D 284 -54.90 13.17 -21.05
C GLY D 284 -55.83 14.37 -21.06
N TYR D 285 -55.29 15.58 -21.08
CA TYR D 285 -56.08 16.81 -21.15
C TYR D 285 -55.80 17.48 -22.49
N VAL D 286 -56.84 17.85 -23.22
CA VAL D 286 -56.71 18.32 -24.58
C VAL D 286 -57.48 19.61 -24.80
N VAL D 287 -57.11 20.32 -25.87
CA VAL D 287 -57.85 21.47 -26.38
C VAL D 287 -58.08 21.23 -27.87
N LYS D 288 -59.33 21.43 -28.30
CA LYS D 288 -59.71 21.20 -29.69
C LYS D 288 -60.20 22.49 -30.33
N ARG D 289 -59.97 22.61 -31.64
CA ARG D 289 -60.33 23.78 -32.42
C ARG D 289 -61.13 23.35 -33.64
N ILE D 290 -62.28 23.99 -33.83
CA ILE D 290 -63.23 23.60 -34.88
C ILE D 290 -63.60 24.84 -35.69
N THR D 291 -63.55 24.73 -37.01
CA THR D 291 -63.97 25.79 -37.92
C THR D 291 -65.12 25.30 -38.79
N MET D 292 -66.01 26.23 -39.15
CA MET D 292 -67.16 25.92 -40.00
C MET D 292 -67.28 26.95 -41.11
N SER D 293 -67.56 26.48 -42.32
CA SER D 293 -67.71 27.33 -43.48
C SER D 293 -68.95 26.93 -44.26
N PRO D 294 -69.61 27.89 -44.92
CA PRO D 294 -70.82 27.55 -45.69
C PRO D 294 -70.49 26.81 -46.98
N GLY D 295 -71.38 25.88 -47.35
CA GLY D 295 -71.22 25.12 -48.57
C GLY D 295 -70.71 23.71 -48.31
N LEU D 296 -70.66 22.94 -49.39
CA LEU D 296 -70.21 21.56 -49.36
C LEU D 296 -69.01 21.41 -50.30
N TYR D 297 -67.86 21.05 -49.74
CA TYR D 297 -66.63 20.91 -50.51
C TYR D 297 -65.92 19.62 -50.12
N GLY D 298 -65.28 18.98 -51.10
CA GLY D 298 -64.48 17.81 -50.83
C GLY D 298 -65.29 16.56 -50.54
N LYS D 299 -64.62 15.58 -49.95
CA LYS D 299 -65.24 14.33 -49.56
C LYS D 299 -64.70 13.90 -48.21
N THR D 300 -65.41 12.99 -47.56
CA THR D 300 -65.10 12.54 -46.21
C THR D 300 -64.73 11.06 -46.22
N THR D 301 -63.87 10.69 -45.26
CA THR D 301 -63.50 9.30 -45.05
C THR D 301 -64.07 8.71 -43.77
N GLY D 302 -64.14 9.50 -42.69
CA GLY D 302 -64.70 9.01 -41.45
C GLY D 302 -63.70 8.44 -40.47
N TYR D 303 -62.46 8.91 -40.48
CA TYR D 303 -61.42 8.42 -39.58
C TYR D 303 -61.01 9.49 -38.59
N ALA D 304 -60.82 9.10 -37.35
CA ALA D 304 -60.31 9.97 -36.29
C ALA D 304 -58.98 9.43 -35.79
N VAL D 305 -58.01 10.32 -35.62
CA VAL D 305 -56.63 9.94 -35.32
C VAL D 305 -56.22 10.57 -34.00
N THR D 306 -55.55 9.78 -33.16
CA THR D 306 -55.01 10.24 -31.89
C THR D 306 -53.52 9.96 -31.85
N HIS D 307 -52.73 10.97 -31.49
CA HIS D 307 -51.28 10.85 -31.40
C HIS D 307 -50.87 10.67 -29.94
N HIS D 308 -50.03 9.67 -29.69
CA HIS D 308 -49.62 9.33 -28.32
C HIS D 308 -48.21 9.84 -28.08
N ALA D 309 -48.08 10.81 -27.18
CA ALA D 309 -46.77 11.28 -26.75
C ALA D 309 -46.16 10.40 -25.68
N ASP D 310 -47.01 9.75 -24.87
CA ASP D 310 -46.57 8.75 -23.90
C ASP D 310 -47.32 7.45 -24.13
N GLY D 311 -47.03 6.46 -23.30
CA GLY D 311 -47.64 5.16 -23.46
C GLY D 311 -49.10 5.13 -23.06
N PHE D 312 -49.86 4.27 -23.74
CA PHE D 312 -51.26 4.02 -23.43
C PHE D 312 -51.48 2.52 -23.34
N LEU D 313 -52.17 2.08 -22.29
CA LEU D 313 -52.32 0.66 -22.01
C LEU D 313 -53.79 0.30 -21.80
N MET D 314 -54.12 -0.94 -22.13
CA MET D 314 -55.43 -1.50 -21.85
C MET D 314 -55.26 -3.01 -21.70
N CYS D 315 -55.66 -3.55 -20.55
CA CYS D 315 -55.37 -4.95 -20.23
C CYS D 315 -56.57 -5.58 -19.54
N LYS D 316 -56.52 -6.90 -19.43
CA LYS D 316 -57.53 -7.68 -18.73
C LYS D 316 -57.08 -7.97 -17.31
N THR D 317 -57.98 -7.82 -16.36
CA THR D 317 -57.66 -8.00 -14.95
C THR D 317 -58.76 -8.81 -14.28
N THR D 318 -58.39 -9.47 -13.18
CA THR D 318 -59.29 -10.31 -12.41
C THR D 318 -59.47 -9.73 -11.01
N ASP D 319 -60.72 -9.60 -10.58
CA ASP D 319 -61.03 -9.02 -9.28
C ASP D 319 -62.31 -9.67 -8.76
N THR D 320 -62.64 -9.36 -7.51
CA THR D 320 -63.88 -9.83 -6.90
C THR D 320 -64.82 -8.64 -6.72
N VAL D 321 -66.02 -8.76 -7.28
CA VAL D 321 -67.04 -7.73 -7.17
C VAL D 321 -68.15 -8.27 -6.28
N ASP D 322 -68.33 -7.67 -5.11
CA ASP D 322 -69.28 -8.14 -4.11
C ASP D 322 -69.00 -9.58 -3.71
N GLY D 323 -67.71 -9.94 -3.66
CA GLY D 323 -67.30 -11.26 -3.25
C GLY D 323 -67.21 -12.30 -4.36
N GLU D 324 -67.60 -11.95 -5.58
CA GLU D 324 -67.61 -12.90 -6.70
C GLU D 324 -66.52 -12.54 -7.69
N ARG D 325 -65.73 -13.53 -8.09
CA ARG D 325 -64.59 -13.32 -8.97
C ARG D 325 -65.06 -13.15 -10.42
N VAL D 326 -64.58 -12.08 -11.07
CA VAL D 326 -64.94 -11.74 -12.43
C VAL D 326 -63.71 -11.16 -13.13
N SER D 327 -63.87 -10.85 -14.41
CA SER D 327 -62.80 -10.28 -15.22
C SER D 327 -63.34 -9.17 -16.11
N PHE D 328 -62.56 -8.08 -16.24
CA PHE D 328 -62.93 -6.97 -17.10
C PHE D 328 -61.66 -6.21 -17.47
N SER D 329 -61.82 -5.11 -18.20
CA SER D 329 -60.71 -4.37 -18.79
C SER D 329 -60.49 -3.04 -18.09
N VAL D 330 -59.24 -2.59 -18.10
CA VAL D 330 -58.79 -1.38 -17.40
C VAL D 330 -57.75 -0.68 -18.26
N CYS D 331 -57.74 0.65 -18.24
CA CYS D 331 -56.80 1.45 -19.01
C CYS D 331 -56.10 2.47 -18.11
N THR D 332 -54.96 2.95 -18.58
CA THR D 332 -54.14 3.91 -17.84
C THR D 332 -53.10 4.51 -18.77
N TYR D 333 -52.36 5.51 -18.26
CA TYR D 333 -51.29 6.17 -19.00
C TYR D 333 -49.96 5.91 -18.32
N VAL D 334 -48.89 5.83 -19.11
CA VAL D 334 -47.56 5.52 -18.61
C VAL D 334 -46.56 6.56 -19.11
N PRO D 335 -45.67 7.06 -18.26
CA PRO D 335 -44.68 8.05 -18.73
C PRO D 335 -43.72 7.48 -19.77
N ALA D 336 -43.26 8.36 -20.65
CA ALA D 336 -42.47 7.93 -21.81
C ALA D 336 -41.10 7.41 -21.40
N THR D 337 -40.48 8.02 -20.37
CA THR D 337 -39.15 7.60 -19.96
C THR D 337 -39.15 6.16 -19.46
N ILE D 338 -40.18 5.77 -18.71
CA ILE D 338 -40.27 4.41 -18.21
C ILE D 338 -40.50 3.43 -19.36
N CYS D 339 -41.30 3.84 -20.35
CA CYS D 339 -41.54 2.98 -21.50
C CYS D 339 -40.27 2.70 -22.28
N ASP D 340 -39.41 3.71 -22.41
CA ASP D 340 -38.18 3.52 -23.19
C ASP D 340 -37.15 2.68 -22.45
N GLN D 341 -37.25 2.58 -21.13
CA GLN D 341 -36.27 1.84 -20.36
C GLN D 341 -36.62 0.36 -20.18
N MET D 342 -37.77 -0.08 -20.69
CA MET D 342 -38.14 -1.49 -20.63
C MET D 342 -38.07 -2.18 -21.99
N THR D 343 -37.47 -1.54 -22.98
CA THR D 343 -37.40 -2.14 -24.32
C THR D 343 -36.56 -3.41 -24.31
N GLY D 344 -35.41 -3.38 -23.63
CA GLY D 344 -34.55 -4.55 -23.59
C GLY D 344 -35.15 -5.72 -22.82
N ILE D 345 -35.82 -5.43 -21.71
CA ILE D 345 -36.36 -6.49 -20.87
C ILE D 345 -37.45 -7.26 -21.60
N LEU D 346 -38.32 -6.56 -22.32
CA LEU D 346 -39.45 -7.18 -22.99
C LEU D 346 -39.06 -7.97 -24.23
N ALA D 347 -37.76 -8.15 -24.49
CA ALA D 347 -37.34 -8.97 -25.63
C ALA D 347 -37.57 -10.45 -25.39
N THR D 348 -37.68 -10.87 -24.13
CA THR D 348 -37.92 -12.25 -23.75
C THR D 348 -39.12 -12.33 -22.82
N GLU D 349 -39.45 -13.55 -22.42
CA GLU D 349 -40.59 -13.75 -21.52
C GLU D 349 -40.18 -13.47 -20.09
N VAL D 350 -41.05 -12.76 -19.36
CA VAL D 350 -40.79 -12.35 -17.99
C VAL D 350 -42.05 -12.57 -17.17
N THR D 351 -41.86 -13.00 -15.92
CA THR D 351 -42.99 -13.23 -15.03
C THR D 351 -43.49 -11.91 -14.43
N PRO D 352 -44.77 -11.85 -14.03
CA PRO D 352 -45.28 -10.61 -13.45
C PRO D 352 -44.54 -10.18 -12.18
N GLU D 353 -44.04 -11.13 -11.40
CA GLU D 353 -43.33 -10.78 -10.17
C GLU D 353 -42.00 -10.09 -10.48
N ASP D 354 -41.28 -10.58 -11.50
CA ASP D 354 -39.99 -9.99 -11.82
C ASP D 354 -40.15 -8.63 -12.49
N ALA D 355 -41.23 -8.44 -13.25
CA ALA D 355 -41.48 -7.15 -13.87
C ALA D 355 -41.79 -6.08 -12.83
N GLN D 356 -42.48 -6.47 -11.75
CA GLN D 356 -42.82 -5.51 -10.71
C GLN D 356 -41.57 -4.99 -10.01
N LYS D 357 -40.60 -5.86 -9.74
CA LYS D 357 -39.40 -5.44 -9.05
C LYS D 357 -38.55 -4.51 -9.92
N LEU D 358 -38.51 -4.76 -11.23
CA LEU D 358 -37.77 -3.88 -12.11
C LEU D 358 -38.40 -2.50 -12.20
N LEU D 359 -39.73 -2.44 -12.22
CA LEU D 359 -40.42 -1.15 -12.31
C LEU D 359 -40.19 -0.31 -11.06
N VAL D 360 -40.14 -0.96 -9.89
CA VAL D 360 -39.90 -0.23 -8.65
C VAL D 360 -38.51 0.38 -8.65
N GLY D 361 -37.52 -0.35 -9.15
CA GLY D 361 -36.16 0.17 -9.20
C GLY D 361 -36.04 1.39 -10.10
N LEU D 362 -36.72 1.35 -11.26
CA LEU D 362 -36.67 2.48 -12.18
C LEU D 362 -37.44 3.69 -11.63
N ASN D 363 -38.56 3.44 -10.94
CA ASN D 363 -39.39 4.54 -10.46
C ASN D 363 -38.73 5.25 -9.29
N GLN D 364 -38.49 4.53 -8.19
CA GLN D 364 -37.93 5.11 -6.98
C GLN D 364 -36.40 5.21 -7.09
N ARG D 365 -35.96 6.18 -7.88
CA ARG D 365 -34.54 6.43 -8.08
C ARG D 365 -34.22 7.91 -7.95
N THR D 376 -38.48 10.88 -4.66
CA THR D 376 -39.08 11.26 -5.93
C THR D 376 -39.63 10.06 -6.68
N ASN D 377 -40.80 10.23 -7.28
CA ASN D 377 -41.47 9.17 -8.03
C ASN D 377 -41.88 9.71 -9.39
N THR D 378 -41.53 8.96 -10.45
CA THR D 378 -41.95 9.35 -11.79
C THR D 378 -43.43 9.05 -12.02
N MET D 379 -43.90 7.90 -11.55
CA MET D 379 -45.30 7.52 -11.67
C MET D 379 -45.86 7.15 -10.30
N LYS D 380 -47.18 7.16 -10.20
CA LYS D 380 -47.85 6.80 -8.96
C LYS D 380 -47.76 5.30 -8.71
N ASN D 381 -47.55 4.93 -7.45
CA ASN D 381 -47.24 3.54 -7.13
C ASN D 381 -48.47 2.63 -7.16
N TYR D 382 -49.68 3.18 -7.07
CA TYR D 382 -50.86 2.33 -6.99
C TYR D 382 -51.26 1.73 -8.32
N MET D 383 -50.69 2.18 -9.43
CA MET D 383 -50.95 1.59 -10.74
C MET D 383 -49.86 0.62 -11.18
N ILE D 384 -48.81 0.45 -10.39
CA ILE D 384 -47.70 -0.41 -10.80
C ILE D 384 -48.12 -1.87 -10.94
N PRO D 385 -48.87 -2.48 -10.01
CA PRO D 385 -49.20 -3.91 -10.19
C PRO D 385 -49.93 -4.25 -11.47
N VAL D 386 -50.83 -3.39 -11.96
CA VAL D 386 -51.53 -3.73 -13.20
C VAL D 386 -50.66 -3.46 -14.41
N VAL D 387 -49.70 -2.54 -14.31
CA VAL D 387 -48.79 -2.27 -15.41
C VAL D 387 -47.83 -3.44 -15.59
N ALA D 388 -47.33 -3.99 -14.49
CA ALA D 388 -46.41 -5.14 -14.57
C ALA D 388 -47.10 -6.35 -15.18
N GLN D 389 -48.36 -6.59 -14.80
CA GLN D 389 -49.10 -7.71 -15.36
C GLN D 389 -49.34 -7.51 -16.86
N ALA D 390 -49.67 -6.29 -17.27
CA ALA D 390 -49.95 -6.03 -18.68
C ALA D 390 -48.69 -6.21 -19.52
N PHE D 391 -47.54 -5.80 -19.00
CA PHE D 391 -46.29 -5.96 -19.76
C PHE D 391 -45.92 -7.42 -19.92
N SER D 392 -46.22 -8.24 -18.91
CA SER D 392 -45.85 -9.66 -18.97
C SER D 392 -46.64 -10.39 -20.06
N LYS D 393 -47.93 -10.07 -20.19
CA LYS D 393 -48.74 -10.75 -21.20
C LYS D 393 -48.42 -10.26 -22.60
N TRP D 394 -48.02 -8.99 -22.74
CA TRP D 394 -47.68 -8.47 -24.05
C TRP D 394 -46.43 -9.15 -24.61
N ALA D 395 -45.43 -9.39 -23.76
CA ALA D 395 -44.22 -10.06 -24.21
C ALA D 395 -44.50 -11.49 -24.62
N LYS D 396 -45.38 -12.18 -23.89
CA LYS D 396 -45.70 -13.57 -24.22
C LYS D 396 -46.41 -13.67 -25.57
N GLU D 397 -47.33 -12.76 -25.86
CA GLU D 397 -48.07 -12.84 -27.10
C GLU D 397 -47.19 -12.52 -28.30
N CYS D 398 -46.25 -11.60 -28.15
CA CYS D 398 -45.32 -11.29 -29.23
C CYS D 398 -44.44 -12.49 -29.56
N ARG D 399 -43.97 -13.20 -28.53
CA ARG D 399 -43.16 -14.39 -28.75
C ARG D 399 -43.94 -15.48 -29.47
N LYS D 400 -45.22 -15.61 -29.14
CA LYS D 400 -46.05 -16.65 -29.76
C LYS D 400 -46.25 -16.36 -31.25
N ASP D 401 -46.35 -15.09 -31.62
CA ASP D 401 -46.54 -14.74 -33.03
C ASP D 401 -45.32 -15.08 -33.86
N MET D 402 -44.12 -14.92 -33.29
CA MET D 402 -42.90 -15.15 -34.05
C MET D 402 -42.70 -16.62 -34.38
N GLU D 403 -43.27 -17.52 -33.57
CA GLU D 403 -43.08 -18.96 -33.75
C GLU D 403 -44.17 -19.60 -34.59
N ASP D 404 -45.04 -18.82 -35.21
CA ASP D 404 -46.12 -19.31 -36.05
C ASP D 404 -46.14 -18.57 -37.39
N GLU D 405 -44.97 -18.49 -38.01
CA GLU D 405 -44.80 -17.75 -39.25
C GLU D 405 -45.69 -18.32 -40.36
N LYS D 406 -46.36 -17.43 -41.09
CA LYS D 406 -47.23 -17.79 -42.20
C LYS D 406 -46.51 -17.51 -43.53
N LEU D 407 -47.25 -17.65 -44.63
CA LEU D 407 -46.75 -17.38 -45.96
C LEU D 407 -47.18 -15.99 -46.42
N LEU D 408 -46.41 -15.42 -47.34
CA LEU D 408 -46.67 -14.07 -47.81
C LEU D 408 -47.85 -14.04 -48.77
N GLY D 409 -48.80 -13.14 -48.51
CA GLY D 409 -49.86 -12.84 -49.45
C GLY D 409 -50.99 -13.83 -49.51
N VAL D 410 -51.14 -14.71 -48.51
CA VAL D 410 -52.20 -15.70 -48.49
C VAL D 410 -52.88 -15.69 -47.14
N ARG D 411 -54.11 -16.21 -47.11
CA ARG D 411 -54.91 -16.31 -45.89
C ARG D 411 -55.32 -17.76 -45.73
N GLU D 412 -55.00 -18.35 -44.58
CA GLU D 412 -55.30 -19.75 -44.31
C GLU D 412 -56.75 -19.87 -43.88
N ARG D 413 -57.54 -20.62 -44.63
CA ARG D 413 -58.96 -20.79 -44.32
C ARG D 413 -59.37 -22.25 -44.46
N THR D 414 -58.59 -23.16 -43.88
CA THR D 414 -58.93 -24.58 -43.95
C THR D 414 -59.71 -25.01 -42.72
N TRP D 421 -65.28 -23.26 -45.21
CA TRP D 421 -64.23 -22.26 -45.03
C TRP D 421 -64.41 -21.50 -43.71
N ALA D 422 -63.53 -21.77 -42.75
CA ALA D 422 -63.58 -21.11 -41.45
C ALA D 422 -62.16 -20.87 -40.94
N PHE D 423 -61.94 -19.71 -40.35
CA PHE D 423 -60.64 -19.35 -39.79
C PHE D 423 -60.74 -19.21 -38.28
N LYS D 424 -59.62 -19.49 -37.60
CA LYS D 424 -59.54 -19.40 -36.15
C LYS D 424 -59.10 -18.01 -35.73
N LYS D 425 -59.66 -17.53 -34.62
CA LYS D 425 -59.33 -16.23 -34.05
C LYS D 425 -58.48 -16.43 -32.81
N GLN D 426 -57.37 -15.69 -32.72
CA GLN D 426 -56.48 -15.80 -31.57
C GLN D 426 -56.99 -14.95 -30.42
N LYS D 427 -56.41 -15.18 -29.25
CA LYS D 427 -56.80 -14.44 -28.05
C LYS D 427 -55.87 -13.25 -27.83
N THR D 428 -56.46 -12.12 -27.44
CA THR D 428 -55.71 -10.90 -27.18
C THR D 428 -56.10 -10.39 -25.80
N HIS D 429 -55.10 -10.19 -24.93
CA HIS D 429 -55.35 -9.73 -23.58
C HIS D 429 -54.74 -8.36 -23.28
N THR D 430 -53.90 -7.82 -24.15
CA THR D 430 -53.26 -6.54 -23.90
C THR D 430 -53.18 -5.75 -25.19
N VAL D 431 -53.47 -4.45 -25.08
CA VAL D 431 -53.25 -3.49 -26.16
C VAL D 431 -52.29 -2.43 -25.64
N TYR D 432 -51.19 -2.24 -26.33
CA TYR D 432 -50.10 -1.37 -25.88
C TYR D 432 -49.73 -0.43 -27.01
N LYS D 433 -50.03 0.86 -26.85
CA LYS D 433 -49.67 1.89 -27.82
C LYS D 433 -48.42 2.61 -27.31
N ARG D 434 -47.29 2.37 -27.97
CA ARG D 434 -46.02 2.93 -27.55
C ARG D 434 -45.93 4.42 -27.94
N PRO D 435 -45.02 5.16 -27.33
CA PRO D 435 -44.84 6.56 -27.71
C PRO D 435 -44.48 6.71 -29.18
N ASP D 436 -44.98 7.79 -29.80
CA ASP D 436 -44.77 8.10 -31.21
C ASP D 436 -45.54 7.18 -32.14
N THR D 437 -46.68 6.65 -31.69
CA THR D 437 -47.59 5.87 -32.51
C THR D 437 -48.95 6.56 -32.53
N GLN D 438 -49.85 6.06 -33.37
CA GLN D 438 -51.15 6.69 -33.57
C GLN D 438 -52.25 5.65 -33.60
N SER D 439 -53.40 6.01 -33.02
CA SER D 439 -54.61 5.20 -33.11
C SER D 439 -55.52 5.75 -34.18
N ILE D 440 -56.41 4.89 -34.70
CA ILE D 440 -57.33 5.29 -35.75
C ILE D 440 -58.63 4.51 -35.63
N GLN D 441 -59.76 5.23 -35.65
CA GLN D 441 -61.07 4.62 -35.51
C GLN D 441 -62.00 5.19 -36.58
N LYS D 442 -63.01 4.40 -36.94
CA LYS D 442 -63.99 4.79 -37.94
C LYS D 442 -65.25 5.29 -37.25
N VAL D 443 -65.65 6.53 -37.56
CA VAL D 443 -66.81 7.17 -36.96
C VAL D 443 -67.65 7.79 -38.08
N GLN D 444 -68.83 8.28 -37.70
CA GLN D 444 -69.72 8.93 -38.66
C GLN D 444 -69.22 10.31 -39.00
N ALA D 445 -69.40 10.70 -40.27
CA ALA D 445 -68.93 11.99 -40.76
C ALA D 445 -69.96 12.73 -41.61
N GLU D 446 -71.17 12.21 -41.72
CA GLU D 446 -72.24 12.86 -42.49
C GLU D 446 -73.48 12.93 -41.60
N PHE D 447 -73.87 14.15 -41.23
CA PHE D 447 -74.99 14.36 -40.32
C PHE D 447 -76.08 15.14 -41.04
N ASP D 448 -77.32 14.65 -40.96
CA ASP D 448 -78.44 15.31 -41.59
C ASP D 448 -79.69 15.36 -40.72
N SER D 449 -79.58 15.10 -39.42
CA SER D 449 -80.71 15.13 -38.50
C SER D 449 -80.32 15.93 -37.27
N PHE D 450 -81.06 17.00 -36.98
CA PHE D 450 -80.75 17.89 -35.87
C PHE D 450 -82.01 18.20 -35.07
N VAL D 451 -82.90 17.22 -34.93
CA VAL D 451 -84.12 17.42 -34.17
C VAL D 451 -84.18 16.45 -32.99
N TRP D 456 -89.61 25.89 -24.17
CA TRP D 456 -88.62 26.37 -23.21
C TRP D 456 -89.28 26.98 -21.99
N SER D 457 -88.68 26.75 -20.81
CA SER D 457 -89.14 27.34 -19.57
C SER D 457 -87.96 27.92 -18.83
N SER D 458 -88.24 28.92 -17.98
CA SER D 458 -87.18 29.61 -17.26
C SER D 458 -86.53 28.70 -16.23
N GLY D 459 -87.31 28.23 -15.26
CA GLY D 459 -86.82 27.37 -14.20
C GLY D 459 -86.49 28.10 -12.92
N LEU D 460 -86.28 29.41 -12.97
CA LEU D 460 -86.01 30.18 -11.77
C LEU D 460 -87.27 30.26 -10.90
N SER D 461 -87.05 30.35 -9.59
CA SER D 461 -88.13 30.46 -8.63
C SER D 461 -88.14 31.84 -8.00
N ILE D 462 -89.31 32.23 -7.49
CA ILE D 462 -89.45 33.54 -6.85
C ILE D 462 -88.50 33.69 -5.65
N PRO D 463 -88.37 32.71 -4.74
CA PRO D 463 -87.41 32.88 -3.64
C PRO D 463 -85.98 33.13 -4.10
N LEU D 464 -85.54 32.47 -5.18
CA LEU D 464 -84.18 32.67 -5.66
C LEU D 464 -84.00 34.06 -6.25
N ARG D 465 -85.00 34.54 -6.99
CA ARG D 465 -84.91 35.86 -7.58
C ARG D 465 -84.82 36.95 -6.51
N THR D 466 -85.56 36.78 -5.42
CA THR D 466 -85.52 37.76 -4.33
C THR D 466 -84.15 37.81 -3.69
N ARG D 467 -83.51 36.65 -3.50
CA ARG D 467 -82.20 36.61 -2.85
C ARG D 467 -81.14 37.29 -3.71
N ILE D 468 -81.20 37.09 -5.03
CA ILE D 468 -80.22 37.72 -5.92
C ILE D 468 -80.36 39.23 -5.88
N LYS D 469 -81.60 39.73 -5.87
CA LYS D 469 -81.81 41.18 -5.82
C LYS D 469 -81.25 41.78 -4.54
N TRP D 470 -81.43 41.10 -3.40
CA TRP D 470 -80.96 41.63 -2.13
C TRP D 470 -79.44 41.72 -2.10
N LEU D 471 -78.75 40.72 -2.65
CA LEU D 471 -77.29 40.77 -2.68
C LEU D 471 -76.78 41.89 -3.57
N LEU D 472 -77.52 42.24 -4.61
CA LEU D 472 -77.06 43.28 -5.53
C LEU D 472 -77.23 44.67 -4.92
N SER D 473 -78.28 44.87 -4.13
CA SER D 473 -78.51 46.16 -3.47
C SER D 473 -77.44 46.37 -2.42
N LYS D 474 -76.52 47.29 -2.69
CA LYS D 474 -75.39 47.58 -1.81
C LYS D 474 -74.56 46.33 -1.53
N ASP E 2 -50.30 38.81 11.56
CA ASP E 2 -50.13 37.91 10.42
C ASP E 2 -49.75 36.48 10.81
N PRO E 3 -48.77 36.30 11.70
CA PRO E 3 -48.46 34.93 12.15
C PRO E 3 -49.53 34.39 13.07
N VAL E 4 -49.55 33.06 13.18
CA VAL E 4 -50.45 32.34 14.08
C VAL E 4 -49.62 31.48 15.01
N TYR E 5 -49.93 31.52 16.30
CA TYR E 5 -49.18 30.80 17.32
C TYR E 5 -49.97 29.59 17.79
N VAL E 6 -49.27 28.46 17.95
CA VAL E 6 -49.87 27.21 18.39
C VAL E 6 -49.09 26.70 19.59
N ASP E 7 -49.81 26.06 20.52
CA ASP E 7 -49.23 25.58 21.78
C ASP E 7 -48.69 24.16 21.59
N ILE E 8 -47.62 24.06 20.80
CA ILE E 8 -46.93 22.80 20.57
C ILE E 8 -45.43 23.03 20.70
N ASP E 9 -44.71 21.92 20.91
CA ASP E 9 -43.26 21.98 21.07
C ASP E 9 -42.61 22.41 19.77
N ALA E 10 -41.50 23.14 19.89
CA ALA E 10 -40.80 23.68 18.73
C ALA E 10 -40.12 22.61 17.89
N ASP E 11 -39.76 21.48 18.48
CA ASP E 11 -39.09 20.39 17.77
C ASP E 11 -40.03 19.28 17.36
N SER E 12 -41.34 19.49 17.48
CA SER E 12 -42.31 18.48 17.10
C SER E 12 -42.29 18.26 15.59
N ALA E 13 -42.55 17.01 15.20
CA ALA E 13 -42.65 16.67 13.78
C ALA E 13 -44.03 16.93 13.21
N PHE E 14 -45.01 17.22 14.05
CA PHE E 14 -46.36 17.54 13.58
C PHE E 14 -46.44 18.94 12.98
N LEU E 15 -45.42 19.77 13.20
CA LEU E 15 -45.48 21.15 12.71
C LEU E 15 -45.44 21.22 11.19
N LYS E 16 -44.68 20.31 10.57
CA LYS E 16 -44.59 20.31 9.11
C LYS E 16 -45.94 19.96 8.47
N ALA E 17 -46.65 18.99 9.03
CA ALA E 17 -47.95 18.61 8.48
C ALA E 17 -48.96 19.75 8.61
N LEU E 18 -48.90 20.49 9.72
CA LEU E 18 -49.81 21.61 9.91
C LEU E 18 -49.54 22.71 8.88
N GLN E 19 -48.26 22.96 8.57
CA GLN E 19 -47.93 23.99 7.59
C GLN E 19 -48.44 23.62 6.20
N ARG E 20 -48.37 22.34 5.84
CA ARG E 20 -48.82 21.91 4.53
C ARG E 20 -50.33 22.03 4.38
N ALA E 21 -51.08 21.88 5.48
CA ALA E 21 -52.53 21.96 5.41
C ALA E 21 -53.05 23.39 5.38
N TYR E 22 -52.26 24.35 5.81
CA TYR E 22 -52.65 25.76 5.85
C TYR E 22 -51.58 26.61 5.18
N PRO E 23 -51.52 26.58 3.84
CA PRO E 23 -50.48 27.34 3.13
C PRO E 23 -50.62 28.85 3.24
N MET E 24 -51.78 29.35 3.63
CA MET E 24 -52.04 30.78 3.65
C MET E 24 -51.70 31.45 4.99
N PHE E 25 -51.14 30.72 5.94
CA PHE E 25 -50.75 31.25 7.23
C PHE E 25 -49.27 31.05 7.47
N GLU E 26 -48.78 31.65 8.55
CA GLU E 26 -47.43 31.45 9.05
C GLU E 26 -47.53 30.89 10.46
N VAL E 27 -47.13 29.63 10.64
CA VAL E 27 -47.33 28.90 11.88
C VAL E 27 -46.06 28.98 12.71
N GLU E 28 -46.19 29.42 13.97
CA GLU E 28 -45.06 29.57 14.87
C GLU E 28 -45.37 28.84 16.17
N PRO E 29 -44.46 28.01 16.67
CA PRO E 29 -44.72 27.29 17.91
C PRO E 29 -44.50 28.17 19.14
N ARG E 30 -45.35 27.97 20.14
CA ARG E 30 -45.21 28.69 21.42
C ARG E 30 -45.84 27.81 22.50
N GLN E 31 -44.99 27.08 23.24
CA GLN E 31 -45.47 26.12 24.22
C GLN E 31 -45.58 26.76 25.60
N VAL E 32 -46.74 26.60 26.23
CA VAL E 32 -46.95 27.18 27.55
C VAL E 32 -47.45 26.14 28.54
N THR E 33 -48.09 25.09 28.05
CA THR E 33 -48.67 24.04 28.88
C THR E 33 -48.29 22.67 28.35
N PRO E 34 -48.22 21.65 29.23
CA PRO E 34 -47.98 20.27 28.80
C PRO E 34 -49.27 19.50 28.49
N ASN E 35 -50.15 20.10 27.70
CA ASN E 35 -51.42 19.48 27.38
C ASN E 35 -51.20 18.24 26.52
N ASP E 36 -51.88 17.14 26.87
CA ASP E 36 -51.69 15.89 26.15
C ASP E 36 -52.60 15.75 24.94
N ALA E 37 -53.44 16.74 24.67
CA ALA E 37 -54.24 16.80 23.44
C ALA E 37 -53.84 18.05 22.64
N ALA E 38 -52.53 18.31 22.58
CA ALA E 38 -52.05 19.55 21.95
C ALA E 38 -52.28 19.54 20.45
N ASN E 39 -52.07 18.41 19.79
CA ASN E 39 -52.20 18.35 18.33
C ASN E 39 -53.65 18.57 17.90
N ALA E 40 -54.61 18.00 18.63
CA ALA E 40 -56.01 18.18 18.27
C ALA E 40 -56.47 19.61 18.50
N ARG E 41 -55.98 20.25 19.57
CA ARG E 41 -56.37 21.62 19.85
C ARG E 41 -55.79 22.58 18.81
N ALA E 42 -54.59 22.30 18.32
CA ALA E 42 -53.95 23.18 17.35
C ALA E 42 -54.71 23.19 16.02
N PHE E 43 -55.22 22.04 15.59
CA PHE E 43 -55.96 21.96 14.34
C PHE E 43 -57.26 22.76 14.42
N SER E 44 -57.96 22.66 15.55
CA SER E 44 -59.22 23.39 15.70
C SER E 44 -58.98 24.89 15.79
N HIS E 45 -57.85 25.29 16.39
CA HIS E 45 -57.53 26.71 16.50
C HIS E 45 -57.31 27.33 15.12
N LEU E 46 -56.60 26.62 14.24
CA LEU E 46 -56.35 27.15 12.91
C LEU E 46 -57.59 27.09 12.02
N ALA E 47 -58.49 26.13 12.29
CA ALA E 47 -59.69 26.00 11.48
C ALA E 47 -60.60 27.22 11.63
N ILE E 48 -60.73 27.74 12.85
CA ILE E 48 -61.58 28.90 13.09
C ILE E 48 -60.98 30.14 12.43
N LYS E 49 -59.65 30.26 12.45
CA LYS E 49 -59.00 31.39 11.80
C LYS E 49 -59.26 31.40 10.31
N LEU E 50 -59.23 30.23 9.68
CA LEU E 50 -59.51 30.14 8.25
C LEU E 50 -60.94 30.56 7.93
N ILE E 51 -61.90 30.13 8.75
CA ILE E 51 -63.31 30.43 8.48
C ILE E 51 -63.56 31.92 8.55
N GLU E 52 -62.94 32.59 9.52
CA GLU E 52 -63.14 34.03 9.67
C GLU E 52 -62.60 34.79 8.46
N GLN E 53 -61.49 34.33 7.89
CA GLN E 53 -60.91 34.98 6.73
C GLN E 53 -61.80 34.83 5.50
N GLU E 54 -62.39 33.65 5.33
CA GLU E 54 -63.19 33.38 4.13
C GLU E 54 -64.45 34.24 4.08
N ILE E 55 -65.15 34.37 5.21
CA ILE E 55 -66.40 35.10 5.25
C ILE E 55 -66.11 36.59 5.44
N ASP E 56 -67.09 37.43 5.15
CA ASP E 56 -66.94 38.88 5.20
C ASP E 56 -67.39 39.41 6.55
N PRO E 57 -66.86 40.55 6.99
CA PRO E 57 -67.33 41.18 8.22
C PRO E 57 -68.77 41.64 8.09
N ASP E 58 -69.30 42.17 9.19
CA ASP E 58 -70.68 42.64 9.29
C ASP E 58 -71.68 41.51 9.08
N SER E 59 -71.29 40.27 9.36
CA SER E 59 -72.16 39.12 9.25
C SER E 59 -72.44 38.55 10.64
N THR E 60 -73.66 38.05 10.83
CA THR E 60 -74.06 37.43 12.09
C THR E 60 -73.82 35.93 12.00
N ILE E 61 -73.16 35.38 13.02
CA ILE E 61 -72.77 33.98 13.06
C ILE E 61 -73.40 33.32 14.27
N LEU E 62 -74.02 32.17 14.06
CA LEU E 62 -74.54 31.35 15.14
C LEU E 62 -73.53 30.27 15.49
N ASP E 63 -73.25 30.13 16.78
CA ASP E 63 -72.31 29.13 17.29
C ASP E 63 -73.11 28.07 18.03
N ILE E 64 -73.31 26.92 17.39
CA ILE E 64 -74.15 25.86 17.94
C ILE E 64 -73.33 25.03 18.92
N GLY E 65 -73.87 24.83 20.11
CA GLY E 65 -73.17 24.09 21.15
C GLY E 65 -71.87 24.76 21.53
N SER E 66 -71.92 26.07 21.74
CA SER E 66 -70.73 26.88 21.88
C SER E 66 -70.13 26.77 23.28
N ALA E 67 -68.83 27.09 23.34
CA ALA E 67 -68.16 27.41 24.60
C ALA E 67 -67.83 28.88 24.58
N PRO E 68 -68.59 29.73 25.28
CA PRO E 68 -68.50 31.18 25.02
C PRO E 68 -67.15 31.80 25.35
N ALA E 69 -66.31 31.13 26.14
CA ALA E 69 -65.01 31.71 26.47
C ALA E 69 -64.06 31.77 25.28
N ARG E 70 -64.27 30.94 24.27
CA ARG E 70 -63.39 30.93 23.11
C ARG E 70 -63.66 32.09 22.16
N ARG E 71 -64.85 32.68 22.21
CA ARG E 71 -65.22 33.77 21.32
C ARG E 71 -65.16 35.13 22.00
N MET E 72 -64.59 35.20 23.20
CA MET E 72 -64.67 36.43 23.99
C MET E 72 -63.79 37.55 23.44
N MET E 73 -62.65 37.21 22.83
CA MET E 73 -61.70 38.21 22.34
C MET E 73 -61.78 38.41 20.83
N SER E 74 -62.86 37.98 20.20
CA SER E 74 -63.01 38.16 18.76
C SER E 74 -63.76 39.46 18.47
N ASP E 75 -63.49 40.03 17.30
CA ASP E 75 -64.12 41.28 16.88
C ASP E 75 -65.35 41.05 16.01
N ARG E 76 -65.72 39.81 15.74
CA ARG E 76 -66.91 39.50 14.94
C ARG E 76 -68.12 39.33 15.86
N LYS E 77 -69.31 39.37 15.26
CA LYS E 77 -70.56 39.25 15.99
C LYS E 77 -70.96 37.79 16.08
N TYR E 78 -70.91 37.24 17.30
CA TYR E 78 -71.28 35.85 17.55
C TYR E 78 -72.54 35.82 18.41
N HIS E 79 -73.37 34.80 18.18
CA HIS E 79 -74.55 34.52 19.00
C HIS E 79 -74.41 33.11 19.52
N CYS E 80 -74.02 32.98 20.79
CA CYS E 80 -73.72 31.68 21.37
C CYS E 80 -75.00 31.00 21.84
N VAL E 81 -75.24 29.79 21.35
CA VAL E 81 -76.39 28.98 21.73
C VAL E 81 -75.90 27.94 22.71
N CYS E 82 -76.22 28.11 23.99
CA CYS E 82 -75.64 27.29 25.06
C CYS E 82 -76.72 26.70 25.95
N PRO E 83 -77.27 25.55 25.58
CA PRO E 83 -78.06 24.77 26.55
C PRO E 83 -77.15 24.04 27.51
N MET E 84 -77.73 23.61 28.63
CA MET E 84 -76.99 22.91 29.66
C MET E 84 -77.47 21.45 29.68
N ARG E 85 -76.85 20.64 28.82
CA ARG E 85 -77.23 19.24 28.67
C ARG E 85 -76.10 18.27 28.98
N SER E 86 -74.87 18.73 29.09
CA SER E 86 -73.74 17.87 29.43
C SER E 86 -73.16 18.31 30.77
N ALA E 87 -72.47 17.38 31.43
CA ALA E 87 -71.95 17.63 32.76
C ALA E 87 -70.79 18.61 32.78
N GLU E 88 -70.16 18.89 31.64
CA GLU E 88 -69.06 19.83 31.57
C GLU E 88 -69.52 21.26 31.28
N ASP E 89 -70.82 21.49 31.13
CA ASP E 89 -71.35 22.81 30.78
C ASP E 89 -71.32 23.80 31.94
N PRO E 90 -71.70 23.42 33.18
CA PRO E 90 -71.62 24.40 34.27
C PRO E 90 -70.23 24.97 34.49
N GLU E 91 -69.19 24.15 34.29
CA GLU E 91 -67.83 24.65 34.46
C GLU E 91 -67.45 25.64 33.36
N ARG E 92 -67.91 25.38 32.13
CA ARG E 92 -67.61 26.29 31.02
C ARG E 92 -68.28 27.64 31.21
N LEU E 93 -69.49 27.65 31.78
CA LEU E 93 -70.17 28.91 32.04
C LEU E 93 -69.43 29.73 33.09
N ALA E 94 -68.92 29.08 34.14
CA ALA E 94 -68.19 29.79 35.17
C ALA E 94 -66.89 30.38 34.62
N ASN E 95 -66.20 29.64 33.75
CA ASN E 95 -64.98 30.15 33.14
C ASN E 95 -65.27 31.40 32.29
N TYR E 96 -66.46 31.46 31.70
CA TYR E 96 -66.84 32.62 30.91
C TYR E 96 -66.99 33.86 31.78
N ALA E 97 -67.64 33.71 32.94
CA ALA E 97 -67.89 34.86 33.80
C ALA E 97 -66.59 35.37 34.43
N ARG E 98 -65.69 34.46 34.82
CA ARG E 98 -64.44 34.87 35.43
C ARG E 98 -63.59 35.70 34.47
N LYS E 99 -63.54 35.28 33.20
CA LYS E 99 -62.74 36.01 32.23
C LYS E 99 -63.33 37.37 31.90
N LEU E 100 -64.66 37.48 31.90
CA LEU E 100 -65.30 38.75 31.58
C LEU E 100 -65.02 39.78 32.67
N ALA E 101 -65.18 39.39 33.93
CA ALA E 101 -64.98 40.34 35.03
C ALA E 101 -63.52 40.75 35.17
N SER E 102 -62.60 39.87 34.81
CA SER E 102 -61.17 40.16 34.92
C SER E 102 -60.65 40.99 33.75
N ALA E 103 -61.47 41.25 32.73
CA ALA E 103 -61.06 42.04 31.58
C ALA E 103 -61.80 43.36 31.45
N ALA E 104 -62.82 43.59 32.28
CA ALA E 104 -63.56 44.85 32.22
C ALA E 104 -62.67 46.01 32.65
N GLY E 105 -62.68 47.08 31.86
CA GLY E 105 -61.86 48.23 32.13
C GLY E 105 -60.45 48.16 31.57
N LYS E 106 -60.07 47.03 30.97
CA LYS E 106 -58.74 46.87 30.40
C LYS E 106 -58.75 46.63 28.90
N VAL E 107 -59.80 46.02 28.36
CA VAL E 107 -59.94 45.80 26.92
C VAL E 107 -61.07 46.70 26.42
N LEU E 108 -60.78 47.50 25.40
CA LEU E 108 -61.73 48.47 24.90
C LEU E 108 -62.22 48.19 23.48
N ASP E 109 -61.43 47.52 22.65
CA ASP E 109 -61.84 47.27 21.27
C ASP E 109 -63.07 46.37 21.22
N ARG E 110 -63.09 45.33 22.04
CA ARG E 110 -64.19 44.37 22.04
C ARG E 110 -65.37 44.92 22.84
N ASN E 111 -66.54 44.32 22.60
CA ASN E 111 -67.78 44.75 23.24
C ASN E 111 -67.91 44.03 24.58
N ILE E 112 -66.99 44.36 25.49
CA ILE E 112 -66.96 43.70 26.79
C ILE E 112 -68.15 44.13 27.65
N SER E 113 -68.46 45.43 27.63
CA SER E 113 -69.54 45.93 28.47
C SER E 113 -70.89 45.35 28.06
N GLY E 114 -71.13 45.24 26.75
CA GLY E 114 -72.39 44.67 26.29
C GLY E 114 -72.51 43.20 26.62
N LYS E 115 -71.41 42.46 26.50
CA LYS E 115 -71.42 41.03 26.82
C LYS E 115 -71.75 40.79 28.29
N ILE E 116 -71.19 41.62 29.18
CA ILE E 116 -71.51 41.49 30.60
C ILE E 116 -72.97 41.81 30.86
N GLY E 117 -73.48 42.87 30.22
CA GLY E 117 -74.88 43.21 30.38
C GLY E 117 -75.81 42.16 29.82
N ASP E 118 -75.40 41.51 28.73
CA ASP E 118 -76.23 40.46 28.13
C ASP E 118 -76.34 39.25 29.07
N LEU E 119 -75.26 38.89 29.75
CA LEU E 119 -75.27 37.73 30.64
C LEU E 119 -76.21 37.96 31.83
N GLN E 120 -76.21 39.17 32.39
CA GLN E 120 -77.04 39.44 33.56
C GLN E 120 -78.53 39.35 33.23
N ALA E 121 -78.92 39.80 32.05
CA ALA E 121 -80.33 39.79 31.68
C ALA E 121 -80.87 38.36 31.60
N VAL E 122 -80.06 37.43 31.08
CA VAL E 122 -80.50 36.05 30.94
C VAL E 122 -80.70 35.41 32.31
N MET E 123 -79.84 35.75 33.28
CA MET E 123 -79.97 35.18 34.61
C MET E 123 -81.28 35.56 35.27
N ALA E 124 -81.69 36.82 35.11
CA ALA E 124 -82.95 37.27 35.72
C ALA E 124 -84.15 36.61 35.05
N VAL E 125 -84.20 36.63 33.73
CA VAL E 125 -85.27 36.01 32.95
C VAL E 125 -84.64 35.02 31.99
N PRO E 126 -84.65 33.73 32.34
CA PRO E 126 -84.00 32.73 31.47
C PRO E 126 -84.85 32.34 30.27
N ASP E 127 -85.45 33.33 29.58
CA ASP E 127 -86.21 33.06 28.38
C ASP E 127 -86.02 34.11 27.29
N THR E 128 -85.16 35.10 27.51
CA THR E 128 -85.00 36.20 26.57
C THR E 128 -83.86 35.93 25.61
N GLU E 129 -84.00 36.40 24.37
CA GLU E 129 -82.94 36.31 23.38
C GLU E 129 -82.12 37.61 23.39
N THR E 130 -80.83 37.48 23.60
CA THR E 130 -79.89 38.59 23.59
C THR E 130 -79.02 38.50 22.34
N PRO E 131 -78.43 39.62 21.91
CA PRO E 131 -77.60 39.57 20.69
C PRO E 131 -76.42 38.62 20.78
N THR E 132 -75.94 38.29 21.99
CA THR E 132 -74.75 37.46 22.13
C THR E 132 -74.94 36.18 22.94
N PHE E 133 -76.12 35.94 23.51
CA PHE E 133 -76.27 34.78 24.39
C PHE E 133 -77.74 34.38 24.48
N CYS E 134 -77.98 33.08 24.58
CA CYS E 134 -79.30 32.52 24.81
C CYS E 134 -79.14 31.13 25.40
N LEU E 135 -80.24 30.60 25.94
CA LEU E 135 -80.22 29.32 26.63
C LEU E 135 -81.06 28.25 25.92
N HIS E 136 -81.38 28.46 24.65
CA HIS E 136 -82.21 27.52 23.91
C HIS E 136 -81.33 26.49 23.19
N THR E 137 -81.96 25.60 22.44
CA THR E 137 -81.27 24.61 21.62
C THR E 137 -81.25 25.07 20.17
N ASP E 138 -80.64 24.25 19.32
CA ASP E 138 -80.53 24.59 17.90
C ASP E 138 -81.88 24.60 17.20
N VAL E 139 -82.91 24.04 17.80
CA VAL E 139 -84.23 23.95 17.19
C VAL E 139 -85.12 25.10 17.69
N SER E 140 -85.01 25.42 18.98
CA SER E 140 -85.90 26.38 19.61
C SER E 140 -85.35 27.79 19.66
N CYS E 141 -84.13 28.03 19.18
CA CYS E 141 -83.61 29.39 19.12
C CYS E 141 -84.34 30.19 18.05
N ARG E 142 -84.48 31.50 18.28
CA ARG E 142 -85.27 32.35 17.40
C ARG E 142 -84.44 33.44 16.72
N GLN E 143 -83.15 33.52 16.97
CA GLN E 143 -82.32 34.54 16.34
C GLN E 143 -82.08 34.21 14.88
N ARG E 144 -82.08 35.25 14.04
CA ARG E 144 -81.83 35.11 12.62
C ARG E 144 -80.41 35.55 12.28
N ALA E 145 -79.75 34.78 11.44
CA ALA E 145 -78.37 35.07 11.04
C ALA E 145 -78.18 34.57 9.61
N ASP E 146 -76.91 34.52 9.18
CA ASP E 146 -76.57 34.03 7.86
C ASP E 146 -75.43 33.03 7.83
N VAL E 147 -74.74 32.80 8.94
CA VAL E 147 -73.65 31.83 9.02
C VAL E 147 -73.86 30.98 10.28
N ALA E 148 -73.63 29.68 10.16
CA ALA E 148 -73.71 28.76 11.27
C ALA E 148 -72.43 27.93 11.35
N ILE E 149 -71.98 27.66 12.57
CA ILE E 149 -70.71 26.98 12.81
C ILE E 149 -70.93 25.86 13.82
N TYR E 150 -70.42 24.67 13.49
CA TYR E 150 -70.40 23.53 14.41
C TYR E 150 -68.95 23.15 14.66
N GLN E 151 -68.50 23.25 15.92
CA GLN E 151 -67.14 22.93 16.29
C GLN E 151 -67.15 21.76 17.27
N ASP E 152 -66.78 20.57 16.78
CA ASP E 152 -66.72 19.35 17.58
C ASP E 152 -68.06 19.02 18.22
N VAL E 153 -69.11 19.03 17.40
CA VAL E 153 -70.46 18.70 17.83
C VAL E 153 -70.86 17.38 17.17
N TYR E 154 -71.14 16.37 18.00
CA TYR E 154 -71.48 15.04 17.51
C TYR E 154 -72.84 14.56 18.00
N ALA E 155 -73.64 15.42 18.63
CA ALA E 155 -74.84 14.99 19.34
C ALA E 155 -76.13 15.44 18.68
N VAL E 156 -76.11 15.79 17.39
CA VAL E 156 -77.32 16.23 16.69
C VAL E 156 -77.48 15.45 15.40
N HIS E 157 -78.72 15.38 14.93
CA HIS E 157 -79.03 14.76 13.65
C HIS E 157 -78.86 15.79 12.54
N ALA E 158 -77.96 15.51 11.60
CA ALA E 158 -77.53 16.55 10.66
C ALA E 158 -78.65 17.07 9.77
N PRO E 159 -79.43 16.24 9.06
CA PRO E 159 -80.48 16.82 8.20
C PRO E 159 -81.54 17.61 8.96
N THR E 160 -81.87 17.20 10.18
CA THR E 160 -82.89 17.91 10.95
C THR E 160 -82.36 19.25 11.45
N SER E 161 -81.11 19.28 11.92
CA SER E 161 -80.52 20.51 12.42
C SER E 161 -80.34 21.53 11.30
N LEU E 162 -79.92 21.09 10.12
CA LEU E 162 -79.66 22.02 9.03
C LEU E 162 -80.96 22.64 8.51
N TYR E 163 -82.05 21.89 8.50
CA TYR E 163 -83.32 22.41 8.02
C TYR E 163 -83.81 23.58 8.87
N HIS E 164 -83.67 23.46 10.19
CA HIS E 164 -84.12 24.53 11.07
C HIS E 164 -83.24 25.76 10.97
N GLN E 165 -81.99 25.59 10.53
CA GLN E 165 -81.13 26.75 10.31
C GLN E 165 -81.50 27.48 9.01
N ALA E 166 -81.96 26.73 8.00
CA ALA E 166 -82.21 27.32 6.69
C ALA E 166 -83.46 28.19 6.68
N ILE E 167 -84.48 27.85 7.46
CA ILE E 167 -85.73 28.58 7.46
C ILE E 167 -85.59 29.90 8.21
N LYS E 168 -84.42 30.10 8.85
CA LYS E 168 -84.11 31.35 9.50
C LYS E 168 -83.18 32.23 8.67
N GLY E 169 -82.88 31.83 7.44
CA GLY E 169 -82.10 32.65 6.53
C GLY E 169 -80.63 32.32 6.45
N VAL E 170 -80.18 31.21 7.02
CA VAL E 170 -78.77 30.83 6.97
C VAL E 170 -78.46 30.25 5.60
N ARG E 171 -77.39 30.74 4.98
CA ARG E 171 -76.98 30.29 3.66
C ARG E 171 -75.66 29.54 3.63
N LEU E 172 -74.92 29.50 4.74
CA LEU E 172 -73.60 28.87 4.79
C LEU E 172 -73.40 28.22 6.15
N ALA E 173 -72.76 27.05 6.15
CA ALA E 173 -72.52 26.31 7.38
C ALA E 173 -71.15 25.63 7.31
N TYR E 174 -70.56 25.41 8.48
CA TYR E 174 -69.26 24.77 8.60
C TYR E 174 -69.30 23.70 9.68
N TRP E 175 -68.54 22.63 9.46
CA TRP E 175 -68.47 21.52 10.42
C TRP E 175 -67.01 21.09 10.57
N VAL E 176 -66.54 21.04 11.82
CA VAL E 176 -65.18 20.64 12.14
C VAL E 176 -65.23 19.43 13.07
N GLY E 177 -64.50 18.39 12.73
CA GLY E 177 -64.49 17.19 13.55
C GLY E 177 -63.65 16.10 12.93
N PHE E 178 -63.70 14.93 13.57
CA PHE E 178 -62.97 13.77 13.10
C PHE E 178 -63.62 13.17 11.86
N ASP E 179 -62.83 12.44 11.09
CA ASP E 179 -63.33 11.80 9.87
C ASP E 179 -64.32 10.70 10.21
N THR E 180 -65.42 10.65 9.47
CA THR E 180 -66.48 9.68 9.69
C THR E 180 -66.36 8.45 8.79
N THR E 181 -65.31 8.36 7.99
CA THR E 181 -65.15 7.22 7.10
C THR E 181 -65.03 5.87 7.82
N PRO E 182 -64.25 5.71 8.89
CA PRO E 182 -64.14 4.38 9.51
C PRO E 182 -65.46 3.85 10.05
N PHE E 183 -66.42 4.72 10.36
CA PHE E 183 -67.71 4.26 10.85
C PHE E 183 -68.66 3.87 9.72
N MET E 184 -68.36 4.28 8.48
CA MET E 184 -69.13 3.81 7.34
C MET E 184 -68.76 2.37 6.96
N TYR E 185 -67.55 1.94 7.28
CA TYR E 185 -67.10 0.57 7.04
C TYR E 185 -67.53 -0.39 8.14
N ASN E 186 -68.13 0.13 9.22
CA ASN E 186 -68.67 -0.69 10.32
C ASN E 186 -67.57 -1.47 11.03
N ALA E 187 -66.54 -0.77 11.45
CA ALA E 187 -65.46 -1.39 12.21
C ALA E 187 -65.82 -1.48 13.69
N MET E 188 -65.08 -2.33 14.41
CA MET E 188 -65.32 -2.53 15.84
C MET E 188 -64.39 -1.69 16.70
N ALA E 189 -63.19 -1.37 16.22
CA ALA E 189 -62.25 -0.52 16.95
C ALA E 189 -61.31 0.12 15.95
N GLY E 190 -60.62 1.17 16.39
CA GLY E 190 -59.72 1.88 15.51
C GLY E 190 -58.91 2.91 16.27
N ALA E 191 -58.07 3.62 15.52
CA ALA E 191 -57.16 4.59 16.11
C ALA E 191 -56.97 5.78 15.18
N TYR E 192 -56.56 6.90 15.77
CA TYR E 192 -56.08 8.08 15.04
C TYR E 192 -54.70 8.38 15.61
N PRO E 193 -53.66 7.71 15.10
CA PRO E 193 -52.35 7.74 15.78
C PRO E 193 -51.73 9.12 15.88
N SER E 194 -51.98 10.02 14.94
CA SER E 194 -51.34 11.34 14.97
C SER E 194 -51.89 12.22 16.08
N TYR E 195 -53.08 11.93 16.59
CA TYR E 195 -53.72 12.75 17.62
C TYR E 195 -53.80 12.06 18.97
N SER E 196 -53.13 10.91 19.12
CA SER E 196 -53.16 10.13 20.37
C SER E 196 -54.60 9.78 20.75
N THR E 197 -55.38 9.36 19.78
CA THR E 197 -56.79 9.07 19.97
C THR E 197 -57.08 7.60 19.65
N ASN E 198 -57.82 6.95 20.54
CA ASN E 198 -58.28 5.59 20.34
C ASN E 198 -59.77 5.50 20.68
N TRP E 199 -60.47 4.62 19.98
CA TRP E 199 -61.89 4.40 20.22
C TRP E 199 -62.18 2.91 20.12
N ALA E 200 -63.27 2.48 20.75
CA ALA E 200 -63.63 1.08 20.76
C ALA E 200 -65.10 0.91 21.08
N ASP E 201 -65.66 -0.20 20.61
CA ASP E 201 -67.03 -0.58 20.97
C ASP E 201 -67.09 -1.03 22.42
N GLU E 202 -68.27 -0.85 23.03
CA GLU E 202 -68.43 -1.21 24.44
C GLU E 202 -68.22 -2.69 24.69
N GLN E 203 -68.54 -3.54 23.72
CA GLN E 203 -68.46 -4.99 23.93
C GLN E 203 -67.04 -5.51 23.98
N VAL E 204 -66.04 -4.72 23.58
CA VAL E 204 -64.66 -5.20 23.54
C VAL E 204 -63.74 -4.39 24.46
N LEU E 205 -64.30 -3.75 25.48
CA LEU E 205 -63.48 -2.96 26.39
C LEU E 205 -62.60 -3.82 27.29
N LYS E 206 -62.80 -5.13 27.32
CA LYS E 206 -61.99 -6.05 28.12
C LYS E 206 -61.02 -6.86 27.26
N ALA E 207 -60.58 -6.29 26.14
CA ALA E 207 -59.64 -6.97 25.26
C ALA E 207 -58.23 -6.88 25.85
N LYS E 208 -57.23 -7.26 25.06
CA LYS E 208 -55.86 -7.32 25.56
C LYS E 208 -54.87 -6.47 24.77
N ASN E 209 -55.00 -6.42 23.44
CA ASN E 209 -53.95 -5.82 22.62
C ASN E 209 -54.48 -4.76 21.66
N ILE E 210 -55.48 -3.99 22.08
CA ILE E 210 -55.93 -2.83 21.31
C ILE E 210 -55.60 -1.58 22.09
N GLY E 211 -55.87 -0.42 21.51
CA GLY E 211 -55.46 0.83 22.12
C GLY E 211 -56.16 1.14 23.43
N LEU E 212 -57.45 0.83 23.52
CA LEU E 212 -58.28 1.20 24.67
C LEU E 212 -58.91 -0.06 25.23
N CYS E 213 -58.29 -0.63 26.27
CA CYS E 213 -58.76 -1.89 26.86
C CYS E 213 -58.08 -2.10 28.20
N SER E 214 -58.60 -3.07 28.96
CA SER E 214 -58.02 -3.49 30.23
C SER E 214 -58.47 -4.91 30.52
N THR E 215 -57.56 -5.72 31.05
CA THR E 215 -57.85 -7.13 31.34
C THR E 215 -57.15 -7.51 32.64
N ASP E 216 -57.20 -8.81 32.96
CA ASP E 216 -56.64 -9.34 34.20
C ASP E 216 -55.78 -10.56 33.91
N LEU E 217 -55.05 -11.00 34.94
CA LEU E 217 -54.29 -12.24 34.87
C LEU E 217 -55.13 -13.40 35.34
N THR E 218 -55.03 -14.53 34.65
CA THR E 218 -55.80 -15.71 35.03
C THR E 218 -55.06 -16.96 34.61
N GLU E 219 -55.41 -18.08 35.26
CA GLU E 219 -54.80 -19.37 34.96
C GLU E 219 -55.57 -20.16 33.91
N GLY E 220 -56.87 -19.93 33.79
CA GLY E 220 -57.65 -20.60 32.78
C GLY E 220 -58.53 -21.72 33.30
N ARG E 221 -59.83 -21.45 33.45
CA ARG E 221 -60.80 -22.46 33.83
C ARG E 221 -61.53 -22.97 32.59
N ARG E 222 -62.52 -23.83 32.80
CA ARG E 222 -63.22 -24.44 31.67
C ARG E 222 -64.72 -24.27 31.73
N GLY E 223 -65.33 -24.33 32.92
CA GLY E 223 -66.77 -24.39 33.00
C GLY E 223 -67.49 -23.15 32.52
N LYS E 224 -67.43 -22.06 33.29
CA LYS E 224 -68.15 -20.82 33.00
C LYS E 224 -69.56 -21.10 32.47
N LEU E 225 -70.32 -21.87 33.24
CA LEU E 225 -71.59 -22.42 32.78
C LEU E 225 -72.63 -21.31 32.66
N SER E 226 -72.91 -20.91 31.42
CA SER E 226 -73.95 -19.93 31.11
C SER E 226 -74.77 -20.51 29.95
N ILE E 227 -76.01 -20.91 30.25
CA ILE E 227 -76.84 -21.56 29.25
C ILE E 227 -77.15 -20.60 28.10
N MET E 228 -77.51 -19.36 28.42
CA MET E 228 -77.83 -18.38 27.40
C MET E 228 -76.63 -18.13 26.50
N ARG E 229 -76.87 -18.16 25.19
CA ARG E 229 -75.81 -18.07 24.19
C ARG E 229 -75.79 -16.69 23.56
N GLY E 230 -74.61 -16.06 23.55
CA GLY E 230 -74.44 -14.89 22.71
C GLY E 230 -74.47 -15.24 21.23
N LYS E 231 -73.61 -16.18 20.83
CA LYS E 231 -73.66 -16.83 19.52
C LYS E 231 -73.32 -15.88 18.38
N LYS E 232 -73.11 -14.60 18.70
CA LYS E 232 -72.91 -13.60 17.66
C LYS E 232 -72.30 -12.35 18.29
N LEU E 233 -71.38 -11.72 17.57
CA LEU E 233 -70.67 -10.53 18.04
C LEU E 233 -70.62 -9.53 16.90
N GLU E 234 -71.49 -8.53 16.95
CA GLU E 234 -71.58 -7.49 15.94
C GLU E 234 -71.59 -6.13 16.59
N PRO E 235 -71.18 -5.08 15.87
CA PRO E 235 -71.13 -3.74 16.46
C PRO E 235 -72.50 -3.26 16.93
N CYS E 236 -72.50 -2.52 18.04
N CYS E 236 -72.49 -2.52 18.04
CA CYS E 236 -73.68 -1.91 18.60
CA CYS E 236 -73.68 -1.91 18.60
C CYS E 236 -73.57 -0.39 18.54
C CYS E 236 -73.59 -0.40 18.51
N ASP E 237 -74.59 0.29 19.06
CA ASP E 237 -74.65 1.74 18.95
C ASP E 237 -73.62 2.44 19.84
N ARG E 238 -73.36 1.92 21.03
CA ARG E 238 -72.56 2.64 22.01
C ARG E 238 -71.07 2.54 21.68
N VAL E 239 -70.39 3.69 21.69
CA VAL E 239 -68.98 3.77 21.35
C VAL E 239 -68.30 4.76 22.29
N LEU E 240 -67.09 4.42 22.72
CA LEU E 240 -66.30 5.24 23.64
C LEU E 240 -65.12 5.84 22.91
N PHE E 241 -64.87 7.14 23.14
CA PHE E 241 -63.75 7.86 22.56
C PHE E 241 -62.79 8.27 23.66
N SER E 242 -61.49 8.32 23.32
CA SER E 242 -60.46 8.76 24.26
C SER E 242 -59.45 9.62 23.52
N VAL E 243 -59.56 10.94 23.70
CA VAL E 243 -58.64 11.90 23.10
C VAL E 243 -57.66 12.32 24.18
N GLY E 244 -56.39 11.92 24.03
CA GLY E 244 -55.44 12.13 25.09
C GLY E 244 -55.80 11.31 26.32
N SER E 245 -56.26 11.98 27.36
CA SER E 245 -56.78 11.30 28.55
C SER E 245 -58.22 11.74 28.87
N THR E 246 -58.94 12.24 27.89
CA THR E 246 -60.32 12.69 28.07
C THR E 246 -61.27 11.70 27.40
N LEU E 247 -62.32 11.31 28.11
CA LEU E 247 -63.25 10.30 27.65
C LEU E 247 -64.54 10.95 27.15
N TYR E 248 -65.01 10.50 25.98
CA TYR E 248 -66.26 10.98 25.39
C TYR E 248 -67.07 9.83 24.84
N PRO E 249 -68.32 9.64 25.28
CA PRO E 249 -69.19 8.63 24.66
C PRO E 249 -69.93 9.20 23.46
N GLU E 250 -70.08 8.37 22.43
CA GLU E 250 -70.74 8.78 21.20
C GLU E 250 -71.76 7.72 20.78
N SER E 251 -72.50 8.04 19.72
CA SER E 251 -73.51 7.15 19.17
C SER E 251 -73.26 6.97 17.68
N ARG E 252 -73.39 5.72 17.21
CA ARG E 252 -73.08 5.40 15.82
C ARG E 252 -74.07 6.06 14.85
N LYS E 253 -75.35 6.12 15.23
CA LYS E 253 -76.36 6.68 14.34
C LYS E 253 -76.09 8.14 14.04
N LEU E 254 -75.73 8.93 15.06
CA LEU E 254 -75.51 10.35 14.84
C LEU E 254 -74.20 10.60 14.10
N LEU E 255 -73.18 9.77 14.33
CA LEU E 255 -71.91 9.94 13.62
C LEU E 255 -72.08 9.74 12.12
N LYS E 256 -72.86 8.72 11.73
CA LYS E 256 -73.03 8.42 10.32
C LYS E 256 -73.91 9.45 9.61
N SER E 257 -74.67 10.24 10.37
CA SER E 257 -75.57 11.20 9.75
C SER E 257 -74.83 12.42 9.19
N TRP E 258 -73.59 12.63 9.58
CA TRP E 258 -72.79 13.74 9.05
C TRP E 258 -71.96 13.33 7.84
N HIS E 259 -72.05 12.07 7.40
CA HIS E 259 -71.41 11.61 6.18
C HIS E 259 -72.37 11.90 5.03
N LEU E 260 -72.45 13.17 4.65
CA LEU E 260 -73.43 13.63 3.68
C LEU E 260 -72.92 13.47 2.26
N PRO E 261 -73.82 13.26 1.30
CA PRO E 261 -73.43 13.19 -0.11
C PRO E 261 -73.12 14.59 -0.64
N SER E 262 -72.65 14.63 -1.89
CA SER E 262 -72.25 15.90 -2.48
C SER E 262 -73.46 16.79 -2.77
N VAL E 263 -74.62 16.20 -3.05
CA VAL E 263 -75.83 16.94 -3.37
C VAL E 263 -77.01 16.25 -2.71
N PHE E 264 -77.88 17.04 -2.09
CA PHE E 264 -79.08 16.49 -1.46
C PHE E 264 -80.16 17.56 -1.39
N HIS E 265 -81.40 17.10 -1.18
CA HIS E 265 -82.58 17.96 -1.15
C HIS E 265 -83.23 17.91 0.23
N LEU E 266 -83.71 19.07 0.68
CA LEU E 266 -84.50 19.17 1.90
C LEU E 266 -85.90 19.62 1.52
N LYS E 267 -86.88 18.75 1.72
CA LYS E 267 -88.26 18.98 1.28
C LYS E 267 -89.17 19.08 2.50
N GLY E 268 -89.86 20.22 2.62
CA GLY E 268 -90.81 20.42 3.70
C GLY E 268 -91.82 21.49 3.34
N LYS E 269 -92.17 22.35 4.30
CA LYS E 269 -92.97 23.52 3.97
C LYS E 269 -92.23 24.43 2.99
N LEU E 270 -90.93 24.60 3.20
CA LEU E 270 -90.04 25.24 2.25
C LEU E 270 -89.02 24.21 1.76
N SER E 271 -88.55 24.41 0.53
CA SER E 271 -87.66 23.47 -0.11
C SER E 271 -86.30 24.12 -0.35
N PHE E 272 -85.24 23.32 -0.19
CA PHE E 272 -83.88 23.80 -0.34
C PHE E 272 -83.04 22.78 -1.10
N THR E 273 -82.01 23.28 -1.79
CA THR E 273 -81.04 22.46 -2.50
C THR E 273 -79.66 22.74 -1.93
N CYS E 274 -78.96 21.68 -1.52
CA CYS E 274 -77.76 21.82 -0.71
C CYS E 274 -76.58 21.08 -1.36
N ARG E 275 -75.38 21.51 -0.97
CA ARG E 275 -74.14 20.96 -1.48
C ARG E 275 -73.12 20.87 -0.35
N CYS E 276 -72.36 19.77 -0.32
CA CYS E 276 -71.37 19.53 0.72
C CYS E 276 -70.01 19.32 0.09
N ASP E 277 -68.98 19.88 0.72
CA ASP E 277 -67.62 19.83 0.18
C ASP E 277 -66.62 19.83 1.32
N THR E 278 -65.50 19.13 1.10
CA THR E 278 -64.43 19.06 2.08
C THR E 278 -63.28 19.96 1.64
N VAL E 279 -62.88 20.87 2.52
CA VAL E 279 -61.89 21.89 2.16
C VAL E 279 -60.53 21.66 2.84
N VAL E 280 -60.51 21.05 4.03
CA VAL E 280 -59.27 20.78 4.73
C VAL E 280 -59.27 19.31 5.19
N SER E 281 -58.10 18.70 5.16
CA SER E 281 -57.96 17.30 5.58
C SER E 281 -56.53 17.08 6.04
N CYS E 282 -56.37 16.56 7.26
CA CYS E 282 -55.03 16.32 7.80
C CYS E 282 -55.09 15.10 8.74
N GLU E 283 -54.79 13.93 8.18
CA GLU E 283 -54.58 12.69 8.95
C GLU E 283 -55.79 12.34 9.82
N GLY E 284 -56.99 12.47 9.27
CA GLY E 284 -58.20 12.10 9.97
C GLY E 284 -59.00 13.24 10.55
N TYR E 285 -58.54 14.48 10.40
CA TYR E 285 -59.26 15.66 10.86
C TYR E 285 -59.66 16.47 9.63
N VAL E 286 -60.93 16.85 9.55
CA VAL E 286 -61.47 17.46 8.34
C VAL E 286 -62.28 18.71 8.67
N VAL E 287 -62.48 19.54 7.65
CA VAL E 287 -63.38 20.69 7.69
C VAL E 287 -64.32 20.58 6.50
N LYS E 288 -65.62 20.74 6.74
CA LYS E 288 -66.63 20.62 5.71
C LYS E 288 -67.36 21.95 5.53
N ARG E 289 -67.77 22.22 4.29
CA ARG E 289 -68.47 23.45 3.93
C ARG E 289 -69.76 23.10 3.22
N ILE E 290 -70.87 23.69 3.68
CA ILE E 290 -72.20 23.37 3.18
C ILE E 290 -72.91 24.65 2.80
N THR E 291 -73.51 24.67 1.62
CA THR E 291 -74.32 25.80 1.15
C THR E 291 -75.74 25.34 0.90
N MET E 292 -76.69 26.25 1.13
CA MET E 292 -78.11 25.96 0.97
C MET E 292 -78.78 27.09 0.19
N SER E 293 -79.62 26.72 -0.77
CA SER E 293 -80.32 27.67 -1.62
C SER E 293 -81.79 27.28 -1.73
N PRO E 294 -82.69 28.26 -1.87
CA PRO E 294 -84.11 27.95 -2.01
C PRO E 294 -84.45 27.36 -3.37
N GLY E 295 -85.41 26.42 -3.37
CA GLY E 295 -85.88 25.80 -4.59
C GLY E 295 -85.31 24.40 -4.78
N LEU E 296 -85.80 23.75 -5.83
CA LEU E 296 -85.40 22.40 -6.19
C LEU E 296 -84.81 22.41 -7.60
N TYR E 297 -83.53 22.07 -7.72
CA TYR E 297 -82.84 22.06 -8.99
C TYR E 297 -82.03 20.79 -9.14
N GLY E 298 -81.95 20.28 -10.37
CA GLY E 298 -81.11 19.14 -10.66
C GLY E 298 -81.68 17.83 -10.14
N LYS E 299 -80.79 16.83 -10.08
CA LYS E 299 -81.15 15.51 -9.59
C LYS E 299 -80.00 14.99 -8.73
N THR E 300 -80.31 13.96 -7.93
CA THR E 300 -79.36 13.40 -6.97
C THR E 300 -79.03 11.96 -7.33
N THR E 301 -77.82 11.55 -6.99
CA THR E 301 -77.37 10.17 -7.16
C THR E 301 -77.27 9.40 -5.85
N GLY E 302 -76.86 10.06 -4.77
CA GLY E 302 -76.75 9.42 -3.48
C GLY E 302 -75.40 8.83 -3.16
N TYR E 303 -74.32 9.35 -3.75
CA TYR E 303 -72.98 8.82 -3.53
C TYR E 303 -72.14 9.83 -2.77
N ALA E 304 -71.32 9.32 -1.84
CA ALA E 304 -70.38 10.12 -1.08
C ALA E 304 -68.97 9.61 -1.33
N VAL E 305 -68.03 10.54 -1.52
CA VAL E 305 -66.68 10.22 -1.96
C VAL E 305 -65.67 10.74 -0.94
N THR E 306 -64.69 9.90 -0.61
CA THR E 306 -63.59 10.26 0.28
C THR E 306 -62.27 10.06 -0.45
N HIS E 307 -61.42 11.08 -0.42
CA HIS E 307 -60.12 11.05 -1.07
C HIS E 307 -59.04 10.72 -0.04
N HIS E 308 -58.20 9.74 -0.35
CA HIS E 308 -57.17 9.26 0.56
C HIS E 308 -55.81 9.82 0.16
N ALA E 309 -55.25 10.68 1.01
CA ALA E 309 -53.90 11.17 0.80
C ALA E 309 -52.84 10.25 1.37
N ASP E 310 -53.18 9.49 2.41
CA ASP E 310 -52.35 8.44 2.95
C ASP E 310 -53.13 7.13 2.98
N GLY E 311 -52.46 6.07 3.44
CA GLY E 311 -53.08 4.75 3.42
C GLY E 311 -54.14 4.60 4.50
N PHE E 312 -55.16 3.81 4.17
CA PHE E 312 -56.22 3.44 5.10
C PHE E 312 -56.36 1.93 5.12
N LEU E 313 -56.38 1.35 6.31
CA LEU E 313 -56.38 -0.11 6.46
C LEU E 313 -57.56 -0.56 7.31
N MET E 314 -58.05 -1.76 6.99
CA MET E 314 -59.07 -2.43 7.80
C MET E 314 -58.86 -3.92 7.67
N CYS E 315 -58.61 -4.61 8.77
CA CYS E 315 -58.21 -6.00 8.75
C CYS E 315 -58.91 -6.77 9.86
N LYS E 316 -58.76 -8.09 9.82
CA LYS E 316 -59.30 -8.99 10.82
C LYS E 316 -58.21 -9.38 11.80
N THR E 317 -58.57 -9.42 13.09
CA THR E 317 -57.61 -9.72 14.14
C THR E 317 -58.24 -10.65 15.16
N THR E 318 -57.37 -11.38 15.87
CA THR E 318 -57.79 -12.34 16.89
C THR E 318 -57.25 -11.91 18.24
N ASP E 319 -58.12 -11.90 19.25
CA ASP E 319 -57.74 -11.49 20.60
C ASP E 319 -58.62 -12.23 21.59
N THR E 320 -58.29 -12.12 22.87
CA THR E 320 -59.06 -12.70 23.95
C THR E 320 -59.81 -11.59 24.68
N VAL E 321 -61.14 -11.71 24.75
CA VAL E 321 -61.99 -10.75 25.45
C VAL E 321 -62.52 -11.46 26.69
N ASP E 322 -62.10 -10.98 27.86
CA ASP E 322 -62.46 -11.59 29.14
C ASP E 322 -62.03 -13.06 29.19
N GLY E 323 -60.89 -13.35 28.56
CA GLY E 323 -60.34 -14.69 28.55
C GLY E 323 -60.82 -15.59 27.43
N GLU E 324 -61.77 -15.14 26.61
CA GLU E 324 -62.33 -15.93 25.54
C GLU E 324 -61.82 -15.42 24.19
N ARG E 325 -61.34 -16.34 23.36
CA ARG E 325 -60.76 -15.97 22.07
C ARG E 325 -61.86 -15.69 21.05
N VAL E 326 -61.77 -14.55 20.38
CA VAL E 326 -62.74 -14.10 19.39
C VAL E 326 -62.01 -13.38 18.26
N SER E 327 -62.77 -12.95 17.26
CA SER E 327 -62.22 -12.25 16.10
C SER E 327 -63.12 -11.08 15.74
N PHE E 328 -62.52 -9.95 15.37
CA PHE E 328 -63.25 -8.77 14.94
C PHE E 328 -62.32 -7.90 14.10
N SER E 329 -62.83 -6.76 13.66
CA SER E 329 -62.15 -5.90 12.70
C SER E 329 -61.60 -4.63 13.36
N VAL E 330 -60.51 -4.11 12.80
CA VAL E 330 -59.79 -2.96 13.33
C VAL E 330 -59.28 -2.12 12.16
N CYS E 331 -59.30 -0.80 12.32
CA CYS E 331 -58.86 0.12 11.28
C CYS E 331 -57.80 1.08 11.83
N THR E 332 -57.03 1.67 10.93
CA THR E 332 -55.94 2.59 11.28
C THR E 332 -55.49 3.34 10.03
N TYR E 333 -54.59 4.31 10.24
CA TYR E 333 -54.03 5.12 9.17
C TYR E 333 -52.52 4.85 9.07
N VAL E 334 -51.99 4.93 7.85
CA VAL E 334 -50.58 4.65 7.60
C VAL E 334 -49.96 5.79 6.80
N PRO E 335 -48.76 6.26 7.18
CA PRO E 335 -48.11 7.34 6.42
C PRO E 335 -47.79 6.93 4.98
N ALA E 336 -47.81 7.92 4.09
CA ALA E 336 -47.69 7.65 2.66
C ALA E 336 -46.29 7.18 2.29
N THR E 337 -45.26 7.71 2.95
CA THR E 337 -43.89 7.31 2.61
C THR E 337 -43.65 5.84 2.89
N ILE E 338 -44.20 5.32 3.99
CA ILE E 338 -44.04 3.90 4.31
C ILE E 338 -44.80 3.04 3.30
N CYS E 339 -45.97 3.50 2.87
CA CYS E 339 -46.75 2.75 1.89
C CYS E 339 -46.00 2.63 0.56
N ASP E 340 -45.34 3.71 0.14
CA ASP E 340 -44.65 3.69 -1.15
C ASP E 340 -43.41 2.80 -1.13
N GLN E 341 -42.84 2.55 0.04
CA GLN E 341 -41.62 1.76 0.13
C GLN E 341 -41.88 0.27 0.28
N MET E 342 -43.13 -0.16 0.36
CA MET E 342 -43.47 -1.57 0.46
C MET E 342 -44.00 -2.14 -0.85
N THR E 343 -43.98 -1.35 -1.93
CA THR E 343 -44.56 -1.81 -3.19
C THR E 343 -43.79 -3.00 -3.74
N GLY E 344 -42.46 -2.96 -3.70
CA GLY E 344 -41.67 -4.06 -4.22
C GLY E 344 -41.80 -5.33 -3.38
N ILE E 345 -41.85 -5.18 -2.06
CA ILE E 345 -41.89 -6.34 -1.17
C ILE E 345 -43.18 -7.13 -1.36
N LEU E 346 -44.31 -6.43 -1.50
CA LEU E 346 -45.61 -7.07 -1.59
C LEU E 346 -45.88 -7.70 -2.94
N ALA E 347 -44.88 -7.78 -3.82
CA ALA E 347 -45.06 -8.45 -5.10
C ALA E 347 -45.15 -9.96 -4.95
N THR E 348 -44.64 -10.50 -3.85
CA THR E 348 -44.68 -11.93 -3.58
C THR E 348 -45.31 -12.17 -2.22
N GLU E 349 -45.37 -13.45 -1.84
CA GLU E 349 -45.93 -13.82 -0.55
C GLU E 349 -44.90 -13.64 0.56
N VAL E 350 -45.31 -13.06 1.68
CA VAL E 350 -44.43 -12.75 2.79
C VAL E 350 -45.13 -13.14 4.09
N THR E 351 -44.37 -13.69 5.03
CA THR E 351 -44.90 -14.06 6.33
C THR E 351 -45.01 -12.84 7.24
N PRO E 352 -45.90 -12.89 8.23
CA PRO E 352 -46.02 -11.74 9.15
C PRO E 352 -44.74 -11.40 9.89
N GLU E 353 -43.91 -12.40 10.21
CA GLU E 353 -42.67 -12.14 10.93
C GLU E 353 -41.69 -11.34 10.08
N ASP E 354 -41.58 -11.68 8.79
CA ASP E 354 -40.66 -10.95 7.91
C ASP E 354 -41.16 -9.53 7.65
N ALA E 355 -42.47 -9.36 7.53
CA ALA E 355 -43.02 -8.03 7.27
C ALA E 355 -42.78 -7.10 8.45
N GLN E 356 -42.83 -7.63 9.68
CA GLN E 356 -42.61 -6.81 10.86
C GLN E 356 -41.18 -6.27 10.90
N LYS E 357 -40.20 -7.12 10.56
CA LYS E 357 -38.80 -6.69 10.62
C LYS E 357 -38.51 -5.63 9.58
N LEU E 358 -39.10 -5.73 8.38
CA LEU E 358 -38.88 -4.73 7.36
C LEU E 358 -39.51 -3.40 7.74
N LEU E 359 -40.68 -3.44 8.37
CA LEU E 359 -41.33 -2.19 8.80
C LEU E 359 -40.51 -1.48 9.86
N VAL E 360 -39.92 -2.24 10.78
CA VAL E 360 -39.10 -1.63 11.83
C VAL E 360 -37.88 -0.94 11.23
N GLY E 361 -37.24 -1.59 10.25
CA GLY E 361 -36.08 -0.99 9.62
C GLY E 361 -36.39 0.31 8.91
N LEU E 362 -37.52 0.38 8.22
CA LEU E 362 -37.91 1.60 7.53
C LEU E 362 -38.31 2.70 8.51
N ASN E 363 -38.98 2.33 9.60
CA ASN E 363 -39.47 3.33 10.55
C ASN E 363 -38.33 3.92 11.36
N GLN E 364 -37.62 3.08 12.11
CA GLN E 364 -36.54 3.54 12.99
C GLN E 364 -35.24 3.73 12.20
N ARG E 365 -35.23 4.80 11.40
CA ARG E 365 -34.06 5.15 10.60
C ARG E 365 -33.72 6.62 10.74
N THR E 376 -35.93 9.05 16.03
CA THR E 376 -37.02 9.54 15.20
C THR E 376 -37.88 8.40 14.68
N ASN E 377 -39.20 8.56 14.77
CA ASN E 377 -40.16 7.58 14.30
C ASN E 377 -41.16 8.25 13.36
N THR E 378 -41.36 7.63 12.18
CA THR E 378 -42.38 8.12 11.28
C THR E 378 -43.77 7.76 11.75
N MET E 379 -43.95 6.54 12.26
CA MET E 379 -45.22 6.06 12.76
C MET E 379 -45.04 5.49 14.16
N LYS E 380 -46.14 5.47 14.92
CA LYS E 380 -46.09 4.95 16.27
C LYS E 380 -45.91 3.43 16.27
N ASN E 381 -45.11 2.95 17.22
CA ASN E 381 -44.69 1.55 17.19
C ASN E 381 -45.77 0.58 17.67
N TYR E 382 -46.77 1.05 18.40
CA TYR E 382 -47.77 0.14 18.96
C TYR E 382 -48.77 -0.37 17.92
N MET E 383 -48.84 0.26 16.74
CA MET E 383 -49.71 -0.22 15.68
C MET E 383 -48.98 -1.07 14.65
N ILE E 384 -47.67 -1.25 14.81
CA ILE E 384 -46.90 -2.01 13.81
C ILE E 384 -47.33 -3.46 13.70
N PRO E 385 -47.54 -4.21 14.79
CA PRO E 385 -47.90 -5.63 14.63
C PRO E 385 -49.16 -5.88 13.80
N VAL E 386 -50.19 -5.05 13.93
CA VAL E 386 -51.41 -5.30 13.18
C VAL E 386 -51.26 -4.85 11.72
N VAL E 387 -50.37 -3.90 11.46
CA VAL E 387 -50.12 -3.48 10.08
C VAL E 387 -49.36 -4.56 9.33
N ALA E 388 -48.39 -5.19 9.99
CA ALA E 388 -47.62 -6.25 9.34
C ALA E 388 -48.49 -7.44 8.99
N GLN E 389 -49.39 -7.82 9.90
CA GLN E 389 -50.30 -8.92 9.62
C GLN E 389 -51.26 -8.59 8.48
N ALA E 390 -51.76 -7.36 8.45
CA ALA E 390 -52.69 -6.97 7.39
C ALA E 390 -52.02 -6.99 6.02
N PHE E 391 -50.76 -6.54 5.96
CA PHE E 391 -50.04 -6.56 4.69
C PHE E 391 -49.81 -7.97 4.19
N SER E 392 -49.56 -8.91 5.10
CA SER E 392 -49.26 -10.28 4.70
C SER E 392 -50.47 -10.95 4.05
N LYS E 393 -51.66 -10.73 4.61
CA LYS E 393 -52.86 -11.34 4.06
C LYS E 393 -53.26 -10.70 2.73
N TRP E 394 -53.01 -9.40 2.58
CA TRP E 394 -53.36 -8.73 1.34
C TRP E 394 -52.54 -9.26 0.17
N ALA E 395 -51.25 -9.52 0.39
CA ALA E 395 -50.40 -10.06 -0.66
C ALA E 395 -50.85 -11.46 -1.07
N LYS E 396 -51.26 -12.27 -0.11
CA LYS E 396 -51.70 -13.63 -0.41
C LYS E 396 -52.97 -13.64 -1.23
N GLU E 397 -53.92 -12.76 -0.91
CA GLU E 397 -55.19 -12.74 -1.63
C GLU E 397 -55.01 -12.25 -3.05
N CYS E 398 -54.09 -11.31 -3.27
CA CYS E 398 -53.81 -10.84 -4.63
C CYS E 398 -53.19 -11.95 -5.47
N ARG E 399 -52.29 -12.73 -4.88
CA ARG E 399 -51.67 -13.83 -5.59
C ARG E 399 -52.69 -14.90 -5.98
N LYS E 400 -53.65 -15.16 -5.09
CA LYS E 400 -54.66 -16.17 -5.36
C LYS E 400 -55.57 -15.76 -6.51
N ASP E 401 -55.84 -14.45 -6.63
CA ASP E 401 -56.71 -13.97 -7.70
C ASP E 401 -56.07 -14.17 -9.07
N MET E 402 -54.74 -13.98 -9.15
CA MET E 402 -54.06 -14.08 -10.44
C MET E 402 -54.03 -15.51 -10.97
N GLU E 403 -54.14 -16.50 -10.08
CA GLU E 403 -54.06 -17.90 -10.47
C GLU E 403 -55.42 -18.52 -10.77
N ASP E 404 -56.49 -17.72 -10.77
CA ASP E 404 -57.85 -18.19 -11.03
C ASP E 404 -58.51 -17.32 -12.08
N GLU E 405 -57.81 -17.09 -13.19
CA GLU E 405 -58.31 -16.22 -14.24
C GLU E 405 -59.62 -16.73 -14.82
N LYS E 406 -60.56 -15.81 -15.04
CA LYS E 406 -61.86 -16.10 -15.63
C LYS E 406 -61.87 -15.65 -17.08
N LEU E 407 -63.05 -15.74 -17.71
CA LEU E 407 -63.24 -15.30 -19.08
C LEU E 407 -63.83 -13.90 -19.13
N LEU E 408 -63.63 -13.21 -20.24
CA LEU E 408 -64.07 -11.84 -20.38
C LEU E 408 -65.56 -11.76 -20.64
N GLY E 409 -66.25 -10.94 -19.85
CA GLY E 409 -67.64 -10.61 -20.11
C GLY E 409 -68.66 -11.66 -19.74
N VAL E 410 -68.31 -12.64 -18.91
CA VAL E 410 -69.23 -13.69 -18.50
C VAL E 410 -69.17 -13.85 -16.99
N ARG E 411 -70.23 -14.46 -16.45
CA ARG E 411 -70.34 -14.73 -15.01
C ARG E 411 -70.61 -16.22 -14.82
N GLU E 412 -69.80 -16.86 -13.99
CA GLU E 412 -69.92 -18.30 -13.74
C GLU E 412 -70.98 -18.50 -12.67
N ARG E 413 -72.04 -19.23 -13.02
CA ARG E 413 -73.15 -19.48 -12.09
C ARG E 413 -73.64 -20.92 -12.19
N THR E 414 -72.71 -21.87 -12.21
CA THR E 414 -73.11 -23.28 -12.26
C THR E 414 -73.08 -23.90 -10.86
N TRP E 421 -79.09 -22.27 -10.19
CA TRP E 421 -78.05 -21.28 -10.42
C TRP E 421 -77.57 -20.67 -9.10
N ALA E 422 -76.33 -20.98 -8.71
CA ALA E 422 -75.75 -20.46 -7.49
C ALA E 422 -74.26 -20.22 -7.70
N PHE E 423 -73.76 -19.11 -7.16
CA PHE E 423 -72.36 -18.73 -7.26
C PHE E 423 -71.72 -18.71 -5.88
N LYS E 424 -70.42 -18.96 -5.85
CA LYS E 424 -69.64 -18.99 -4.62
C LYS E 424 -69.08 -17.61 -4.31
N LYS E 425 -68.95 -17.30 -3.03
CA LYS E 425 -68.38 -16.05 -2.56
C LYS E 425 -67.03 -16.32 -1.90
N GLN E 426 -66.02 -15.56 -2.30
CA GLN E 426 -64.68 -15.73 -1.75
C GLN E 426 -64.55 -15.01 -0.41
N LYS E 427 -63.50 -15.35 0.32
CA LYS E 427 -63.23 -14.76 1.62
C LYS E 427 -62.33 -13.53 1.48
N THR E 428 -62.66 -12.47 2.21
CA THR E 428 -61.89 -11.24 2.23
C THR E 428 -61.56 -10.89 3.66
N HIS E 429 -60.28 -10.74 3.96
CA HIS E 429 -59.83 -10.44 5.32
C HIS E 429 -59.16 -9.08 5.46
N THR E 430 -58.82 -8.41 4.36
CA THR E 430 -58.13 -7.13 4.43
C THR E 430 -58.66 -6.20 3.35
N VAL E 431 -58.91 -4.95 3.73
CA VAL E 431 -59.24 -3.88 2.80
C VAL E 431 -58.15 -2.84 2.90
N TYR E 432 -57.54 -2.49 1.77
CA TYR E 432 -56.38 -1.62 1.72
C TYR E 432 -56.62 -0.54 0.67
N LYS E 433 -56.78 0.70 1.12
CA LYS E 433 -56.94 1.86 0.23
C LYS E 433 -55.60 2.59 0.14
N ARG E 434 -54.94 2.46 -0.99
CA ARG E 434 -53.63 3.06 -1.19
C ARG E 434 -53.75 4.57 -1.38
N PRO E 435 -52.67 5.31 -1.19
CA PRO E 435 -52.71 6.76 -1.44
C PRO E 435 -53.09 7.07 -2.88
N ASP E 436 -53.81 8.19 -3.05
CA ASP E 436 -54.30 8.66 -4.34
C ASP E 436 -55.44 7.79 -4.90
N THR E 437 -56.22 7.18 -4.01
CA THR E 437 -57.41 6.44 -4.38
C THR E 437 -58.62 7.05 -3.69
N GLN E 438 -59.81 6.54 -3.99
CA GLN E 438 -61.05 7.12 -3.49
C GLN E 438 -62.01 6.02 -3.07
N SER E 439 -62.76 6.28 -2.00
CA SER E 439 -63.84 5.41 -1.56
C SER E 439 -65.19 6.02 -1.96
N ILE E 440 -66.18 5.17 -2.13
CA ILE E 440 -67.50 5.61 -2.55
C ILE E 440 -68.58 4.76 -1.90
N GLN E 441 -69.56 5.42 -1.26
CA GLN E 441 -70.64 4.72 -0.56
C GLN E 441 -71.97 5.33 -0.95
N LYS E 442 -73.02 4.51 -0.88
CA LYS E 442 -74.37 4.93 -1.22
C LYS E 442 -75.13 5.30 0.05
N VAL E 443 -75.64 6.53 0.10
CA VAL E 443 -76.36 7.05 1.24
C VAL E 443 -77.64 7.72 0.76
N GLN E 444 -78.46 8.16 1.71
CA GLN E 444 -79.72 8.82 1.40
C GLN E 444 -79.47 10.27 1.00
N ALA E 445 -80.25 10.76 0.04
CA ALA E 445 -80.09 12.12 -0.47
C ALA E 445 -81.40 12.86 -0.62
N GLU E 446 -82.52 12.29 -0.17
CA GLU E 446 -83.83 12.94 -0.23
C GLU E 446 -84.46 12.86 1.15
N PHE E 447 -84.64 14.01 1.81
CA PHE E 447 -85.16 14.08 3.16
C PHE E 447 -86.46 14.86 3.15
N ASP E 448 -87.50 14.29 3.78
CA ASP E 448 -88.79 14.97 3.88
C ASP E 448 -89.43 14.84 5.25
N SER E 449 -88.70 14.41 6.28
CA SER E 449 -89.24 14.30 7.63
C SER E 449 -88.30 15.01 8.58
N PHE E 450 -88.83 15.98 9.32
CA PHE E 450 -88.03 16.79 10.23
C PHE E 450 -88.74 16.95 11.57
N VAL E 451 -89.42 15.90 12.01
CA VAL E 451 -90.14 15.94 13.28
C VAL E 451 -89.60 14.86 14.22
N TRP E 456 -89.97 23.07 25.55
CA TRP E 456 -88.64 23.50 25.96
C TRP E 456 -88.63 23.95 27.43
N SER E 457 -87.54 23.64 28.12
CA SER E 457 -87.34 24.04 29.50
C SER E 457 -85.94 24.63 29.65
N SER E 458 -85.79 25.51 30.64
CA SER E 458 -84.51 26.19 30.84
C SER E 458 -83.44 25.22 31.32
N GLY E 459 -83.66 24.60 32.48
CA GLY E 459 -82.72 23.67 33.05
C GLY E 459 -81.78 24.26 34.08
N LEU E 460 -81.63 25.59 34.09
CA LEU E 460 -80.79 26.23 35.10
C LEU E 460 -81.44 26.14 36.47
N SER E 461 -80.60 26.17 37.50
CA SER E 461 -81.04 26.10 38.89
C SER E 461 -80.77 27.43 39.59
N ILE E 462 -81.55 27.70 40.62
CA ILE E 462 -81.36 28.92 41.40
C ILE E 462 -79.97 29.02 42.00
N PRO E 463 -79.40 27.96 42.62
CA PRO E 463 -78.02 28.10 43.13
C PRO E 463 -77.00 28.46 42.06
N LEU E 464 -77.14 27.93 40.85
CA LEU E 464 -76.19 28.25 39.79
C LEU E 464 -76.33 29.70 39.35
N ARG E 465 -77.57 30.20 39.24
CA ARG E 465 -77.78 31.58 38.82
C ARG E 465 -77.20 32.55 39.84
N THR E 466 -77.33 32.24 41.13
CA THR E 466 -76.75 33.10 42.16
C THR E 466 -75.24 33.17 42.05
N ARG E 467 -74.60 32.03 41.79
CA ARG E 467 -73.13 32.00 41.70
C ARG E 467 -72.63 32.82 40.53
N ILE E 468 -73.33 32.74 39.39
CA ILE E 468 -72.91 33.50 38.21
C ILE E 468 -73.01 34.99 38.46
N LYS E 469 -74.08 35.43 39.13
CA LYS E 469 -74.24 36.85 39.43
C LYS E 469 -73.12 37.35 40.33
N TRP E 470 -72.74 36.56 41.34
CA TRP E 470 -71.70 36.98 42.26
C TRP E 470 -70.37 37.17 41.56
N LEU E 471 -70.02 36.26 40.64
CA LEU E 471 -68.76 36.39 39.91
C LEU E 471 -68.75 37.63 39.02
N LEU E 472 -69.90 38.03 38.50
CA LEU E 472 -69.95 39.17 37.59
C LEU E 472 -69.79 40.48 38.36
N SER E 473 -70.31 40.56 39.58
CA SER E 473 -70.20 41.76 40.40
C SER E 473 -68.75 41.91 40.84
N LYS E 474 -68.09 42.95 40.33
CA LYS E 474 -66.68 43.21 40.60
C LYS E 474 -65.80 42.02 40.21
N ASP F 2 -38.19 34.52 38.90
CA ASP F 2 -38.61 33.76 37.73
C ASP F 2 -38.08 32.31 37.74
N PRO F 3 -36.80 32.09 38.03
CA PRO F 3 -36.31 30.70 38.11
C PRO F 3 -36.82 30.02 39.37
N VAL F 4 -36.77 28.68 39.33
CA VAL F 4 -37.14 27.84 40.46
C VAL F 4 -35.94 26.93 40.77
N TYR F 5 -35.61 26.82 42.04
CA TYR F 5 -34.45 26.07 42.49
C TYR F 5 -34.89 24.76 43.15
N VAL F 6 -34.21 23.67 42.78
CA VAL F 6 -34.51 22.34 43.29
C VAL F 6 -33.24 21.76 43.91
N ASP F 7 -33.42 21.01 44.99
CA ASP F 7 -32.30 20.45 45.74
C ASP F 7 -31.91 19.08 45.16
N ILE F 8 -31.35 19.12 43.95
CA ILE F 8 -30.85 17.93 43.28
C ILE F 8 -29.49 18.22 42.69
N ASP F 9 -28.76 17.15 42.38
CA ASP F 9 -27.43 17.27 41.80
C ASP F 9 -27.52 17.86 40.40
N ALA F 10 -26.49 18.63 40.03
CA ALA F 10 -26.46 19.31 38.74
C ALA F 10 -26.25 18.37 37.57
N ASP F 11 -25.68 17.18 37.80
CA ASP F 11 -25.44 16.21 36.75
C ASP F 11 -26.48 15.10 36.72
N SER F 12 -27.57 15.25 37.46
CA SER F 12 -28.61 14.24 37.48
C SER F 12 -29.33 14.16 36.13
N ALA F 13 -29.73 12.94 35.77
CA ALA F 13 -30.51 12.74 34.55
C ALA F 13 -32.00 12.98 34.75
N PHE F 14 -32.45 13.11 36.00
CA PHE F 14 -33.85 13.40 36.28
C PHE F 14 -34.20 14.85 35.98
N LEU F 15 -33.19 15.72 35.80
CA LEU F 15 -33.46 17.13 35.58
C LEU F 15 -34.17 17.37 34.24
N LYS F 16 -33.82 16.57 33.22
CA LYS F 16 -34.44 16.75 31.91
C LYS F 16 -35.92 16.39 31.95
N ALA F 17 -36.28 15.32 32.66
CA ALA F 17 -37.68 14.93 32.76
C ALA F 17 -38.50 15.98 33.51
N LEU F 18 -37.91 16.60 34.53
CA LEU F 18 -38.61 17.65 35.26
C LEU F 18 -38.87 18.86 34.37
N GLN F 19 -37.91 19.21 33.51
CA GLN F 19 -38.09 20.35 32.61
C GLN F 19 -39.22 20.10 31.61
N ARG F 20 -39.32 18.86 31.12
CA ARG F 20 -40.37 18.54 30.15
C ARG F 20 -41.75 18.58 30.77
N ALA F 21 -41.86 18.29 32.07
CA ALA F 21 -43.14 18.28 32.74
C ALA F 21 -43.63 19.67 33.12
N TYR F 22 -42.73 20.64 33.24
CA TYR F 22 -43.09 22.01 33.63
C TYR F 22 -42.48 22.99 32.62
N PRO F 23 -43.10 23.13 31.45
CA PRO F 23 -42.52 24.00 30.42
C PRO F 23 -42.64 25.49 30.74
N MET F 24 -43.45 25.86 31.74
CA MET F 24 -43.68 27.27 32.05
C MET F 24 -42.69 27.82 33.08
N PHE F 25 -41.71 27.04 33.51
CA PHE F 25 -40.73 27.47 34.50
C PHE F 25 -39.32 27.29 33.96
N GLU F 26 -38.37 27.85 34.70
CA GLU F 26 -36.94 27.65 34.46
C GLU F 26 -36.35 26.95 35.68
N VAL F 27 -35.93 25.70 35.51
CA VAL F 27 -35.49 24.86 36.61
C VAL F 27 -33.98 24.93 36.72
N GLU F 28 -33.49 25.22 37.92
CA GLU F 28 -32.05 25.34 38.18
C GLU F 28 -31.69 24.47 39.37
N PRO F 29 -30.65 23.64 39.27
CA PRO F 29 -30.27 22.79 40.40
C PRO F 29 -29.47 23.56 41.44
N ARG F 30 -29.70 23.20 42.71
CA ARG F 30 -28.95 23.79 43.82
C ARG F 30 -28.97 22.77 44.97
N GLN F 31 -27.87 22.04 45.13
CA GLN F 31 -27.82 20.95 46.10
C GLN F 31 -27.25 21.43 47.43
N VAL F 32 -27.98 21.16 48.52
CA VAL F 32 -27.54 21.59 49.83
C VAL F 32 -27.48 20.42 50.82
N THR F 33 -28.29 19.39 50.59
CA THR F 33 -28.38 18.24 51.48
C THR F 33 -28.31 16.96 50.67
N PRO F 34 -27.81 15.86 51.26
CA PRO F 34 -27.84 14.54 50.61
C PRO F 34 -29.11 13.74 50.90
N ASN F 35 -30.26 14.37 50.72
CA ASN F 35 -31.53 13.70 50.99
C ASN F 35 -31.76 12.58 49.98
N ASP F 36 -32.14 11.40 50.48
CA ASP F 36 -32.31 10.24 49.62
C ASP F 36 -33.68 10.18 48.96
N ALA F 37 -34.57 11.13 49.26
CA ALA F 37 -35.85 11.28 48.57
C ALA F 37 -35.88 12.60 47.81
N ALA F 38 -34.76 12.96 47.20
CA ALA F 38 -34.63 14.26 46.55
C ALA F 38 -35.57 14.39 45.36
N ASN F 39 -35.71 13.34 44.55
CA ASN F 39 -36.56 13.43 43.36
C ASN F 39 -38.03 13.61 43.74
N ALA F 40 -38.49 12.90 44.76
CA ALA F 40 -39.89 13.02 45.16
C ALA F 40 -40.19 14.40 45.73
N ARG F 41 -39.27 14.96 46.51
CA ARG F 41 -39.49 16.29 47.08
C ARG F 41 -39.46 17.37 46.01
N ALA F 42 -38.62 17.19 44.99
CA ALA F 42 -38.53 18.19 43.93
C ALA F 42 -39.83 18.29 43.14
N PHE F 43 -40.49 17.17 42.88
CA PHE F 43 -41.75 17.20 42.13
C PHE F 43 -42.84 17.93 42.91
N SER F 44 -42.93 17.67 44.21
CA SER F 44 -43.97 18.31 45.01
C SER F 44 -43.70 19.80 45.17
N HIS F 45 -42.44 20.20 45.19
CA HIS F 45 -42.09 21.61 45.31
C HIS F 45 -42.58 22.39 44.08
N LEU F 46 -42.41 21.80 42.89
CA LEU F 46 -42.85 22.48 41.67
C LEU F 46 -44.36 22.45 41.52
N ALA F 47 -45.02 21.42 42.07
CA ALA F 47 -46.47 21.32 41.93
C ALA F 47 -47.18 22.45 42.66
N ILE F 48 -46.70 22.83 43.84
CA ILE F 48 -47.32 23.91 44.59
C ILE F 48 -47.13 25.25 43.88
N LYS F 49 -45.97 25.44 43.26
CA LYS F 49 -45.72 26.67 42.52
C LYS F 49 -46.69 26.82 41.35
N LEU F 50 -46.96 25.72 40.64
CA LEU F 50 -47.89 25.77 39.52
C LEU F 50 -49.31 26.11 39.99
N ILE F 51 -49.74 25.54 41.11
CA ILE F 51 -51.09 25.78 41.59
C ILE F 51 -51.30 27.25 41.95
N GLU F 52 -50.30 27.85 42.59
CA GLU F 52 -50.41 29.26 42.99
C GLU F 52 -50.51 30.16 41.77
N GLN F 53 -49.80 29.81 40.69
CA GLN F 53 -49.86 30.62 39.47
C GLN F 53 -51.25 30.54 38.82
N GLU F 54 -51.87 29.36 38.86
CA GLU F 54 -53.15 29.18 38.18
C GLU F 54 -54.27 29.95 38.87
N ILE F 55 -54.31 29.92 40.21
CA ILE F 55 -55.38 30.58 40.95
C ILE F 55 -55.04 32.05 41.12
N ASP F 56 -56.04 32.86 41.44
CA ASP F 56 -55.87 34.29 41.58
C ASP F 56 -55.63 34.67 43.04
N PRO F 57 -54.95 35.78 43.29
CA PRO F 57 -54.78 36.25 44.68
C PRO F 57 -56.10 36.64 45.30
N ASP F 58 -56.04 37.02 46.57
CA ASP F 58 -57.19 37.39 47.39
C ASP F 58 -58.13 36.21 47.61
N SER F 59 -57.68 34.99 47.34
CA SER F 59 -58.46 33.79 47.54
C SER F 59 -58.01 33.08 48.81
N THR F 60 -58.99 32.54 49.54
CA THR F 60 -58.71 31.78 50.76
C THR F 60 -58.53 30.31 50.41
N ILE F 61 -57.46 29.71 50.92
CA ILE F 61 -57.10 28.33 50.60
C ILE F 61 -57.07 27.52 51.89
N LEU F 62 -57.71 26.35 51.86
CA LEU F 62 -57.63 25.40 52.95
C LEU F 62 -56.57 24.35 52.63
N ASP F 63 -55.70 24.08 53.59
CA ASP F 63 -54.64 23.10 53.44
C ASP F 63 -54.95 21.92 54.37
N ILE F 64 -55.46 20.84 53.78
CA ILE F 64 -55.91 19.68 54.55
C ILE F 64 -54.71 18.82 54.90
N GLY F 65 -54.59 18.48 56.17
CA GLY F 65 -53.47 17.68 56.64
C GLY F 65 -52.15 18.36 56.40
N SER F 66 -52.09 19.64 56.75
CA SER F 66 -50.96 20.48 56.38
C SER F 66 -49.76 20.27 57.30
N ALA F 67 -48.59 20.64 56.78
CA ALA F 67 -47.40 20.87 57.58
C ALA F 67 -47.14 22.37 57.56
N PRO F 68 -47.47 23.10 58.64
CA PRO F 68 -47.53 24.56 58.54
C PRO F 68 -46.19 25.23 58.23
N ALA F 69 -45.07 24.55 58.43
CA ALA F 69 -43.77 25.16 58.18
C ALA F 69 -43.53 25.40 56.69
N ARG F 70 -44.20 24.66 55.80
CA ARG F 70 -43.99 24.83 54.37
C ARG F 70 -44.71 26.06 53.82
N ARG F 71 -45.72 26.57 54.52
CA ARG F 71 -46.50 27.71 54.06
C ARG F 71 -46.10 29.01 54.74
N MET F 72 -45.03 29.00 55.55
CA MET F 72 -44.72 30.15 56.39
C MET F 72 -44.23 31.35 55.59
N MET F 73 -43.50 31.13 54.50
CA MET F 73 -42.90 32.20 53.72
C MET F 73 -43.72 32.57 52.49
N SER F 74 -44.97 32.11 52.40
CA SER F 74 -45.82 32.44 51.27
C SER F 74 -46.61 33.71 51.55
N ASP F 75 -46.95 34.44 50.48
CA ASP F 75 -47.71 35.66 50.59
C ASP F 75 -49.21 35.45 50.41
N ARG F 76 -49.66 34.23 50.15
CA ARG F 76 -51.06 33.93 50.02
C ARG F 76 -51.67 33.60 51.38
N LYS F 77 -53.00 33.63 51.45
CA LYS F 77 -53.72 33.38 52.69
C LYS F 77 -54.02 31.89 52.80
N TYR F 78 -53.38 31.22 53.75
CA TYR F 78 -53.57 29.81 53.99
C TYR F 78 -54.24 29.60 55.35
N HIS F 79 -55.14 28.62 55.41
CA HIS F 79 -55.76 28.18 56.65
C HIS F 79 -55.38 26.72 56.86
N CYS F 80 -54.48 26.47 57.80
CA CYS F 80 -53.92 25.14 58.00
C CYS F 80 -54.81 24.34 58.95
N VAL F 81 -55.28 23.19 58.48
CA VAL F 81 -56.10 22.28 59.28
C VAL F 81 -55.18 21.17 59.75
N CYS F 82 -54.84 21.19 61.04
CA CYS F 82 -53.81 20.31 61.58
C CYS F 82 -54.32 19.55 62.81
N PRO F 83 -54.97 18.41 62.60
CA PRO F 83 -55.21 17.49 63.72
C PRO F 83 -53.93 16.74 64.04
N MET F 84 -53.90 16.17 65.24
CA MET F 84 -52.73 15.42 65.71
C MET F 84 -53.12 13.96 65.80
N ARG F 85 -52.97 13.25 64.68
CA ARG F 85 -53.37 11.86 64.58
C ARG F 85 -52.23 10.92 64.19
N SER F 86 -51.08 11.44 63.76
CA SER F 86 -49.94 10.62 63.40
C SER F 86 -48.77 10.96 64.32
N ALA F 87 -47.86 10.00 64.47
CA ALA F 87 -46.74 10.15 65.40
C ALA F 87 -45.72 11.18 64.95
N GLU F 88 -45.75 11.59 63.68
CA GLU F 88 -44.82 12.59 63.17
C GLU F 88 -45.34 14.01 63.31
N ASP F 89 -46.53 14.19 63.85
CA ASP F 89 -47.16 15.51 63.94
C ASP F 89 -46.58 16.39 65.03
N PRO F 90 -46.32 15.88 66.25
CA PRO F 90 -45.73 16.76 67.28
C PRO F 90 -44.40 17.36 66.87
N GLU F 91 -43.59 16.63 66.10
CA GLU F 91 -42.32 17.18 65.64
C GLU F 91 -42.52 18.29 64.61
N ARG F 92 -43.53 18.13 63.75
CA ARG F 92 -43.80 19.15 62.75
C ARG F 92 -44.28 20.45 63.40
N LEU F 93 -45.09 20.34 64.46
CA LEU F 93 -45.55 21.53 65.16
C LEU F 93 -44.39 22.29 65.80
N ALA F 94 -43.46 21.55 66.42
CA ALA F 94 -42.31 22.19 67.05
C ALA F 94 -41.43 22.90 66.04
N ASN F 95 -41.23 22.29 64.88
CA ASN F 95 -40.44 22.92 63.82
C ASN F 95 -41.10 24.21 63.34
N TYR F 96 -42.43 24.26 63.39
CA TYR F 96 -43.14 25.48 62.99
C TYR F 96 -42.86 26.62 63.95
N ALA F 97 -42.85 26.34 65.25
CA ALA F 97 -42.65 27.40 66.24
C ALA F 97 -41.21 27.91 66.22
N ARG F 98 -40.25 27.02 66.00
CA ARG F 98 -38.84 27.45 65.97
C ARG F 98 -38.58 28.40 64.81
N LYS F 99 -39.16 28.12 63.64
CA LYS F 99 -38.94 28.97 62.48
C LYS F 99 -39.62 30.32 62.64
N LEU F 100 -40.77 30.36 63.31
CA LEU F 100 -41.48 31.62 63.49
C LEU F 100 -40.71 32.56 64.41
N ALA F 101 -40.25 32.05 65.56
CA ALA F 101 -39.54 32.90 66.52
C ALA F 101 -38.20 33.36 65.98
N SER F 102 -37.57 32.57 65.11
CA SER F 102 -36.28 32.94 64.54
C SER F 102 -36.40 33.91 63.38
N ALA F 103 -37.62 34.22 62.94
CA ALA F 103 -37.83 35.16 61.84
C ALA F 103 -38.55 36.42 62.27
N ALA F 104 -39.02 36.51 63.51
CA ALA F 104 -39.69 37.71 63.98
C ALA F 104 -38.71 38.87 64.05
N GLY F 105 -39.12 40.02 63.50
CA GLY F 105 -38.27 41.19 63.46
C GLY F 105 -37.32 41.24 62.29
N LYS F 106 -37.28 40.21 61.44
CA LYS F 106 -36.40 40.19 60.28
C LYS F 106 -37.14 40.12 58.95
N VAL F 107 -38.31 39.50 58.91
CA VAL F 107 -39.13 39.44 57.71
C VAL F 107 -40.38 40.27 57.95
N LEU F 108 -40.65 41.21 57.04
CA LEU F 108 -41.76 42.14 57.20
C LEU F 108 -42.86 41.99 56.16
N ASP F 109 -42.55 41.46 54.97
CA ASP F 109 -43.57 41.31 53.94
C ASP F 109 -44.65 40.34 54.36
N ARG F 110 -44.27 39.22 54.97
CA ARG F 110 -45.21 38.21 55.40
C ARG F 110 -45.84 38.60 56.73
N ASN F 111 -46.99 38.00 57.02
CA ASN F 111 -47.75 38.31 58.22
C ASN F 111 -47.23 37.45 59.37
N ILE F 112 -45.99 37.73 59.75
CA ILE F 112 -45.31 36.94 60.78
C ILE F 112 -45.93 37.20 62.14
N SER F 113 -46.23 38.46 62.44
CA SER F 113 -46.76 38.81 63.76
C SER F 113 -48.13 38.18 64.00
N GLY F 114 -49.00 38.21 62.99
CA GLY F 114 -50.31 37.61 63.15
C GLY F 114 -50.26 36.10 63.31
N LYS F 115 -49.35 35.45 62.59
CA LYS F 115 -49.21 34.01 62.71
C LYS F 115 -48.78 33.60 64.11
N ILE F 116 -47.86 34.36 64.70
CA ILE F 116 -47.43 34.08 66.07
C ILE F 116 -48.60 34.29 67.04
N GLY F 117 -49.34 35.38 66.85
CA GLY F 117 -50.49 35.63 67.70
C GLY F 117 -51.57 34.57 67.54
N ASP F 118 -51.73 34.05 66.33
CA ASP F 118 -52.73 33.02 66.09
C ASP F 118 -52.39 31.73 66.83
N LEU F 119 -51.10 31.36 66.84
CA LEU F 119 -50.68 30.12 67.49
C LEU F 119 -50.92 30.18 69.00
N GLN F 120 -50.63 31.32 69.63
CA GLN F 120 -50.79 31.43 71.07
C GLN F 120 -52.26 31.29 71.49
N ALA F 121 -53.17 31.86 70.70
CA ALA F 121 -54.59 31.80 71.05
C ALA F 121 -55.10 30.36 71.08
N VAL F 122 -54.67 29.55 70.11
CA VAL F 122 -55.12 28.16 70.06
C VAL F 122 -54.58 27.38 71.25
N MET F 123 -53.36 27.69 71.69
CA MET F 123 -52.78 26.99 72.84
C MET F 123 -53.60 27.21 74.10
N ALA F 124 -54.06 28.45 74.32
CA ALA F 124 -54.85 28.74 75.51
C ALA F 124 -56.22 28.07 75.44
N VAL F 125 -56.92 28.23 74.33
CA VAL F 125 -58.23 27.65 74.12
C VAL F 125 -58.17 26.79 72.86
N PRO F 126 -58.01 25.47 73.02
CA PRO F 126 -57.89 24.60 71.83
C PRO F 126 -59.21 24.28 71.17
N ASP F 127 -60.07 25.29 70.99
CA ASP F 127 -61.33 25.10 70.30
C ASP F 127 -61.72 26.25 69.40
N THR F 128 -60.88 27.27 69.26
CA THR F 128 -61.21 28.47 68.50
C THR F 128 -60.64 28.39 67.09
N GLU F 129 -61.40 28.90 66.13
CA GLU F 129 -60.94 28.99 64.75
C GLU F 129 -60.22 30.32 64.54
N THR F 130 -59.03 30.25 63.98
CA THR F 130 -58.22 31.43 63.67
C THR F 130 -58.05 31.53 62.16
N PRO F 131 -57.71 32.72 61.65
CA PRO F 131 -57.57 32.86 60.20
C PRO F 131 -56.51 31.95 59.59
N THR F 132 -55.50 31.53 60.35
CA THR F 132 -54.40 30.76 59.79
C THR F 132 -54.16 29.41 60.43
N PHE F 133 -54.90 29.03 61.48
CA PHE F 133 -54.59 27.79 62.17
C PHE F 133 -55.82 27.30 62.93
N CYS F 134 -55.97 25.97 62.97
CA CYS F 134 -57.02 25.33 63.76
C CYS F 134 -56.59 23.89 64.04
N LEU F 135 -57.28 23.25 64.98
CA LEU F 135 -56.93 21.90 65.42
C LEU F 135 -58.00 20.87 65.07
N HIS F 136 -58.93 21.20 64.19
CA HIS F 136 -60.01 20.30 63.84
C HIS F 136 -59.59 19.40 62.69
N THR F 137 -60.50 18.55 62.23
CA THR F 137 -60.29 17.69 61.08
C THR F 137 -60.98 18.29 59.86
N ASP F 138 -60.90 17.57 58.74
CA ASP F 138 -61.48 18.06 57.49
C ASP F 138 -63.01 18.06 57.53
N VAL F 139 -63.62 17.41 58.51
CA VAL F 139 -65.07 17.32 58.59
C VAL F 139 -65.60 18.35 59.58
N SER F 140 -64.89 18.55 60.69
CA SER F 140 -65.37 19.38 61.78
C SER F 140 -64.87 20.83 61.70
N CYS F 141 -64.05 21.17 60.72
CA CYS F 141 -63.62 22.56 60.58
C CYS F 141 -64.80 23.43 60.09
N ARG F 142 -64.80 24.68 60.52
CA ARG F 142 -65.91 25.59 60.25
C ARG F 142 -65.52 26.78 59.38
N GLN F 143 -64.26 26.89 58.97
CA GLN F 143 -63.84 28.01 58.14
C GLN F 143 -64.34 27.84 56.71
N ARG F 144 -64.73 28.95 56.09
CA ARG F 144 -65.21 28.96 54.72
C ARG F 144 -64.13 29.51 53.80
N ALA F 145 -63.97 28.88 52.63
CA ALA F 145 -62.98 29.29 51.66
C ALA F 145 -63.50 28.96 50.26
N ASP F 146 -62.61 29.02 49.27
CA ASP F 146 -62.95 28.69 47.90
C ASP F 146 -61.97 27.76 47.21
N VAL F 147 -60.83 27.46 47.82
CA VAL F 147 -59.85 26.53 47.25
C VAL F 147 -59.41 25.57 48.35
N ALA F 148 -59.27 24.30 48.00
CA ALA F 148 -58.79 23.27 48.90
C ALA F 148 -57.63 22.52 48.25
N ILE F 149 -56.64 22.15 49.06
CA ILE F 149 -55.43 21.51 48.56
C ILE F 149 -55.14 20.27 49.41
N TYR F 150 -54.85 19.15 48.74
CA TYR F 150 -54.38 17.94 49.39
C TYR F 150 -53.00 17.62 48.85
N GLN F 151 -52.00 17.61 49.73
CA GLN F 151 -50.62 17.32 49.35
C GLN F 151 -50.16 16.07 50.09
N ASP F 152 -50.03 14.96 49.35
CA ASP F 152 -49.56 13.68 49.89
C ASP F 152 -50.44 13.21 51.05
N VAL F 153 -51.75 13.23 50.83
CA VAL F 153 -52.72 12.78 51.82
C VAL F 153 -53.38 11.51 51.30
N TYR F 154 -53.23 10.41 52.05
CA TYR F 154 -53.76 9.12 51.64
C TYR F 154 -54.68 8.50 52.68
N ALA F 155 -55.14 9.28 53.67
CA ALA F 155 -55.85 8.72 54.82
C ALA F 155 -57.29 9.16 54.92
N VAL F 156 -57.91 9.62 53.84
CA VAL F 156 -59.30 10.07 53.87
C VAL F 156 -60.07 9.41 52.73
N HIS F 157 -61.39 9.33 52.91
CA HIS F 157 -62.29 8.82 51.89
C HIS F 157 -62.69 9.96 50.98
N ALA F 158 -62.37 9.86 49.69
CA ALA F 158 -62.47 11.01 48.80
C ALA F 158 -63.90 11.55 48.64
N PRO F 159 -64.91 10.73 48.32
CA PRO F 159 -66.26 11.33 48.16
C PRO F 159 -66.79 11.98 49.43
N THR F 160 -66.49 11.42 50.60
CA THR F 160 -66.98 12.00 51.84
C THR F 160 -66.27 13.31 52.15
N SER F 161 -64.95 13.36 51.97
CA SER F 161 -64.20 14.57 52.26
C SER F 161 -64.59 15.71 51.32
N LEU F 162 -64.77 15.40 50.04
CA LEU F 162 -65.09 16.44 49.07
C LEU F 162 -66.47 17.05 49.33
N TYR F 163 -67.42 16.24 49.77
CA TYR F 163 -68.77 16.74 50.03
C TYR F 163 -68.78 17.78 51.14
N HIS F 164 -67.99 17.56 52.19
CA HIS F 164 -67.95 18.51 53.29
C HIS F 164 -67.24 19.79 52.90
N GLN F 165 -66.37 19.74 51.89
CA GLN F 165 -65.73 20.95 51.40
C GLN F 165 -66.70 21.78 50.56
N ALA F 166 -67.60 21.12 49.82
CA ALA F 166 -68.47 21.82 48.88
C ALA F 166 -69.58 22.60 49.57
N ILE F 167 -70.06 22.12 50.72
CA ILE F 167 -71.17 22.79 51.40
C ILE F 167 -70.68 24.01 52.14
N LYS F 168 -69.36 24.27 52.10
CA LYS F 168 -68.78 25.47 52.66
C LYS F 168 -68.36 26.48 51.59
N GLY F 169 -68.71 26.23 50.34
CA GLY F 169 -68.43 27.17 49.27
C GLY F 169 -67.16 26.94 48.48
N VAL F 170 -66.53 25.77 48.62
CA VAL F 170 -65.31 25.48 47.87
C VAL F 170 -65.69 25.04 46.46
N ARG F 171 -65.05 25.65 45.47
CA ARG F 171 -65.34 25.37 44.07
C ARG F 171 -64.21 24.70 43.32
N LEU F 172 -63.02 24.59 43.91
CA LEU F 172 -61.86 24.02 43.23
C LEU F 172 -61.01 23.25 44.24
N ALA F 173 -60.46 22.12 43.80
CA ALA F 173 -59.64 21.28 44.66
C ALA F 173 -58.49 20.69 43.86
N TYR F 174 -57.39 20.38 44.55
CA TYR F 174 -56.21 19.81 43.94
C TYR F 174 -55.72 18.63 44.78
N TRP F 175 -55.14 17.63 44.11
CA TRP F 175 -54.61 16.45 44.77
C TRP F 175 -53.27 16.09 44.16
N VAL F 176 -52.25 15.94 45.00
CA VAL F 176 -50.90 15.60 44.58
C VAL F 176 -50.49 14.30 45.26
N GLY F 177 -50.01 13.35 44.48
CA GLY F 177 -49.60 12.08 45.05
C GLY F 177 -49.18 11.09 43.97
N PHE F 178 -48.93 9.87 44.43
CA PHE F 178 -48.53 8.79 43.52
C PHE F 178 -49.71 8.29 42.71
N ASP F 179 -49.41 7.68 41.57
CA ASP F 179 -50.43 7.15 40.69
C ASP F 179 -51.12 5.95 41.33
N THR F 180 -52.46 5.91 41.23
CA THR F 180 -53.26 4.85 41.82
C THR F 180 -53.58 3.73 40.86
N THR F 181 -53.04 3.78 39.63
CA THR F 181 -53.34 2.73 38.65
C THR F 181 -52.89 1.33 39.08
N PRO F 182 -51.69 1.11 39.61
CA PRO F 182 -51.30 -0.27 39.96
C PRO F 182 -52.19 -0.92 41.00
N PHE F 183 -52.90 -0.14 41.82
CA PHE F 183 -53.78 -0.71 42.83
C PHE F 183 -55.16 -1.04 42.28
N MET F 184 -55.50 -0.53 41.10
CA MET F 184 -56.74 -0.94 40.44
C MET F 184 -56.58 -2.26 39.70
N TYR F 185 -55.35 -2.63 39.36
CA TYR F 185 -55.05 -3.93 38.76
C TYR F 185 -54.87 -5.03 39.80
N ASN F 186 -54.86 -4.68 41.09
CA ASN F 186 -54.82 -5.64 42.20
C ASN F 186 -53.51 -6.42 42.22
N ALA F 187 -52.39 -5.69 42.10
CA ALA F 187 -51.08 -6.31 42.17
C ALA F 187 -50.67 -6.56 43.62
N MET F 188 -49.69 -7.45 43.80
CA MET F 188 -49.20 -7.78 45.13
C MET F 188 -47.97 -6.96 45.52
N ALA F 189 -47.16 -6.54 44.56
CA ALA F 189 -45.98 -5.73 44.84
C ALA F 189 -45.63 -4.94 43.58
N GLY F 190 -44.80 -3.93 43.75
CA GLY F 190 -44.44 -3.09 42.61
C GLY F 190 -43.37 -2.10 43.00
N ALA F 191 -43.02 -1.25 42.04
CA ALA F 191 -41.94 -0.29 42.21
C ALA F 191 -42.24 1.00 41.47
N TYR F 192 -41.61 2.08 41.92
CA TYR F 192 -41.55 3.36 41.21
C TYR F 192 -40.07 3.70 41.05
N PRO F 193 -39.42 3.12 40.04
CA PRO F 193 -37.94 3.17 40.01
C PRO F 193 -37.35 4.56 39.92
N SER F 194 -38.04 5.53 39.32
CA SER F 194 -37.46 6.85 39.17
C SER F 194 -37.42 7.63 40.49
N TYR F 195 -38.19 7.21 41.49
CA TYR F 195 -38.24 7.89 42.78
C TYR F 195 -37.65 7.05 43.92
N SER F 196 -36.98 5.94 43.59
CA SER F 196 -36.42 5.04 44.60
C SER F 196 -37.48 4.56 45.59
N THR F 197 -38.63 4.16 45.06
CA THR F 197 -39.78 3.78 45.86
C THR F 197 -40.17 2.34 45.58
N ASN F 198 -40.41 1.58 46.65
CA ASN F 198 -40.89 0.21 46.57
C ASN F 198 -42.01 0.01 47.58
N TRP F 199 -42.97 -0.84 47.22
CA TRP F 199 -44.08 -1.17 48.09
C TRP F 199 -44.39 -2.65 47.97
N ALA F 200 -45.02 -3.20 49.01
CA ALA F 200 -45.33 -4.62 49.03
C ALA F 200 -46.48 -4.90 49.99
N ASP F 201 -47.20 -5.97 49.72
CA ASP F 201 -48.22 -6.47 50.64
C ASP F 201 -47.57 -7.06 51.89
N GLU F 202 -48.30 -7.00 53.00
CA GLU F 202 -47.77 -7.49 54.26
C GLU F 202 -47.44 -8.97 54.22
N GLN F 203 -48.17 -9.75 53.43
CA GLN F 203 -47.98 -11.20 53.41
C GLN F 203 -46.71 -11.64 52.71
N VAL F 204 -46.07 -10.77 51.93
CA VAL F 204 -44.87 -11.16 51.18
C VAL F 204 -43.64 -10.38 51.63
N LEU F 205 -43.62 -9.91 52.88
CA LEU F 205 -42.47 -9.17 53.37
C LEU F 205 -41.26 -10.07 53.64
N LYS F 206 -41.42 -11.38 53.58
CA LYS F 206 -40.32 -12.33 53.79
C LYS F 206 -39.88 -13.00 52.50
N ALA F 207 -40.05 -12.31 51.37
CA ALA F 207 -39.66 -12.85 50.08
C ALA F 207 -38.14 -12.73 49.90
N LYS F 208 -37.65 -12.98 48.70
CA LYS F 208 -36.22 -13.02 48.46
C LYS F 208 -35.75 -12.04 47.38
N ASN F 209 -36.50 -11.86 46.30
CA ASN F 209 -36.00 -11.14 45.13
C ASN F 209 -36.94 -10.02 44.70
N ILE F 210 -37.59 -9.34 45.63
CA ILE F 210 -38.35 -8.14 45.30
C ILE F 210 -37.68 -6.94 45.95
N GLY F 211 -38.22 -5.74 45.70
CA GLY F 211 -37.56 -4.54 46.17
C GLY F 211 -37.52 -4.40 47.68
N LEU F 212 -38.60 -4.78 48.36
CA LEU F 212 -38.76 -4.57 49.80
C LEU F 212 -39.03 -5.92 50.47
N CYS F 213 -37.98 -6.55 50.99
CA CYS F 213 -38.10 -7.87 51.58
C CYS F 213 -36.85 -8.18 52.39
N SER F 214 -36.93 -9.24 53.20
CA SER F 214 -35.80 -9.75 53.96
C SER F 214 -36.03 -11.22 54.25
N THR F 215 -34.98 -12.02 54.18
CA THR F 215 -35.09 -13.47 54.36
C THR F 215 -33.87 -13.97 55.13
N ASP F 216 -33.76 -15.29 55.27
CA ASP F 216 -32.72 -15.92 56.06
C ASP F 216 -32.08 -17.06 55.27
N LEU F 217 -30.94 -17.54 55.78
CA LEU F 217 -30.30 -18.72 55.22
C LEU F 217 -30.80 -19.97 55.93
N THR F 218 -31.02 -21.03 55.16
CA THR F 218 -31.52 -22.27 55.72
C THR F 218 -31.09 -23.44 54.85
N GLU F 219 -31.10 -24.63 55.46
CA GLU F 219 -30.72 -25.85 54.75
C GLU F 219 -31.90 -26.56 54.11
N GLY F 220 -33.10 -26.39 54.66
CA GLY F 220 -34.28 -26.98 54.08
C GLY F 220 -34.80 -28.20 54.83
N ARG F 221 -35.85 -28.00 55.62
CA ARG F 221 -36.51 -29.09 56.32
C ARG F 221 -37.75 -29.51 55.54
N ARG F 222 -38.51 -30.45 56.09
CA ARG F 222 -39.67 -30.98 55.36
C ARG F 222 -40.96 -30.92 56.16
N GLY F 223 -40.90 -31.15 57.48
CA GLY F 223 -42.12 -31.29 58.24
C GLY F 223 -43.00 -30.07 58.31
N LYS F 224 -42.57 -29.06 59.07
CA LYS F 224 -43.34 -27.83 59.30
C LYS F 224 -44.83 -28.15 59.49
N LEU F 225 -45.10 -29.04 60.45
CA LEU F 225 -46.44 -29.61 60.62
C LEU F 225 -47.38 -28.55 61.16
N SER F 226 -48.21 -28.00 60.26
CA SER F 226 -49.27 -27.07 60.62
C SER F 226 -50.55 -27.58 59.95
N ILE F 227 -51.48 -28.10 60.75
CA ILE F 227 -52.68 -28.72 60.20
C ILE F 227 -53.53 -27.68 59.47
N MET F 228 -53.69 -26.50 60.06
CA MET F 228 -54.49 -25.46 59.44
C MET F 228 -53.89 -25.05 58.10
N ARG F 229 -54.74 -24.97 57.07
CA ARG F 229 -54.31 -24.71 55.71
C ARG F 229 -54.61 -23.27 55.31
N GLY F 230 -53.59 -22.56 54.83
CA GLY F 230 -53.85 -21.30 54.17
C GLY F 230 -54.58 -21.50 52.85
N LYS F 231 -54.03 -22.34 51.98
CA LYS F 231 -54.70 -22.87 50.80
C LYS F 231 -54.98 -21.79 49.76
N LYS F 232 -54.65 -20.53 50.07
CA LYS F 232 -54.99 -19.42 49.21
C LYS F 232 -54.17 -18.21 49.60
N LEU F 233 -53.76 -17.44 48.61
CA LEU F 233 -52.90 -16.27 48.81
C LEU F 233 -53.38 -15.16 47.89
N GLU F 234 -54.13 -14.22 48.45
CA GLU F 234 -54.68 -13.10 47.71
C GLU F 234 -54.38 -11.81 48.45
N PRO F 235 -54.37 -10.67 47.75
CA PRO F 235 -54.03 -9.40 48.39
C PRO F 235 -54.98 -9.04 49.52
N CYS F 236 -54.43 -8.43 50.56
N CYS F 236 -54.43 -8.42 50.55
CA CYS F 236 -55.18 -7.95 51.71
CA CYS F 236 -55.17 -7.95 51.71
C CYS F 236 -55.10 -6.43 51.77
C CYS F 236 -55.13 -6.42 51.76
N ASP F 237 -55.72 -5.86 52.81
CA ASP F 237 -55.83 -4.41 52.90
C ASP F 237 -54.50 -3.73 53.21
N ARG F 238 -53.69 -4.31 54.10
CA ARG F 238 -52.51 -3.62 54.60
C ARG F 238 -51.39 -3.62 53.57
N VAL F 239 -50.78 -2.46 53.36
CA VAL F 239 -49.70 -2.28 52.39
C VAL F 239 -48.63 -1.38 53.01
N LEU F 240 -47.37 -1.71 52.78
CA LEU F 240 -46.23 -0.96 53.30
C LEU F 240 -45.54 -0.22 52.17
N PHE F 241 -45.28 1.07 52.38
CA PHE F 241 -44.59 1.93 51.42
C PHE F 241 -43.21 2.29 51.95
N SER F 242 -42.26 2.45 51.03
CA SER F 242 -40.89 2.83 51.39
C SER F 242 -40.37 3.84 50.36
N VAL F 243 -40.35 5.11 50.73
CA VAL F 243 -39.82 6.17 49.89
C VAL F 243 -38.44 6.52 50.43
N GLY F 244 -37.40 6.19 49.66
CA GLY F 244 -36.05 6.34 50.15
C GLY F 244 -35.80 5.39 51.31
N SER F 245 -35.66 5.94 52.52
CA SER F 245 -35.55 5.14 53.73
C SER F 245 -36.65 5.47 54.73
N THR F 246 -37.77 6.02 54.27
CA THR F 246 -38.91 6.36 55.12
C THR F 246 -40.04 5.40 54.86
N LEU F 247 -40.65 4.89 55.94
CA LEU F 247 -41.69 3.88 55.85
C LEU F 247 -43.06 4.49 56.11
N TYR F 248 -44.04 4.10 55.29
CA TYR F 248 -45.40 4.59 55.44
C TYR F 248 -46.40 3.45 55.24
N PRO F 249 -47.27 3.18 56.21
CA PRO F 249 -48.33 2.19 56.00
C PRO F 249 -49.56 2.82 55.37
N GLU F 250 -50.17 2.09 54.43
CA GLU F 250 -51.35 2.57 53.72
C GLU F 250 -52.43 1.50 53.75
N SER F 251 -53.60 1.87 53.23
CA SER F 251 -54.76 0.99 53.13
C SER F 251 -55.25 0.96 51.69
N ARG F 252 -55.59 -0.24 51.22
CA ARG F 252 -56.01 -0.38 49.82
C ARG F 252 -57.34 0.31 49.55
N LYS F 253 -58.27 0.26 50.52
CA LYS F 253 -59.59 0.84 50.30
C LYS F 253 -59.50 2.36 50.08
N LEU F 254 -58.67 3.04 50.87
CA LEU F 254 -58.58 4.49 50.74
C LEU F 254 -57.80 4.90 49.49
N LEU F 255 -56.82 4.10 49.07
CA LEU F 255 -56.06 4.42 47.87
C LEU F 255 -56.94 4.37 46.63
N LYS F 256 -57.81 3.37 46.55
CA LYS F 256 -58.64 3.21 45.36
C LYS F 256 -59.75 4.25 45.30
N SER F 257 -60.07 4.89 46.42
CA SER F 257 -61.16 5.87 46.44
C SER F 257 -60.78 7.17 45.74
N TRP F 258 -59.50 7.41 45.49
CA TRP F 258 -59.06 8.60 44.78
C TRP F 258 -58.93 8.37 43.28
N HIS F 259 -59.25 7.17 42.79
CA HIS F 259 -59.28 6.88 41.36
C HIS F 259 -60.67 7.23 40.84
N LEU F 260 -60.91 8.53 40.72
CA LEU F 260 -62.25 9.03 40.42
C LEU F 260 -62.50 9.04 38.90
N PRO F 261 -63.75 8.88 38.50
CA PRO F 261 -64.10 8.97 37.07
C PRO F 261 -64.09 10.42 36.61
N SER F 262 -64.31 10.60 35.31
CA SER F 262 -64.27 11.94 34.74
C SER F 262 -65.46 12.79 35.18
N VAL F 263 -66.60 12.17 35.44
CA VAL F 263 -67.81 12.87 35.84
C VAL F 263 -68.52 12.06 36.91
N PHE F 264 -68.98 12.72 37.97
CA PHE F 264 -69.73 12.04 39.02
C PHE F 264 -70.63 13.04 39.74
N HIS F 265 -71.59 12.51 40.48
CA HIS F 265 -72.61 13.29 41.18
C HIS F 265 -72.53 13.06 42.67
N LEU F 266 -72.68 14.13 43.44
CA LEU F 266 -72.78 14.07 44.90
C LEU F 266 -74.18 14.46 45.29
N LYS F 267 -74.94 13.52 45.86
CA LYS F 267 -76.35 13.72 46.17
C LYS F 267 -76.56 13.64 47.68
N GLY F 268 -77.08 14.73 48.24
CA GLY F 268 -77.42 14.76 49.65
C GLY F 268 -78.49 15.80 49.94
N LYS F 269 -78.32 16.54 51.04
CA LYS F 269 -79.19 17.70 51.26
C LYS F 269 -78.99 18.73 50.17
N LEU F 270 -77.75 18.95 49.75
CA LEU F 270 -77.41 19.73 48.58
C LEU F 270 -76.76 18.83 47.55
N SER F 271 -76.94 19.16 46.27
CA SER F 271 -76.47 18.34 45.17
C SER F 271 -75.42 19.08 44.37
N PHE F 272 -74.45 18.34 43.85
CA PHE F 272 -73.35 18.93 43.09
C PHE F 272 -72.99 18.04 41.92
N THR F 273 -72.41 18.66 40.89
CA THR F 273 -71.90 17.97 39.71
C THR F 273 -70.41 18.26 39.59
N CYS F 274 -69.61 17.20 39.48
CA CYS F 274 -68.18 17.32 39.64
C CYS F 274 -67.45 16.73 38.43
N ARG F 275 -66.21 17.19 38.23
CA ARG F 275 -65.37 16.77 37.12
C ARG F 275 -63.94 16.62 37.61
N CYS F 276 -63.25 15.60 37.12
CA CYS F 276 -61.88 15.31 37.53
C CYS F 276 -60.98 15.21 36.30
N ASP F 277 -59.80 15.79 36.39
CA ASP F 277 -58.87 15.86 35.26
C ASP F 277 -57.44 15.79 35.77
N THR F 278 -56.58 15.18 34.96
CA THR F 278 -55.15 15.06 35.27
C THR F 278 -54.38 16.08 34.43
N VAL F 279 -53.58 16.91 35.10
CA VAL F 279 -52.90 18.01 34.42
C VAL F 279 -51.38 17.79 34.33
N VAL F 280 -50.77 17.09 35.28
CA VAL F 280 -49.34 16.81 35.25
C VAL F 280 -49.14 15.32 35.49
N SER F 281 -48.14 14.74 34.80
CA SER F 281 -47.81 13.34 34.97
C SER F 281 -46.33 13.15 34.67
N CYS F 282 -45.59 12.54 35.60
CA CYS F 282 -44.16 12.32 35.39
C CYS F 282 -43.75 11.03 36.11
N GLU F 283 -43.77 9.93 35.37
CA GLU F 283 -43.20 8.65 35.81
C GLU F 283 -43.77 8.16 37.14
N GLY F 284 -45.08 8.33 37.32
CA GLY F 284 -45.77 7.84 38.50
C GLY F 284 -46.27 8.88 39.46
N TYR F 285 -45.90 10.14 39.29
CA TYR F 285 -46.47 11.26 40.03
C TYR F 285 -47.46 12.00 39.16
N VAL F 286 -48.61 12.34 39.75
CA VAL F 286 -49.68 13.02 39.01
C VAL F 286 -50.20 14.18 39.84
N VAL F 287 -50.85 15.12 39.15
CA VAL F 287 -51.59 16.22 39.76
C VAL F 287 -53.00 16.19 39.20
N LYS F 288 -53.99 16.21 40.08
CA LYS F 288 -55.39 16.14 39.69
C LYS F 288 -56.10 17.44 40.06
N ARG F 289 -57.07 17.81 39.22
CA ARG F 289 -57.84 19.04 39.40
C ARG F 289 -59.32 18.70 39.37
N ILE F 290 -60.06 19.15 40.38
CA ILE F 290 -61.46 18.81 40.56
C ILE F 290 -62.27 20.08 40.73
N THR F 291 -63.38 20.19 40.00
CA THR F 291 -64.30 21.31 40.10
C THR F 291 -65.66 20.82 40.58
N MET F 292 -66.38 21.69 41.28
CA MET F 292 -67.69 21.35 41.83
C MET F 292 -68.66 22.49 41.58
N SER F 293 -69.85 22.17 41.09
CA SER F 293 -70.89 23.13 40.80
C SER F 293 -72.22 22.67 41.35
N PRO F 294 -73.07 23.59 41.80
CA PRO F 294 -74.37 23.19 42.36
C PRO F 294 -75.34 22.72 41.28
N GLY F 295 -76.17 21.75 41.64
CA GLY F 295 -77.17 21.22 40.74
C GLY F 295 -76.77 19.89 40.13
N LEU F 296 -77.71 19.31 39.39
CA LEU F 296 -77.53 18.02 38.73
C LEU F 296 -77.69 18.22 37.23
N TYR F 297 -76.63 17.95 36.47
CA TYR F 297 -76.65 18.12 35.03
C TYR F 297 -76.01 16.91 34.36
N GLY F 298 -76.52 16.55 33.19
CA GLY F 298 -75.92 15.49 32.40
C GLY F 298 -76.20 14.11 32.95
N LYS F 299 -75.41 13.15 32.46
CA LYS F 299 -75.49 11.77 32.91
C LYS F 299 -74.07 11.21 33.02
N THR F 300 -73.96 10.11 33.75
CA THR F 300 -72.66 9.51 34.07
C THR F 300 -72.55 8.12 33.45
N THR F 301 -71.32 7.75 33.10
CA THR F 301 -71.02 6.42 32.59
C THR F 301 -70.27 5.55 33.58
N GLY F 302 -69.37 6.12 34.36
CA GLY F 302 -68.62 5.37 35.35
C GLY F 302 -67.31 4.81 34.89
N TYR F 303 -66.62 5.48 33.97
CA TYR F 303 -65.35 5.00 33.44
C TYR F 303 -64.22 5.96 33.81
N ALA F 304 -63.07 5.41 34.15
CA ALA F 304 -61.86 6.17 34.44
C ALA F 304 -60.77 5.77 33.46
N VAL F 305 -60.04 6.76 32.94
CA VAL F 305 -59.09 6.56 31.85
C VAL F 305 -57.71 7.03 32.30
N THR F 306 -56.70 6.22 32.01
CA THR F 306 -55.31 6.55 32.28
C THR F 306 -54.51 6.50 30.99
N HIS F 307 -53.76 7.57 30.71
CA HIS F 307 -52.94 7.66 29.52
C HIS F 307 -51.50 7.30 29.86
N HIS F 308 -50.89 6.43 29.06
CA HIS F 308 -49.56 5.91 29.33
C HIS F 308 -48.55 6.57 28.40
N ALA F 309 -47.72 7.44 28.95
CA ALA F 309 -46.61 8.03 28.20
C ALA F 309 -45.44 7.07 28.06
N ASP F 310 -45.21 6.21 29.04
CA ASP F 310 -44.22 5.16 28.98
C ASP F 310 -44.88 3.81 29.23
N GLY F 311 -44.07 2.76 29.16
CA GLY F 311 -44.61 1.41 29.29
C GLY F 311 -45.02 1.08 30.72
N PHE F 312 -46.07 0.28 30.82
CA PHE F 312 -46.55 -0.25 32.10
C PHE F 312 -46.67 -1.75 32.00
N LEU F 313 -46.13 -2.47 32.98
CA LEU F 313 -46.05 -3.92 32.94
C LEU F 313 -46.66 -4.53 34.18
N MET F 314 -47.18 -5.74 34.03
CA MET F 314 -47.69 -6.53 35.15
C MET F 314 -47.57 -8.00 34.76
N CYS F 315 -46.79 -8.76 35.52
CA CYS F 315 -46.46 -10.13 35.15
C CYS F 315 -46.51 -11.03 36.38
N LYS F 316 -46.47 -12.32 36.11
CA LYS F 316 -46.46 -13.34 37.17
C LYS F 316 -45.02 -13.78 37.44
N THR F 317 -44.69 -13.95 38.72
CA THR F 317 -43.34 -14.30 39.12
C THR F 317 -43.38 -15.38 40.19
N THR F 318 -42.29 -16.12 40.31
CA THR F 318 -42.15 -17.21 41.26
C THR F 318 -41.02 -16.90 42.22
N ASP F 319 -41.29 -17.04 43.51
CA ASP F 319 -40.31 -16.75 44.55
C ASP F 319 -40.57 -17.66 45.75
N THR F 320 -39.68 -17.60 46.73
CA THR F 320 -39.83 -18.34 47.97
C THR F 320 -40.11 -17.36 49.11
N VAL F 321 -41.21 -17.57 49.81
CA VAL F 321 -41.59 -16.75 50.95
C VAL F 321 -41.43 -17.61 52.20
N ASP F 322 -40.49 -17.23 53.05
CA ASP F 322 -40.16 -18.00 54.25
C ASP F 322 -39.74 -19.43 53.91
N GLY F 323 -39.08 -19.58 52.76
CA GLY F 323 -38.60 -20.87 52.31
C GLY F 323 -39.56 -21.68 51.47
N GLU F 324 -40.79 -21.21 51.27
CA GLU F 324 -41.80 -21.94 50.53
C GLU F 324 -42.05 -21.27 49.20
N ARG F 325 -42.05 -22.07 48.13
CA ARG F 325 -42.18 -21.54 46.77
C ARG F 325 -43.63 -21.22 46.46
N VAL F 326 -43.88 -20.00 45.97
CA VAL F 326 -45.21 -19.51 45.66
C VAL F 326 -45.13 -18.65 44.40
N SER F 327 -46.28 -18.15 43.96
CA SER F 327 -46.38 -17.31 42.77
C SER F 327 -47.35 -16.16 43.03
N PHE F 328 -46.98 -14.97 42.55
CA PHE F 328 -47.84 -13.78 42.66
C PHE F 328 -47.44 -12.79 41.58
N SER F 329 -48.07 -11.62 41.59
CA SER F 329 -47.95 -10.64 40.52
C SER F 329 -47.17 -9.42 40.97
N VAL F 330 -46.49 -8.79 40.00
CA VAL F 330 -45.61 -7.65 40.24
C VAL F 330 -45.74 -6.68 39.07
N CYS F 331 -45.69 -5.37 39.36
CA CYS F 331 -45.82 -4.33 38.36
C CYS F 331 -44.63 -3.38 38.42
N THR F 332 -44.41 -2.65 37.33
CA THR F 332 -43.29 -1.71 37.23
C THR F 332 -43.51 -0.82 36.01
N TYR F 333 -42.64 0.19 35.86
CA TYR F 333 -42.66 1.12 34.75
C TYR F 333 -41.40 0.95 33.91
N VAL F 334 -41.52 1.18 32.60
CA VAL F 334 -40.41 0.99 31.67
C VAL F 334 -40.25 2.24 30.81
N PRO F 335 -39.03 2.75 30.61
CA PRO F 335 -38.84 3.93 29.76
C PRO F 335 -39.25 3.69 28.32
N ALA F 336 -39.73 4.75 27.68
CA ALA F 336 -40.32 4.63 26.35
C ALA F 336 -39.29 4.29 25.28
N THR F 337 -38.06 4.80 25.44
CA THR F 337 -37.03 4.53 24.43
C THR F 337 -36.68 3.05 24.37
N ILE F 338 -36.61 2.39 25.53
CA ILE F 338 -36.30 0.97 25.56
C ILE F 338 -37.45 0.17 24.96
N CYS F 339 -38.69 0.61 25.22
CA CYS F 339 -39.85 -0.10 24.66
C CYS F 339 -39.84 -0.05 23.13
N ASP F 340 -39.45 1.08 22.55
CA ASP F 340 -39.48 1.23 21.10
C ASP F 340 -38.38 0.42 20.43
N GLN F 341 -37.31 0.09 21.15
CA GLN F 341 -36.19 -0.63 20.55
C GLN F 341 -36.33 -2.14 20.65
N MET F 342 -37.41 -2.65 21.24
CA MET F 342 -37.66 -4.08 21.32
C MET F 342 -38.78 -4.54 20.40
N THR F 343 -39.28 -3.66 19.53
CA THR F 343 -40.40 -4.02 18.67
C THR F 343 -40.00 -5.11 17.68
N GLY F 344 -38.83 -5.01 17.07
CA GLY F 344 -38.41 -6.02 16.11
C GLY F 344 -38.11 -7.36 16.75
N ILE F 345 -37.50 -7.34 17.94
CA ILE F 345 -37.11 -8.59 18.60
C ILE F 345 -38.34 -9.42 18.97
N LEU F 346 -39.38 -8.76 19.48
CA LEU F 346 -40.56 -9.45 19.97
C LEU F 346 -41.46 -9.96 18.85
N ALA F 347 -41.02 -9.90 17.59
CA ALA F 347 -41.80 -10.45 16.49
C ALA F 347 -41.78 -11.98 16.49
N THR F 348 -40.80 -12.58 17.14
CA THR F 348 -40.67 -14.02 17.24
C THR F 348 -40.51 -14.44 18.70
N GLU F 349 -40.47 -15.74 18.92
CA GLU F 349 -40.33 -16.26 20.27
C GLU F 349 -38.88 -16.14 20.73
N VAL F 350 -38.69 -15.70 21.97
CA VAL F 350 -37.37 -15.46 22.54
C VAL F 350 -37.34 -16.01 23.95
N THR F 351 -36.20 -16.60 24.34
CA THR F 351 -36.02 -17.13 25.68
C THR F 351 -35.68 -16.02 26.66
N PRO F 352 -35.98 -16.22 27.94
CA PRO F 352 -35.65 -15.18 28.93
C PRO F 352 -34.16 -14.86 29.01
N GLU F 353 -33.29 -15.84 28.78
CA GLU F 353 -31.86 -15.59 28.84
C GLU F 353 -31.42 -14.67 27.71
N ASP F 354 -31.96 -14.86 26.51
CA ASP F 354 -31.58 -14.01 25.38
C ASP F 354 -32.11 -12.60 25.55
N ALA F 355 -33.32 -12.46 26.10
CA ALA F 355 -33.91 -11.14 26.28
C ALA F 355 -33.10 -10.32 27.29
N GLN F 356 -32.58 -10.97 28.34
CA GLN F 356 -31.81 -10.27 29.34
C GLN F 356 -30.53 -9.67 28.76
N LYS F 357 -29.86 -10.43 27.89
CA LYS F 357 -28.62 -9.94 27.30
C LYS F 357 -28.87 -8.77 26.35
N LEU F 358 -29.98 -8.80 25.61
CA LEU F 358 -30.30 -7.69 24.72
C LEU F 358 -30.63 -6.43 25.50
N LEU F 359 -31.33 -6.57 26.64
CA LEU F 359 -31.69 -5.41 27.43
C LEU F 359 -30.46 -4.75 28.06
N VAL F 360 -29.48 -5.57 28.44
CA VAL F 360 -28.25 -5.02 29.02
C VAL F 360 -27.49 -4.21 27.98
N GLY F 361 -27.43 -4.70 26.74
CA GLY F 361 -26.74 -3.96 25.70
C GLY F 361 -27.38 -2.62 25.39
N LEU F 362 -28.71 -2.57 25.36
CA LEU F 362 -29.41 -1.32 25.11
C LEU F 362 -29.26 -0.34 26.27
N ASN F 363 -29.26 -0.85 27.50
CA ASN F 363 -29.23 0.02 28.67
C ASN F 363 -27.85 0.63 28.87
N GLN F 364 -26.85 -0.21 29.11
CA GLN F 364 -25.49 0.25 29.39
C GLN F 364 -24.75 0.57 28.09
N ARG F 365 -25.12 1.69 27.49
CA ARG F 365 -24.49 2.14 26.26
C ARG F 365 -24.07 3.61 26.37
N THR F 376 -23.61 5.28 32.36
CA THR F 376 -24.96 5.79 32.18
C THR F 376 -25.97 4.66 32.01
N ASN F 377 -27.00 4.66 32.84
CA ASN F 377 -28.07 3.67 32.79
C ASN F 377 -29.39 4.38 32.54
N THR F 378 -30.12 3.92 31.52
CA THR F 378 -31.45 4.48 31.27
C THR F 378 -32.46 3.97 32.29
N MET F 379 -32.40 2.70 32.64
CA MET F 379 -33.26 2.11 33.66
C MET F 379 -32.39 1.46 34.73
N LYS F 380 -32.97 1.31 35.92
CA LYS F 380 -32.24 0.71 37.03
C LYS F 380 -32.10 -0.79 36.82
N ASN F 381 -30.93 -1.32 37.20
CA ASN F 381 -30.56 -2.67 36.82
C ASN F 381 -31.26 -3.74 37.65
N TYR F 382 -31.78 -3.40 38.83
CA TYR F 382 -32.36 -4.43 39.69
C TYR F 382 -33.74 -4.90 39.21
N MET F 383 -34.34 -4.22 38.25
CA MET F 383 -35.64 -4.62 37.71
C MET F 383 -35.53 -5.30 36.36
N ILE F 384 -34.32 -5.41 35.81
CA ILE F 384 -34.17 -6.01 34.48
C ILE F 384 -34.60 -7.47 34.43
N PRO F 385 -34.24 -8.35 35.38
CA PRO F 385 -34.62 -9.76 35.24
C PRO F 385 -36.13 -10.00 35.14
N VAL F 386 -36.94 -9.25 35.88
CA VAL F 386 -38.38 -9.48 35.82
C VAL F 386 -38.97 -8.89 34.54
N VAL F 387 -38.35 -7.86 33.98
CA VAL F 387 -38.81 -7.30 32.72
C VAL F 387 -38.52 -8.27 31.57
N ALA F 388 -37.35 -8.90 31.60
CA ALA F 388 -37.00 -9.85 30.55
C ALA F 388 -37.92 -11.06 30.56
N GLN F 389 -38.26 -11.54 31.75
CA GLN F 389 -39.19 -12.66 31.86
C GLN F 389 -40.57 -12.29 31.34
N ALA F 390 -41.04 -11.08 31.65
CA ALA F 390 -42.36 -10.65 31.19
C ALA F 390 -42.41 -10.52 29.68
N PHE F 391 -41.35 -10.00 29.06
CA PHE F 391 -41.33 -9.84 27.62
C PHE F 391 -41.37 -11.19 26.91
N SER F 392 -40.70 -12.19 27.46
CA SER F 392 -40.65 -13.50 26.82
C SER F 392 -42.02 -14.17 26.79
N LYS F 393 -42.78 -14.05 27.89
CA LYS F 393 -44.10 -14.67 27.94
C LYS F 393 -45.10 -13.91 27.07
N TRP F 394 -44.93 -12.60 26.93
CA TRP F 394 -45.85 -11.82 26.10
C TRP F 394 -45.72 -12.21 24.63
N ALA F 395 -44.50 -12.42 24.16
CA ALA F 395 -44.30 -12.79 22.76
C ALA F 395 -44.89 -14.16 22.47
N LYS F 396 -44.75 -15.11 23.41
CA LYS F 396 -45.29 -16.45 23.21
C LYS F 396 -46.81 -16.44 23.11
N GLU F 397 -47.48 -15.67 23.96
CA GLU F 397 -48.94 -15.64 23.96
C GLU F 397 -49.48 -15.00 22.69
N CYS F 398 -48.79 -13.98 22.18
CA CYS F 398 -49.21 -13.35 20.92
C CYS F 398 -49.06 -14.32 19.76
N ARG F 399 -47.96 -15.10 19.74
CA ARG F 399 -47.77 -16.08 18.68
C ARG F 399 -48.84 -17.16 18.72
N LYS F 400 -49.26 -17.56 19.92
CA LYS F 400 -50.27 -18.60 20.05
C LYS F 400 -51.62 -18.13 19.53
N ASP F 401 -51.94 -16.85 19.70
CA ASP F 401 -53.22 -16.33 19.24
C ASP F 401 -53.33 -16.37 17.72
N MET F 402 -52.24 -16.08 17.01
CA MET F 402 -52.29 -16.01 15.56
C MET F 402 -52.50 -17.38 14.93
N GLU F 403 -52.16 -18.46 15.64
CA GLU F 403 -52.27 -19.81 15.12
C GLU F 403 -53.59 -20.48 15.45
N ASP F 404 -54.53 -19.74 16.05
CA ASP F 404 -55.84 -20.25 16.43
C ASP F 404 -56.94 -19.32 15.95
N GLU F 405 -56.86 -18.95 14.67
CA GLU F 405 -57.82 -18.01 14.09
C GLU F 405 -59.25 -18.53 14.18
N LYS F 406 -60.16 -17.64 14.54
CA LYS F 406 -61.59 -17.94 14.64
C LYS F 406 -62.32 -17.36 13.44
N LEU F 407 -63.64 -17.44 13.46
CA LEU F 407 -64.49 -16.89 12.41
C LEU F 407 -65.04 -15.53 12.83
N LEU F 408 -65.37 -14.72 11.83
CA LEU F 408 -65.82 -13.35 12.08
C LEU F 408 -67.25 -13.33 12.61
N GLY F 409 -67.45 -12.62 13.72
CA GLY F 409 -68.79 -12.35 14.21
C GLY F 409 -69.50 -13.49 14.89
N VAL F 410 -68.78 -14.52 15.35
CA VAL F 410 -69.40 -15.65 16.03
C VAL F 410 -68.63 -15.96 17.30
N ARG F 411 -69.28 -16.68 18.20
CA ARG F 411 -68.68 -17.10 19.48
C ARG F 411 -68.84 -18.61 19.58
N GLU F 412 -67.72 -19.31 19.80
CA GLU F 412 -67.73 -20.76 19.90
C GLU F 412 -68.13 -21.16 21.32
N ARG F 413 -69.22 -21.90 21.45
CA ARG F 413 -69.71 -22.31 22.77
C ARG F 413 -70.14 -23.77 22.75
N THR F 414 -69.31 -24.64 22.20
CA THR F 414 -69.63 -26.07 22.18
C THR F 414 -68.94 -26.80 23.32
N TRP F 421 -73.90 -25.61 26.99
CA TRP F 421 -73.12 -24.50 26.43
C TRP F 421 -72.06 -24.02 27.42
N ALA F 422 -70.79 -24.24 27.09
CA ALA F 422 -69.68 -23.82 27.93
C ALA F 422 -68.49 -23.46 27.05
N PHE F 423 -67.80 -22.37 27.41
CA PHE F 423 -66.62 -21.93 26.68
C PHE F 423 -65.38 -22.04 27.56
N LYS F 424 -64.23 -22.20 26.91
CA LYS F 424 -62.96 -22.32 27.60
C LYS F 424 -62.31 -20.95 27.75
N LYS F 425 -61.59 -20.78 28.86
CA LYS F 425 -60.85 -19.55 29.13
C LYS F 425 -59.36 -19.81 29.02
N GLN F 426 -58.66 -18.96 28.29
CA GLN F 426 -57.23 -19.11 28.10
C GLN F 426 -56.46 -18.54 29.29
N LYS F 427 -55.19 -18.88 29.37
CA LYS F 427 -54.33 -18.40 30.45
C LYS F 427 -53.61 -17.12 30.04
N THR F 428 -53.52 -16.18 30.98
CA THR F 428 -52.85 -14.91 30.76
C THR F 428 -51.85 -14.69 31.88
N HIS F 429 -50.58 -14.48 31.51
CA HIS F 429 -49.52 -14.29 32.49
C HIS F 429 -48.89 -12.91 32.44
N THR F 430 -49.14 -12.12 31.40
CA THR F 430 -48.53 -10.82 31.25
C THR F 430 -49.53 -9.81 30.70
N VAL F 431 -49.57 -8.63 31.30
CA VAL F 431 -50.32 -7.49 30.78
C VAL F 431 -49.32 -6.39 30.48
N TYR F 432 -49.32 -5.91 29.24
CA TYR F 432 -48.32 -4.96 28.75
C TYR F 432 -49.03 -3.82 28.05
N LYS F 433 -49.00 -2.63 28.65
CA LYS F 433 -49.57 -1.42 28.07
C LYS F 433 -48.44 -0.61 27.43
N ARG F 434 -48.42 -0.58 26.11
CA ARG F 434 -47.38 0.12 25.37
C ARG F 434 -47.59 1.63 25.43
N PRO F 435 -46.54 2.41 25.15
CA PRO F 435 -46.70 3.87 25.12
C PRO F 435 -47.74 4.30 24.11
N ASP F 436 -48.47 5.38 24.46
CA ASP F 436 -49.52 5.96 23.64
C ASP F 436 -50.79 5.10 23.62
N THR F 437 -50.99 4.27 24.63
CA THR F 437 -52.22 3.52 24.81
C THR F 437 -52.91 3.99 26.09
N GLN F 438 -54.12 3.48 26.33
CA GLN F 438 -54.93 3.94 27.44
C GLN F 438 -55.58 2.76 28.15
N SER F 439 -55.71 2.88 29.47
CA SER F 439 -56.44 1.92 30.28
C SER F 439 -57.81 2.47 30.66
N ILE F 440 -58.77 1.57 30.87
CA ILE F 440 -60.12 1.99 31.21
C ILE F 440 -60.74 1.01 32.20
N GLN F 441 -61.30 1.54 33.29
CA GLN F 441 -61.90 0.71 34.33
C GLN F 441 -63.25 1.30 34.73
N LYS F 442 -64.13 0.43 35.22
CA LYS F 442 -65.46 0.83 35.63
C LYS F 442 -65.50 1.01 37.15
N VAL F 443 -65.94 2.19 37.59
CA VAL F 443 -66.01 2.54 39.00
C VAL F 443 -67.37 3.19 39.28
N GLN F 444 -67.62 3.47 40.55
CA GLN F 444 -68.87 4.10 40.96
C GLN F 444 -68.83 5.60 40.66
N ALA F 445 -69.99 6.14 40.26
CA ALA F 445 -70.08 7.55 39.91
C ALA F 445 -71.30 8.24 40.51
N GLU F 446 -72.07 7.55 41.36
CA GLU F 446 -73.24 8.14 42.01
C GLU F 446 -73.13 7.88 43.50
N PHE F 447 -72.95 8.94 44.28
CA PHE F 447 -72.76 8.85 45.72
C PHE F 447 -73.90 9.54 46.44
N ASP F 448 -74.48 8.85 47.42
CA ASP F 448 -75.56 9.44 48.21
C ASP F 448 -75.44 9.15 49.71
N SER F 449 -74.30 8.65 50.18
CA SER F 449 -74.10 8.37 51.60
C SER F 449 -72.81 9.04 52.04
N PHE F 450 -72.90 9.89 53.06
CA PHE F 450 -71.75 10.66 53.54
C PHE F 450 -71.71 10.63 55.06
N VAL F 451 -72.12 9.52 55.67
CA VAL F 451 -72.10 9.38 57.11
C VAL F 451 -71.18 8.23 57.52
N TRP F 456 -65.98 15.27 68.47
CA TRP F 456 -64.61 15.74 68.23
C TRP F 456 -63.89 16.03 69.54
N SER F 457 -62.60 15.71 69.57
CA SER F 457 -61.75 16.00 70.71
C SER F 457 -60.46 16.63 70.23
N SER F 458 -59.83 17.41 71.12
CA SER F 458 -58.62 18.13 70.74
C SER F 458 -57.44 17.18 70.53
N GLY F 459 -57.07 16.45 71.58
CA GLY F 459 -55.96 15.52 71.53
C GLY F 459 -54.65 16.08 72.05
N LEU F 460 -54.52 17.40 72.11
CA LEU F 460 -53.31 18.01 72.66
C LEU F 460 -53.23 17.77 74.17
N SER F 461 -52.01 17.66 74.66
CA SER F 461 -51.74 17.44 76.07
C SER F 461 -51.16 18.70 76.70
N ILE F 462 -51.33 18.81 78.02
CA ILE F 462 -50.78 19.96 78.75
C ILE F 462 -49.27 20.07 78.59
N PRO F 463 -48.47 19.00 78.71
CA PRO F 463 -47.02 19.16 78.50
C PRO F 463 -46.66 19.69 77.13
N LEU F 464 -47.38 19.29 76.08
CA LEU F 464 -47.05 19.78 74.74
C LEU F 464 -47.42 21.25 74.59
N ARG F 465 -48.55 21.66 75.17
CA ARG F 465 -48.94 23.07 75.08
C ARG F 465 -47.94 23.96 75.78
N THR F 466 -47.40 23.51 76.92
CA THR F 466 -46.40 24.29 77.63
C THR F 466 -45.13 24.46 76.81
N ARG F 467 -44.69 23.40 76.11
CA ARG F 467 -43.46 23.47 75.34
C ARG F 467 -43.59 24.43 74.17
N ILE F 468 -44.75 24.44 73.51
CA ILE F 468 -44.95 25.33 72.36
C ILE F 468 -44.90 26.78 72.81
N LYS F 469 -45.51 27.09 73.97
CA LYS F 469 -45.48 28.45 74.47
C LYS F 469 -44.06 28.92 74.77
N TRP F 470 -43.23 28.05 75.34
CA TRP F 470 -41.88 28.43 75.70
C TRP F 470 -41.04 28.76 74.48
N LEU F 471 -41.18 27.98 73.41
CA LEU F 471 -40.43 28.26 72.19
C LEU F 471 -40.85 29.57 71.55
N LEU F 472 -42.12 29.95 71.70
CA LEU F 472 -42.61 31.17 71.08
C LEU F 472 -42.08 32.41 71.79
N SER F 473 -41.93 32.34 73.11
CA SER F 473 -41.42 33.46 73.89
C SER F 473 -39.94 33.64 73.58
N LYS F 474 -39.59 34.77 72.96
CA LYS F 474 -38.22 35.07 72.54
C LYS F 474 -37.68 33.99 71.60
N ASP G 2 -14.23 28.25 56.24
CA ASP G 2 -15.17 27.59 55.34
C ASP G 2 -14.72 26.18 54.91
N PRO G 3 -13.46 26.00 54.50
CA PRO G 3 -12.99 24.64 54.18
C PRO G 3 -12.83 23.79 55.43
N VAL G 4 -12.83 22.48 55.22
CA VAL G 4 -12.59 21.50 56.27
C VAL G 4 -11.40 20.63 55.85
N TYR G 5 -10.47 20.42 56.78
CA TYR G 5 -9.26 19.68 56.52
C TYR G 5 -9.33 18.30 57.16
N VAL G 6 -8.91 17.28 56.40
CA VAL G 6 -8.93 15.89 56.85
C VAL G 6 -7.53 15.31 56.69
N ASP G 7 -7.14 14.46 57.64
CA ASP G 7 -5.80 13.88 57.66
C ASP G 7 -5.76 12.61 56.81
N ILE G 8 -5.85 12.81 55.49
CA ILE G 8 -5.74 11.72 54.53
C ILE G 8 -4.83 12.14 53.39
N ASP G 9 -4.36 11.15 52.64
CA ASP G 9 -3.48 11.40 51.51
C ASP G 9 -4.24 12.15 50.42
N ALA G 10 -3.51 12.97 49.67
CA ALA G 10 -4.12 13.79 48.63
C ALA G 10 -4.54 12.98 47.41
N ASP G 11 -3.93 11.83 47.17
CA ASP G 11 -4.27 10.98 46.03
C ASP G 11 -5.18 9.83 46.40
N SER G 12 -5.75 9.83 47.59
CA SER G 12 -6.64 8.75 48.02
C SER G 12 -7.93 8.78 47.21
N ALA G 13 -8.47 7.59 46.95
CA ALA G 13 -9.74 7.45 46.27
C ALA G 13 -10.94 7.61 47.19
N PHE G 14 -10.71 7.60 48.50
CA PHE G 14 -11.81 7.79 49.46
C PHE G 14 -12.26 9.24 49.51
N LEU G 15 -11.47 10.17 48.97
CA LEU G 15 -11.81 11.58 49.04
C LEU G 15 -13.07 11.90 48.25
N LYS G 16 -13.26 11.23 47.11
CA LYS G 16 -14.45 11.47 46.31
C LYS G 16 -15.72 11.02 47.03
N ALA G 17 -15.66 9.87 47.70
CA ALA G 17 -16.82 9.39 48.44
C ALA G 17 -17.17 10.32 49.60
N LEU G 18 -16.16 10.88 50.26
CA LEU G 18 -16.42 11.82 51.35
C LEU G 18 -17.09 13.08 50.84
N GLN G 19 -16.68 13.56 49.67
CA GLN G 19 -17.27 14.77 49.10
C GLN G 19 -18.74 14.55 48.76
N ARG G 20 -19.08 13.38 48.25
CA ARG G 20 -20.46 13.10 47.87
C ARG G 20 -21.38 13.02 49.07
N ALA G 21 -20.85 12.60 50.23
CA ALA G 21 -21.68 12.44 51.42
C ALA G 21 -21.87 13.74 52.18
N TYR G 22 -21.03 14.75 51.95
CA TYR G 22 -21.12 16.05 52.62
C TYR G 22 -21.10 17.16 51.57
N PRO G 23 -22.21 17.36 50.86
CA PRO G 23 -22.22 18.38 49.79
C PRO G 23 -22.15 19.80 50.30
N MET G 24 -22.35 20.05 51.60
CA MET G 24 -22.39 21.40 52.13
C MET G 24 -21.03 21.90 52.61
N PHE G 25 -19.97 21.14 52.40
CA PHE G 25 -18.63 21.51 52.84
C PHE G 25 -17.65 21.48 51.68
N GLU G 26 -16.45 22.00 51.93
CA GLU G 26 -15.33 21.90 51.01
C GLU G 26 -14.23 21.11 51.72
N VAL G 27 -13.95 19.91 51.22
CA VAL G 27 -13.02 18.99 51.87
C VAL G 27 -11.66 19.11 51.23
N GLU G 28 -10.63 19.34 52.06
CA GLU G 28 -9.27 19.51 51.59
C GLU G 28 -8.36 18.54 52.34
N PRO G 29 -7.52 17.79 51.65
CA PRO G 29 -6.62 16.86 52.34
C PRO G 29 -5.42 17.55 52.95
N ARG G 30 -4.99 17.05 54.11
CA ARG G 30 -3.80 17.57 54.78
C ARG G 30 -3.26 16.44 55.66
N GLN G 31 -2.22 15.76 55.17
CA GLN G 31 -1.69 14.59 55.85
C GLN G 31 -0.55 14.97 56.78
N VAL G 32 -0.65 14.55 58.04
CA VAL G 32 0.38 14.88 59.03
C VAL G 32 0.90 13.61 59.72
N THR G 33 0.08 12.58 59.80
CA THR G 33 0.43 11.34 60.48
C THR G 33 0.10 10.15 59.61
N PRO G 34 0.83 9.03 59.76
CA PRO G 34 0.50 7.78 59.06
C PRO G 34 -0.47 6.88 59.82
N ASN G 35 -1.57 7.46 60.29
CA ASN G 35 -2.55 6.70 61.06
C ASN G 35 -3.22 5.66 60.17
N ASP G 36 -3.33 4.43 60.66
CA ASP G 36 -3.92 3.36 59.87
C ASP G 36 -5.44 3.27 59.97
N ALA G 37 -6.05 4.13 60.76
CA ALA G 37 -7.51 4.28 60.82
C ALA G 37 -7.92 5.67 60.36
N ALA G 38 -7.28 6.15 59.30
CA ALA G 38 -7.48 7.53 58.86
C ALA G 38 -8.87 7.72 58.27
N ASN G 39 -9.36 6.77 57.49
CA ASN G 39 -10.67 6.92 56.86
C ASN G 39 -11.78 6.97 57.90
N ALA G 40 -11.70 6.14 58.94
CA ALA G 40 -12.71 6.15 59.98
C ALA G 40 -12.70 7.46 60.77
N ARG G 41 -11.51 7.99 61.05
CA ARG G 41 -11.41 9.24 61.80
C ARG G 41 -11.92 10.42 60.99
N ALA G 42 -11.74 10.39 59.66
CA ALA G 42 -12.18 11.49 58.82
C ALA G 42 -13.69 11.61 58.80
N PHE G 43 -14.39 10.47 58.77
CA PHE G 43 -15.85 10.50 58.76
C PHE G 43 -16.41 11.07 60.06
N SER G 44 -15.83 10.68 61.19
CA SER G 44 -16.33 11.17 62.48
C SER G 44 -16.03 12.66 62.66
N HIS G 45 -14.91 13.13 62.09
CA HIS G 45 -14.58 14.54 62.19
C HIS G 45 -15.60 15.41 61.45
N LEU G 46 -16.02 14.96 60.25
CA LEU G 46 -17.00 15.74 59.50
C LEU G 46 -18.39 15.62 60.08
N ALA G 47 -18.69 14.51 60.76
CA ALA G 47 -20.02 14.33 61.33
C ALA G 47 -20.30 15.34 62.44
N ILE G 48 -19.29 15.63 63.27
CA ILE G 48 -19.49 16.59 64.35
C ILE G 48 -19.64 18.00 63.80
N LYS G 49 -18.92 18.32 62.73
CA LYS G 49 -19.07 19.63 62.11
C LYS G 49 -20.48 19.84 61.59
N LEU G 50 -21.07 18.81 60.98
CA LEU G 50 -22.44 18.91 60.47
C LEU G 50 -23.44 19.13 61.60
N ILE G 51 -23.26 18.42 62.72
CA ILE G 51 -24.20 18.52 63.83
C ILE G 51 -24.20 19.92 64.41
N GLU G 52 -23.02 20.53 64.55
CA GLU G 52 -22.93 21.88 65.10
C GLU G 52 -23.63 22.90 64.20
N GLN G 53 -23.53 22.72 62.88
CA GLN G 53 -24.18 23.63 61.96
C GLN G 53 -25.70 23.53 62.06
N GLU G 54 -26.22 22.31 62.23
CA GLU G 54 -27.68 22.13 62.24
C GLU G 54 -28.32 22.77 63.45
N ILE G 55 -27.72 22.62 64.63
CA ILE G 55 -28.31 23.14 65.85
C ILE G 55 -27.93 24.60 66.02
N ASP G 56 -28.64 25.31 66.88
CA ASP G 56 -28.44 26.73 67.11
C ASP G 56 -27.51 26.96 68.29
N PRO G 57 -26.80 28.10 68.30
CA PRO G 57 -25.96 28.43 69.47
C PRO G 57 -26.83 28.66 70.71
N ASP G 58 -26.14 28.92 71.82
CA ASP G 58 -26.76 29.15 73.13
C ASP G 58 -27.46 27.90 73.65
N SER G 59 -27.20 26.75 73.04
CA SER G 59 -27.78 25.49 73.46
C SER G 59 -26.76 24.69 74.27
N THR G 60 -27.25 23.99 75.30
CA THR G 60 -26.41 23.14 76.13
C THR G 60 -26.41 21.73 75.57
N ILE G 61 -25.23 21.14 75.44
CA ILE G 61 -25.05 19.83 74.83
C ILE G 61 -24.41 18.89 75.84
N LEU G 62 -24.99 17.71 76.00
CA LEU G 62 -24.40 16.65 76.80
C LEU G 62 -23.62 15.70 75.90
N ASP G 63 -22.39 15.40 76.28
CA ASP G 63 -21.52 14.48 75.54
C ASP G 63 -21.37 13.21 76.36
N ILE G 64 -22.09 12.17 75.97
CA ILE G 64 -22.13 10.92 76.72
C ILE G 64 -20.89 10.09 76.36
N GLY G 65 -20.18 9.62 77.37
CA GLY G 65 -18.98 8.84 77.15
C GLY G 65 -17.93 9.63 76.40
N SER G 66 -17.69 10.87 76.82
CA SER G 66 -16.91 11.81 76.05
C SER G 66 -15.41 11.57 76.20
N ALA G 67 -14.66 12.08 75.23
CA ALA G 67 -13.23 12.28 75.35
C ALA G 67 -12.99 13.79 75.37
N PRO G 68 -12.78 14.40 76.53
CA PRO G 68 -12.89 15.87 76.63
C PRO G 68 -11.84 16.63 75.80
N ALA G 69 -10.77 15.99 75.37
CA ALA G 69 -9.76 16.68 74.58
C ALA G 69 -10.26 17.08 73.20
N ARG G 70 -11.27 16.40 72.67
CA ARG G 70 -11.78 16.72 71.34
C ARG G 70 -12.66 17.96 71.34
N ARG G 71 -13.19 18.36 72.48
CA ARG G 71 -14.09 19.51 72.58
C ARG G 71 -13.40 20.75 73.15
N MET G 72 -12.08 20.71 73.32
CA MET G 72 -11.41 21.77 74.06
C MET G 72 -11.27 23.06 73.27
N MET G 73 -11.26 22.99 71.94
CA MET G 73 -11.16 24.18 71.10
C MET G 73 -12.48 24.60 70.47
N SER G 74 -13.60 24.11 70.99
CA SER G 74 -14.90 24.47 70.46
C SER G 74 -15.47 25.68 71.20
N ASP G 75 -16.28 26.46 70.50
CA ASP G 75 -16.90 27.65 71.07
C ASP G 75 -18.30 27.38 71.61
N ARG G 76 -18.79 26.15 71.52
CA ARG G 76 -20.10 25.80 72.06
C ARG G 76 -19.96 25.30 73.49
N LYS G 77 -21.09 25.28 74.20
CA LYS G 77 -21.12 24.86 75.60
C LYS G 77 -21.34 23.35 75.65
N TYR G 78 -20.29 22.63 76.04
CA TYR G 78 -20.34 21.17 76.20
C TYR G 78 -20.28 20.80 77.67
N HIS G 79 -21.00 19.75 78.04
CA HIS G 79 -20.93 19.18 79.38
C HIS G 79 -20.49 17.72 79.21
N CYS G 80 -19.25 17.42 79.56
CA CYS G 80 -18.68 16.11 79.31
C CYS G 80 -18.97 15.18 80.48
N VAL G 81 -19.59 14.04 80.18
CA VAL G 81 -19.89 13.01 81.15
C VAL G 81 -18.85 11.91 80.99
N CYS G 82 -17.92 11.83 81.94
CA CYS G 82 -16.76 10.94 81.82
C CYS G 82 -16.62 10.06 83.05
N PRO G 83 -17.30 8.92 83.08
CA PRO G 83 -16.96 7.89 84.06
C PRO G 83 -15.69 7.17 83.65
N MET G 84 -15.08 6.47 84.60
CA MET G 84 -13.84 5.75 84.37
C MET G 84 -14.14 4.26 84.45
N ARG G 85 -14.56 3.69 83.31
CA ARG G 85 -14.96 2.29 83.26
C ARG G 85 -14.17 1.46 82.25
N SER G 86 -13.34 2.08 81.43
CA SER G 86 -12.51 1.37 80.46
C SER G 86 -11.05 1.67 80.72
N ALA G 87 -10.18 0.74 80.31
CA ALA G 87 -8.75 0.86 80.56
C ALA G 87 -8.09 1.99 79.76
N GLU G 88 -8.76 2.52 78.75
CA GLU G 88 -8.21 3.61 77.95
C GLU G 88 -8.59 4.98 78.49
N ASP G 89 -9.34 5.04 79.57
CA ASP G 89 -9.85 6.31 80.12
C ASP G 89 -8.79 7.11 80.87
N PRO G 90 -7.95 6.49 81.73
CA PRO G 90 -6.93 7.29 82.42
C PRO G 90 -5.98 8.02 81.49
N GLU G 91 -5.68 7.43 80.33
CA GLU G 91 -4.81 8.11 79.37
C GLU G 91 -5.51 9.29 78.73
N ARG G 92 -6.82 9.17 78.48
CA ARG G 92 -7.56 10.28 77.89
C ARG G 92 -7.65 11.46 78.84
N LEU G 93 -7.80 11.20 80.14
CA LEU G 93 -7.86 12.28 81.11
C LEU G 93 -6.52 13.02 81.19
N ALA G 94 -5.41 12.29 81.15
CA ALA G 94 -4.10 12.92 81.21
C ALA G 94 -3.85 13.79 79.98
N ASN G 95 -4.26 13.32 78.81
CA ASN G 95 -4.09 14.10 77.59
C ASN G 95 -4.89 15.39 77.65
N TYR G 96 -6.04 15.37 78.33
CA TYR G 96 -6.86 16.57 78.47
C TYR G 96 -6.14 17.62 79.31
N ALA G 97 -5.51 17.21 80.42
CA ALA G 97 -4.84 18.16 81.30
C ALA G 97 -3.60 18.75 80.64
N ARG G 98 -2.86 17.93 79.88
CA ARG G 98 -1.65 18.43 79.22
C ARG G 98 -1.99 19.52 78.21
N LYS G 99 -3.06 19.32 77.44
CA LYS G 99 -3.44 20.29 76.43
C LYS G 99 -3.96 21.58 77.05
N LEU G 100 -4.62 21.50 78.19
CA LEU G 100 -5.15 22.70 78.85
C LEU G 100 -4.02 23.57 79.37
N ALA G 101 -3.05 22.97 80.05
CA ALA G 101 -1.95 23.75 80.63
C ALA G 101 -1.05 24.35 79.56
N SER G 102 -0.89 23.68 78.42
CA SER G 102 -0.05 24.17 77.35
C SER G 102 -0.72 25.26 76.52
N ALA G 103 -2.00 25.52 76.74
CA ALA G 103 -2.72 26.55 76.02
C ALA G 103 -3.16 27.72 76.89
N ALA G 104 -2.94 27.65 78.20
CA ALA G 104 -3.32 28.74 79.08
C ALA G 104 -2.45 29.97 78.81
N GLY G 105 -3.10 31.12 78.66
CA GLY G 105 -2.42 32.35 78.35
C GLY G 105 -2.16 32.59 76.89
N LYS G 106 -2.51 31.65 76.01
CA LYS G 106 -2.31 31.80 74.58
C LYS G 106 -3.59 31.82 73.77
N VAL G 107 -4.65 31.16 74.24
CA VAL G 107 -5.95 31.17 73.58
C VAL G 107 -6.92 31.92 74.47
N LEU G 108 -7.59 32.93 73.92
CA LEU G 108 -8.48 33.78 74.70
C LEU G 108 -9.95 33.67 74.31
N ASP G 109 -10.25 33.28 73.07
CA ASP G 109 -11.65 33.18 72.65
C ASP G 109 -12.38 32.10 73.43
N ARG G 110 -11.75 30.95 73.63
CA ARG G 110 -12.36 29.85 74.36
C ARG G 110 -12.24 30.08 75.86
N ASN G 111 -13.14 29.43 76.60
CA ASN G 111 -13.19 29.60 78.06
C ASN G 111 -12.20 28.61 78.69
N ILE G 112 -10.91 28.92 78.46
CA ILE G 112 -9.85 28.05 78.94
C ILE G 112 -9.71 28.13 80.45
N SER G 113 -9.82 29.35 81.01
CA SER G 113 -9.64 29.52 82.45
C SER G 113 -10.73 28.81 83.24
N GLY G 114 -11.97 28.87 82.77
CA GLY G 114 -13.04 28.18 83.47
C GLY G 114 -12.90 26.67 83.42
N LYS G 115 -12.44 26.15 82.28
CA LYS G 115 -12.26 24.70 82.15
C LYS G 115 -11.19 24.19 83.12
N ILE G 116 -10.10 24.94 83.28
CA ILE G 116 -9.06 24.55 84.24
C ILE G 116 -9.62 24.60 85.66
N GLY G 117 -10.36 25.66 85.98
CA GLY G 117 -10.95 25.75 87.31
C GLY G 117 -11.97 24.66 87.58
N ASP G 118 -12.69 24.23 86.53
CA ASP G 118 -13.68 23.17 86.71
C ASP G 118 -13.00 21.83 87.00
N LEU G 119 -11.88 21.55 86.33
CA LEU G 119 -11.19 20.29 86.54
C LEU G 119 -10.65 20.17 87.96
N GLN G 120 -10.10 21.27 88.50
CA GLN G 120 -9.53 21.23 89.84
C GLN G 120 -10.59 20.96 90.90
N ALA G 121 -11.79 21.55 90.73
CA ALA G 121 -12.84 21.38 91.72
C ALA G 121 -13.28 19.92 91.82
N VAL G 122 -13.37 19.22 90.69
CA VAL G 122 -13.80 17.83 90.70
C VAL G 122 -12.77 16.96 91.41
N MET G 123 -11.48 17.28 91.25
CA MET G 123 -10.44 16.48 91.89
C MET G 123 -10.55 16.55 93.42
N ALA G 124 -10.82 17.74 93.96
CA ALA G 124 -10.93 17.89 95.41
C ALA G 124 -12.16 17.14 95.93
N VAL G 125 -13.32 17.37 95.33
CA VAL G 125 -14.56 16.72 95.72
C VAL G 125 -15.13 16.00 94.51
N PRO G 126 -14.94 14.68 94.41
CA PRO G 126 -15.40 13.95 93.21
C PRO G 126 -16.88 13.63 93.26
N ASP G 127 -17.71 14.61 93.64
CA ASP G 127 -19.16 14.41 93.63
C ASP G 127 -19.94 15.64 93.16
N THR G 128 -19.25 16.71 92.75
CA THR G 128 -19.92 17.95 92.38
C THR G 128 -20.12 18.02 90.87
N GLU G 129 -21.22 18.65 90.46
CA GLU G 129 -21.49 18.89 89.05
C GLU G 129 -20.98 20.27 88.66
N THR G 130 -20.20 20.32 87.59
CA THR G 130 -19.65 21.54 87.05
C THR G 130 -20.25 21.81 85.68
N PRO G 131 -20.23 23.06 85.20
CA PRO G 131 -20.82 23.35 83.89
C PRO G 131 -20.18 22.59 82.74
N THR G 132 -18.93 22.13 82.87
CA THR G 132 -18.22 21.49 81.78
C THR G 132 -17.72 20.08 82.06
N PHE G 133 -17.85 19.57 83.28
CA PHE G 133 -17.25 18.28 83.59
C PHE G 133 -17.96 17.65 84.79
N CYS G 134 -18.05 16.32 84.75
CA CYS G 134 -18.58 15.54 85.86
C CYS G 134 -18.07 14.11 85.72
N LEU G 135 -18.20 13.33 86.80
CA LEU G 135 -17.67 11.97 86.86
C LEU G 135 -18.76 10.92 86.96
N HIS G 136 -20.02 11.28 86.65
CA HIS G 136 -21.12 10.34 86.78
C HIS G 136 -21.32 9.58 85.47
N THR G 137 -22.35 8.74 85.43
CA THR G 137 -22.73 8.01 84.23
C THR G 137 -23.93 8.69 83.58
N ASP G 138 -24.41 8.10 82.48
CA ASP G 138 -25.53 8.68 81.76
C ASP G 138 -26.84 8.59 82.53
N VAL G 139 -26.89 7.82 83.61
CA VAL G 139 -28.11 7.64 84.39
C VAL G 139 -28.09 8.54 85.62
N SER G 140 -26.92 8.66 86.25
CA SER G 140 -26.81 9.35 87.53
C SER G 140 -26.42 10.82 87.39
N CYS G 141 -26.18 11.32 86.18
CA CYS G 141 -25.89 12.73 86.01
C CYS G 141 -27.13 13.57 86.26
N ARG G 142 -26.93 14.78 86.78
CA ARG G 142 -28.05 15.64 87.18
C ARG G 142 -28.14 16.93 86.38
N GLN G 143 -27.24 17.16 85.43
CA GLN G 143 -27.29 18.38 84.64
C GLN G 143 -28.42 18.33 83.62
N ARG G 144 -29.05 19.48 83.38
CA ARG G 144 -30.14 19.60 82.42
C ARG G 144 -29.64 20.30 81.17
N ALA G 145 -30.07 19.80 80.01
CA ALA G 145 -29.68 20.35 78.72
C ALA G 145 -30.80 20.12 77.73
N ASP G 146 -30.50 20.32 76.45
CA ASP G 146 -31.48 20.11 75.38
C ASP G 146 -30.96 19.32 74.20
N VAL G 147 -29.66 19.01 74.14
CA VAL G 147 -29.08 18.21 73.07
C VAL G 147 -28.17 17.16 73.70
N ALA G 148 -28.21 15.94 73.15
CA ALA G 148 -27.34 14.86 73.59
C ALA G 148 -26.65 14.25 72.37
N ILE G 149 -25.38 13.87 72.54
CA ILE G 149 -24.56 13.36 71.45
C ILE G 149 -23.88 12.07 71.90
N TYR G 150 -23.99 11.03 71.07
CA TYR G 150 -23.27 9.78 71.26
C TYR G 150 -22.33 9.58 70.09
N GLN G 151 -21.03 9.59 70.35
CA GLN G 151 -20.01 9.42 69.33
C GLN G 151 -19.25 8.12 69.60
N ASP G 152 -19.52 7.10 68.78
CA ASP G 152 -18.85 5.80 68.87
C ASP G 152 -19.04 5.17 70.25
N VAL G 153 -20.29 5.09 70.69
CA VAL G 153 -20.65 4.49 71.97
C VAL G 153 -21.47 3.24 71.71
N TYR G 154 -20.99 2.10 72.19
CA TYR G 154 -21.65 0.81 71.96
C TYR G 154 -21.94 0.06 73.25
N ALA G 155 -21.88 0.72 74.41
CA ALA G 155 -21.90 0.01 75.69
C ALA G 155 -23.13 0.34 76.54
N VAL G 156 -24.19 0.89 75.95
CA VAL G 156 -25.38 1.24 76.70
C VAL G 156 -26.62 0.66 76.00
N HIS G 157 -27.67 0.47 76.79
CA HIS G 157 -28.96 0.01 76.27
C HIS G 157 -29.74 1.22 75.79
N ALA G 158 -30.10 1.25 74.51
CA ALA G 158 -30.61 2.48 73.90
C ALA G 158 -31.93 2.96 74.51
N PRO G 159 -32.99 2.15 74.62
CA PRO G 159 -34.24 2.69 75.19
C PRO G 159 -34.09 3.17 76.63
N THR G 160 -33.26 2.50 77.43
CA THR G 160 -33.08 2.92 78.82
C THR G 160 -32.31 4.23 78.90
N SER G 161 -31.26 4.38 78.11
CA SER G 161 -30.46 5.60 78.15
C SER G 161 -31.25 6.80 77.65
N LEU G 162 -32.05 6.63 76.59
CA LEU G 162 -32.80 7.74 76.03
C LEU G 162 -33.87 8.24 76.99
N TYR G 163 -34.50 7.32 77.74
CA TYR G 163 -35.56 7.72 78.67
C TYR G 163 -35.02 8.65 79.75
N HIS G 164 -33.83 8.35 80.28
CA HIS G 164 -33.26 9.19 81.33
C HIS G 164 -32.83 10.54 80.80
N GLN G 165 -32.47 10.62 79.51
CA GLN G 165 -32.15 11.92 78.92
C GLN G 165 -33.40 12.77 78.75
N ALA G 166 -34.54 12.13 78.44
CA ALA G 166 -35.76 12.87 78.12
C ALA G 166 -36.38 13.51 79.35
N ILE G 167 -36.26 12.91 80.53
CA ILE G 167 -36.90 13.43 81.73
C ILE G 167 -36.09 14.61 82.28
N LYS G 168 -34.98 14.93 81.63
CA LYS G 168 -34.19 16.11 81.98
C LYS G 168 -34.36 17.23 80.97
N GLY G 169 -35.27 17.09 80.01
CA GLY G 169 -35.57 18.15 79.07
C GLY G 169 -34.89 18.06 77.73
N VAL G 170 -34.24 16.94 77.41
CA VAL G 170 -33.56 16.79 76.14
C VAL G 170 -34.59 16.49 75.06
N ARG G 171 -34.53 17.23 73.95
CA ARG G 171 -35.46 17.07 72.85
C ARG G 171 -34.83 16.55 71.56
N LEU G 172 -33.49 16.48 71.49
CA LEU G 172 -32.80 16.06 70.28
C LEU G 172 -31.59 15.23 70.64
N ALA G 173 -31.33 14.17 69.88
CA ALA G 173 -30.21 13.29 70.12
C ALA G 173 -29.59 12.85 68.80
N TYR G 174 -28.29 12.54 68.85
CA TYR G 174 -27.54 12.09 67.69
C TYR G 174 -26.71 10.86 68.05
N TRP G 175 -26.53 9.97 67.07
CA TRP G 175 -25.75 8.75 67.27
C TRP G 175 -24.89 8.52 66.03
N VAL G 176 -23.58 8.34 66.24
CA VAL G 176 -22.63 8.12 65.17
C VAL G 176 -21.93 6.79 65.42
N GLY G 177 -21.89 5.95 64.40
CA GLY G 177 -21.26 4.65 64.54
C GLY G 177 -21.39 3.82 63.29
N PHE G 178 -20.96 2.57 63.40
CA PHE G 178 -21.04 1.62 62.30
C PHE G 178 -22.47 1.13 62.10
N ASP G 179 -22.75 0.67 60.88
CA ASP G 179 -24.08 0.17 60.55
C ASP G 179 -24.37 -1.12 61.31
N THR G 180 -25.58 -1.23 61.86
CA THR G 180 -25.99 -2.38 62.64
C THR G 180 -26.75 -3.43 61.82
N THR G 181 -26.90 -3.21 60.51
CA THR G 181 -27.64 -4.16 59.69
C THR G 181 -27.05 -5.56 59.66
N PRO G 182 -25.73 -5.77 59.51
CA PRO G 182 -25.22 -7.15 59.45
C PRO G 182 -25.49 -7.96 60.71
N PHE G 183 -25.68 -7.31 61.86
CA PHE G 183 -25.95 -8.04 63.10
C PHE G 183 -27.42 -8.40 63.25
N MET G 184 -28.31 -7.78 62.47
CA MET G 184 -29.70 -8.20 62.47
C MET G 184 -29.94 -9.43 61.61
N TYR G 185 -29.03 -9.71 60.67
CA TYR G 185 -29.07 -10.91 59.86
C TYR G 185 -28.41 -12.10 60.56
N ASN G 186 -27.78 -11.88 61.71
CA ASN G 186 -27.20 -12.94 62.54
C ASN G 186 -26.04 -13.65 61.82
N ALA G 187 -25.12 -12.85 61.29
CA ALA G 187 -23.93 -13.40 60.65
C ALA G 187 -22.88 -13.77 61.68
N MET G 188 -21.94 -14.62 61.26
CA MET G 188 -20.85 -15.06 62.13
C MET G 188 -19.59 -14.22 61.98
N ALA G 189 -19.36 -13.65 60.80
CA ALA G 189 -18.21 -12.79 60.56
C ALA G 189 -18.53 -11.87 59.39
N GLY G 190 -17.73 -10.82 59.26
CA GLY G 190 -17.98 -9.84 58.21
C GLY G 190 -16.85 -8.84 58.13
N ALA G 191 -16.99 -7.92 57.17
CA ALA G 191 -15.95 -6.93 56.90
C ALA G 191 -16.57 -5.59 56.54
N TYR G 192 -15.78 -4.53 56.74
CA TYR G 192 -16.07 -3.18 56.25
C TYR G 192 -14.87 -2.76 55.43
N PRO G 193 -14.79 -3.18 54.17
CA PRO G 193 -13.53 -3.04 53.42
C PRO G 193 -13.04 -1.62 53.25
N SER G 194 -13.94 -0.63 53.16
CA SER G 194 -13.51 0.74 52.92
C SER G 194 -12.82 1.36 54.13
N TYR G 195 -13.03 0.81 55.33
CA TYR G 195 -12.45 1.36 56.54
C TYR G 195 -11.41 0.45 57.16
N SER G 196 -10.95 -0.57 56.43
CA SER G 196 -9.96 -1.53 56.92
C SER G 196 -10.39 -2.17 58.23
N THR G 197 -11.67 -2.54 58.31
CA THR G 197 -12.25 -3.09 59.53
C THR G 197 -12.72 -4.51 59.30
N ASN G 198 -12.39 -5.41 60.21
CA ASN G 198 -12.85 -6.78 60.20
C ASN G 198 -13.33 -7.17 61.60
N TRP G 199 -14.34 -8.03 61.65
CA TRP G 199 -14.88 -8.50 62.92
C TRP G 199 -15.20 -9.98 62.79
N ALA G 200 -15.26 -10.65 63.94
CA ALA G 200 -15.53 -12.09 63.95
C ALA G 200 -16.09 -12.51 65.30
N ASP G 201 -16.83 -13.61 65.29
CA ASP G 201 -17.30 -14.23 66.52
C ASP G 201 -16.14 -14.89 67.25
N GLU G 202 -16.27 -14.97 68.58
CA GLU G 202 -15.18 -15.53 69.40
C GLU G 202 -14.92 -16.99 69.06
N GLN G 203 -15.92 -17.73 68.60
CA GLN G 203 -15.76 -19.15 68.35
C GLN G 203 -14.98 -19.47 67.08
N VAL G 204 -14.79 -18.50 66.19
CA VAL G 204 -14.13 -18.77 64.91
C VAL G 204 -12.83 -17.98 64.78
N LEU G 205 -12.20 -17.62 65.89
CA LEU G 205 -10.95 -16.88 65.82
C LEU G 205 -9.78 -17.71 65.34
N LYS G 206 -9.94 -19.03 65.23
CA LYS G 206 -8.88 -19.92 64.77
C LYS G 206 -9.14 -20.43 63.36
N ALA G 207 -9.82 -19.63 62.54
CA ALA G 207 -10.11 -20.02 61.16
C ALA G 207 -8.87 -19.80 60.30
N LYS G 208 -9.03 -19.91 58.99
CA LYS G 208 -7.89 -19.83 58.08
C LYS G 208 -8.00 -18.73 57.04
N ASN G 209 -9.19 -18.48 56.48
CA ASN G 209 -9.32 -17.61 55.31
C ASN G 209 -10.36 -16.52 55.51
N ILE G 210 -10.48 -15.98 56.73
CA ILE G 210 -11.33 -14.82 56.95
C ILE G 210 -10.44 -13.64 57.32
N GLY G 211 -11.03 -12.47 57.52
CA GLY G 211 -10.25 -11.27 57.74
C GLY G 211 -9.46 -11.27 59.04
N LEU G 212 -10.05 -11.82 60.10
CA LEU G 212 -9.47 -11.77 61.43
C LEU G 212 -9.38 -13.19 62.00
N CYS G 213 -8.20 -13.81 61.87
CA CYS G 213 -8.01 -15.19 62.29
C CYS G 213 -6.53 -15.50 62.36
N SER G 214 -6.21 -16.64 62.97
CA SER G 214 -4.85 -17.15 63.05
C SER G 214 -4.90 -18.66 63.25
N THR G 215 -4.00 -19.38 62.58
CA THR G 215 -3.98 -20.84 62.65
C THR G 215 -2.53 -21.32 62.61
N ASP G 216 -2.35 -22.64 62.58
CA ASP G 216 -1.03 -23.25 62.61
C ASP G 216 -0.89 -24.27 61.49
N LEU G 217 0.33 -24.78 61.33
CA LEU G 217 0.61 -25.85 60.39
C LEU G 217 0.51 -27.21 61.09
N THR G 218 -0.08 -28.19 60.40
CA THR G 218 -0.25 -29.51 60.98
C THR G 218 -0.29 -30.55 59.88
N GLU G 219 0.00 -31.80 60.26
CA GLU G 219 0.00 -32.90 59.32
C GLU G 219 -1.34 -33.61 59.25
N GLY G 220 -2.12 -33.58 60.33
CA GLY G 220 -3.44 -34.18 60.32
C GLY G 220 -3.54 -35.47 61.10
N ARG G 221 -4.09 -35.40 62.31
CA ARG G 221 -4.32 -36.59 63.11
C ARG G 221 -5.77 -37.02 63.00
N ARG G 222 -6.15 -38.05 63.74
CA ARG G 222 -7.50 -38.58 63.62
C ARG G 222 -8.23 -38.68 64.95
N GLY G 223 -7.53 -39.01 66.03
CA GLY G 223 -8.21 -39.32 67.28
C GLY G 223 -8.96 -38.15 67.90
N LYS G 224 -8.22 -37.20 68.47
CA LYS G 224 -8.79 -36.06 69.20
C LYS G 224 -9.99 -36.48 70.04
N LEU G 225 -9.75 -37.46 70.91
CA LEU G 225 -10.83 -38.13 71.63
C LEU G 225 -11.43 -37.19 72.66
N SER G 226 -12.59 -36.62 72.34
CA SER G 226 -13.35 -35.77 73.25
C SER G 226 -14.79 -36.30 73.26
N ILE G 227 -15.19 -36.91 74.38
CA ILE G 227 -16.50 -37.53 74.46
C ILE G 227 -17.60 -36.50 74.35
N MET G 228 -17.45 -35.37 75.06
CA MET G 228 -18.45 -34.32 75.02
C MET G 228 -18.58 -33.75 73.61
N ARG G 229 -19.82 -33.62 73.15
CA ARG G 229 -20.11 -33.22 71.77
C ARG G 229 -20.56 -31.76 71.73
N GLY G 230 -19.91 -30.97 70.87
CA GLY G 230 -20.45 -29.66 70.56
C GLY G 230 -21.74 -29.77 69.76
N LYS G 231 -21.68 -30.49 68.64
CA LYS G 231 -22.85 -30.91 67.87
C LYS G 231 -23.59 -29.75 67.23
N LYS G 232 -23.14 -28.53 67.49
CA LYS G 232 -23.86 -27.35 67.02
C LYS G 232 -22.92 -26.14 67.11
N LEU G 233 -23.05 -25.25 66.14
CA LEU G 233 -22.21 -24.05 66.04
C LEU G 233 -23.10 -22.88 65.64
N GLU G 234 -23.45 -22.05 66.61
CA GLU G 234 -24.30 -20.89 66.40
C GLU G 234 -23.68 -19.66 67.03
N PRO G 235 -24.03 -18.47 66.54
CA PRO G 235 -23.43 -17.25 67.09
C PRO G 235 -23.70 -17.07 68.57
N CYS G 236 -22.73 -16.51 69.27
N CYS G 236 -22.73 -16.51 69.27
CA CYS G 236 -22.83 -16.21 70.70
CA CYS G 236 -22.81 -16.21 70.69
C CYS G 236 -22.72 -14.71 70.90
C CYS G 236 -22.74 -14.70 70.90
N ASP G 237 -22.77 -14.30 72.18
CA ASP G 237 -22.79 -12.88 72.50
C ASP G 237 -21.48 -12.17 72.19
N ARG G 238 -20.34 -12.81 72.45
CA ARG G 238 -19.05 -12.14 72.37
C ARG G 238 -18.63 -11.94 70.92
N VAL G 239 -18.19 -10.73 70.59
CA VAL G 239 -17.74 -10.37 69.25
C VAL G 239 -16.53 -9.45 69.37
N LEU G 240 -15.53 -9.67 68.52
CA LEU G 240 -14.30 -8.90 68.51
C LEU G 240 -14.28 -7.99 67.29
N PHE G 241 -13.88 -6.74 67.50
CA PHE G 241 -13.75 -5.74 66.44
C PHE G 241 -12.29 -5.36 66.26
N SER G 242 -11.89 -5.06 65.03
CA SER G 242 -10.52 -4.65 64.72
C SER G 242 -10.57 -3.52 63.69
N VAL G 243 -10.39 -2.30 64.14
CA VAL G 243 -10.34 -1.13 63.28
C VAL G 243 -8.86 -0.76 63.10
N GLY G 244 -8.35 -0.92 61.88
CA GLY G 244 -6.92 -0.75 61.66
C GLY G 244 -6.13 -1.79 62.42
N SER G 245 -5.45 -1.38 63.48
CA SER G 245 -4.76 -2.29 64.38
C SER G 245 -5.22 -2.14 65.82
N THR G 246 -6.43 -1.59 66.03
CA THR G 246 -6.98 -1.38 67.36
C THR G 246 -8.09 -2.39 67.60
N LEU G 247 -8.06 -3.05 68.76
CA LEU G 247 -9.00 -4.11 69.09
C LEU G 247 -10.05 -3.62 70.07
N TYR G 248 -11.32 -3.95 69.79
CA TYR G 248 -12.45 -3.57 70.62
C TYR G 248 -13.40 -4.75 70.81
N PRO G 249 -13.69 -5.16 72.04
CA PRO G 249 -14.72 -6.17 72.27
C PRO G 249 -16.11 -5.54 72.37
N GLU G 250 -17.10 -6.23 71.80
CA GLU G 250 -18.47 -5.74 71.80
C GLU G 250 -19.41 -6.85 72.23
N SER G 251 -20.69 -6.49 72.38
CA SER G 251 -21.75 -7.43 72.76
C SER G 251 -22.88 -7.35 71.75
N ARG G 252 -23.40 -8.51 71.36
CA ARG G 252 -24.44 -8.55 70.34
C ARG G 252 -25.74 -7.92 70.82
N LYS G 253 -26.09 -8.10 72.10
CA LYS G 253 -27.36 -7.60 72.61
C LYS G 253 -27.41 -6.07 72.54
N LEU G 254 -26.32 -5.40 72.91
CA LEU G 254 -26.32 -3.95 72.93
C LEU G 254 -26.25 -3.36 71.52
N LEU G 255 -25.56 -4.04 70.60
CA LEU G 255 -25.49 -3.56 69.23
C LEU G 255 -26.87 -3.55 68.58
N LYS G 256 -27.65 -4.60 68.80
CA LYS G 256 -28.97 -4.69 68.17
C LYS G 256 -29.96 -3.72 68.78
N SER G 257 -29.67 -3.19 69.96
CA SER G 257 -30.62 -2.30 70.63
C SER G 257 -30.64 -0.91 69.99
N TRP G 258 -29.65 -0.58 69.17
CA TRP G 258 -29.63 0.71 68.48
C TRP G 258 -30.24 0.64 67.09
N HIS G 259 -30.76 -0.53 66.69
CA HIS G 259 -31.49 -0.68 65.42
C HIS G 259 -32.95 -0.35 65.70
N LEU G 260 -33.22 0.94 65.87
CA LEU G 260 -34.53 1.39 66.31
C LEU G 260 -35.49 1.53 65.13
N PRO G 261 -36.79 1.32 65.35
CA PRO G 261 -37.78 1.54 64.31
C PRO G 261 -37.98 3.04 64.07
N SER G 262 -38.81 3.35 63.07
CA SER G 262 -39.03 4.74 62.71
C SER G 262 -39.88 5.48 63.75
N VAL G 263 -40.71 4.76 64.49
CA VAL G 263 -41.60 5.36 65.48
C VAL G 263 -41.72 4.39 66.66
N PHE G 264 -41.62 4.93 67.88
CA PHE G 264 -41.75 4.11 69.07
C PHE G 264 -42.19 4.98 70.25
N HIS G 265 -42.64 4.31 71.31
CA HIS G 265 -43.17 4.96 72.50
C HIS G 265 -42.35 4.60 73.73
N LEU G 266 -42.18 5.55 74.64
CA LEU G 266 -41.53 5.34 75.92
C LEU G 266 -42.56 5.61 77.01
N LYS G 267 -42.97 4.56 77.72
CA LYS G 267 -44.04 4.64 78.71
C LYS G 267 -43.48 4.41 80.10
N GLY G 268 -43.63 5.41 80.97
CA GLY G 268 -43.22 5.29 82.35
C GLY G 268 -44.01 6.24 83.24
N LYS G 269 -43.34 6.88 84.19
CA LYS G 269 -43.97 7.94 84.96
C LYS G 269 -44.37 9.10 84.04
N LEU G 270 -43.49 9.43 83.10
CA LEU G 270 -43.78 10.35 82.00
C LEU G 270 -43.73 9.58 80.69
N SER G 271 -44.53 10.02 79.72
CA SER G 271 -44.64 9.34 78.45
C SER G 271 -44.12 10.24 77.32
N PHE G 272 -43.52 9.61 76.32
CA PHE G 272 -42.93 10.32 75.20
C PHE G 272 -43.18 9.58 73.90
N THR G 273 -43.17 10.33 72.81
CA THR G 273 -43.31 9.79 71.46
C THR G 273 -42.06 10.18 70.67
N CYS G 274 -41.44 9.20 70.03
CA CYS G 274 -40.11 9.38 69.46
C CYS G 274 -40.07 8.95 68.00
N ARG G 275 -39.10 9.51 67.28
CA ARG G 275 -38.90 9.25 65.86
C ARG G 275 -37.40 9.12 65.59
N CYS G 276 -37.03 8.16 64.73
CA CYS G 276 -35.64 7.92 64.38
C CYS G 276 -35.48 7.98 62.87
N ASP G 277 -34.40 8.62 62.43
CA ASP G 277 -34.17 8.85 61.01
C ASP G 277 -32.67 8.86 60.72
N THR G 278 -32.29 8.34 59.56
CA THR G 278 -30.90 8.29 59.13
C THR G 278 -30.64 9.41 58.14
N VAL G 279 -29.62 10.22 58.41
CA VAL G 279 -29.35 11.41 57.62
C VAL G 279 -28.08 11.30 56.78
N VAL G 280 -27.08 10.54 57.22
CA VAL G 280 -25.84 10.36 56.48
C VAL G 280 -25.53 8.87 56.41
N SER G 281 -24.98 8.43 55.28
CA SER G 281 -24.60 7.04 55.09
C SER G 281 -23.47 6.97 54.08
N CYS G 282 -22.38 6.30 54.43
CA CYS G 282 -21.23 6.18 53.52
C CYS G 282 -20.55 4.83 53.78
N GLU G 283 -20.93 3.83 53.00
CA GLU G 283 -20.25 2.53 52.95
C GLU G 283 -20.16 1.86 54.32
N GLY G 284 -21.26 1.89 55.06
CA GLY G 284 -21.32 1.21 56.35
C GLY G 284 -21.18 2.10 57.56
N TYR G 285 -20.99 3.40 57.37
CA TYR G 285 -20.92 4.35 58.48
C TYR G 285 -22.11 5.30 58.37
N VAL G 286 -22.82 5.49 59.49
CA VAL G 286 -24.09 6.19 59.47
C VAL G 286 -24.15 7.24 60.58
N VAL G 287 -25.08 8.19 60.40
CA VAL G 287 -25.44 9.17 61.41
C VAL G 287 -26.95 9.12 61.58
N LYS G 288 -27.42 9.04 62.82
CA LYS G 288 -28.84 8.94 63.13
C LYS G 288 -29.30 10.14 63.94
N ARG G 289 -30.56 10.53 63.75
CA ARG G 289 -31.15 11.66 64.41
C ARG G 289 -32.47 11.24 65.06
N ILE G 290 -32.62 11.57 66.35
CA ILE G 290 -33.76 11.12 67.14
C ILE G 290 -34.38 12.32 67.84
N THR G 291 -35.70 12.44 67.76
CA THR G 291 -36.45 13.48 68.44
C THR G 291 -37.45 12.86 69.41
N MET G 292 -37.70 13.56 70.52
CA MET G 292 -38.64 13.09 71.54
C MET G 292 -39.58 14.22 71.92
N SER G 293 -40.86 13.89 72.06
CA SER G 293 -41.89 14.84 72.44
C SER G 293 -42.78 14.26 73.53
N PRO G 294 -43.32 15.09 74.42
CA PRO G 294 -44.18 14.57 75.48
C PRO G 294 -45.55 14.16 74.96
N GLY G 295 -46.09 13.10 75.56
CA GLY G 295 -47.41 12.61 75.21
C GLY G 295 -47.35 11.37 74.34
N LEU G 296 -48.54 10.83 74.07
CA LEU G 296 -48.69 9.62 73.26
C LEU G 296 -49.58 9.96 72.07
N TYR G 297 -49.03 9.83 70.86
CA TYR G 297 -49.75 10.15 69.64
C TYR G 297 -49.53 9.05 68.60
N GLY G 298 -50.57 8.77 67.82
CA GLY G 298 -50.45 7.83 66.72
C GLY G 298 -50.39 6.38 67.17
N LYS G 299 -49.92 5.53 66.26
CA LYS G 299 -49.76 4.11 66.53
C LYS G 299 -48.47 3.63 65.88
N THR G 300 -48.00 2.47 66.34
CA THR G 300 -46.72 1.93 65.91
C THR G 300 -46.92 0.62 65.16
N THR G 301 -46.01 0.34 64.23
CA THR G 301 -46.00 -0.92 63.49
C THR G 301 -44.85 -1.83 63.88
N GLY G 302 -43.67 -1.28 64.16
CA GLY G 302 -42.54 -2.09 64.58
C GLY G 302 -41.62 -2.52 63.47
N TYR G 303 -41.49 -1.74 62.40
CA TYR G 303 -40.64 -2.08 61.27
C TYR G 303 -39.48 -1.11 61.17
N ALA G 304 -38.29 -1.63 60.88
CA ALA G 304 -37.10 -0.83 60.65
C ALA G 304 -36.63 -1.07 59.22
N VAL G 305 -36.28 0.01 58.52
CA VAL G 305 -35.98 -0.03 57.09
C VAL G 305 -34.56 0.47 56.86
N THR G 306 -33.82 -0.24 56.01
CA THR G 306 -32.46 0.14 55.62
C THR G 306 -32.40 0.26 54.11
N HIS G 307 -31.87 1.39 53.62
CA HIS G 307 -31.74 1.64 52.20
C HIS G 307 -30.31 1.34 51.77
N HIS G 308 -30.16 0.57 50.69
CA HIS G 308 -28.86 0.14 50.20
C HIS G 308 -28.47 0.97 48.99
N ALA G 309 -27.41 1.76 49.12
CA ALA G 309 -26.85 2.49 47.99
C ALA G 309 -25.89 1.64 47.17
N ASP G 310 -25.23 0.68 47.81
CA ASP G 310 -24.40 -0.31 47.12
C ASP G 310 -24.87 -1.71 47.49
N GLY G 311 -24.19 -2.70 46.94
CA GLY G 311 -24.58 -4.08 47.18
C GLY G 311 -24.26 -4.56 48.58
N PHE G 312 -25.10 -5.47 49.07
CA PHE G 312 -24.89 -6.12 50.35
C PHE G 312 -25.05 -7.62 50.15
N LEU G 313 -24.12 -8.40 50.71
CA LEU G 313 -24.05 -9.83 50.46
C LEU G 313 -23.97 -10.59 51.78
N MET G 314 -24.50 -11.81 51.76
CA MET G 314 -24.36 -12.74 52.88
C MET G 314 -24.45 -14.15 52.30
N CYS G 315 -23.42 -14.96 52.55
CA CYS G 315 -23.30 -16.26 51.89
C CYS G 315 -22.77 -17.29 52.87
N LYS G 316 -22.86 -18.55 52.47
CA LYS G 316 -22.34 -19.68 53.24
C LYS G 316 -20.96 -20.05 52.71
N THR G 317 -20.03 -20.30 53.64
CA THR G 317 -18.65 -20.62 53.28
C THR G 317 -18.17 -21.79 54.12
N THR G 318 -17.17 -22.49 53.59
CA THR G 318 -16.58 -23.66 54.24
C THR G 318 -15.12 -23.37 54.57
N ASP G 319 -14.73 -23.65 55.80
CA ASP G 319 -13.38 -23.39 56.27
C ASP G 319 -13.02 -24.43 57.32
N THR G 320 -11.76 -24.42 57.73
CA THR G 320 -11.28 -25.30 58.80
C THR G 320 -10.96 -24.46 60.02
N VAL G 321 -11.59 -24.79 61.15
CA VAL G 321 -11.38 -24.10 62.41
C VAL G 321 -10.63 -25.06 63.33
N ASP G 322 -9.39 -24.72 63.67
CA ASP G 322 -8.52 -25.57 64.47
C ASP G 322 -8.33 -26.94 63.81
N GLY G 323 -8.28 -26.94 62.47
CA GLY G 323 -8.06 -28.16 61.72
C GLY G 323 -9.31 -28.94 61.35
N GLU G 324 -10.48 -28.52 61.80
CA GLU G 324 -11.72 -29.25 61.57
C GLU G 324 -12.60 -28.45 60.60
N ARG G 325 -13.11 -29.13 59.58
CA ARG G 325 -13.89 -28.48 58.53
C ARG G 325 -15.32 -28.20 59.02
N VAL G 326 -15.76 -26.97 58.85
CA VAL G 326 -17.09 -26.52 59.28
C VAL G 326 -17.63 -25.53 58.26
N SER G 327 -18.85 -25.06 58.49
CA SER G 327 -19.52 -24.12 57.61
C SER G 327 -20.25 -23.06 58.42
N PHE G 328 -20.17 -21.81 57.97
CA PHE G 328 -20.87 -20.70 58.62
C PHE G 328 -21.05 -19.58 57.61
N SER G 329 -21.61 -18.46 58.06
CA SER G 329 -22.03 -17.37 57.19
C SER G 329 -21.12 -16.15 57.35
N VAL G 330 -21.02 -15.39 56.26
CA VAL G 330 -20.11 -14.24 56.16
C VAL G 330 -20.80 -13.15 55.34
N CYS G 331 -20.58 -11.89 55.70
CA CYS G 331 -21.19 -10.75 55.01
C CYS G 331 -20.11 -9.75 54.61
N THR G 332 -20.44 -8.90 53.64
CA THR G 332 -19.52 -7.89 53.11
C THR G 332 -20.31 -6.90 52.27
N TYR G 333 -19.62 -5.83 51.83
CA TYR G 333 -20.19 -4.79 50.98
C TYR G 333 -19.50 -4.80 49.63
N VAL G 334 -20.24 -4.46 48.58
CA VAL G 334 -19.74 -4.48 47.21
C VAL G 334 -20.02 -3.15 46.53
N PRO G 335 -19.07 -2.57 45.81
CA PRO G 335 -19.33 -1.29 45.13
C PRO G 335 -20.40 -1.41 44.05
N ALA G 336 -21.12 -0.31 43.84
CA ALA G 336 -22.29 -0.32 42.96
C ALA G 336 -21.90 -0.51 41.50
N THR G 337 -20.76 0.06 41.08
CA THR G 337 -20.36 -0.04 39.68
C THR G 337 -20.09 -1.49 39.29
N ILE G 338 -19.45 -2.25 40.18
CA ILE G 338 -19.17 -3.65 39.89
C ILE G 338 -20.47 -4.46 39.85
N CYS G 339 -21.41 -4.13 40.73
CA CYS G 339 -22.69 -4.83 40.72
C CYS G 339 -23.45 -4.63 39.42
N ASP G 340 -23.39 -3.42 38.86
CA ASP G 340 -24.13 -3.13 37.63
C ASP G 340 -23.48 -3.78 36.41
N GLN G 341 -22.19 -4.09 36.49
CA GLN G 341 -21.49 -4.66 35.34
C GLN G 341 -21.57 -6.19 35.28
N MET G 342 -22.19 -6.84 36.26
CA MET G 342 -22.34 -8.28 36.25
C MET G 342 -23.77 -8.72 35.99
N THR G 343 -24.65 -7.79 35.58
CA THR G 343 -26.05 -8.13 35.35
C THR G 343 -26.20 -9.12 34.19
N GLY G 344 -25.47 -8.89 33.10
CA GLY G 344 -25.59 -9.78 31.95
C GLY G 344 -25.04 -11.17 32.21
N ILE G 345 -23.93 -11.25 32.94
CA ILE G 345 -23.27 -12.54 33.17
C ILE G 345 -24.17 -13.45 34.01
N LEU G 346 -24.82 -12.90 35.03
CA LEU G 346 -25.63 -13.68 35.95
C LEU G 346 -26.96 -14.13 35.36
N ALA G 347 -27.18 -13.91 34.06
CA ALA G 347 -28.40 -14.40 33.42
C ALA G 347 -28.40 -15.91 33.25
N THR G 348 -27.23 -16.53 33.24
CA THR G 348 -27.08 -17.97 33.10
C THR G 348 -26.23 -18.51 34.24
N GLU G 349 -26.04 -19.83 34.23
CA GLU G 349 -25.24 -20.47 35.27
C GLU G 349 -23.76 -20.32 34.96
N VAL G 350 -22.97 -19.99 35.99
CA VAL G 350 -21.54 -19.75 35.85
C VAL G 350 -20.83 -20.44 37.01
N THR G 351 -19.65 -20.99 36.73
CA THR G 351 -18.85 -21.65 37.75
C THR G 351 -18.09 -20.63 38.59
N PRO G 352 -17.75 -20.97 39.83
CA PRO G 352 -16.99 -20.03 40.67
C PRO G 352 -15.66 -19.62 40.08
N GLU G 353 -15.00 -20.52 39.33
CA GLU G 353 -13.70 -20.19 38.74
C GLU G 353 -13.84 -19.13 37.65
N ASP G 354 -14.88 -19.24 36.83
CA ASP G 354 -15.06 -18.28 35.75
C ASP G 354 -15.50 -16.92 36.27
N ALA G 355 -16.29 -16.91 37.36
CA ALA G 355 -16.72 -15.65 37.94
C ALA G 355 -15.54 -14.89 38.55
N GLN G 356 -14.56 -15.61 39.11
CA GLN G 356 -13.40 -14.96 39.68
C GLN G 356 -12.58 -14.24 38.63
N LYS G 357 -12.40 -14.86 37.46
CA LYS G 357 -11.60 -14.24 36.42
C LYS G 357 -12.27 -13.00 35.85
N LEU G 358 -13.59 -13.02 35.74
CA LEU G 358 -14.31 -11.83 35.26
C LEU G 358 -14.21 -10.68 36.25
N LEU G 359 -14.29 -10.98 37.54
CA LEU G 359 -14.21 -9.93 38.56
C LEU G 359 -12.83 -9.27 38.56
N VAL G 360 -11.77 -10.05 38.34
CA VAL G 360 -10.43 -9.50 38.31
C VAL G 360 -10.27 -8.54 37.15
N GLY G 361 -10.83 -8.89 35.98
CA GLY G 361 -10.73 -8.02 34.83
C GLY G 361 -11.44 -6.69 35.04
N LEU G 362 -12.60 -6.72 35.68
CA LEU G 362 -13.34 -5.48 35.94
C LEU G 362 -12.65 -4.64 37.00
N ASN G 363 -12.07 -5.28 38.01
CA ASN G 363 -11.46 -4.53 39.12
C ASN G 363 -10.15 -3.87 38.67
N GLN G 364 -9.18 -4.67 38.26
CA GLN G 364 -7.86 -4.16 37.88
C GLN G 364 -7.88 -3.64 36.44
N ARG G 365 -8.50 -2.48 36.27
CA ARG G 365 -8.59 -1.83 34.96
C ARG G 365 -8.23 -0.35 35.06
N THR G 376 -4.72 0.81 39.98
CA THR G 376 -5.95 1.22 40.65
C THR G 376 -6.89 0.04 40.86
N ASN G 377 -7.51 -0.02 42.02
CA ASN G 377 -8.45 -1.07 42.38
C ASN G 377 -9.73 -0.46 42.91
N THR G 378 -10.88 -0.90 42.38
CA THR G 378 -12.16 -0.44 42.88
C THR G 378 -12.50 -1.08 44.23
N MET G 379 -12.21 -2.37 44.38
CA MET G 379 -12.46 -3.08 45.62
C MET G 379 -11.19 -3.81 46.06
N LYS G 380 -11.15 -4.15 47.33
CA LYS G 380 -10.00 -4.87 47.88
C LYS G 380 -9.99 -6.32 47.39
N ASN G 381 -8.80 -6.82 47.08
CA ASN G 381 -8.69 -8.11 46.42
C ASN G 381 -8.90 -9.29 47.34
N TYR G 382 -8.80 -9.12 48.66
CA TYR G 382 -8.89 -10.26 49.56
C TYR G 382 -10.32 -10.72 49.78
N MET G 383 -11.33 -9.95 49.35
CA MET G 383 -12.72 -10.37 49.44
C MET G 383 -13.26 -10.94 48.13
N ILE G 384 -12.44 -10.94 47.07
CA ILE G 384 -12.93 -11.41 45.76
C ILE G 384 -13.32 -12.87 45.77
N PRO G 385 -12.54 -13.81 46.35
CA PRO G 385 -12.93 -15.22 46.27
C PRO G 385 -14.30 -15.54 46.87
N VAL G 386 -14.69 -14.88 47.96
CA VAL G 386 -15.99 -15.19 48.55
C VAL G 386 -17.10 -14.50 47.78
N VAL G 387 -16.81 -13.40 47.11
CA VAL G 387 -17.83 -12.73 46.29
C VAL G 387 -18.14 -13.56 45.06
N ALA G 388 -17.11 -14.13 44.42
CA ALA G 388 -17.33 -14.95 43.23
C ALA G 388 -18.14 -16.19 43.56
N GLN G 389 -17.86 -16.81 44.71
CA GLN G 389 -18.63 -17.98 45.12
C GLN G 389 -20.08 -17.63 45.40
N ALA G 390 -20.32 -16.48 46.05
CA ALA G 390 -21.68 -16.09 46.38
C ALA G 390 -22.49 -15.78 45.12
N PHE G 391 -21.86 -15.17 44.12
CA PHE G 391 -22.56 -14.87 42.88
C PHE G 391 -22.93 -16.14 42.12
N SER G 392 -22.07 -17.15 42.19
CA SER G 392 -22.33 -18.38 41.45
C SER G 392 -23.54 -19.12 42.01
N LYS G 393 -23.69 -19.15 43.34
CA LYS G 393 -24.83 -19.84 43.93
C LYS G 393 -26.13 -19.07 43.74
N TRP G 394 -26.05 -17.74 43.71
CA TRP G 394 -27.26 -16.93 43.52
C TRP G 394 -27.85 -17.16 42.13
N ALA G 395 -26.99 -17.26 41.11
CA ALA G 395 -27.48 -17.50 39.76
C ALA G 395 -28.13 -18.87 39.64
N LYS G 396 -27.56 -19.88 40.30
CA LYS G 396 -28.11 -21.23 40.23
C LYS G 396 -29.49 -21.30 40.88
N GLU G 397 -29.67 -20.63 42.01
CA GLU G 397 -30.95 -20.71 42.71
C GLU G 397 -32.06 -19.98 41.94
N CYS G 398 -31.70 -18.88 41.28
CA CYS G 398 -32.69 -18.16 40.46
C CYS G 398 -33.16 -19.01 39.29
N ARG G 399 -32.23 -19.72 38.65
CA ARG G 399 -32.59 -20.61 37.54
C ARG G 399 -33.50 -21.73 38.01
N LYS G 400 -33.26 -22.27 39.21
CA LYS G 400 -34.07 -23.36 39.72
C LYS G 400 -35.50 -22.90 39.98
N ASP G 401 -35.68 -21.66 40.42
CA ASP G 401 -37.02 -21.16 40.70
C ASP G 401 -37.84 -21.02 39.42
N MET G 402 -37.19 -20.64 38.33
CA MET G 402 -37.92 -20.40 37.08
C MET G 402 -38.45 -21.70 36.48
N GLU G 403 -37.83 -22.83 36.79
CA GLU G 403 -38.21 -24.12 36.22
C GLU G 403 -39.20 -24.88 37.08
N ASP G 404 -39.71 -24.28 38.15
CA ASP G 404 -40.67 -24.90 39.05
C ASP G 404 -41.88 -23.99 39.25
N GLU G 405 -42.42 -23.49 38.14
CA GLU G 405 -43.53 -22.55 38.18
C GLU G 405 -44.75 -23.15 38.86
N LYS G 406 -45.37 -22.36 39.73
CA LYS G 406 -46.56 -22.76 40.48
C LYS G 406 -47.80 -22.10 39.87
N LEU G 407 -48.94 -22.26 40.54
CA LEU G 407 -50.20 -21.64 40.12
C LEU G 407 -50.45 -20.37 40.91
N LEU G 408 -51.25 -19.49 40.34
CA LEU G 408 -51.51 -18.19 40.95
C LEU G 408 -52.50 -18.32 42.09
N GLY G 409 -52.15 -17.75 43.25
CA GLY G 409 -53.07 -17.60 44.35
C GLY G 409 -53.35 -18.85 45.17
N VAL G 410 -52.50 -19.88 45.08
CA VAL G 410 -52.69 -21.11 45.83
C VAL G 410 -51.38 -21.49 46.50
N ARG G 411 -51.50 -22.31 47.54
CA ARG G 411 -50.35 -22.83 48.29
C ARG G 411 -50.43 -24.35 48.30
N GLU G 412 -49.37 -25.00 47.82
CA GLU G 412 -49.33 -26.46 47.73
C GLU G 412 -48.98 -27.02 49.10
N ARG G 413 -49.88 -27.84 49.65
CA ARG G 413 -49.67 -28.42 50.98
C ARG G 413 -50.05 -29.89 50.97
N THR G 414 -49.58 -30.65 49.98
CA THR G 414 -49.89 -32.07 49.92
C THR G 414 -48.77 -32.89 50.56
N TRP G 421 -51.22 -32.31 56.38
CA TRP G 421 -50.83 -31.11 55.64
C TRP G 421 -49.43 -30.64 56.02
N ALA G 422 -48.47 -30.82 55.11
CA ALA G 422 -47.09 -30.41 55.35
C ALA G 422 -46.49 -29.89 54.04
N PHE G 423 -45.73 -28.81 54.14
CA PHE G 423 -45.06 -28.22 52.98
C PHE G 423 -43.55 -28.36 53.13
N LYS G 424 -42.88 -28.42 51.99
CA LYS G 424 -41.43 -28.55 51.94
C LYS G 424 -40.77 -27.18 51.90
N LYS G 425 -39.62 -27.06 52.56
CA LYS G 425 -38.85 -25.83 52.59
C LYS G 425 -37.61 -25.99 51.73
N GLN G 426 -37.36 -25.01 50.86
CA GLN G 426 -36.21 -25.05 49.98
C GLN G 426 -34.95 -24.57 50.71
N LYS G 427 -33.80 -24.82 50.09
CA LYS G 427 -32.53 -24.41 50.66
C LYS G 427 -32.09 -23.07 50.09
N THR G 428 -31.57 -22.21 50.97
CA THR G 428 -31.08 -20.89 50.58
C THR G 428 -29.66 -20.73 51.10
N HIS G 429 -28.73 -20.41 50.19
CA HIS G 429 -27.33 -20.26 50.56
C HIS G 429 -26.79 -18.85 50.35
N THR G 430 -27.54 -17.97 49.68
CA THR G 430 -27.07 -16.62 49.41
C THR G 430 -28.22 -15.64 49.54
N VAL G 431 -27.92 -14.50 50.18
CA VAL G 431 -28.83 -13.36 50.23
C VAL G 431 -28.11 -12.18 49.60
N TYR G 432 -28.72 -11.59 48.58
CA TYR G 432 -28.08 -10.55 47.77
C TYR G 432 -29.04 -9.37 47.66
N LYS G 433 -28.70 -8.26 48.30
CA LYS G 433 -29.48 -7.02 48.23
C LYS G 433 -28.81 -6.09 47.23
N ARG G 434 -29.44 -5.92 46.07
CA ARG G 434 -28.89 -5.11 45.00
C ARG G 434 -29.04 -3.62 45.32
N PRO G 435 -28.28 -2.76 44.64
CA PRO G 435 -28.42 -1.31 44.85
C PRO G 435 -29.84 -0.85 44.54
N ASP G 436 -30.30 0.14 45.31
CA ASP G 436 -31.64 0.73 45.19
C ASP G 436 -32.74 -0.21 45.69
N THR G 437 -32.42 -1.08 46.64
CA THR G 437 -33.40 -1.93 47.30
C THR G 437 -33.38 -1.63 48.80
N GLN G 438 -34.33 -2.23 49.53
CA GLN G 438 -34.48 -1.94 50.94
C GLN G 438 -34.73 -3.23 51.73
N SER G 439 -34.16 -3.28 52.93
CA SER G 439 -34.41 -4.36 53.87
C SER G 439 -35.45 -3.91 54.91
N ILE G 440 -36.11 -4.89 55.52
CA ILE G 440 -37.13 -4.59 56.52
C ILE G 440 -37.22 -5.72 57.55
N GLN G 441 -37.16 -5.35 58.83
CA GLN G 441 -37.22 -6.31 59.92
C GLN G 441 -38.20 -5.83 60.97
N LYS G 442 -38.76 -6.78 61.72
CA LYS G 442 -39.72 -6.48 62.77
C LYS G 442 -39.00 -6.44 64.12
N VAL G 443 -39.14 -5.34 64.84
CA VAL G 443 -38.50 -5.12 66.12
C VAL G 443 -39.54 -4.58 67.11
N GLN G 444 -39.15 -4.48 68.37
CA GLN G 444 -40.02 -3.96 69.40
C GLN G 444 -40.14 -2.45 69.29
N ALA G 445 -41.34 -1.93 69.57
CA ALA G 445 -41.60 -0.50 69.47
C ALA G 445 -42.37 0.06 70.65
N GLU G 446 -42.62 -0.74 71.68
CA GLU G 446 -43.33 -0.29 72.88
C GLU G 446 -42.49 -0.68 74.10
N PHE G 447 -41.96 0.31 74.80
CA PHE G 447 -41.09 0.07 75.94
C PHE G 447 -41.74 0.63 77.20
N ASP G 448 -41.78 -0.18 78.26
CA ASP G 448 -42.36 0.25 79.52
C ASP G 448 -41.54 -0.18 80.74
N SER G 449 -40.29 -0.61 80.56
CA SER G 449 -39.44 -1.01 81.67
C SER G 449 -38.09 -0.36 81.51
N PHE G 450 -37.67 0.41 82.51
CA PHE G 450 -36.42 1.17 82.46
C PHE G 450 -35.64 1.00 83.76
N VAL G 451 -35.68 -0.19 84.34
CA VAL G 451 -34.98 -0.46 85.58
C VAL G 451 -33.96 -1.58 85.37
N TRP G 456 -24.06 4.54 93.19
CA TRP G 456 -22.99 5.10 92.37
C TRP G 456 -21.71 5.31 93.18
N SER G 457 -20.57 5.06 92.54
CA SER G 457 -19.28 5.30 93.15
C SER G 457 -18.40 6.05 92.17
N SER G 458 -17.42 6.79 92.71
CA SER G 458 -16.56 7.61 91.88
C SER G 458 -15.64 6.75 91.01
N GLY G 459 -14.79 5.94 91.64
CA GLY G 459 -13.86 5.09 90.95
C GLY G 459 -12.47 5.67 90.82
N LEU G 460 -12.31 6.98 90.98
CA LEU G 460 -10.99 7.58 90.93
C LEU G 460 -10.18 7.19 92.16
N SER G 461 -8.87 7.13 91.98
CA SER G 461 -7.95 6.79 93.06
C SER G 461 -7.12 8.00 93.44
N ILE G 462 -6.61 7.98 94.67
CA ILE G 462 -5.78 9.08 95.17
C ILE G 462 -4.54 9.28 94.30
N PRO G 463 -3.78 8.24 93.91
CA PRO G 463 -2.62 8.48 93.04
C PRO G 463 -2.98 9.17 91.72
N LEU G 464 -4.12 8.83 91.13
CA LEU G 464 -4.49 9.46 89.86
C LEU G 464 -4.86 10.93 90.07
N ARG G 465 -5.56 11.23 91.16
CA ARG G 465 -5.93 12.61 91.43
C ARG G 465 -4.71 13.50 91.64
N THR G 466 -3.69 12.97 92.32
CA THR G 466 -2.47 13.73 92.54
C THR G 466 -1.76 14.04 91.23
N ARG G 467 -1.71 13.08 90.31
CA ARG G 467 -1.03 13.29 89.04
C ARG G 467 -1.72 14.35 88.20
N ILE G 468 -3.06 14.36 88.20
CA ILE G 468 -3.80 15.36 87.42
C ILE G 468 -3.54 16.76 87.97
N LYS G 469 -3.50 16.90 89.29
CA LYS G 469 -3.23 18.21 89.89
C LYS G 469 -1.85 18.73 89.51
N TRP G 470 -0.85 17.85 89.51
CA TRP G 470 0.51 18.27 89.20
C TRP G 470 0.63 18.76 87.77
N LEU G 471 -0.04 18.09 86.83
CA LEU G 471 0.00 18.52 85.44
C LEU G 471 -0.67 19.87 85.25
N LEU G 472 -1.70 20.17 86.04
CA LEU G 472 -2.42 21.42 85.89
C LEU G 472 -1.61 22.61 86.43
N SER G 473 -0.84 22.39 87.49
CA SER G 473 -0.02 23.44 88.07
C SER G 473 1.12 23.76 87.10
N LYS G 474 1.03 24.91 86.45
CA LYS G 474 1.99 25.36 85.45
C LYS G 474 2.12 24.34 84.31
N ASP H 2 15.02 21.59 58.98
CA ASP H 2 13.75 20.97 58.57
C ASP H 2 13.94 19.64 57.81
N PRO H 3 14.84 19.59 56.83
CA PRO H 3 15.10 18.31 56.16
C PRO H 3 15.86 17.36 57.05
N VAL H 4 15.78 16.07 56.70
CA VAL H 4 16.51 15.01 57.38
C VAL H 4 17.33 14.26 56.34
N TYR H 5 18.60 14.01 56.66
CA TYR H 5 19.52 13.36 55.74
C TYR H 5 19.78 11.93 56.18
N VAL H 6 19.79 11.02 55.20
CA VAL H 6 20.01 9.60 55.44
C VAL H 6 21.15 9.12 54.55
N ASP H 7 21.93 8.18 55.07
CA ASP H 7 23.13 7.68 54.39
C ASP H 7 22.75 6.50 53.49
N ILE H 8 22.01 6.82 52.43
CA ILE H 8 21.62 5.85 51.41
C ILE H 8 21.85 6.44 50.03
N ASP H 9 21.93 5.55 49.04
CA ASP H 9 22.17 5.97 47.67
C ASP H 9 20.96 6.76 47.14
N ALA H 10 21.25 7.73 46.27
CA ALA H 10 20.21 8.61 45.75
C ALA H 10 19.26 7.91 44.79
N ASP H 11 19.69 6.82 44.15
CA ASP H 11 18.85 6.10 43.20
C ASP H 11 18.23 4.85 43.81
N SER H 12 18.32 4.69 45.13
CA SER H 12 17.74 3.53 45.78
C SER H 12 16.22 3.56 45.71
N ALA H 13 15.62 2.37 45.61
CA ALA H 13 14.17 2.25 45.61
C ALA H 13 13.57 2.22 47.01
N PHE H 14 14.41 2.09 48.04
CA PHE H 14 13.93 2.11 49.42
C PHE H 14 13.55 3.52 49.87
N LEU H 15 13.95 4.55 49.12
CA LEU H 15 13.68 5.92 49.55
C LEU H 15 12.19 6.23 49.52
N LYS H 16 11.46 5.67 48.55
CA LYS H 16 10.02 5.93 48.47
C LYS H 16 9.28 5.33 49.65
N ALA H 17 9.66 4.14 50.09
CA ALA H 17 9.00 3.51 51.23
C ALA H 17 9.26 4.31 52.50
N LEU H 18 10.46 4.85 52.66
CA LEU H 18 10.77 5.65 53.83
C LEU H 18 9.95 6.93 53.87
N GLN H 19 9.74 7.56 52.71
CA GLN H 19 8.94 8.77 52.66
C GLN H 19 7.49 8.52 53.05
N ARG H 20 6.95 7.37 52.63
CA ARG H 20 5.55 7.05 52.95
C ARG H 20 5.35 6.78 54.43
N ALA H 21 6.38 6.27 55.12
CA ALA H 21 6.27 5.97 56.53
C ALA H 21 6.43 7.19 57.42
N TYR H 22 7.04 8.27 56.92
CA TYR H 22 7.28 9.48 57.69
C TYR H 22 6.78 10.68 56.88
N PRO H 23 5.46 10.89 56.81
CA PRO H 23 4.93 12.00 56.01
C PRO H 23 5.27 13.38 56.56
N MET H 24 5.69 13.49 57.81
CA MET H 24 5.91 14.78 58.45
C MET H 24 7.33 15.28 58.31
N PHE H 25 8.19 14.58 57.57
CA PHE H 25 9.57 14.98 57.35
C PHE H 25 9.84 15.15 55.86
N GLU H 26 11.02 15.68 55.56
CA GLU H 26 11.54 15.77 54.20
C GLU H 26 12.84 14.98 54.16
N VAL H 27 12.84 13.87 53.43
CA VAL H 27 13.95 12.92 53.43
C VAL H 27 14.84 13.22 52.23
N GLU H 28 16.13 13.40 52.48
CA GLU H 28 17.11 13.69 51.43
C GLU H 28 18.27 12.72 51.54
N PRO H 29 18.67 12.07 50.45
CA PRO H 29 19.79 11.13 50.51
C PRO H 29 21.13 11.82 50.54
N ARG H 30 22.07 11.24 51.30
CA ARG H 30 23.43 11.76 51.37
C ARG H 30 24.34 10.58 51.73
N GLN H 31 24.99 10.00 50.72
CA GLN H 31 25.79 8.80 50.93
C GLN H 31 27.24 9.16 51.20
N VAL H 32 27.80 8.60 52.28
CA VAL H 32 29.18 8.88 52.65
C VAL H 32 29.97 7.59 52.85
N THR H 33 29.29 6.51 53.19
CA THR H 33 29.93 5.22 53.46
C THR H 33 29.21 4.11 52.72
N PRO H 34 29.93 3.02 52.37
CA PRO H 34 29.30 1.84 51.77
C PRO H 34 28.82 0.82 52.80
N ASN H 35 28.09 1.28 53.81
CA ASN H 35 27.62 0.40 54.86
C ASN H 35 26.59 -0.58 54.31
N ASP H 36 26.73 -1.86 54.67
CA ASP H 36 25.84 -2.89 54.14
C ASP H 36 24.58 -3.07 54.98
N ALA H 37 24.42 -2.32 56.06
CA ALA H 37 23.19 -2.26 56.84
C ALA H 37 22.60 -0.86 56.79
N ALA H 38 22.64 -0.24 55.61
CA ALA H 38 22.24 1.16 55.48
C ALA H 38 20.74 1.34 55.70
N ASN H 39 19.93 0.42 55.16
CA ASN H 39 18.48 0.56 55.28
C ASN H 39 18.02 0.45 56.73
N ALA H 40 18.61 -0.46 57.50
CA ALA H 40 18.22 -0.61 58.89
C ALA H 40 18.64 0.59 59.73
N ARG H 41 19.81 1.15 59.44
CA ARG H 41 20.28 2.32 60.19
C ARG H 41 19.43 3.55 59.89
N ALA H 42 18.96 3.68 58.65
CA ALA H 42 18.17 4.84 58.27
C ALA H 42 16.83 4.86 59.00
N PHE H 43 16.21 3.70 59.17
CA PHE H 43 14.92 3.63 59.87
C PHE H 43 15.07 4.03 61.33
N SER H 44 16.12 3.56 61.99
CA SER H 44 16.33 3.90 63.39
C SER H 44 16.67 5.37 63.57
N HIS H 45 17.37 5.96 62.60
CA HIS H 45 17.70 7.38 62.67
C HIS H 45 16.45 8.24 62.62
N LEU H 46 15.51 7.90 61.74
CA LEU H 46 14.28 8.68 61.64
C LEU H 46 13.34 8.43 62.81
N ALA H 47 13.41 7.25 63.42
CA ALA H 47 12.53 6.93 64.54
C ALA H 47 12.83 7.82 65.74
N ILE H 48 14.11 8.09 66.02
CA ILE H 48 14.48 8.93 67.15
C ILE H 48 14.05 10.37 66.91
N LYS H 49 14.14 10.83 65.66
CA LYS H 49 13.72 12.18 65.34
C LYS H 49 12.23 12.37 65.59
N LEU H 50 11.43 11.36 65.24
CA LEU H 50 9.99 11.43 65.48
C LEU H 50 9.67 11.50 66.97
N ILE H 51 10.37 10.70 67.78
CA ILE H 51 10.08 10.65 69.20
C ILE H 51 10.38 11.99 69.86
N GLU H 52 11.46 12.64 69.45
CA GLU H 52 11.82 13.93 70.03
C GLU H 52 10.77 14.99 69.71
N GLN H 53 10.19 14.93 68.51
CA GLN H 53 9.17 15.90 68.13
C GLN H 53 7.89 15.71 68.95
N GLU H 54 7.51 14.46 69.20
CA GLU H 54 6.25 14.19 69.88
C GLU H 54 6.28 14.67 71.33
N ILE H 55 7.38 14.43 72.04
CA ILE H 55 7.48 14.79 73.44
C ILE H 55 7.90 16.24 73.57
N ASP H 56 7.69 16.82 74.74
CA ASP H 56 7.99 18.23 74.99
C ASP H 56 9.37 18.41 75.59
N PRO H 57 10.00 19.57 75.37
CA PRO H 57 11.29 19.83 75.99
C PRO H 57 11.16 19.91 77.51
N ASP H 58 12.30 20.10 78.17
CA ASP H 58 12.42 20.15 79.62
C ASP H 58 11.99 18.84 80.28
N SER H 59 12.09 17.73 79.57
CA SER H 59 11.78 16.42 80.09
C SER H 59 13.04 15.58 80.22
N THR H 60 13.09 14.76 81.26
CA THR H 60 14.22 13.86 81.47
C THR H 60 13.92 12.51 80.83
N ILE H 61 14.87 12.00 80.06
CA ILE H 61 14.71 10.77 79.30
C ILE H 61 15.78 9.78 79.74
N LEU H 62 15.36 8.55 80.02
CA LEU H 62 16.28 7.46 80.30
C LEU H 62 16.51 6.65 79.03
N ASP H 63 17.77 6.38 78.73
CA ASP H 63 18.16 5.60 77.56
C ASP H 63 18.70 4.27 78.04
N ILE H 64 17.88 3.23 77.92
CA ILE H 64 18.22 1.90 78.44
C ILE H 64 19.10 1.18 77.43
N GLY H 65 20.22 0.65 77.89
CA GLY H 65 21.16 -0.03 77.03
C GLY H 65 21.70 0.89 75.96
N SER H 66 22.12 2.08 76.37
CA SER H 66 22.43 3.15 75.44
C SER H 66 23.81 2.99 74.83
N ALA H 67 23.99 3.63 73.67
CA ALA H 67 25.31 3.91 73.12
C ALA H 67 25.53 5.40 73.20
N PRO H 68 26.31 5.90 74.16
CA PRO H 68 26.29 7.33 74.47
C PRO H 68 26.77 8.23 73.35
N ALA H 69 27.49 7.70 72.35
CA ALA H 69 27.97 8.54 71.26
C ALA H 69 26.85 9.04 70.37
N ARG H 70 25.70 8.35 70.33
CA ARG H 70 24.60 8.77 69.47
C ARG H 70 23.83 9.95 70.05
N ARG H 71 23.90 10.19 71.35
CA ARG H 71 23.17 11.26 72.00
C ARG H 71 24.05 12.46 72.32
N MET H 72 25.28 12.49 71.81
CA MET H 72 26.24 13.52 72.22
C MET H 72 25.90 14.90 71.67
N MET H 73 25.31 14.97 70.48
CA MET H 73 25.04 16.25 69.82
C MET H 73 23.58 16.67 69.95
N SER H 74 22.83 16.07 70.87
CA SER H 74 21.43 16.43 71.06
C SER H 74 21.31 17.52 72.13
N ASP H 75 20.26 18.32 72.01
CA ASP H 75 20.00 19.40 72.96
C ASP H 75 19.05 19.00 74.08
N ARG H 76 18.57 17.76 74.09
CA ARG H 76 17.69 17.29 75.15
C ARG H 76 18.51 16.65 76.27
N LYS H 77 17.87 16.46 77.42
CA LYS H 77 18.52 15.90 78.60
C LYS H 77 18.36 14.39 78.57
N TYR H 78 19.48 13.69 78.42
CA TYR H 78 19.50 12.23 78.41
C TYR H 78 20.29 11.71 79.61
N HIS H 79 19.86 10.57 80.13
CA HIS H 79 20.58 9.85 81.18
C HIS H 79 20.88 8.45 80.66
N CYS H 80 22.13 8.23 80.25
CA CYS H 80 22.52 6.99 79.61
C CYS H 80 22.83 5.93 80.67
N VAL H 81 22.14 4.80 80.57
CA VAL H 81 22.33 3.66 81.47
C VAL H 81 23.16 2.63 80.70
N CYS H 82 24.44 2.52 81.06
CA CYS H 82 25.40 1.71 80.30
C CYS H 82 26.12 0.73 81.18
N PRO H 83 25.57 -0.46 81.39
CA PRO H 83 26.37 -1.55 81.95
C PRO H 83 27.26 -2.16 80.88
N MET H 84 28.26 -2.90 81.32
CA MET H 84 29.22 -3.54 80.42
C MET H 84 28.98 -5.05 80.48
N ARG H 85 28.04 -5.52 79.66
CA ARG H 85 27.67 -6.93 79.65
C ARG H 85 27.87 -7.60 78.31
N SER H 86 28.10 -6.85 77.23
CA SER H 86 28.37 -7.42 75.92
C SER H 86 29.77 -7.06 75.48
N ALA H 87 30.32 -7.86 74.57
CA ALA H 87 31.70 -7.70 74.13
C ALA H 87 31.92 -6.46 73.29
N GLU H 88 30.85 -5.85 72.76
CA GLU H 88 30.98 -4.64 71.95
C GLU H 88 30.89 -3.37 72.78
N ASP H 89 30.74 -3.47 74.09
CA ASP H 89 30.57 -2.31 74.96
C ASP H 89 31.87 -1.54 75.21
N PRO H 90 33.01 -2.20 75.47
CA PRO H 90 34.25 -1.42 75.67
C PRO H 90 34.62 -0.55 74.49
N GLU H 91 34.34 -1.00 73.26
CA GLU H 91 34.64 -0.20 72.08
C GLU H 91 33.72 1.01 71.99
N ARG H 92 32.44 0.85 72.37
CA ARG H 92 31.51 1.97 72.31
C ARG H 92 31.87 3.05 73.32
N LEU H 93 32.37 2.64 74.50
CA LEU H 93 32.79 3.62 75.49
C LEU H 93 33.99 4.43 75.00
N ALA H 94 34.94 3.77 74.33
CA ALA H 94 36.10 4.47 73.81
C ALA H 94 35.70 5.47 72.73
N ASN H 95 34.76 5.09 71.86
CA ASN H 95 34.29 6.00 70.83
C ASN H 95 33.64 7.23 71.44
N TYR H 96 33.01 7.07 72.61
CA TYR H 96 32.39 8.21 73.29
C TYR H 96 33.43 9.20 73.77
N ALA H 97 34.52 8.70 74.37
CA ALA H 97 35.55 9.59 74.90
C ALA H 97 36.30 10.32 73.80
N ARG H 98 36.59 9.63 72.70
CA ARG H 98 37.32 10.26 71.60
C ARG H 98 36.53 11.43 71.00
N LYS H 99 35.22 11.24 70.83
CA LYS H 99 34.40 12.31 70.25
C LYS H 99 34.27 13.50 71.19
N LEU H 100 34.21 13.24 72.50
CA LEU H 100 34.07 14.33 73.46
C LEU H 100 35.31 15.21 73.49
N ALA H 101 36.50 14.59 73.53
CA ALA H 101 37.73 15.37 73.60
C ALA H 101 38.00 16.12 72.31
N SER H 102 37.55 15.60 71.18
CA SER H 102 37.77 16.26 69.90
C SER H 102 36.77 17.36 69.60
N ALA H 103 35.77 17.55 70.46
CA ALA H 103 34.77 18.59 70.27
C ALA H 103 34.81 19.67 71.35
N ALA H 104 35.62 19.49 72.39
CA ALA H 104 35.72 20.49 73.44
C ALA H 104 36.36 21.77 72.90
N GLY H 105 35.75 22.91 73.20
CA GLY H 105 36.21 24.19 72.72
C GLY H 105 35.73 24.57 71.35
N LYS H 106 34.97 23.70 70.67
CA LYS H 106 34.44 23.99 69.35
C LYS H 106 32.92 23.99 69.28
N VAL H 107 32.26 23.21 70.13
CA VAL H 107 30.80 23.19 70.20
C VAL H 107 30.39 23.82 71.52
N LEU H 108 29.52 24.84 71.46
CA LEU H 108 29.13 25.59 72.65
C LEU H 108 27.67 25.42 73.04
N ASP H 109 26.79 25.13 72.09
CA ASP H 109 25.36 25.01 72.41
C ASP H 109 25.11 23.83 73.34
N ARG H 110 25.76 22.70 73.09
CA ARG H 110 25.57 21.50 73.89
C ARG H 110 26.38 21.57 75.17
N ASN H 111 26.00 20.74 76.13
CA ASN H 111 26.64 20.71 77.45
C ASN H 111 27.85 19.77 77.40
N ILE H 112 28.84 20.19 76.60
CA ILE H 112 30.02 19.36 76.38
C ILE H 112 30.88 19.31 77.65
N SER H 113 31.06 20.47 78.31
CA SER H 113 31.91 20.52 79.49
C SER H 113 31.34 19.67 80.62
N GLY H 114 30.02 19.72 80.82
CA GLY H 114 29.42 18.91 81.87
C GLY H 114 29.51 17.42 81.59
N LYS H 115 29.35 17.03 80.33
CA LYS H 115 29.43 15.62 79.96
C LYS H 115 30.83 15.07 80.21
N ILE H 116 31.87 15.87 79.91
CA ILE H 116 33.24 15.43 80.17
C ILE H 116 33.47 15.30 81.68
N GLY H 117 32.98 16.27 82.45
CA GLY H 117 33.13 16.20 83.89
C GLY H 117 32.37 15.04 84.50
N ASP H 118 31.22 14.70 83.92
CA ASP H 118 30.43 13.58 84.43
C ASP H 118 31.17 12.26 84.22
N LEU H 119 31.82 12.10 83.08
CA LEU H 119 32.53 10.85 82.79
C LEU H 119 33.70 10.63 83.75
N GLN H 120 34.44 11.69 84.08
CA GLN H 120 35.59 11.55 84.96
C GLN H 120 35.19 11.10 86.36
N ALA H 121 34.07 11.63 86.86
CA ALA H 121 33.63 11.30 88.21
C ALA H 121 33.31 9.81 88.35
N VAL H 122 32.67 9.23 87.32
CA VAL H 122 32.32 7.82 87.37
C VAL H 122 33.56 6.95 87.38
N MET H 123 34.61 7.37 86.65
CA MET H 123 35.83 6.58 86.60
C MET H 123 36.48 6.46 87.98
N ALA H 124 36.51 7.56 88.73
CA ALA H 124 37.12 7.53 90.06
C ALA H 124 36.30 6.69 91.03
N VAL H 125 35.00 6.92 91.08
CA VAL H 125 34.09 6.18 91.94
C VAL H 125 33.02 5.54 91.07
N PRO H 126 33.15 4.26 90.73
CA PRO H 126 32.17 3.63 89.83
C PRO H 126 30.88 3.22 90.53
N ASP H 127 30.34 4.10 91.38
CA ASP H 127 29.07 3.84 92.03
C ASP H 127 28.18 5.07 92.13
N THR H 128 28.57 6.21 91.58
CA THR H 128 27.82 7.45 91.72
C THR H 128 26.88 7.65 90.54
N GLU H 129 25.74 8.25 90.80
CA GLU H 129 24.79 8.62 89.75
C GLU H 129 25.05 10.06 89.32
N THR H 130 25.26 10.26 88.02
CA THR H 130 25.46 11.56 87.43
C THR H 130 24.26 11.92 86.56
N PRO H 131 24.04 13.20 86.29
CA PRO H 131 22.87 13.58 85.47
C PRO H 131 22.88 12.97 84.09
N THR H 132 24.03 12.58 83.54
CA THR H 132 24.10 12.09 82.17
C THR H 132 24.70 10.70 82.02
N PHE H 133 25.17 10.06 83.09
CA PHE H 133 25.86 8.78 82.92
C PHE H 133 25.81 8.00 84.23
N CYS H 134 25.70 6.67 84.10
CA CYS H 134 25.79 5.77 85.23
C CYS H 134 26.17 4.38 84.70
N LEU H 135 26.57 3.50 85.61
CA LEU H 135 27.05 2.16 85.25
C LEU H 135 26.14 1.05 85.77
N HIS H 136 24.91 1.37 86.12
CA HIS H 136 23.99 0.37 86.66
C HIS H 136 23.17 -0.26 85.54
N THR H 137 22.26 -1.15 85.90
CA THR H 137 21.34 -1.78 84.97
C THR H 137 19.97 -1.10 85.06
N ASP H 138 19.03 -1.59 84.25
CA ASP H 138 17.69 -1.00 84.24
C ASP H 138 16.94 -1.24 85.54
N VAL H 139 17.40 -2.15 86.38
CA VAL H 139 16.71 -2.48 87.62
C VAL H 139 17.34 -1.71 88.78
N SER H 140 18.67 -1.59 88.77
CA SER H 140 19.41 -1.01 89.90
C SER H 140 19.70 0.47 89.75
N CYS H 141 19.31 1.10 88.64
CA CYS H 141 19.48 2.54 88.51
C CYS H 141 18.51 3.28 89.42
N ARG H 142 18.94 4.43 89.91
CA ARG H 142 18.17 5.18 90.90
C ARG H 142 17.70 6.55 90.40
N GLN H 143 18.03 6.92 89.18
CA GLN H 143 17.60 8.22 88.65
C GLN H 143 16.12 8.21 88.33
N ARG H 144 15.45 9.32 88.61
CA ARG H 144 14.03 9.49 88.33
C ARG H 144 13.84 10.34 87.08
N ALA H 145 12.91 9.92 86.23
CA ALA H 145 12.62 10.63 84.98
C ALA H 145 11.14 10.44 84.64
N ASP H 146 10.77 10.79 83.42
CA ASP H 146 9.41 10.63 82.95
C ASP H 146 9.27 9.99 81.58
N VAL H 147 10.37 9.78 80.86
CA VAL H 147 10.35 9.13 79.55
C VAL H 147 11.46 8.08 79.52
N ALA H 148 11.15 6.91 78.95
CA ALA H 148 12.10 5.84 78.78
C ALA H 148 12.12 5.39 77.33
N ILE H 149 13.30 5.05 76.82
CA ILE H 149 13.49 4.70 75.41
C ILE H 149 14.30 3.42 75.32
N TYR H 150 13.83 2.47 74.52
CA TYR H 150 14.56 1.25 74.19
C TYR H 150 14.82 1.24 72.69
N GLN H 151 16.09 1.25 72.29
CA GLN H 151 16.47 1.25 70.88
C GLN H 151 17.26 -0.01 70.59
N ASP H 152 16.60 -0.97 69.91
CA ASP H 152 17.22 -2.24 69.52
C ASP H 152 17.73 -3.02 70.73
N VAL H 153 16.88 -3.16 71.74
CA VAL H 153 17.18 -3.90 72.95
C VAL H 153 16.32 -5.16 72.97
N TYR H 154 16.97 -6.33 72.98
CA TYR H 154 16.27 -7.61 72.94
C TYR H 154 16.62 -8.50 74.13
N ALA H 155 17.33 -8.00 75.12
CA ALA H 155 17.91 -8.84 76.17
C ALA H 155 17.27 -8.65 77.53
N VAL H 156 16.05 -8.12 77.60
CA VAL H 156 15.38 -7.90 78.87
C VAL H 156 13.98 -8.49 78.81
N HIS H 157 13.44 -8.79 79.99
CA HIS H 157 12.06 -9.27 80.12
C HIS H 157 11.13 -8.07 80.24
N ALA H 158 10.20 -7.93 79.28
CA ALA H 158 9.46 -6.68 79.15
C ALA H 158 8.60 -6.35 80.37
N PRO H 159 7.74 -7.22 80.90
CA PRO H 159 6.93 -6.82 82.06
C PRO H 159 7.75 -6.47 83.29
N THR H 160 8.88 -7.16 83.51
CA THR H 160 9.70 -6.87 84.68
C THR H 160 10.43 -5.54 84.53
N SER H 161 10.94 -5.25 83.33
CA SER H 161 11.65 -4.00 83.11
C SER H 161 10.72 -2.81 83.22
N LEU H 162 9.51 -2.93 82.68
CA LEU H 162 8.58 -1.80 82.68
C LEU H 162 8.10 -1.47 84.09
N TYR H 163 7.93 -2.47 84.94
CA TYR H 163 7.47 -2.24 86.30
C TYR H 163 8.47 -1.40 87.09
N HIS H 164 9.76 -1.68 86.93
CA HIS H 164 10.78 -0.93 87.66
C HIS H 164 10.91 0.49 87.15
N GLN H 165 10.50 0.74 85.90
CA GLN H 165 10.50 2.10 85.38
C GLN H 165 9.32 2.91 85.92
N ALA H 166 8.19 2.23 86.16
CA ALA H 166 6.98 2.94 86.56
C ALA H 166 7.03 3.42 88.00
N ILE H 167 7.71 2.71 88.89
CA ILE H 167 7.75 3.08 90.29
C ILE H 167 8.71 4.24 90.50
N LYS H 168 9.42 4.64 89.46
CA LYS H 168 10.28 5.81 89.49
C LYS H 168 9.64 7.03 88.83
N GLY H 169 8.37 6.93 88.43
CA GLY H 169 7.64 8.05 87.90
C GLY H 169 7.58 8.15 86.39
N VAL H 170 7.98 7.12 85.66
CA VAL H 170 7.94 7.15 84.21
C VAL H 170 6.52 6.89 83.74
N ARG H 171 6.03 7.74 82.84
CA ARG H 171 4.67 7.64 82.32
C ARG H 171 4.60 7.28 80.84
N LEU H 172 5.73 7.26 80.13
CA LEU H 172 5.73 7.00 78.70
C LEU H 172 6.98 6.23 78.32
N ALA H 173 6.84 5.29 77.39
CA ALA H 173 7.95 4.45 76.96
C ALA H 173 7.83 4.18 75.46
N TYR H 174 8.99 3.95 74.83
CA TYR H 174 9.06 3.66 73.41
C TYR H 174 9.96 2.45 73.16
N TRP H 175 9.62 1.68 72.14
CA TRP H 175 10.40 0.50 71.77
C TRP H 175 10.55 0.45 70.26
N VAL H 176 11.79 0.32 69.80
CA VAL H 176 12.11 0.27 68.38
C VAL H 176 12.85 -1.05 68.10
N GLY H 177 12.38 -1.78 67.10
CA GLY H 177 13.02 -3.04 66.76
C GLY H 177 12.27 -3.76 65.66
N PHE H 178 12.71 -4.99 65.41
CA PHE H 178 12.12 -5.83 64.39
C PHE H 178 10.77 -6.38 64.86
N ASP H 179 9.93 -6.73 63.88
CA ASP H 179 8.61 -7.28 64.19
C ASP H 179 8.73 -8.66 64.84
N THR H 180 7.94 -8.87 65.89
CA THR H 180 7.96 -10.12 66.65
C THR H 180 6.89 -11.11 66.19
N THR H 181 6.13 -10.78 65.16
CA THR H 181 5.09 -11.69 64.69
C THR H 181 5.59 -13.04 64.21
N PRO H 182 6.66 -13.15 63.42
CA PRO H 182 7.08 -14.50 62.96
C PRO H 182 7.47 -15.43 64.08
N PHE H 183 7.87 -14.91 65.24
CA PHE H 183 8.22 -15.77 66.36
C PHE H 183 7.01 -16.22 67.17
N MET H 184 5.86 -15.56 66.99
CA MET H 184 4.62 -16.03 67.59
C MET H 184 4.04 -17.23 66.85
N TYR H 185 4.34 -17.36 65.57
CA TYR H 185 3.92 -18.50 64.76
C TYR H 185 4.84 -19.71 64.92
N ASN H 186 5.96 -19.55 65.64
CA ASN H 186 6.89 -20.64 65.95
C ASN H 186 7.52 -21.21 64.68
N ALA H 187 8.11 -20.34 63.87
CA ALA H 187 8.80 -20.76 62.67
C ALA H 187 10.23 -21.19 62.99
N MET H 188 10.84 -21.90 62.05
CA MET H 188 12.21 -22.37 62.23
C MET H 188 13.24 -21.46 61.57
N ALA H 189 12.86 -20.77 60.50
CA ALA H 189 13.77 -19.84 59.82
C ALA H 189 12.91 -18.81 59.09
N GLY H 190 13.54 -17.70 58.72
CA GLY H 190 12.82 -16.64 58.04
C GLY H 190 13.77 -15.57 57.55
N ALA H 191 13.17 -14.55 56.93
CA ALA H 191 13.95 -13.47 56.31
C ALA H 191 13.22 -12.15 56.46
N TYR H 192 13.99 -11.07 56.37
CA TYR H 192 13.48 -9.70 56.22
C TYR H 192 14.15 -9.14 54.97
N PRO H 193 13.59 -9.42 53.79
CA PRO H 193 14.33 -9.15 52.54
C PRO H 193 14.68 -7.69 52.31
N SER H 194 13.87 -6.75 52.80
CA SER H 194 14.14 -5.34 52.54
C SER H 194 15.33 -4.81 53.31
N TYR H 195 15.74 -5.49 54.38
CA TYR H 195 16.85 -5.05 55.22
C TYR H 195 18.07 -5.95 55.12
N SER H 196 18.08 -6.88 54.16
CA SER H 196 19.18 -7.83 53.98
C SER H 196 19.45 -8.61 55.26
N THR H 197 18.38 -9.06 55.91
CA THR H 197 18.46 -9.74 57.19
C THR H 197 17.91 -11.15 57.07
N ASN H 198 18.66 -12.12 57.60
CA ASN H 198 18.23 -13.51 57.68
C ASN H 198 18.48 -14.04 59.07
N TRP H 199 17.62 -14.96 59.51
CA TRP H 199 17.75 -15.59 60.83
C TRP H 199 17.41 -17.06 60.70
N ALA H 200 17.93 -17.86 61.63
CA ALA H 200 17.70 -19.29 61.60
C ALA H 200 17.91 -19.89 62.99
N ASP H 201 17.27 -21.02 63.22
CA ASP H 201 17.50 -21.80 64.43
C ASP H 201 18.86 -22.48 64.37
N GLU H 202 19.44 -22.73 65.56
CA GLU H 202 20.77 -23.33 65.62
C GLU H 202 20.80 -24.73 65.01
N GLN H 203 19.69 -25.46 65.09
CA GLN H 203 19.68 -26.85 64.63
C GLN H 203 19.73 -26.98 63.11
N VAL H 204 19.50 -25.90 62.36
CA VAL H 204 19.44 -25.98 60.90
C VAL H 204 20.51 -25.11 60.24
N LEU H 205 21.60 -24.82 60.96
CA LEU H 205 22.66 -23.99 60.39
C LEU H 205 23.46 -24.72 59.30
N LYS H 206 23.27 -26.02 59.14
CA LYS H 206 23.95 -26.80 58.12
C LYS H 206 23.02 -27.17 56.96
N ALA H 207 22.03 -26.34 56.69
CA ALA H 207 21.09 -26.59 55.59
C ALA H 207 21.76 -26.22 54.27
N LYS H 208 20.97 -26.19 53.20
CA LYS H 208 21.51 -25.97 51.87
C LYS H 208 20.91 -24.76 51.14
N ASN H 209 19.60 -24.53 51.27
CA ASN H 209 18.93 -23.56 50.42
C ASN H 209 18.12 -22.54 51.23
N ILE H 210 18.61 -22.14 52.40
CA ILE H 210 18.00 -21.05 53.13
C ILE H 210 18.98 -19.88 53.16
N GLY H 211 18.56 -18.76 53.75
CA GLY H 211 19.39 -17.56 53.68
C GLY H 211 20.69 -17.68 54.44
N LEU H 212 20.67 -18.32 55.61
CA LEU H 212 21.83 -18.38 56.50
C LEU H 212 22.16 -19.84 56.77
N CYS H 213 23.13 -20.38 56.02
CA CYS H 213 23.49 -21.79 56.14
C CYS H 213 24.82 -22.02 55.43
N SER H 214 25.39 -23.20 55.67
CA SER H 214 26.61 -23.65 55.00
C SER H 214 26.66 -25.17 55.05
N THR H 215 27.10 -25.77 53.95
CA THR H 215 27.16 -27.24 53.85
C THR H 215 28.41 -27.62 53.08
N ASP H 216 28.53 -28.93 52.77
CA ASP H 216 29.70 -29.47 52.10
C ASP H 216 29.27 -30.35 50.94
N LEU H 217 30.25 -30.74 50.12
CA LEU H 217 30.02 -31.69 49.05
C LEU H 217 30.28 -33.11 49.55
N THR H 218 29.43 -34.05 49.14
CA THR H 218 29.58 -35.43 49.57
C THR H 218 29.01 -36.36 48.51
N GLU H 219 29.47 -37.61 48.54
CA GLU H 219 29.00 -38.62 47.60
C GLU H 219 27.81 -39.42 48.13
N GLY H 220 27.66 -39.53 49.44
CA GLY H 220 26.53 -40.21 50.03
C GLY H 220 26.83 -41.59 50.56
N ARG H 221 26.96 -41.70 51.88
CA ARG H 221 27.14 -42.99 52.55
C ARG H 221 25.80 -43.45 53.12
N ARG H 222 25.83 -44.57 53.83
CA ARG H 222 24.59 -45.14 54.33
C ARG H 222 24.61 -45.41 55.82
N GLY H 223 25.74 -45.82 56.39
CA GLY H 223 25.75 -46.28 57.76
C GLY H 223 25.42 -45.22 58.80
N LYS H 224 26.36 -44.30 59.04
CA LYS H 224 26.24 -43.27 60.07
C LYS H 224 25.59 -43.83 61.34
N LEU H 225 26.20 -44.88 61.87
CA LEU H 225 25.61 -45.68 62.94
C LEU H 225 25.61 -44.88 64.23
N SER H 226 24.43 -44.37 64.61
CA SER H 226 24.23 -43.68 65.88
C SER H 226 22.96 -44.26 66.51
N ILE H 227 23.15 -45.02 67.60
CA ILE H 227 22.02 -45.70 68.22
C ILE H 227 21.01 -44.70 68.77
N MET H 228 21.50 -43.66 69.46
CA MET H 228 20.61 -42.66 70.03
C MET H 228 19.82 -41.96 68.94
N ARG H 229 18.52 -41.84 69.16
CA ARG H 229 17.61 -41.30 68.16
C ARG H 229 17.18 -39.88 68.52
N GLY H 230 17.33 -38.97 67.56
CA GLY H 230 16.70 -37.67 67.72
C GLY H 230 15.19 -37.77 67.64
N LYS H 231 14.69 -38.36 66.55
CA LYS H 231 13.29 -38.79 66.42
C LYS H 231 12.33 -37.61 66.35
N LYS H 232 12.85 -36.39 66.49
CA LYS H 232 11.99 -35.21 66.56
C LYS H 232 12.84 -33.98 66.28
N LEU H 233 12.24 -33.01 65.60
CA LEU H 233 12.92 -31.77 65.22
C LEU H 233 11.95 -30.62 65.44
N GLU H 234 12.11 -29.92 66.55
CA GLU H 234 11.27 -28.80 66.92
C GLU H 234 12.12 -27.60 67.30
N PRO H 235 11.58 -26.39 67.20
CA PRO H 235 12.37 -25.20 67.51
C PRO H 235 12.85 -25.18 68.96
N CYS H 236 14.04 -24.64 69.16
N CYS H 236 14.04 -24.64 69.16
CA CYS H 236 14.65 -24.47 70.47
CA CYS H 236 14.65 -24.47 70.47
C CYS H 236 14.82 -22.99 70.77
C CYS H 236 14.78 -22.99 70.79
N ASP H 237 15.39 -22.70 71.94
CA ASP H 237 15.50 -21.31 72.39
C ASP H 237 16.53 -20.52 71.59
N ARG H 238 17.65 -21.13 71.20
CA ARG H 238 18.76 -20.39 70.63
C ARG H 238 18.49 -20.03 69.17
N VAL H 239 18.70 -18.77 68.83
CA VAL H 239 18.44 -18.25 67.49
C VAL H 239 19.55 -17.28 67.11
N LEU H 240 19.99 -17.35 65.85
CA LEU H 240 21.06 -16.51 65.32
C LEU H 240 20.48 -15.50 64.34
N PHE H 241 20.92 -14.24 64.46
CA PHE H 241 20.51 -13.16 63.57
C PHE H 241 21.70 -12.69 62.75
N SER H 242 21.44 -12.25 61.52
CA SER H 242 22.48 -11.71 60.65
C SER H 242 21.92 -10.49 59.91
N VAL H 243 22.30 -9.30 60.37
CA VAL H 243 21.89 -8.05 59.74
C VAL H 243 23.08 -7.56 58.92
N GLY H 244 22.93 -7.57 57.59
CA GLY H 244 24.05 -7.29 56.73
C GLY H 244 25.12 -8.36 56.86
N SER H 245 26.23 -8.02 57.49
CA SER H 245 27.28 -8.99 57.81
C SER H 245 27.59 -9.01 59.31
N THR H 246 26.66 -8.58 60.14
CA THR H 246 26.84 -8.54 61.59
C THR H 246 25.99 -9.63 62.24
N LEU H 247 26.58 -10.39 63.14
CA LEU H 247 25.93 -11.52 63.77
C LEU H 247 25.48 -11.18 65.18
N TYR H 248 24.23 -11.54 65.51
CA TYR H 248 23.67 -11.33 66.83
C TYR H 248 22.90 -12.55 67.31
N PRO H 249 23.26 -13.13 68.45
CA PRO H 249 22.45 -14.22 69.02
C PRO H 249 21.33 -13.68 69.88
N GLU H 250 20.17 -14.35 69.80
CA GLU H 250 18.98 -13.94 70.55
C GLU H 250 18.37 -15.15 71.23
N SER H 251 17.34 -14.88 72.03
CA SER H 251 16.60 -15.91 72.76
C SER H 251 15.12 -15.78 72.46
N ARG H 252 14.45 -16.92 72.24
CA ARG H 252 13.05 -16.91 71.86
C ARG H 252 12.16 -16.40 72.99
N LYS H 253 12.47 -16.74 74.23
CA LYS H 253 11.63 -16.34 75.35
C LYS H 253 11.57 -14.83 75.49
N LEU H 254 12.71 -14.15 75.36
CA LEU H 254 12.73 -12.71 75.53
C LEU H 254 12.09 -12.00 74.34
N LEU H 255 12.24 -12.55 73.13
CA LEU H 255 11.63 -11.94 71.96
C LEU H 255 10.11 -11.94 72.06
N LYS H 256 9.52 -13.05 72.54
CA LYS H 256 8.07 -13.14 72.61
C LYS H 256 7.50 -12.30 73.73
N SER H 257 8.33 -11.86 74.68
CA SER H 257 7.83 -11.10 75.81
C SER H 257 7.49 -9.66 75.43
N TRP H 258 7.96 -9.18 74.29
CA TRP H 258 7.65 -7.83 73.82
C TRP H 258 6.44 -7.81 72.90
N HIS H 259 5.81 -8.96 72.65
CA HIS H 259 4.55 -9.03 71.90
C HIS H 259 3.41 -8.82 72.89
N LEU H 260 3.24 -7.58 73.32
CA LEU H 260 2.32 -7.25 74.39
C LEU H 260 0.90 -7.03 73.86
N PRO H 261 -0.11 -7.33 74.66
CA PRO H 261 -1.49 -7.06 74.26
C PRO H 261 -1.79 -5.56 74.33
N SER H 262 -2.99 -5.20 73.88
CA SER H 262 -3.36 -3.79 73.86
C SER H 262 -3.58 -3.22 75.25
N VAL H 263 -4.00 -4.04 76.20
CA VAL H 263 -4.26 -3.62 77.57
C VAL H 263 -3.76 -4.69 78.53
N PHE H 264 -3.07 -4.27 79.58
CA PHE H 264 -2.59 -5.22 80.59
C PHE H 264 -2.41 -4.50 81.92
N HIS H 265 -2.33 -5.30 82.99
CA HIS H 265 -2.23 -4.80 84.35
C HIS H 265 -0.90 -5.24 84.97
N LEU H 266 -0.30 -4.34 85.75
CA LEU H 266 0.88 -4.65 86.54
C LEU H 266 0.51 -4.54 88.01
N LYS H 267 0.53 -5.68 88.72
CA LYS H 267 0.07 -5.74 90.10
C LYS H 267 1.25 -6.08 91.01
N GLY H 268 1.51 -5.21 91.98
CA GLY H 268 2.55 -5.44 92.96
C GLY H 268 2.32 -4.64 94.21
N LYS H 269 3.38 -4.07 94.79
CA LYS H 269 3.20 -3.11 95.88
C LYS H 269 2.41 -1.90 95.41
N LEU H 270 2.70 -1.42 94.21
CA LEU H 270 1.91 -0.42 93.51
C LEU H 270 1.32 -1.04 92.25
N SER H 271 0.14 -0.54 91.85
CA SER H 271 -0.59 -1.09 90.74
C SER H 271 -0.66 -0.08 89.60
N PHE H 272 -0.57 -0.58 88.37
CA PHE H 272 -0.59 0.27 87.19
C PHE H 272 -1.45 -0.36 86.11
N THR H 273 -2.00 0.50 85.25
CA THR H 273 -2.79 0.10 84.09
C THR H 273 -2.11 0.64 82.84
N CYS H 274 -1.85 -0.25 81.88
CA CYS H 274 -0.98 0.08 80.76
C CYS H 274 -1.67 -0.19 79.43
N ARG H 275 -1.16 0.46 78.39
CA ARG H 275 -1.70 0.35 77.04
C ARG H 275 -0.55 0.36 76.03
N CYS H 276 -0.65 -0.49 75.02
CA CYS H 276 0.38 -0.62 73.99
C CYS H 276 -0.20 -0.36 72.62
N ASP H 277 0.54 0.36 71.79
CA ASP H 277 0.07 0.76 70.47
C ASP H 277 1.24 0.84 69.50
N THR H 278 0.97 0.51 68.24
CA THR H 278 1.97 0.57 67.17
C THR H 278 1.73 1.81 66.33
N VAL H 279 2.76 2.65 66.19
CA VAL H 279 2.61 3.92 65.50
C VAL H 279 3.32 3.96 64.15
N VAL H 280 4.39 3.21 63.96
CA VAL H 280 5.10 3.16 62.68
C VAL H 280 5.32 1.69 62.30
N SER H 281 5.27 1.42 61.00
CA SER H 281 5.47 0.06 60.50
C SER H 281 5.96 0.16 59.06
N CYS H 282 7.10 -0.48 58.77
CA CYS H 282 7.64 -0.44 57.41
C CYS H 282 8.38 -1.76 57.15
N GLU H 283 7.66 -2.70 56.54
CA GLU H 283 8.24 -3.95 56.01
C GLU H 283 8.99 -4.74 57.08
N GLY H 284 8.40 -4.85 58.26
CA GLY H 284 8.98 -5.65 59.32
C GLY H 284 9.70 -4.87 60.41
N TYR H 285 9.77 -3.54 60.31
CA TYR H 285 10.36 -2.69 61.32
C TYR H 285 9.26 -1.82 61.92
N VAL H 286 9.18 -1.78 63.25
CA VAL H 286 8.05 -1.16 63.93
C VAL H 286 8.54 -0.25 65.05
N VAL H 287 7.64 0.66 65.47
CA VAL H 287 7.82 1.50 66.64
C VAL H 287 6.58 1.35 67.51
N LYS H 288 6.78 1.10 68.80
CA LYS H 288 5.70 0.90 69.74
C LYS H 288 5.69 1.99 70.80
N ARG H 289 4.48 2.33 71.27
CA ARG H 289 4.29 3.37 72.27
C ARG H 289 3.47 2.81 73.42
N ILE H 290 3.96 2.99 74.65
CA ILE H 290 3.36 2.41 75.85
C ILE H 290 3.15 3.51 76.87
N THR H 291 1.96 3.56 77.45
CA THR H 291 1.63 4.48 78.53
C THR H 291 1.25 3.71 79.78
N MET H 292 1.56 4.30 80.94
CA MET H 292 1.29 3.67 82.23
C MET H 292 0.66 4.67 83.18
N SER H 293 -0.39 4.25 83.88
CA SER H 293 -1.10 5.09 84.81
C SER H 293 -1.34 4.35 86.12
N PRO H 294 -1.38 5.07 87.24
CA PRO H 294 -1.61 4.40 88.53
C PRO H 294 -3.06 3.97 88.70
N GLY H 295 -3.25 2.84 89.36
CA GLY H 295 -4.58 2.31 89.64
C GLY H 295 -4.95 1.17 88.72
N LEU H 296 -6.11 0.59 89.01
CA LEU H 296 -6.65 -0.54 88.25
C LEU H 296 -8.01 -0.15 87.68
N TYR H 297 -8.12 -0.12 86.35
CA TYR H 297 -9.35 0.27 85.69
C TYR H 297 -9.65 -0.69 84.55
N GLY H 298 -10.93 -0.96 84.34
CA GLY H 298 -11.36 -1.77 83.23
C GLY H 298 -11.08 -3.26 83.42
N LYS H 299 -11.12 -3.98 82.30
CA LYS H 299 -10.85 -5.41 82.28
C LYS H 299 -10.03 -5.73 81.04
N THR H 300 -9.42 -6.91 81.05
CA THR H 300 -8.51 -7.35 80.00
C THR H 300 -9.07 -8.57 79.29
N THR H 301 -8.74 -8.69 78.00
CA THR H 301 -9.10 -9.86 77.21
C THR H 301 -7.93 -10.77 76.90
N GLY H 302 -6.74 -10.21 76.69
CA GLY H 302 -5.56 -10.99 76.42
C GLY H 302 -5.27 -11.24 74.96
N TYR H 303 -5.73 -10.37 74.06
CA TYR H 303 -5.53 -10.54 72.63
C TYR H 303 -4.58 -9.48 72.10
N ALA H 304 -3.71 -9.89 71.18
CA ALA H 304 -2.78 -9.01 70.49
C ALA H 304 -3.05 -9.07 68.99
N VAL H 305 -3.05 -7.91 68.34
CA VAL H 305 -3.47 -7.79 66.95
C VAL H 305 -2.34 -7.19 66.12
N THR H 306 -2.09 -7.78 64.94
CA THR H 306 -1.11 -7.28 63.99
C THR H 306 -1.80 -7.00 62.67
N HIS H 307 -1.57 -5.81 62.13
CA HIS H 307 -2.16 -5.39 60.86
C HIS H 307 -1.14 -5.58 59.74
N HIS H 308 -1.56 -6.23 58.66
CA HIS H 308 -0.67 -6.56 57.54
C HIS H 308 -0.93 -5.61 56.39
N ALA H 309 0.06 -4.77 56.09
CA ALA H 309 -0.01 -3.90 54.92
C ALA H 309 0.47 -4.59 53.66
N ASP H 310 1.37 -5.57 53.78
CA ASP H 310 1.77 -6.43 52.68
C ASP H 310 1.56 -7.89 53.07
N GLY H 311 1.88 -8.79 52.16
CA GLY H 311 1.64 -10.20 52.39
C GLY H 311 2.63 -10.81 53.37
N PHE H 312 2.14 -11.77 54.14
CA PHE H 312 2.95 -12.55 55.07
C PHE H 312 2.72 -14.02 54.79
N LEU H 313 3.81 -14.79 54.66
CA LEU H 313 3.74 -16.19 54.26
C LEU H 313 4.44 -17.07 55.28
N MET H 314 3.93 -18.28 55.43
CA MET H 314 4.57 -19.31 56.24
C MET H 314 4.22 -20.66 55.63
N CYS H 315 5.24 -21.40 55.18
CA CYS H 315 5.01 -22.62 54.43
C CYS H 315 5.97 -23.70 54.91
N LYS H 316 5.75 -24.92 54.40
CA LYS H 316 6.58 -26.06 54.70
C LYS H 316 7.53 -26.34 53.55
N THR H 317 8.78 -26.66 53.87
CA THR H 317 9.81 -26.86 52.86
C THR H 317 10.64 -28.09 53.22
N THR H 318 11.28 -28.67 52.20
CA THR H 318 12.10 -29.86 52.33
C THR H 318 13.52 -29.54 51.93
N ASP H 319 14.48 -29.92 52.78
CA ASP H 319 15.89 -29.64 52.53
C ASP H 319 16.72 -30.75 53.18
N THR H 320 18.02 -30.74 52.89
CA THR H 320 18.97 -31.67 53.49
C THR H 320 19.81 -30.93 54.51
N VAL H 321 19.80 -31.42 55.75
CA VAL H 321 20.60 -30.84 56.83
C VAL H 321 21.69 -31.85 57.17
N ASP H 322 22.94 -31.48 56.89
CA ASP H 322 24.10 -32.36 57.07
C ASP H 322 23.94 -33.64 56.26
N GLY H 323 23.32 -33.53 55.09
CA GLY H 323 23.13 -34.64 54.19
C GLY H 323 21.86 -35.44 54.41
N GLU H 324 21.08 -35.14 55.44
CA GLU H 324 19.87 -35.87 55.76
C GLU H 324 18.64 -35.04 55.41
N ARG H 325 17.70 -35.65 54.69
CA ARG H 325 16.51 -34.95 54.23
C ARG H 325 15.50 -34.80 55.35
N VAL H 326 15.02 -33.58 55.58
CA VAL H 326 14.07 -33.26 56.63
C VAL H 326 13.10 -32.20 56.11
N SER H 327 12.13 -31.83 56.96
CA SER H 327 11.13 -30.83 56.62
C SER H 327 10.90 -29.91 57.81
N PHE H 328 10.74 -28.61 57.53
CA PHE H 328 10.46 -27.62 58.55
C PHE H 328 9.82 -26.41 57.89
N SER H 329 9.53 -25.39 58.69
CA SER H 329 8.74 -24.23 58.25
C SER H 329 9.62 -22.99 58.08
N VAL H 330 9.19 -22.12 57.17
CA VAL H 330 9.92 -20.91 56.78
C VAL H 330 8.92 -19.79 56.52
N CYS H 331 9.28 -18.56 56.90
CA CYS H 331 8.42 -17.41 56.72
C CYS H 331 9.16 -16.30 55.96
N THR H 332 8.39 -15.39 55.38
CA THR H 332 8.94 -14.29 54.59
C THR H 332 7.85 -13.25 54.35
N TYR H 333 8.23 -12.12 53.75
CA TYR H 333 7.32 -11.03 53.42
C TYR H 333 7.25 -10.86 51.90
N VAL H 334 6.09 -10.46 51.40
CA VAL H 334 5.86 -10.31 49.97
C VAL H 334 5.28 -8.92 49.68
N PRO H 335 5.78 -8.22 48.65
CA PRO H 335 5.22 -6.90 48.32
C PRO H 335 3.76 -6.98 47.90
N ALA H 336 3.04 -5.90 48.18
CA ALA H 336 1.58 -5.88 47.98
C ALA H 336 1.21 -5.91 46.51
N THR H 337 1.98 -5.23 45.66
CA THR H 337 1.65 -5.19 44.24
C THR H 337 1.72 -6.57 43.61
N ILE H 338 2.70 -7.39 44.00
CA ILE H 338 2.81 -8.73 43.46
C ILE H 338 1.64 -9.59 43.95
N CYS H 339 1.24 -9.41 45.21
CA CYS H 339 0.11 -10.18 45.74
C CYS H 339 -1.18 -9.88 44.99
N ASP H 340 -1.40 -8.61 44.63
CA ASP H 340 -2.64 -8.23 43.97
C ASP H 340 -2.71 -8.75 42.54
N GLN H 341 -1.56 -9.03 41.92
CA GLN H 341 -1.54 -9.47 40.54
C GLN H 341 -1.63 -10.98 40.38
N MET H 342 -1.66 -11.73 41.47
CA MET H 342 -1.80 -13.18 41.43
C MET H 342 -3.21 -13.65 41.77
N THR H 343 -4.16 -12.73 41.96
CA THR H 343 -5.50 -13.12 42.38
C THR H 343 -6.19 -13.96 41.32
N GLY H 344 -6.08 -13.56 40.05
CA GLY H 344 -6.72 -14.32 38.99
C GLY H 344 -6.10 -15.69 38.77
N ILE H 345 -4.77 -15.77 38.87
CA ILE H 345 -4.07 -17.03 38.60
C ILE H 345 -4.44 -18.09 39.63
N LEU H 346 -4.52 -17.70 40.90
CA LEU H 346 -4.77 -18.64 41.98
C LEU H 346 -6.21 -19.10 42.07
N ALA H 347 -7.05 -18.76 41.07
CA ALA H 347 -8.42 -19.25 41.07
C ALA H 347 -8.51 -20.73 40.74
N THR H 348 -7.48 -21.29 40.11
CA THR H 348 -7.44 -22.69 39.76
C THR H 348 -6.15 -23.32 40.31
N GLU H 349 -5.97 -24.61 40.02
CA GLU H 349 -4.78 -25.31 40.46
C GLU H 349 -3.62 -25.04 39.52
N VAL H 350 -2.45 -24.78 40.08
CA VAL H 350 -1.26 -24.43 39.32
C VAL H 350 -0.07 -25.19 39.89
N THR H 351 0.82 -25.65 39.01
CA THR H 351 2.02 -26.36 39.42
C THR H 351 3.09 -25.38 39.87
N PRO H 352 4.02 -25.82 40.72
CA PRO H 352 5.10 -24.91 41.15
C PRO H 352 5.94 -24.36 40.00
N GLU H 353 6.14 -25.15 38.95
CA GLU H 353 6.95 -24.68 37.82
C GLU H 353 6.27 -23.53 37.10
N ASP H 354 4.96 -23.62 36.90
CA ASP H 354 4.24 -22.55 36.21
C ASP H 354 4.18 -21.29 37.06
N ALA H 355 4.02 -21.44 38.38
CA ALA H 355 3.96 -20.29 39.25
C ALA H 355 5.27 -19.53 39.28
N GLN H 356 6.39 -20.24 39.19
CA GLN H 356 7.69 -19.58 39.20
C GLN H 356 7.90 -18.71 37.98
N LYS H 357 7.47 -19.19 36.80
CA LYS H 357 7.66 -18.42 35.58
C LYS H 357 6.80 -17.17 35.57
N LEU H 358 5.59 -17.25 36.11
CA LEU H 358 4.73 -16.05 36.17
C LEU H 358 5.29 -15.02 37.13
N LEU H 359 5.85 -15.47 38.25
CA LEU H 359 6.44 -14.54 39.22
C LEU H 359 7.64 -13.80 38.62
N VAL H 360 8.46 -14.50 37.85
CA VAL H 360 9.62 -13.88 37.23
C VAL H 360 9.18 -12.81 36.24
N GLY H 361 8.14 -13.09 35.45
CA GLY H 361 7.67 -12.11 34.49
C GLY H 361 7.15 -10.85 35.14
N LEU H 362 6.42 -10.99 36.25
CA LEU H 362 5.91 -9.82 36.95
C LEU H 362 7.03 -9.04 37.64
N ASN H 363 8.02 -9.73 38.18
CA ASN H 363 9.09 -9.07 38.93
C ASN H 363 10.03 -8.33 37.99
N GLN H 364 10.67 -9.05 37.08
CA GLN H 364 11.66 -8.48 36.18
C GLN H 364 10.99 -7.82 34.97
N ARG H 365 10.36 -6.67 35.25
CA ARG H 365 9.67 -5.90 34.22
C ARG H 365 10.06 -4.43 34.29
N THR H 376 15.55 -3.56 37.10
CA THR H 376 14.74 -3.25 38.28
C THR H 376 14.01 -4.48 38.79
N ASN H 377 14.07 -4.70 40.10
CA ASN H 377 13.41 -5.81 40.76
C ASN H 377 12.54 -5.29 41.89
N THR H 378 11.27 -5.74 41.92
CA THR H 378 10.41 -5.39 43.04
C THR H 378 10.75 -6.20 44.28
N MET H 379 11.07 -7.48 44.11
CA MET H 379 11.43 -8.35 45.22
C MET H 379 12.72 -9.08 44.89
N LYS H 380 13.42 -9.51 45.94
CA LYS H 380 14.68 -10.21 45.77
C LYS H 380 14.46 -11.60 45.18
N ASN H 381 15.35 -12.00 44.28
CA ASN H 381 15.14 -13.21 43.49
C ASN H 381 15.40 -14.50 44.27
N TYR H 382 16.15 -14.43 45.37
CA TYR H 382 16.52 -15.65 46.08
C TYR H 382 15.37 -16.23 46.90
N MET H 383 14.30 -15.49 47.13
CA MET H 383 13.13 -16.00 47.83
C MET H 383 12.02 -16.44 46.90
N ILE H 384 12.21 -16.30 45.58
CA ILE H 384 11.14 -16.64 44.63
C ILE H 384 10.79 -18.13 44.67
N PRO H 385 11.74 -19.08 44.66
CA PRO H 385 11.35 -20.50 44.62
C PRO H 385 10.44 -20.93 45.76
N VAL H 386 10.65 -20.44 46.98
CA VAL H 386 9.81 -20.88 48.09
C VAL H 386 8.45 -20.18 48.06
N VAL H 387 8.38 -18.99 47.47
CA VAL H 387 7.09 -18.31 47.34
C VAL H 387 6.22 -19.01 46.32
N ALA H 388 6.81 -19.45 45.21
CA ALA H 388 6.05 -20.15 44.17
C ALA H 388 5.49 -21.46 44.68
N GLN H 389 6.28 -22.20 45.46
CA GLN H 389 5.80 -23.45 46.03
C GLN H 389 4.68 -23.21 47.04
N ALA H 390 4.81 -22.17 47.86
CA ALA H 390 3.79 -21.88 48.85
C ALA H 390 2.46 -21.49 48.20
N PHE H 391 2.52 -20.73 47.11
CA PHE H 391 1.30 -20.34 46.40
C PHE H 391 0.60 -21.55 45.80
N SER H 392 1.36 -22.52 45.31
CA SER H 392 0.78 -23.68 44.64
C SER H 392 -0.02 -24.53 45.62
N LYS H 393 0.51 -24.73 46.83
CA LYS H 393 -0.20 -25.55 47.82
C LYS H 393 -1.41 -24.83 48.38
N TRP H 394 -1.35 -23.50 48.49
CA TRP H 394 -2.49 -22.75 49.00
C TRP H 394 -3.69 -22.86 48.06
N ALA H 395 -3.45 -22.79 46.75
CA ALA H 395 -4.54 -22.92 45.78
C ALA H 395 -5.17 -24.31 45.84
N LYS H 396 -4.35 -25.34 46.02
CA LYS H 396 -4.88 -26.71 46.07
C LYS H 396 -5.76 -26.92 47.31
N GLU H 397 -5.34 -26.38 48.45
CA GLU H 397 -6.12 -26.59 49.68
C GLU H 397 -7.45 -25.85 49.63
N CYS H 398 -7.47 -24.67 49.00
CA CYS H 398 -8.73 -23.95 48.85
C CYS H 398 -9.70 -24.69 47.95
N ARG H 399 -9.19 -25.31 46.88
CA ARG H 399 -10.04 -26.08 45.98
C ARG H 399 -10.63 -27.30 46.69
N LYS H 400 -9.84 -27.94 47.54
CA LYS H 400 -10.30 -29.12 48.25
C LYS H 400 -11.43 -28.78 49.23
N ASP H 401 -11.36 -27.59 49.83
CA ASP H 401 -12.39 -27.19 50.78
C ASP H 401 -13.73 -26.99 50.10
N MET H 402 -13.73 -26.44 48.88
CA MET H 402 -14.97 -26.15 48.18
C MET H 402 -15.71 -27.42 47.77
N GLU H 403 -15.00 -28.53 47.61
CA GLU H 403 -15.59 -29.78 47.15
C GLU H 403 -16.04 -30.68 48.29
N ASP H 404 -15.97 -30.21 49.53
CA ASP H 404 -16.36 -30.97 50.71
C ASP H 404 -17.29 -30.15 51.59
N GLU H 405 -18.32 -29.57 50.97
CA GLU H 405 -19.25 -28.71 51.68
C GLU H 405 -19.96 -29.45 52.80
N LYS H 406 -20.07 -28.80 53.95
CA LYS H 406 -20.75 -29.33 55.12
C LYS H 406 -22.13 -28.67 55.25
N LEU H 407 -22.82 -28.97 56.37
CA LEU H 407 -24.12 -28.38 56.66
C LEU H 407 -23.96 -27.20 57.61
N LEU H 408 -24.96 -26.32 57.59
CA LEU H 408 -24.91 -25.10 58.39
C LEU H 408 -25.22 -25.39 59.85
N GLY H 409 -24.34 -24.92 60.74
CA GLY H 409 -24.61 -24.94 62.16
C GLY H 409 -24.46 -26.26 62.87
N VAL H 410 -23.77 -27.23 62.26
CA VAL H 410 -23.57 -28.54 62.87
C VAL H 410 -22.11 -28.92 62.77
N ARG H 411 -21.71 -29.87 63.62
CA ARG H 411 -20.34 -30.38 63.66
C ARG H 411 -20.39 -31.90 63.52
N GLU H 412 -19.63 -32.43 62.57
CA GLU H 412 -19.61 -33.87 62.31
C GLU H 412 -18.63 -34.52 63.28
N ARG H 413 -19.13 -35.44 64.10
CA ARG H 413 -18.31 -36.11 65.09
C ARG H 413 -18.64 -37.61 65.17
N THR H 414 -18.78 -38.26 64.02
CA THR H 414 -19.05 -39.69 64.02
C THR H 414 -17.77 -40.49 63.84
N TRP H 421 -17.14 -40.66 70.06
CA TRP H 421 -17.15 -39.40 69.32
C TRP H 421 -15.74 -38.90 69.04
N ALA H 422 -15.36 -38.92 67.76
CA ALA H 422 -14.03 -38.47 67.34
C ALA H 422 -14.14 -37.81 65.97
N PHE H 423 -13.42 -36.70 65.80
CA PHE H 423 -13.39 -35.97 64.54
C PHE H 423 -12.00 -36.00 63.94
N LYS H 424 -11.95 -35.89 62.61
CA LYS H 424 -10.70 -35.90 61.86
C LYS H 424 -10.16 -34.50 61.70
N LYS H 425 -8.83 -34.38 61.68
CA LYS H 425 -8.15 -33.11 61.46
C LYS H 425 -7.49 -33.12 60.09
N GLN H 426 -7.71 -32.05 59.32
CA GLN H 426 -7.14 -31.94 58.00
C GLN H 426 -5.70 -31.44 58.06
N LYS H 427 -4.98 -31.59 56.96
CA LYS H 427 -3.60 -31.16 56.87
C LYS H 427 -3.50 -29.74 56.33
N THR H 428 -2.64 -28.95 56.94
CA THR H 428 -2.40 -27.57 56.53
C THR H 428 -0.91 -27.37 56.31
N HIS H 429 -0.53 -26.94 55.12
CA HIS H 429 0.87 -26.75 54.77
C HIS H 429 1.25 -25.30 54.50
N THR H 430 0.28 -24.40 54.35
CA THR H 430 0.58 -23.01 54.04
C THR H 430 -0.37 -22.09 54.79
N VAL H 431 0.19 -21.04 55.37
CA VAL H 431 -0.58 -19.96 55.99
C VAL H 431 -0.27 -18.69 55.21
N TYR H 432 -1.31 -18.02 54.72
CA TYR H 432 -1.17 -16.87 53.83
C TYR H 432 -2.05 -15.74 54.35
N LYS H 433 -1.43 -14.68 54.85
CA LYS H 433 -2.14 -13.48 55.31
C LYS H 433 -2.04 -12.41 54.22
N ARG H 434 -3.15 -12.18 53.54
CA ARG H 434 -3.20 -11.22 52.45
C ARG H 434 -3.17 -9.79 52.97
N PRO H 435 -2.81 -8.83 52.13
CA PRO H 435 -2.84 -7.42 52.56
C PRO H 435 -4.23 -7.00 53.01
N ASP H 436 -4.26 -6.10 54.01
CA ASP H 436 -5.49 -5.58 54.61
C ASP H 436 -6.22 -6.62 55.46
N THR H 437 -5.48 -7.56 56.04
CA THR H 437 -6.01 -8.52 56.99
C THR H 437 -5.29 -8.37 58.33
N GLN H 438 -5.72 -9.13 59.33
CA GLN H 438 -5.18 -8.99 60.68
C GLN H 438 -4.98 -10.35 61.32
N SER H 439 -3.92 -10.48 62.11
CA SER H 439 -3.67 -11.66 62.91
C SER H 439 -4.04 -11.38 64.37
N ILE H 440 -4.38 -12.44 65.10
CA ILE H 440 -4.78 -12.29 66.50
C ILE H 440 -4.32 -13.49 67.31
N GLN H 441 -3.63 -13.23 68.41
CA GLN H 441 -3.09 -14.28 69.27
C GLN H 441 -3.46 -14.00 70.72
N LYS H 442 -3.56 -15.07 71.50
CA LYS H 442 -3.90 -14.97 72.91
C LYS H 442 -2.63 -15.04 73.75
N VAL H 443 -2.41 -14.02 74.58
CA VAL H 443 -1.23 -13.89 75.42
C VAL H 443 -1.67 -13.52 76.83
N GLN H 444 -0.71 -13.48 77.74
CA GLN H 444 -0.97 -13.13 79.13
C GLN H 444 -1.14 -11.63 79.28
N ALA H 445 -2.06 -11.21 80.16
CA ALA H 445 -2.33 -9.80 80.38
C ALA H 445 -2.43 -9.42 81.84
N GLU H 446 -2.11 -10.33 82.76
CA GLU H 446 -2.13 -10.06 84.19
C GLU H 446 -0.81 -10.52 84.79
N PHE H 447 -0.01 -9.58 85.27
CA PHE H 447 1.31 -9.87 85.81
C PHE H 447 1.37 -9.48 87.27
N ASP H 448 1.87 -10.40 88.11
CA ASP H 448 2.00 -10.11 89.53
C ASP H 448 3.30 -10.63 90.13
N SER H 449 4.28 -11.00 89.31
CA SER H 449 5.57 -11.47 89.80
C SER H 449 6.67 -10.70 89.08
N PHE H 450 7.52 -10.03 89.87
CA PHE H 450 8.58 -9.19 89.32
C PHE H 450 9.89 -9.44 90.06
N VAL H 451 10.14 -10.70 90.42
CA VAL H 451 11.36 -11.06 91.13
C VAL H 451 12.15 -12.08 90.32
N TRP H 456 24.57 -6.20 92.94
CA TRP H 456 25.12 -5.49 91.78
C TRP H 456 26.62 -5.30 91.89
N SER H 457 27.31 -5.42 90.76
CA SER H 457 28.75 -5.20 90.68
C SER H 457 29.04 -4.29 89.50
N SER H 458 30.17 -3.57 89.59
CA SER H 458 30.52 -2.61 88.55
C SER H 458 30.90 -3.33 87.26
N GLY H 459 31.94 -4.16 87.31
CA GLY H 459 32.41 -4.89 86.14
C GLY H 459 33.57 -4.24 85.42
N LEU H 460 33.79 -2.94 85.63
CA LEU H 460 34.91 -2.27 84.99
C LEU H 460 36.23 -2.75 85.60
N SER H 461 37.29 -2.67 84.79
CA SER H 461 38.62 -3.07 85.21
C SER H 461 39.51 -1.85 85.31
N ILE H 462 40.56 -1.97 86.14
CA ILE H 462 41.51 -0.88 86.29
C ILE H 462 42.18 -0.51 84.97
N PRO H 463 42.66 -1.45 84.15
CA PRO H 463 43.25 -1.04 82.87
C PRO H 463 42.30 -0.26 81.98
N LEU H 464 41.02 -0.61 81.96
CA LEU H 464 40.07 0.13 81.12
C LEU H 464 39.85 1.55 81.66
N ARG H 465 39.75 1.69 82.98
CA ARG H 465 39.55 3.02 83.56
C ARG H 465 40.72 3.95 83.26
N THR H 466 41.95 3.41 83.30
CA THR H 466 43.12 4.21 83.00
C THR H 466 43.09 4.70 81.55
N ARG H 467 42.70 3.83 80.62
CA ARG H 467 42.67 4.20 79.21
C ARG H 467 41.64 5.31 78.95
N ILE H 468 40.48 5.23 79.60
CA ILE H 468 39.45 6.24 79.39
C ILE H 468 39.93 7.60 79.89
N LYS H 469 40.60 7.62 81.05
CA LYS H 469 41.11 8.88 81.58
C LYS H 469 42.13 9.51 80.64
N TRP H 470 43.02 8.69 80.06
CA TRP H 470 44.05 9.24 79.18
C TRP H 470 43.45 9.88 77.94
N LEU H 471 42.41 9.26 77.36
CA LEU H 471 41.77 9.83 76.18
C LEU H 471 41.08 11.16 76.50
N LEU H 472 40.57 11.30 77.73
CA LEU H 472 39.86 12.52 78.07
C LEU H 472 40.83 13.69 78.28
N SER H 473 42.01 13.42 78.81
CA SER H 473 43.02 14.47 79.02
C SER H 473 43.53 14.94 77.68
N LYS H 474 43.22 16.18 77.32
CA LYS H 474 43.59 16.76 76.03
C LYS H 474 43.07 15.94 74.87
N ASP I 2 41.92 16.39 46.24
CA ASP I 2 40.63 15.73 46.44
C ASP I 2 40.43 14.50 45.54
N PRO I 3 40.74 14.58 44.25
CA PRO I 3 40.63 13.39 43.40
C PRO I 3 41.75 12.38 43.70
N VAL I 4 41.50 11.14 43.31
CA VAL I 4 42.47 10.06 43.42
C VAL I 4 42.69 9.47 42.04
N TYR I 5 43.95 9.26 41.68
CA TYR I 5 44.33 8.78 40.36
C TYR I 5 44.75 7.32 40.43
N VAL I 6 44.27 6.52 39.49
CA VAL I 6 44.55 5.09 39.42
C VAL I 6 45.12 4.78 38.05
N ASP I 7 46.07 3.84 38.00
CA ASP I 7 46.78 3.49 36.78
C ASP I 7 46.02 2.39 36.03
N ILE I 8 44.85 2.77 35.51
CA ILE I 8 44.03 1.88 34.70
C ILE I 8 43.54 2.62 33.46
N ASP I 9 43.12 1.84 32.47
CA ASP I 9 42.63 2.40 31.22
C ASP I 9 41.32 3.16 31.46
N ALA I 10 41.13 4.23 30.68
CA ALA I 10 39.97 5.09 30.83
C ALA I 10 38.67 4.44 30.37
N ASP I 11 38.75 3.43 29.50
CA ASP I 11 37.58 2.74 29.00
C ASP I 11 37.33 1.41 29.70
N SER I 12 38.03 1.14 30.80
CA SER I 12 37.85 -0.11 31.52
C SER I 12 36.48 -0.16 32.19
N ALA I 13 35.92 -1.36 32.24
CA ALA I 13 34.65 -1.58 32.93
C ALA I 13 34.81 -1.77 34.43
N PHE I 14 36.05 -1.97 34.90
CA PHE I 14 36.29 -2.10 36.33
C PHE I 14 36.20 -0.77 37.07
N LEU I 15 36.20 0.34 36.33
CA LEU I 15 36.19 1.66 36.97
C LEU I 15 34.87 1.90 37.70
N LYS I 16 33.75 1.40 37.16
CA LYS I 16 32.46 1.61 37.80
C LYS I 16 32.38 0.88 39.12
N ALA I 17 32.90 -0.35 39.18
CA ALA I 17 32.87 -1.12 40.43
C ALA I 17 33.73 -0.46 41.50
N LEU I 18 34.86 0.13 41.11
CA LEU I 18 35.71 0.83 42.06
C LEU I 18 35.01 2.05 42.63
N GLN I 19 34.26 2.78 41.80
CA GLN I 19 33.54 3.95 42.28
C GLN I 19 32.46 3.57 43.29
N ARG I 20 31.78 2.45 43.06
CA ARG I 20 30.72 2.02 43.97
C ARG I 20 31.28 1.59 45.32
N ALA I 21 32.51 1.08 45.35
CA ALA I 21 33.11 0.62 46.60
C ALA I 21 33.68 1.74 47.44
N TYR I 22 33.98 2.89 46.84
CA TYR I 22 34.56 4.03 47.54
C TYR I 22 33.75 5.28 47.23
N PRO I 23 32.58 5.44 47.85
CA PRO I 23 31.72 6.59 47.54
C PRO I 23 32.27 7.92 48.05
N MET I 24 33.27 7.90 48.93
CA MET I 24 33.78 9.13 49.54
C MET I 24 34.93 9.75 48.74
N PHE I 25 35.28 9.20 47.58
CA PHE I 25 36.37 9.71 46.77
C PHE I 25 35.88 10.00 45.35
N GLU I 26 36.74 10.67 44.59
CA GLU I 26 36.53 10.90 43.16
C GLU I 26 37.66 10.19 42.41
N VAL I 27 37.32 9.15 41.66
CA VAL I 27 38.29 8.29 41.02
C VAL I 27 38.48 8.74 39.58
N GLU I 28 39.74 8.96 39.18
CA GLU I 28 40.08 9.41 37.84
C GLU I 28 41.15 8.49 37.25
N PRO I 29 40.96 8.00 36.04
CA PRO I 29 41.96 7.12 35.44
C PRO I 29 43.15 7.89 34.89
N ARG I 30 44.33 7.28 35.01
CA ARG I 30 45.55 7.87 34.46
C ARG I 30 46.53 6.71 34.21
N GLN I 31 46.63 6.28 32.95
CA GLN I 31 47.42 5.11 32.62
C GLN I 31 48.84 5.50 32.20
N VAL I 32 49.83 4.87 32.83
CA VAL I 32 51.23 5.19 32.52
C VAL I 32 52.01 3.94 32.15
N THR I 33 51.59 2.78 32.65
CA THR I 33 52.29 1.52 32.42
C THR I 33 51.29 0.44 32.02
N PRO I 34 51.74 -0.56 31.24
CA PRO I 34 50.89 -1.71 30.89
C PRO I 34 51.00 -2.86 31.90
N ASN I 35 50.86 -2.55 33.19
CA ASN I 35 50.97 -3.55 34.23
C ASN I 35 49.79 -4.52 34.14
N ASP I 36 50.08 -5.83 34.18
CA ASP I 36 49.04 -6.83 34.03
C ASP I 36 48.32 -7.15 35.35
N ALA I 37 48.72 -6.53 36.46
CA ALA I 37 48.01 -6.62 37.72
C ALA I 37 47.46 -5.25 38.11
N ALA I 38 46.95 -4.52 37.12
CA ALA I 38 46.52 -3.14 37.35
C ALA I 38 45.33 -3.08 38.30
N ASN I 39 44.35 -3.98 38.14
CA ASN I 39 43.16 -3.93 38.97
C ASN I 39 43.48 -4.22 40.44
N ALA I 40 44.37 -5.18 40.69
CA ALA I 40 44.72 -5.50 42.07
C ALA I 40 45.47 -4.35 42.74
N ARG I 41 46.38 -3.71 42.01
CA ARG I 41 47.14 -2.60 42.58
C ARG I 41 46.25 -1.39 42.84
N ALA I 42 45.25 -1.17 41.98
CA ALA I 42 44.37 -0.03 42.16
C ALA I 42 43.54 -0.14 43.44
N PHE I 43 43.08 -1.34 43.76
CA PHE I 43 42.28 -1.52 44.97
C PHE I 43 43.10 -1.25 46.22
N SER I 44 44.35 -1.74 46.26
CA SER I 44 45.19 -1.54 47.43
C SER I 44 45.59 -0.08 47.58
N HIS I 45 45.72 0.64 46.46
CA HIS I 45 46.06 2.05 46.52
C HIS I 45 44.95 2.85 47.19
N LEU I 46 43.70 2.54 46.87
CA LEU I 46 42.59 3.26 47.47
C LEU I 46 42.34 2.85 48.92
N ALA I 47 42.71 1.61 49.28
CA ALA I 47 42.49 1.15 50.64
C ALA I 47 43.35 1.91 51.64
N ILE I 48 44.60 2.21 51.27
CA ILE I 48 45.47 2.95 52.17
C ILE I 48 45.00 4.38 52.35
N LYS I 49 44.46 4.98 51.28
CA LYS I 49 43.93 6.33 51.38
C LYS I 49 42.75 6.40 52.34
N LEU I 50 41.87 5.40 52.30
CA LEU I 50 40.73 5.37 53.21
C LEU I 50 41.18 5.25 54.67
N ILE I 51 42.19 4.41 54.93
CA ILE I 51 42.63 4.20 56.30
C ILE I 51 43.20 5.48 56.90
N GLU I 52 43.97 6.22 56.10
CA GLU I 52 44.57 7.46 56.60
C GLU I 52 43.50 8.49 56.93
N GLN I 53 42.41 8.52 56.15
CA GLN I 53 41.33 9.46 56.43
C GLN I 53 40.62 9.13 57.73
N GLU I 54 40.44 7.83 58.02
CA GLU I 54 39.69 7.43 59.20
C GLU I 54 40.43 7.75 60.49
N ILE I 55 41.74 7.50 60.52
CA ILE I 55 42.53 7.72 61.73
C ILE I 55 42.95 9.18 61.80
N ASP I 56 43.33 9.63 62.98
CA ASP I 56 43.70 11.02 63.21
C ASP I 56 45.21 11.20 63.09
N PRO I 57 45.65 12.41 62.73
CA PRO I 57 47.10 12.67 62.70
C PRO I 57 47.72 12.59 64.09
N ASP I 58 49.04 12.76 64.13
CA ASP I 58 49.84 12.67 65.34
C ASP I 58 49.83 11.28 65.94
N SER I 59 49.41 10.28 65.16
CA SER I 59 49.38 8.89 65.58
C SER I 59 50.55 8.14 64.97
N THR I 60 51.14 7.24 65.76
CA THR I 60 52.24 6.40 65.29
C THR I 60 51.68 5.11 64.72
N ILE I 61 52.15 4.74 63.53
CA ILE I 61 51.64 3.58 62.80
C ILE I 61 52.79 2.61 62.57
N LEU I 62 52.55 1.34 62.86
CA LEU I 62 53.49 0.28 62.53
C LEU I 62 53.06 -0.40 61.23
N ASP I 63 54.00 -0.55 60.30
CA ASP I 63 53.75 -1.18 59.02
C ASP I 63 54.47 -2.54 59.02
N ILE I 64 53.71 -3.60 59.20
CA ILE I 64 54.26 -4.95 59.32
C ILE I 64 54.53 -5.50 57.94
N GLY I 65 55.74 -6.01 57.73
CA GLY I 65 56.13 -6.55 56.44
C GLY I 65 56.06 -5.50 55.35
N SER I 66 56.60 -4.32 55.63
CA SER I 66 56.42 -3.16 54.78
C SER I 66 57.35 -3.19 53.57
N ALA I 67 56.95 -2.45 52.55
CA ALA I 67 57.84 -2.04 51.46
C ALA I 67 58.06 -0.54 51.63
N PRO I 68 59.21 -0.10 52.15
CA PRO I 68 59.34 1.29 52.60
C PRO I 68 59.21 2.32 51.49
N ALA I 69 59.34 1.94 50.23
CA ALA I 69 59.24 2.92 49.14
C ALA I 69 57.82 3.45 48.97
N ARG I 70 56.80 2.70 49.41
CA ARG I 70 55.43 3.16 49.25
C ARG I 70 55.04 4.22 50.27
N ARG I 71 55.76 4.31 51.39
CA ARG I 71 55.44 5.27 52.44
C ARG I 71 56.35 6.49 52.43
N MET I 72 57.18 6.65 51.40
CA MET I 72 58.21 7.69 51.41
C MET I 72 57.62 9.09 51.26
N MET I 73 56.55 9.24 50.49
CA MET I 73 55.97 10.55 50.21
C MET I 73 54.76 10.88 51.09
N SER I 74 54.55 10.13 52.16
CA SER I 74 53.45 10.39 53.06
C SER I 74 53.88 11.35 54.17
N ASP I 75 52.92 12.11 54.69
CA ASP I 75 53.19 13.06 55.75
C ASP I 75 52.91 12.50 57.14
N ARG I 76 52.44 11.25 57.23
CA ARG I 76 52.20 10.60 58.51
C ARG I 76 53.46 9.91 59.01
N LYS I 77 53.47 9.58 60.29
CA LYS I 77 54.63 8.95 60.93
C LYS I 77 54.49 7.44 60.82
N TYR I 78 55.36 6.82 60.01
CA TYR I 78 55.38 5.38 59.83
C TYR I 78 56.65 4.79 60.41
N HIS I 79 56.52 3.61 61.01
CA HIS I 79 57.65 2.83 61.49
C HIS I 79 57.64 1.51 60.73
N CYS I 80 58.58 1.36 59.80
CA CYS I 80 58.61 0.21 58.91
C CYS I 80 59.38 -0.93 59.55
N VAL I 81 58.72 -2.08 59.69
CA VAL I 81 59.33 -3.29 60.23
C VAL I 81 59.67 -4.18 59.05
N CYS I 82 60.96 -4.28 58.72
CA CYS I 82 61.41 -4.92 57.50
C CYS I 82 62.47 -5.98 57.79
N PRO I 83 62.05 -7.20 58.12
CA PRO I 83 63.01 -8.32 58.09
C PRO I 83 63.27 -8.74 56.66
N MET I 84 64.37 -9.46 56.47
CA MET I 84 64.77 -9.93 55.15
C MET I 84 64.62 -11.44 55.12
N ARG I 85 63.41 -11.90 54.79
CA ARG I 85 63.10 -13.31 54.79
C ARG I 85 62.61 -13.84 53.44
N SER I 86 62.32 -12.97 52.48
CA SER I 86 61.90 -13.38 51.15
C SER I 86 62.90 -12.90 50.12
N ALA I 87 62.95 -13.59 48.99
CA ALA I 87 63.94 -13.30 47.95
C ALA I 87 63.70 -11.97 47.25
N GLU I 88 62.51 -11.39 47.39
CA GLU I 88 62.20 -10.11 46.76
C GLU I 88 62.53 -8.91 47.65
N ASP I 89 63.04 -9.15 48.85
CA ASP I 89 63.29 -8.08 49.81
C ASP I 89 64.54 -7.26 49.49
N PRO I 90 65.68 -7.87 49.10
CA PRO I 90 66.85 -7.04 48.78
C PRO I 90 66.61 -6.05 47.66
N GLU I 91 65.77 -6.40 46.68
CA GLU I 91 65.47 -5.47 45.60
C GLU I 91 64.61 -4.31 46.10
N ARG I 92 63.68 -4.59 47.02
CA ARG I 92 62.83 -3.53 47.56
C ARG I 92 63.65 -2.53 48.39
N LEU I 93 64.64 -3.02 49.12
CA LEU I 93 65.50 -2.12 49.89
C LEU I 93 66.30 -1.20 48.99
N ALA I 94 66.84 -1.75 47.89
CA ALA I 94 67.63 -0.93 46.96
C ALA I 94 66.77 0.14 46.31
N ASN I 95 65.54 -0.21 45.95
CA ASN I 95 64.63 0.78 45.35
C ASN I 95 64.32 1.90 46.33
N TYR I 96 64.31 1.59 47.62
CA TYR I 96 64.07 2.61 48.64
C TYR I 96 65.20 3.63 48.68
N ALA I 97 66.45 3.15 48.60
CA ALA I 97 67.59 4.05 48.70
C ALA I 97 67.72 4.92 47.46
N ARG I 98 67.41 4.38 46.28
CA ARG I 98 67.52 5.16 45.05
C ARG I 98 66.54 6.32 45.04
N LYS I 99 65.31 6.08 45.52
CA LYS I 99 64.30 7.14 45.53
C LYS I 99 64.63 8.22 46.56
N LEU I 100 65.24 7.84 47.68
CA LEU I 100 65.59 8.82 48.70
C LEU I 100 66.67 9.77 48.22
N ALA I 101 67.75 9.23 47.65
CA ALA I 101 68.86 10.06 47.20
C ALA I 101 68.46 10.95 46.03
N SER I 102 67.51 10.51 45.21
CA SER I 102 67.06 11.29 44.06
C SER I 102 66.06 12.37 44.44
N ALA I 103 65.61 12.41 45.70
CA ALA I 103 64.67 13.42 46.14
C ALA I 103 65.25 14.36 47.19
N ALA I 104 66.47 14.12 47.66
CA ALA I 104 67.08 15.00 48.64
C ALA I 104 67.38 16.35 48.00
N GLY I 105 66.99 17.42 48.71
CA GLY I 105 67.16 18.77 48.22
C GLY I 105 66.06 19.26 47.30
N LYS I 106 65.07 18.43 47.00
CA LYS I 106 63.97 18.83 46.13
C LYS I 106 62.62 18.78 46.82
N VAL I 107 62.42 17.89 47.78
CA VAL I 107 61.18 17.80 48.55
C VAL I 107 61.49 18.22 49.98
N LEU I 108 60.72 19.19 50.49
CA LEU I 108 60.97 19.75 51.81
C LEU I 108 59.87 19.47 52.82
N ASP I 109 58.64 19.24 52.37
CA ASP I 109 57.54 19.00 53.32
C ASP I 109 57.77 17.71 54.09
N ARG I 110 58.20 16.65 53.42
CA ARG I 110 58.44 15.37 54.05
C ARG I 110 59.78 15.36 54.77
N ASN I 111 59.91 14.44 55.72
CA ASN I 111 61.12 14.35 56.55
C ASN I 111 62.14 13.48 55.81
N ILE I 112 62.62 14.02 54.69
CA ILE I 112 63.54 13.28 53.83
C ILE I 112 64.90 13.15 54.50
N SER I 113 65.38 14.22 55.14
CA SER I 113 66.71 14.19 55.74
C SER I 113 66.78 13.20 56.88
N GLY I 114 65.74 13.15 57.73
CA GLY I 114 65.76 12.20 58.84
C GLY I 114 65.68 10.76 58.37
N LYS I 115 64.92 10.50 57.32
CA LYS I 115 64.82 9.14 56.79
C LYS I 115 66.16 8.65 56.27
N ILE I 116 66.90 9.52 55.59
CA ILE I 116 68.24 9.14 55.11
C ILE I 116 69.16 8.89 56.29
N GLY I 117 69.11 9.76 57.31
CA GLY I 117 69.93 9.55 58.48
C GLY I 117 69.57 8.28 59.23
N ASP I 118 68.28 7.93 59.24
CA ASP I 118 67.84 6.72 59.92
C ASP I 118 68.39 5.47 59.24
N LEU I 119 68.41 5.47 57.91
CA LEU I 119 68.88 4.30 57.17
C LEU I 119 70.37 4.05 57.42
N GLN I 120 71.17 5.11 57.46
CA GLN I 120 72.60 4.94 57.64
C GLN I 120 72.93 4.35 59.01
N ALA I 121 72.19 4.77 60.05
CA ALA I 121 72.47 4.27 61.40
C ALA I 121 72.24 2.78 61.50
N VAL I 122 71.19 2.27 60.86
CA VAL I 122 70.90 0.83 60.91
C VAL I 122 71.99 0.05 60.19
N MET I 123 72.52 0.60 59.10
CA MET I 123 73.58 -0.09 58.35
C MET I 123 74.82 -0.31 59.21
N ALA I 124 75.21 0.71 59.98
CA ALA I 124 76.39 0.59 60.83
C ALA I 124 76.16 -0.40 61.97
N VAL I 125 75.05 -0.26 62.68
CA VAL I 125 74.68 -1.14 63.78
C VAL I 125 73.32 -1.74 63.49
N PRO I 126 73.28 -2.97 62.98
CA PRO I 126 71.98 -3.57 62.61
C PRO I 126 71.22 -4.12 63.81
N ASP I 127 71.16 -3.36 64.91
CA ASP I 127 70.39 -3.78 66.06
C ASP I 127 69.66 -2.63 66.75
N THR I 128 69.71 -1.42 66.21
CA THR I 128 69.13 -0.25 66.86
C THR I 128 67.76 0.05 66.28
N GLU I 129 66.85 0.49 67.15
CA GLU I 129 65.52 0.92 66.73
C GLU I 129 65.55 2.41 66.40
N THR I 130 65.06 2.75 65.22
CA THR I 130 64.96 4.12 64.76
C THR I 130 63.49 4.52 64.62
N PRO I 131 63.19 5.82 64.63
CA PRO I 131 61.77 6.23 64.52
C PRO I 131 61.09 5.75 63.25
N THR I 132 61.82 5.49 62.16
CA THR I 132 61.20 5.15 60.90
C THR I 132 61.63 3.82 60.30
N PHE I 133 62.58 3.10 60.91
CA PHE I 133 63.08 1.89 60.28
C PHE I 133 63.70 0.97 61.33
N CYS I 134 63.55 -0.33 61.11
CA CYS I 134 64.18 -1.35 61.95
C CYS I 134 64.26 -2.64 61.14
N LEU I 135 65.03 -3.60 61.65
CA LEU I 135 65.28 -4.85 60.95
C LEU I 135 64.73 -6.07 61.70
N HIS I 136 63.87 -5.85 62.69
CA HIS I 136 63.34 -6.95 63.48
C HIS I 136 62.08 -7.52 62.82
N THR I 137 61.45 -8.49 63.47
CA THR I 137 60.19 -9.07 63.04
C THR I 137 59.05 -8.49 63.85
N ASP I 138 57.84 -8.97 63.57
CA ASP I 138 56.66 -8.46 64.26
C ASP I 138 56.62 -8.86 65.73
N VAL I 139 57.47 -9.80 66.15
CA VAL I 139 57.46 -10.29 67.52
C VAL I 139 58.57 -9.62 68.31
N SER I 140 59.72 -9.41 67.69
CA SER I 140 60.91 -8.92 68.37
C SER I 140 61.08 -7.40 68.29
N CYS I 141 60.20 -6.70 67.59
CA CYS I 141 60.29 -5.24 67.56
C CYS I 141 59.89 -4.65 68.91
N ARG I 142 60.51 -3.53 69.26
CA ARG I 142 60.32 -2.92 70.57
C ARG I 142 59.67 -1.55 70.52
N GLN I 143 59.34 -1.04 69.34
CA GLN I 143 58.71 0.27 69.23
C GLN I 143 57.25 0.21 69.66
N ARG I 144 56.79 1.25 70.34
CA ARG I 144 55.41 1.36 70.80
C ARG I 144 54.64 2.32 69.90
N ALA I 145 53.40 1.94 69.58
CA ALA I 145 52.55 2.76 68.73
C ALA I 145 51.09 2.52 69.13
N ASP I 146 50.17 2.98 68.29
CA ASP I 146 48.75 2.79 68.54
C ASP I 146 47.97 2.28 67.33
N VAL I 147 48.58 2.21 66.15
CA VAL I 147 47.92 1.67 64.96
C VAL I 147 48.88 0.70 64.28
N ALA I 148 48.35 -0.42 63.79
CA ALA I 148 49.10 -1.41 63.05
C ALA I 148 48.40 -1.71 61.74
N ILE I 149 49.18 -1.93 60.69
CA ILE I 149 48.65 -2.13 59.34
C ILE I 149 49.31 -3.36 58.73
N TYR I 150 48.49 -4.24 58.15
CA TYR I 150 48.97 -5.38 57.37
C TYR I 150 48.45 -5.22 55.95
N GLN I 151 49.37 -5.10 54.98
CA GLN I 151 49.01 -4.95 53.58
C GLN I 151 49.57 -6.14 52.80
N ASP I 152 48.68 -7.03 52.37
CA ASP I 152 49.05 -8.22 51.59
C ASP I 152 50.08 -9.08 52.30
N VAL I 153 49.81 -9.38 53.56
CA VAL I 153 50.67 -10.23 54.39
C VAL I 153 49.92 -11.52 54.67
N TYR I 154 50.50 -12.64 54.23
CA TYR I 154 49.88 -13.95 54.38
C TYR I 154 50.77 -14.95 55.12
N ALA I 155 51.83 -14.49 55.77
CA ALA I 155 52.86 -15.40 56.30
C ALA I 155 52.96 -15.38 57.82
N VAL I 156 51.93 -14.93 58.52
CA VAL I 156 51.96 -14.89 59.98
C VAL I 156 50.71 -15.54 60.54
N HIS I 157 50.82 -16.00 61.79
CA HIS I 157 49.68 -16.56 62.51
C HIS I 157 48.94 -15.43 63.22
N ALA I 158 47.66 -15.24 62.87
CA ALA I 158 46.95 -14.03 63.27
C ALA I 158 46.82 -13.87 64.78
N PRO I 159 46.33 -14.85 65.55
CA PRO I 159 46.19 -14.63 67.00
C PRO I 159 47.52 -14.36 67.70
N THR I 160 48.61 -15.00 67.26
CA THR I 160 49.90 -14.78 67.89
C THR I 160 50.44 -13.38 67.57
N SER I 161 50.33 -12.96 66.31
CA SER I 161 50.84 -11.66 65.91
C SER I 161 50.07 -10.53 66.59
N LEU I 162 48.74 -10.66 66.68
CA LEU I 162 47.93 -9.60 67.27
C LEU I 162 48.22 -9.44 68.75
N TYR I 163 48.48 -10.54 69.46
CA TYR I 163 48.74 -10.46 70.90
C TYR I 163 50.01 -9.65 71.19
N HIS I 164 51.05 -9.83 70.37
CA HIS I 164 52.28 -9.09 70.59
C HIS I 164 52.12 -7.61 70.26
N GLN I 165 51.16 -7.27 69.41
CA GLN I 165 50.89 -5.86 69.11
C GLN I 165 50.14 -5.20 70.26
N ALA I 166 49.28 -5.95 70.95
CA ALA I 166 48.42 -5.38 71.98
C ALA I 166 49.16 -5.04 73.26
N ILE I 167 50.20 -5.80 73.60
CA ILE I 167 50.92 -5.57 74.85
C ILE I 167 51.87 -4.40 74.71
N LYS I 168 51.92 -3.80 73.52
CA LYS I 168 52.69 -2.59 73.28
C LYS I 168 51.80 -1.35 73.14
N GLY I 169 50.51 -1.48 73.41
CA GLY I 169 49.62 -0.33 73.39
C GLY I 169 48.86 -0.10 72.10
N VAL I 170 48.84 -1.05 71.18
CA VAL I 170 48.12 -0.89 69.93
C VAL I 170 46.65 -1.18 70.16
N ARG I 171 45.78 -0.27 69.72
CA ARG I 171 44.35 -0.39 69.91
C ARG I 171 43.56 -0.61 68.64
N LEU I 172 44.18 -0.49 67.46
CA LEU I 172 43.49 -0.61 66.19
C LEU I 172 44.39 -1.27 65.18
N ALA I 173 43.82 -2.13 64.33
CA ALA I 173 44.57 -2.86 63.32
C ALA I 173 43.74 -2.97 62.05
N TYR I 174 44.43 -3.09 60.92
CA TYR I 174 43.81 -3.22 59.61
C TYR I 174 44.47 -4.35 58.82
N TRP I 175 43.68 -5.03 58.00
CA TRP I 175 44.17 -6.12 57.17
C TRP I 175 43.58 -6.01 55.78
N VAL I 176 44.43 -6.02 54.76
CA VAL I 176 44.02 -5.91 53.37
C VAL I 176 44.51 -7.13 52.62
N GLY I 177 43.62 -7.78 51.90
CA GLY I 177 44.01 -8.97 51.15
C GLY I 177 42.81 -9.63 50.48
N PHE I 178 43.09 -10.79 49.91
CA PHE I 178 42.06 -11.57 49.24
C PHE I 178 41.13 -12.23 50.23
N ASP I 179 39.92 -12.53 49.77
CA ASP I 179 38.92 -13.19 50.63
C ASP I 179 39.34 -14.61 50.96
N THR I 180 39.16 -14.98 52.23
CA THR I 180 39.55 -16.30 52.71
C THR I 180 38.41 -17.31 52.71
N THR I 181 37.23 -16.93 52.21
CA THR I 181 36.09 -17.83 52.19
C THR I 181 36.32 -19.11 51.40
N PRO I 182 36.87 -19.09 50.18
CA PRO I 182 37.02 -20.36 49.44
C PRO I 182 37.91 -21.37 50.12
N PHE I 183 38.80 -20.95 51.02
CA PHE I 183 39.67 -21.89 51.71
C PHE I 183 39.02 -22.48 52.95
N MET I 184 37.91 -21.90 53.43
CA MET I 184 37.14 -22.52 54.49
C MET I 184 36.22 -23.61 53.97
N TYR I 185 35.87 -23.58 52.70
CA TYR I 185 35.11 -24.63 52.06
C TYR I 185 35.96 -25.80 51.59
N ASN I 186 37.30 -25.67 51.68
CA ASN I 186 38.25 -26.74 51.38
C ASN I 186 38.21 -27.13 49.90
N ALA I 187 38.24 -26.12 49.03
CA ALA I 187 38.28 -26.37 47.60
C ALA I 187 39.69 -26.72 47.15
N MET I 188 39.78 -27.34 45.97
CA MET I 188 41.07 -27.74 45.41
C MET I 188 41.64 -26.72 44.44
N ALA I 189 40.80 -25.94 43.77
CA ALA I 189 41.25 -24.91 42.86
C ALA I 189 40.14 -23.87 42.73
N GLY I 190 40.50 -22.70 42.20
CA GLY I 190 39.54 -21.63 42.07
C GLY I 190 40.12 -20.45 41.31
N ALA I 191 39.31 -19.40 41.21
CA ALA I 191 39.68 -18.23 40.43
C ALA I 191 39.12 -16.97 41.07
N TYR I 192 39.77 -15.84 40.75
CA TYR I 192 39.27 -14.50 41.04
C TYR I 192 39.23 -13.76 39.72
N PRO I 193 38.17 -13.98 38.92
CA PRO I 193 38.21 -13.53 37.51
C PRO I 193 38.37 -12.04 37.31
N SER I 194 37.89 -11.21 38.24
CA SER I 194 37.98 -9.76 38.06
C SER I 194 39.39 -9.23 38.22
N TYR I 195 40.29 -10.00 38.84
CA TYR I 195 41.65 -9.56 39.08
C TYR I 195 42.68 -10.38 38.30
N SER I 196 42.23 -11.21 37.35
CA SER I 196 43.12 -12.08 36.57
C SER I 196 43.97 -12.97 37.46
N THR I 197 43.32 -13.57 38.46
CA THR I 197 44.00 -14.36 39.47
C THR I 197 43.49 -15.80 39.46
N ASN I 198 44.42 -16.75 39.48
CA ASN I 198 44.10 -18.17 39.56
C ASN I 198 45.01 -18.83 40.59
N TRP I 199 44.48 -19.84 41.28
CA TRP I 199 45.24 -20.58 42.27
C TRP I 199 44.88 -22.05 42.17
N ALA I 200 45.80 -22.90 42.62
CA ALA I 200 45.58 -24.34 42.54
C ALA I 200 46.44 -25.06 43.57
N ASP I 201 45.97 -26.23 43.97
CA ASP I 201 46.76 -27.12 44.82
C ASP I 201 47.93 -27.71 44.04
N GLU I 202 49.01 -28.03 44.77
CA GLU I 202 50.20 -28.55 44.13
C GLU I 202 49.94 -29.87 43.41
N GLN I 203 49.00 -30.67 43.90
CA GLN I 203 48.78 -32.00 43.32
C GLN I 203 48.07 -31.97 41.97
N VAL I 204 47.47 -30.85 41.58
CA VAL I 204 46.73 -30.77 40.33
C VAL I 204 47.35 -29.78 39.36
N LEU I 205 48.65 -29.53 39.47
CA LEU I 205 49.31 -28.59 38.57
C LEU I 205 49.48 -29.16 37.16
N LYS I 206 49.22 -30.45 36.96
CA LYS I 206 49.34 -31.09 35.65
C LYS I 206 47.99 -31.40 35.03
N ALA I 207 46.97 -30.61 35.38
CA ALA I 207 45.62 -30.81 34.85
C ALA I 207 45.55 -30.26 33.43
N LYS I 208 44.34 -30.18 32.88
CA LYS I 208 44.16 -29.79 31.49
C LYS I 208 43.26 -28.57 31.30
N ASN I 209 42.19 -28.42 32.07
CA ASN I 209 41.17 -27.41 31.78
C ASN I 209 40.87 -26.53 32.98
N ILE I 210 41.87 -26.21 33.80
CA ILE I 210 41.69 -25.23 34.85
C ILE I 210 42.54 -24.01 34.54
N GLY I 211 42.47 -22.98 35.37
CA GLY I 211 43.14 -21.73 35.07
C GLY I 211 44.66 -21.83 35.08
N LEU I 212 45.22 -22.58 36.02
CA LEU I 212 46.66 -22.66 36.23
C LEU I 212 47.10 -24.12 36.12
N CYS I 213 47.56 -24.52 34.94
CA CYS I 213 47.94 -25.91 34.70
C CYS I 213 48.75 -25.99 33.42
N SER I 214 49.38 -27.15 33.21
CA SER I 214 50.11 -27.45 31.99
C SER I 214 50.17 -28.96 31.81
N THR I 215 50.02 -29.43 30.58
CA THR I 215 49.96 -30.86 30.30
C THR I 215 50.71 -31.13 28.99
N ASP I 216 50.65 -32.38 28.53
CA ASP I 216 51.38 -32.83 27.36
C ASP I 216 50.46 -33.61 26.43
N LEU I 217 50.94 -33.85 25.21
CA LEU I 217 50.24 -34.71 24.27
C LEU I 217 50.72 -36.15 24.41
N THR I 218 49.79 -37.09 24.34
CA THR I 218 50.13 -38.50 24.49
C THR I 218 49.12 -39.35 23.74
N GLU I 219 49.53 -40.58 23.43
CA GLU I 219 48.66 -41.52 22.73
C GLU I 219 47.86 -42.41 23.67
N GLY I 220 48.38 -42.66 24.87
CA GLY I 220 47.66 -43.45 25.85
C GLY I 220 48.18 -44.84 26.03
N ARG I 221 48.94 -45.07 27.10
CA ARG I 221 49.42 -46.40 27.45
C ARG I 221 48.54 -47.00 28.54
N ARG I 222 48.91 -48.18 29.01
CA ARG I 222 48.06 -48.88 29.98
C ARG I 222 48.81 -49.30 31.23
N GLY I 223 50.08 -49.70 31.11
CA GLY I 223 50.77 -50.29 32.25
C GLY I 223 50.98 -49.38 33.42
N LYS I 224 51.90 -48.42 33.30
CA LYS I 224 52.27 -47.51 34.38
C LYS I 224 52.34 -48.24 35.72
N LEU I 225 53.13 -49.31 35.74
CA LEU I 225 53.14 -50.25 36.86
C LEU I 225 53.79 -49.59 38.08
N SER I 226 52.96 -49.13 39.01
CA SER I 226 53.41 -48.60 40.30
C SER I 226 52.61 -49.31 41.38
N ILE I 227 53.28 -50.18 42.15
CA ILE I 227 52.59 -50.98 43.14
C ILE I 227 51.98 -50.10 44.23
N MET I 228 52.74 -49.12 44.70
CA MET I 228 52.25 -48.24 45.76
C MET I 228 51.01 -47.48 45.28
N ARG I 229 49.98 -47.46 46.12
CA ARG I 229 48.69 -46.89 45.76
C ARG I 229 48.50 -45.54 46.44
N GLY I 230 48.18 -44.53 45.65
CA GLY I 230 47.71 -43.29 46.23
C GLY I 230 46.34 -43.46 46.88
N LYS I 231 45.38 -43.97 46.12
CA LYS I 231 44.10 -44.46 46.62
C LYS I 231 43.23 -43.34 47.17
N LYS I 232 43.75 -42.12 47.20
CA LYS I 232 43.04 -41.01 47.83
C LYS I 232 43.66 -39.71 47.36
N LEU I 233 42.81 -38.70 47.17
CA LEU I 233 43.23 -37.40 46.66
C LEU I 233 42.48 -36.32 47.43
N GLU I 234 43.13 -35.72 48.41
CA GLU I 234 42.55 -34.68 49.24
C GLU I 234 43.49 -33.50 49.30
N PRO I 235 42.97 -32.30 49.60
CA PRO I 235 43.82 -31.10 49.61
C PRO I 235 44.95 -31.20 50.63
N CYS I 236 46.09 -30.62 50.27
N CYS I 236 46.09 -30.63 50.27
CA CYS I 236 47.26 -30.56 51.13
CA CYS I 236 47.27 -30.56 51.12
C CYS I 236 47.57 -29.11 51.47
C CYS I 236 47.55 -29.10 51.50
N ASP I 237 48.65 -28.90 52.22
CA ASP I 237 48.96 -27.56 52.72
C ASP I 237 49.43 -26.61 51.63
N ARG I 238 50.25 -27.09 50.69
CA ARG I 238 50.91 -26.20 49.74
C ARG I 238 49.94 -25.73 48.66
N VAL I 239 49.94 -24.43 48.38
CA VAL I 239 49.06 -23.82 47.39
C VAL I 239 49.86 -22.77 46.62
N LEU I 240 49.64 -22.72 45.30
CA LEU I 240 50.32 -21.78 44.41
C LEU I 240 49.35 -20.71 43.94
N PHE I 241 49.77 -19.45 44.04
CA PHE I 241 48.98 -18.30 43.61
C PHE I 241 49.62 -17.67 42.38
N SER I 242 48.79 -17.12 41.50
CA SER I 242 49.27 -16.45 40.29
C SER I 242 48.42 -15.19 40.06
N VAL I 243 48.99 -14.03 40.39
CA VAL I 243 48.34 -12.75 40.16
C VAL I 243 48.99 -12.13 38.93
N GLY I 244 48.23 -12.04 37.84
CA GLY I 244 48.80 -11.62 36.58
C GLY I 244 49.81 -12.64 36.09
N SER I 245 51.09 -12.28 36.11
CA SER I 245 52.17 -13.20 35.79
C SER I 245 53.16 -13.35 36.94
N THR I 246 52.73 -13.06 38.17
CA THR I 246 53.57 -13.16 39.35
C THR I 246 53.12 -14.35 40.18
N LEU I 247 54.08 -15.15 40.63
CA LEU I 247 53.79 -16.38 41.36
C LEU I 247 54.08 -16.20 42.85
N TYR I 248 53.16 -16.71 43.68
CA TYR I 248 53.30 -16.64 45.13
C TYR I 248 52.90 -17.95 45.78
N PRO I 249 53.78 -18.59 46.54
CA PRO I 249 53.37 -19.78 47.30
C PRO I 249 52.78 -19.40 48.65
N GLU I 250 51.72 -20.12 49.04
CA GLU I 250 51.04 -19.87 50.30
C GLU I 250 50.85 -21.17 51.05
N SER I 251 50.34 -21.05 52.28
CA SER I 251 50.06 -22.19 53.14
C SER I 251 48.61 -22.11 53.61
N ARG I 252 47.94 -23.26 53.61
CA ARG I 252 46.52 -23.29 53.97
C ARG I 252 46.30 -22.94 55.44
N LYS I 253 47.20 -23.39 56.32
CA LYS I 253 47.02 -23.16 57.75
C LYS I 253 47.03 -21.67 58.07
N LEU I 254 47.96 -20.92 57.47
CA LEU I 254 48.06 -19.49 57.77
C LEU I 254 46.92 -18.70 57.14
N LEU I 255 46.44 -19.13 55.97
CA LEU I 255 45.33 -18.44 55.31
C LEU I 255 44.06 -18.51 56.15
N LYS I 256 43.78 -19.69 56.72
CA LYS I 256 42.54 -19.87 57.47
C LYS I 256 42.58 -19.17 58.82
N SER I 257 43.78 -18.81 59.29
CA SER I 257 43.90 -18.18 60.60
C SER I 257 43.42 -16.73 60.60
N TRP I 258 43.27 -16.12 59.42
CA TRP I 258 42.77 -14.76 59.32
C TRP I 258 41.27 -14.70 59.12
N HIS I 259 40.59 -15.85 59.11
CA HIS I 259 39.13 -15.91 59.06
C HIS I 259 38.60 -15.86 60.49
N LEU I 260 38.67 -14.67 61.08
CA LEU I 260 38.39 -14.51 62.49
C LEU I 260 36.89 -14.33 62.74
N PRO I 261 36.39 -14.76 63.90
CA PRO I 261 35.00 -14.53 64.25
C PRO I 261 34.76 -13.07 64.63
N SER I 262 33.50 -12.75 64.89
CA SER I 262 33.14 -11.38 65.22
C SER I 262 33.65 -10.95 66.59
N VAL I 263 33.76 -11.89 67.52
CA VAL I 263 34.21 -11.61 68.89
C VAL I 263 35.10 -12.75 69.35
N PHE I 264 36.23 -12.41 69.97
CA PHE I 264 37.13 -13.42 70.51
C PHE I 264 37.94 -12.82 71.66
N HIS I 265 38.55 -13.71 72.44
CA HIS I 265 39.30 -13.35 73.63
C HIS I 265 40.76 -13.79 73.49
N LEU I 266 41.67 -12.94 73.94
CA LEU I 266 43.10 -13.26 74.01
C LEU I 266 43.49 -13.32 75.48
N LYS I 267 43.87 -14.50 75.95
CA LYS I 267 44.14 -14.74 77.35
C LYS I 267 45.59 -15.11 77.55
N GLY I 268 46.31 -14.31 78.35
CA GLY I 268 47.69 -14.59 78.68
C GLY I 268 48.08 -13.93 79.99
N LYS I 269 49.28 -13.36 80.05
CA LYS I 269 49.64 -12.52 81.19
C LYS I 269 48.72 -11.32 81.29
N LEU I 270 48.40 -10.71 80.14
CA LEU I 270 47.37 -9.70 80.02
C LEU I 270 46.25 -10.22 79.15
N SER I 271 45.04 -9.74 79.40
CA SER I 271 43.84 -10.22 78.72
C SER I 271 43.22 -9.11 77.92
N PHE I 272 42.63 -9.46 76.77
CA PHE I 272 42.03 -8.50 75.87
C PHE I 272 40.75 -9.05 75.29
N THR I 273 39.86 -8.14 74.89
CA THR I 273 38.61 -8.47 74.21
C THR I 273 38.61 -7.79 72.85
N CYS I 274 38.37 -8.56 71.80
CA CYS I 274 38.61 -8.09 70.45
C CYS I 274 37.36 -8.27 69.58
N ARG I 275 37.29 -7.46 68.53
CA ARG I 275 36.17 -7.46 67.59
C ARG I 275 36.70 -7.30 66.18
N CYS I 276 36.09 -8.01 65.22
CA CYS I 276 36.51 -7.98 63.83
C CYS I 276 35.33 -7.64 62.94
N ASP I 277 35.56 -6.78 61.95
CA ASP I 277 34.50 -6.29 61.08
C ASP I 277 35.05 -6.06 59.68
N THR I 278 34.21 -6.28 58.68
CA THR I 278 34.56 -6.06 57.28
C THR I 278 33.94 -4.75 56.81
N VAL I 279 34.76 -3.85 56.27
CA VAL I 279 34.29 -2.53 55.91
C VAL I 279 34.24 -2.31 54.39
N VAL I 280 35.10 -2.96 53.62
CA VAL I 280 35.09 -2.85 52.16
C VAL I 280 35.11 -4.24 51.55
N SER I 281 34.39 -4.41 50.44
CA SER I 281 34.36 -5.69 49.74
C SER I 281 34.09 -5.42 48.27
N CYS I 282 34.95 -5.95 47.38
CA CYS I 282 34.76 -5.74 45.95
C CYS I 282 35.29 -6.98 45.20
N GLU I 283 34.38 -7.92 44.92
CA GLU I 283 34.63 -9.04 44.02
C GLU I 283 35.83 -9.88 44.44
N GLY I 284 36.03 -10.03 45.74
CA GLY I 284 37.08 -10.89 46.25
C GLY I 284 38.13 -10.22 47.12
N TYR I 285 38.29 -8.91 47.01
CA TYR I 285 39.16 -8.14 47.91
C TYR I 285 38.34 -7.59 49.06
N VAL I 286 38.91 -7.62 50.26
CA VAL I 286 38.23 -7.14 51.46
C VAL I 286 39.19 -6.30 52.28
N VAL I 287 38.61 -5.48 53.17
CA VAL I 287 39.34 -4.74 54.18
C VAL I 287 38.72 -5.05 55.53
N LYS I 288 39.54 -5.43 56.49
CA LYS I 288 39.07 -5.80 57.82
C LYS I 288 39.60 -4.82 58.86
N ARG I 289 38.79 -4.58 59.88
CA ARG I 289 39.11 -3.66 60.96
C ARG I 289 38.96 -4.37 62.30
N ILE I 290 40.00 -4.30 63.13
CA ILE I 290 40.06 -5.03 64.39
C ILE I 290 40.38 -4.06 65.52
N THR I 291 39.63 -4.14 66.61
CA THR I 291 39.87 -3.34 67.79
C THR I 291 40.19 -4.24 68.97
N MET I 292 41.00 -3.73 69.90
CA MET I 292 41.43 -4.48 71.07
C MET I 292 41.30 -3.61 72.32
N SER I 293 40.71 -4.17 73.37
CA SER I 293 40.52 -3.47 74.63
C SER I 293 40.92 -4.37 75.79
N PRO I 294 41.48 -3.79 76.86
CA PRO I 294 41.90 -4.60 78.01
C PRO I 294 40.72 -5.13 78.80
N GLY I 295 40.88 -6.33 79.36
CA GLY I 295 39.87 -6.96 80.17
C GLY I 295 39.10 -8.03 79.43
N LEU I 296 38.23 -8.71 80.17
CA LEU I 296 37.39 -9.77 79.64
C LEU I 296 35.93 -9.40 79.85
N TYR I 297 35.19 -9.25 78.75
CA TYR I 297 33.79 -8.85 78.79
C TYR I 297 32.98 -9.72 77.86
N GLY I 298 31.74 -10.02 78.25
CA GLY I 298 30.82 -10.75 77.40
C GLY I 298 31.15 -12.23 77.27
N LYS I 299 30.55 -12.84 76.26
CA LYS I 299 30.78 -14.25 75.96
C LYS I 299 30.87 -14.42 74.45
N THR I 300 31.43 -15.55 74.03
CA THR I 300 31.71 -15.82 72.63
C THR I 300 30.89 -17.01 72.14
N THR I 301 30.55 -16.98 70.86
CA THR I 301 29.85 -18.08 70.21
C THR I 301 30.73 -18.87 69.25
N GLY I 302 31.63 -18.20 68.54
CA GLY I 302 32.53 -18.88 67.62
C GLY I 302 32.05 -18.99 66.20
N TYR I 303 31.28 -18.02 65.72
CA TYR I 303 30.74 -18.05 64.36
C TYR I 303 31.32 -16.90 63.54
N ALA I 304 31.61 -17.16 62.27
CA ALA I 304 32.07 -16.16 61.33
C ALA I 304 31.09 -16.09 60.16
N VAL I 305 30.76 -14.88 59.73
CA VAL I 305 29.70 -14.65 58.76
C VAL I 305 30.28 -13.90 57.56
N THR I 306 29.91 -14.35 56.36
CA THR I 306 30.30 -13.71 55.11
C THR I 306 29.05 -13.33 54.33
N HIS I 307 28.97 -12.08 53.90
CA HIS I 307 27.84 -11.57 53.13
C HIS I 307 28.19 -11.59 51.65
N HIS I 308 27.30 -12.14 50.83
CA HIS I 308 27.55 -12.31 49.40
C HIS I 308 26.78 -11.27 48.61
N ALA I 309 27.50 -10.30 48.04
CA ALA I 309 26.90 -9.33 47.14
C ALA I 309 26.67 -9.90 45.75
N ASP I 310 27.52 -10.81 45.30
CA ASP I 310 27.33 -11.54 44.05
C ASP I 310 27.35 -13.04 44.32
N GLY I 311 27.16 -13.82 43.26
CA GLY I 311 27.07 -15.25 43.40
C GLY I 311 28.40 -15.90 43.72
N PHE I 312 28.33 -16.98 44.50
CA PHE I 312 29.49 -17.80 44.84
C PHE I 312 29.14 -19.25 44.55
N LEU I 313 30.03 -19.94 43.83
CA LEU I 313 29.77 -21.29 43.37
C LEU I 313 30.88 -22.23 43.80
N MET I 314 30.51 -23.50 43.98
CA MET I 314 31.48 -24.56 44.25
C MET I 314 30.88 -25.87 43.73
N CYS I 315 31.56 -26.51 42.79
CA CYS I 315 31.00 -27.66 42.09
C CYS I 315 32.07 -28.72 41.90
N LYS I 316 31.61 -29.91 41.51
CA LYS I 316 32.49 -31.03 41.23
C LYS I 316 32.76 -31.12 39.73
N THR I 317 34.01 -31.38 39.36
CA THR I 317 34.41 -31.42 37.97
C THR I 317 35.30 -32.64 37.73
N THR I 318 35.34 -33.07 36.47
CA THR I 318 36.14 -34.21 36.04
C THR I 318 37.18 -33.77 35.05
N ASP I 319 38.42 -34.18 35.27
CA ASP I 319 39.54 -33.81 34.40
C ASP I 319 40.56 -34.93 34.41
N THR I 320 41.59 -34.79 33.58
CA THR I 320 42.69 -35.74 33.53
C THR I 320 43.95 -35.06 34.06
N VAL I 321 44.57 -35.67 35.07
CA VAL I 321 45.80 -35.18 35.67
C VAL I 321 46.90 -36.15 35.29
N ASP I 322 47.85 -35.67 34.48
CA ASP I 322 48.93 -36.51 33.95
C ASP I 322 48.39 -37.70 33.16
N GLY I 323 47.26 -37.48 32.48
CA GLY I 323 46.65 -38.51 31.67
C GLY I 323 45.65 -39.39 32.37
N GLU I 324 45.48 -39.25 33.68
CA GLU I 324 44.59 -40.10 34.45
C GLU I 324 43.35 -39.31 34.88
N ARG I 325 42.18 -39.90 34.65
CA ARG I 325 40.92 -39.21 34.91
C ARG I 325 40.59 -39.25 36.40
N VAL I 326 40.28 -38.07 36.96
CA VAL I 326 39.98 -37.92 38.38
C VAL I 326 38.88 -36.87 38.53
N SER I 327 38.46 -36.64 39.77
CA SER I 327 37.42 -35.68 40.09
C SER I 327 37.81 -34.88 41.33
N PHE I 328 37.53 -33.58 41.30
CA PHE I 328 37.79 -32.70 42.45
C PHE I 328 36.88 -31.47 42.32
N SER I 329 37.04 -30.55 43.27
CA SER I 329 36.13 -29.41 43.40
C SER I 329 36.79 -28.11 42.98
N VAL I 330 35.98 -27.17 42.51
CA VAL I 330 36.43 -25.89 41.96
C VAL I 330 35.43 -24.81 42.35
N CYS I 331 35.91 -23.61 42.65
CA CYS I 331 35.07 -22.50 43.05
C CYS I 331 35.33 -21.27 42.17
N THR I 332 34.38 -20.35 42.14
CA THR I 332 34.48 -19.15 41.33
C THR I 332 33.40 -18.16 41.78
N TYR I 333 33.45 -16.95 41.21
CA TYR I 333 32.49 -15.89 41.48
C TYR I 333 31.70 -15.57 40.22
N VAL I 334 30.44 -15.18 40.39
CA VAL I 334 29.54 -14.91 39.28
C VAL I 334 28.89 -13.54 39.46
N PRO I 335 28.83 -12.71 38.41
CA PRO I 335 28.18 -11.40 38.56
C PRO I 335 26.69 -11.52 38.89
N ALA I 336 26.19 -10.52 39.62
CA ALA I 336 24.84 -10.58 40.15
C ALA I 336 23.79 -10.45 39.05
N THR I 337 24.06 -9.66 38.01
CA THR I 337 23.09 -9.48 36.94
C THR I 337 22.82 -10.78 36.21
N ILE I 338 23.87 -11.57 35.96
CA ILE I 338 23.69 -12.86 35.28
C ILE I 338 22.93 -13.83 36.17
N CYS I 339 23.19 -13.79 37.48
CA CYS I 339 22.47 -14.67 38.41
C CYS I 339 20.98 -14.38 38.41
N ASP I 340 20.60 -13.11 38.34
CA ASP I 340 19.18 -12.75 38.41
C ASP I 340 18.44 -13.12 37.12
N GLN I 341 19.16 -13.26 36.01
CA GLN I 341 18.51 -13.56 34.74
C GLN I 341 18.35 -15.05 34.46
N MET I 342 18.83 -15.91 35.36
CA MET I 342 18.67 -17.35 35.21
C MET I 342 17.64 -17.93 36.15
N THR I 343 16.90 -17.08 36.87
CA THR I 343 15.93 -17.59 37.84
C THR I 343 14.81 -18.37 37.18
N GLY I 344 14.28 -17.86 36.07
CA GLY I 344 13.19 -18.56 35.40
C GLY I 344 13.63 -19.86 34.74
N ILE I 345 14.84 -19.86 34.17
CA ILE I 345 15.32 -21.05 33.45
C ILE I 345 15.51 -22.21 34.41
N LEU I 346 16.06 -21.96 35.60
CA LEU I 346 16.38 -23.01 36.54
C LEU I 346 15.16 -23.55 37.27
N ALA I 347 13.94 -23.18 36.86
CA ALA I 347 12.74 -23.74 37.45
C ALA I 347 12.50 -25.18 37.02
N THR I 348 13.10 -25.59 35.92
CA THR I 348 12.98 -26.94 35.40
C THR I 348 14.36 -27.53 35.14
N GLU I 349 14.38 -28.79 34.75
CA GLU I 349 15.65 -29.47 34.47
C GLU I 349 16.18 -29.04 33.11
N VAL I 350 17.49 -28.77 33.06
CA VAL I 350 18.14 -28.28 31.85
C VAL I 350 19.46 -29.02 31.67
N THR I 351 19.80 -29.34 30.42
CA THR I 351 21.04 -30.00 30.11
C THR I 351 22.21 -29.02 30.09
N PRO I 352 23.43 -29.49 30.33
CA PRO I 352 24.58 -28.57 30.29
C PRO I 352 24.77 -27.88 28.95
N GLU I 353 24.44 -28.55 27.84
CA GLU I 353 24.60 -27.94 26.53
C GLU I 353 23.64 -26.76 26.35
N ASP I 354 22.40 -26.89 26.82
CA ASP I 354 21.44 -25.81 26.68
C ASP I 354 21.79 -24.64 27.58
N ALA I 355 22.30 -24.91 28.78
CA ALA I 355 22.67 -23.85 29.70
C ALA I 355 23.82 -23.01 29.15
N GLN I 356 24.78 -23.67 28.48
CA GLN I 356 25.92 -22.94 27.93
C GLN I 356 25.49 -21.95 26.86
N LYS I 357 24.54 -22.34 26.00
CA LYS I 357 24.08 -21.45 24.94
C LYS I 357 23.33 -20.26 25.50
N LEU I 358 22.54 -20.46 26.56
CA LEU I 358 21.82 -19.36 27.16
C LEU I 358 22.77 -18.37 27.83
N LEU I 359 23.82 -18.87 28.48
CA LEU I 359 24.78 -17.99 29.14
C LEU I 359 25.54 -17.14 28.12
N VAL I 360 25.86 -17.72 26.96
CA VAL I 360 26.56 -16.96 25.93
C VAL I 360 25.71 -15.82 25.41
N GLY I 361 24.41 -16.07 25.22
CA GLY I 361 23.51 -15.02 24.75
C GLY I 361 23.40 -13.87 25.71
N LEU I 362 23.30 -14.18 27.01
CA LEU I 362 23.21 -13.12 28.02
C LEU I 362 24.52 -12.35 28.15
N ASN I 363 25.65 -13.02 28.03
CA ASN I 363 26.94 -12.38 28.24
C ASN I 363 27.30 -11.47 27.09
N GLN I 364 27.45 -12.03 25.89
CA GLN I 364 27.86 -11.26 24.71
C GLN I 364 26.65 -10.57 24.07
N ARG I 365 26.24 -9.48 24.71
CA ARG I 365 25.11 -8.69 24.23
C ARG I 365 25.46 -7.21 24.22
N THR I 376 31.65 -6.45 24.26
CA THR I 376 31.50 -6.30 25.70
C THR I 376 31.10 -7.62 26.36
N ASN I 377 31.88 -8.03 27.36
CA ASN I 377 31.63 -9.24 28.12
C ASN I 377 31.43 -8.89 29.58
N THR I 378 30.32 -9.36 30.16
CA THR I 378 30.08 -9.14 31.59
C THR I 378 30.97 -10.05 32.43
N MET I 379 31.14 -11.30 32.02
CA MET I 379 32.01 -12.25 32.69
C MET I 379 33.00 -12.81 31.69
N LYS I 380 34.12 -13.30 32.21
CA LYS I 380 35.16 -13.85 31.35
C LYS I 380 34.73 -15.21 30.80
N ASN I 381 35.08 -15.46 29.54
CA ASN I 381 34.51 -16.60 28.80
C ASN I 381 35.14 -17.93 29.19
N TYR I 382 36.33 -17.94 29.79
CA TYR I 382 36.99 -19.20 30.07
C TYR I 382 36.39 -19.93 31.26
N MET I 383 35.52 -19.29 32.04
CA MET I 383 34.88 -19.94 33.17
C MET I 383 33.43 -20.34 32.89
N ILE I 384 32.92 -20.04 31.68
CA ILE I 384 31.53 -20.35 31.37
C ILE I 384 31.23 -21.85 31.39
N PRO I 385 32.05 -22.73 30.80
CA PRO I 385 31.68 -24.16 30.79
C PRO I 385 31.48 -24.77 32.18
N VAL I 386 32.29 -24.40 33.17
CA VAL I 386 32.12 -25.00 34.49
C VAL I 386 30.92 -24.38 35.22
N VAL I 387 30.56 -23.15 34.89
CA VAL I 387 29.38 -22.54 35.49
C VAL I 387 28.11 -23.19 34.94
N ALA I 388 28.09 -23.48 33.64
CA ALA I 388 26.93 -24.12 33.04
C ALA I 388 26.71 -25.52 33.60
N GLN I 389 27.79 -26.27 33.80
CA GLN I 389 27.69 -27.59 34.39
C GLN I 389 27.16 -27.53 35.82
N ALA I 390 27.64 -26.55 36.60
CA ALA I 390 27.20 -26.42 37.98
C ALA I 390 25.71 -26.07 38.08
N PHE I 391 25.24 -25.19 37.19
CA PHE I 391 23.84 -24.80 37.20
C PHE I 391 22.93 -25.98 36.88
N SER I 392 23.35 -26.85 35.97
CA SER I 392 22.52 -27.97 35.56
C SER I 392 22.33 -28.97 36.70
N LYS I 393 23.39 -29.24 37.46
CA LYS I 393 23.29 -30.19 38.56
C LYS I 393 22.50 -29.60 39.73
N TRP I 394 22.57 -28.28 39.92
CA TRP I 394 21.83 -27.66 41.02
C TRP I 394 20.33 -27.74 40.78
N ALA I 395 19.88 -27.54 39.54
CA ALA I 395 18.46 -27.63 39.24
C ALA I 395 17.93 -29.04 39.44
N LYS I 396 18.72 -30.06 39.07
CA LYS I 396 18.29 -31.44 39.21
C LYS I 396 18.12 -31.82 40.68
N GLU I 397 19.06 -31.40 41.53
CA GLU I 397 18.99 -31.77 42.94
C GLU I 397 17.80 -31.10 43.63
N CYS I 398 17.48 -29.86 43.25
CA CYS I 398 16.33 -29.19 43.81
C CYS I 398 15.03 -29.87 43.40
N ARG I 399 14.95 -30.32 42.14
CA ARG I 399 13.77 -31.03 41.68
C ARG I 399 13.59 -32.35 42.42
N LYS I 400 14.69 -33.03 42.72
CA LYS I 400 14.62 -34.32 43.42
C LYS I 400 14.10 -34.14 44.83
N ASP I 401 14.46 -33.04 45.49
CA ASP I 401 14.03 -32.81 46.86
C ASP I 401 12.52 -32.64 46.95
N MET I 402 11.92 -31.94 45.98
CA MET I 402 10.49 -31.66 46.04
C MET I 402 9.65 -32.92 45.88
N GLU I 403 10.21 -33.96 45.26
CA GLU I 403 9.48 -35.20 45.00
C GLU I 403 9.65 -36.24 46.10
N ASP I 404 10.33 -35.89 47.19
CA ASP I 404 10.55 -36.78 48.33
C ASP I 404 10.14 -36.10 49.62
N GLU I 405 8.94 -35.54 49.62
CA GLU I 405 8.42 -34.79 50.77
C GLU I 405 8.35 -35.67 52.01
N LYS I 406 8.81 -35.13 53.13
CA LYS I 406 8.81 -35.81 54.41
C LYS I 406 7.69 -35.27 55.29
N LEU I 407 7.66 -35.69 56.55
CA LEU I 407 6.67 -35.23 57.51
C LEU I 407 7.27 -34.17 58.42
N LEU I 408 6.39 -33.33 58.98
CA LEU I 408 6.83 -32.20 59.79
C LEU I 408 7.29 -32.66 61.16
N GLY I 409 8.48 -32.22 61.55
CA GLY I 409 8.96 -32.38 62.92
C GLY I 409 9.41 -33.77 63.30
N VAL I 410 9.75 -34.63 62.33
CA VAL I 410 10.21 -35.97 62.62
C VAL I 410 11.45 -36.26 61.79
N ARG I 411 12.20 -37.27 62.22
CA ARG I 411 13.41 -37.72 61.53
C ARG I 411 13.29 -39.21 61.28
N GLU I 412 13.45 -39.61 60.01
CA GLU I 412 13.33 -41.01 59.62
C GLU I 412 14.65 -41.72 59.90
N ARG I 413 14.62 -42.73 60.76
CA ARG I 413 15.82 -43.46 61.13
C ARG I 413 15.56 -44.96 61.15
N THR I 414 14.92 -45.48 60.11
CA THR I 414 14.67 -46.91 60.03
C THR I 414 15.73 -47.62 59.18
N TRP I 421 19.29 -48.39 64.28
CA TRP I 421 18.95 -47.05 63.84
C TRP I 421 20.04 -46.46 62.96
N ALA I 422 19.74 -46.27 61.67
CA ALA I 422 20.69 -45.70 60.73
C ALA I 422 19.94 -44.91 59.67
N PHE I 423 20.49 -43.76 59.29
CA PHE I 423 19.90 -42.90 58.28
C PHE I 423 20.80 -42.81 57.05
N LYS I 424 20.18 -42.58 55.90
CA LYS I 424 20.90 -42.46 54.64
C LYS I 424 21.29 -41.01 54.39
N LYS I 425 22.44 -40.82 53.75
CA LYS I 425 22.93 -39.50 53.38
C LYS I 425 22.85 -39.34 51.86
N GLN I 426 22.29 -38.22 51.41
CA GLN I 426 22.16 -37.95 49.99
C GLN I 426 23.46 -37.38 49.43
N LYS I 427 23.54 -37.37 48.10
CA LYS I 427 24.72 -36.87 47.41
C LYS I 427 24.55 -35.39 47.07
N THR I 428 25.61 -34.62 47.24
CA THR I 428 25.63 -33.20 46.94
C THR I 428 26.81 -32.91 46.03
N HIS I 429 26.54 -32.31 44.86
CA HIS I 429 27.58 -32.00 43.90
C HIS I 429 27.77 -30.51 43.66
N THR I 430 26.85 -29.67 44.13
CA THR I 430 26.94 -28.24 43.88
C THR I 430 26.50 -27.47 45.11
N VAL I 431 27.27 -26.44 45.47
CA VAL I 431 26.90 -25.48 46.51
C VAL I 431 26.82 -24.12 45.84
N TYR I 432 25.67 -23.46 45.96
CA TYR I 432 25.37 -22.23 45.26
C TYR I 432 24.83 -21.21 46.25
N LYS I 433 25.61 -20.17 46.54
CA LYS I 433 25.19 -19.08 47.42
C LYS I 433 24.74 -17.90 46.56
N ARG I 434 23.44 -17.66 46.53
CA ARG I 434 22.86 -16.60 45.72
C ARG I 434 23.14 -15.23 46.33
N PRO I 435 23.04 -14.17 45.53
CA PRO I 435 23.23 -12.82 46.08
C PRO I 435 22.24 -12.52 47.19
N ASP I 436 22.72 -11.75 48.19
CA ASP I 436 21.95 -11.34 49.36
C ASP I 436 21.73 -12.49 50.34
N THR I 437 22.60 -13.50 50.32
CA THR I 437 22.61 -14.57 51.30
C THR I 437 23.90 -14.52 52.09
N GLN I 438 24.00 -15.36 53.12
CA GLN I 438 25.14 -15.31 54.03
C GLN I 438 25.63 -16.72 54.34
N SER I 439 26.94 -16.86 54.50
CA SER I 439 27.56 -18.10 54.94
C SER I 439 27.95 -17.99 56.41
N ILE I 440 27.98 -19.14 57.09
CA ILE I 440 28.32 -19.16 58.51
C ILE I 440 29.12 -20.41 58.84
N GLN I 441 30.25 -20.24 59.53
CA GLN I 441 31.12 -21.35 59.89
C GLN I 441 31.54 -21.21 61.35
N LYS I 442 31.85 -22.35 61.96
CA LYS I 442 32.27 -22.40 63.36
C LYS I 442 33.79 -22.47 63.44
N VAL I 443 34.38 -21.54 64.18
CA VAL I 443 35.82 -21.45 64.36
C VAL I 443 36.13 -21.24 65.84
N GLN I 444 37.42 -21.24 66.16
CA GLN I 444 37.87 -21.05 67.54
C GLN I 444 37.81 -19.57 67.90
N ALA I 445 37.44 -19.30 69.16
CA ALA I 445 37.29 -17.93 69.63
C ALA I 445 37.94 -17.69 71.00
N GLU I 446 38.63 -18.68 71.56
CA GLU I 446 39.31 -18.55 72.85
C GLU I 446 40.75 -19.00 72.67
N PHE I 447 41.68 -18.07 72.79
CA PHE I 447 43.10 -18.35 72.57
C PHE I 447 43.87 -18.10 73.86
N ASP I 448 44.71 -19.07 74.25
CA ASP I 448 45.53 -18.92 75.44
C ASP I 448 46.96 -19.41 75.25
N SER I 449 47.41 -19.65 74.02
CA SER I 449 48.77 -20.09 73.76
C SER I 449 49.37 -19.18 72.70
N PHE I 450 50.50 -18.55 73.02
CA PHE I 450 51.16 -17.60 72.13
C PHE I 450 52.66 -17.86 72.09
N VAL I 451 53.05 -19.12 72.18
CA VAL I 451 54.46 -19.48 72.12
C VAL I 451 54.73 -20.40 70.94
N TRP I 456 66.86 -14.06 67.87
CA TRP I 456 66.76 -13.22 66.68
C TRP I 456 68.13 -12.95 66.07
N SER I 457 68.17 -12.92 64.73
CA SER I 457 69.39 -12.61 64.00
C SER I 457 69.06 -11.57 62.93
N SER I 458 70.09 -10.81 62.54
CA SER I 458 69.89 -9.74 61.58
C SER I 458 69.59 -10.30 60.19
N GLY I 459 70.53 -11.05 59.63
CA GLY I 459 70.39 -11.63 58.31
C GLY I 459 71.04 -10.83 57.20
N LEU I 460 71.31 -9.55 57.43
CA LEU I 460 72.00 -8.74 56.43
C LEU I 460 73.46 -9.19 56.30
N SER I 461 73.99 -9.04 55.09
CA SER I 461 75.35 -9.41 54.78
C SER I 461 76.20 -8.16 54.57
N ILE I 462 77.51 -8.31 54.76
CA ILE I 462 78.43 -7.19 54.55
C ILE I 462 78.36 -6.65 53.12
N PRO I 463 78.35 -7.48 52.06
CA PRO I 463 78.24 -6.90 50.71
C PRO I 463 76.98 -6.08 50.50
N LEU I 464 75.85 -6.49 51.08
CA LEU I 464 74.62 -5.73 50.90
C LEU I 464 74.68 -4.40 51.65
N ARG I 465 75.26 -4.40 52.84
CA ARG I 465 75.37 -3.16 53.61
C ARG I 465 76.24 -2.15 52.89
N THR I 466 77.32 -2.62 52.25
CA THR I 466 78.19 -1.72 51.50
C THR I 466 77.46 -1.09 50.32
N ARG I 467 76.64 -1.87 49.61
CA ARG I 467 75.95 -1.35 48.44
C ARG I 467 74.93 -0.29 48.82
N ILE I 468 74.22 -0.48 49.93
CA ILE I 468 73.22 0.49 50.37
C ILE I 468 73.89 1.81 50.73
N LYS I 469 75.04 1.75 51.39
CA LYS I 469 75.76 2.98 51.73
C LYS I 469 76.17 3.76 50.49
N TRP I 470 76.65 3.05 49.46
CA TRP I 470 77.14 3.73 48.26
C TRP I 470 76.02 4.46 47.54
N LEU I 471 74.84 3.84 47.46
CA LEU I 471 73.71 4.50 46.81
C LEU I 471 73.26 5.75 47.57
N LEU I 472 73.40 5.74 48.90
CA LEU I 472 72.95 6.87 49.69
C LEU I 472 73.87 8.07 49.52
N SER I 473 75.17 7.83 49.38
CA SER I 473 76.13 8.91 49.19
C SER I 473 75.92 9.52 47.81
N LYS I 474 75.51 10.79 47.79
CA LYS I 474 75.19 11.50 46.55
C LYS I 474 74.13 10.78 45.73
N ASP J 2 59.17 14.06 21.55
CA ASP J 2 58.13 13.32 22.27
C ASP J 2 57.53 12.17 21.44
N PRO J 3 57.15 12.40 20.18
CA PRO J 3 56.65 11.28 19.37
C PRO J 3 57.76 10.32 18.98
N VAL J 4 57.34 9.11 18.61
CA VAL J 4 58.25 8.08 18.11
C VAL J 4 57.76 7.64 16.75
N TYR J 5 58.68 7.54 15.80
CA TYR J 5 58.36 7.18 14.42
C TYR J 5 58.78 5.76 14.12
N VAL J 6 57.90 5.02 13.44
CA VAL J 6 58.13 3.63 13.08
C VAL J 6 57.95 3.47 11.58
N ASP J 7 58.77 2.62 10.98
CA ASP J 7 58.77 2.42 9.53
C ASP J 7 57.74 1.36 9.14
N ILE J 8 56.47 1.74 9.28
CA ILE J 8 55.36 0.89 8.88
C ILE J 8 54.34 1.71 8.12
N ASP J 9 53.47 1.01 7.39
CA ASP J 9 52.43 1.67 6.61
C ASP J 9 51.43 2.35 7.54
N ALA J 10 50.85 3.45 7.06
CA ALA J 10 49.92 4.22 7.86
C ALA J 10 48.57 3.55 8.04
N ASP J 11 48.19 2.64 7.15
CA ASP J 11 46.92 1.94 7.23
C ASP J 11 47.06 0.53 7.80
N SER J 12 48.22 0.20 8.35
CA SER J 12 48.43 -1.13 8.92
C SER J 12 47.58 -1.32 10.16
N ALA J 13 47.12 -2.57 10.36
CA ALA J 13 46.36 -2.92 11.55
C ALA J 13 47.24 -3.24 12.75
N PHE J 14 48.54 -3.41 12.54
CA PHE J 14 49.46 -3.66 13.64
C PHE J 14 49.73 -2.41 14.46
N LEU J 15 49.36 -1.23 13.96
CA LEU J 15 49.64 0.01 14.67
C LEU J 15 48.85 0.10 15.96
N LYS J 16 47.61 -0.40 15.96
CA LYS J 16 46.80 -0.36 17.17
C LYS J 16 47.38 -1.24 18.27
N ALA J 17 47.87 -2.43 17.90
CA ALA J 17 48.47 -3.31 18.89
C ALA J 17 49.74 -2.71 19.49
N LEU J 18 50.53 -2.01 18.67
CA LEU J 18 51.73 -1.36 19.17
C LEU J 18 51.40 -0.26 20.17
N GLN J 19 50.32 0.50 19.89
CA GLN J 19 49.92 1.58 20.78
C GLN J 19 49.48 1.03 22.14
N ARG J 20 48.79 -0.10 22.15
CA ARG J 20 48.30 -0.67 23.40
C ARG J 20 49.44 -1.19 24.27
N ALA J 21 50.54 -1.64 23.65
CA ALA J 21 51.66 -2.19 24.41
C ALA J 21 52.60 -1.12 24.94
N TYR J 22 52.56 0.10 24.41
CA TYR J 22 53.41 1.19 24.85
C TYR J 22 52.56 2.42 25.12
N PRO J 23 51.84 2.44 26.25
CA PRO J 23 50.93 3.57 26.54
C PRO J 23 51.65 4.86 26.85
N MET J 24 52.96 4.83 27.12
CA MET J 24 53.69 6.01 27.52
C MET J 24 54.31 6.79 26.35
N PHE J 25 54.04 6.37 25.12
CA PHE J 25 54.60 7.02 23.94
C PHE J 25 53.49 7.43 22.98
N GLU J 26 53.86 8.21 21.97
CA GLU J 26 53.01 8.56 20.86
C GLU J 26 53.63 7.99 19.59
N VAL J 27 52.97 7.00 18.99
CA VAL J 27 53.52 6.27 17.85
C VAL J 27 52.96 6.86 16.57
N GLU J 28 53.85 7.22 15.64
CA GLU J 28 53.48 7.81 14.38
C GLU J 28 54.11 7.02 13.24
N PRO J 29 53.36 6.64 12.23
CA PRO J 29 53.94 5.87 11.12
C PRO J 29 54.70 6.77 10.15
N ARG J 30 55.79 6.22 9.61
CA ARG J 30 56.58 6.92 8.60
C ARG J 30 57.31 5.86 7.77
N GLN J 31 56.77 5.56 6.59
CA GLN J 31 57.28 4.48 5.76
C GLN J 31 58.31 5.00 4.77
N VAL J 32 59.49 4.37 4.76
CA VAL J 32 60.56 4.80 3.86
C VAL J 32 61.07 3.63 3.02
N THR J 33 60.96 2.41 3.53
CA THR J 33 61.45 1.23 2.86
C THR J 33 60.40 0.14 2.85
N PRO J 34 60.41 -0.76 1.84
CA PRO J 34 59.51 -1.91 1.82
C PRO J 34 60.08 -3.15 2.52
N ASN J 35 60.59 -2.97 3.73
CA ASN J 35 61.18 -4.08 4.47
C ASN J 35 60.11 -5.11 4.84
N ASP J 36 60.40 -6.38 4.61
CA ASP J 36 59.43 -7.43 4.87
C ASP J 36 59.45 -7.94 6.31
N ALA J 37 60.34 -7.40 7.14
CA ALA J 37 60.34 -7.67 8.58
C ALA J 37 60.09 -6.38 9.35
N ALA J 38 59.14 -5.58 8.86
CA ALA J 38 58.90 -4.26 9.44
C ALA J 38 58.30 -4.35 10.82
N ASN J 39 57.35 -5.27 11.03
CA ASN J 39 56.69 -5.36 12.33
C ASN J 39 57.67 -5.78 13.42
N ALA J 40 58.58 -6.71 13.11
CA ALA J 40 59.56 -7.14 14.11
C ALA J 40 60.53 -6.02 14.44
N ARG J 41 60.95 -5.24 13.45
CA ARG J 41 61.88 -4.15 13.69
C ARG J 41 61.24 -3.03 14.51
N ALA J 42 59.94 -2.80 14.31
CA ALA J 42 59.26 -1.74 15.03
C ALA J 42 59.19 -2.04 16.53
N PHE J 43 58.94 -3.30 16.88
CA PHE J 43 58.87 -3.66 18.30
C PHE J 43 60.21 -3.46 18.99
N SER J 44 61.31 -3.86 18.33
CA SER J 44 62.62 -3.74 18.94
C SER J 44 63.04 -2.28 19.07
N HIS J 45 62.61 -1.44 18.12
CA HIS J 45 62.94 -0.02 18.18
C HIS J 45 62.29 0.64 19.40
N LEU J 46 61.03 0.31 19.68
CA LEU J 46 60.34 0.89 20.82
C LEU J 46 60.84 0.32 22.13
N ALA J 47 61.33 -0.92 22.13
CA ALA J 47 61.81 -1.54 23.36
C ALA J 47 63.04 -0.83 23.90
N ILE J 48 63.95 -0.41 23.02
CA ILE J 48 65.16 0.27 23.46
C ILE J 48 64.82 1.66 23.99
N LYS J 49 63.85 2.32 23.40
CA LYS J 49 63.42 3.63 23.88
C LYS J 49 62.88 3.54 25.30
N LEU J 50 62.09 2.50 25.58
CA LEU J 50 61.55 2.31 26.92
C LEU J 50 62.66 2.07 27.94
N ILE J 51 63.65 1.26 27.59
CA ILE J 51 64.72 0.92 28.52
C ILE J 51 65.50 2.17 28.90
N GLU J 52 65.79 3.04 27.93
CA GLU J 52 66.54 4.26 28.22
C GLU J 52 65.78 5.17 29.16
N GLN J 53 64.45 5.24 29.01
CA GLN J 53 63.65 6.09 29.88
C GLN J 53 63.67 5.58 31.32
N GLU J 54 63.62 4.25 31.50
CA GLU J 54 63.53 3.68 32.84
C GLU J 54 64.80 3.93 33.65
N ILE J 55 65.97 3.76 33.02
CA ILE J 55 67.24 3.90 33.73
C ILE J 55 67.64 5.36 33.77
N ASP J 56 68.57 5.70 34.65
CA ASP J 56 69.01 7.07 34.84
C ASP J 56 70.25 7.36 34.01
N PRO J 57 70.48 8.62 33.64
CA PRO J 57 71.71 8.98 32.94
C PRO J 57 72.93 8.78 33.82
N ASP J 58 74.10 9.04 33.24
CA ASP J 58 75.39 8.88 33.91
C ASP J 58 75.66 7.42 34.27
N SER J 59 74.96 6.48 33.63
CA SER J 59 75.15 5.06 33.86
C SER J 59 75.86 4.43 32.67
N THR J 60 76.75 3.49 32.97
CA THR J 60 77.49 2.76 31.94
C THR J 60 76.71 1.50 31.55
N ILE J 61 76.54 1.29 30.25
CA ILE J 61 75.75 0.19 29.73
C ILE J 61 76.63 -0.70 28.86
N LEU J 62 76.57 -2.01 29.10
CA LEU J 62 77.23 -2.98 28.25
C LEU J 62 76.23 -3.53 27.24
N ASP J 63 76.62 -3.56 25.97
CA ASP J 63 75.78 -4.07 24.90
C ASP J 63 76.41 -5.37 24.40
N ILE J 64 75.84 -6.50 24.81
CA ILE J 64 76.38 -7.81 24.51
C ILE J 64 75.95 -8.21 23.09
N GLY J 65 76.92 -8.62 22.27
CA GLY J 65 76.64 -9.00 20.90
C GLY J 65 76.05 -7.85 20.11
N SER J 66 76.67 -6.69 20.23
CA SER J 66 76.09 -5.46 19.72
C SER J 66 76.27 -5.31 18.22
N ALA J 67 75.43 -4.46 17.63
CA ALA J 67 75.65 -3.91 16.31
C ALA J 67 75.90 -2.42 16.49
N PRO J 68 77.16 -1.96 16.45
CA PRO J 68 77.47 -0.61 16.95
C PRO J 68 76.82 0.51 16.16
N ALA J 69 76.34 0.27 14.94
CA ALA J 69 75.72 1.32 14.16
C ALA J 69 74.39 1.79 14.74
N ARG J 70 73.72 0.95 15.53
CA ARG J 70 72.43 1.34 16.10
C ARG J 70 72.57 2.28 17.29
N ARG J 71 73.75 2.34 17.91
CA ARG J 71 73.98 3.17 19.08
C ARG J 71 74.76 4.44 18.77
N MET J 72 74.98 4.74 17.48
CA MET J 72 75.91 5.79 17.11
C MET J 72 75.33 7.19 17.33
N MET J 73 74.01 7.34 17.31
CA MET J 73 73.36 8.62 17.51
C MET J 73 72.75 8.77 18.91
N SER J 74 73.15 7.93 19.85
CA SER J 74 72.62 8.01 21.20
C SER J 74 73.50 8.89 22.08
N ASP J 75 72.88 9.53 23.07
CA ASP J 75 73.60 10.39 23.99
C ASP J 75 74.02 9.68 25.27
N ARG J 76 73.73 8.39 25.42
CA ARG J 76 74.14 7.63 26.57
C ARG J 76 75.49 6.96 26.32
N LYS J 77 76.13 6.52 27.40
CA LYS J 77 77.45 5.89 27.32
C LYS J 77 77.27 4.38 27.11
N TYR J 78 77.59 3.91 25.91
CA TYR J 78 77.51 2.50 25.57
C TYR J 78 78.92 1.94 25.41
N HIS J 79 79.09 0.68 25.82
CA HIS J 79 80.32 -0.07 25.59
C HIS J 79 79.96 -1.30 24.79
N CYS J 80 80.30 -1.29 23.51
CA CYS J 80 79.89 -2.36 22.59
C CYS J 80 80.88 -3.51 22.63
N VAL J 81 80.37 -4.70 22.92
CA VAL J 81 81.17 -5.92 22.94
C VAL J 81 80.89 -6.66 21.63
N CYS J 82 81.86 -6.65 20.72
CA CYS J 82 81.66 -7.16 19.37
C CYS J 82 82.75 -8.16 19.00
N PRO J 83 82.57 -9.43 19.34
CA PRO J 83 83.40 -10.47 18.74
C PRO J 83 82.94 -10.76 17.32
N MET J 84 83.81 -11.41 16.55
CA MET J 84 83.52 -11.72 15.16
C MET J 84 83.36 -13.24 15.04
N ARG J 85 82.14 -13.71 15.28
CA ARG J 85 81.85 -15.14 15.29
C ARG J 85 80.76 -15.55 14.31
N SER J 86 80.08 -14.60 13.68
CA SER J 86 79.05 -14.91 12.69
C SER J 86 79.42 -14.27 11.35
N ALA J 87 78.91 -14.85 10.27
CA ALA J 87 79.25 -14.40 8.93
C ALA J 87 78.65 -13.03 8.59
N GLU J 88 77.71 -12.53 9.37
CA GLU J 88 77.11 -11.23 9.14
C GLU J 88 77.84 -10.11 9.87
N ASP J 89 78.90 -10.42 10.62
CA ASP J 89 79.60 -9.44 11.44
C ASP J 89 80.52 -8.52 10.64
N PRO J 90 81.31 -9.02 9.68
CA PRO J 90 82.17 -8.10 8.91
C PRO J 90 81.40 -7.00 8.20
N GLU J 91 80.18 -7.29 7.74
CA GLU J 91 79.37 -6.26 7.08
C GLU J 91 78.89 -5.22 8.07
N ARG J 92 78.56 -5.65 9.30
CA ARG J 92 78.10 -4.71 10.32
C ARG J 92 79.23 -3.76 10.73
N LEU J 93 80.45 -4.26 10.80
CA LEU J 93 81.58 -3.40 11.14
C LEU J 93 81.83 -2.35 10.07
N ALA J 94 81.74 -2.73 8.80
CA ALA J 94 81.95 -1.78 7.72
C ALA J 94 80.88 -0.70 7.70
N ASN J 95 79.63 -1.09 7.97
CA ASN J 95 78.54 -0.11 8.03
C ASN J 95 78.78 0.90 9.15
N TYR J 96 79.40 0.46 10.24
CA TYR J 96 79.69 1.37 11.36
C TYR J 96 80.71 2.42 10.94
N ALA J 97 81.76 2.01 10.23
CA ALA J 97 82.81 2.95 9.85
C ALA J 97 82.31 3.95 8.81
N ARG J 98 81.46 3.51 7.87
CA ARG J 98 80.96 4.41 6.84
C ARG J 98 80.09 5.51 7.46
N LYS J 99 79.25 5.16 8.43
CA LYS J 99 78.39 6.15 9.06
C LYS J 99 79.17 7.13 9.91
N LEU J 100 80.27 6.68 10.53
CA LEU J 100 81.06 7.58 11.36
C LEU J 100 81.77 8.64 10.52
N ALA J 101 82.39 8.22 9.42
CA ALA J 101 83.14 9.16 8.58
C ALA J 101 82.21 10.15 7.88
N SER J 102 81.00 9.72 7.51
CA SER J 102 80.06 10.59 6.84
C SER J 102 79.37 11.57 7.79
N ALA J 103 79.57 11.43 9.09
CA ALA J 103 78.97 12.34 10.07
C ALA J 103 80.00 13.19 10.80
N ALA J 104 81.29 12.97 10.58
CA ALA J 104 82.31 13.77 11.23
C ALA J 104 82.26 15.21 10.74
N GLY J 105 82.27 16.15 11.68
CA GLY J 105 82.19 17.55 11.36
C GLY J 105 80.79 18.09 11.15
N LYS J 106 79.76 17.25 11.26
CA LYS J 106 78.39 17.67 11.08
C LYS J 106 77.52 17.48 12.32
N VAL J 107 77.83 16.49 13.16
CA VAL J 107 77.11 16.27 14.41
C VAL J 107 78.08 16.58 15.56
N LEU J 108 77.65 17.45 16.48
CA LEU J 108 78.51 17.89 17.56
C LEU J 108 78.04 17.45 18.95
N ASP J 109 76.75 17.21 19.14
CA ASP J 109 76.25 16.80 20.44
C ASP J 109 76.82 15.46 20.87
N ARG J 110 76.87 14.50 19.95
CA ARG J 110 77.40 13.18 20.24
C ARG J 110 78.92 13.18 20.19
N ASN J 111 79.52 12.21 20.88
CA ASN J 111 80.97 12.12 20.97
C ASN J 111 81.48 11.35 19.75
N ILE J 112 81.38 12.02 18.60
CA ILE J 112 81.76 11.40 17.34
C ILE J 112 83.27 11.28 17.23
N SER J 113 84.00 12.31 17.67
CA SER J 113 85.46 12.29 17.55
C SER J 113 86.08 11.20 18.40
N GLY J 114 85.57 11.00 19.62
CA GLY J 114 86.11 9.95 20.46
C GLY J 114 85.82 8.56 19.92
N LYS J 115 84.64 8.37 19.33
CA LYS J 115 84.31 7.06 18.76
C LYS J 115 85.23 6.71 17.60
N ILE J 116 85.56 7.68 16.75
CA ILE J 116 86.49 7.44 15.65
C ILE J 116 87.87 7.11 16.20
N GLY J 117 88.32 7.87 17.21
CA GLY J 117 89.61 7.59 17.81
C GLY J 117 89.66 6.23 18.49
N ASP J 118 88.54 5.80 19.07
CA ASP J 118 88.50 4.50 19.73
C ASP J 118 88.61 3.36 18.72
N LEU J 119 87.97 3.50 17.56
CA LEU J 119 88.01 2.44 16.55
C LEU J 119 89.42 2.26 16.00
N GLN J 120 90.15 3.36 15.77
CA GLN J 120 91.49 3.26 15.22
C GLN J 120 92.44 2.55 16.17
N ALA J 121 92.31 2.82 17.48
CA ALA J 121 93.22 2.22 18.46
C ALA J 121 93.07 0.70 18.48
N VAL J 122 91.84 0.20 18.38
CA VAL J 122 91.62 -1.24 18.41
C VAL J 122 92.24 -1.91 17.18
N MET J 123 92.18 -1.24 16.03
CA MET J 123 92.75 -1.81 14.81
C MET J 123 94.26 -2.02 14.94
N ALA J 124 94.96 -1.05 15.53
CA ALA J 124 96.41 -1.19 15.69
C ALA J 124 96.75 -2.30 16.67
N VAL J 125 96.15 -2.29 17.85
CA VAL J 125 96.37 -3.30 18.86
C VAL J 125 95.03 -3.95 19.20
N PRO J 126 94.75 -5.13 18.67
CA PRO J 126 93.43 -5.76 18.91
C PRO J 126 93.36 -6.46 20.26
N ASP J 127 93.84 -5.82 21.31
CA ASP J 127 93.74 -6.39 22.66
C ASP J 127 93.44 -5.36 23.73
N THR J 128 93.22 -4.10 23.37
CA THR J 128 93.01 -3.04 24.35
C THR J 128 91.53 -2.78 24.55
N GLU J 129 91.17 -2.41 25.77
CA GLU J 129 89.80 -2.03 26.09
C GLU J 129 89.65 -0.52 25.96
N THR J 130 88.63 -0.09 25.23
CA THR J 130 88.31 1.31 25.04
C THR J 130 86.96 1.62 25.69
N PRO J 131 86.69 2.89 26.00
CA PRO J 131 85.40 3.22 26.64
C PRO J 131 84.19 2.84 25.81
N THR J 132 84.31 2.73 24.48
CA THR J 132 83.17 2.48 23.63
C THR J 132 83.25 1.23 22.76
N PHE J 133 84.38 0.51 22.77
CA PHE J 133 84.51 -0.60 21.83
C PHE J 133 85.56 -1.58 22.34
N CYS J 134 85.32 -2.86 22.08
CA CYS J 134 86.27 -3.92 22.38
C CYS J 134 85.94 -5.12 21.50
N LEU J 135 86.88 -6.07 21.41
CA LEU J 135 86.75 -7.23 20.54
C LEU J 135 86.64 -8.54 21.31
N HIS J 136 86.33 -8.48 22.61
CA HIS J 136 86.27 -9.69 23.42
C HIS J 136 84.85 -10.26 23.40
N THR J 137 84.63 -11.33 24.16
CA THR J 137 83.32 -11.93 24.32
C THR J 137 82.72 -11.50 25.66
N ASP J 138 81.53 -12.02 25.96
CA ASP J 138 80.85 -11.64 27.19
C ASP J 138 81.54 -12.20 28.43
N VAL J 139 82.48 -13.12 28.27
CA VAL J 139 83.16 -13.74 29.40
C VAL J 139 84.52 -13.08 29.63
N SER J 140 85.21 -12.75 28.55
CA SER J 140 86.58 -12.27 28.63
C SER J 140 86.69 -10.74 28.65
N CYS J 141 85.59 -10.01 28.55
CA CYS J 141 85.65 -8.56 28.65
C CYS J 141 85.97 -8.14 30.08
N ARG J 142 86.66 -7.02 30.21
CA ARG J 142 87.15 -6.57 31.52
C ARG J 142 86.55 -5.23 31.96
N GLN J 143 85.68 -4.64 31.15
CA GLN J 143 85.08 -3.36 31.52
C GLN J 143 84.03 -3.54 32.60
N ARG J 144 83.94 -2.58 33.51
CA ARG J 144 82.96 -2.60 34.59
C ARG J 144 81.85 -1.60 34.31
N ALA J 145 80.61 -2.02 34.57
CA ALA J 145 79.44 -1.18 34.34
C ALA J 145 78.38 -1.53 35.35
N ASP J 146 77.16 -1.05 35.11
CA ASP J 146 76.03 -1.35 35.99
C ASP J 146 74.76 -1.78 35.28
N VAL J 147 74.71 -1.72 33.95
CA VAL J 147 73.57 -2.16 33.16
C VAL J 147 74.07 -3.00 32.00
N ALA J 148 73.34 -4.08 31.71
CA ALA J 148 73.64 -4.96 30.58
C ALA J 148 72.38 -5.15 29.75
N ILE J 149 72.55 -5.19 28.43
CA ILE J 149 71.43 -5.29 27.49
C ILE J 149 71.71 -6.40 26.49
N TYR J 150 70.73 -7.29 26.32
CA TYR J 150 70.76 -8.33 25.28
C TYR J 150 69.61 -8.07 24.31
N GLN J 151 69.95 -7.76 23.07
CA GLN J 151 68.94 -7.48 22.03
C GLN J 151 69.05 -8.56 20.95
N ASP J 152 68.07 -9.46 20.93
CA ASP J 152 67.99 -10.54 19.94
C ASP J 152 69.25 -11.41 19.96
N VAL J 153 69.62 -11.88 21.15
CA VAL J 153 70.78 -12.75 21.34
C VAL J 153 70.27 -14.11 21.78
N TYR J 154 70.61 -15.15 21.01
CA TYR J 154 70.16 -16.51 21.29
C TYR J 154 71.29 -17.51 21.37
N ALA J 155 72.54 -17.05 21.49
CA ALA J 155 73.69 -17.94 21.33
C ALA J 155 74.53 -18.09 22.60
N VAL J 156 73.98 -17.76 23.77
CA VAL J 156 74.72 -17.87 25.02
C VAL J 156 73.90 -18.64 26.04
N HIS J 157 74.58 -19.22 27.01
CA HIS J 157 73.94 -19.92 28.12
C HIS J 157 73.62 -18.90 29.21
N ALA J 158 72.34 -18.76 29.55
CA ALA J 158 71.90 -17.64 30.38
C ALA J 158 72.52 -17.63 31.78
N PRO J 159 72.45 -18.71 32.58
CA PRO J 159 73.05 -18.61 33.93
C PRO J 159 74.54 -18.35 33.92
N THR J 160 75.27 -18.88 32.94
CA THR J 160 76.71 -18.66 32.88
C THR J 160 77.03 -17.23 32.51
N SER J 161 76.32 -16.67 31.53
CA SER J 161 76.58 -15.31 31.09
C SER J 161 76.24 -14.30 32.18
N LEU J 162 75.14 -14.51 32.89
CA LEU J 162 74.71 -13.56 33.92
C LEU J 162 75.69 -13.53 35.08
N TYR J 163 76.26 -14.68 35.44
CA TYR J 163 77.18 -14.74 36.57
C TYR J 163 78.43 -13.89 36.31
N HIS J 164 78.95 -13.93 35.09
CA HIS J 164 80.15 -13.15 34.77
C HIS J 164 79.85 -11.67 34.72
N GLN J 165 78.61 -11.29 34.39
CA GLN J 165 78.23 -9.88 34.43
C GLN J 165 78.14 -9.38 35.86
N ALA J 166 77.68 -10.23 36.79
CA ALA J 166 77.43 -9.82 38.16
C ALA J 166 78.71 -9.56 38.94
N ILE J 167 79.79 -10.30 38.66
CA ILE J 167 81.02 -10.16 39.42
C ILE J 167 81.77 -8.92 38.98
N LYS J 168 81.24 -8.21 37.98
CA LYS J 168 81.80 -6.93 37.54
C LYS J 168 80.96 -5.75 38.01
N GLY J 169 79.97 -5.98 38.84
CA GLY J 169 79.18 -4.89 39.42
C GLY J 169 77.88 -4.58 38.73
N VAL J 170 77.43 -5.43 37.81
CA VAL J 170 76.17 -5.18 37.11
C VAL J 170 75.01 -5.57 38.02
N ARG J 171 74.03 -4.67 38.15
CA ARG J 171 72.87 -4.91 39.00
C ARG J 171 71.55 -5.01 38.24
N LEU J 172 71.53 -4.72 36.94
CA LEU J 172 70.31 -4.74 36.16
C LEU J 172 70.60 -5.26 34.77
N ALA J 173 69.68 -6.07 34.23
CA ALA J 173 69.85 -6.65 32.91
C ALA J 173 68.51 -6.69 32.19
N TYR J 174 68.57 -6.65 30.85
CA TYR J 174 67.39 -6.70 30.01
C TYR J 174 67.60 -7.70 28.88
N TRP J 175 66.50 -8.33 28.46
CA TRP J 175 66.53 -9.31 27.38
C TRP J 175 65.33 -9.11 26.48
N VAL J 176 65.56 -8.96 25.18
CA VAL J 176 64.52 -8.74 24.19
C VAL J 176 64.59 -9.87 23.16
N GLY J 177 63.46 -10.49 22.89
CA GLY J 177 63.43 -11.58 21.92
C GLY J 177 62.06 -12.20 21.83
N PHE J 178 62.01 -13.30 21.08
CA PHE J 178 60.77 -14.05 20.89
C PHE J 178 60.43 -14.86 22.13
N ASP J 179 59.14 -15.18 22.28
CA ASP J 179 58.68 -15.96 23.42
C ASP J 179 59.22 -17.39 23.35
N THR J 180 59.68 -17.90 24.49
CA THR J 180 60.26 -19.23 24.57
C THR J 180 59.26 -20.29 25.02
N THR J 181 57.99 -19.91 25.21
CA THR J 181 57.00 -20.88 25.67
C THR J 181 56.78 -22.06 24.72
N PRO J 182 56.66 -21.87 23.39
CA PRO J 182 56.42 -23.04 22.53
C PRO J 182 57.53 -24.08 22.57
N PHE J 183 58.75 -23.69 22.94
CA PHE J 183 59.85 -24.66 23.01
C PHE J 183 59.88 -25.42 24.32
N MET J 184 59.17 -24.95 25.34
CA MET J 184 59.03 -25.71 26.57
C MET J 184 57.98 -26.81 26.46
N TYR J 185 57.06 -26.68 25.51
CA TYR J 185 56.07 -27.72 25.22
C TYR J 185 56.60 -28.77 24.26
N ASN J 186 57.81 -28.58 23.72
CA ASN J 186 58.49 -29.56 22.87
C ASN J 186 57.73 -29.81 21.56
N ALA J 187 57.37 -28.73 20.88
CA ALA J 187 56.71 -28.82 19.60
C ALA J 187 57.72 -29.06 18.48
N MET J 188 57.22 -29.56 17.35
CA MET J 188 58.07 -29.83 16.19
C MET J 188 58.09 -28.66 15.21
N ALA J 189 57.03 -27.86 15.15
CA ALA J 189 56.98 -26.70 14.26
C ALA J 189 55.96 -25.73 14.81
N GLY J 190 56.02 -24.49 14.32
CA GLY J 190 55.12 -23.46 14.82
C GLY J 190 55.25 -22.19 14.02
N ALA J 191 54.44 -21.20 14.39
CA ALA J 191 54.36 -19.94 13.66
C ALA J 191 54.18 -18.78 14.62
N TYR J 192 54.59 -17.59 14.15
CA TYR J 192 54.29 -16.31 14.79
C TYR J 192 53.60 -15.45 13.74
N PRO J 193 52.29 -15.63 13.55
CA PRO J 193 51.64 -15.05 12.37
C PRO J 193 51.71 -13.53 12.29
N SER J 194 51.73 -12.82 13.42
CA SER J 194 51.73 -11.36 13.38
C SER J 194 53.04 -10.78 12.88
N TYR J 195 54.13 -11.55 12.94
CA TYR J 195 55.45 -11.07 12.54
C TYR J 195 55.96 -11.76 11.29
N SER J 196 55.10 -12.49 10.57
CA SER J 196 55.49 -13.21 9.35
C SER J 196 56.68 -14.15 9.60
N THR J 197 56.64 -14.86 10.73
CA THR J 197 57.72 -15.73 11.14
C THR J 197 57.25 -17.17 11.22
N ASN J 198 58.03 -18.08 10.65
CA ASN J 198 57.79 -19.51 10.72
C ASN J 198 59.09 -20.22 11.08
N TRP J 199 58.96 -21.32 11.84
CA TRP J 199 60.11 -22.12 12.22
C TRP J 199 59.75 -23.59 12.13
N ALA J 200 60.78 -24.43 12.01
CA ALA J 200 60.55 -25.86 11.88
C ALA J 200 61.79 -26.63 12.31
N ASP J 201 61.57 -27.87 12.73
CA ASP J 201 62.67 -28.78 13.01
C ASP J 201 63.36 -29.21 11.72
N GLU J 202 64.65 -29.54 11.82
CA GLU J 202 65.42 -29.91 10.64
C GLU J 202 64.88 -31.17 9.97
N GLN J 203 64.26 -32.07 10.75
CA GLN J 203 63.81 -33.34 10.20
C GLN J 203 62.54 -33.23 9.37
N VAL J 204 61.82 -32.12 9.44
CA VAL J 204 60.55 -31.99 8.74
C VAL J 204 60.59 -30.87 7.69
N LEU J 205 61.78 -30.54 7.19
CA LEU J 205 61.88 -29.49 6.18
C LEU J 205 61.33 -29.89 4.82
N LYS J 206 61.03 -31.18 4.61
CA LYS J 206 60.48 -31.66 3.36
C LYS J 206 58.99 -31.98 3.47
N ALA J 207 58.27 -31.28 4.33
CA ALA J 207 56.85 -31.51 4.50
C ALA J 207 56.08 -30.83 3.37
N LYS J 208 54.76 -30.76 3.49
CA LYS J 208 53.93 -30.24 2.40
C LYS J 208 53.07 -29.06 2.81
N ASN J 209 52.50 -29.05 4.02
CA ASN J 209 51.48 -28.07 4.37
C ASN J 209 51.79 -27.35 5.67
N ILE J 210 53.06 -27.05 5.94
CA ILE J 210 53.42 -26.21 7.07
C ILE J 210 54.02 -24.92 6.53
N GLY J 211 54.36 -23.99 7.44
CA GLY J 211 54.79 -22.68 6.99
C GLY J 211 56.11 -22.68 6.25
N LEU J 212 57.05 -23.52 6.66
CA LEU J 212 58.40 -23.53 6.12
C LEU J 212 58.74 -24.95 5.65
N CYS J 213 58.58 -25.20 4.36
CA CYS J 213 58.79 -26.53 3.80
C CYS J 213 58.88 -26.44 2.28
N SER J 214 59.32 -27.54 1.67
CA SER J 214 59.39 -27.67 0.22
C SER J 214 59.35 -29.15 -0.14
N THR J 215 58.63 -29.50 -1.20
CA THR J 215 58.48 -30.89 -1.61
C THR J 215 58.43 -30.95 -3.14
N ASP J 216 58.19 -32.15 -3.67
CA ASP J 216 58.19 -32.38 -5.11
C ASP J 216 56.94 -33.14 -5.52
N LEU J 217 56.76 -33.27 -6.84
CA LEU J 217 55.69 -34.06 -7.40
C LEU J 217 56.16 -35.49 -7.67
N THR J 218 55.31 -36.46 -7.37
CA THR J 218 55.67 -37.86 -7.57
C THR J 218 54.42 -38.68 -7.81
N GLU J 219 54.61 -39.85 -8.43
CA GLU J 219 53.52 -40.76 -8.72
C GLU J 219 53.29 -41.78 -7.62
N GLY J 220 54.31 -42.12 -6.85
CA GLY J 220 54.16 -43.04 -5.76
C GLY J 220 54.72 -44.42 -6.02
N ARG J 221 55.89 -44.71 -5.49
CA ARG J 221 56.50 -46.03 -5.61
C ARG J 221 56.27 -46.80 -4.31
N ARG J 222 56.82 -48.00 -4.21
CA ARG J 222 56.56 -48.84 -3.05
C ARG J 222 57.82 -49.33 -2.36
N GLY J 223 58.87 -49.65 -3.11
CA GLY J 223 60.02 -50.31 -2.52
C GLY J 223 60.78 -49.51 -1.49
N LYS J 224 61.52 -48.49 -1.94
CA LYS J 224 62.38 -47.68 -1.08
C LYS J 224 63.09 -48.53 -0.04
N LEU J 225 63.82 -49.54 -0.53
CA LEU J 225 64.38 -50.58 0.33
C LEU J 225 65.51 -50.00 1.17
N SER J 226 65.22 -49.71 2.43
CA SER J 226 66.21 -49.26 3.40
C SER J 226 66.08 -50.14 4.63
N ILE J 227 67.06 -51.02 4.84
CA ILE J 227 67.00 -51.99 5.93
C ILE J 227 67.00 -51.28 7.29
N MET J 228 67.87 -50.28 7.44
CA MET J 228 67.95 -49.55 8.70
C MET J 228 66.64 -48.82 8.96
N ARG J 229 66.15 -48.94 10.19
CA ARG J 229 64.84 -48.41 10.57
C ARG J 229 65.00 -47.14 11.38
N GLY J 230 64.27 -46.10 10.99
CA GLY J 230 64.13 -44.95 11.87
C GLY J 230 63.27 -45.26 13.08
N LYS J 231 62.06 -45.74 12.84
CA LYS J 231 61.19 -46.34 13.85
C LYS J 231 60.71 -45.32 14.87
N LYS J 232 61.17 -44.08 14.76
CA LYS J 232 60.86 -43.08 15.78
C LYS J 232 61.18 -41.70 15.21
N LEU J 233 60.34 -40.72 15.56
CA LEU J 233 60.48 -39.35 15.07
C LEU J 233 60.22 -38.41 16.24
N GLU J 234 61.29 -37.87 16.81
CA GLU J 234 61.22 -36.96 17.95
C GLU J 234 62.05 -35.73 17.68
N PRO J 235 61.74 -34.61 18.34
CA PRO J 235 62.50 -33.38 18.09
C PRO J 235 63.97 -33.52 18.41
N CYS J 236 64.80 -32.83 17.63
N CYS J 236 64.79 -32.83 17.63
CA CYS J 236 66.24 -32.80 17.81
CA CYS J 236 66.24 -32.80 17.79
C CYS J 236 66.68 -31.38 18.11
C CYS J 236 66.68 -31.38 18.13
N ASP J 237 68.00 -31.21 18.28
CA ASP J 237 68.53 -29.91 18.68
C ASP J 237 68.40 -28.85 17.61
N ARG J 238 68.61 -29.19 16.34
CA ARG J 238 68.69 -28.19 15.28
C ARG J 238 67.31 -27.66 14.93
N VAL J 239 67.20 -26.34 14.84
CA VAL J 239 65.95 -25.66 14.50
C VAL J 239 66.27 -24.49 13.57
N LEU J 240 65.44 -24.31 12.54
CA LEU J 240 65.61 -23.23 11.58
C LEU J 240 64.54 -22.17 11.79
N PHE J 241 64.95 -20.90 11.75
CA PHE J 241 64.06 -19.76 11.90
C PHE J 241 64.03 -18.97 10.59
N SER J 242 62.87 -18.38 10.29
CA SER J 242 62.69 -17.58 9.07
C SER J 242 61.83 -16.36 9.42
N VAL J 243 62.48 -15.21 9.58
CA VAL J 243 61.81 -13.95 9.85
C VAL J 243 61.76 -13.17 8.54
N GLY J 244 60.56 -13.00 7.99
CA GLY J 244 60.43 -12.42 6.67
C GLY J 244 61.05 -13.32 5.62
N SER J 245 62.19 -12.90 5.08
CA SER J 245 62.97 -13.74 4.17
C SER J 245 64.40 -13.95 4.66
N THR J 246 64.64 -13.78 5.96
CA THR J 246 65.95 -13.96 6.55
C THR J 246 65.98 -15.25 7.36
N LEU J 247 67.03 -16.04 7.16
CA LEU J 247 67.15 -17.36 7.78
C LEU J 247 68.14 -17.33 8.93
N TYR J 248 67.76 -17.93 10.05
CA TYR J 248 68.59 -18.01 11.24
C TYR J 248 68.55 -19.41 11.84
N PRO J 249 69.69 -20.08 12.01
CA PRO J 249 69.71 -21.35 12.73
C PRO J 249 69.84 -21.14 14.24
N GLU J 250 69.13 -21.96 15.00
CA GLU J 250 69.14 -21.87 16.45
C GLU J 250 69.36 -23.25 17.06
N SER J 251 69.49 -23.28 18.39
CA SER J 251 69.68 -24.50 19.15
C SER J 251 68.64 -24.56 20.26
N ARG J 252 68.05 -25.75 20.45
CA ARG J 252 66.99 -25.91 21.44
C ARG J 252 67.50 -25.73 22.86
N LYS J 253 68.72 -26.20 23.15
CA LYS J 253 69.24 -26.13 24.51
C LYS J 253 69.40 -24.69 24.97
N LEU J 254 69.92 -23.82 24.10
CA LEU J 254 70.16 -22.44 24.50
C LEU J 254 68.87 -21.64 24.59
N LEU J 255 67.89 -21.95 23.73
CA LEU J 255 66.61 -21.26 23.80
C LEU J 255 65.90 -21.51 25.12
N LYS J 256 65.92 -22.76 25.59
CA LYS J 256 65.22 -23.10 26.83
C LYS J 256 65.92 -22.53 28.05
N SER J 257 67.19 -22.16 27.93
CA SER J 257 67.93 -21.65 29.08
C SER J 257 67.52 -20.25 29.47
N TRP J 258 66.81 -19.53 28.61
CA TRP J 258 66.33 -18.20 28.93
C TRP J 258 64.91 -18.21 29.50
N HIS J 259 64.31 -19.38 29.68
CA HIS J 259 63.01 -19.52 30.34
C HIS J 259 63.27 -19.64 31.84
N LEU J 260 63.62 -18.51 32.45
CA LEU J 260 64.06 -18.51 33.83
C LEU J 260 62.87 -18.43 34.79
N PRO J 261 63.00 -19.02 35.98
CA PRO J 261 61.96 -18.91 36.99
C PRO J 261 61.94 -17.50 37.59
N SER J 262 60.97 -17.26 38.47
CA SER J 262 60.82 -15.94 39.06
C SER J 262 61.91 -15.64 40.08
N VAL J 263 62.49 -16.67 40.69
CA VAL J 263 63.52 -16.49 41.71
C VAL J 263 64.54 -17.63 41.57
N PHE J 264 65.83 -17.28 41.62
CA PHE J 264 66.87 -18.29 41.52
C PHE J 264 68.15 -17.77 42.19
N HIS J 265 69.07 -18.69 42.45
CA HIS J 265 70.32 -18.41 43.13
C HIS J 265 71.51 -18.73 42.24
N LEU J 266 72.57 -17.92 42.35
CA LEU J 266 73.84 -18.16 41.67
C LEU J 266 74.90 -18.35 42.73
N LYS J 267 75.42 -19.57 42.85
CA LYS J 267 76.36 -19.94 43.91
C LYS J 267 77.73 -20.23 43.31
N GLY J 268 78.73 -19.46 43.73
CA GLY J 268 80.09 -19.68 43.31
C GLY J 268 81.07 -19.14 44.33
N LYS J 269 82.15 -18.50 43.85
CA LYS J 269 83.03 -17.78 44.77
C LYS J 269 82.28 -16.65 45.45
N LEU J 270 81.45 -15.94 44.69
CA LEU J 270 80.49 -14.98 45.22
C LEU J 270 79.09 -15.47 44.95
N SER J 271 78.16 -15.12 45.83
CA SER J 271 76.79 -15.59 45.77
C SER J 271 75.84 -14.42 45.50
N PHE J 272 74.79 -14.70 44.74
CA PHE J 272 73.82 -13.68 44.36
C PHE J 272 72.42 -14.24 44.40
N THR J 273 71.44 -13.35 44.59
CA THR J 273 70.03 -13.68 44.57
C THR J 273 69.36 -12.86 43.47
N CYS J 274 68.61 -13.52 42.60
CA CYS J 274 68.14 -12.91 41.37
C CYS J 274 66.63 -13.07 41.21
N ARG J 275 66.05 -12.16 40.43
CA ARG J 275 64.62 -12.13 40.16
C ARG J 275 64.40 -11.81 38.69
N CYS J 276 63.42 -12.48 38.07
CA CYS J 276 63.10 -12.29 36.66
C CYS J 276 61.63 -11.94 36.52
N ASP J 277 61.34 -10.98 35.65
CA ASP J 277 59.99 -10.48 35.48
C ASP J 277 59.78 -10.01 34.05
N THR J 278 58.57 -10.22 33.53
CA THR J 278 58.20 -9.83 32.18
C THR J 278 57.41 -8.53 32.23
N VAL J 279 57.85 -7.54 31.47
CA VAL J 279 57.25 -6.21 31.54
C VAL J 279 56.47 -5.84 30.28
N VAL J 280 56.84 -6.37 29.11
CA VAL J 280 56.14 -6.09 27.87
C VAL J 280 55.85 -7.41 27.16
N SER J 281 54.70 -7.50 26.51
CA SER J 281 54.32 -8.69 25.77
C SER J 281 53.36 -8.29 24.65
N CYS J 282 53.66 -8.71 23.42
CA CYS J 282 52.80 -8.37 22.29
C CYS J 282 52.87 -9.49 21.26
N GLU J 283 51.92 -10.43 21.36
CA GLU J 283 51.71 -11.47 20.34
C GLU J 283 52.97 -12.30 20.08
N GLY J 284 53.67 -12.69 21.14
CA GLY J 284 54.82 -13.55 21.03
C GLY J 284 56.16 -12.86 21.15
N TYR J 285 56.18 -11.54 21.32
CA TYR J 285 57.41 -10.78 21.51
C TYR J 285 57.40 -10.20 22.91
N VAL J 286 58.49 -10.37 23.64
CA VAL J 286 58.53 -10.05 25.07
C VAL J 286 59.78 -9.25 25.41
N VAL J 287 59.71 -8.57 26.55
CA VAL J 287 60.84 -7.90 27.17
C VAL J 287 60.93 -8.38 28.62
N LYS J 288 62.12 -8.77 29.05
CA LYS J 288 62.34 -9.30 30.39
C LYS J 288 63.31 -8.41 31.16
N ARG J 289 63.12 -8.35 32.47
CA ARG J 289 63.92 -7.54 33.37
C ARG J 289 64.43 -8.39 34.51
N ILE J 290 65.75 -8.33 34.75
CA ILE J 290 66.41 -9.19 35.73
C ILE J 290 67.26 -8.32 36.65
N THR J 291 67.13 -8.54 37.96
CA THR J 291 67.93 -7.87 38.97
C THR J 291 68.75 -8.88 39.75
N MET J 292 69.93 -8.46 40.19
CA MET J 292 70.82 -9.32 40.97
C MET J 292 71.34 -8.56 42.18
N SER J 293 71.36 -9.24 43.33
CA SER J 293 71.84 -8.67 44.58
C SER J 293 72.77 -9.64 45.28
N PRO J 294 73.76 -9.13 46.02
CA PRO J 294 74.69 -10.02 46.72
C PRO J 294 74.05 -10.70 47.92
N GLY J 295 74.46 -11.94 48.16
CA GLY J 295 73.96 -12.71 49.30
C GLY J 295 72.92 -13.73 48.90
N LEU J 296 72.52 -14.53 49.90
CA LEU J 296 71.53 -15.58 49.73
C LEU J 296 70.36 -15.30 50.66
N TYR J 297 69.18 -15.08 50.09
CA TYR J 297 67.98 -14.78 50.86
C TYR J 297 66.80 -15.60 50.36
N GLY J 298 65.94 -16.01 51.27
CA GLY J 298 64.72 -16.70 50.90
C GLY J 298 64.94 -18.14 50.45
N LYS J 299 63.93 -18.67 49.77
CA LYS J 299 63.98 -20.02 49.23
C LYS J 299 63.34 -20.03 47.84
N THR J 300 63.63 -21.08 47.09
CA THR J 300 63.20 -21.19 45.70
C THR J 300 62.24 -22.36 45.54
N THR J 301 61.32 -22.24 44.59
CA THR J 301 60.40 -23.31 44.23
C THR J 301 60.70 -23.94 42.88
N GLY J 302 61.12 -23.14 41.90
CA GLY J 302 61.45 -23.67 40.59
C GLY J 302 60.33 -23.66 39.58
N TYR J 303 59.41 -22.71 39.67
CA TYR J 303 58.28 -22.63 38.75
C TYR J 303 58.38 -21.38 37.90
N ALA J 304 58.07 -21.51 36.61
CA ALA J 304 58.01 -20.40 35.68
C ALA J 304 56.59 -20.27 35.16
N VAL J 305 56.08 -19.04 35.12
CA VAL J 305 54.68 -18.77 34.81
C VAL J 305 54.60 -17.88 33.57
N THR J 306 53.68 -18.22 32.66
CA THR J 306 53.42 -17.43 31.47
C THR J 306 51.95 -17.05 31.43
N HIS J 307 51.66 -15.77 31.23
CA HIS J 307 50.30 -15.26 31.16
C HIS J 307 49.90 -15.10 29.71
N HIS J 308 48.72 -15.61 29.35
CA HIS J 308 48.23 -15.60 27.98
C HIS J 308 47.18 -14.52 27.82
N ALA J 309 47.48 -13.50 27.02
CA ALA J 309 46.50 -12.47 26.68
C ALA J 309 45.61 -12.90 25.52
N ASP J 310 46.12 -13.74 24.62
CA ASP J 310 45.34 -14.34 23.56
C ASP J 310 45.46 -15.86 23.63
N GLY J 311 44.80 -16.53 22.70
CA GLY J 311 44.80 -17.99 22.70
C GLY J 311 46.13 -18.58 22.28
N PHE J 312 46.43 -19.74 22.84
CA PHE J 312 47.61 -20.51 22.46
C PHE J 312 47.18 -21.95 22.20
N LEU J 313 47.65 -22.53 21.09
CA LEU J 313 47.19 -23.84 20.65
C LEU J 313 48.38 -24.75 20.37
N MET J 314 48.15 -26.04 20.55
CA MET J 314 49.12 -27.07 20.19
C MET J 314 48.33 -28.34 19.87
N CYS J 315 48.49 -28.87 18.67
CA CYS J 315 47.66 -29.97 18.20
C CYS J 315 48.50 -30.96 17.40
N LYS J 316 47.89 -32.13 17.15
CA LYS J 316 48.50 -33.17 16.34
C LYS J 316 48.00 -33.08 14.91
N THR J 317 48.91 -33.22 13.95
CA THR J 317 48.57 -33.09 12.55
C THR J 317 49.24 -34.21 11.76
N THR J 318 48.66 -34.53 10.60
CA THR J 318 49.15 -35.58 9.73
C THR J 318 49.58 -34.97 8.40
N ASP J 319 50.78 -35.33 7.95
CA ASP J 319 51.34 -34.80 6.72
C ASP J 319 52.24 -35.87 6.10
N THR J 320 52.70 -35.58 4.88
CA THR J 320 53.64 -36.45 4.19
C THR J 320 55.00 -35.76 4.11
N VAL J 321 56.03 -36.43 4.63
CA VAL J 321 57.39 -35.92 4.62
C VAL J 321 58.18 -36.78 3.65
N ASP J 322 58.63 -36.18 2.55
CA ASP J 322 59.33 -36.89 1.47
C ASP J 322 58.47 -38.03 0.92
N GLY J 323 57.16 -37.81 0.87
CA GLY J 323 56.23 -38.78 0.33
C GLY J 323 55.70 -39.80 1.31
N GLU J 324 56.16 -39.78 2.57
CA GLU J 324 55.77 -40.75 3.56
C GLU J 324 54.90 -40.09 4.62
N ARG J 325 53.75 -40.71 4.92
CA ARG J 325 52.78 -40.14 5.84
C ARG J 325 53.23 -40.33 7.29
N VAL J 326 53.24 -39.25 8.06
CA VAL J 326 53.68 -39.24 9.46
C VAL J 326 52.78 -38.28 10.24
N SER J 327 53.03 -38.21 11.55
CA SER J 327 52.27 -37.34 12.45
C SER J 327 53.20 -36.65 13.43
N PHE J 328 52.95 -35.38 13.70
CA PHE J 328 53.74 -34.62 14.67
C PHE J 328 52.90 -33.43 15.14
N SER J 329 53.49 -32.60 16.00
CA SER J 329 52.77 -31.53 16.69
C SER J 329 53.15 -30.16 16.15
N VAL J 330 52.20 -29.23 16.23
CA VAL J 330 52.32 -27.88 15.68
C VAL J 330 51.65 -26.90 16.63
N CYS J 331 52.21 -25.70 16.77
CA CYS J 331 51.68 -24.67 17.65
C CYS J 331 51.49 -23.36 16.89
N THR J 332 50.63 -22.49 17.44
CA THR J 332 50.31 -21.20 16.82
C THR J 332 49.60 -20.34 17.85
N TYR J 333 49.36 -19.07 17.48
CA TYR J 333 48.65 -18.10 18.30
C TYR J 333 47.35 -17.70 17.63
N VAL J 334 46.33 -17.41 18.44
CA VAL J 334 45.00 -17.08 17.94
C VAL J 334 44.52 -15.78 18.57
N PRO J 335 43.94 -14.86 17.81
CA PRO J 335 43.45 -13.60 18.40
C PRO J 335 42.32 -13.83 19.40
N ALA J 336 42.25 -12.94 20.38
CA ALA J 336 41.32 -13.13 21.50
C ALA J 336 39.87 -12.97 21.08
N THR J 337 39.59 -12.05 20.14
CA THR J 337 38.21 -11.82 19.72
C THR J 337 37.62 -13.06 19.06
N ILE J 338 38.41 -13.76 18.24
CA ILE J 338 37.93 -14.97 17.59
C ILE J 338 37.70 -16.08 18.62
N CYS J 339 38.58 -16.16 19.63
CA CYS J 339 38.42 -17.17 20.67
C CYS J 339 37.11 -16.96 21.44
N ASP J 340 36.75 -15.71 21.71
CA ASP J 340 35.55 -15.44 22.49
C ASP J 340 34.27 -15.70 21.69
N GLN J 341 34.36 -15.66 20.36
CA GLN J 341 33.17 -15.83 19.54
C GLN J 341 32.88 -17.28 19.19
N MET J 342 33.72 -18.22 19.61
CA MET J 342 33.49 -19.64 19.38
C MET J 342 33.09 -20.40 20.64
N THR J 343 32.78 -19.68 21.73
CA THR J 343 32.44 -20.35 22.98
C THR J 343 31.14 -21.13 22.86
N GLY J 344 30.13 -20.56 22.22
CA GLY J 344 28.86 -21.24 22.08
C GLY J 344 28.92 -22.45 21.18
N ILE J 345 29.68 -22.35 20.09
CA ILE J 345 29.75 -23.44 19.12
C ILE J 345 30.39 -24.67 19.73
N LEU J 346 31.45 -24.49 20.51
CA LEU J 346 32.20 -25.60 21.07
C LEU J 346 31.49 -26.29 22.23
N ALA J 347 30.23 -25.93 22.50
CA ALA J 347 29.47 -26.61 23.54
C ALA J 347 29.07 -28.03 23.14
N THR J 348 29.02 -28.30 21.84
CA THR J 348 28.67 -29.61 21.30
C THR J 348 29.75 -30.08 20.34
N GLU J 349 29.55 -31.27 19.80
CA GLU J 349 30.51 -31.83 18.86
C GLU J 349 30.30 -31.25 17.47
N VAL J 350 31.39 -30.89 16.81
CA VAL J 350 31.36 -30.26 15.50
C VAL J 350 32.44 -30.90 14.62
N THR J 351 32.13 -31.07 13.34
CA THR J 351 33.07 -31.65 12.40
C THR J 351 34.09 -30.61 11.95
N PRO J 352 35.28 -31.04 11.53
CA PRO J 352 36.29 -30.08 11.06
C PRO J 352 35.84 -29.24 9.88
N GLU J 353 34.99 -29.79 9.00
CA GLU J 353 34.52 -29.05 7.84
C GLU J 353 33.60 -27.90 8.26
N ASP J 354 32.72 -28.15 9.22
CA ASP J 354 31.79 -27.11 9.65
C ASP J 354 32.49 -26.02 10.45
N ALA J 355 33.53 -26.40 11.21
CA ALA J 355 34.28 -25.41 11.97
C ALA J 355 35.04 -24.46 11.05
N GLN J 356 35.54 -24.98 9.92
CA GLN J 356 36.26 -24.14 8.97
C GLN J 356 35.37 -23.07 8.37
N LYS J 357 34.13 -23.42 8.03
CA LYS J 357 33.23 -22.46 7.42
C LYS J 357 32.83 -21.36 8.40
N LEU J 358 32.66 -21.71 9.67
CA LEU J 358 32.33 -20.70 10.68
C LEU J 358 33.48 -19.74 10.90
N LEU J 359 34.72 -20.25 10.90
CA LEU J 359 35.88 -19.39 11.11
C LEU J 359 36.05 -18.40 9.96
N VAL J 360 35.76 -18.83 8.73
CA VAL J 360 35.88 -17.93 7.58
C VAL J 360 34.89 -16.80 7.69
N GLY J 361 33.66 -17.09 8.13
CA GLY J 361 32.65 -16.06 8.27
C GLY J 361 33.03 -15.01 9.31
N LEU J 362 33.60 -15.45 10.44
CA LEU J 362 34.02 -14.52 11.48
C LEU J 362 35.23 -13.70 11.05
N ASN J 363 36.15 -14.32 10.31
CA ASN J 363 37.39 -13.62 9.93
C ASN J 363 37.11 -12.58 8.85
N GLN J 364 36.62 -13.01 7.70
CA GLN J 364 36.39 -12.11 6.56
C GLN J 364 35.04 -11.39 6.72
N ARG J 365 35.03 -10.42 7.63
CA ARG J 365 33.83 -9.62 7.88
C ARG J 365 34.18 -8.14 7.94
N THR J 376 39.36 -6.88 4.90
CA THR J 376 40.03 -6.93 6.19
C THR J 376 40.02 -8.34 6.78
N ASN J 377 41.13 -8.74 7.36
CA ASN J 377 41.28 -10.06 7.98
C ASN J 377 41.83 -9.90 9.38
N THR J 378 41.19 -10.54 10.36
CA THR J 378 41.70 -10.52 11.72
C THR J 378 42.91 -11.43 11.88
N MET J 379 42.88 -12.61 11.25
CA MET J 379 43.98 -13.55 11.30
C MET J 379 44.36 -13.97 9.89
N LYS J 380 45.57 -14.49 9.76
CA LYS J 380 46.05 -14.95 8.46
C LYS J 380 45.35 -16.25 8.06
N ASN J 381 45.02 -16.37 6.77
CA ASN J 381 44.18 -17.45 6.31
C ASN J 381 44.89 -18.79 6.20
N TYR J 382 46.23 -18.79 6.16
CA TYR J 382 46.94 -20.05 5.94
C TYR J 382 47.02 -20.91 7.19
N MET J 383 46.66 -20.37 8.37
CA MET J 383 46.62 -21.15 9.59
C MET J 383 45.22 -21.63 9.95
N ILE J 384 44.21 -21.24 9.16
CA ILE J 384 42.83 -21.61 9.50
C ILE J 384 42.59 -23.11 9.48
N PRO J 385 43.05 -23.88 8.47
CA PRO J 385 42.74 -25.32 8.47
C PRO J 385 43.22 -26.08 9.70
N VAL J 386 44.38 -25.73 10.26
CA VAL J 386 44.85 -26.47 11.43
C VAL J 386 44.15 -25.99 12.69
N VAL J 387 43.67 -24.76 12.70
CA VAL J 387 42.92 -24.26 13.86
C VAL J 387 41.56 -24.94 13.93
N ALA J 388 40.89 -25.10 12.78
CA ALA J 388 39.58 -25.74 12.77
C ALA J 388 39.68 -27.20 13.22
N GLN J 389 40.73 -27.90 12.78
CA GLN J 389 40.93 -29.28 13.20
C GLN J 389 41.19 -29.38 14.70
N ALA J 390 41.99 -28.46 15.24
CA ALA J 390 42.31 -28.49 16.66
C ALA J 390 41.08 -28.22 17.51
N PHE J 391 40.22 -27.30 17.07
CA PHE J 391 39.00 -27.01 17.83
C PHE J 391 38.05 -28.19 17.83
N SER J 392 38.00 -28.94 16.73
CA SER J 392 37.07 -30.06 16.64
C SER J 392 37.45 -31.18 17.61
N LYS J 393 38.75 -31.45 17.75
CA LYS J 393 39.17 -32.51 18.66
C LYS J 393 39.04 -32.10 20.12
N TRP J 394 39.22 -30.80 20.40
CA TRP J 394 39.09 -30.34 21.79
C TRP J 394 37.66 -30.49 22.29
N ALA J 395 36.68 -30.18 21.44
CA ALA J 395 35.29 -30.33 21.85
C ALA J 395 34.93 -31.80 22.09
N LYS J 396 35.46 -32.69 21.27
CA LYS J 396 35.16 -34.12 21.43
C LYS J 396 35.72 -34.65 22.74
N GLU J 397 36.93 -34.26 23.11
CA GLU J 397 37.55 -34.77 24.33
C GLU J 397 36.85 -34.25 25.58
N CYS J 398 36.38 -33.00 25.53
CA CYS J 398 35.64 -32.46 26.67
C CYS J 398 34.34 -33.21 26.89
N ARG J 399 33.64 -33.53 25.80
CA ARG J 399 32.39 -34.29 25.90
C ARG J 399 32.64 -35.68 26.48
N LYS J 400 33.75 -36.30 26.10
CA LYS J 400 34.05 -37.65 26.59
C LYS J 400 34.31 -37.64 28.09
N ASP J 401 34.93 -36.58 28.60
CA ASP J 401 35.22 -36.50 30.03
C ASP J 401 33.94 -36.39 30.85
N MET J 402 32.94 -35.67 30.33
CA MET J 402 31.72 -35.45 31.09
C MET J 402 30.91 -36.74 31.26
N GLU J 403 31.06 -37.69 30.34
CA GLU J 403 30.28 -38.91 30.36
C GLU J 403 30.97 -40.05 31.10
N ASP J 404 32.08 -39.77 31.78
CA ASP J 404 32.84 -40.78 32.54
C ASP J 404 33.13 -40.27 33.93
N GLU J 405 32.09 -39.77 34.60
CA GLU J 405 32.22 -39.18 35.92
C GLU J 405 32.76 -40.19 36.93
N LYS J 406 33.72 -39.75 37.75
CA LYS J 406 34.33 -40.56 38.79
C LYS J 406 33.77 -40.16 40.15
N LEU J 407 34.35 -40.72 41.21
CA LEU J 407 33.97 -40.40 42.58
C LEU J 407 34.94 -39.38 43.18
N LEU J 408 34.46 -38.66 44.18
CA LEU J 408 35.25 -37.60 44.79
C LEU J 408 36.32 -38.17 45.72
N GLY J 409 37.55 -37.73 45.54
CA GLY J 409 38.62 -38.01 46.47
C GLY J 409 39.23 -39.39 46.40
N VAL J 410 39.01 -40.13 45.30
CA VAL J 410 39.57 -41.46 45.15
C VAL J 410 40.22 -41.59 43.79
N ARG J 411 41.12 -42.57 43.67
CA ARG J 411 41.83 -42.86 42.43
C ARG J 411 41.61 -44.33 42.10
N GLU J 412 41.08 -44.60 40.90
CA GLU J 412 40.78 -45.95 40.48
C GLU J 412 42.06 -46.62 39.99
N ARG J 413 42.44 -47.72 40.63
CA ARG J 413 43.67 -48.42 40.27
C ARG J 413 43.43 -49.93 40.24
N THR J 414 42.34 -50.36 39.58
CA THR J 414 42.06 -51.79 39.49
C THR J 414 42.61 -52.37 38.19
N TRP J 421 48.34 -53.39 40.73
CA TRP J 421 47.81 -52.04 40.68
C TRP J 421 48.32 -51.28 39.46
N ALA J 422 47.44 -51.05 38.49
CA ALA J 422 47.79 -50.33 37.27
C ALA J 422 46.62 -49.47 36.82
N PHE J 423 46.91 -48.26 36.37
CA PHE J 423 45.90 -47.33 35.88
C PHE J 423 46.08 -47.08 34.40
N LYS J 424 44.98 -46.78 33.72
CA LYS J 424 44.98 -46.51 32.30
C LYS J 424 45.18 -45.02 32.04
N LYS J 425 45.90 -44.71 30.98
CA LYS J 425 46.15 -43.33 30.57
C LYS J 425 45.34 -43.01 29.32
N GLN J 426 44.64 -41.88 29.34
CA GLN J 426 43.82 -41.46 28.22
C GLN J 426 44.67 -40.79 27.15
N LYS J 427 44.08 -40.62 25.97
CA LYS J 427 44.76 -39.99 24.85
C LYS J 427 44.42 -38.50 24.80
N THR J 428 45.44 -37.69 24.53
CA THR J 428 45.29 -36.24 24.41
C THR J 428 45.89 -35.79 23.09
N HIS J 429 45.08 -35.10 22.28
CA HIS J 429 45.53 -34.64 20.98
C HIS J 429 45.57 -33.12 20.84
N THR J 430 45.01 -32.38 21.80
CA THR J 430 44.97 -30.93 21.71
C THR J 430 45.20 -30.32 23.08
N VAL J 431 46.02 -29.26 23.11
CA VAL J 431 46.20 -28.42 24.29
C VAL J 431 45.79 -27.01 23.92
N TYR J 432 44.84 -26.45 24.65
CA TYR J 432 44.23 -25.16 24.33
C TYR J 432 44.26 -24.29 25.57
N LYS J 433 45.08 -23.23 25.55
CA LYS J 433 45.16 -22.27 26.63
C LYS J 433 44.35 -21.04 26.24
N ARG J 434 43.20 -20.86 26.88
CA ARG J 434 42.30 -19.76 26.57
C ARG J 434 42.83 -18.44 27.12
N PRO J 435 42.34 -17.32 26.61
CA PRO J 435 42.76 -16.01 27.15
C PRO J 435 42.45 -15.90 28.63
N ASP J 436 43.35 -15.21 29.35
CA ASP J 436 43.25 -14.98 30.80
C ASP J 436 43.55 -16.24 31.60
N THR J 437 44.36 -17.14 31.07
CA THR J 437 44.85 -18.32 31.78
C THR J 437 46.37 -18.27 31.86
N GLN J 438 46.95 -19.21 32.60
CA GLN J 438 48.39 -19.20 32.83
C GLN J 438 48.95 -20.61 32.72
N SER J 439 50.16 -20.70 32.16
CA SER J 439 50.91 -21.94 32.12
C SER J 439 51.96 -21.96 33.24
N ILE J 440 52.38 -23.17 33.61
CA ILE J 440 53.36 -23.31 34.68
C ILE J 440 54.21 -24.57 34.46
N GLN J 441 55.52 -24.42 34.50
CA GLN J 441 56.44 -25.52 34.32
C GLN J 441 57.52 -25.49 35.39
N LYS J 442 58.09 -26.66 35.67
CA LYS J 442 59.13 -26.81 36.68
C LYS J 442 60.50 -26.79 36.00
N VAL J 443 61.37 -25.89 36.43
CA VAL J 443 62.71 -25.73 35.89
C VAL J 443 63.70 -25.64 37.03
N GLN J 444 64.98 -25.65 36.69
CA GLN J 444 66.05 -25.55 37.67
C GLN J 444 66.17 -24.13 38.20
N ALA J 445 66.46 -24.00 39.50
CA ALA J 445 66.56 -22.69 40.13
C ALA J 445 67.78 -22.55 41.03
N GLU J 446 68.66 -23.55 41.07
CA GLU J 446 69.89 -23.50 41.86
C GLU J 446 71.06 -23.85 40.96
N PHE J 447 71.94 -22.88 40.72
CA PHE J 447 73.07 -23.05 39.81
C PHE J 447 74.37 -22.90 40.60
N ASP J 448 75.29 -23.85 40.42
CA ASP J 448 76.57 -23.79 41.10
C ASP J 448 77.74 -24.17 40.20
N SER J 449 77.56 -24.22 38.88
CA SER J 449 78.63 -24.56 37.95
C SER J 449 78.63 -23.55 36.83
N PHE J 450 79.76 -22.87 36.63
CA PHE J 450 79.88 -21.81 35.64
C PHE J 450 81.18 -21.96 34.85
N VAL J 451 81.57 -23.20 34.58
CA VAL J 451 82.78 -23.47 33.82
C VAL J 451 82.46 -24.23 32.54
N TRP J 456 91.57 -17.02 24.69
CA TRP J 456 90.89 -16.07 23.81
C TRP J 456 91.79 -15.65 22.65
N SER J 457 91.18 -15.48 21.47
CA SER J 457 91.88 -15.01 20.29
C SER J 457 91.06 -13.90 19.65
N SER J 458 91.76 -13.03 18.91
CA SER J 458 91.10 -11.88 18.30
C SER J 458 90.15 -12.32 17.18
N GLY J 459 90.69 -12.97 16.16
CA GLY J 459 89.92 -13.41 15.02
C GLY J 459 89.94 -12.46 13.84
N LEU J 460 90.31 -11.20 14.04
CA LEU J 460 90.42 -10.27 12.93
C LEU J 460 91.60 -10.62 12.04
N SER J 461 91.49 -10.31 10.77
CA SER J 461 92.54 -10.55 9.79
C SER J 461 93.13 -9.24 9.33
N ILE J 462 94.38 -9.32 8.84
CA ILE J 462 95.06 -8.13 8.34
C ILE J 462 94.30 -7.47 7.19
N PRO J 463 93.79 -8.20 6.18
CA PRO J 463 93.01 -7.51 5.12
C PRO J 463 91.80 -6.75 5.65
N LEU J 464 91.11 -7.28 6.65
CA LEU J 464 89.94 -6.57 7.18
C LEU J 464 90.35 -5.31 7.93
N ARG J 465 91.46 -5.39 8.69
CA ARG J 465 91.91 -4.22 9.44
C ARG J 465 92.30 -3.08 8.49
N THR J 466 92.95 -3.42 7.37
CA THR J 466 93.34 -2.41 6.40
C THR J 466 92.12 -1.71 5.80
N ARG J 467 91.07 -2.48 5.50
CA ARG J 467 89.88 -1.88 4.89
C ARG J 467 89.18 -0.92 5.84
N ILE J 468 89.12 -1.27 7.13
CA ILE J 468 88.47 -0.39 8.11
C ILE J 468 89.23 0.92 8.23
N LYS J 469 90.56 0.85 8.24
CA LYS J 469 91.37 2.06 8.34
C LYS J 469 91.14 2.98 7.16
N TRP J 470 91.05 2.41 5.95
CA TRP J 470 90.87 3.24 4.76
C TRP J 470 89.54 3.97 4.77
N LEU J 471 88.48 3.29 5.23
CA LEU J 471 87.17 3.94 5.30
C LEU J 471 87.16 5.08 6.31
N LEU J 472 87.95 4.96 7.37
CA LEU J 472 87.95 5.99 8.41
C LEU J 472 88.71 7.23 7.95
N SER J 473 89.76 7.07 7.16
CA SER J 473 90.54 8.20 6.66
C SER J 473 89.67 8.96 5.65
N LYS J 474 89.21 10.15 6.05
CA LYS J 474 88.33 10.98 5.24
C LYS J 474 87.06 10.23 4.84
N ASP K 2 62.22 15.10 -8.40
CA ASP K 2 61.66 14.24 -7.36
C ASP K 2 60.72 13.15 -7.91
N PRO K 3 59.78 13.49 -8.79
CA PRO K 3 58.93 12.45 -9.39
C PRO K 3 59.71 11.61 -10.38
N VAL K 4 59.17 10.42 -10.65
CA VAL K 4 59.70 9.50 -11.63
C VAL K 4 58.60 9.18 -12.63
N TYR K 5 58.94 9.22 -13.91
CA TYR K 5 57.98 9.00 -14.99
C TYR K 5 58.20 7.63 -15.62
N VAL K 6 57.09 6.93 -15.88
CA VAL K 6 57.12 5.60 -16.48
C VAL K 6 56.23 5.60 -17.71
N ASP K 7 56.64 4.83 -18.71
CA ASP K 7 55.94 4.78 -20.00
C ASP K 7 54.85 3.70 -19.96
N ILE K 8 53.82 3.98 -19.16
CA ILE K 8 52.65 3.11 -19.06
C ILE K 8 51.39 3.96 -19.12
N ASP K 9 50.28 3.29 -19.44
CA ASP K 9 48.99 3.97 -19.55
C ASP K 9 48.54 4.48 -18.19
N ALA K 10 47.84 5.62 -18.21
CA ALA K 10 47.42 6.26 -16.97
C ALA K 10 46.33 5.49 -16.25
N ASP K 11 45.54 4.68 -16.95
CA ASP K 11 44.46 3.91 -16.35
C ASP K 11 44.85 2.47 -16.09
N SER K 12 46.13 2.13 -16.22
CA SER K 12 46.57 0.77 -15.98
C SER K 12 46.44 0.40 -14.50
N ALA K 13 46.10 -0.86 -14.24
CA ALA K 13 46.02 -1.37 -12.88
C ALA K 13 47.37 -1.77 -12.31
N PHE K 14 48.41 -1.85 -13.15
CA PHE K 14 49.75 -2.18 -12.68
C PHE K 14 50.39 -1.01 -11.93
N LEU K 15 49.84 0.19 -12.04
CA LEU K 15 50.45 1.36 -11.42
C LEU K 15 50.40 1.26 -9.89
N LYS K 16 49.32 0.69 -9.35
CA LYS K 16 49.21 0.57 -7.89
C LYS K 16 50.26 -0.38 -7.32
N ALA K 17 50.51 -1.49 -8.01
CA ALA K 17 51.52 -2.44 -7.55
C ALA K 17 52.92 -1.83 -7.57
N LEU K 18 53.20 -1.02 -8.58
CA LEU K 18 54.51 -0.36 -8.66
C LEU K 18 54.69 0.63 -7.52
N GLN K 19 53.64 1.35 -7.16
CA GLN K 19 53.74 2.31 -6.05
C GLN K 19 54.02 1.61 -4.73
N ARG K 20 53.40 0.45 -4.52
CA ARG K 20 53.60 -0.28 -3.26
C ARG K 20 55.02 -0.82 -3.14
N ALA K 21 55.66 -1.15 -4.26
CA ALA K 21 57.01 -1.69 -4.24
C ALA K 21 58.08 -0.63 -4.06
N TYR K 22 57.77 0.63 -4.35
CA TYR K 22 58.73 1.73 -4.24
C TYR K 22 58.10 2.87 -3.45
N PRO K 23 58.00 2.72 -2.12
CA PRO K 23 57.35 3.76 -1.31
C PRO K 23 58.12 5.08 -1.26
N MET K 24 59.39 5.08 -1.62
CA MET K 24 60.23 6.28 -1.49
C MET K 24 60.23 7.16 -2.73
N PHE K 25 59.44 6.83 -3.74
CA PHE K 25 59.35 7.63 -4.96
C PHE K 25 57.92 8.09 -5.18
N GLU K 26 57.76 8.96 -6.17
CA GLU K 26 56.46 9.40 -6.66
C GLU K 26 56.35 9.01 -8.13
N VAL K 27 55.46 8.07 -8.43
CA VAL K 27 55.37 7.47 -9.75
C VAL K 27 54.27 8.17 -10.54
N GLU K 28 54.60 8.65 -11.74
CA GLU K 28 53.66 9.35 -12.59
C GLU K 28 53.67 8.71 -13.98
N PRO K 29 52.51 8.40 -14.54
CA PRO K 29 52.47 7.79 -15.87
C PRO K 29 52.67 8.80 -16.97
N ARG K 30 53.39 8.38 -18.03
CA ARG K 30 53.59 9.22 -19.20
C ARG K 30 53.82 8.29 -20.40
N GLN K 31 52.77 8.07 -21.18
CA GLN K 31 52.81 7.11 -22.27
C GLN K 31 53.22 7.80 -23.57
N VAL K 32 54.21 7.24 -24.26
CA VAL K 32 54.69 7.82 -25.51
C VAL K 32 54.73 6.77 -26.62
N THR K 33 54.86 5.51 -26.27
CA THR K 33 54.97 4.41 -27.22
C THR K 33 54.03 3.28 -26.83
N PRO K 34 53.55 2.49 -27.82
CA PRO K 34 52.74 1.30 -27.54
C PRO K 34 53.59 0.04 -27.35
N ASN K 35 54.62 0.12 -26.51
CA ASN K 35 55.50 -1.02 -26.30
C ASN K 35 54.75 -2.13 -25.58
N ASP K 36 54.92 -3.37 -26.06
CA ASP K 36 54.20 -4.50 -25.48
C ASP K 36 54.95 -5.14 -24.32
N ALA K 37 56.11 -4.64 -23.95
CA ALA K 37 56.83 -5.04 -22.75
C ALA K 37 56.98 -3.85 -21.81
N ALA K 38 55.91 -3.07 -21.68
CA ALA K 38 55.97 -1.82 -20.91
C ALA K 38 56.14 -2.09 -19.42
N ASN K 39 55.45 -3.10 -18.89
CA ASN K 39 55.51 -3.37 -17.46
C ASN K 39 56.90 -3.82 -17.04
N ALA K 40 57.56 -4.66 -17.85
CA ALA K 40 58.89 -5.13 -17.51
C ALA K 40 59.92 -4.01 -17.59
N ARG K 41 59.77 -3.12 -18.56
CA ARG K 41 60.71 -2.00 -18.70
C ARG K 41 60.56 -1.01 -17.55
N ALA K 42 59.34 -0.81 -17.06
CA ALA K 42 59.11 0.14 -15.99
C ALA K 42 59.77 -0.32 -14.69
N PHE K 43 59.73 -1.62 -14.41
CA PHE K 43 60.35 -2.14 -13.18
C PHE K 43 61.85 -1.95 -13.21
N SER K 44 62.49 -2.22 -14.35
CA SER K 44 63.93 -2.07 -14.45
C SER K 44 64.34 -0.61 -14.38
N HIS K 45 63.51 0.29 -14.90
CA HIS K 45 63.81 1.71 -14.84
C HIS K 45 63.84 2.22 -13.40
N LEU K 46 62.88 1.77 -12.57
CA LEU K 46 62.83 2.21 -11.19
C LEU K 46 63.91 1.53 -10.35
N ALA K 47 64.34 0.33 -10.74
CA ALA K 47 65.35 -0.38 -9.98
C ALA K 47 66.69 0.35 -10.01
N ILE K 48 67.06 0.89 -11.18
CA ILE K 48 68.32 1.60 -11.30
C ILE K 48 68.29 2.91 -10.50
N LYS K 49 67.13 3.57 -10.47
CA LYS K 49 67.00 4.80 -9.69
C LYS K 49 67.21 4.53 -8.21
N LEU K 50 66.67 3.42 -7.71
CA LEU K 50 66.85 3.06 -6.30
C LEU K 50 68.31 2.80 -5.97
N ILE K 51 69.02 2.10 -6.86
CA ILE K 51 70.42 1.75 -6.59
C ILE K 51 71.28 2.99 -6.52
N GLU K 52 71.03 3.97 -7.38
CA GLU K 52 71.81 5.20 -7.37
C GLU K 52 71.61 5.98 -6.08
N GLN K 53 70.39 5.95 -5.54
CA GLN K 53 70.11 6.67 -4.29
C GLN K 53 70.83 6.01 -3.11
N GLU K 54 70.87 4.68 -3.08
CA GLU K 54 71.44 3.98 -1.94
C GLU K 54 72.95 4.21 -1.83
N ILE K 55 73.66 4.16 -2.96
CA ILE K 55 75.11 4.30 -2.95
C ILE K 55 75.47 5.78 -2.96
N ASP K 56 76.72 6.09 -2.60
CA ASP K 56 77.18 7.47 -2.50
C ASP K 56 77.86 7.91 -3.79
N PRO K 57 77.86 9.21 -4.08
CA PRO K 57 78.58 9.71 -5.25
C PRO K 57 80.08 9.50 -5.09
N ASP K 58 80.81 9.89 -6.15
CA ASP K 58 82.26 9.73 -6.23
C ASP K 58 82.69 8.27 -6.19
N SER K 59 81.82 7.35 -6.57
CA SER K 59 82.12 5.93 -6.62
C SER K 59 82.17 5.46 -8.06
N THR K 60 83.07 4.52 -8.34
CA THR K 60 83.20 3.94 -9.66
C THR K 60 82.35 2.68 -9.74
N ILE K 61 81.55 2.58 -10.80
CA ILE K 61 80.60 1.49 -10.99
C ILE K 61 80.93 0.76 -12.27
N LEU K 62 81.00 -0.56 -12.20
CA LEU K 62 81.16 -1.40 -13.38
C LEU K 62 79.80 -1.90 -13.83
N ASP K 63 79.52 -1.77 -15.12
CA ASP K 63 78.26 -2.22 -15.71
C ASP K 63 78.56 -3.43 -16.59
N ILE K 64 78.25 -4.62 -16.09
CA ILE K 64 78.57 -5.87 -16.77
C ILE K 64 77.50 -6.16 -17.81
N GLY K 65 77.93 -6.44 -19.03
CA GLY K 65 77.01 -6.69 -20.13
C GLY K 65 76.13 -5.51 -20.40
N SER K 66 76.74 -4.33 -20.47
CA SER K 66 76.00 -3.07 -20.49
C SER K 66 75.43 -2.77 -21.87
N ALA K 67 74.39 -1.92 -21.87
CA ALA K 67 73.94 -1.23 -23.07
C ALA K 67 74.27 0.25 -22.87
N PRO K 68 75.33 0.77 -23.48
CA PRO K 68 75.85 2.08 -23.07
C PRO K 68 74.90 3.24 -23.30
N ALA K 69 73.88 3.09 -24.14
CA ALA K 69 72.95 4.19 -24.37
C ALA K 69 72.08 4.50 -23.16
N ARG K 70 71.91 3.56 -22.25
CA ARG K 70 71.07 3.79 -21.08
C ARG K 70 71.77 4.62 -20.01
N ARG K 71 73.10 4.66 -20.02
CA ARG K 71 73.88 5.38 -19.02
C ARG K 71 74.41 6.70 -19.55
N MET K 72 73.97 7.14 -20.72
CA MET K 72 74.57 8.30 -21.37
C MET K 72 74.23 9.62 -20.66
N MET K 73 73.04 9.72 -20.07
CA MET K 73 72.59 10.96 -19.45
C MET K 73 72.71 10.95 -17.93
N SER K 74 73.47 10.02 -17.37
CA SER K 74 73.66 9.97 -15.93
C SER K 74 74.87 10.80 -15.52
N ASP K 75 74.84 11.30 -14.29
CA ASP K 75 75.92 12.10 -13.75
C ASP K 75 76.93 11.30 -12.93
N ARG K 76 76.73 9.99 -12.81
CA ARG K 76 77.66 9.13 -12.10
C ARG K 76 78.71 8.56 -13.05
N LYS K 77 79.78 8.03 -12.47
CA LYS K 77 80.89 7.48 -13.25
C LYS K 77 80.64 6.01 -13.52
N TYR K 78 80.40 5.67 -14.79
CA TYR K 78 80.17 4.29 -15.20
C TYR K 78 81.30 3.83 -16.09
N HIS K 79 81.62 2.54 -15.99
CA HIS K 79 82.59 1.88 -16.87
C HIS K 79 81.89 0.72 -17.54
N CYS K 80 81.51 0.91 -18.81
CA CYS K 80 80.70 -0.07 -19.52
C CYS K 80 81.59 -1.16 -20.10
N VAL K 81 81.30 -2.41 -19.75
CA VAL K 81 82.01 -3.58 -20.24
C VAL K 81 81.14 -4.21 -21.32
N CYS K 82 81.54 -4.04 -22.58
CA CYS K 82 80.70 -4.43 -23.72
C CYS K 82 81.46 -5.31 -24.69
N PRO K 83 81.45 -6.62 -24.47
CA PRO K 83 81.88 -7.54 -25.54
C PRO K 83 80.76 -7.70 -26.56
N MET K 84 81.14 -8.21 -27.73
CA MET K 84 80.20 -8.43 -28.83
C MET K 84 80.01 -9.93 -29.00
N ARG K 85 79.09 -10.50 -28.23
CA ARG K 85 78.84 -11.93 -28.25
C ARG K 85 77.43 -12.31 -28.63
N SER K 86 76.49 -11.35 -28.66
CA SER K 86 75.12 -11.61 -29.06
C SER K 86 74.81 -10.82 -30.33
N ALA K 87 73.82 -11.30 -31.08
CA ALA K 87 73.47 -10.70 -32.36
C ALA K 87 72.84 -9.33 -32.24
N GLU K 88 72.36 -8.96 -31.05
CA GLU K 88 71.75 -7.64 -30.84
C GLU K 88 72.76 -6.59 -30.41
N ASP K 89 74.03 -6.94 -30.29
CA ASP K 89 75.06 -6.01 -29.81
C ASP K 89 75.48 -4.98 -30.85
N PRO K 90 75.69 -5.34 -32.13
CA PRO K 90 76.06 -4.30 -33.10
C PRO K 90 75.05 -3.19 -33.23
N GLU K 91 73.76 -3.49 -33.08
CA GLU K 91 72.73 -2.46 -33.16
C GLU K 91 72.79 -1.54 -31.95
N ARG K 92 73.07 -2.09 -30.76
CA ARG K 92 73.14 -1.28 -29.56
C ARG K 92 74.32 -0.32 -29.61
N LEU K 93 75.44 -0.75 -30.20
CA LEU K 93 76.60 0.12 -30.34
C LEU K 93 76.29 1.29 -31.27
N ALA K 94 75.58 1.03 -32.36
CA ALA K 94 75.23 2.09 -33.30
C ALA K 94 74.29 3.10 -32.65
N ASN K 95 73.33 2.63 -31.85
CA ASN K 95 72.43 3.54 -31.15
C ASN K 95 73.19 4.43 -30.19
N TYR K 96 74.29 3.93 -29.62
CA TYR K 96 75.10 4.73 -28.71
C TYR K 96 75.78 5.88 -29.44
N ALA K 97 76.34 5.60 -30.63
CA ALA K 97 77.07 6.63 -31.37
C ALA K 97 76.12 7.70 -31.91
N ARG K 98 74.93 7.30 -32.36
CA ARG K 98 73.99 8.27 -32.91
C ARG K 98 73.53 9.27 -31.84
N LYS K 99 73.27 8.77 -30.63
CA LYS K 99 72.83 9.66 -29.54
C LYS K 99 73.93 10.60 -29.10
N LEU K 100 75.18 10.14 -29.10
CA LEU K 100 76.29 10.97 -28.67
C LEU K 100 76.50 12.14 -29.62
N ALA K 101 76.52 11.87 -30.94
CA ALA K 101 76.76 12.91 -31.91
C ALA K 101 75.61 13.91 -31.97
N SER K 102 74.40 13.48 -31.69
CA SER K 102 73.23 14.35 -31.73
C SER K 102 73.07 15.19 -30.46
N ALA K 103 73.90 14.96 -29.45
CA ALA K 103 73.82 15.72 -28.21
C ALA K 103 75.05 16.58 -27.95
N ALA K 104 76.10 16.46 -28.77
CA ALA K 104 77.29 17.27 -28.58
C ALA K 104 76.97 18.73 -28.86
N GLY K 105 77.43 19.60 -27.96
CA GLY K 105 77.17 21.02 -28.07
C GLY K 105 75.85 21.48 -27.50
N LYS K 106 75.02 20.56 -27.01
CA LYS K 106 73.73 20.91 -26.43
C LYS K 106 73.60 20.51 -24.97
N VAL K 107 74.29 19.47 -24.53
CA VAL K 107 74.28 19.04 -23.13
C VAL K 107 75.67 19.33 -22.56
N LEU K 108 75.72 20.06 -21.45
CA LEU K 108 76.98 20.49 -20.86
C LEU K 108 77.28 19.87 -19.50
N ASP K 109 76.25 19.51 -18.73
CA ASP K 109 76.49 18.96 -17.39
C ASP K 109 77.22 17.62 -17.47
N ARG K 110 76.83 16.77 -18.41
CA ARG K 110 77.41 15.45 -18.54
C ARG K 110 78.73 15.52 -19.30
N ASN K 111 79.53 14.47 -19.16
CA ASN K 111 80.86 14.41 -19.78
C ASN K 111 80.72 13.86 -21.20
N ILE K 112 80.04 14.64 -22.04
CA ILE K 112 79.76 14.21 -23.41
C ILE K 112 81.04 14.19 -24.24
N SER K 113 81.88 15.23 -24.09
CA SER K 113 83.09 15.31 -24.89
C SER K 113 84.05 14.18 -24.58
N GLY K 114 84.20 13.83 -23.29
CA GLY K 114 85.08 12.74 -22.93
C GLY K 114 84.57 11.39 -23.42
N LYS K 115 83.26 11.18 -23.37
CA LYS K 115 82.69 9.92 -23.83
C LYS K 115 82.92 9.73 -25.33
N ILE K 116 82.79 10.81 -26.12
CA ILE K 116 83.05 10.73 -27.55
C ILE K 116 84.52 10.42 -27.80
N GLY K 117 85.41 11.09 -27.07
CA GLY K 117 86.83 10.84 -27.23
C GLY K 117 87.22 9.43 -26.81
N ASP K 118 86.54 8.89 -25.79
CA ASP K 118 86.83 7.53 -25.33
C ASP K 118 86.46 6.50 -26.39
N LEU K 119 85.34 6.72 -27.08
CA LEU K 119 84.90 5.77 -28.10
C LEU K 119 85.87 5.70 -29.27
N GLN K 120 86.39 6.86 -29.70
CA GLN K 120 87.28 6.89 -30.85
C GLN K 120 88.58 6.14 -30.58
N ALA K 121 89.10 6.26 -29.36
CA ALA K 121 90.37 5.60 -29.03
C ALA K 121 90.26 4.10 -29.11
N VAL K 122 89.14 3.54 -28.65
CA VAL K 122 88.95 2.09 -28.70
C VAL K 122 88.88 1.60 -30.14
N MET K 123 88.27 2.39 -31.03
CA MET K 123 88.15 1.98 -32.43
C MET K 123 89.52 1.82 -33.08
N ALA K 124 90.44 2.75 -32.79
CA ALA K 124 91.77 2.68 -33.39
C ALA K 124 92.56 1.50 -32.83
N VAL K 125 92.60 1.36 -31.52
CA VAL K 125 93.29 0.27 -30.84
C VAL K 125 92.28 -0.48 -29.97
N PRO K 126 91.75 -1.60 -30.46
CA PRO K 126 90.72 -2.32 -29.69
C PRO K 126 91.30 -3.16 -28.56
N ASP K 127 92.23 -2.60 -27.80
CA ASP K 127 92.79 -3.30 -26.64
C ASP K 127 93.04 -2.39 -25.45
N THR K 128 92.68 -1.11 -25.52
CA THR K 128 92.98 -0.15 -24.46
C THR K 128 91.79 -0.03 -23.51
N GLU K 129 92.09 0.20 -22.23
CA GLU K 129 91.06 0.46 -21.24
C GLU K 129 90.87 1.96 -21.10
N THR K 130 89.64 2.42 -21.25
CA THR K 130 89.26 3.81 -21.09
C THR K 130 88.40 3.96 -19.84
N PRO K 131 88.31 5.17 -19.28
CA PRO K 131 87.52 5.35 -18.06
C PRO K 131 86.05 4.99 -18.23
N THR K 132 85.51 5.02 -19.45
CA THR K 132 84.09 4.79 -19.66
C THR K 132 83.75 3.65 -20.61
N PHE K 133 84.73 2.99 -21.23
CA PHE K 133 84.40 1.99 -22.24
C PHE K 133 85.56 1.03 -22.40
N CYS K 134 85.23 -0.24 -22.65
CA CYS K 134 86.21 -1.26 -22.99
C CYS K 134 85.50 -2.39 -23.72
N LEU K 135 86.28 -3.26 -24.35
CA LEU K 135 85.75 -4.35 -25.17
C LEU K 135 86.04 -5.73 -24.60
N HIS K 136 86.38 -5.82 -23.31
CA HIS K 136 86.72 -7.10 -22.71
C HIS K 136 85.48 -7.73 -22.09
N THR K 137 85.65 -8.88 -21.46
CA THR K 137 84.59 -9.57 -20.74
C THR K 137 84.73 -9.32 -19.25
N ASP K 138 83.82 -9.91 -18.47
CA ASP K 138 83.83 -9.71 -17.03
C ASP K 138 85.04 -10.33 -16.36
N VAL K 139 85.77 -11.21 -17.05
CA VAL K 139 86.92 -11.89 -16.48
C VAL K 139 88.20 -11.17 -16.89
N SER K 140 88.26 -10.70 -18.14
CA SER K 140 89.48 -10.15 -18.70
C SER K 140 89.58 -8.63 -18.55
N CYS K 141 88.56 -7.96 -18.02
CA CYS K 141 88.66 -6.52 -17.80
C CYS K 141 89.63 -6.24 -16.65
N ARG K 142 90.31 -5.10 -16.74
CA ARG K 142 91.36 -4.77 -15.79
C ARG K 142 91.07 -3.52 -14.97
N GLN K 143 89.93 -2.86 -15.19
CA GLN K 143 89.59 -1.66 -14.43
C GLN K 143 89.20 -2.02 -12.99
N ARG K 144 89.61 -1.18 -12.06
CA ARG K 144 89.29 -1.36 -10.64
C ARG K 144 88.18 -0.40 -10.23
N ALA K 145 87.23 -0.91 -9.45
CA ALA K 145 86.10 -0.11 -8.99
C ALA K 145 85.67 -0.64 -7.62
N ASP K 146 84.49 -0.20 -7.17
CA ASP K 146 83.95 -0.65 -5.89
C ASP K 146 82.49 -1.07 -5.95
N VAL K 147 81.79 -0.86 -7.07
CA VAL K 147 80.40 -1.28 -7.23
C VAL K 147 80.26 -1.98 -8.58
N ALA K 148 79.51 -3.08 -8.60
CA ALA K 148 79.22 -3.82 -9.81
C ALA K 148 77.72 -4.01 -9.95
N ILE K 149 77.22 -3.93 -11.18
CA ILE K 149 75.79 -3.99 -11.46
C ILE K 149 75.54 -4.97 -12.59
N TYR K 150 74.58 -5.87 -12.39
CA TYR K 150 74.10 -6.78 -13.43
C TYR K 150 72.63 -6.49 -13.69
N GLN K 151 72.30 -6.07 -14.91
CA GLN K 151 70.93 -5.75 -15.28
C GLN K 151 70.48 -6.70 -16.39
N ASP K 152 69.63 -7.66 -16.02
CA ASP K 152 69.08 -8.64 -16.96
C ASP K 152 70.18 -9.44 -17.66
N VAL K 153 71.11 -9.96 -16.87
CA VAL K 153 72.21 -10.78 -17.36
C VAL K 153 72.00 -12.21 -16.87
N TYR K 154 71.86 -13.15 -17.81
CA TYR K 154 71.60 -14.55 -17.49
C TYR K 154 72.64 -15.49 -18.06
N ALA K 155 73.73 -14.98 -18.61
CA ALA K 155 74.66 -15.79 -19.39
C ALA K 155 76.01 -16.00 -18.72
N VAL K 156 76.10 -15.83 -17.40
CA VAL K 156 77.36 -16.01 -16.69
C VAL K 156 77.15 -16.93 -15.50
N HIS K 157 78.24 -17.55 -15.06
CA HIS K 157 78.22 -18.40 -13.87
C HIS K 157 78.48 -17.52 -12.64
N ALA K 158 77.52 -17.48 -11.71
CA ALA K 158 77.54 -16.48 -10.66
C ALA K 158 78.76 -16.58 -9.74
N PRO K 159 79.11 -17.74 -9.15
CA PRO K 159 80.28 -17.75 -8.26
C PRO K 159 81.58 -17.40 -8.95
N THR K 160 81.75 -17.78 -10.22
CA THR K 160 82.99 -17.48 -10.93
C THR K 160 83.08 -15.99 -11.26
N SER K 161 81.96 -15.39 -11.69
CA SER K 161 81.97 -13.98 -12.03
C SER K 161 82.20 -13.11 -10.81
N LEU K 162 81.61 -13.46 -9.68
CA LEU K 162 81.73 -12.64 -8.47
C LEU K 162 83.16 -12.68 -7.92
N TYR K 163 83.84 -13.82 -8.03
CA TYR K 163 85.20 -13.93 -7.51
C TYR K 163 86.15 -13.00 -8.25
N HIS K 164 86.00 -12.89 -9.57
CA HIS K 164 86.88 -12.02 -10.34
C HIS K 164 86.61 -10.55 -10.08
N GLN K 165 85.40 -10.23 -9.63
CA GLN K 165 85.10 -8.85 -9.26
C GLN K 165 85.70 -8.49 -7.91
N ALA K 166 85.77 -9.46 -6.99
CA ALA K 166 86.22 -9.19 -5.64
C ALA K 166 87.72 -8.94 -5.55
N ILE K 167 88.52 -9.58 -6.40
CA ILE K 167 89.97 -9.44 -6.34
C ILE K 167 90.40 -8.12 -6.95
N LYS K 168 89.45 -7.38 -7.52
CA LYS K 168 89.71 -6.03 -8.03
C LYS K 168 89.21 -4.95 -7.08
N GLY K 169 88.75 -5.32 -5.89
CA GLY K 169 88.35 -4.36 -4.89
C GLY K 169 86.88 -4.05 -4.80
N VAL K 170 86.03 -4.81 -5.47
CA VAL K 170 84.59 -4.56 -5.44
C VAL K 170 84.02 -5.10 -4.12
N ARG K 171 83.24 -4.28 -3.43
CA ARG K 171 82.65 -4.65 -2.16
C ARG K 171 81.13 -4.77 -2.18
N LEU K 172 80.48 -4.39 -3.28
CA LEU K 172 79.02 -4.41 -3.36
C LEU K 172 78.60 -4.75 -4.78
N ALA K 173 77.53 -5.53 -4.90
CA ALA K 173 77.01 -5.96 -6.19
C ALA K 173 75.49 -5.99 -6.16
N TYR K 174 74.89 -5.81 -7.34
CA TYR K 174 73.44 -5.83 -7.50
C TYR K 174 73.06 -6.71 -8.68
N TRP K 175 71.92 -7.37 -8.57
CA TRP K 175 71.40 -8.22 -9.64
C TRP K 175 69.91 -7.98 -9.80
N VAL K 176 69.49 -7.71 -11.04
CA VAL K 176 68.09 -7.45 -11.36
C VAL K 176 67.66 -8.45 -12.43
N GLY K 177 66.54 -9.12 -12.18
CA GLY K 177 66.05 -10.10 -13.13
C GLY K 177 64.81 -10.80 -12.62
N PHE K 178 64.39 -11.81 -13.39
CA PHE K 178 63.23 -12.60 -13.03
C PHE K 178 63.54 -13.55 -11.89
N ASP K 179 62.49 -13.96 -11.18
CA ASP K 179 62.64 -14.88 -10.05
C ASP K 179 63.08 -16.26 -10.54
N THR K 180 64.05 -16.84 -9.83
CA THR K 180 64.61 -18.15 -10.19
C THR K 180 63.96 -19.30 -9.43
N THR K 181 62.95 -19.02 -8.61
CA THR K 181 62.30 -20.09 -7.85
C THR K 181 61.66 -21.17 -8.71
N PRO K 182 60.89 -20.87 -9.77
CA PRO K 182 60.26 -21.95 -10.53
C PRO K 182 61.24 -22.92 -11.16
N PHE K 183 62.49 -22.50 -11.41
CA PHE K 183 63.48 -23.40 -11.98
C PHE K 183 64.14 -24.28 -10.92
N MET K 184 64.01 -23.93 -9.64
CA MET K 184 64.47 -24.81 -8.58
C MET K 184 63.54 -25.98 -8.35
N TYR K 185 62.26 -25.82 -8.67
CA TYR K 185 61.28 -26.89 -8.58
C TYR K 185 61.30 -27.82 -9.79
N ASN K 186 62.08 -27.48 -10.82
CA ASN K 186 62.26 -28.32 -12.01
C ASN K 186 60.95 -28.50 -12.78
N ALA K 187 60.31 -27.38 -13.10
CA ALA K 187 59.09 -27.40 -13.89
C ALA K 187 59.41 -27.47 -15.39
N MET K 188 58.41 -27.84 -16.17
CA MET K 188 58.58 -27.95 -17.62
C MET K 188 58.11 -26.70 -18.37
N ALA K 189 57.14 -25.98 -17.82
CA ALA K 189 56.67 -24.74 -18.43
C ALA K 189 56.05 -23.88 -17.34
N GLY K 190 55.89 -22.59 -17.64
CA GLY K 190 55.34 -21.67 -16.67
C GLY K 190 55.06 -20.32 -17.28
N ALA K 191 54.58 -19.41 -16.44
CA ALA K 191 54.17 -18.08 -16.89
C ALA K 191 54.48 -17.04 -15.82
N TYR K 192 54.61 -15.79 -16.29
CA TYR K 192 54.64 -14.61 -15.42
C TYR K 192 53.52 -13.70 -15.92
N PRO K 193 52.29 -13.93 -15.46
CA PRO K 193 51.14 -13.27 -16.10
C PRO K 193 51.15 -11.75 -16.04
N SER K 194 51.74 -11.15 -15.01
CA SER K 194 51.71 -9.70 -14.88
C SER K 194 52.61 -9.01 -15.89
N TYR K 195 53.58 -9.71 -16.46
CA TYR K 195 54.53 -9.13 -17.41
C TYR K 195 54.35 -9.64 -18.83
N SER K 196 53.25 -10.36 -19.09
CA SER K 196 52.99 -10.95 -20.41
C SER K 196 54.14 -11.82 -20.87
N THR K 197 54.66 -12.64 -19.97
CA THR K 197 55.82 -13.47 -20.22
C THR K 197 55.45 -14.95 -20.08
N ASN K 198 55.87 -15.74 -21.05
CA ASN K 198 55.71 -17.19 -21.02
C ASN K 198 57.02 -17.85 -21.40
N TRP K 199 57.27 -19.02 -20.82
CA TRP K 199 58.47 -19.79 -21.11
C TRP K 199 58.12 -21.27 -21.19
N ALA K 200 58.93 -22.03 -21.90
CA ALA K 200 58.67 -23.46 -22.06
C ALA K 200 59.96 -24.19 -22.43
N ASP K 201 59.98 -25.48 -22.12
CA ASP K 201 61.07 -26.35 -22.54
C ASP K 201 60.98 -26.62 -24.04
N GLU K 202 62.14 -26.89 -24.65
CA GLU K 202 62.17 -27.12 -26.10
C GLU K 202 61.36 -28.34 -26.50
N GLN K 203 61.27 -29.35 -25.64
CA GLN K 203 60.60 -30.59 -26.01
C GLN K 203 59.08 -30.46 -26.09
N VAL K 204 58.50 -29.37 -25.59
CA VAL K 204 57.05 -29.23 -25.56
C VAL K 204 56.58 -28.02 -26.36
N LEU K 205 57.38 -27.56 -27.32
CA LEU K 205 56.98 -26.41 -28.12
C LEU K 205 55.85 -26.71 -29.08
N LYS K 206 55.48 -27.98 -29.26
CA LYS K 206 54.38 -28.36 -30.13
C LYS K 206 53.13 -28.78 -29.34
N ALA K 207 52.95 -28.21 -28.16
CA ALA K 207 51.79 -28.53 -27.33
C ALA K 207 50.57 -27.78 -27.87
N LYS K 208 49.48 -27.78 -27.11
CA LYS K 208 48.23 -27.21 -27.58
C LYS K 208 47.66 -26.12 -26.68
N ASN K 209 47.78 -26.27 -25.35
CA ASN K 209 47.05 -25.39 -24.43
C ASN K 209 47.96 -24.77 -23.39
N ILE K 210 49.20 -24.45 -23.75
CA ILE K 210 50.06 -23.68 -22.85
C ILE K 210 50.32 -22.32 -23.49
N GLY K 211 51.05 -21.45 -22.78
CA GLY K 211 51.20 -20.08 -23.24
C GLY K 211 52.00 -19.97 -24.53
N LEU K 212 53.05 -20.78 -24.68
CA LEU K 212 53.98 -20.67 -25.81
C LEU K 212 54.03 -22.01 -26.52
N CYS K 213 53.26 -22.15 -27.61
CA CYS K 213 53.17 -23.41 -28.33
C CYS K 213 52.49 -23.16 -29.68
N SER K 214 52.58 -24.17 -30.54
CA SER K 214 51.91 -24.16 -31.84
C SER K 214 51.73 -25.60 -32.31
N THR K 215 50.57 -25.88 -32.90
CA THR K 215 50.25 -27.24 -33.35
C THR K 215 49.48 -27.16 -34.67
N ASP K 216 48.99 -28.30 -35.14
CA ASP K 216 48.29 -28.40 -36.41
C ASP K 216 47.00 -29.17 -36.23
N LEU K 217 46.17 -29.14 -37.29
CA LEU K 217 44.96 -29.95 -37.33
C LEU K 217 45.25 -31.30 -37.96
N THR K 218 44.66 -32.35 -37.39
CA THR K 218 44.88 -33.69 -37.92
C THR K 218 43.67 -34.56 -37.61
N GLU K 219 43.54 -35.65 -38.39
CA GLU K 219 42.43 -36.58 -38.23
C GLU K 219 42.78 -37.73 -37.29
N GLY K 220 44.05 -38.09 -37.19
CA GLY K 220 44.47 -39.14 -36.27
C GLY K 220 44.81 -40.44 -36.95
N ARG K 221 46.11 -40.72 -37.09
CA ARG K 221 46.57 -41.99 -37.62
C ARG K 221 46.99 -42.89 -36.46
N ARG K 222 47.52 -44.07 -36.77
CA ARG K 222 47.87 -45.02 -35.73
C ARG K 222 49.31 -45.51 -35.80
N GLY K 223 49.85 -45.69 -37.00
CA GLY K 223 51.14 -46.35 -37.13
C GLY K 223 52.30 -45.59 -36.53
N LYS K 224 52.73 -44.51 -37.19
CA LYS K 224 53.89 -43.72 -36.79
C LYS K 224 55.04 -44.63 -36.32
N LEU K 225 55.42 -45.56 -37.19
CA LEU K 225 56.33 -46.64 -36.82
C LEU K 225 57.74 -46.08 -36.60
N SER K 226 58.13 -45.98 -35.34
CA SER K 226 59.48 -45.57 -34.94
C SER K 226 59.96 -46.57 -33.89
N ILE K 227 60.92 -47.41 -34.26
CA ILE K 227 61.38 -48.46 -33.36
C ILE K 227 62.03 -47.87 -32.12
N MET K 228 62.89 -46.86 -32.31
CA MET K 228 63.57 -46.24 -31.18
C MET K 228 62.55 -45.60 -30.23
N ARG K 229 62.73 -45.87 -28.93
CA ARG K 229 61.77 -45.45 -27.91
C ARG K 229 62.33 -44.27 -27.12
N GLY K 230 61.53 -43.20 -27.03
CA GLY K 230 61.85 -42.16 -26.07
C GLY K 230 61.69 -42.65 -24.64
N LYS K 231 60.51 -43.18 -24.32
CA LYS K 231 60.25 -43.93 -23.09
C LYS K 231 60.32 -43.05 -21.85
N LYS K 232 60.67 -41.78 -22.02
CA LYS K 232 60.87 -40.90 -20.87
C LYS K 232 60.82 -39.46 -21.35
N LEU K 233 60.27 -38.59 -20.52
CA LEU K 233 60.12 -37.17 -20.84
C LEU K 233 60.46 -36.36 -19.59
N GLU K 234 61.68 -35.84 -19.55
CA GLU K 234 62.17 -35.06 -18.43
C GLU K 234 62.77 -33.75 -18.93
N PRO K 235 62.83 -32.73 -18.08
CA PRO K 235 63.36 -31.44 -18.52
C PRO K 235 64.81 -31.53 -18.97
N CYS K 236 65.15 -30.72 -19.97
N CYS K 236 65.15 -30.72 -19.97
CA CYS K 236 66.50 -30.62 -20.50
CA CYS K 236 66.50 -30.62 -20.50
C CYS K 236 67.03 -29.20 -20.27
C CYS K 236 67.05 -29.22 -20.24
N ASP K 237 68.25 -28.96 -20.74
CA ASP K 237 68.92 -27.69 -20.47
C ASP K 237 68.29 -26.53 -21.24
N ARG K 238 67.87 -26.75 -22.48
CA ARG K 238 67.47 -25.66 -23.36
C ARG K 238 66.07 -25.16 -23.00
N VAL K 239 65.94 -23.84 -22.87
CA VAL K 239 64.68 -23.21 -22.48
C VAL K 239 64.50 -21.93 -23.29
N LEU K 240 63.27 -21.67 -23.73
CA LEU K 240 62.94 -20.51 -24.53
C LEU K 240 62.09 -19.55 -23.71
N PHE K 241 62.41 -18.26 -23.79
CA PHE K 241 61.69 -17.20 -23.10
C PHE K 241 61.01 -16.30 -24.12
N SER K 242 59.86 -15.75 -23.76
CA SER K 242 59.12 -14.82 -24.62
C SER K 242 58.55 -13.70 -23.75
N VAL K 243 59.20 -12.53 -23.79
CA VAL K 243 58.75 -11.35 -23.06
C VAL K 243 58.07 -10.44 -24.07
N GLY K 244 56.75 -10.28 -23.94
CA GLY K 244 56.00 -9.58 -24.94
C GLY K 244 56.02 -10.33 -26.26
N SER K 245 56.74 -9.81 -27.24
CA SER K 245 56.97 -10.50 -28.51
C SER K 245 58.45 -10.68 -28.81
N THR K 246 59.29 -10.65 -27.78
CA THR K 246 60.74 -10.79 -27.95
C THR K 246 61.17 -12.16 -27.42
N LEU K 247 61.97 -12.87 -28.20
CA LEU K 247 62.39 -14.23 -27.88
C LEU K 247 63.81 -14.25 -27.34
N TYR K 248 64.03 -14.97 -26.24
CA TYR K 248 65.34 -15.13 -25.63
C TYR K 248 65.58 -16.58 -25.23
N PRO K 249 66.64 -17.20 -25.73
CA PRO K 249 66.99 -18.55 -25.24
C PRO K 249 67.89 -18.48 -24.01
N GLU K 250 67.65 -19.41 -23.08
CA GLU K 250 68.38 -19.46 -21.82
C GLU K 250 68.86 -20.88 -21.56
N SER K 251 69.64 -21.04 -20.48
CA SER K 251 70.16 -22.32 -20.04
C SER K 251 69.82 -22.54 -18.59
N ARG K 252 69.39 -23.77 -18.26
CA ARG K 252 68.95 -24.08 -16.91
C ARG K 252 70.10 -24.01 -15.91
N LYS K 253 71.29 -24.45 -16.30
CA LYS K 253 72.42 -24.47 -15.38
C LYS K 253 72.79 -23.07 -14.90
N LEU K 254 72.82 -22.10 -15.82
CA LEU K 254 73.20 -20.75 -15.45
C LEU K 254 72.11 -20.06 -14.65
N LEU K 255 70.84 -20.35 -14.94
CA LEU K 255 69.74 -19.74 -14.19
C LEU K 255 69.78 -20.17 -12.73
N LYS K 256 70.04 -21.45 -12.47
CA LYS K 256 70.03 -21.95 -11.10
C LYS K 256 71.25 -21.47 -10.31
N SER K 257 72.29 -21.00 -11.00
CA SER K 257 73.49 -20.58 -10.30
C SER K 257 73.32 -19.24 -9.59
N TRP K 258 72.29 -18.48 -9.91
CA TRP K 258 72.02 -17.20 -9.24
C TRP K 258 71.06 -17.36 -8.08
N HIS K 259 70.61 -18.58 -7.78
CA HIS K 259 69.80 -18.86 -6.59
C HIS K 259 70.76 -19.13 -5.44
N LEU K 260 71.36 -18.06 -4.94
CA LEU K 260 72.43 -18.17 -3.96
C LEU K 260 71.87 -18.26 -2.54
N PRO K 261 72.57 -18.93 -1.64
CA PRO K 261 72.15 -18.98 -0.24
C PRO K 261 72.44 -17.65 0.46
N SER K 262 72.00 -17.55 1.71
CA SER K 262 72.17 -16.31 2.45
C SER K 262 73.62 -16.05 2.82
N VAL K 263 74.41 -17.11 3.00
CA VAL K 263 75.82 -16.98 3.37
C VAL K 263 76.62 -18.02 2.61
N PHE K 264 77.76 -17.60 2.05
CA PHE K 264 78.63 -18.54 1.34
C PHE K 264 80.07 -18.02 1.37
N HIS K 265 81.00 -18.93 1.07
CA HIS K 265 82.43 -18.64 1.11
C HIS K 265 83.03 -18.81 -0.28
N LEU K 266 83.96 -17.92 -0.61
CA LEU K 266 84.75 -18.02 -1.83
C LEU K 266 86.21 -18.25 -1.44
N LYS K 267 86.73 -19.44 -1.76
CA LYS K 267 88.06 -19.85 -1.33
C LYS K 267 88.97 -20.00 -2.55
N GLY K 268 90.07 -19.25 -2.57
CA GLY K 268 91.04 -19.35 -3.63
C GLY K 268 92.40 -18.85 -3.18
N LYS K 269 93.10 -18.12 -4.05
CA LYS K 269 94.31 -17.43 -3.61
C LYS K 269 94.00 -16.42 -2.52
N LEU K 270 92.90 -15.69 -2.68
CA LEU K 270 92.33 -14.84 -1.65
C LEU K 270 90.97 -15.39 -1.25
N SER K 271 90.59 -15.16 0.01
CA SER K 271 89.37 -15.71 0.57
C SER K 271 88.40 -14.59 0.91
N PHE K 272 87.12 -14.83 0.68
CA PHE K 272 86.09 -13.84 0.92
C PHE K 272 84.87 -14.49 1.58
N THR K 273 84.14 -13.69 2.35
CA THR K 273 82.89 -14.10 2.99
C THR K 273 81.77 -13.20 2.47
N CYS K 274 80.70 -13.82 1.98
CA CYS K 274 79.69 -13.09 1.23
C CYS K 274 78.30 -13.34 1.81
N ARG K 275 77.39 -12.40 1.50
CA ARG K 275 76.02 -12.44 1.99
C ARG K 275 75.08 -11.96 0.88
N CYS K 276 73.95 -12.63 0.74
CA CYS K 276 72.96 -12.31 -0.29
C CYS K 276 71.62 -12.00 0.34
N ASP K 277 70.94 -10.99 -0.19
CA ASP K 277 69.68 -10.53 0.37
C ASP K 277 68.79 -9.98 -0.74
N THR K 278 67.48 -10.16 -0.58
CA THR K 278 66.49 -9.67 -1.53
C THR K 278 65.83 -8.43 -0.96
N VAL K 279 65.86 -7.34 -1.72
CA VAL K 279 65.38 -6.05 -1.23
C VAL K 279 64.08 -5.61 -1.90
N VAL K 280 63.82 -6.00 -3.15
CA VAL K 280 62.60 -5.65 -3.85
C VAL K 280 62.00 -6.92 -4.46
N SER K 281 60.68 -7.00 -4.47
CA SER K 281 59.98 -8.15 -5.04
C SER K 281 58.60 -7.71 -5.49
N CYS K 282 58.27 -7.96 -6.76
CA CYS K 282 56.96 -7.56 -7.29
C CYS K 282 56.53 -8.57 -8.35
N GLU K 283 55.75 -9.56 -7.93
CA GLU K 283 55.07 -10.51 -8.82
C GLU K 283 56.03 -11.23 -9.76
N GLY K 284 57.16 -11.68 -9.21
CA GLY K 284 58.12 -12.46 -9.99
C GLY K 284 59.34 -11.69 -10.46
N TYR K 285 59.44 -10.41 -10.17
CA TYR K 285 60.60 -9.60 -10.50
C TYR K 285 61.27 -9.16 -9.21
N VAL K 286 62.59 -9.36 -9.11
CA VAL K 286 63.30 -9.17 -7.86
C VAL K 286 64.57 -8.35 -8.08
N VAL K 287 65.07 -7.80 -6.97
CA VAL K 287 66.37 -7.15 -6.91
C VAL K 287 67.15 -7.77 -5.75
N LYS K 288 68.40 -8.14 -6.01
CA LYS K 288 69.24 -8.78 -5.01
C LYS K 288 70.45 -7.91 -4.70
N ARG K 289 70.92 -7.98 -3.45
CA ARG K 289 72.06 -7.21 -2.98
C ARG K 289 73.07 -8.14 -2.34
N ILE K 290 74.33 -8.04 -2.76
CA ILE K 290 75.38 -8.94 -2.33
C ILE K 290 76.57 -8.12 -1.84
N THR K 291 77.09 -8.48 -0.67
CA THR K 291 78.28 -7.86 -0.10
C THR K 291 79.37 -8.90 0.05
N MET K 292 80.62 -8.45 -0.06
CA MET K 292 81.79 -9.33 0.02
C MET K 292 82.85 -8.68 0.90
N SER K 293 83.43 -9.48 1.79
CA SER K 293 84.45 -9.01 2.72
C SER K 293 85.61 -10.00 2.75
N PRO K 294 86.83 -9.50 2.98
CA PRO K 294 87.99 -10.40 3.03
C PRO K 294 88.03 -11.23 4.31
N GLY K 295 88.49 -12.46 4.19
CA GLY K 295 88.63 -13.36 5.32
C GLY K 295 87.52 -14.40 5.37
N LEU K 296 87.66 -15.30 6.33
CA LEU K 296 86.72 -16.40 6.54
C LEU K 296 86.16 -16.30 7.96
N TYR K 297 84.86 -16.09 8.07
CA TYR K 297 84.19 -15.94 9.36
C TYR K 297 82.92 -16.76 9.38
N GLY K 298 82.61 -17.33 10.54
CA GLY K 298 81.36 -18.03 10.72
C GLY K 298 81.33 -19.39 10.05
N LYS K 299 80.12 -19.92 9.89
CA LYS K 299 79.89 -21.19 9.24
C LYS K 299 78.66 -21.10 8.36
N THR K 300 78.52 -22.06 7.45
CA THR K 300 77.46 -22.05 6.46
C THR K 300 76.55 -23.25 6.67
N THR K 301 75.27 -23.08 6.31
CA THR K 301 74.28 -24.14 6.34
C THR K 301 73.90 -24.65 4.96
N GLY K 302 73.83 -23.76 3.97
CA GLY K 302 73.49 -24.15 2.62
C GLY K 302 72.02 -24.07 2.27
N TYR K 303 71.25 -23.22 2.94
CA TYR K 303 69.82 -23.10 2.71
C TYR K 303 69.49 -21.76 2.07
N ALA K 304 68.58 -21.77 1.12
CA ALA K 304 68.07 -20.57 0.47
C ALA K 304 66.57 -20.47 0.70
N VAL K 305 66.10 -19.25 1.01
CA VAL K 305 64.73 -19.03 1.44
C VAL K 305 64.07 -18.04 0.52
N THR K 306 62.83 -18.34 0.12
CA THR K 306 62.00 -17.45 -0.70
C THR K 306 60.71 -17.16 0.04
N HIS K 307 60.36 -15.87 0.14
CA HIS K 307 59.15 -15.44 0.82
C HIS K 307 58.07 -15.16 -0.22
N HIS K 308 56.87 -15.72 0.01
CA HIS K 308 55.77 -15.61 -0.93
C HIS K 308 54.77 -14.59 -0.44
N ALA K 309 54.64 -13.48 -1.17
CA ALA K 309 53.61 -12.49 -0.87
C ALA K 309 52.28 -12.82 -1.52
N ASP K 310 52.30 -13.53 -2.64
CA ASP K 310 51.11 -14.07 -3.28
C ASP K 310 51.26 -15.57 -3.47
N GLY K 311 50.23 -16.19 -4.03
CA GLY K 311 50.23 -17.64 -4.18
C GLY K 311 51.15 -18.10 -5.29
N PHE K 312 51.74 -19.28 -5.08
CA PHE K 312 52.57 -19.95 -6.07
C PHE K 312 52.06 -21.37 -6.25
N LEU K 313 51.87 -21.79 -7.50
CA LEU K 313 51.26 -23.07 -7.81
C LEU K 313 52.16 -23.88 -8.73
N MET K 314 52.09 -25.20 -8.57
CA MET K 314 52.75 -26.13 -9.47
C MET K 314 51.93 -27.42 -9.50
N CYS K 315 51.44 -27.79 -10.68
CA CYS K 315 50.50 -28.89 -10.79
C CYS K 315 50.84 -29.76 -12.00
N LYS K 316 50.14 -30.89 -12.10
CA LYS K 316 50.29 -31.81 -13.21
C LYS K 316 49.15 -31.60 -14.20
N THR K 317 49.49 -31.64 -15.49
CA THR K 317 48.52 -31.38 -16.54
C THR K 317 48.72 -32.37 -17.67
N THR K 318 47.66 -32.59 -18.45
CA THR K 318 47.65 -33.51 -19.57
C THR K 318 47.37 -32.75 -20.85
N ASP K 319 48.18 -33.00 -21.88
CA ASP K 319 48.05 -32.33 -23.16
C ASP K 319 48.57 -33.26 -24.26
N THR K 320 48.35 -32.86 -25.51
CA THR K 320 48.84 -33.59 -26.66
C THR K 320 49.99 -32.82 -27.28
N VAL K 321 51.15 -33.48 -27.39
CA VAL K 321 52.34 -32.90 -28.00
C VAL K 321 52.56 -33.62 -29.33
N ASP K 322 52.41 -32.88 -30.43
CA ASP K 322 52.51 -33.44 -31.78
C ASP K 322 51.50 -34.57 -31.99
N GLY K 323 50.32 -34.43 -31.35
CA GLY K 323 49.26 -35.40 -31.49
C GLY K 323 49.29 -36.53 -30.48
N GLU K 324 50.32 -36.61 -29.64
CA GLU K 324 50.47 -37.70 -28.67
C GLU K 324 50.20 -37.17 -27.27
N ARG K 325 49.35 -37.89 -26.53
CA ARG K 325 48.95 -37.47 -25.19
C ARG K 325 50.03 -37.79 -24.18
N VAL K 326 50.42 -36.78 -23.38
CA VAL K 326 51.47 -36.90 -22.37
C VAL K 326 51.07 -36.07 -21.15
N SER K 327 51.92 -36.12 -20.13
CA SER K 327 51.70 -35.39 -18.89
C SER K 327 52.99 -34.75 -18.42
N PHE K 328 52.91 -33.52 -17.91
CA PHE K 328 54.06 -32.81 -17.37
C PHE K 328 53.56 -31.73 -16.42
N SER K 329 54.49 -30.97 -15.87
CA SER K 329 54.20 -30.01 -14.80
C SER K 329 54.26 -28.57 -15.30
N VAL K 330 53.48 -27.70 -14.66
CA VAL K 330 53.32 -26.30 -15.04
C VAL K 330 53.18 -25.46 -13.77
N CYS K 331 53.75 -24.27 -13.79
CA CYS K 331 53.72 -23.36 -12.64
C CYS K 331 53.17 -22.00 -13.05
N THR K 332 52.70 -21.24 -12.07
CA THR K 332 52.11 -19.92 -12.30
C THR K 332 51.99 -19.19 -10.96
N TYR K 333 51.58 -17.92 -11.03
CA TYR K 333 51.38 -17.07 -9.87
C TYR K 333 49.91 -16.68 -9.76
N VAL K 334 49.43 -16.53 -8.52
CA VAL K 334 48.02 -16.22 -8.27
C VAL K 334 47.92 -15.01 -7.34
N PRO K 335 47.03 -14.05 -7.63
CA PRO K 335 46.88 -12.89 -6.74
C PRO K 335 46.39 -13.28 -5.35
N ALA K 336 46.81 -12.50 -4.36
CA ALA K 336 46.54 -12.85 -2.96
C ALA K 336 45.06 -12.73 -2.61
N THR K 337 44.37 -11.74 -3.19
CA THR K 337 42.95 -11.56 -2.86
C THR K 337 42.12 -12.76 -3.29
N ILE K 338 42.43 -13.33 -4.46
CA ILE K 338 41.70 -14.50 -4.93
C ILE K 338 42.00 -15.70 -4.04
N CYS K 339 43.24 -15.84 -3.60
CA CYS K 339 43.61 -16.96 -2.72
C CYS K 339 42.84 -16.90 -1.41
N ASP K 340 42.68 -15.69 -0.84
CA ASP K 340 42.03 -15.56 0.45
C ASP K 340 40.53 -15.84 0.38
N GLN K 341 39.94 -15.71 -0.81
CA GLN K 341 38.49 -15.90 -0.96
C GLN K 341 38.10 -17.33 -1.28
N MET K 342 39.06 -18.24 -1.44
CA MET K 342 38.78 -19.64 -1.69
C MET K 342 38.99 -20.52 -0.47
N THR K 343 39.28 -19.92 0.69
CA THR K 343 39.57 -20.71 1.88
C THR K 343 38.37 -21.53 2.33
N GLY K 344 37.18 -20.92 2.31
CA GLY K 344 35.99 -21.64 2.71
C GLY K 344 35.59 -22.74 1.74
N ILE K 345 35.74 -22.48 0.44
CA ILE K 345 35.30 -23.44 -0.57
C ILE K 345 36.14 -24.71 -0.50
N LEU K 346 37.45 -24.57 -0.32
CA LEU K 346 38.37 -25.70 -0.33
C LEU K 346 38.31 -26.54 0.94
N ALA K 347 37.34 -26.29 1.83
CA ALA K 347 37.20 -27.11 3.02
C ALA K 347 36.65 -28.49 2.70
N THR K 348 35.99 -28.64 1.56
CA THR K 348 35.43 -29.91 1.13
C THR K 348 35.93 -30.25 -0.28
N GLU K 349 35.46 -31.38 -0.79
CA GLU K 349 35.85 -31.80 -2.13
C GLU K 349 35.01 -31.07 -3.17
N VAL K 350 35.67 -30.61 -4.24
CA VAL K 350 35.02 -29.84 -5.30
C VAL K 350 35.53 -30.34 -6.64
N THR K 351 34.63 -30.40 -7.61
CA THR K 351 34.98 -30.82 -8.96
C THR K 351 35.62 -29.67 -9.73
N PRO K 352 36.43 -29.97 -10.75
CA PRO K 352 37.04 -28.89 -11.54
C PRO K 352 36.04 -27.96 -12.19
N GLU K 353 34.87 -28.48 -12.60
CA GLU K 353 33.87 -27.65 -13.25
C GLU K 353 33.31 -26.61 -12.29
N ASP K 354 33.03 -27.01 -11.05
CA ASP K 354 32.48 -26.08 -10.08
C ASP K 354 33.52 -25.03 -9.67
N ALA K 355 34.78 -25.44 -9.56
CA ALA K 355 35.83 -24.49 -9.18
C ALA K 355 36.03 -23.43 -10.24
N GLN K 356 35.89 -23.79 -11.51
CA GLN K 356 36.05 -22.82 -12.60
C GLN K 356 34.98 -21.75 -12.55
N LYS K 357 33.73 -22.12 -12.28
CA LYS K 357 32.66 -21.15 -12.26
C LYS K 357 32.80 -20.19 -11.09
N LEU K 358 33.27 -20.68 -9.94
CA LEU K 358 33.47 -19.81 -8.79
C LEU K 358 34.61 -18.81 -9.04
N LEU K 359 35.67 -19.26 -9.70
CA LEU K 359 36.78 -18.37 -10.00
C LEU K 359 36.37 -17.25 -10.96
N VAL K 360 35.53 -17.59 -11.94
CA VAL K 360 35.07 -16.58 -12.89
C VAL K 360 34.23 -15.52 -12.20
N GLY K 361 33.37 -15.94 -11.26
CA GLY K 361 32.55 -14.98 -10.55
C GLY K 361 33.36 -14.02 -9.71
N LEU K 362 34.40 -14.52 -9.04
CA LEU K 362 35.25 -13.66 -8.23
C LEU K 362 36.10 -12.73 -9.09
N ASN K 363 36.57 -13.21 -10.23
CA ASN K 363 37.46 -12.41 -11.08
C ASN K 363 36.69 -11.31 -11.79
N GLN K 364 35.71 -11.69 -12.61
CA GLN K 364 34.95 -10.72 -13.42
C GLN K 364 33.84 -10.09 -12.58
N ARG K 365 34.25 -9.22 -11.67
CA ARG K 365 33.32 -8.50 -10.81
C ARG K 365 33.64 -7.01 -10.77
N THR K 376 36.78 -5.17 -15.80
CA THR K 376 37.97 -5.28 -14.95
C THR K 376 38.26 -6.73 -14.57
N ASN K 377 39.52 -7.13 -14.69
CA ASN K 377 39.96 -8.46 -14.35
C ASN K 377 41.12 -8.39 -13.37
N THR K 378 41.03 -9.15 -12.27
CA THR K 378 42.14 -9.22 -11.34
C THR K 378 43.26 -10.10 -11.89
N MET K 379 42.91 -11.21 -12.54
CA MET K 379 43.89 -12.12 -13.12
C MET K 379 43.52 -12.41 -14.56
N LYS K 380 44.52 -12.81 -15.35
CA LYS K 380 44.30 -13.10 -16.75
C LYS K 380 43.50 -14.39 -16.91
N ASN K 381 42.59 -14.39 -17.89
CA ASN K 381 41.61 -15.47 -18.01
C ASN K 381 42.20 -16.74 -18.61
N TYR K 382 43.33 -16.65 -19.31
CA TYR K 382 43.85 -17.84 -19.99
C TYR K 382 44.53 -18.82 -19.05
N MET K 383 44.81 -18.43 -17.81
CA MET K 383 45.38 -19.34 -16.82
C MET K 383 44.33 -19.91 -15.87
N ILE K 384 43.07 -19.52 -16.02
CA ILE K 384 42.04 -19.98 -15.10
C ILE K 384 41.82 -21.49 -15.16
N PRO K 385 41.71 -22.13 -16.33
CA PRO K 385 41.44 -23.58 -16.34
C PRO K 385 42.46 -24.42 -15.59
N VAL K 386 43.75 -24.08 -15.64
CA VAL K 386 44.73 -24.91 -14.94
C VAL K 386 44.74 -24.60 -13.45
N VAL K 387 44.34 -23.40 -13.06
CA VAL K 387 44.26 -23.07 -11.64
C VAL K 387 43.10 -23.81 -10.99
N ALA K 388 41.96 -23.90 -11.69
CA ALA K 388 40.80 -24.59 -11.14
C ALA K 388 41.08 -26.07 -10.95
N GLN K 389 41.77 -26.69 -11.92
CA GLN K 389 42.12 -28.10 -11.80
C GLN K 389 43.10 -28.33 -10.65
N ALA K 390 44.07 -27.44 -10.48
CA ALA K 390 45.05 -27.59 -9.41
C ALA K 390 44.40 -27.48 -8.04
N PHE K 391 43.44 -26.56 -7.90
CA PHE K 391 42.76 -26.41 -6.61
C PHE K 391 41.95 -27.65 -6.27
N SER K 392 41.34 -28.28 -7.27
CA SER K 392 40.48 -29.43 -7.02
C SER K 392 41.28 -30.61 -6.49
N LYS K 393 42.46 -30.85 -7.04
CA LYS K 393 43.28 -31.97 -6.58
C LYS K 393 43.89 -31.71 -5.22
N TRP K 394 44.20 -30.45 -4.91
CA TRP K 394 44.77 -30.13 -3.61
C TRP K 394 43.77 -30.39 -2.48
N ALA K 395 42.50 -30.06 -2.71
CA ALA K 395 41.48 -30.32 -1.70
C ALA K 395 41.29 -31.81 -1.46
N LYS K 396 41.35 -32.60 -2.53
CA LYS K 396 41.17 -34.05 -2.39
C LYS K 396 42.31 -34.69 -1.60
N GLU K 397 43.55 -34.25 -1.85
CA GLU K 397 44.69 -34.85 -1.16
C GLU K 397 44.70 -34.50 0.32
N CYS K 398 44.24 -33.29 0.66
CA CYS K 398 44.15 -32.90 2.07
C CYS K 398 43.11 -33.74 2.80
N ARG K 399 41.97 -33.99 2.14
CA ARG K 399 40.93 -34.82 2.74
C ARG K 399 41.41 -36.24 2.98
N LYS K 400 42.19 -36.78 2.05
CA LYS K 400 42.70 -38.14 2.17
C LYS K 400 43.66 -38.27 3.36
N ASP K 401 44.43 -37.22 3.62
CA ASP K 401 45.39 -37.27 4.72
C ASP K 401 44.68 -37.32 6.07
N MET K 402 43.57 -36.61 6.20
CA MET K 402 42.86 -36.55 7.48
C MET K 402 42.22 -37.89 7.85
N GLU K 403 41.94 -38.73 6.86
CA GLU K 403 41.26 -40.00 7.08
C GLU K 403 42.23 -41.16 7.27
N ASP K 404 43.53 -40.90 7.34
CA ASP K 404 44.56 -41.91 7.52
C ASP K 404 45.51 -41.52 8.64
N GLU K 405 44.94 -41.14 9.78
CA GLU K 405 45.72 -40.69 10.91
C GLU K 405 46.69 -41.76 11.40
N LYS K 406 47.92 -41.35 11.70
CA LYS K 406 48.96 -42.23 12.21
C LYS K 406 49.12 -42.00 13.72
N LEU K 407 50.15 -42.63 14.29
CA LEU K 407 50.47 -42.48 15.71
C LEU K 407 51.60 -41.48 15.89
N LEU K 408 51.65 -40.88 17.07
CA LEU K 408 52.63 -39.83 17.35
C LEU K 408 54.01 -40.43 17.58
N GLY K 409 55.01 -39.90 16.86
CA GLY K 409 56.39 -40.21 17.13
C GLY K 409 56.89 -41.54 16.63
N VAL K 410 56.19 -42.19 15.69
CA VAL K 410 56.60 -43.47 15.16
C VAL K 410 56.51 -43.44 13.64
N ARG K 411 57.22 -44.37 13.00
CA ARG K 411 57.24 -44.49 11.55
C ARG K 411 56.87 -45.92 11.19
N GLU K 412 55.88 -46.08 10.31
CA GLU K 412 55.41 -47.39 9.89
C GLU K 412 56.32 -47.91 8.78
N ARG K 413 56.97 -49.05 9.02
CA ARG K 413 57.88 -49.62 8.04
C ARG K 413 57.72 -51.14 7.96
N THR K 414 56.48 -51.61 7.91
CA THR K 414 56.24 -53.05 7.78
C THR K 414 55.99 -53.44 6.33
N TRP K 421 62.14 -54.42 5.70
CA TRP K 421 61.61 -53.11 6.07
C TRP K 421 61.46 -52.21 4.84
N ALA K 422 60.21 -51.92 4.46
CA ALA K 422 59.93 -51.08 3.31
C ALA K 422 58.68 -50.25 3.57
N PHE K 423 58.72 -48.99 3.18
CA PHE K 423 57.59 -48.08 3.36
C PHE K 423 57.06 -47.63 2.00
N LYS K 424 55.78 -47.31 1.97
CA LYS K 424 55.09 -46.87 0.77
C LYS K 424 55.16 -45.36 0.62
N LYS K 425 55.22 -44.89 -0.62
CA LYS K 425 55.24 -43.46 -0.93
C LYS K 425 53.91 -43.07 -1.58
N GLN K 426 53.30 -42.01 -1.07
CA GLN K 426 52.03 -41.54 -1.59
C GLN K 426 52.25 -40.69 -2.85
N LYS K 427 51.17 -40.47 -3.58
CA LYS K 427 51.21 -39.68 -4.80
C LYS K 427 50.90 -38.22 -4.50
N THR K 428 51.66 -37.32 -5.12
CA THR K 428 51.48 -35.88 -4.98
C THR K 428 51.36 -35.27 -6.37
N HIS K 429 50.26 -34.55 -6.61
CA HIS K 429 50.01 -33.95 -7.90
C HIS K 429 50.00 -32.43 -7.89
N THR K 430 49.93 -31.81 -6.71
CA THR K 430 49.85 -30.36 -6.62
C THR K 430 50.70 -29.85 -5.46
N VAL K 431 51.46 -28.80 -5.70
CA VAL K 431 52.18 -28.07 -4.67
C VAL K 431 51.62 -26.66 -4.63
N TYR K 432 51.19 -26.22 -3.45
CA TYR K 432 50.50 -24.95 -3.27
C TYR K 432 51.14 -24.20 -2.11
N LYS K 433 51.83 -23.10 -2.42
CA LYS K 433 52.43 -22.23 -1.41
C LYS K 433 51.53 -21.01 -1.22
N ARG K 434 50.84 -20.98 -0.10
CA ARG K 434 49.91 -19.90 0.21
C ARG K 434 50.65 -18.62 0.57
N PRO K 435 49.98 -17.48 0.48
CA PRO K 435 50.61 -16.21 0.89
C PRO K 435 51.06 -16.25 2.34
N ASP K 436 52.19 -15.57 2.62
CA ASP K 436 52.80 -15.50 3.94
C ASP K 436 53.44 -16.83 4.37
N THR K 437 53.91 -17.60 3.40
CA THR K 437 54.68 -18.82 3.67
C THR K 437 56.05 -18.69 3.01
N GLN K 438 56.90 -19.69 3.23
CA GLN K 438 58.28 -19.63 2.75
C GLN K 438 58.71 -20.98 2.19
N SER K 439 59.52 -20.94 1.14
CA SER K 439 60.16 -22.12 0.58
C SER K 439 61.61 -22.18 1.00
N ILE K 440 62.15 -23.40 1.07
CA ILE K 440 63.54 -23.59 1.50
C ILE K 440 64.18 -24.74 0.73
N GLN K 441 65.34 -24.48 0.13
CA GLN K 441 66.05 -25.47 -0.67
C GLN K 441 67.50 -25.53 -0.24
N LYS K 442 68.10 -26.70 -0.42
CA LYS K 442 69.50 -26.93 -0.07
C LYS K 442 70.38 -26.78 -1.31
N VAL K 443 71.36 -25.89 -1.24
CA VAL K 443 72.26 -25.59 -2.34
C VAL K 443 73.69 -25.58 -1.81
N GLN K 444 74.64 -25.43 -2.72
CA GLN K 444 76.06 -25.39 -2.35
C GLN K 444 76.43 -24.03 -1.80
N ALA K 445 77.31 -24.02 -0.80
CA ALA K 445 77.72 -22.78 -0.15
C ALA K 445 79.23 -22.69 0.05
N GLU K 446 80.01 -23.62 -0.51
CA GLU K 446 81.47 -23.59 -0.39
C GLU K 446 82.05 -23.77 -1.80
N PHE K 447 82.70 -22.74 -2.32
CA PHE K 447 83.25 -22.75 -3.66
C PHE K 447 84.76 -22.60 -3.61
N ASP K 448 85.47 -23.47 -4.33
CA ASP K 448 86.92 -23.40 -4.37
C ASP K 448 87.50 -23.63 -5.77
N SER K 449 86.68 -23.59 -6.81
CA SER K 449 87.14 -23.78 -8.18
C SER K 449 86.62 -22.63 -9.02
N PHE K 450 87.52 -21.89 -9.66
CA PHE K 450 87.16 -20.72 -10.46
C PHE K 450 87.91 -20.73 -11.79
N VAL K 451 88.10 -21.92 -12.36
CA VAL K 451 88.80 -22.05 -13.63
C VAL K 451 87.88 -22.68 -14.68
N TRP K 456 91.93 -14.19 -25.03
CA TRP K 456 90.92 -13.19 -25.36
C TRP K 456 91.13 -12.63 -26.76
N SER K 457 90.03 -12.36 -27.46
CA SER K 457 90.06 -11.76 -28.78
C SER K 457 89.04 -10.63 -28.83
N SER K 458 89.30 -9.66 -29.72
CA SER K 458 88.43 -8.49 -29.80
C SER K 458 87.06 -8.86 -30.36
N GLY K 459 87.03 -9.38 -31.59
CA GLY K 459 85.80 -9.76 -32.23
C GLY K 459 85.23 -8.72 -33.17
N LEU K 460 85.64 -7.47 -33.03
CA LEU K 460 85.18 -6.42 -33.95
C LEU K 460 85.75 -6.62 -35.34
N SER K 461 85.02 -6.13 -36.34
CA SER K 461 85.44 -6.22 -37.73
C SER K 461 85.76 -4.84 -38.26
N ILE K 462 86.61 -4.81 -39.28
CA ILE K 462 86.98 -3.54 -39.92
C ILE K 462 85.77 -2.80 -40.47
N PRO K 463 84.82 -3.44 -41.18
CA PRO K 463 83.65 -2.69 -41.64
C PRO K 463 82.84 -2.05 -40.52
N LEU K 464 82.71 -2.72 -39.38
CA LEU K 464 81.97 -2.14 -38.27
C LEU K 464 82.69 -0.94 -37.67
N ARG K 465 84.01 -1.04 -37.53
CA ARG K 465 84.78 0.07 -36.98
C ARG K 465 84.68 1.32 -37.85
N THR K 466 84.70 1.12 -39.18
CA THR K 466 84.57 2.25 -40.09
C THR K 466 83.23 2.94 -39.94
N ARG K 467 82.15 2.15 -39.80
CA ARG K 467 80.82 2.73 -39.67
C ARG K 467 80.68 3.55 -38.39
N ILE K 468 81.25 3.06 -37.29
CA ILE K 468 81.16 3.77 -36.02
C ILE K 468 81.89 5.10 -36.11
N LYS K 469 83.05 5.13 -36.75
CA LYS K 469 83.80 6.37 -36.90
C LYS K 469 83.01 7.40 -37.71
N TRP K 470 82.36 6.95 -38.79
CA TRP K 470 81.62 7.88 -39.64
C TRP K 470 80.47 8.53 -38.88
N LEU K 471 79.75 7.76 -38.06
CA LEU K 471 78.64 8.32 -37.29
C LEU K 471 79.13 9.34 -36.27
N LEU K 472 80.34 9.15 -35.74
CA LEU K 472 80.83 10.07 -34.71
C LEU K 472 81.26 11.40 -35.32
N SER K 473 81.80 11.37 -36.54
CA SER K 473 82.23 12.60 -37.22
C SER K 473 80.98 13.40 -37.60
N LYS K 474 80.81 14.55 -36.96
CA LYS K 474 79.64 15.42 -37.17
C LYS K 474 78.34 14.67 -36.89
N ASP L 2 50.11 19.37 -35.75
CA ASP L 2 50.13 18.38 -34.68
C ASP L 2 49.06 17.29 -34.83
N PRO L 3 47.80 17.67 -35.12
CA PRO L 3 46.77 16.64 -35.34
C PRO L 3 46.97 15.94 -36.68
N VAL L 4 46.38 14.76 -36.79
CA VAL L 4 46.37 13.96 -38.01
C VAL L 4 44.93 13.68 -38.38
N TYR L 5 44.60 13.87 -39.66
CA TYR L 5 43.24 13.73 -40.16
C TYR L 5 43.11 12.44 -40.96
N VAL L 6 42.03 11.70 -40.70
CA VAL L 6 41.76 10.44 -41.37
C VAL L 6 40.38 10.51 -42.01
N ASP L 7 40.24 9.88 -43.18
CA ASP L 7 39.01 9.93 -43.97
C ASP L 7 38.07 8.80 -43.53
N ILE L 8 37.55 8.94 -42.31
CA ILE L 8 36.59 7.99 -41.76
C ILE L 8 35.45 8.77 -41.10
N ASP L 9 34.34 8.08 -40.90
CA ASP L 9 33.17 8.68 -40.27
C ASP L 9 33.45 9.01 -38.82
N ALA L 10 32.84 10.11 -38.35
CA ALA L 10 33.08 10.58 -36.99
C ALA L 10 32.45 9.69 -35.92
N ASP L 11 31.45 8.89 -36.27
CA ASP L 11 30.79 8.00 -35.32
C ASP L 11 31.28 6.56 -35.44
N SER L 12 32.35 6.31 -36.20
CA SER L 12 32.86 4.97 -36.36
C SER L 12 33.45 4.44 -35.06
N ALA L 13 33.29 3.15 -34.84
CA ALA L 13 33.87 2.49 -33.67
C ALA L 13 35.34 2.11 -33.88
N PHE L 14 35.82 2.17 -35.12
CA PHE L 14 37.22 1.89 -35.39
C PHE L 14 38.15 3.00 -34.93
N LEU L 15 37.60 4.18 -34.64
CA LEU L 15 38.42 5.32 -34.26
C LEU L 15 39.13 5.09 -32.92
N LYS L 16 38.46 4.41 -31.99
CA LYS L 16 39.06 4.16 -30.69
C LYS L 16 40.26 3.22 -30.80
N ALA L 17 40.16 2.19 -31.64
CA ALA L 17 41.27 1.26 -31.81
C ALA L 17 42.47 1.94 -32.46
N LEU L 18 42.21 2.86 -33.39
CA LEU L 18 43.30 3.60 -34.01
C LEU L 18 44.02 4.48 -33.00
N GLN L 19 43.28 5.10 -32.09
CA GLN L 19 43.90 5.95 -31.07
C GLN L 19 44.78 5.14 -30.14
N ARG L 20 44.35 3.93 -29.78
CA ARG L 20 45.13 3.09 -28.88
C ARG L 20 46.43 2.62 -29.53
N ALA L 21 46.44 2.46 -30.85
CA ALA L 21 47.63 1.98 -31.55
C ALA L 21 48.66 3.07 -31.79
N TYR L 22 48.25 4.34 -31.78
CA TYR L 22 49.15 5.46 -32.02
C TYR L 22 49.00 6.48 -30.90
N PRO L 23 49.58 6.22 -29.73
CA PRO L 23 49.41 7.15 -28.59
C PRO L 23 50.14 8.46 -28.76
N MET L 24 51.06 8.57 -29.72
CA MET L 24 51.86 9.78 -29.88
C MET L 24 51.23 10.80 -30.82
N PHE L 25 50.01 10.56 -31.31
CA PHE L 25 49.34 11.47 -32.22
C PHE L 25 47.97 11.84 -31.67
N GLU L 26 47.35 12.82 -32.33
CA GLU L 26 45.98 13.22 -32.07
C GLU L 26 45.18 12.96 -33.35
N VAL L 27 44.27 12.00 -33.30
CA VAL L 27 43.54 11.55 -34.48
C VAL L 27 42.19 12.26 -34.54
N GLU L 28 41.90 12.86 -35.69
CA GLU L 28 40.67 13.60 -35.90
C GLU L 28 39.99 13.10 -37.18
N PRO L 29 38.71 12.78 -37.14
CA PRO L 29 38.03 12.30 -38.36
C PRO L 29 37.65 13.44 -39.29
N ARG L 30 37.74 13.16 -40.58
CA ARG L 30 37.33 14.14 -41.60
C ARG L 30 36.95 13.34 -42.86
N GLN L 31 35.65 13.16 -43.07
CA GLN L 31 35.18 12.30 -44.16
C GLN L 31 34.90 13.12 -45.41
N VAL L 32 35.47 12.69 -46.54
CA VAL L 32 35.27 13.41 -47.80
C VAL L 32 34.76 12.50 -48.89
N THR L 33 35.05 11.20 -48.80
CA THR L 33 34.67 10.23 -49.81
C THR L 33 34.05 9.00 -49.15
N PRO L 34 33.15 8.29 -49.85
CA PRO L 34 32.61 7.03 -49.35
C PRO L 34 33.42 5.80 -49.76
N ASN L 35 34.74 5.87 -49.54
CA ASN L 35 35.61 4.77 -49.91
C ASN L 35 35.32 3.55 -49.04
N ASP L 36 35.18 2.37 -49.67
CA ASP L 36 34.84 1.17 -48.95
C ASP L 36 36.04 0.46 -48.34
N ALA L 37 37.25 0.98 -48.54
CA ALA L 37 38.45 0.50 -47.88
C ALA L 37 39.02 1.59 -46.98
N ALA L 38 38.13 2.31 -46.29
CA ALA L 38 38.55 3.47 -45.51
C ALA L 38 39.44 3.06 -44.34
N ASN L 39 39.11 1.96 -43.66
CA ASN L 39 39.87 1.56 -42.48
C ASN L 39 41.29 1.15 -42.86
N ALA L 40 41.45 0.42 -43.98
CA ALA L 40 42.77 -0.01 -44.40
C ALA L 40 43.64 1.17 -44.81
N ARG L 41 43.06 2.14 -45.51
CA ARG L 41 43.82 3.31 -45.94
C ARG L 41 44.22 4.18 -44.76
N ALA L 42 43.36 4.26 -43.73
CA ALA L 42 43.67 5.08 -42.57
C ALA L 42 44.88 4.55 -41.81
N PHE L 43 45.00 3.22 -41.69
CA PHE L 43 46.12 2.65 -40.96
C PHE L 43 47.44 2.93 -41.68
N SER L 44 47.45 2.79 -43.01
CA SER L 44 48.68 3.02 -43.76
C SER L 44 49.07 4.50 -43.75
N HIS L 45 48.09 5.39 -43.69
CA HIS L 45 48.38 6.82 -43.63
C HIS L 45 49.11 7.18 -42.34
N LEU L 46 48.70 6.59 -41.22
CA LEU L 46 49.35 6.88 -39.96
C LEU L 46 50.70 6.18 -39.83
N ALA L 47 50.87 5.06 -40.52
CA ALA L 47 52.14 4.33 -40.43
C ALA L 47 53.28 5.14 -41.03
N ILE L 48 53.02 5.82 -42.16
CA ILE L 48 54.06 6.61 -42.80
C ILE L 48 54.44 7.81 -41.94
N LYS L 49 53.45 8.41 -41.28
CA LYS L 49 53.72 9.54 -40.40
C LYS L 49 54.63 9.14 -39.24
N LEU L 50 54.41 7.95 -38.67
CA LEU L 50 55.24 7.48 -37.58
C LEU L 50 56.68 7.25 -38.03
N ILE L 51 56.86 6.68 -39.22
CA ILE L 51 58.20 6.38 -39.71
C ILE L 51 59.01 7.65 -39.91
N GLU L 52 58.37 8.69 -40.46
CA GLU L 52 59.08 9.94 -40.69
C GLU L 52 59.52 10.59 -39.38
N GLN L 53 58.70 10.45 -38.33
CA GLN L 53 59.07 11.01 -37.04
C GLN L 53 60.27 10.29 -36.43
N GLU L 54 60.34 8.97 -36.62
CA GLU L 54 61.42 8.20 -35.99
C GLU L 54 62.77 8.50 -36.62
N ILE L 55 62.82 8.61 -37.95
CA ILE L 55 64.09 8.83 -38.64
C ILE L 55 64.41 10.32 -38.64
N ASP L 56 65.66 10.66 -38.89
CA ASP L 56 66.11 12.04 -38.87
C ASP L 56 66.09 12.64 -40.27
N PRO L 57 65.95 13.95 -40.38
CA PRO L 57 66.02 14.60 -41.70
C PRO L 57 67.40 14.45 -42.31
N ASP L 58 67.53 14.97 -43.54
CA ASP L 58 68.76 14.91 -44.32
C ASP L 58 69.13 13.47 -44.70
N SER L 59 68.18 12.55 -44.55
CA SER L 59 68.39 11.16 -44.91
C SER L 59 67.72 10.84 -46.24
N THR L 60 68.39 10.03 -47.05
CA THR L 60 67.86 9.60 -48.34
C THR L 60 67.07 8.32 -48.15
N ILE L 61 65.86 8.28 -48.71
CA ILE L 61 64.94 7.16 -48.53
C ILE L 61 64.61 6.58 -49.90
N LEU L 62 64.71 5.25 -50.02
CA LEU L 62 64.26 4.54 -51.21
C LEU L 62 62.85 4.02 -50.97
N ASP L 63 61.97 4.25 -51.94
CA ASP L 63 60.58 3.79 -51.88
C ASP L 63 60.41 2.70 -52.93
N ILE L 64 60.37 1.45 -52.48
CA ILE L 64 60.32 0.31 -53.38
C ILE L 64 58.88 0.06 -53.79
N GLY L 65 58.65 -0.05 -55.10
CA GLY L 65 57.31 -0.25 -55.61
C GLY L 65 56.39 0.90 -55.28
N SER L 66 56.88 2.11 -55.48
CA SER L 66 56.22 3.30 -54.99
C SER L 66 55.06 3.72 -55.89
N ALA L 67 54.15 4.49 -55.31
CA ALA L 67 53.19 5.29 -56.06
C ALA L 67 53.56 6.75 -55.86
N PRO L 68 54.21 7.38 -56.85
CA PRO L 68 54.87 8.68 -56.59
C PRO L 68 53.93 9.80 -56.18
N ALA L 69 52.63 9.67 -56.44
CA ALA L 69 51.71 10.74 -56.08
C ALA L 69 51.54 10.89 -54.56
N ARG L 70 51.83 9.84 -53.78
CA ARG L 70 51.68 9.93 -52.34
C ARG L 70 52.82 10.67 -51.67
N ARG L 71 53.98 10.78 -52.34
CA ARG L 71 55.15 11.43 -51.77
C ARG L 71 55.36 12.84 -52.31
N MET L 72 54.41 13.37 -53.07
CA MET L 72 54.62 14.63 -53.78
C MET L 72 54.66 15.83 -52.84
N MET L 73 53.88 15.81 -51.76
CA MET L 73 53.78 16.95 -50.86
C MET L 73 54.63 16.79 -49.60
N SER L 74 55.56 15.85 -49.60
CA SER L 74 56.45 15.67 -48.46
C SER L 74 57.71 16.51 -48.61
N ASP L 75 58.29 16.90 -47.48
CA ASP L 75 59.50 17.70 -47.48
C ASP L 75 60.77 16.86 -47.36
N ARG L 76 60.66 15.55 -47.24
CA ARG L 76 61.81 14.66 -47.18
C ARG L 76 62.25 14.26 -48.58
N LYS L 77 63.47 13.75 -48.67
CA LYS L 77 64.05 13.35 -49.96
C LYS L 77 63.70 11.90 -50.23
N TYR L 78 62.86 11.67 -51.24
CA TYR L 78 62.45 10.34 -51.64
C TYR L 78 63.00 10.02 -53.03
N HIS L 79 63.40 8.77 -53.22
CA HIS L 79 63.81 8.26 -54.52
C HIS L 79 62.86 7.13 -54.88
N CYS L 80 61.96 7.38 -55.82
CA CYS L 80 60.90 6.43 -56.16
C CYS L 80 61.40 5.45 -57.22
N VAL L 81 61.33 4.17 -56.89
CA VAL L 81 61.71 3.09 -57.80
C VAL L 81 60.42 2.53 -58.38
N CYS L 82 60.14 2.82 -59.64
CA CYS L 82 58.85 2.53 -60.26
C CYS L 82 59.04 1.75 -61.56
N PRO L 83 59.16 0.43 -61.49
CA PRO L 83 59.00 -0.38 -62.71
C PRO L 83 57.55 -0.47 -63.09
N MET L 84 57.30 -0.84 -64.35
CA MET L 84 55.95 -0.94 -64.88
C MET L 84 55.67 -2.42 -65.14
N ARG L 85 55.20 -3.11 -64.10
CA ARG L 85 54.97 -4.54 -64.17
C ARG L 85 53.54 -4.95 -63.86
N SER L 86 52.71 -4.06 -63.32
CA SER L 86 51.32 -4.35 -63.03
C SER L 86 50.42 -3.46 -63.88
N ALA L 87 49.20 -3.93 -64.12
CA ALA L 87 48.28 -3.23 -64.99
C ALA L 87 47.77 -1.93 -64.40
N GLU L 88 47.93 -1.70 -63.10
CA GLU L 88 47.50 -0.47 -62.46
C GLU L 88 48.56 0.61 -62.45
N ASP L 89 49.74 0.33 -63.00
CA ASP L 89 50.87 1.26 -62.95
C ASP L 89 50.74 2.43 -63.93
N PRO L 90 50.31 2.21 -65.19
CA PRO L 90 50.17 3.37 -66.10
C PRO L 90 49.21 4.42 -65.60
N GLU L 91 48.15 4.02 -64.89
CA GLU L 91 47.22 4.99 -64.34
C GLU L 91 47.85 5.79 -63.20
N ARG L 92 48.68 5.13 -62.39
CA ARG L 92 49.33 5.82 -61.28
C ARG L 92 50.33 6.86 -61.80
N LEU L 93 51.03 6.55 -62.88
CA LEU L 93 51.97 7.50 -63.46
C LEU L 93 51.25 8.74 -63.99
N ALA L 94 50.11 8.54 -64.65
CA ALA L 94 49.35 9.67 -65.20
C ALA L 94 48.83 10.56 -64.08
N ASN L 95 48.36 9.96 -62.98
CA ASN L 95 47.88 10.75 -61.85
C ASN L 95 49.01 11.58 -61.24
N TYR L 96 50.24 11.07 -61.32
CA TYR L 96 51.38 11.81 -60.80
C TYR L 96 51.63 13.08 -61.62
N ALA L 97 51.54 12.97 -62.95
CA ALA L 97 51.83 14.12 -63.81
C ALA L 97 50.74 15.18 -63.70
N ARG L 98 49.48 14.77 -63.55
CA ARG L 98 48.40 15.74 -63.44
C ARG L 98 48.52 16.57 -62.19
N LYS L 99 48.90 15.95 -61.06
CA LYS L 99 49.02 16.68 -59.81
C LYS L 99 50.22 17.63 -59.83
N LEU L 100 51.29 17.26 -60.52
CA LEU L 100 52.48 18.10 -60.58
C LEU L 100 52.20 19.38 -61.37
N ALA L 101 51.59 19.25 -62.56
CA ALA L 101 51.33 20.41 -63.40
C ALA L 101 50.29 21.33 -62.78
N SER L 102 49.37 20.79 -61.99
CA SER L 102 48.34 21.60 -61.35
C SER L 102 48.83 22.29 -60.09
N ALA L 103 50.05 22.01 -59.64
CA ALA L 103 50.61 22.64 -58.46
C ALA L 103 51.81 23.53 -58.76
N ALA L 104 52.29 23.55 -60.00
CA ALA L 104 53.42 24.40 -60.35
C ALA L 104 53.02 25.87 -60.27
N GLY L 105 53.85 26.66 -59.60
CA GLY L 105 53.59 28.07 -59.40
C GLY L 105 52.71 28.39 -58.21
N LYS L 106 52.24 27.38 -57.49
CA LYS L 106 51.38 27.60 -56.32
C LYS L 106 51.99 27.08 -55.03
N VAL L 107 52.80 26.03 -55.07
CA VAL L 107 53.48 25.49 -53.91
C VAL L 107 54.97 25.75 -54.08
N LEU L 108 55.59 26.38 -53.08
CA LEU L 108 56.99 26.77 -53.16
C LEU L 108 57.90 26.05 -52.18
N ASP L 109 57.37 25.58 -51.04
CA ASP L 109 58.21 24.90 -50.06
C ASP L 109 58.79 23.61 -50.62
N ARG L 110 57.98 22.83 -51.34
CA ARG L 110 58.42 21.58 -51.90
C ARG L 110 59.19 21.82 -53.20
N ASN L 111 60.00 20.82 -53.57
CA ASN L 111 60.86 20.93 -54.76
C ASN L 111 60.03 20.48 -55.98
N ILE L 112 59.04 21.31 -56.30
CA ILE L 112 58.13 20.99 -57.39
C ILE L 112 58.83 21.12 -58.73
N SER L 113 59.64 22.16 -58.90
CA SER L 113 60.29 22.40 -60.18
C SER L 113 61.28 21.28 -60.52
N GLY L 114 62.05 20.82 -59.54
CA GLY L 114 63.00 19.74 -59.79
C GLY L 114 62.32 18.43 -60.12
N LYS L 115 61.20 18.15 -59.46
CA LYS L 115 60.47 16.91 -59.73
C LYS L 115 59.94 16.89 -61.15
N ILE L 116 59.43 18.02 -61.64
CA ILE L 116 58.97 18.10 -63.03
C ILE L 116 60.14 17.92 -63.98
N GLY L 117 61.27 18.57 -63.69
CA GLY L 117 62.43 18.40 -64.54
C GLY L 117 62.97 16.98 -64.52
N ASP L 118 62.86 16.30 -63.37
CA ASP L 118 63.33 14.92 -63.29
C ASP L 118 62.49 14.00 -64.16
N LEU L 119 61.17 14.21 -64.18
CA LEU L 119 60.28 13.34 -64.95
C LEU L 119 60.56 13.45 -66.45
N GLN L 120 60.81 14.67 -66.93
CA GLN L 120 61.03 14.87 -68.36
C GLN L 120 62.30 14.18 -68.83
N ALA L 121 63.35 14.22 -68.00
CA ALA L 121 64.62 13.60 -68.40
C ALA L 121 64.48 12.10 -68.58
N VAL L 122 63.73 11.44 -67.71
CA VAL L 122 63.55 9.99 -67.82
C VAL L 122 62.76 9.65 -69.09
N MET L 123 61.79 10.49 -69.45
CA MET L 123 61.00 10.23 -70.66
C MET L 123 61.87 10.23 -71.90
N ALA L 124 62.81 11.17 -72.00
CA ALA L 124 63.68 11.24 -73.17
C ALA L 124 64.64 10.05 -73.21
N VAL L 125 65.32 9.77 -72.11
CA VAL L 125 66.26 8.67 -71.99
C VAL L 125 65.81 7.78 -70.84
N PRO L 126 65.11 6.69 -71.13
CA PRO L 126 64.61 5.82 -70.05
C PRO L 126 65.66 4.91 -69.46
N ASP L 127 66.86 5.43 -69.19
CA ASP L 127 67.90 4.65 -68.56
C ASP L 127 68.73 5.43 -67.55
N THR L 128 68.38 6.68 -67.27
CA THR L 128 69.17 7.53 -66.39
C THR L 128 68.58 7.55 -64.99
N GLU L 129 69.46 7.59 -63.99
CA GLU L 129 69.05 7.71 -62.60
C GLU L 129 68.96 9.17 -62.23
N THR L 130 67.83 9.56 -61.66
CA THR L 130 67.58 10.92 -61.20
C THR L 130 67.44 10.92 -59.68
N PRO L 131 67.62 12.07 -59.04
CA PRO L 131 67.51 12.10 -57.56
C PRO L 131 66.15 11.66 -57.03
N THR L 132 65.08 11.78 -57.81
CA THR L 132 63.74 11.49 -57.32
C THR L 132 62.97 10.45 -58.11
N PHE L 133 63.50 9.91 -59.20
CA PHE L 133 62.73 9.01 -60.02
C PHE L 133 63.65 8.13 -60.86
N CYS L 134 63.24 6.88 -61.05
CA CYS L 134 63.93 5.95 -61.93
C CYS L 134 62.94 4.87 -62.36
N LEU L 135 63.32 4.09 -63.38
CA LEU L 135 62.45 3.08 -63.96
C LEU L 135 62.98 1.67 -63.75
N HIS L 136 63.94 1.48 -62.86
CA HIS L 136 64.54 0.16 -62.64
C HIS L 136 63.74 -0.60 -61.59
N THR L 137 64.21 -1.80 -61.26
CA THR L 137 63.63 -2.62 -60.20
C THR L 137 64.47 -2.50 -58.94
N ASP L 138 64.07 -3.23 -57.90
CA ASP L 138 64.77 -3.17 -56.63
C ASP L 138 66.15 -3.81 -56.69
N VAL L 139 66.47 -4.54 -57.76
CA VAL L 139 67.75 -5.23 -57.88
C VAL L 139 68.69 -4.42 -58.77
N SER L 140 68.15 -3.81 -59.82
CA SER L 140 68.95 -3.13 -60.83
C SER L 140 69.11 -1.64 -60.59
N CYS L 141 68.50 -1.09 -59.54
CA CYS L 141 68.69 0.32 -59.24
C CYS L 141 70.10 0.56 -58.69
N ARG L 142 70.63 1.74 -58.97
CA ARG L 142 72.03 2.06 -58.62
C ARG L 142 72.15 3.19 -57.62
N GLN L 143 71.05 3.78 -57.17
CA GLN L 143 71.10 4.87 -56.21
C GLN L 143 71.45 4.35 -54.83
N ARG L 144 72.26 5.11 -54.10
CA ARG L 144 72.67 4.77 -52.74
C ARG L 144 71.90 5.62 -51.74
N ALA L 145 71.47 4.99 -50.65
CA ALA L 145 70.71 5.67 -49.61
C ALA L 145 71.00 4.99 -48.27
N ASP L 146 70.19 5.31 -47.26
CA ASP L 146 70.34 4.71 -45.95
C ASP L 146 69.04 4.22 -45.33
N VAL L 147 67.89 4.49 -45.95
CA VAL L 147 66.60 4.00 -45.46
C VAL L 147 65.83 3.45 -46.65
N ALA L 148 65.15 2.32 -46.43
CA ALA L 148 64.30 1.69 -47.44
C ALA L 148 62.93 1.43 -46.85
N ILE L 149 61.89 1.59 -47.67
CA ILE L 149 60.51 1.48 -47.21
C ILE L 149 59.75 0.59 -48.19
N TYR L 150 59.00 -0.37 -47.64
CA TYR L 150 58.08 -1.20 -48.41
C TYR L 150 56.68 -0.98 -47.87
N GLN L 151 55.79 -0.46 -48.72
CA GLN L 151 54.40 -0.18 -48.34
C GLN L 151 53.48 -1.03 -49.20
N ASP L 152 52.88 -2.05 -48.60
CA ASP L 152 51.93 -2.95 -49.27
C ASP L 152 52.56 -3.61 -50.49
N VAL L 153 53.75 -4.18 -50.31
CA VAL L 153 54.48 -4.88 -51.36
C VAL L 153 54.52 -6.36 -50.99
N TYR L 154 53.95 -7.20 -51.86
CA TYR L 154 53.86 -8.63 -51.61
C TYR L 154 54.48 -9.46 -52.74
N ALA L 155 55.24 -8.84 -53.64
CA ALA L 155 55.67 -9.51 -54.86
C ALA L 155 57.18 -9.72 -54.96
N VAL L 156 57.89 -9.69 -53.84
CA VAL L 156 59.34 -9.86 -53.85
C VAL L 156 59.74 -10.90 -52.83
N HIS L 157 60.90 -11.51 -53.05
CA HIS L 157 61.48 -12.47 -52.10
C HIS L 157 62.31 -11.71 -51.09
N ALA L 158 61.94 -11.80 -49.81
CA ALA L 158 62.49 -10.90 -48.79
C ALA L 158 64.00 -11.03 -48.61
N PRO L 159 64.58 -12.23 -48.41
CA PRO L 159 66.04 -12.28 -48.21
C PRO L 159 66.83 -11.78 -49.41
N THR L 160 66.34 -12.02 -50.63
CA THR L 160 67.07 -11.57 -51.82
C THR L 160 66.99 -10.04 -51.96
N SER L 161 65.81 -9.48 -51.74
CA SER L 161 65.64 -8.04 -51.88
C SER L 161 66.44 -7.28 -50.83
N LEU L 162 66.45 -7.78 -49.59
CA LEU L 162 67.16 -7.08 -48.52
C LEU L 162 68.67 -7.08 -48.75
N TYR L 163 69.20 -8.17 -49.30
CA TYR L 163 70.65 -8.26 -49.52
C TYR L 163 71.12 -7.19 -50.52
N HIS L 164 70.33 -6.96 -51.57
CA HIS L 164 70.72 -5.96 -52.56
C HIS L 164 70.61 -4.54 -52.01
N GLN L 165 69.78 -4.35 -50.98
CA GLN L 165 69.70 -3.03 -50.35
C GLN L 165 70.89 -2.78 -49.44
N ALA L 166 71.41 -3.84 -48.81
CA ALA L 166 72.48 -3.69 -47.82
C ALA L 166 73.83 -3.37 -48.45
N ILE L 167 74.10 -3.87 -49.65
CA ILE L 167 75.40 -3.67 -50.28
C ILE L 167 75.48 -2.27 -50.87
N LYS L 168 74.41 -1.49 -50.76
CA LYS L 168 74.39 -0.10 -51.18
C LYS L 168 74.40 0.86 -49.99
N GLY L 169 74.58 0.35 -48.78
CA GLY L 169 74.70 1.20 -47.60
C GLY L 169 73.43 1.42 -46.82
N VAL L 170 72.37 0.67 -47.07
CA VAL L 170 71.13 0.83 -46.33
C VAL L 170 71.24 0.12 -44.99
N ARG L 171 70.91 0.83 -43.92
CA ARG L 171 71.01 0.30 -42.57
C ARG L 171 69.68 0.09 -41.87
N LEU L 172 68.57 0.55 -42.44
CA LEU L 172 67.26 0.45 -41.81
C LEU L 172 66.20 0.23 -42.87
N ALA L 173 65.21 -0.61 -42.55
CA ALA L 173 64.13 -0.93 -43.47
C ALA L 173 62.82 -1.07 -42.71
N TYR L 174 61.72 -0.80 -43.41
CA TYR L 174 60.38 -0.89 -42.85
C TYR L 174 59.48 -1.66 -43.79
N TRP L 175 58.52 -2.38 -43.22
CA TRP L 175 57.55 -3.16 -43.99
C TRP L 175 56.16 -2.99 -43.39
N VAL L 176 55.21 -2.61 -44.22
CA VAL L 176 53.82 -2.39 -43.80
C VAL L 176 52.92 -3.30 -44.61
N GLY L 177 52.06 -4.04 -43.93
CA GLY L 177 51.16 -4.94 -44.63
C GLY L 177 50.34 -5.78 -43.66
N PHE L 178 49.61 -6.73 -44.24
CA PHE L 178 48.78 -7.63 -43.47
C PHE L 178 49.62 -8.67 -42.74
N ASP L 179 49.07 -9.21 -41.66
CA ASP L 179 49.77 -10.23 -40.87
C ASP L 179 49.90 -11.52 -41.66
N THR L 180 51.08 -12.13 -41.59
CA THR L 180 51.38 -13.35 -42.32
C THR L 180 51.17 -14.62 -41.49
N THR L 181 50.67 -14.49 -40.26
CA THR L 181 50.47 -15.65 -39.41
C THR L 181 49.49 -16.68 -39.98
N PRO L 182 48.32 -16.31 -40.50
CA PRO L 182 47.40 -17.36 -41.00
C PRO L 182 47.96 -18.20 -42.12
N PHE L 183 48.95 -17.70 -42.86
CA PHE L 183 49.53 -18.47 -43.95
C PHE L 183 50.64 -19.41 -43.48
N MET L 184 51.15 -19.22 -42.25
CA MET L 184 52.07 -20.19 -41.68
C MET L 184 51.35 -21.39 -41.10
N TYR L 185 50.06 -21.25 -40.76
CA TYR L 185 49.23 -22.35 -40.30
C TYR L 185 48.64 -23.16 -41.45
N ASN L 186 48.82 -22.69 -42.69
CA ASN L 186 48.40 -23.42 -43.90
C ASN L 186 46.88 -23.56 -43.97
N ALA L 187 46.18 -22.46 -43.74
CA ALA L 187 44.73 -22.45 -43.85
C ALA L 187 44.29 -22.35 -45.31
N MET L 188 43.03 -22.71 -45.55
CA MET L 188 42.47 -22.66 -46.90
C MET L 188 41.71 -21.37 -47.18
N ALA L 189 41.13 -20.75 -46.16
CA ALA L 189 40.41 -19.50 -46.31
C ALA L 189 40.40 -18.78 -44.97
N GLY L 190 40.06 -17.49 -45.00
CA GLY L 190 40.06 -16.71 -43.78
C GLY L 190 39.52 -15.32 -44.03
N ALA L 191 39.52 -14.52 -42.96
CA ALA L 191 38.95 -13.19 -43.01
C ALA L 191 39.75 -12.24 -42.11
N TYR L 192 39.64 -10.95 -42.44
CA TYR L 192 40.12 -9.85 -41.59
C TYR L 192 38.92 -8.95 -41.36
N PRO L 193 38.05 -9.31 -40.41
CA PRO L 193 36.73 -8.65 -40.33
C PRO L 193 36.77 -7.16 -40.08
N SER L 194 37.79 -6.64 -39.38
CA SER L 194 37.83 -5.21 -39.08
C SER L 194 38.15 -4.36 -40.30
N TYR L 195 38.67 -4.95 -41.36
CA TYR L 195 39.04 -4.21 -42.56
C TYR L 195 38.20 -4.59 -43.77
N SER L 196 37.11 -5.33 -43.57
CA SER L 196 36.24 -5.80 -44.66
C SER L 196 37.04 -6.57 -45.71
N THR L 197 37.89 -7.47 -45.25
CA THR L 197 38.80 -8.20 -46.12
C THR L 197 38.54 -9.70 -46.02
N ASN L 198 38.47 -10.37 -47.17
CA ASN L 198 38.32 -11.81 -47.25
C ASN L 198 39.28 -12.36 -48.30
N TRP L 199 39.78 -13.57 -48.06
CA TRP L 199 40.68 -14.23 -48.99
C TRP L 199 40.33 -15.72 -49.04
N ALA L 200 40.69 -16.35 -50.15
CA ALA L 200 40.39 -17.76 -50.34
C ALA L 200 41.33 -18.38 -51.35
N ASP L 201 41.52 -19.69 -51.22
CA ASP L 201 42.27 -20.45 -52.22
C ASP L 201 41.46 -20.57 -53.50
N GLU L 202 42.17 -20.71 -54.63
CA GLU L 202 41.52 -20.78 -55.93
C GLU L 202 40.60 -21.98 -56.03
N GLN L 203 40.91 -23.08 -55.34
CA GLN L 203 40.13 -24.30 -55.49
C GLN L 203 38.77 -24.25 -54.80
N VAL L 204 38.53 -23.28 -53.92
CA VAL L 204 37.27 -23.22 -53.20
C VAL L 204 36.50 -21.94 -53.52
N LEU L 205 36.70 -21.38 -54.70
CA LEU L 205 35.97 -20.16 -55.09
C LEU L 205 34.51 -20.44 -55.42
N LYS L 206 34.11 -21.70 -55.52
CA LYS L 206 32.72 -22.06 -55.80
C LYS L 206 32.00 -22.62 -54.59
N ALA L 207 32.42 -22.20 -53.39
CA ALA L 207 31.80 -22.67 -52.15
C ALA L 207 30.48 -21.94 -51.94
N LYS L 208 29.90 -22.09 -50.75
CA LYS L 208 28.58 -21.55 -50.47
C LYS L 208 28.53 -20.59 -49.29
N ASN L 209 29.27 -20.87 -48.21
CA ASN L 209 29.08 -20.13 -46.96
C ASN L 209 30.39 -19.57 -46.43
N ILE L 210 31.29 -19.12 -47.30
CA ILE L 210 32.49 -18.41 -46.86
C ILE L 210 32.39 -16.97 -47.35
N GLY L 211 33.37 -16.15 -46.98
CA GLY L 211 33.29 -14.74 -47.29
C GLY L 211 33.36 -14.43 -48.78
N LEU L 212 34.21 -15.15 -49.52
CA LEU L 212 34.47 -14.85 -50.92
C LEU L 212 34.17 -16.10 -51.75
N CYS L 213 32.96 -16.18 -52.30
CA CYS L 213 32.53 -17.36 -53.05
C CYS L 213 31.28 -17.01 -53.85
N SER L 214 30.93 -17.91 -54.77
CA SER L 214 29.70 -17.82 -55.56
C SER L 214 29.30 -19.21 -56.02
N THR L 215 28.01 -19.50 -55.96
CA THR L 215 27.51 -20.84 -56.29
C THR L 215 26.23 -20.69 -57.11
N ASP L 216 25.56 -21.82 -57.37
CA ASP L 216 24.38 -21.87 -58.22
C ASP L 216 23.30 -22.72 -57.57
N LEU L 217 22.09 -22.60 -58.11
CA LEU L 217 20.97 -23.45 -57.69
C LEU L 217 20.92 -24.70 -58.54
N THR L 218 20.67 -25.84 -57.90
CA THR L 218 20.61 -27.11 -58.62
C THR L 218 19.70 -28.07 -57.88
N GLU L 219 19.22 -29.08 -58.60
CA GLU L 219 18.35 -30.10 -58.02
C GLU L 219 19.11 -31.30 -57.50
N GLY L 220 20.28 -31.59 -58.06
CA GLY L 220 21.09 -32.69 -57.58
C GLY L 220 21.07 -33.92 -58.47
N ARG L 221 22.12 -34.09 -59.25
CA ARG L 221 22.28 -35.28 -60.08
C ARG L 221 23.22 -36.27 -59.39
N ARG L 222 23.53 -37.37 -60.06
CA ARG L 222 24.33 -38.41 -59.42
C ARG L 222 25.55 -38.81 -60.24
N GLY L 223 25.44 -38.84 -61.57
CA GLY L 223 26.49 -39.40 -62.37
C GLY L 223 27.81 -38.66 -62.33
N LYS L 224 27.87 -37.48 -62.96
CA LYS L 224 29.09 -36.69 -63.07
C LYS L 224 30.30 -37.57 -63.33
N LEU L 225 30.20 -38.38 -64.40
CA LEU L 225 31.17 -39.44 -64.66
C LEU L 225 32.50 -38.83 -65.10
N SER L 226 33.45 -38.77 -64.17
CA SER L 226 34.82 -38.34 -64.45
C SER L 226 35.75 -39.41 -63.87
N ILE L 227 36.39 -40.18 -64.74
CA ILE L 227 37.21 -41.30 -64.30
C ILE L 227 38.40 -40.81 -63.48
N MET L 228 39.06 -39.75 -63.93
CA MET L 228 40.21 -39.21 -63.22
C MET L 228 39.80 -38.74 -61.83
N ARG L 229 40.58 -39.14 -60.83
CA ARG L 229 40.26 -38.88 -59.43
C ARG L 229 41.12 -37.75 -58.88
N GLY L 230 40.48 -36.74 -58.30
CA GLY L 230 41.23 -35.78 -57.51
C GLY L 230 41.78 -36.42 -56.24
N LYS L 231 40.90 -37.04 -55.45
CA LYS L 231 41.26 -37.92 -54.35
C LYS L 231 41.95 -37.19 -53.21
N LYS L 232 42.18 -35.89 -53.38
CA LYS L 232 42.94 -35.13 -52.40
C LYS L 232 42.70 -33.64 -52.64
N LEU L 233 42.62 -32.88 -51.55
CA LEU L 233 42.34 -31.45 -51.60
C LEU L 233 43.22 -30.75 -50.58
N GLU L 234 44.32 -30.17 -51.05
CA GLU L 234 45.26 -29.47 -50.21
C GLU L 234 45.56 -28.10 -50.79
N PRO L 235 46.01 -27.16 -49.96
CA PRO L 235 46.25 -25.79 -50.45
C PRO L 235 47.29 -25.75 -51.56
N CYS L 236 47.08 -24.83 -52.51
N CYS L 236 47.08 -24.83 -52.50
CA CYS L 236 47.99 -24.59 -53.61
CA CYS L 236 47.98 -24.59 -53.62
C CYS L 236 48.56 -23.18 -53.51
C CYS L 236 48.58 -23.20 -53.49
N ASP L 237 49.39 -22.82 -54.49
CA ASP L 237 50.10 -21.54 -54.43
C ASP L 237 49.18 -20.34 -54.63
N ARG L 238 48.22 -20.42 -55.55
CA ARG L 238 47.45 -19.26 -55.94
C ARG L 238 46.41 -18.90 -54.88
N VAL L 239 46.34 -17.62 -54.53
CA VAL L 239 45.41 -17.11 -53.53
C VAL L 239 44.85 -15.78 -54.01
N LEU L 240 43.54 -15.57 -53.79
CA LEU L 240 42.85 -14.36 -54.19
C LEU L 240 42.51 -13.53 -52.97
N PHE L 241 42.82 -12.24 -53.04
CA PHE L 241 42.53 -11.28 -51.97
C PHE L 241 41.44 -10.32 -52.42
N SER L 242 40.61 -9.87 -51.47
CA SER L 242 39.55 -8.91 -51.75
C SER L 242 39.48 -7.91 -50.59
N VAL L 243 40.00 -6.71 -50.83
CA VAL L 243 39.94 -5.62 -49.86
C VAL L 243 38.85 -4.67 -50.32
N GLY L 244 37.75 -4.61 -49.56
CA GLY L 244 36.59 -3.86 -50.01
C GLY L 244 36.00 -4.47 -51.26
N SER L 245 36.13 -3.80 -52.39
CA SER L 245 35.74 -4.34 -53.68
C SER L 245 36.90 -4.40 -54.67
N THR L 246 38.13 -4.42 -54.17
CA THR L 246 39.32 -4.48 -55.00
C THR L 246 39.94 -5.86 -54.89
N LEU L 247 40.30 -6.45 -56.03
CA LEU L 247 40.82 -7.81 -56.08
C LEU L 247 42.33 -7.80 -56.31
N TYR L 248 43.03 -8.66 -55.56
CA TYR L 248 44.47 -8.79 -55.68
C TYR L 248 44.90 -10.25 -55.64
N PRO L 249 45.59 -10.74 -56.65
CA PRO L 249 46.14 -12.11 -56.58
C PRO L 249 47.51 -12.12 -55.90
N GLU L 250 47.73 -13.14 -55.08
CA GLU L 250 48.98 -13.29 -54.35
C GLU L 250 49.52 -14.70 -54.52
N SER L 251 50.72 -14.91 -53.99
CA SER L 251 51.39 -16.21 -54.03
C SER L 251 51.79 -16.60 -52.61
N ARG L 252 51.59 -17.87 -52.27
CA ARG L 252 51.87 -18.33 -50.91
C ARG L 252 53.36 -18.30 -50.60
N LYS L 253 54.21 -18.63 -51.59
CA LYS L 253 55.65 -18.68 -51.35
C LYS L 253 56.19 -17.32 -50.96
N LEU L 254 55.76 -16.26 -51.64
CA LEU L 254 56.27 -14.92 -51.35
C LEU L 254 55.72 -14.37 -50.04
N LEU L 255 54.47 -14.72 -49.70
CA LEU L 255 53.89 -14.24 -48.45
C LEU L 255 54.63 -14.80 -47.25
N LYS L 256 55.00 -16.09 -47.29
CA LYS L 256 55.66 -16.70 -46.15
C LYS L 256 57.10 -16.24 -46.00
N SER L 257 57.68 -15.67 -47.06
CA SER L 257 59.08 -15.24 -46.99
C SER L 257 59.27 -14.00 -46.14
N TRP L 258 58.20 -13.27 -45.83
CA TRP L 258 58.30 -12.09 -44.98
C TRP L 258 58.03 -12.40 -43.52
N HIS L 259 57.81 -13.68 -43.17
CA HIS L 259 57.68 -14.11 -41.78
C HIS L 259 59.07 -14.44 -41.26
N LEU L 260 59.84 -13.38 -41.00
CA LEU L 260 61.25 -13.53 -40.68
C LEU L 260 61.45 -13.79 -39.19
N PRO L 261 62.50 -14.52 -38.82
CA PRO L 261 62.83 -14.73 -37.42
C PRO L 261 63.41 -13.47 -36.80
N SER L 262 63.66 -13.54 -35.49
CA SER L 262 64.17 -12.39 -34.77
C SER L 262 65.62 -12.07 -35.15
N VAL L 263 66.40 -13.08 -35.50
CA VAL L 263 67.80 -12.91 -35.85
C VAL L 263 68.14 -13.83 -37.02
N PHE L 264 68.85 -13.30 -38.01
CA PHE L 264 69.27 -14.11 -39.14
C PHE L 264 70.52 -13.51 -39.77
N HIS L 265 71.19 -14.31 -40.58
CA HIS L 265 72.46 -13.96 -41.21
C HIS L 265 72.31 -13.96 -42.73
N LEU L 266 72.95 -12.99 -43.38
CA LEU L 266 73.03 -12.92 -44.84
C LEU L 266 74.49 -13.11 -45.22
N LYS L 267 74.78 -14.21 -45.91
CA LYS L 267 76.16 -14.60 -46.23
C LYS L 267 76.36 -14.59 -47.73
N GLY L 268 77.29 -13.76 -48.20
CA GLY L 268 77.66 -13.71 -49.60
C GLY L 268 79.06 -13.19 -49.80
N LYS L 269 79.25 -12.32 -50.80
CA LYS L 269 80.53 -11.62 -50.92
C LYS L 269 80.76 -10.74 -49.70
N LEU L 270 79.71 -10.06 -49.23
CA LEU L 270 79.70 -9.35 -47.97
C LEU L 270 78.71 -10.01 -47.03
N SER L 271 78.99 -9.93 -45.73
CA SER L 271 78.18 -10.59 -44.72
C SER L 271 77.53 -9.57 -43.82
N PHE L 272 76.32 -9.88 -43.36
CA PHE L 272 75.54 -8.98 -42.52
C PHE L 272 74.82 -9.76 -41.43
N THR L 273 74.53 -9.08 -40.33
CA THR L 273 73.76 -9.61 -39.22
C THR L 273 72.52 -8.74 -39.04
N CYS L 274 71.34 -9.36 -39.02
CA CYS L 274 70.09 -8.64 -39.13
C CYS L 274 69.16 -9.00 -37.98
N ARG L 275 68.23 -8.08 -37.70
CA ARG L 275 67.26 -8.23 -36.62
C ARG L 275 65.91 -7.71 -37.09
N CYS L 276 64.84 -8.40 -36.70
CA CYS L 276 63.48 -8.03 -37.10
C CYS L 276 62.60 -7.89 -35.87
N ASP L 277 61.77 -6.85 -35.88
CA ASP L 277 60.93 -6.54 -34.72
C ASP L 277 59.62 -5.94 -35.19
N THR L 278 58.56 -6.21 -34.44
CA THR L 278 57.22 -5.68 -34.72
C THR L 278 56.93 -4.53 -33.77
N VAL L 279 56.57 -3.38 -34.31
CA VAL L 279 56.39 -2.18 -33.51
C VAL L 279 54.93 -1.74 -33.40
N VAL L 280 54.10 -2.01 -34.41
CA VAL L 280 52.69 -1.67 -34.38
C VAL L 280 51.88 -2.90 -34.78
N SER L 281 50.72 -3.07 -34.14
CA SER L 281 49.82 -4.18 -34.46
C SER L 281 48.41 -3.77 -34.13
N CYS L 282 47.49 -3.90 -35.09
CA CYS L 282 46.09 -3.51 -34.86
C CYS L 282 45.20 -4.43 -35.70
N GLU L 283 44.74 -5.52 -35.08
CA GLU L 283 43.68 -6.37 -35.63
C GLU L 283 44.02 -6.93 -37.02
N GLY L 284 45.29 -7.22 -37.25
CA GLY L 284 45.70 -7.84 -38.49
C GLY L 284 46.72 -7.06 -39.31
N TYR L 285 46.82 -5.75 -39.11
CA TYR L 285 47.86 -4.94 -39.74
C TYR L 285 49.05 -4.82 -38.80
N VAL L 286 50.25 -4.89 -39.35
CA VAL L 286 51.48 -4.81 -38.57
C VAL L 286 52.46 -3.88 -39.26
N VAL L 287 53.43 -3.40 -38.48
CA VAL L 287 54.58 -2.65 -38.98
C VAL L 287 55.84 -3.33 -38.46
N LYS L 288 56.77 -3.63 -39.35
CA LYS L 288 58.00 -4.32 -39.00
C LYS L 288 59.20 -3.41 -39.24
N ARG L 289 60.21 -3.56 -38.39
CA ARG L 289 61.43 -2.77 -38.44
C ARG L 289 62.63 -3.70 -38.49
N ILE L 290 63.52 -3.49 -39.46
CA ILE L 290 64.65 -4.37 -39.71
C ILE L 290 65.93 -3.55 -39.76
N THR L 291 66.95 -4.00 -39.05
CA THR L 291 68.26 -3.36 -39.05
C THR L 291 69.30 -4.33 -39.61
N MET L 292 70.33 -3.77 -40.25
CA MET L 292 71.39 -4.56 -40.85
C MET L 292 72.75 -3.97 -40.50
N SER L 293 73.68 -4.82 -40.07
CA SER L 293 75.02 -4.41 -39.70
C SER L 293 76.05 -5.34 -40.33
N PRO L 294 77.22 -4.81 -40.68
CA PRO L 294 78.24 -5.64 -41.33
C PRO L 294 78.91 -6.59 -40.33
N GLY L 295 79.25 -7.78 -40.82
CA GLY L 295 79.92 -8.79 -40.01
C GLY L 295 78.98 -9.89 -39.56
N LEU L 296 79.58 -10.88 -38.90
CA LEU L 296 78.86 -12.03 -38.38
C LEU L 296 79.05 -12.10 -36.87
N TYR L 297 77.95 -11.98 -36.12
CA TYR L 297 77.99 -11.99 -34.67
C TYR L 297 76.89 -12.89 -34.13
N GLY L 298 77.19 -13.56 -33.02
CA GLY L 298 76.19 -14.35 -32.33
C GLY L 298 75.86 -15.65 -33.05
N LYS L 299 74.74 -16.24 -32.64
CA LYS L 299 74.23 -17.47 -33.24
C LYS L 299 72.72 -17.36 -33.38
N THR L 300 72.16 -18.22 -34.23
CA THR L 300 70.75 -18.18 -34.58
C THR L 300 70.04 -19.45 -34.11
N THR L 301 68.77 -19.31 -33.78
CA THR L 301 67.92 -20.43 -33.41
C THR L 301 66.90 -20.79 -34.47
N GLY L 302 66.34 -19.81 -35.16
CA GLY L 302 65.38 -20.07 -36.21
C GLY L 302 63.93 -20.07 -35.78
N TYR L 303 63.56 -19.28 -34.78
CA TYR L 303 62.20 -19.23 -34.28
C TYR L 303 61.59 -17.85 -34.52
N ALA L 304 60.32 -17.83 -34.87
CA ALA L 304 59.55 -16.60 -35.05
C ALA L 304 58.37 -16.61 -34.10
N VAL L 305 58.11 -15.47 -33.45
CA VAL L 305 57.14 -15.38 -32.37
C VAL L 305 56.10 -14.32 -32.72
N THR L 306 54.83 -14.66 -32.50
CA THR L 306 53.72 -13.74 -32.70
C THR L 306 52.94 -13.60 -31.40
N HIS L 307 52.70 -12.36 -30.99
CA HIS L 307 51.96 -12.06 -29.76
C HIS L 307 50.52 -11.74 -30.11
N HIS L 308 49.58 -12.37 -29.40
CA HIS L 308 48.16 -12.24 -29.70
C HIS L 308 47.50 -11.32 -28.67
N ALA L 309 47.12 -10.13 -29.11
CA ALA L 309 46.35 -9.22 -28.27
C ALA L 309 44.88 -9.60 -28.20
N ASP L 310 44.34 -10.17 -29.27
CA ASP L 310 42.99 -10.71 -29.29
C ASP L 310 43.02 -12.17 -29.72
N GLY L 311 41.85 -12.79 -29.75
CA GLY L 311 41.77 -14.21 -30.04
C GLY L 311 42.04 -14.53 -31.51
N PHE L 312 42.67 -15.69 -31.72
CA PHE L 312 42.92 -16.21 -33.06
C PHE L 312 42.39 -17.63 -33.13
N LEU L 313 41.61 -17.94 -34.17
CA LEU L 313 40.93 -19.22 -34.29
C LEU L 313 41.27 -19.88 -35.61
N MET L 314 41.23 -21.21 -35.60
CA MET L 314 41.38 -22.01 -36.81
C MET L 314 40.64 -23.33 -36.59
N CYS L 315 39.64 -23.60 -37.42
CA CYS L 315 38.76 -24.73 -37.20
C CYS L 315 38.46 -25.43 -38.52
N LYS L 316 37.87 -26.62 -38.40
CA LYS L 316 37.46 -27.40 -39.55
C LYS L 316 35.97 -27.17 -39.84
N THR L 317 35.63 -27.03 -41.12
CA THR L 317 34.27 -26.74 -41.52
C THR L 317 33.89 -27.62 -42.71
N THR L 318 32.58 -27.81 -42.87
CA THR L 318 32.03 -28.62 -43.94
C THR L 318 31.15 -27.76 -44.83
N ASP L 319 31.36 -27.86 -46.14
CA ASP L 319 30.62 -27.06 -47.12
C ASP L 319 30.52 -27.86 -48.40
N THR L 320 29.75 -27.32 -49.35
CA THR L 320 29.61 -27.92 -50.67
C THR L 320 30.29 -27.03 -51.70
N VAL L 321 31.22 -27.60 -52.45
CA VAL L 321 31.94 -26.90 -53.50
C VAL L 321 31.48 -27.46 -54.83
N ASP L 322 30.79 -26.63 -55.62
CA ASP L 322 30.20 -27.05 -56.89
C ASP L 322 29.22 -28.20 -56.68
N GLY L 323 28.52 -28.19 -55.55
CA GLY L 323 27.53 -29.20 -55.25
C GLY L 323 28.04 -30.43 -54.52
N GLU L 324 29.35 -30.54 -54.31
CA GLU L 324 29.95 -31.71 -53.68
C GLU L 324 30.43 -31.35 -52.27
N ARG L 325 30.06 -32.19 -51.30
CA ARG L 325 30.36 -31.92 -49.90
C ARG L 325 31.81 -32.28 -49.59
N VAL L 326 32.54 -31.33 -48.97
CA VAL L 326 33.94 -31.49 -48.64
C VAL L 326 34.20 -30.82 -47.29
N SER L 327 35.45 -30.91 -46.83
CA SER L 327 35.85 -30.32 -45.55
C SER L 327 37.22 -29.66 -45.71
N PHE L 328 37.39 -28.49 -45.09
CA PHE L 328 38.65 -27.76 -45.10
C PHE L 328 38.68 -26.82 -43.90
N SER L 329 39.75 -26.05 -43.79
CA SER L 329 40.03 -25.24 -42.61
C SER L 329 39.84 -23.75 -42.90
N VAL L 330 39.47 -23.00 -41.86
CA VAL L 330 39.15 -21.58 -41.96
C VAL L 330 39.64 -20.89 -40.69
N CYS L 331 40.15 -19.67 -40.83
CA CYS L 331 40.68 -18.90 -39.71
C CYS L 331 40.01 -17.53 -39.65
N THR L 332 40.07 -16.89 -38.48
CA THR L 332 39.47 -15.59 -38.24
C THR L 332 40.00 -15.02 -36.94
N TYR L 333 39.63 -13.76 -36.66
CA TYR L 333 40.02 -13.05 -35.45
C TYR L 333 38.78 -12.76 -34.60
N VAL L 334 38.96 -12.77 -33.29
CA VAL L 334 37.85 -12.57 -32.34
C VAL L 334 38.22 -11.46 -31.35
N PRO L 335 37.31 -10.52 -31.07
CA PRO L 335 37.63 -9.47 -30.10
C PRO L 335 37.86 -10.02 -28.70
N ALA L 336 38.72 -9.32 -27.95
CA ALA L 336 39.18 -9.83 -26.66
C ALA L 336 38.06 -9.83 -25.61
N THR L 337 37.17 -8.83 -25.67
CA THR L 337 36.09 -8.76 -24.68
C THR L 337 35.16 -9.95 -24.78
N ILE L 338 34.84 -10.37 -26.00
CA ILE L 338 33.97 -11.53 -26.18
C ILE L 338 34.66 -12.80 -25.71
N CYS L 339 35.97 -12.90 -25.94
CA CYS L 339 36.71 -14.08 -25.49
C CYS L 339 36.69 -14.21 -23.97
N ASP L 340 36.80 -13.09 -23.25
CA ASP L 340 36.85 -13.15 -21.80
C ASP L 340 35.49 -13.48 -21.19
N GLN L 341 34.40 -13.24 -21.92
CA GLN L 341 33.08 -13.49 -21.38
C GLN L 341 32.57 -14.90 -21.64
N MET L 342 33.34 -15.75 -22.32
CA MET L 342 32.97 -17.13 -22.56
C MET L 342 33.77 -18.11 -21.72
N THR L 343 34.58 -17.63 -20.77
CA THR L 343 35.41 -18.52 -19.98
C THR L 343 34.58 -19.46 -19.12
N GLY L 344 33.54 -18.93 -18.47
CA GLY L 344 32.72 -19.77 -17.62
C GLY L 344 31.89 -20.78 -18.39
N ILE L 345 31.38 -20.38 -19.56
CA ILE L 345 30.51 -21.26 -20.33
C ILE L 345 31.29 -22.47 -20.83
N LEU L 346 32.52 -22.27 -21.30
CA LEU L 346 33.31 -23.34 -21.88
C LEU L 346 33.89 -24.30 -20.85
N ALA L 347 33.48 -24.19 -19.58
CA ALA L 347 33.93 -25.14 -18.57
C ALA L 347 33.27 -26.51 -18.74
N THR L 348 32.14 -26.57 -19.43
CA THR L 348 31.42 -27.80 -19.68
C THR L 348 31.14 -27.94 -21.16
N GLU L 349 30.56 -29.08 -21.54
CA GLU L 349 30.24 -29.34 -22.94
C GLU L 349 29.00 -28.56 -23.34
N VAL L 350 29.04 -27.96 -24.53
CA VAL L 350 27.95 -27.13 -25.03
C VAL L 350 27.73 -27.44 -26.49
N THR L 351 26.46 -27.46 -26.91
CA THR L 351 26.11 -27.72 -28.29
C THR L 351 26.28 -26.46 -29.14
N PRO L 352 26.51 -26.61 -30.45
CA PRO L 352 26.67 -25.43 -31.31
C PRO L 352 25.46 -24.50 -31.30
N GLU L 353 24.26 -25.06 -31.17
CA GLU L 353 23.06 -24.23 -31.16
C GLU L 353 23.02 -23.33 -29.93
N ASP L 354 23.39 -23.87 -28.77
CA ASP L 354 23.38 -23.08 -27.55
C ASP L 354 24.46 -22.00 -27.56
N ALA L 355 25.62 -22.33 -28.12
CA ALA L 355 26.71 -21.35 -28.18
C ALA L 355 26.36 -20.17 -29.07
N GLN L 356 25.64 -20.43 -30.17
CA GLN L 356 25.26 -19.35 -31.08
C GLN L 356 24.34 -18.34 -30.40
N LYS L 357 23.39 -18.82 -29.60
CA LYS L 357 22.45 -17.93 -28.94
C LYS L 357 23.15 -17.09 -27.86
N LEU L 358 24.12 -17.67 -27.16
CA LEU L 358 24.86 -16.91 -26.16
C LEU L 358 25.71 -15.83 -26.81
N LEU L 359 26.32 -16.12 -27.96
CA LEU L 359 27.15 -15.13 -28.63
C LEU L 359 26.32 -13.96 -29.15
N VAL L 360 25.09 -14.24 -29.61
CA VAL L 360 24.22 -13.16 -30.08
C VAL L 360 23.86 -12.23 -28.95
N GLY L 361 23.57 -12.78 -27.77
CA GLY L 361 23.22 -11.94 -26.63
C GLY L 361 24.36 -11.04 -26.20
N LEU L 362 25.59 -11.56 -26.19
CA LEU L 362 26.74 -10.75 -25.81
C LEU L 362 27.04 -9.69 -26.85
N ASN L 363 26.86 -10.00 -28.13
CA ASN L 363 27.23 -9.08 -29.20
C ASN L 363 26.24 -7.93 -29.30
N GLN L 364 24.98 -8.24 -29.60
CA GLN L 364 23.95 -7.22 -29.79
C GLN L 364 23.37 -6.78 -28.44
N ARG L 365 24.17 -6.00 -27.73
CA ARG L 365 23.76 -5.47 -26.42
C ARG L 365 23.99 -3.96 -26.35
N THR L 376 24.38 -1.53 -32.13
CA THR L 376 25.82 -1.65 -31.99
C THR L 376 26.26 -3.11 -31.96
N ASN L 377 27.26 -3.44 -32.78
CA ASN L 377 27.81 -4.79 -32.87
C ASN L 377 29.30 -4.74 -32.58
N THR L 378 29.75 -5.60 -31.66
CA THR L 378 31.18 -5.69 -31.38
C THR L 378 31.92 -6.44 -32.49
N MET L 379 31.30 -7.51 -33.03
CA MET L 379 31.87 -8.28 -34.12
C MET L 379 30.84 -8.41 -35.23
N LYS L 380 31.34 -8.65 -36.44
CA LYS L 380 30.46 -8.83 -37.59
C LYS L 380 29.66 -10.13 -37.46
N ASN L 381 28.40 -10.07 -37.87
CA ASN L 381 27.48 -11.17 -37.63
C ASN L 381 27.69 -12.35 -38.58
N TYR L 382 28.35 -12.15 -39.72
CA TYR L 382 28.47 -13.24 -40.68
C TYR L 382 29.53 -14.25 -40.29
N MET L 383 30.36 -13.96 -39.29
CA MET L 383 31.36 -14.91 -38.82
C MET L 383 30.92 -15.65 -37.57
N ILE L 384 29.76 -15.31 -37.01
CA ILE L 384 29.32 -15.94 -35.75
C ILE L 384 29.10 -17.44 -35.88
N PRO L 385 28.42 -17.97 -36.91
CA PRO L 385 28.18 -19.42 -36.95
C PRO L 385 29.43 -20.27 -36.92
N VAL L 386 30.52 -19.87 -37.59
CA VAL L 386 31.72 -20.69 -37.58
C VAL L 386 32.46 -20.55 -36.26
N VAL L 387 32.32 -19.41 -35.57
CA VAL L 387 32.95 -19.25 -34.27
C VAL L 387 32.26 -20.12 -33.23
N ALA L 388 30.92 -20.20 -33.30
CA ALA L 388 30.18 -21.01 -32.35
C ALA L 388 30.51 -22.49 -32.53
N GLN L 389 30.65 -22.94 -33.77
CA GLN L 389 31.02 -24.33 -34.03
C GLN L 389 32.42 -24.63 -33.49
N ALA L 390 33.36 -23.70 -33.68
CA ALA L 390 34.72 -23.92 -33.21
C ALA L 390 34.79 -23.99 -31.69
N PHE L 391 34.02 -23.14 -31.00
CA PHE L 391 34.03 -23.15 -29.55
C PHE L 391 33.49 -24.47 -28.99
N SER L 392 32.48 -25.03 -29.64
CA SER L 392 31.86 -26.25 -29.15
C SER L 392 32.83 -27.44 -29.23
N LYS L 393 33.59 -27.53 -30.32
CA LYS L 393 34.53 -28.63 -30.47
C LYS L 393 35.73 -28.47 -29.55
N TRP L 394 36.12 -27.23 -29.26
CA TRP L 394 37.27 -27.01 -28.37
C TRP L 394 36.96 -27.47 -26.96
N ALA L 395 35.75 -27.20 -26.47
CA ALA L 395 35.37 -27.60 -25.12
C ALA L 395 35.33 -29.13 -25.00
N LYS L 396 34.83 -29.81 -26.04
CA LYS L 396 34.75 -31.26 -26.00
C LYS L 396 36.12 -31.91 -25.94
N GLU L 397 37.07 -31.39 -26.73
CA GLU L 397 38.41 -31.98 -26.75
C GLU L 397 39.14 -31.77 -25.42
N CYS L 398 38.93 -30.62 -24.79
CA CYS L 398 39.54 -30.38 -23.48
C CYS L 398 38.97 -31.31 -22.43
N ARG L 399 37.65 -31.55 -22.47
CA ARG L 399 37.03 -32.48 -21.53
C ARG L 399 37.55 -33.89 -21.71
N LYS L 400 37.80 -34.30 -22.96
CA LYS L 400 38.28 -35.65 -23.23
C LYS L 400 39.68 -35.86 -22.68
N ASP L 401 40.51 -34.81 -22.72
CA ASP L 401 41.89 -34.93 -22.23
C ASP L 401 41.94 -35.19 -20.74
N MET L 402 41.05 -34.54 -19.97
CA MET L 402 41.08 -34.66 -18.52
C MET L 402 40.68 -36.05 -18.06
N GLU L 403 39.95 -36.80 -18.87
CA GLU L 403 39.46 -38.12 -18.50
C GLU L 403 40.40 -39.24 -18.94
N ASP L 404 41.57 -38.90 -19.48
CA ASP L 404 42.55 -39.88 -19.95
C ASP L 404 43.93 -39.55 -19.39
N GLU L 405 43.99 -39.34 -18.08
CA GLU L 405 45.22 -38.95 -17.42
C GLU L 405 46.31 -40.01 -17.60
N LYS L 406 47.52 -39.55 -17.89
CA LYS L 406 48.68 -40.41 -18.06
C LYS L 406 49.57 -40.33 -16.81
N LEU L 407 50.74 -40.95 -16.89
CA LEU L 407 51.71 -40.93 -15.80
C LEU L 407 52.80 -39.89 -16.07
N LEU L 408 53.40 -39.39 -15.00
CA LEU L 408 54.39 -38.32 -15.11
C LEU L 408 55.71 -38.86 -15.66
N GLY L 409 56.22 -38.19 -16.69
CA GLY L 409 57.57 -38.45 -17.17
C GLY L 409 57.75 -39.69 -18.00
N VAL L 410 56.68 -40.28 -18.55
CA VAL L 410 56.78 -41.47 -19.36
C VAL L 410 55.97 -41.28 -20.64
N ARG L 411 56.29 -42.10 -21.64
CA ARG L 411 55.59 -42.09 -22.93
C ARG L 411 55.11 -43.50 -23.21
N GLU L 412 53.81 -43.64 -23.48
CA GLU L 412 53.21 -44.94 -23.74
C GLU L 412 53.43 -45.30 -25.21
N ARG L 413 54.12 -46.42 -25.45
CA ARG L 413 54.43 -46.85 -26.81
C ARG L 413 54.20 -48.35 -26.96
N THR L 414 53.06 -48.84 -26.50
CA THR L 414 52.76 -50.26 -26.64
C THR L 414 51.86 -50.51 -27.85
N TRP L 421 56.95 -51.11 -31.48
CA TRP L 421 56.70 -49.85 -30.78
C TRP L 421 55.96 -48.86 -31.68
N ALA L 422 54.71 -48.56 -31.34
CA ALA L 422 53.90 -47.61 -32.11
C ALA L 422 52.94 -46.89 -31.18
N PHE L 423 52.78 -45.59 -31.39
CA PHE L 423 51.89 -44.76 -30.59
C PHE L 423 50.73 -44.25 -31.45
N LYS L 424 49.60 -44.01 -30.79
CA LYS L 424 48.41 -43.50 -31.45
C LYS L 424 48.40 -41.98 -31.43
N LYS L 425 47.84 -41.39 -32.49
CA LYS L 425 47.70 -39.94 -32.61
C LYS L 425 46.23 -39.57 -32.49
N GLN L 426 45.94 -38.58 -31.65
CA GLN L 426 44.57 -38.14 -31.45
C GLN L 426 44.16 -37.16 -32.55
N LYS L 427 42.85 -36.92 -32.63
CA LYS L 427 42.31 -36.01 -33.63
C LYS L 427 42.18 -34.60 -33.07
N THR L 428 42.53 -33.61 -33.89
CA THR L 428 42.44 -32.21 -33.52
C THR L 428 41.64 -31.47 -34.58
N HIS L 429 40.58 -30.80 -34.17
CA HIS L 429 39.72 -30.06 -35.08
C HIS L 429 39.72 -28.56 -34.86
N THR L 430 40.26 -28.08 -33.75
CA THR L 430 40.24 -26.65 -33.44
C THR L 430 41.56 -26.24 -32.81
N VAL L 431 42.10 -25.12 -33.27
CA VAL L 431 43.25 -24.47 -32.65
C VAL L 431 42.80 -23.09 -32.20
N TYR L 432 42.97 -22.80 -30.92
CA TYR L 432 42.45 -21.58 -30.30
C TYR L 432 43.56 -20.92 -29.50
N LYS L 433 44.04 -19.77 -29.96
CA LYS L 433 45.06 -18.99 -29.26
C LYS L 433 44.37 -17.86 -28.51
N ARG L 434 44.32 -17.96 -27.19
CA ARG L 434 43.66 -16.98 -26.36
C ARG L 434 44.47 -15.70 -26.25
N PRO L 435 43.85 -14.59 -25.87
CA PRO L 435 44.60 -13.34 -25.69
C PRO L 435 45.70 -13.50 -24.65
N ASP L 436 46.82 -12.80 -24.89
CA ASP L 436 48.01 -12.80 -24.04
C ASP L 436 48.79 -14.12 -24.13
N THR L 437 48.65 -14.84 -25.25
CA THR L 437 49.46 -16.01 -25.53
C THR L 437 50.31 -15.74 -26.77
N GLN L 438 51.20 -16.68 -27.10
CA GLN L 438 52.16 -16.48 -28.18
C GLN L 438 52.27 -17.73 -29.03
N SER L 439 52.47 -17.54 -30.33
CA SER L 439 52.75 -18.62 -31.26
C SER L 439 54.23 -18.65 -31.60
N ILE L 440 54.73 -19.84 -31.93
CA ILE L 440 56.14 -20.00 -32.27
C ILE L 440 56.31 -21.03 -33.38
N GLN L 441 57.07 -20.67 -34.41
CA GLN L 441 57.30 -21.55 -35.55
C GLN L 441 58.77 -21.54 -35.91
N LYS L 442 59.23 -22.64 -36.52
CA LYS L 442 60.62 -22.80 -36.93
C LYS L 442 60.76 -22.47 -38.41
N VAL L 443 61.66 -21.55 -38.72
CA VAL L 443 61.91 -21.10 -40.09
C VAL L 443 63.41 -21.06 -40.32
N GLN L 444 63.79 -20.78 -41.56
CA GLN L 444 65.20 -20.69 -41.93
C GLN L 444 65.79 -19.36 -41.48
N ALA L 445 67.06 -19.39 -41.04
CA ALA L 445 67.72 -18.21 -40.53
C ALA L 445 69.14 -18.03 -41.08
N GLU L 446 69.56 -18.88 -42.02
CA GLU L 446 70.89 -18.78 -42.63
C GLU L 446 70.72 -18.79 -44.14
N PHE L 447 71.02 -17.67 -44.79
CA PHE L 447 70.83 -17.53 -46.22
C PHE L 447 72.17 -17.29 -46.89
N ASP L 448 72.45 -18.05 -47.96
CA ASP L 448 73.68 -17.88 -48.70
C ASP L 448 73.49 -17.93 -50.21
N SER L 449 72.26 -17.85 -50.72
CA SER L 449 72.00 -17.86 -52.15
C SER L 449 71.12 -16.66 -52.49
N PHE L 450 71.59 -15.82 -53.40
CA PHE L 450 70.89 -14.59 -53.77
C PHE L 450 70.87 -14.43 -55.28
N VAL L 451 70.78 -15.54 -56.01
CA VAL L 451 70.75 -15.50 -57.47
C VAL L 451 69.45 -16.10 -57.99
N TRP L 456 67.95 -6.36 -67.94
CA TRP L 456 66.91 -5.39 -67.62
C TRP L 456 66.40 -4.67 -68.88
N SER L 457 65.09 -4.41 -68.91
CA SER L 457 64.47 -3.68 -69.99
C SER L 457 63.56 -2.61 -69.41
N SER L 458 63.33 -1.55 -70.19
CA SER L 458 62.54 -0.43 -69.70
C SER L 458 61.07 -0.82 -69.57
N GLY L 459 60.44 -1.20 -70.69
CA GLY L 459 59.04 -1.58 -70.70
C GLY L 459 58.10 -0.46 -71.12
N LEU L 460 58.54 0.79 -71.04
CA LEU L 460 57.71 1.90 -71.50
C LEU L 460 57.58 1.89 -73.01
N SER L 461 56.43 2.36 -73.49
CA SER L 461 56.15 2.43 -74.92
C SER L 461 56.17 3.87 -75.38
N ILE L 462 56.38 4.05 -76.69
CA ILE L 462 56.38 5.39 -77.27
C ILE L 462 55.06 6.12 -77.06
N PRO L 463 53.89 5.50 -77.28
CA PRO L 463 52.63 6.23 -77.02
C PRO L 463 52.49 6.71 -75.58
N LEU L 464 52.95 5.93 -74.60
CA LEU L 464 52.83 6.35 -73.21
C LEU L 464 53.77 7.51 -72.90
N ARG L 465 54.98 7.47 -73.46
CA ARG L 465 55.93 8.56 -73.23
C ARG L 465 55.41 9.87 -73.81
N THR L 466 54.77 9.81 -74.97
CA THR L 466 54.20 11.01 -75.56
C THR L 466 53.11 11.61 -74.69
N ARG L 467 52.25 10.76 -74.12
CA ARG L 467 51.14 11.26 -73.31
C ARG L 467 51.64 11.93 -72.04
N ILE L 468 52.67 11.38 -71.41
CA ILE L 468 53.20 11.97 -70.18
C ILE L 468 53.78 13.35 -70.46
N LYS L 469 54.48 13.50 -71.60
CA LYS L 469 55.05 14.80 -71.95
C LYS L 469 53.95 15.84 -72.15
N TRP L 470 52.85 15.47 -72.80
CA TRP L 470 51.79 16.43 -73.09
C TRP L 470 51.14 16.94 -71.80
N LEU L 471 50.91 16.05 -70.83
CA LEU L 471 50.32 16.48 -69.57
C LEU L 471 51.25 17.42 -68.80
N LEU L 472 52.55 17.25 -68.94
CA LEU L 472 53.49 18.08 -68.19
C LEU L 472 53.55 19.49 -68.75
N SER L 473 53.43 19.64 -70.07
CA SER L 473 53.45 20.95 -70.70
C SER L 473 52.17 21.70 -70.34
N LYS L 474 52.32 22.79 -69.60
CA LYS L 474 51.20 23.58 -69.11
C LYS L 474 50.23 22.74 -68.28
ZN ZN M . 29.50 13.83 -82.94
N SAH N . 20.60 9.12 -71.66
CA SAH N . 19.24 9.58 -71.88
CB SAH N . 18.52 8.68 -72.87
CG SAH N . 18.80 7.19 -72.72
SD SAH N . 17.70 6.18 -73.76
C SAH N . 18.46 9.64 -70.58
O SAH N . 19.04 9.58 -69.49
OXT SAH N . 17.23 9.77 -70.56
C5' SAH N . 19.14 5.50 -74.64
C4' SAH N . 19.43 6.26 -75.92
O4' SAH N . 20.59 5.75 -76.55
C3' SAH N . 18.31 6.16 -76.93
O3' SAH N . 17.64 7.39 -77.02
C2' SAH N . 18.98 5.84 -78.25
O2' SAH N . 18.63 6.80 -79.21
C1' SAH N . 20.46 5.92 -77.94
N9 SAH N . 21.21 4.88 -78.69
C8 SAH N . 20.76 3.65 -79.05
N7 SAH N . 21.74 3.01 -79.72
C5 SAH N . 22.81 3.83 -79.80
C6 SAH N . 24.07 3.68 -80.38
N6 SAH N . 24.39 2.56 -81.00
N1 SAH N . 24.98 4.72 -80.29
C2 SAH N . 24.64 5.88 -79.65
N3 SAH N . 23.39 6.02 -79.07
C4 SAH N . 22.49 5.02 -79.15
C1 YG4 O . 15.27 5.10 -65.71
C2 YG4 O . 15.99 1.43 -67.90
C3 YG4 O . 16.05 6.23 -65.03
C4 YG4 O . 15.00 7.35 -64.94
C5 YG4 O . 15.80 3.64 -67.70
C6 YG4 O . 13.70 6.56 -64.78
C7 YG4 O . 16.06 3.85 -69.05
C8 YG4 O . 12.46 7.28 -65.24
C9 YG4 O . 16.30 2.76 -69.94
C10 YG4 O . 15.71 5.93 -68.09
C11 YG4 O . 16.18 5.89 -70.52
C12 YG4 O . 10.61 15.71 -68.32
C13 YG4 O . 9.80 16.71 -67.51
C14 YG4 O . 10.50 17.26 -66.27
C15 YG4 O . 9.89 16.44 -65.14
C16 YG4 O . 8.47 16.27 -65.64
C17 YG4 O . 7.93 13.83 -65.15
C18 YG4 O . 5.99 14.20 -63.97
C19 YG4 O . 4.74 14.14 -63.30
C20 YG4 O . 4.55 16.40 -63.72
C21 YG4 O . 6.41 15.43 -64.47
C22 YG4 O . 10.37 16.45 -62.79
C23 YG4 O . 9.11 21.53 -68.08
C24 YG4 O . 8.12 20.70 -68.85
C25 YG4 O . 6.82 21.40 -69.24
C26 YG4 O . 5.84 20.24 -69.35
C27 YG4 O . 6.32 19.34 -68.21
C28 YG4 O . 6.87 17.21 -69.33
C29 YG4 O . 5.72 15.13 -68.68
C30 YG4 O . 4.94 15.90 -67.75
C31 YG4 O . 5.14 17.23 -67.65
N1 YG4 O . 16.24 1.56 -69.24
N2 YG4 O . 15.97 0.18 -67.42
N3 YG4 O . 15.77 2.45 -67.08
N4 YG4 O . 15.99 5.20 -69.26
N5 YG4 O . 15.59 4.86 -67.11
N6 YG4 O . 7.62 15.25 -65.09
N7 YG4 O . 6.97 13.26 -64.25
N8 YG4 O . 4.23 13.02 -62.78
N9 YG4 O . 4.04 15.28 -63.19
N10 YG4 O . 5.71 16.56 -64.37
N11 YG4 O . 6.09 17.88 -68.41
N12 YG4 O . 6.64 15.86 -69.41
O1 YG4 O . 16.50 5.83 -63.74
O2 YG4 O . 15.22 8.18 -63.81
O3 YG4 O . 13.89 5.37 -65.58
O4 YG4 O . 12.61 7.64 -66.64
O5 YG4 O . 16.53 2.78 -71.14
O6 YG4 O . 12.08 8.95 -68.71
O7 YG4 O . 10.31 8.51 -66.92
O8 YG4 O . 12.23 10.07 -66.47
O9 YG4 O . 11.92 11.60 -64.51
O10 YG4 O . 10.03 11.25 -66.19
O11 YG4 O . 12.10 12.50 -66.84
O12 YG4 O . 10.47 12.48 -68.75
O13 YG4 O . 12.73 13.66 -68.97
O14 YG4 O . 10.92 14.57 -67.48
O15 YG4 O . 8.59 16.08 -67.04
O16 YG4 O . 10.23 18.67 -66.07
O17 YG4 O . 9.89 17.18 -63.91
O18 YG4 O . 11.03 19.42 -68.42
O19 YG4 O . 12.01 20.49 -66.33
O20 YG4 O . 9.59 20.79 -66.94
O21 YG4 O . 7.72 19.55 -68.05
O22 YG4 O . 6.96 22.09 -70.48
O23 YG4 O . 5.94 19.60 -70.62
O24 YG4 O . 7.70 17.77 -70.04
O25 YG4 O . 5.62 13.91 -68.86
P1 YG4 O . 11.72 8.78 -67.28
P2 YG4 O . 11.48 11.36 -65.90
P3 YG4 O . 11.57 13.27 -68.14
P4 YG4 O . 10.87 19.84 -67.02
MG MG P . 40.15 2.25 -54.94
MG MG Q . 8.06 9.99 -67.03
ZN ZN R . -14.85 23.76 -84.65
N SAH S . -17.12 17.38 -70.99
CA SAH S . -18.43 17.80 -70.50
CB SAH S . -19.54 17.00 -71.15
CG SAH S . -19.25 15.51 -71.31
SD SAH S . -20.72 14.58 -71.81
C SAH S . -18.50 17.68 -68.98
O SAH S . -17.50 17.39 -68.32
OXT SAH S . -19.55 17.87 -68.38
C5' SAH S . -19.89 14.05 -73.33
C4' SAH S . -20.24 14.95 -74.52
O4' SAH S . -19.53 14.56 -75.67
C3' SAH S . -21.71 14.88 -74.88
O3' SAH S . -22.36 16.08 -74.50
C2' SAH S . -21.75 14.73 -76.38
O2' SAH S . -22.52 15.76 -76.95
C1' SAH S . -20.30 14.86 -76.81
N9 SAH S . -20.00 13.95 -77.93
C8 SAH S . -20.56 12.72 -78.15
N7 SAH S . -20.01 12.20 -79.28
C5 SAH S . -19.13 13.10 -79.79
C6 SAH S . -18.32 13.07 -80.91
N6 SAH S . -18.33 12.03 -81.73
N1 SAH S . -17.50 14.15 -81.17
C2 SAH S . -17.50 15.24 -80.32
N3 SAH S . -18.30 15.25 -79.21
C4 SAH S . -19.11 14.20 -78.94
C1 YG4 T . -18.83 12.55 -63.74
C2 YG4 T . -19.24 9.14 -66.39
C3 YG4 T . -17.82 13.65 -63.38
C4 YG4 T . -18.70 14.69 -62.67
C5 YG4 T . -19.32 11.32 -65.88
C6 YG4 T . -19.75 13.82 -62.00
C7 YG4 T . -19.75 11.66 -67.16
C8 YG4 T . -21.07 14.51 -61.73
C9 YG4 T . -19.97 10.67 -68.16
C10 YG4 T . -19.60 13.62 -65.93
C11 YG4 T . -20.38 13.83 -68.28
C12 YG4 T . -24.16 23.06 -62.52
C13 YG4 T . -24.45 23.95 -61.33
C14 YG4 T . -23.22 24.40 -60.54
C15 YG4 T . -23.19 23.42 -59.36
C16 YG4 T . -24.69 23.25 -59.11
C17 YG4 T . -24.97 20.75 -58.78
C18 YG4 T . -26.02 20.83 -56.73
C19 YG4 T . -26.76 20.62 -55.55
C20 YG4 T . -27.11 22.90 -55.49
C21 YG4 T . -25.90 22.14 -57.20
C22 YG4 T . -21.76 23.13 -57.48
C23 YG4 T . -25.37 28.72 -60.88
C24 YG4 T . -26.61 27.91 -61.19
C25 YG4 T . -27.93 28.57 -60.81
C26 YG4 T . -28.84 27.35 -60.59
C27 YG4 T . -27.86 26.36 -59.95
C28 YG4 T . -27.91 24.43 -61.47
C29 YG4 T . -28.59 22.21 -60.64
C30 YG4 T . -28.83 22.81 -59.36
C31 YG4 T . -28.61 24.13 -59.19
N1 YG4 T . -19.67 9.42 -67.65
N2 YG4 T . -19.02 7.86 -66.09
N3 YG4 T . -19.04 10.07 -65.45
N4 YG4 T . -19.92 13.01 -67.17
N5 YG4 T . -19.21 12.47 -65.14
N6 YG4 T . -25.17 22.12 -58.36
N7 YG4 T . -25.32 20.01 -57.60
N8 YG4 T . -26.94 19.41 -55.00
N9 YG4 T . -27.30 21.69 -54.94
N10 YG4 T . -26.44 23.21 -56.60
N11 YG4 T . -28.16 24.94 -60.21
N12 YG4 T . -28.14 23.08 -61.61
O1 YG4 T . -16.80 13.15 -62.53
O2 YG4 T . -17.95 15.42 -61.70
O3 YG4 T . -19.97 12.74 -62.93
O4 YG4 T . -21.62 15.00 -62.97
O5 YG4 T . -20.36 10.80 -69.32
O6 YG4 T . -23.08 16.49 -64.36
O7 YG4 T . -23.76 15.79 -62.00
O8 YG4 T . -21.87 17.39 -62.36
O9 YG4 T . -21.16 18.64 -60.30
O10 YG4 T . -23.63 18.40 -60.90
O11 YG4 T . -22.12 19.83 -62.30
O12 YG4 T . -24.43 19.86 -63.28
O13 YG4 T . -22.56 21.28 -64.30
O14 YG4 T . -23.55 21.84 -62.06
O15 YG4 T . -25.30 23.25 -60.39
O16 YG4 T . -23.34 25.76 -60.06
O17 YG4 T . -22.58 24.01 -58.22
O18 YG4 T . -23.83 26.80 -62.39
O19 YG4 T . -21.99 27.75 -60.90
O20 YG4 T . -24.40 27.88 -60.22
O21 YG4 T . -26.58 26.67 -60.45
O22 YG4 T . -28.42 29.40 -61.85
O23 YG4 T . -29.36 26.88 -61.83
O24 YG4 T . -27.54 25.12 -62.40
O25 YG4 T . -28.75 21.01 -60.91
P1 YG4 T . -22.71 16.17 -62.96
P2 YG4 T . -22.23 18.56 -61.33
P3 YG4 T . -23.21 20.68 -63.11
P4 YG4 T . -23.29 27.07 -61.04
MG MG U . -25.62 17.05 -60.85
ZN ZN V . -54.37 31.22 -63.36
N SAH W . -49.67 23.43 -51.19
CA SAH W . -50.54 23.70 -50.05
CB SAH W . -51.83 22.90 -50.15
CG SAH W . -51.66 21.47 -50.66
SD SAH W . -53.18 20.51 -50.49
C SAH W . -49.84 23.42 -48.72
O SAH W . -48.64 23.13 -48.69
OXT SAH W . -50.46 23.46 -47.66
C5' SAH W . -53.20 20.18 -52.27
C4' SAH W . -54.07 21.17 -53.02
O4' SAH W . -54.00 20.94 -54.42
C3' SAH W . -55.54 21.06 -52.64
O3' SAH W . -55.91 22.17 -51.85
C2' SAH W . -56.30 21.06 -53.94
O2' SAH W . -57.24 22.11 -53.95
C1' SAH W . -55.24 21.31 -55.00
N9 SAH W . -55.53 20.53 -56.21
C8 SAH W . -56.11 19.30 -56.28
N7 SAH W . -56.20 18.93 -57.58
C5 SAH W . -55.69 19.92 -58.35
C6 SAH W . -55.54 20.06 -59.72
N6 SAH W . -55.94 19.10 -60.54
N1 SAH W . -54.96 21.22 -60.22
C2 SAH W . -54.55 22.21 -59.36
N3 SAH W . -54.70 22.06 -58.00
C4 SAH W . -55.26 20.94 -57.50
C1 YG4 X . -47.63 17.80 -44.63
C2 YG4 X . -49.31 14.69 -47.12
C3 YG4 X . -46.55 18.89 -44.69
C4 YG4 X . -46.95 19.82 -43.54
C5 YG4 X . -49.11 16.78 -46.39
C6 YG4 X . -47.59 18.88 -42.54
C7 YG4 X . -50.12 17.24 -47.24
C8 YG4 X . -48.58 19.51 -41.60
C9 YG4 X . -50.80 16.36 -48.12
C10 YG4 X . -49.35 19.06 -46.01
C11 YG4 X . -51.18 19.49 -47.65
C12 YG4 X . -51.67 27.02 -39.07
C13 YG4 X . -51.29 28.28 -38.35
C14 YG4 X . -49.81 28.67 -38.47
C15 YG4 X . -49.19 27.69 -37.48
C16 YG4 X . -50.23 27.67 -36.36
C17 YG4 X . -50.57 25.14 -36.24
C18 YG4 X . -50.51 24.95 -33.95
C19 YG4 X . -50.62 24.58 -32.59
C20 YG4 X . -50.84 26.81 -32.11
C21 YG4 X . -50.58 26.31 -34.26
C22 YG4 X . -47.16 27.24 -36.31
C23 YG4 X . -51.77 32.92 -37.25
C24 YG4 X . -53.04 32.15 -36.99
C25 YG4 X . -53.98 32.75 -35.94
C26 YG4 X . -54.72 31.51 -35.44
C27 YG4 X . -53.61 30.46 -35.47
C28 YG4 X . -54.49 28.70 -36.95
C29 YG4 X . -54.73 26.40 -36.13
C30 YG4 X . -54.30 26.86 -34.85
C31 YG4 X . -53.97 28.15 -34.67
N1 YG4 X . -50.31 15.08 -47.98
N2 YG4 X . -48.98 13.39 -47.13
N3 YG4 X . -48.67 15.52 -46.30
N4 YG4 X . -50.24 18.58 -47.00
N5 YG4 X . -48.65 17.85 -45.65
N6 YG4 X . -50.44 26.44 -35.61
N7 YG4 X . -50.33 24.24 -35.14
N8 YG4 X . -50.57 23.31 -32.17
N9 YG4 X . -50.78 25.55 -31.68
N10 YG4 X . -50.74 27.28 -33.36
N11 YG4 X . -54.06 29.07 -35.69
N12 YG4 X . -54.80 27.38 -37.10
O1 YG4 X . -45.25 18.33 -44.48
O2 YG4 X . -45.81 20.47 -42.98
O3 YG4 X . -48.24 17.88 -43.34
O4 YG4 X . -49.59 20.18 -42.37
O5 YG4 X . -51.70 16.61 -48.91
O6 YG4 X . -51.73 21.48 -42.61
O7 YG4 X . -50.95 20.59 -40.34
O8 YG4 X . -49.74 22.49 -41.46
O9 YG4 X . -48.02 23.33 -39.85
O10 YG4 X . -50.46 23.11 -39.14
O11 YG4 X . -49.76 24.87 -40.79
O12 YG4 X . -52.26 24.84 -40.71
O13 YG4 X . -51.04 25.94 -42.66
O14 YG4 X . -51.02 26.96 -40.36
O15 YG4 X . -51.46 28.08 -36.93
O16 YG4 X . -49.53 30.02 -38.07
O17 YG4 X . -47.96 28.21 -36.98
O18 YG4 X . -51.38 31.10 -39.55
O19 YG4 X . -49.12 32.23 -39.28
O20 YG4 X . -50.67 31.98 -37.33
O21 YG4 X . -52.72 30.83 -36.51
O22 YG4 X . -54.86 33.69 -36.52
O23 YG4 X . -55.80 31.17 -36.30
O24 YG4 X . -54.60 29.51 -37.88
O25 YG4 X . -55.06 25.24 -36.41
P1 YG4 X . -50.62 21.17 -41.66
P2 YG4 X . -49.46 23.41 -40.18
P3 YG4 X . -51.11 25.61 -41.21
P4 YG4 X . -50.18 31.37 -38.73
MG MG Y . -52.01 21.64 -38.21
ZN ZN Z . -78.38 34.29 -24.91
N SAH AA . -68.38 25.63 -17.60
CA SAH AA . -68.59 25.74 -16.15
CB SAH AA . -69.74 24.85 -15.71
CG SAH AA . -69.80 23.48 -16.39
SD SAH AA . -71.03 22.40 -15.61
C SAH AA . -67.32 25.39 -15.39
O SAH AA . -66.24 25.30 -15.95
OXT SAH AA . -67.36 25.18 -14.18
C5' SAH AA . -71.94 22.27 -17.17
C4' SAH AA . -73.08 23.28 -17.26
O4' SAH AA . -73.73 23.20 -18.51
C3' SAH AA . -74.14 23.04 -16.20
O3' SAH AA . -74.07 24.05 -15.22
C2' SAH AA . -75.46 23.13 -16.93
O2' SAH AA . -76.29 24.11 -16.34
C1' SAH AA . -75.09 23.55 -18.35
N9 SAH AA . -75.94 22.90 -19.35
C8 SAH AA . -76.51 21.65 -19.25
N7 SAH AA . -77.22 21.42 -20.37
C5 SAH AA . -77.13 22.50 -21.18
C6 SAH AA . -77.66 22.78 -22.42
N6 SAH AA . -78.43 21.90 -23.05
N1 SAH AA . -77.38 23.99 -23.02
C2 SAH AA . -76.57 24.91 -22.38
N3 SAH AA . -76.05 24.62 -21.14
C4 SAH AA . -76.33 23.43 -20.55
C1 YG4 BA . -63.38 19.43 -13.53
C2 YG4 BA . -66.07 16.48 -15.22
C3 YG4 BA . -62.48 20.60 -13.97
C4 YG4 BA . -62.27 21.37 -12.66
C5 YG4 BA . -65.54 18.51 -14.45
C6 YG4 BA . -62.30 20.25 -11.62
C7 YG4 BA . -66.83 19.00 -14.64
C8 YG4 BA . -62.71 20.68 -10.24
C9 YG4 BA . -67.85 18.15 -15.17
C10 YG4 BA . -65.57 20.72 -13.73
C11 YG4 BA . -67.96 21.19 -14.21
C12 YG4 BA . -64.53 28.69 -6.17
C13 YG4 BA . -63.63 29.29 -5.13
C14 YG4 BA . -62.28 29.80 -5.64
C15 YG4 BA . -61.32 28.68 -5.28
C16 YG4 BA . -61.91 28.22 -3.96
C17 YG4 BA . -61.83 25.68 -4.10
C18 YG4 BA . -60.69 25.32 -2.12
C19 YG4 BA . -60.10 24.82 -0.94
C20 YG4 BA . -60.18 26.99 -0.14
C21 YG4 BA . -60.98 26.68 -2.20
C22 YG4 BA . -58.98 28.44 -5.71
C23 YG4 BA . -63.49 33.78 -3.15
C24 YG4 BA . -64.42 32.85 -2.43
C25 YG4 BA . -64.75 33.23 -0.99
C26 YG4 BA . -65.09 31.88 -0.37
C27 YG4 BA . -64.08 30.96 -1.06
C28 YG4 BA . -65.49 29.27 -2.17
C29 YG4 BA . -65.22 26.89 -1.63
C30 YG4 BA . -64.22 27.26 -0.67
C31 YG4 BA . -63.91 28.56 -0.50
N1 YG4 BA . -67.36 16.89 -15.43
N2 YG4 BA . -65.78 15.22 -15.54
N3 YG4 BA . -65.11 17.27 -14.73
N4 YG4 BA . -66.83 20.28 -14.21
N5 YG4 BA . -64.77 19.52 -13.91
N6 YG4 BA . -61.57 26.93 -3.41
N7 YG4 BA . -61.07 24.73 -3.32
N8 YG4 BA . -59.79 23.54 -0.74
N9 YG4 BA . -59.85 25.70 0.06
N10 YG4 BA . -60.73 27.55 -1.22
N11 YG4 BA . -64.51 29.56 -1.24
N12 YG4 BA . -65.79 27.94 -2.32
O1 YG4 BA . -61.25 20.14 -14.51
O2 YG4 BA . -61.02 22.04 -12.64
O3 YG4 BA . -63.27 19.30 -12.13
O4 YG4 BA . -64.02 21.28 -10.29
O5 YG4 BA . -69.03 18.43 -15.39
O6 YG4 BA . -65.89 22.72 -9.42
O7 YG4 BA . -64.27 21.54 -7.83
O8 YG4 BA . -63.51 23.47 -9.26
O9 YG4 BA . -61.35 24.53 -8.55
O10 YG4 BA . -63.14 23.95 -6.83
O11 YG4 BA . -63.51 25.80 -8.48
O12 YG4 BA . -65.47 25.65 -6.92
O13 YG4 BA . -65.40 27.41 -8.77
O14 YG4 BA . -63.88 27.56 -6.78
O15 YG4 BA . -63.32 28.29 -4.13
O16 YG4 BA . -61.89 31.04 -5.00
O17 YG4 BA . -60.00 29.19 -5.07
O18 YG4 BA . -64.06 32.34 -5.58
O19 YG4 BA . -61.78 33.29 -6.21
O20 YG4 BA . -62.45 33.02 -3.81
O21 YG4 BA . -63.83 31.52 -2.35
O22 YG4 BA . -65.87 34.12 -0.94
O23 YG4 BA . -66.44 31.51 -0.64
O24 YG4 BA . -66.06 30.14 -2.82
O25 YG4 BA . -65.59 25.73 -1.88
P1 YG4 BA . -64.53 22.24 -9.12
P2 YG4 BA . -62.78 24.41 -8.18
P3 YG4 BA . -64.69 26.59 -7.76
P4 YG4 BA . -62.61 32.47 -5.30
MG MG CA . -64.26 22.36 -5.27
ZN ZN DA . -80.62 32.15 20.45
N SAH EA . -68.22 23.29 20.96
CA SAH EA . -67.71 23.27 22.33
CB SAH EA . -68.54 22.31 23.19
CG SAH EA . -68.92 21.00 22.50
SD SAH EA . -69.62 19.80 23.66
C SAH EA . -66.24 22.88 22.38
O SAH EA . -65.58 22.76 21.35
OXT SAH EA . -65.66 22.70 23.44
C5' SAH EA . -71.16 19.77 22.72
C4' SAH EA . -72.20 20.71 23.29
O4' SAH EA . -73.37 20.72 22.50
C3' SAH EA . -72.64 20.31 24.70
O3' SAH EA . -72.12 21.21 25.64
C2' SAH EA . -74.16 20.41 24.68
O2' SAH EA . -74.60 21.27 25.70
C1' SAH EA . -74.49 20.98 23.32
N9 SAH EA . -75.72 20.37 22.78
C8 SAH EA . -76.15 19.09 22.98
N7 SAH EA . -77.32 18.93 22.32
C5 SAH EA . -77.64 20.09 21.71
C6 SAH EA . -78.72 20.47 20.91
N6 SAH EA . -79.68 19.60 20.63
N1 SAH EA . -78.77 21.75 20.41
C2 SAH EA . -77.77 22.65 20.71
N3 SAH EA . -76.70 22.26 21.49
C4 SAH EA . -76.64 21.01 21.99
C1 YG4 FA . -61.88 17.09 21.32
C2 YG4 FA . -65.03 14.17 20.78
C3 YG4 FA . -61.32 18.35 20.66
C4 YG4 FA . -60.49 18.98 21.78
C5 YG4 FA . -64.20 16.13 21.45
C6 YG4 FA . -60.01 17.77 22.57
C7 YG4 FA . -65.43 16.54 21.96
C8 YG4 FA . -59.70 18.03 24.02
C9 YG4 FA . -66.58 15.70 21.89
C10 YG4 FA . -63.90 18.26 22.34
C11 YG4 FA . -66.23 18.62 23.14
C12 YG4 FA . -59.30 25.46 29.30
C13 YG4 FA . -58.01 26.04 29.83
C14 YG4 FA . -57.09 26.67 28.77
C15 YG4 FA . -56.09 25.57 28.48
C16 YG4 FA . -55.94 24.96 29.88
C17 YG4 FA . -56.01 22.44 29.47
C18 YG4 FA . -54.02 21.91 30.51
C19 YG4 FA . -52.92 21.33 31.17
C20 YG4 FA . -52.54 23.39 32.12
C21 YG4 FA . -54.28 23.27 30.74
C22 YG4 FA . -54.21 25.36 27.03
C23 YG4 FA . -56.88 30.25 32.01
C24 YG4 FA . -57.36 29.21 32.98
C25 YG4 FA . -56.94 29.41 34.43
C26 YG4 FA . -56.97 27.99 34.98
C27 YG4 FA . -56.44 27.20 33.77
C28 YG4 FA . -58.24 25.60 33.29
C29 YG4 FA . -57.79 23.18 33.34
C30 YG4 FA . -56.44 23.47 33.74
C31 YG4 FA . -56.06 24.75 33.89
N1 YG4 FA . -66.26 14.51 21.27
N2 YG4 FA . -64.92 12.96 20.22
N3 YG4 FA . -63.95 14.96 20.85
N4 YG4 FA . -65.24 17.79 22.48
N5 YG4 FA . -63.29 17.13 21.67
N6 YG4 FA . -55.40 23.63 30.03
N7 YG4 FA . -54.97 21.46 29.61
N8 YG4 FA . -52.57 20.05 31.02
N9 YG4 FA . -52.20 22.10 31.98
N10 YG4 FA . -53.55 24.05 31.56
N11 YG4 FA . -56.92 25.81 33.67
N12 YG4 FA . -58.59 24.28 33.14
O1 YG4 FA . -60.49 18.01 19.53
O2 YG4 FA . -59.38 19.72 21.27
O3 YG4 FA . -61.10 16.83 22.47
O4 YG4 FA . -60.87 18.55 24.67
O5 YG4 FA . -67.72 15.92 22.30
O6 YG4 FA . -62.08 19.80 26.49
O7 YG4 FA . -59.89 18.57 26.95
O8 YG4 FA . -59.91 20.65 25.56
O9 YG4 FA . -57.66 21.70 25.22
O10 YG4 FA . -58.39 20.91 27.54
O11 YG4 FA . -59.48 22.90 26.47
O12 YG4 FA . -60.56 22.47 28.69
O13 YG4 FA . -61.27 24.47 27.27
O14 YG4 FA . -59.02 24.38 28.38
O15 YG4 FA . -57.23 25.00 30.45
O16 YG4 FA . -56.43 27.85 29.26
O17 YG4 FA . -54.85 26.10 28.05
O18 YG4 FA . -58.59 29.08 30.01
O19 YG4 FA . -56.90 30.24 28.49
O20 YG4 FA . -56.30 29.61 30.85
O21 YG4 FA . -56.83 27.91 32.61
O22 YG4 FA . -57.87 30.25 35.12
O23 YG4 FA . -58.28 27.59 35.35
O24 YG4 FA . -59.03 26.50 33.11
O25 YG4 FA . -58.25 22.04 33.17
P1 YG4 FA . -60.73 19.37 26.04
P2 YG4 FA . -58.73 21.50 26.23
P3 YG4 FA . -60.21 23.55 27.74
P4 YG4 FA . -57.19 29.27 29.57
MG MG GA . -58.63 19.09 29.08
ZN ZN HA . -60.30 25.28 60.59
N SAH IA . -49.25 17.19 54.00
CA SAH IA . -48.14 17.03 54.91
CB SAH IA . -48.42 15.94 55.93
CG SAH IA . -49.12 14.71 55.38
SD SAH IA . -49.17 13.36 56.58
C SAH IA . -46.84 16.74 54.16
O SAH IA . -46.79 16.78 52.94
OXT SAH IA . -45.81 16.44 54.77
C5' SAH IA . -50.98 13.33 56.51
C4' SAH IA . -51.61 14.15 57.61
O4' SAH IA . -53.02 14.17 57.48
C3' SAH IA . -51.32 13.60 59.00
O3' SAH IA . -50.39 14.43 59.65
C2' SAH IA . -52.64 13.61 59.72
O2' SAH IA . -52.53 14.35 60.91
C1' SAH IA . -53.60 14.29 58.77
N9 SAH IA . -54.93 13.67 58.83
C8 SAH IA . -55.21 12.35 59.06
N7 SAH IA . -56.55 12.19 59.04
C5 SAH IA . -57.13 13.39 58.82
C6 SAH IA . -58.46 13.78 58.71
N6 SAH IA . -59.43 12.89 58.83
N1 SAH IA . -58.76 15.11 58.47
C2 SAH IA . -57.73 16.03 58.34
N3 SAH IA . -56.42 15.63 58.45
C4 SAH IA . -56.13 14.33 58.69
C1 YG4 JA . -43.54 11.33 50.53
C2 YG4 JA . -46.56 8.32 51.29
C3 YG4 JA . -43.39 12.66 49.78
C4 YG4 JA . -42.13 13.26 50.42
C5 YG4 JA . -45.50 10.25 51.67
C6 YG4 JA . -41.31 12.03 50.77
C7 YG4 JA . -46.32 10.56 52.76
C8 YG4 JA . -40.34 12.21 51.92
C9 YG4 JA . -47.36 9.68 53.17
C10 YG4 JA . -44.80 12.29 52.52
C11 YG4 JA . -46.42 12.47 54.39
C12 YG4 JA . -36.84 18.12 56.93
C13 YG4 JA . -35.90 19.31 56.91
C14 YG4 JA . -35.89 20.09 55.59
C15 YG4 JA . -35.04 19.17 54.73
C16 YG4 JA . -33.98 18.69 55.73
C17 YG4 JA . -34.27 16.17 55.37
C18 YG4 JA . -32.03 15.64 55.27
C19 YG4 JA . -30.76 15.05 55.28
C20 YG4 JA . -29.95 17.03 56.10
C21 YG4 JA . -32.14 16.97 55.70
C22 YG4 JA . -33.87 19.10 52.65
C23 YG4 JA . -34.14 23.41 58.63
C24 YG4 JA . -34.06 22.30 59.65
C25 YG4 JA . -32.97 22.45 60.72
C26 YG4 JA . -32.70 20.99 61.10
C27 YG4 JA . -32.84 20.30 59.74
C28 YG4 JA . -34.62 18.63 60.11
C29 YG4 JA . -34.17 16.25 59.72
C30 YG4 JA . -32.82 16.59 59.43
C31 YG4 JA . -32.42 17.88 59.47
N1 YG4 JA . -47.39 8.56 52.36
N2 YG4 JA . -46.75 7.18 50.62
N3 YG4 JA . -45.59 9.15 50.91
N4 YG4 JA . -45.89 11.75 53.24
N5 YG4 JA . -44.59 11.27 51.52
N6 YG4 JA . -33.45 17.34 55.62
N7 YG4 JA . -33.30 15.22 54.90
N8 YG4 JA . -30.54 13.79 54.89
N9 YG4 JA . -29.72 15.79 55.70
N10 YG4 JA . -31.11 17.71 56.13
N11 YG4 JA . -33.30 18.89 59.80
N12 YG4 JA . -34.98 17.31 60.05
O1 YG4 JA . -43.21 12.45 48.38
O2 YG4 JA . -41.42 14.09 49.50
O3 YG4 JA . -42.29 11.04 51.14
O4 YG4 JA . -41.04 12.71 53.06
O5 YG4 JA . -48.14 9.80 54.11
O6 YG4 JA . -41.18 13.41 55.47
O7 YG4 JA . -39.04 12.41 54.49
O8 YG4 JA . -39.79 14.72 53.84
O9 YG4 JA . -38.00 15.71 52.42
O10 YG4 JA . -37.44 14.74 54.70
O11 YG4 JA . -38.77 16.86 54.50
O12 YG4 JA . -38.80 16.15 56.90
O13 YG4 JA . -40.51 17.84 56.02
O14 YG4 JA . -38.09 18.44 56.29
O15 YG4 JA . -34.54 18.85 57.03
O16 YG4 JA . -35.29 21.39 55.69
O17 YG4 JA . -34.41 19.90 53.69
O18 YG4 JA . -36.67 22.16 57.75
O19 YG4 JA . -36.12 23.79 55.88
O20 YG4 JA . -34.31 22.83 57.33
O21 YG4 JA . -33.78 21.05 58.98
O22 YG4 JA . -33.44 23.21 61.82
O23 YG4 JA . -33.66 20.52 62.05
O24 YG4 JA . -35.41 19.52 60.43
O25 YG4 JA . -34.64 15.10 59.72
P1 YG4 JA . -40.24 13.26 54.33
P2 YG4 JA . -38.38 15.46 53.82
P3 YG4 JA . -39.13 17.28 56.00
P4 YG4 JA . -35.75 22.60 56.68
MG MG KA . -36.82 12.78 55.82
ZN ZN LA . -22.98 15.64 84.66
N SAH MA . -16.62 8.90 72.71
CA SAH MA . -15.19 8.72 72.95
CB SAH MA . -14.95 7.50 73.82
CG SAH MA . -15.83 6.29 73.50
SD SAH MA . -15.28 4.81 74.39
C SAH MA . -14.42 8.60 71.63
O SAH MA . -14.94 8.91 70.56
OXT SAH MA . -13.26 8.20 71.63
C5' SAH MA . -16.88 4.70 75.22
C4' SAH MA . -16.87 5.36 76.59
O4' SAH MA . -18.14 5.31 77.19
C3' SAH MA . -15.91 4.68 77.56
O3' SAH MA . -14.78 5.50 77.77
C2' SAH MA . -16.68 4.53 78.85
O2' SAH MA . -15.99 5.14 79.91
C1' SAH MA . -17.99 5.26 78.60
N9 SAH MA . -19.11 4.56 79.24
C8 SAH MA . -19.24 3.22 79.46
N7 SAH MA . -20.41 2.99 80.07
C5 SAH MA . -21.04 4.16 80.27
C6 SAH MA . -22.26 4.49 80.85
N6 SAH MA . -23.04 3.54 81.35
N1 SAH MA . -22.65 5.81 80.91
C2 SAH MA . -21.83 6.79 80.38
N3 SAH MA . -20.63 6.46 79.81
C4 SAH MA . -20.23 5.16 79.75
C1 YG4 NA . -13.33 3.70 66.23
C2 YG4 NA . -15.57 0.46 68.02
C3 YG4 NA . -13.54 5.12 65.69
C4 YG4 NA . -12.12 5.70 65.69
C5 YG4 NA . -14.47 2.40 68.05
C6 YG4 NA . -11.26 4.46 65.42
C7 YG4 NA . -14.64 2.54 69.44
C8 YG4 NA . -9.85 4.54 65.94
C9 YG4 NA . -15.34 1.56 70.19
C10 YG4 NA . -13.42 4.37 68.68
C11 YG4 NA . -13.93 4.26 71.12
C12 YG4 NA . -4.70 11.01 69.87
C13 YG4 NA . -3.54 11.66 69.17
C14 YG4 NA . -3.90 12.59 68.02
C15 YG4 NA . -3.67 11.72 66.78
C16 YG4 NA . -2.47 10.91 67.23
C17 YG4 NA . -2.99 8.54 66.46
C18 YG4 NA . -1.03 8.19 65.28
C19 YG4 NA . 0.08 7.68 64.58
C20 YG4 NA . 1.19 9.59 65.24
C21 YG4 NA . -0.91 9.41 65.93
C22 YG4 NA . -4.04 12.20 64.47
C23 YG4 NA . -0.88 15.65 70.25
C24 YG4 NA . -0.36 14.40 70.90
C25 YG4 NA . 1.10 14.44 71.33
C26 YG4 NA . 1.50 12.97 71.29
C27 YG4 NA . 0.71 12.48 70.06
C28 YG4 NA . -0.71 10.67 70.96
C29 YG4 NA . -0.52 8.39 70.06
C30 YG4 NA . 0.53 8.86 69.20
C31 YG4 NA . 0.91 10.15 69.24
N1 YG4 NA . -15.78 0.54 69.37
N2 YG4 NA . -16.08 -0.61 67.41
N3 YG4 NA . -14.92 1.37 67.31
N4 YG4 NA . -14.03 3.70 69.79
N5 YG4 NA . -13.75 3.48 67.60
N6 YG4 NA . -2.10 9.69 66.55
N7 YG4 NA . -2.33 7.72 65.47
N8 YG4 NA . 0.10 6.52 63.93
N9 YG4 NA . 1.21 8.43 64.58
N10 YG4 NA . 0.20 10.15 65.93
N11 YG4 NA . 0.30 11.06 70.09
N12 YG4 NA . -1.06 9.35 70.89
O1 YG4 NA . -14.09 5.08 64.38
O2 YG4 NA . -11.94 6.66 64.67
O3 YG4 NA . -11.95 3.38 66.09
O4 YG4 NA . -9.88 4.77 67.36
O5 YG4 NA . -15.57 1.54 71.40
O6 YG4 NA . -8.88 5.50 69.55
O7 YG4 NA . -7.43 4.56 67.67
O8 YG4 NA . -8.50 6.82 67.46
O9 YG4 NA . -7.53 8.28 65.67
O10 YG4 NA . -6.01 6.99 67.24
O11 YG4 NA . -7.37 8.91 68.09
O12 YG4 NA . -5.96 8.00 69.95
O13 YG4 NA . -7.51 9.99 70.34
O14 YG4 NA . -5.44 10.21 68.93
O15 YG4 NA . -2.68 10.63 68.61
O16 YG4 NA . -3.06 13.76 67.97
O17 YG4 NA . -3.32 12.52 65.65
O18 YG4 NA . -3.53 14.51 70.41
O19 YG4 NA . -3.91 16.12 68.47
O20 YG4 NA . -1.60 15.30 69.05
O21 YG4 NA . -0.45 13.28 69.98
O22 YG4 NA . 1.24 14.98 72.64
O23 YG4 NA . 1.12 12.30 72.48
O24 YG4 NA . -1.23 11.44 71.75
O25 YG4 NA . -0.95 7.23 70.10
P1 YG4 NA . -8.60 5.35 68.11
P2 YG4 NA . -7.26 7.73 67.02
P3 YG4 NA . -6.60 9.23 69.45
P4 YG4 NA . -3.17 14.98 69.05
MG MG OA . -4.77 4.93 67.90
ZN ZN PA . 21.37 5.74 86.38
N SAH QA . 21.09 0.57 72.03
CA SAH QA . 22.46 0.46 71.56
CB SAH QA . 23.12 -0.81 72.10
CG SAH QA . 22.22 -2.05 72.10
SD SAH QA . 23.16 -3.56 72.46
C SAH QA . 22.52 0.48 70.03
O SAH QA . 21.51 0.70 69.37
OXT SAH QA . 23.57 0.28 69.43
C5' SAH QA . 22.15 -3.86 73.93
C4' SAH QA . 22.81 -3.33 75.19
O4' SAH QA . 21.97 -3.50 76.32
C3' SAH QA . 24.11 -4.05 75.51
O3' SAH QA . 25.21 -3.20 75.26
C2' SAH QA . 24.04 -4.36 76.99
O2' SAH QA . 25.16 -3.83 77.65
C1' SAH QA . 22.77 -3.69 77.46
N9 SAH QA . 22.08 -4.51 78.48
C8 SAH QA . 22.07 -5.87 78.55
N7 SAH QA . 21.34 -6.24 79.63
C5 SAH QA . 20.89 -5.12 80.25
C6 SAH QA . 20.12 -4.92 81.38
N6 SAH QA . 19.67 -5.96 82.08
N1 SAH QA . 19.83 -3.64 81.78
C2 SAH QA . 20.30 -2.56 81.06
N3 SAH QA . 21.07 -2.77 79.93
C4 SAH QA . 21.36 -4.02 79.54
C1 YG4 RA . 20.78 -3.70 64.26
C2 YG4 RA . 19.66 -7.23 66.50
C3 YG4 RA . 20.34 -2.24 64.06
C4 YG4 RA . 21.59 -1.60 63.44
C5 YG4 RA . 20.65 -5.25 66.24
C6 YG4 RA . 22.20 -2.74 62.65
C7 YG4 RA . 21.17 -5.26 67.53
C8 YG4 RA . 23.69 -2.65 62.43
C9 YG4 RA . 20.92 -6.36 68.41
C10 YG4 RA . 21.88 -3.30 66.53
C11 YG4 RA . 22.61 -3.70 68.88
C12 YG4 RA . 30.06 3.67 64.08
C13 YG4 RA . 30.73 4.48 62.99
C14 YG4 RA . 29.83 5.49 62.29
C15 YG4 RA . 29.43 4.75 61.01
C16 YG4 RA . 30.71 4.00 60.70
C17 YG4 RA . 29.93 1.66 60.10
C18 YG4 RA . 30.96 1.52 58.04
C19 YG4 RA . 31.56 1.15 56.82
C20 YG4 RA . 32.85 3.06 57.01
C21 YG4 RA . 31.39 2.70 58.66
C22 YG4 RA . 28.05 5.29 59.14
C23 YG4 RA . 33.59 8.44 63.05
C24 YG4 RA . 34.36 7.16 63.23
C25 YG4 RA . 35.85 7.23 62.90
C26 YG4 RA . 36.18 5.78 62.53
C27 YG4 RA . 34.89 5.37 61.81
C28 YG4 RA . 34.08 3.45 63.09
C29 YG4 RA . 33.79 1.26 62.00
C30 YG4 RA . 34.29 1.84 60.80
C31 YG4 RA . 34.65 3.14 60.78
N1 YG4 RA . 20.14 -7.31 67.78
N2 YG4 RA . 18.93 -8.26 66.07
N3 YG4 RA . 19.90 -6.21 65.68
N4 YG4 RA . 21.88 -4.12 67.69
N5 YG4 RA . 21.06 -4.08 65.63
N6 YG4 RA . 30.70 2.86 59.84
N7 YG4 RA . 29.96 0.97 58.84
N8 YG4 RA . 31.24 0.04 56.15
N9 YG4 RA . 32.53 1.95 56.33
N10 YG4 RA . 32.34 3.50 58.16
N11 YG4 RA . 34.54 3.94 61.89
N12 YG4 RA . 33.71 2.12 63.08
O1 YG4 RA . 19.23 -2.17 63.17
O2 YG4 RA . 21.24 -0.52 62.57
O3 YG4 RA . 21.92 -3.92 63.45
O4 YG4 RA . 24.37 -2.58 63.70
O5 YG4 RA . 21.30 -6.53 69.57
O6 YG4 RA . 26.29 -2.00 65.21
O7 YG4 RA . 26.66 -2.66 62.77
O8 YG4 RA . 25.61 -0.46 63.35
O9 YG4 RA . 25.55 1.20 61.48
O10 YG4 RA . 27.67 -0.13 61.97
O11 YG4 RA . 26.87 1.64 63.56
O12 YG4 RA . 28.95 0.59 64.48
O13 YG4 RA . 27.83 2.53 65.69
O14 YG4 RA . 29.02 2.87 63.51
O15 YG4 RA . 31.23 3.61 61.97
O16 YG4 RA . 30.52 6.72 61.96
O17 YG4 RA . 29.15 5.66 59.96
O18 YG4 RA . 31.35 7.19 64.38
O19 YG4 RA . 30.12 8.98 63.05
O20 YG4 RA . 32.37 8.17 62.32
O21 YG4 RA . 33.83 6.13 62.37
O22 YG4 RA . 36.61 7.67 64.03
O23 YG4 RA . 36.41 5.00 63.69
O24 YG4 RA . 34.00 4.12 64.12
O25 YG4 RA . 33.41 0.08 62.14
P1 YG4 RA . 25.85 -1.98 63.80
P2 YG4 RA . 26.45 0.55 62.45
P3 YG4 RA . 28.19 1.86 64.43
P4 YG4 RA . 31.01 7.81 63.08
MG MG SA . 28.90 -2.17 61.71
ZN ZN TA . 60.87 -1.78 65.07
N SAH UA . 53.64 -5.45 52.24
CA SAH UA . 54.58 -5.44 51.12
CB SAH UA . 55.40 -6.73 51.11
CG SAH UA . 54.63 -8.00 51.45
SD SAH UA . 55.61 -9.49 51.13
C SAH UA . 53.85 -5.27 49.80
O SAH UA . 52.65 -5.01 49.76
OXT SAH UA . 54.45 -5.37 48.72
C5' SAH UA . 55.45 -9.98 52.86
C4' SAH UA . 56.64 -9.55 53.70
O4' SAH UA . 56.45 -9.88 55.06
C3' SAH UA . 57.93 -10.22 53.26
O3' SAH UA . 58.75 -9.28 52.61
C2' SAH UA . 58.59 -10.67 54.55
O2' SAH UA . 59.88 -10.13 54.65
C1' SAH UA . 57.71 -10.13 55.66
N9 SAH UA . 57.61 -11.09 56.77
C8 SAH UA . 57.62 -12.45 56.68
N7 SAH UA . 57.52 -12.96 57.93
C5 SAH UA . 57.45 -11.94 58.80
C6 SAH UA . 57.35 -11.90 60.20
N6 SAH UA . 57.28 -13.03 60.89
N1 SAH UA . 57.29 -10.68 60.83
C2 SAH UA . 57.35 -9.51 60.11
N3 SAH UA . 57.46 -9.56 58.73
C4 SAH UA . 57.51 -10.75 58.09
C1 YG4 VA . 49.59 -8.94 45.13
C2 YG4 VA . 49.74 -12.73 47.24
C3 YG4 VA . 49.07 -7.52 45.34
C4 YG4 VA . 49.85 -6.71 44.30
C5 YG4 VA . 50.46 -10.68 46.75
C6 YG4 VA . 50.05 -7.72 43.19
C7 YG4 VA . 51.54 -10.78 47.62
C8 YG4 VA . 51.24 -7.47 42.31
C9 YG4 VA . 51.76 -11.95 48.38
C10 YG4 VA . 51.64 -8.68 46.62
C11 YG4 VA . 53.44 -9.25 48.24
C12 YG4 VA . 57.26 -1.72 40.55
C13 YG4 VA . 57.46 -0.34 39.99
C14 YG4 VA . 56.29 0.61 40.18
C15 YG4 VA . 55.33 0.11 39.11
C16 YG4 VA . 56.29 -0.23 37.96
C17 YG4 VA . 55.54 -2.64 37.56
C18 YG4 VA . 55.46 -2.52 35.26
C19 YG4 VA . 55.43 -2.77 33.87
C20 YG4 VA . 56.59 -0.78 33.63
C21 YG4 VA . 56.09 -1.37 35.71
C22 YG4 VA . 53.32 0.68 37.95
C23 YG4 VA . 59.89 3.75 39.40
C24 YG4 VA . 60.72 2.56 39.02
C25 YG4 VA . 61.84 2.82 38.02
C26 YG4 VA . 62.00 1.45 37.37
C27 YG4 VA . 60.55 0.96 37.31
C28 YG4 VA . 60.57 -1.15 38.57
C29 YG4 VA . 59.86 -3.25 37.49
C30 YG4 VA . 59.68 -2.51 36.28
C31 YG4 VA . 59.94 -1.19 36.25
N1 YG4 VA . 50.78 -12.89 48.11
N2 YG4 VA . 48.90 -13.76 47.11
N3 YG4 VA . 49.53 -11.62 46.52
N4 YG4 VA . 52.22 -9.60 47.53
N5 YG4 VA . 50.51 -9.44 46.14
N6 YG4 VA . 56.00 -1.34 37.08
N7 YG4 VA . 54.98 -3.22 36.37
N8 YG4 VA . 54.87 -3.83 33.31
N9 YG4 VA . 56.03 -1.84 33.06
N10 YG4 VA . 56.67 -0.45 34.93
N11 YG4 VA . 60.37 -0.50 37.37
N12 YG4 VA . 60.30 -2.50 38.57
O1 YG4 VA . 47.67 -7.45 45.12
O2 YG4 VA . 49.11 -5.59 43.85
O3 YG4 VA . 50.20 -8.98 43.86
O4 YG4 VA . 52.43 -7.37 43.12
O5 YG4 VA . 52.67 -12.20 49.17
O6 YG4 VA . 54.91 -7.13 43.46
O7 YG4 VA . 53.89 -7.35 41.13
O8 YG4 VA . 53.56 -5.25 42.47
O9 YG4 VA . 52.38 -3.60 41.00
O10 YG4 VA . 54.52 -4.74 40.22
O11 YG4 VA . 54.58 -3.05 42.06
O12 YG4 VA . 56.84 -4.10 41.93
O13 YG4 VA . 56.14 -2.82 44.01
O14 YG4 VA . 56.61 -1.65 41.84
O15 YG4 VA . 57.57 -0.44 38.55
O16 YG4 VA . 56.60 2.00 39.94
O17 YG4 VA . 54.45 1.14 38.69
O18 YG4 VA . 58.70 2.03 41.49
O19 YG4 VA . 57.13 4.03 41.40
O20 YG4 VA . 58.49 3.37 39.40
O21 YG4 VA . 59.88 1.55 38.41
O22 YG4 VA . 63.03 3.23 38.68
O23 YG4 VA . 62.83 0.59 38.16
O24 YG4 VA . 60.99 -0.58 39.57
O25 YG4 VA . 59.65 -4.46 37.64
P1 YG4 VA . 53.80 -6.84 42.51
P2 YG4 VA . 53.71 -4.16 41.31
P3 YG4 VA . 56.11 -2.99 42.53
P4 YG4 VA . 57.76 2.86 40.72
MG MG WA . 55.35 -6.61 39.10
ZN ZN XA . 84.90 -4.82 26.64
N SAH YA . 72.37 -7.61 18.65
CA SAH YA . 72.63 -7.44 17.23
CB SAH YA . 73.33 -8.68 16.66
CG SAH YA . 72.79 -10.01 17.18
SD SAH YA . 73.47 -11.41 16.25
C SAH YA . 71.36 -7.14 16.45
O SAH YA . 70.33 -6.81 17.03
OXT SAH YA . 71.34 -7.21 15.22
C5' SAH YA . 74.20 -12.07 17.77
C4' SAH YA . 75.65 -11.66 17.94
O4' SAH YA . 76.17 -12.14 19.16
C3' SAH YA . 76.54 -12.20 16.84
O3' SAH YA . 76.93 -11.16 15.98
C2' SAH YA . 77.76 -12.76 17.54
O2' SAH YA . 78.92 -12.16 17.04
C1' SAH YA . 77.56 -12.38 19.00
N9 SAH YA . 78.03 -13.45 19.90
C8 SAH YA . 78.03 -14.79 19.65
N7 SAH YA . 78.56 -15.43 20.72
C5 SAH YA . 78.89 -14.50 21.65
C6 SAH YA . 79.47 -14.61 22.91
N6 SAH YA . 79.78 -15.79 23.41
N1 SAH YA . 79.71 -13.46 23.64
C2 SAH YA . 79.38 -12.23 23.13
N3 SAH YA . 78.81 -12.13 21.87
C4 SAH YA . 78.57 -13.25 21.15
C1 YG4 ZA . 65.32 -10.63 14.05
C2 YG4 ZA . 66.49 -14.60 15.34
C3 YG4 ZA . 65.00 -9.25 14.64
C4 YG4 ZA . 65.16 -8.32 13.42
C5 YG4 ZA . 66.88 -12.47 14.80
C6 YG4 ZA . 64.75 -9.23 12.26
C7 YG4 ZA . 68.25 -12.60 15.00
C8 YG4 ZA . 65.32 -8.86 10.93
C9 YG4 ZA . 68.81 -13.83 15.42
C10 YG4 ZA . 67.85 -10.42 14.34
C11 YG4 ZA . 70.22 -11.04 14.80
C12 YG4 ZA . 70.45 -1.97 7.74
C13 YG4 ZA . 69.90 -0.93 6.79
C14 YG4 ZA . 68.89 0.05 7.39
C15 YG4 ZA . 67.55 -0.52 6.93
C16 YG4 ZA . 67.93 -1.04 5.55
C17 YG4 ZA . 66.77 -3.31 5.40
C18 YG4 ZA . 65.64 -2.93 3.43
C19 YG4 ZA . 64.92 -3.00 2.21
C20 YG4 ZA . 65.92 -0.99 1.67
C21 YG4 ZA . 66.48 -1.84 3.65
C22 YG4 ZA . 65.32 0.21 7.40
C23 YG4 ZA . 71.70 3.40 5.32
C24 YG4 ZA . 72.18 2.25 4.48
C25 YG4 ZA . 72.67 2.61 3.09
C26 YG4 ZA . 72.42 1.33 2.30
C27 YG4 ZA . 71.10 0.85 2.93
C28 YG4 ZA . 71.65 -1.39 3.80
C29 YG4 ZA . 70.41 -3.37 3.00
C30 YG4 ZA . 69.68 -2.50 2.12
C31 YG4 ZA . 69.95 -1.18 2.10
N1 YG4 ZA . 67.83 -14.79 15.56
N2 YG4 ZA . 65.70 -15.65 15.53
N3 YG4 ZA . 65.96 -13.44 14.95
N4 YG4 ZA . 68.80 -11.39 14.73
N5 YG4 ZA . 66.63 -11.18 14.40
N6 YG4 ZA . 67.08 -1.99 4.87
N7 YG4 ZA . 65.70 -3.75 4.56
N8 YG4 ZA . 64.10 -4.00 1.89
N9 YG4 ZA . 65.09 -1.99 1.34
N10 YG4 ZA . 66.65 -0.84 2.78
N11 YG4 ZA . 70.90 -0.62 2.94
N12 YG4 ZA . 71.35 -2.73 3.79
O1 YG4 ZA . 63.67 -9.22 15.15
O2 YG4 ZA . 64.31 -7.20 13.51
O3 YG4 ZA . 65.20 -10.54 12.64
O4 YG4 ZA . 66.77 -8.88 11.02
O5 YG4 ZA . 70.00 -14.11 15.64
O6 YG4 ZA . 69.08 -8.27 10.27
O7 YG4 ZA . 67.16 -8.48 8.61
O8 YG4 ZA . 67.24 -6.58 10.25
O9 YG4 ZA . 65.74 -4.65 9.70
O10 YG4 ZA . 67.18 -5.72 7.89
O11 YG4 ZA . 68.24 -4.39 9.73
O12 YG4 ZA . 70.00 -5.17 8.12
O13 YG4 ZA . 70.62 -3.77 10.17
O14 YG4 ZA . 69.36 -2.77 8.24
O15 YG4 ZA . 69.22 -1.58 5.69
O16 YG4 ZA . 69.07 1.39 6.90
O17 YG4 ZA . 66.58 0.51 6.81
O18 YG4 ZA . 71.56 1.59 7.56
O19 YG4 ZA . 69.87 3.33 8.35
O20 YG4 ZA . 70.43 3.08 5.91
O21 YG4 ZA . 71.08 1.31 4.26
O22 YG4 ZA . 74.06 2.95 3.10
O23 YG4 ZA . 73.48 0.39 2.49
O24 YG4 ZA . 72.52 -0.93 4.52
O25 YG4 ZA . 70.25 -4.59 3.10
P1 YG4 ZA . 67.65 -8.10 9.95
P2 YG4 ZA . 67.00 -5.31 9.30
P3 YG4 ZA . 69.66 -4.09 9.08
P4 YG4 ZA . 70.32 2.35 7.33
MG MG AB . 67.56 -7.45 6.14
ZN ZN BB . 87.14 -2.64 -18.74
N SAH CB . 72.18 -5.34 -19.91
CA SAH CB . 71.76 -5.01 -21.27
CB SAH CB . 72.12 -6.12 -22.24
CG SAH CB . 71.89 -7.54 -21.71
SD SAH CB . 72.06 -8.78 -23.02
C SAH CB . 70.26 -4.73 -21.31
O SAH CB . 69.58 -4.67 -20.29
OXT SAH CB . 69.68 -4.54 -22.39
C5' SAH CB . 73.41 -9.57 -22.12
C4' SAH CB . 74.78 -9.09 -22.61
O4' SAH CB . 75.82 -9.66 -21.85
C3' SAH CB . 75.04 -9.49 -24.06
O3' SAH CB . 74.97 -8.34 -24.88
C2' SAH CB . 76.45 -10.03 -24.07
O2' SAH CB . 77.24 -9.33 -25.00
C1' SAH CB . 76.96 -9.81 -22.66
N9 SAH CB . 77.80 -10.93 -22.22
C8 SAH CB . 77.66 -12.24 -22.58
N7 SAH CB . 78.64 -12.96 -21.97
C5 SAH CB . 79.41 -12.11 -21.24
C6 SAH CB . 80.52 -12.31 -20.44
N6 SAH CB . 81.03 -13.53 -20.28
N1 SAH CB . 81.09 -11.24 -19.81
C2 SAH CB . 80.57 -9.97 -19.97
N3 SAH CB . 79.47 -9.78 -20.76
C4 SAH CB . 78.89 -10.83 -21.39
C1 YG4 DB . 63.84 -8.23 -20.80
C2 YG4 DB . 65.45 -12.25 -20.67
C3 YG4 DB . 63.84 -6.94 -19.98
C4 YG4 DB . 63.38 -5.90 -21.01
C5 YG4 DB . 65.54 -10.06 -21.08
C6 YG4 DB . 62.46 -6.70 -21.91
C7 YG4 DB . 66.84 -10.15 -21.58
C8 YG4 DB . 62.32 -6.17 -23.31
C9 YG4 DB . 67.53 -11.39 -21.63
C10 YG4 DB . 66.18 -7.93 -21.74
C11 YG4 DB . 68.47 -8.49 -22.54
C12 YG4 DB . 65.21 1.27 -27.73
C13 YG4 DB . 64.30 2.39 -28.16
C14 YG4 DB . 63.71 3.23 -27.03
C15 YG4 DB . 62.32 2.62 -26.84
C16 YG4 DB . 61.96 2.29 -28.28
C17 YG4 DB . 60.96 -0.05 -28.17
C18 YG4 DB . 58.96 0.43 -29.20
C19 YG4 DB . 57.73 0.44 -29.88
C20 YG4 DB . 58.27 2.57 -30.60
C21 YG4 DB . 59.78 1.57 -29.29
C22 YG4 DB . 60.49 3.06 -25.38
C23 YG4 DB . 65.09 6.91 -29.83
C24 YG4 DB . 65.12 5.87 -30.93
C25 YG4 DB . 64.86 6.39 -32.34
C26 YG4 DB . 64.29 5.16 -33.04
C27 YG4 DB . 63.45 4.54 -31.92
C28 YG4 DB . 64.40 2.29 -31.65
C29 YG4 DB . 62.97 0.31 -31.98
C30 YG4 DB . 61.89 1.19 -32.31
C31 YG4 DB . 62.09 2.52 -32.30
N1 YG4 DB . 66.72 -12.40 -21.14
N2 YG4 DB . 64.82 -13.36 -20.24
N3 YG4 DB . 64.80 -11.09 -20.62
N4 YG4 DB . 67.20 -8.89 -21.96
N5 YG4 DB . 65.14 -8.76 -21.17
N6 YG4 DB . 60.93 1.35 -28.58
N7 YG4 DB . 59.62 -0.49 -28.38
N8 YG4 DB . 56.87 -0.59 -29.88
N9 YG4 DB . 57.41 1.53 -30.60
N10 YG4 DB . 59.45 2.67 -29.99
N11 YG4 DB . 63.30 3.07 -31.98
N12 YG4 DB . 64.15 0.93 -31.67
O1 YG4 DB . 62.92 -7.03 -18.89
O2 YG4 DB . 62.67 -4.82 -20.39
O3 YG4 DB . 63.05 -8.01 -21.95
O4 YG4 DB . 63.61 -6.12 -23.94
O5 YG4 DB . 68.66 -11.64 -22.05
O6 YG4 DB . 65.29 -5.30 -25.63
O7 YG4 DB . 62.80 -5.44 -26.18
O8 YG4 DB . 63.65 -3.73 -24.57
O9 YG4 DB . 62.05 -1.86 -24.07
O10 YG4 DB . 62.43 -2.64 -26.47
O11 YG4 DB . 64.23 -1.43 -25.22
O12 YG4 DB . 65.08 -2.01 -27.50
O13 YG4 DB . 66.53 -0.66 -25.88
O14 YG4 DB . 64.48 0.32 -26.95
O15 YG4 DB . 63.16 1.86 -28.88
O16 YG4 DB . 63.61 4.63 -27.36
O17 YG4 DB . 61.41 3.58 -26.32
O18 YG4 DB . 66.10 4.91 -28.02
O19 YG4 DB . 65.01 6.50 -26.34
O20 YG4 DB . 64.28 6.44 -28.74
O21 YG4 DB . 64.08 4.89 -30.69
O22 YG4 DB . 66.07 6.83 -32.95
O23 YG4 DB . 65.33 4.29 -33.48
O24 YG4 DB . 65.50 2.75 -31.40
O25 YG4 DB . 62.90 -0.93 -31.94
P1 YG4 DB . 63.87 -5.17 -25.21
P2 YG4 DB . 62.95 -2.39 -25.11
P3 YG4 DB . 65.19 -1.00 -26.42
P4 YG4 DB . 64.90 5.62 -27.53
MG MG EB . 61.92 -4.21 -28.21
ZN ZN FB . 66.80 4.17 -58.87
N SAH GB . 53.22 0.79 -52.94
CA SAH GB . 52.16 1.22 -53.84
CB SAH GB . 51.99 0.23 -54.98
CG SAH GB . 52.10 -1.23 -54.59
SD SAH GB . 51.60 -2.34 -55.94
C SAH GB . 50.84 1.42 -53.10
O SAH GB . 50.79 1.35 -51.87
OXT SAH GB . 49.80 1.66 -53.71
C5' SAH GB . 53.23 -3.13 -55.91
C4' SAH GB . 54.18 -2.53 -56.93
O4' SAH GB . 55.46 -3.12 -56.83
C3' SAH GB . 53.70 -2.75 -58.36
O3' SAH GB . 53.24 -1.54 -58.90
C2' SAH GB . 54.93 -3.21 -59.11
O2' SAH GB . 55.18 -2.37 -60.21
C1' SAH GB . 56.07 -3.11 -58.11
N9 SAH GB . 57.01 -4.23 -58.28
C8 SAH GB . 56.71 -5.50 -58.65
N7 SAH GB . 57.87 -6.22 -58.69
C5 SAH GB . 58.90 -5.41 -58.35
C6 SAH GB . 60.25 -5.62 -58.23
N6 SAH GB . 60.77 -6.82 -58.47
N1 SAH GB . 61.07 -4.57 -57.84
C2 SAH GB . 60.54 -3.34 -57.58
N3 SAH GB . 59.18 -3.13 -57.70
C4 SAH GB . 58.37 -4.15 -58.08
C1 YG4 HB . 45.49 -2.47 -50.01
C2 YG4 HB . 46.99 -6.37 -51.17
C3 YG4 HB . 45.89 -1.29 -49.12
C4 YG4 HB . 45.02 -0.14 -49.66
C5 YG4 HB . 46.85 -4.14 -51.31
C6 YG4 HB . 43.78 -0.87 -50.13
C7 YG4 HB . 47.74 -4.09 -52.38
C8 YG4 HB . 42.99 -0.18 -51.22
C9 YG4 HB . 48.33 -5.27 -52.91
C10 YG4 HB . 47.09 -1.91 -51.91
C11 YG4 HB . 48.69 -2.23 -53.79
C12 YG4 HB . 42.43 7.17 -55.45
C13 YG4 HB . 42.09 8.63 -55.27
C14 YG4 HB . 42.37 9.20 -53.88
C15 YG4 HB . 41.18 8.62 -53.11
C16 YG4 HB . 40.06 8.75 -54.12
C17 YG4 HB . 39.25 6.33 -54.05
C18 YG4 HB . 36.99 6.78 -53.96
C19 YG4 HB . 35.59 6.77 -54.00
C20 YG4 HB . 35.71 9.00 -54.57
C21 YG4 HB . 37.66 7.97 -54.24
C22 YG4 HB . 40.04 8.83 -51.02
C23 YG4 HB . 42.25 13.26 -56.49
C24 YG4 HB . 41.73 12.41 -57.63
C25 YG4 HB . 40.84 13.12 -58.64
C26 YG4 HB . 39.99 11.96 -59.17
C27 YG4 HB . 39.78 11.12 -57.90
C28 YG4 HB . 40.72 8.92 -58.49
C29 YG4 HB . 39.29 6.91 -58.38
C30 YG4 HB . 38.19 7.76 -58.00
C31 YG4 HB . 38.39 9.08 -57.90
N1 YG4 HB . 47.87 -6.38 -52.22
N2 YG4 HB . 46.67 -7.55 -50.64
N3 YG4 HB . 46.44 -5.25 -50.68
N4 YG4 HB . 47.87 -2.78 -52.72
N5 YG4 HB . 46.45 -2.86 -51.03
N6 YG4 HB . 39.00 7.75 -54.14
N7 YG4 HB . 37.96 5.81 -53.67
N8 YG4 HB . 34.84 5.69 -53.75
N9 YG4 HB . 34.97 7.93 -54.32
N10 YG4 HB . 37.04 9.12 -54.56
N11 YG4 HB . 39.61 9.68 -58.12
N12 YG4 HB . 40.49 7.57 -58.60
O1 YG4 HB . 45.61 -1.56 -47.75
O2 YG4 HB . 44.71 0.79 -48.64
O3 YG4 HB . 44.25 -2.14 -50.62
O4 YG4 HB . 43.87 0.10 -52.32
O5 YG4 HB . 49.12 -5.40 -53.84
O6 YG4 HB . 44.36 0.94 -54.64
O7 YG4 HB . 41.97 0.83 -53.73
O8 YG4 HB . 43.60 2.52 -52.84
O9 YG4 HB . 42.37 4.01 -51.26
O10 YG4 HB . 41.50 3.63 -53.63
O11 YG4 HB . 43.59 4.96 -53.23
O12 YG4 HB . 43.39 4.57 -55.70
O13 YG4 HB . 45.62 5.28 -54.65
O14 YG4 HB . 43.68 6.87 -54.80
O15 YG4 HB . 40.66 8.80 -55.41
O16 YG4 HB . 42.36 10.63 -53.81
O17 YG4 HB . 40.90 9.44 -51.98
O18 YG4 HB . 44.00 10.97 -55.81
O19 YG4 HB . 44.14 12.47 -53.76
O20 YG4 HB . 42.13 12.52 -55.26
O21 YG4 HB . 40.93 11.32 -57.10
O22 YG4 HB . 41.60 13.73 -59.67
O23 YG4 HB . 40.68 11.24 -60.19
O24 YG4 HB . 41.80 9.41 -58.74
O25 YG4 HB . 39.24 5.68 -58.50
P1 YG4 HB . 43.41 1.08 -53.50
P2 YG4 HB . 42.64 3.79 -52.69
P3 YG4 HB . 44.14 5.34 -54.68
P4 YG4 HB . 43.33 11.64 -54.68
#